data_8XON
#
_entry.id   8XON
#
_cell.length_a   1.00
_cell.length_b   1.00
_cell.length_c   1.00
_cell.angle_alpha   90.00
_cell.angle_beta   90.00
_cell.angle_gamma   90.00
#
_symmetry.space_group_name_H-M   'P 1'
#
loop_
_entity.id
_entity.type
_entity.pdbx_description
1 polymer 'NDP-hexose 4-ketoreductase'
2 polymer casein
3 polymer 'ATP-dependent Clp protease proteolytic subunit'
4 polymer 'ATP-dependent Clp protease proteolytic subunit'
5 non-polymer "ADENOSINE-5'-TRIPHOSPHATE"
6 non-polymer 'MAGNESIUM ION'
7 non-polymer "ADENOSINE-5'-DIPHOSPHATE"
#
loop_
_entity_poly.entity_id
_entity_poly.type
_entity_poly.pdbx_seq_one_letter_code
_entity_poly.pdbx_strand_id
1 'polypeptide(L)'
;MGSSHHHHHHSSGLVPRGSHMASMTGGQQMGRGSEFAEGTPSTSLVLDQFGRNLTQAARESKLDPVIGREKEIERVMQVL
SRRTKNNPVLIGEPGVGKTAVVEGLAQAIVKGEVPETLKDKHLYTLDLGALVAGSRYRGDFEERLKKVLKEIRTRGDIIL
FIDALHTLVGAGAAEGAIDAASILKPMLARGELQTIGATTLDEYRKHLEKDAALERRFQPIQVAEPSLPHTIEILKGLRD
RYEAHHRVSITDEALVQAATLADRYISDRFLPDKAIDLIDEAGSRMRIRRMTAPPDLREFDEKIAGVRRDKESAIDSQDA
EKAASLRDKEKQLLAAKAKREKEWKAGDMDVVAEVDGELIAEVLATATGIPVFKLTEEESSRLLRMEDELHKRVIGQVDA
VKALSKAIRRTRAGLKDPKRPGGSFIFAGPSGVGKTELSKALAEFLFGDEDALISLDMSEFSEKHTVSRLFGSPPGYVGY
EEGGQLTEKVRRKPFSVVLFDAVEKAHPDIFNSLLQILEDGRLTDSQGRVVDFKNTVIIMTTNLGTRDISKGFNLGFAAQ
GDTKSNYERMKNKVSDELKQHFRPEFLNRVDDVVVFPQLSQADILKIVDLMIDKVDERLKDRDMGIELSSSAKELLSKKG
YDPVLGARPLRRTIQREIEDSLSEKILFGELRPGHIVVVDTEGEGETKTFTFRGEE
;
S,R,Q,P,O,T
2 'polypeptide(L)'
;(UNK)(UNK)(UNK)(UNK)(UNK)(UNK)(UNK)(UNK)(UNK)(UNK)(UNK)(UNK)(UNK)(UNK)(UNK)(UNK)
(UNK)(UNK)(UNK)(UNK)(UNK)(UNK)(UNK)(UNK)
;
X
3 'polypeptide(L)'
;MGSSHHHHHHSSGLVPRGSHMASMTGGQQMGRGSEFGGLGDQVYNRLLNERIIFLGQPVDDDIANKITAQLLLLASDPEK
DIYLYINSPGGSITAGMAIYDTMQYIKNDVVTIAMGLAAAMGQFLLSAGTPGKRFALPNAEILIHQPSAGLAGSASDIKI
HAERLLHTKKRMAELTSQHTGQTIEQITRDSDRDRWFDAFEAKEYGLIDDVMTTAAGMPGGGGTGA
;
A,B,C,D,E,F,G
4 'polypeptide(L)'
;MGSSHHHHHHSSGLVPRGSHMEYDPYAKLFEERVIFLGVQIDDASANDVMAQLLCLESMDPDRDISVYINSPGGSFTALT
AIYDTMQYVKPDVQTVCMGQAAAAAAVLLAAGTPGKRMALPNARVLIHQPYSETGRGQVSDLEIAANEILRMRSQLEDML
AKHSTTPVEKIREDIERDKILTAEDALSYGLIDQVISTRKMDNSSLR
;
H,I,J,K,L,M,N
#
# COMPACT_ATOMS: atom_id res chain seq x y z
N SER A 44 22.05 76.97 -51.37
CA SER A 44 21.76 76.82 -49.94
C SER A 44 23.03 76.46 -49.18
N LEU A 45 23.82 77.49 -48.84
CA LEU A 45 25.07 77.25 -48.12
C LEU A 45 24.83 76.67 -46.74
N VAL A 46 23.83 77.19 -46.02
CA VAL A 46 23.54 76.70 -44.68
C VAL A 46 23.09 75.23 -44.73
N LEU A 47 22.25 74.89 -45.70
CA LEU A 47 21.82 73.50 -45.84
C LEU A 47 22.98 72.59 -46.20
N ASP A 48 23.81 73.00 -47.17
CA ASP A 48 24.90 72.14 -47.62
C ASP A 48 25.96 71.98 -46.54
N GLN A 49 26.13 72.99 -45.68
CA GLN A 49 27.07 72.87 -44.58
C GLN A 49 26.51 71.99 -43.47
N PHE A 50 25.20 72.00 -43.26
CA PHE A 50 24.55 71.25 -42.19
C PHE A 50 23.64 70.15 -42.73
N GLY A 51 24.01 69.56 -43.86
CA GLY A 51 23.21 68.50 -44.44
C GLY A 51 23.87 67.95 -45.68
N ARG A 52 23.22 66.95 -46.27
CA ARG A 52 23.72 66.29 -47.47
C ARG A 52 22.62 66.17 -48.50
N ASN A 53 22.96 66.43 -49.76
CA ASN A 53 22.00 66.38 -50.86
C ASN A 53 22.04 64.98 -51.48
N LEU A 54 20.91 64.27 -51.43
CA LEU A 54 20.84 62.96 -52.03
C LEU A 54 20.77 63.04 -53.55
N THR A 55 19.98 63.98 -54.07
CA THR A 55 19.86 64.12 -55.53
C THR A 55 21.16 64.58 -56.16
N GLN A 56 21.88 65.49 -55.50
CA GLN A 56 23.13 66.01 -56.03
C GLN A 56 24.24 64.97 -56.01
N ALA A 57 24.04 63.84 -55.32
CA ALA A 57 24.95 62.71 -55.42
C ALA A 57 24.43 61.61 -56.32
N ALA A 58 23.11 61.48 -56.45
CA ALA A 58 22.53 60.49 -57.34
C ALA A 58 22.72 60.88 -58.80
N ARG A 59 22.77 62.18 -59.09
CA ARG A 59 22.96 62.63 -60.47
C ARG A 59 24.34 62.27 -61.02
N GLU A 60 25.30 61.94 -60.16
CA GLU A 60 26.63 61.50 -60.59
C GLU A 60 26.80 59.99 -60.53
N SER A 61 25.73 59.26 -60.23
CA SER A 61 25.77 57.81 -60.12
C SER A 61 26.80 57.35 -59.09
N LYS A 62 26.96 58.15 -58.03
CA LYS A 62 27.83 57.80 -56.92
C LYS A 62 27.17 56.84 -55.94
N LEU A 63 25.90 56.52 -56.15
CA LEU A 63 25.12 55.74 -55.20
C LEU A 63 24.59 54.48 -55.87
N ASP A 64 24.50 53.40 -55.10
CA ASP A 64 24.17 52.09 -55.66
C ASP A 64 22.72 52.07 -56.15
N PRO A 65 22.44 51.25 -57.17
CA PRO A 65 21.07 51.17 -57.68
C PRO A 65 20.16 50.40 -56.73
N VAL A 66 18.86 50.48 -57.01
CA VAL A 66 17.82 49.82 -56.24
C VAL A 66 17.05 48.90 -57.17
N ILE A 67 16.86 47.65 -56.77
CA ILE A 67 16.23 46.63 -57.60
C ILE A 67 14.97 46.13 -56.89
N GLY A 68 13.86 46.13 -57.61
CA GLY A 68 12.63 45.52 -57.11
C GLY A 68 12.04 46.20 -55.90
N ARG A 69 11.97 47.52 -55.88
CA ARG A 69 11.35 48.26 -54.79
C ARG A 69 10.32 49.25 -55.31
N GLU A 70 9.53 48.85 -56.31
CA GLU A 70 8.55 49.76 -56.90
C GLU A 70 7.40 50.04 -55.94
N LYS A 71 6.85 48.99 -55.31
CA LYS A 71 5.67 49.17 -54.46
C LYS A 71 5.97 50.09 -53.28
N GLU A 72 7.14 49.95 -52.67
CA GLU A 72 7.49 50.79 -51.53
C GLU A 72 7.58 52.26 -51.93
N ILE A 73 8.22 52.55 -53.07
CA ILE A 73 8.34 53.92 -53.53
C ILE A 73 6.97 54.49 -53.90
N GLU A 74 6.11 53.67 -54.50
CA GLU A 74 4.76 54.11 -54.79
C GLU A 74 3.99 54.42 -53.52
N ARG A 75 4.15 53.60 -52.48
CA ARG A 75 3.51 53.86 -51.21
C ARG A 75 4.01 55.16 -50.60
N VAL A 76 5.31 55.41 -50.68
CA VAL A 76 5.88 56.66 -50.17
C VAL A 76 5.29 57.85 -50.92
N MET A 77 5.19 57.75 -52.24
CA MET A 77 4.60 58.83 -53.03
C MET A 77 3.14 59.06 -52.65
N GLN A 78 2.38 57.98 -52.46
CA GLN A 78 0.98 58.11 -52.07
C GLN A 78 0.84 58.78 -50.72
N VAL A 79 1.68 58.40 -49.76
CA VAL A 79 1.61 59.00 -48.43
C VAL A 79 2.01 60.47 -48.47
N LEU A 80 3.00 60.79 -49.31
CA LEU A 80 3.51 62.16 -49.37
C LEU A 80 2.43 63.14 -49.83
N SER A 81 1.63 62.73 -50.82
CA SER A 81 0.62 63.60 -51.41
C SER A 81 -0.68 63.64 -50.63
N ARG A 82 -0.78 62.89 -49.53
CA ARG A 82 -2.02 62.82 -48.77
C ARG A 82 -2.30 64.14 -48.05
N ARG A 83 -3.58 64.36 -47.74
CA ARG A 83 -3.95 65.58 -47.03
C ARG A 83 -3.47 65.55 -45.58
N THR A 84 -3.70 64.44 -44.88
CA THR A 84 -3.34 64.31 -43.47
C THR A 84 -2.47 63.07 -43.30
N LYS A 85 -1.71 63.05 -42.20
CA LYS A 85 -0.74 62.00 -41.92
C LYS A 85 0.22 61.82 -43.09
N ASN A 86 0.59 62.94 -43.71
CA ASN A 86 1.41 62.94 -44.92
C ASN A 86 2.90 63.07 -44.61
N ASN A 87 3.37 62.20 -43.72
CA ASN A 87 4.79 62.08 -43.41
C ASN A 87 5.11 60.59 -43.29
N PRO A 88 5.78 60.02 -44.28
CA PRO A 88 6.05 58.58 -44.25
C PRO A 88 7.20 58.25 -43.31
N VAL A 89 7.04 57.13 -42.61
CA VAL A 89 8.11 56.56 -41.79
C VAL A 89 8.26 55.09 -42.18
N LEU A 90 9.49 54.70 -42.52
CA LEU A 90 9.77 53.36 -42.97
C LEU A 90 10.12 52.46 -41.79
N ILE A 91 9.34 51.41 -41.60
CA ILE A 91 9.49 50.49 -40.48
C ILE A 91 10.00 49.17 -41.03
N GLY A 92 11.14 48.73 -40.52
CA GLY A 92 11.72 47.48 -41.02
C GLY A 92 12.88 47.06 -40.14
N GLU A 93 13.17 45.76 -40.22
CA GLU A 93 14.27 45.17 -39.49
C GLU A 93 15.61 45.70 -40.02
N PRO A 94 16.60 45.84 -39.15
CA PRO A 94 17.90 46.35 -39.61
C PRO A 94 18.51 45.44 -40.66
N GLY A 95 19.10 46.05 -41.69
CA GLY A 95 19.71 45.29 -42.74
C GLY A 95 19.00 45.41 -44.08
N VAL A 96 17.66 45.41 -44.06
CA VAL A 96 16.92 45.55 -45.30
C VAL A 96 17.05 46.99 -45.80
N GLY A 97 16.76 47.18 -47.08
CA GLY A 97 17.01 48.46 -47.71
C GLY A 97 16.02 49.55 -47.37
N LYS A 98 15.94 49.91 -46.08
CA LYS A 98 15.10 51.03 -45.68
C LYS A 98 15.63 52.34 -46.25
N THR A 99 16.93 52.60 -46.09
CA THR A 99 17.55 53.74 -46.74
C THR A 99 17.60 53.56 -48.25
N ALA A 100 17.63 52.31 -48.71
CA ALA A 100 17.62 52.05 -50.15
C ALA A 100 16.33 52.50 -50.79
N VAL A 101 15.22 52.51 -50.05
CA VAL A 101 13.96 53.00 -50.59
C VAL A 101 14.07 54.50 -50.90
N VAL A 102 14.60 55.27 -49.96
CA VAL A 102 14.81 56.69 -50.21
C VAL A 102 15.82 56.90 -51.32
N GLU A 103 16.86 56.06 -51.39
CA GLU A 103 17.81 56.17 -52.47
C GLU A 103 17.16 55.93 -53.83
N GLY A 104 16.29 54.92 -53.91
CA GLY A 104 15.57 54.68 -55.15
C GLY A 104 14.63 55.80 -55.52
N LEU A 105 13.99 56.41 -54.52
CA LEU A 105 13.15 57.57 -54.77
C LEU A 105 13.97 58.73 -55.33
N ALA A 106 15.17 58.95 -54.76
CA ALA A 106 16.04 60.01 -55.27
C ALA A 106 16.50 59.71 -56.69
N GLN A 107 16.84 58.46 -56.98
CA GLN A 107 17.24 58.12 -58.34
C GLN A 107 16.09 58.27 -59.32
N ALA A 108 14.87 57.93 -58.89
CA ALA A 108 13.70 58.11 -59.74
C ALA A 108 13.44 59.58 -60.03
N ILE A 109 13.54 60.44 -59.01
CA ILE A 109 13.33 61.86 -59.23
C ILE A 109 14.45 62.45 -60.10
N VAL A 110 15.67 61.90 -60.00
CA VAL A 110 16.74 62.33 -60.90
C VAL A 110 16.41 61.93 -62.34
N LYS A 111 15.96 60.70 -62.55
CA LYS A 111 15.65 60.22 -63.89
C LYS A 111 14.34 60.77 -64.43
N GLY A 112 13.57 61.49 -63.62
CA GLY A 112 12.31 62.02 -64.08
C GLY A 112 11.25 60.98 -64.35
N GLU A 113 11.18 59.93 -63.55
CA GLU A 113 10.12 58.92 -63.64
C GLU A 113 9.10 59.09 -62.54
N VAL A 114 8.97 60.31 -62.03
CA VAL A 114 8.08 60.62 -60.91
C VAL A 114 7.00 61.57 -61.42
N PRO A 115 5.77 61.49 -60.93
CA PRO A 115 4.74 62.44 -61.35
C PRO A 115 5.15 63.89 -61.06
N GLU A 116 4.57 64.81 -61.84
CA GLU A 116 5.00 66.20 -61.87
C GLU A 116 4.91 66.88 -60.51
N THR A 117 4.09 66.38 -59.60
CA THR A 117 3.92 67.04 -58.30
C THR A 117 5.22 67.06 -57.51
N LEU A 118 6.09 66.07 -57.71
CA LEU A 118 7.31 65.94 -56.92
C LEU A 118 8.57 66.36 -57.67
N LYS A 119 8.43 67.01 -58.84
CA LYS A 119 9.61 67.36 -59.61
C LYS A 119 10.42 68.44 -58.92
N ASP A 120 11.71 68.45 -59.24
CA ASP A 120 12.70 69.44 -58.76
C ASP A 120 12.61 69.66 -57.25
N LYS A 121 12.21 68.62 -56.51
CA LYS A 121 12.21 68.65 -55.05
C LYS A 121 13.50 68.00 -54.57
N HIS A 122 14.46 68.82 -54.14
CA HIS A 122 15.74 68.29 -53.71
C HIS A 122 15.60 67.58 -52.37
N LEU A 123 16.15 66.37 -52.28
CA LEU A 123 16.09 65.59 -51.05
C LEU A 123 17.34 65.86 -50.22
N TYR A 124 17.14 66.31 -48.98
CA TYR A 124 18.24 66.63 -48.08
C TYR A 124 18.15 65.78 -46.83
N THR A 125 19.27 65.20 -46.42
CA THR A 125 19.36 64.48 -45.16
C THR A 125 20.11 65.35 -44.15
N LEU A 126 19.69 65.26 -42.89
CA LEU A 126 20.15 66.15 -41.85
C LEU A 126 21.44 65.63 -41.20
N ASP A 127 22.14 66.54 -40.52
CA ASP A 127 23.36 66.21 -39.80
C ASP A 127 23.28 66.86 -38.42
N LEU A 128 22.74 66.12 -37.45
CA LEU A 128 22.57 66.67 -36.10
C LEU A 128 23.91 67.00 -35.44
N GLY A 129 24.93 66.16 -35.67
CA GLY A 129 26.22 66.42 -35.08
C GLY A 129 26.83 67.74 -35.55
N ALA A 130 26.67 68.05 -36.83
CA ALA A 130 27.16 69.33 -37.34
C ALA A 130 26.41 70.50 -36.70
N LEU A 131 25.10 70.36 -36.51
CA LEU A 131 24.32 71.41 -35.86
C LEU A 131 24.78 71.62 -34.42
N VAL A 132 24.98 70.54 -33.68
CA VAL A 132 25.34 70.66 -32.27
C VAL A 132 26.75 71.20 -32.11
N ALA A 133 27.68 70.73 -32.95
CA ALA A 133 29.08 71.13 -32.81
C ALA A 133 29.25 72.62 -33.03
N GLY A 134 30.16 73.22 -32.26
CA GLY A 134 30.45 74.64 -32.38
C GLY A 134 29.43 75.57 -31.78
N SER A 135 28.62 75.08 -30.85
CA SER A 135 27.57 75.89 -30.22
C SER A 135 27.94 76.30 -28.80
N ARG A 136 29.21 76.62 -28.55
CA ARG A 136 29.67 76.95 -27.19
C ARG A 136 29.40 78.42 -26.88
N TYR A 137 28.17 78.85 -27.17
CA TYR A 137 27.66 80.17 -26.83
C TYR A 137 26.27 80.01 -26.24
N ARG A 138 25.84 81.01 -25.49
CA ARG A 138 24.46 81.04 -25.01
C ARG A 138 23.53 81.33 -26.18
N GLY A 139 22.63 80.40 -26.46
CA GLY A 139 21.72 80.55 -27.58
C GLY A 139 22.32 80.31 -28.94
N ASP A 140 23.56 79.80 -29.01
CA ASP A 140 24.15 79.48 -30.31
C ASP A 140 23.36 78.38 -31.01
N PHE A 141 22.91 77.38 -30.25
CA PHE A 141 21.99 76.41 -30.79
C PHE A 141 20.57 76.97 -30.74
N GLU A 142 19.59 76.11 -31.01
CA GLU A 142 18.16 76.43 -31.04
C GLU A 142 17.86 77.66 -31.90
N GLU A 143 18.80 78.03 -32.77
CA GLU A 143 18.58 79.09 -33.74
C GLU A 143 19.06 78.67 -35.11
N ARG A 144 20.05 77.77 -35.17
CA ARG A 144 20.56 77.33 -36.47
C ARG A 144 19.55 76.43 -37.18
N LEU A 145 18.93 75.50 -36.44
CA LEU A 145 17.87 74.71 -37.05
C LEU A 145 16.69 75.59 -37.41
N LYS A 146 16.42 76.63 -36.61
CA LYS A 146 15.36 77.57 -36.92
C LYS A 146 15.64 78.29 -38.24
N LYS A 147 16.86 78.77 -38.44
CA LYS A 147 17.19 79.47 -39.67
C LYS A 147 17.18 78.52 -40.86
N VAL A 148 17.62 77.27 -40.66
CA VAL A 148 17.65 76.34 -41.79
C VAL A 148 16.24 75.92 -42.18
N LEU A 149 15.34 75.76 -41.20
CA LEU A 149 13.95 75.46 -41.54
C LEU A 149 13.26 76.65 -42.18
N LYS A 150 13.62 77.87 -41.75
CA LYS A 150 13.11 79.05 -42.45
C LYS A 150 13.59 79.06 -43.90
N GLU A 151 14.85 78.70 -44.12
CA GLU A 151 15.39 78.67 -45.48
C GLU A 151 14.68 77.62 -46.33
N ILE A 152 14.45 76.43 -45.79
CA ILE A 152 13.80 75.40 -46.60
C ILE A 152 12.34 75.78 -46.87
N ARG A 153 11.67 76.40 -45.91
CA ARG A 153 10.32 76.89 -46.15
C ARG A 153 10.32 77.97 -47.22
N THR A 154 11.32 78.85 -47.21
CA THR A 154 11.40 79.91 -48.21
C THR A 154 11.62 79.33 -49.61
N ARG A 155 12.55 78.39 -49.75
CA ARG A 155 12.80 77.80 -51.07
C ARG A 155 11.60 77.01 -51.55
N GLY A 156 10.98 76.24 -50.66
CA GLY A 156 9.68 75.65 -50.92
C GLY A 156 9.68 74.37 -51.73
N ASP A 157 10.83 73.86 -52.15
CA ASP A 157 10.89 72.62 -52.93
C ASP A 157 11.99 71.72 -52.38
N ILE A 158 12.00 71.53 -51.07
CA ILE A 158 12.99 70.69 -50.40
C ILE A 158 12.27 69.63 -49.59
N ILE A 159 12.61 68.36 -49.82
CA ILE A 159 12.07 67.24 -49.08
C ILE A 159 13.16 66.76 -48.13
N LEU A 160 12.85 66.75 -46.84
CA LEU A 160 13.83 66.40 -45.81
C LEU A 160 13.66 64.92 -45.45
N PHE A 161 14.69 64.13 -45.71
CA PHE A 161 14.74 62.74 -45.27
C PHE A 161 15.58 62.70 -44.00
N ILE A 162 14.92 62.58 -42.87
CA ILE A 162 15.62 62.40 -41.60
C ILE A 162 16.10 60.96 -41.52
N ASP A 163 17.31 60.77 -41.02
CA ASP A 163 17.86 59.43 -40.88
C ASP A 163 17.23 58.76 -39.67
N ALA A 164 17.83 57.66 -39.20
CA ALA A 164 17.32 56.90 -38.06
C ALA A 164 16.81 57.83 -36.97
N LEU A 165 15.55 57.64 -36.60
CA LEU A 165 14.84 58.57 -35.74
C LEU A 165 15.26 58.40 -34.28
N HIS A 166 14.44 58.94 -33.37
CA HIS A 166 14.58 58.78 -31.91
C HIS A 166 15.95 59.25 -31.41
N THR A 167 16.70 59.95 -32.25
CA THR A 167 17.91 60.64 -31.82
C THR A 167 17.62 62.07 -31.38
N LEU A 168 16.48 62.63 -31.79
CA LEU A 168 16.07 63.98 -31.45
C LEU A 168 14.78 64.02 -30.64
N VAL A 169 13.88 63.05 -30.83
CA VAL A 169 12.67 63.00 -30.03
C VAL A 169 12.88 62.16 -28.78
N GLY A 170 13.87 61.29 -28.78
CA GLY A 170 14.10 60.37 -27.67
C GLY A 170 14.79 60.99 -26.49
N ALA A 171 14.55 62.28 -26.24
CA ALA A 171 15.15 62.98 -25.11
C ALA A 171 14.37 62.83 -23.82
N GLY A 172 13.17 62.24 -23.87
CA GLY A 172 12.38 62.07 -22.65
C GLY A 172 12.99 61.07 -21.70
N ALA A 173 13.51 59.95 -22.23
CA ALA A 173 14.00 58.86 -21.41
C ALA A 173 15.52 58.83 -21.27
N ALA A 174 16.22 59.84 -21.77
CA ALA A 174 17.67 59.88 -21.73
C ALA A 174 18.14 61.13 -21.00
N GLU A 175 19.25 60.99 -20.27
CA GLU A 175 19.79 62.10 -19.48
C GLU A 175 20.56 63.04 -20.39
N GLY A 176 20.10 64.29 -20.48
CA GLY A 176 20.78 65.30 -21.27
C GLY A 176 20.60 65.19 -22.77
N ALA A 177 19.70 64.32 -23.24
CA ALA A 177 19.52 64.15 -24.67
C ALA A 177 18.88 65.38 -25.29
N ILE A 178 19.21 65.62 -26.56
CA ILE A 178 18.72 66.82 -27.26
C ILE A 178 17.23 66.65 -27.55
N ASP A 179 16.45 67.67 -27.20
CA ASP A 179 15.00 67.66 -27.37
C ASP A 179 14.57 68.71 -28.39
N ALA A 180 15.29 68.79 -29.50
CA ALA A 180 14.95 69.75 -30.55
C ALA A 180 13.63 69.42 -31.24
N ALA A 181 13.08 68.22 -31.02
CA ALA A 181 11.81 67.85 -31.62
C ALA A 181 10.71 68.85 -31.29
N SER A 182 10.75 69.44 -30.08
CA SER A 182 9.76 70.44 -29.72
C SER A 182 9.74 71.60 -30.71
N ILE A 183 10.92 72.07 -31.12
CA ILE A 183 10.99 73.14 -32.11
C ILE A 183 10.29 72.72 -33.40
N LEU A 184 10.40 71.44 -33.75
CA LEU A 184 9.72 70.93 -34.94
C LEU A 184 8.22 70.75 -34.71
N LYS A 185 7.77 70.52 -33.48
CA LYS A 185 6.40 70.07 -33.25
C LYS A 185 5.34 70.99 -33.83
N PRO A 186 5.36 72.31 -33.59
CA PRO A 186 4.34 73.16 -34.24
C PRO A 186 4.44 73.15 -35.75
N MET A 187 5.65 73.02 -36.31
CA MET A 187 5.81 73.15 -37.76
C MET A 187 5.17 72.00 -38.52
N LEU A 188 5.24 70.78 -37.98
CA LEU A 188 4.51 69.67 -38.59
C LEU A 188 3.02 69.96 -38.63
N ALA A 189 2.54 70.80 -37.71
CA ALA A 189 1.14 71.22 -37.76
C ALA A 189 0.85 72.04 -39.00
N ARG A 190 1.79 72.91 -39.41
CA ARG A 190 1.53 73.79 -40.54
C ARG A 190 1.55 73.04 -41.87
N GLY A 191 2.10 71.83 -41.89
CA GLY A 191 2.08 71.02 -43.09
C GLY A 191 3.10 71.40 -44.14
N GLU A 192 4.01 72.33 -43.84
CA GLU A 192 5.05 72.74 -44.77
C GLU A 192 6.39 72.06 -44.48
N LEU A 193 6.39 70.99 -43.69
CA LEU A 193 7.59 70.25 -43.33
C LEU A 193 7.53 68.81 -43.80
N GLN A 194 7.21 68.60 -45.08
CA GLN A 194 7.24 67.26 -45.66
C GLN A 194 8.57 66.58 -45.34
N THR A 195 8.50 65.51 -44.56
CA THR A 195 9.69 64.79 -44.14
C THR A 195 9.44 63.29 -44.23
N ILE A 196 10.52 62.55 -44.48
CA ILE A 196 10.49 61.10 -44.54
C ILE A 196 11.45 60.56 -43.48
N GLY A 197 10.95 59.68 -42.62
CA GLY A 197 11.76 59.10 -41.56
C GLY A 197 11.88 57.60 -41.74
N ALA A 198 12.75 57.00 -40.93
CA ALA A 198 12.95 55.56 -40.97
C ALA A 198 13.47 55.08 -39.63
N THR A 199 12.94 53.97 -39.15
CA THR A 199 13.37 53.40 -37.88
C THR A 199 13.06 51.92 -37.85
N THR A 200 13.71 51.23 -36.91
CA THR A 200 13.56 49.78 -36.79
C THR A 200 12.20 49.43 -36.20
N LEU A 201 11.74 48.20 -36.50
CA LEU A 201 10.43 47.76 -36.03
C LEU A 201 10.34 47.77 -34.52
N ASP A 202 11.30 47.12 -33.84
CA ASP A 202 11.21 46.96 -32.40
C ASP A 202 11.29 48.30 -31.68
N GLU A 203 12.21 49.17 -32.09
CA GLU A 203 12.34 50.46 -31.43
C GLU A 203 11.12 51.33 -31.73
N TYR A 204 10.60 51.26 -32.95
CA TYR A 204 9.36 51.96 -33.28
C TYR A 204 8.24 51.56 -32.33
N ARG A 205 8.04 50.26 -32.13
CA ARG A 205 7.01 49.81 -31.21
C ARG A 205 7.30 50.26 -29.79
N LYS A 206 8.57 50.20 -29.38
CA LYS A 206 8.92 50.44 -27.98
C LYS A 206 8.78 51.91 -27.60
N HIS A 207 9.32 52.82 -28.41
CA HIS A 207 9.54 54.20 -27.97
C HIS A 207 8.72 55.22 -28.73
N LEU A 208 8.67 55.14 -30.06
CA LEU A 208 8.05 56.21 -30.84
C LEU A 208 6.55 56.26 -30.64
N GLU A 209 5.89 55.09 -30.55
CA GLU A 209 4.43 55.05 -30.45
C GLU A 209 3.91 55.61 -29.13
N LYS A 210 4.79 55.84 -28.14
CA LYS A 210 4.35 56.41 -26.87
C LYS A 210 3.78 57.81 -27.06
N ASP A 211 4.42 58.61 -27.91
CA ASP A 211 3.93 59.96 -28.19
C ASP A 211 2.61 59.90 -28.95
N ALA A 212 1.73 60.85 -28.66
CA ALA A 212 0.44 60.91 -29.33
C ALA A 212 0.33 62.04 -30.34
N ALA A 213 1.07 63.14 -30.13
CA ALA A 213 0.97 64.28 -31.03
C ALA A 213 1.56 63.98 -32.39
N LEU A 214 2.77 63.40 -32.43
CA LEU A 214 3.45 63.20 -33.69
C LEU A 214 2.86 62.04 -34.49
N GLU A 215 2.32 61.01 -33.82
CA GLU A 215 1.75 59.88 -34.52
C GLU A 215 0.50 60.26 -35.31
N ARG A 216 -0.11 61.41 -35.02
CA ARG A 216 -1.24 61.89 -35.79
C ARG A 216 -0.84 62.37 -37.19
N ARG A 217 0.46 62.48 -37.47
CA ARG A 217 0.92 62.92 -38.77
C ARG A 217 1.96 61.99 -39.39
N PHE A 218 2.26 60.85 -38.77
CA PHE A 218 3.25 59.92 -39.29
C PHE A 218 2.57 58.63 -39.73
N GLN A 219 2.84 58.21 -40.96
CA GLN A 219 2.24 57.01 -41.52
C GLN A 219 3.30 55.93 -41.68
N PRO A 220 3.12 54.75 -41.07
CA PRO A 220 4.13 53.69 -41.17
C PRO A 220 4.00 52.90 -42.46
N ILE A 221 5.14 52.62 -43.07
CA ILE A 221 5.22 51.79 -44.27
C ILE A 221 6.17 50.64 -43.96
N GLN A 222 5.69 49.41 -44.12
CA GLN A 222 6.46 48.23 -43.75
C GLN A 222 7.41 47.84 -44.87
N VAL A 223 8.70 47.78 -44.55
CA VAL A 223 9.71 47.32 -45.51
C VAL A 223 10.05 45.87 -45.19
N ALA A 224 9.38 44.94 -45.87
CA ALA A 224 9.55 43.53 -45.57
C ALA A 224 10.91 43.02 -46.04
N GLU A 225 11.39 41.97 -45.40
CA GLU A 225 12.64 41.34 -45.80
C GLU A 225 12.47 40.69 -47.17
N PRO A 226 13.35 40.97 -48.12
CA PRO A 226 13.18 40.41 -49.47
C PRO A 226 13.29 38.90 -49.48
N SER A 227 12.58 38.29 -50.42
CA SER A 227 12.62 36.85 -50.61
C SER A 227 13.92 36.45 -51.31
N LEU A 228 14.13 35.14 -51.44
CA LEU A 228 15.36 34.65 -52.05
C LEU A 228 15.52 35.08 -53.51
N PRO A 229 14.53 34.89 -54.40
CA PRO A 229 14.71 35.40 -55.77
C PRO A 229 14.91 36.89 -55.85
N HIS A 230 14.26 37.65 -54.96
CA HIS A 230 14.46 39.09 -54.93
C HIS A 230 15.91 39.43 -54.61
N THR A 231 16.50 38.72 -53.64
CA THR A 231 17.91 38.95 -53.32
C THR A 231 18.82 38.49 -54.46
N ILE A 232 18.43 37.42 -55.17
CA ILE A 232 19.19 37.03 -56.34
C ILE A 232 19.20 38.15 -57.37
N GLU A 233 18.04 38.77 -57.60
CA GLU A 233 17.98 39.90 -58.52
C GLU A 233 18.82 41.07 -58.04
N ILE A 234 18.79 41.35 -56.73
CA ILE A 234 19.58 42.45 -56.18
C ILE A 234 21.07 42.21 -56.37
N LEU A 235 21.53 40.99 -56.11
CA LEU A 235 22.93 40.66 -56.34
C LEU A 235 23.28 40.74 -57.82
N LYS A 236 22.37 40.31 -58.69
CA LYS A 236 22.61 40.47 -60.12
C LYS A 236 22.77 41.93 -60.49
N GLY A 237 21.96 42.79 -59.90
CA GLY A 237 22.09 44.22 -60.17
C GLY A 237 23.39 44.82 -59.68
N LEU A 238 23.83 44.42 -58.49
CA LEU A 238 25.04 44.98 -57.88
C LEU A 238 26.33 44.29 -58.33
N ARG A 239 26.21 43.22 -59.11
CA ARG A 239 27.38 42.48 -59.55
C ARG A 239 28.33 43.35 -60.36
N ASP A 240 27.78 44.17 -61.27
CA ASP A 240 28.64 45.02 -62.09
C ASP A 240 29.45 45.98 -61.25
N ARG A 241 28.80 46.63 -60.27
CA ARG A 241 29.50 47.58 -59.41
C ARG A 241 30.58 46.89 -58.59
N TYR A 242 30.26 45.73 -58.00
CA TYR A 242 31.24 45.07 -57.15
C TYR A 242 32.39 44.50 -57.96
N GLU A 243 32.11 43.98 -59.16
CA GLU A 243 33.17 43.51 -60.04
C GLU A 243 34.07 44.65 -60.47
N ALA A 244 33.48 45.81 -60.79
CA ALA A 244 34.29 46.96 -61.17
C ALA A 244 35.18 47.41 -60.02
N HIS A 245 34.64 47.42 -58.80
CA HIS A 245 35.45 47.83 -57.65
C HIS A 245 36.58 46.84 -57.38
N HIS A 246 36.29 45.55 -57.46
CA HIS A 246 37.28 44.53 -57.11
C HIS A 246 38.07 44.02 -58.31
N ARG A 247 37.71 44.43 -59.53
CA ARG A 247 38.43 44.03 -60.74
C ARG A 247 38.46 42.52 -60.89
N VAL A 248 37.30 41.89 -60.74
CA VAL A 248 37.14 40.45 -60.85
C VAL A 248 35.86 40.14 -61.61
N SER A 249 35.57 38.86 -61.77
CA SER A 249 34.37 38.39 -62.44
C SER A 249 33.60 37.46 -61.53
N ILE A 250 32.28 37.59 -61.50
CA ILE A 250 31.41 36.80 -60.64
C ILE A 250 30.36 36.12 -61.50
N THR A 251 30.15 34.83 -61.27
CA THR A 251 29.20 34.03 -62.03
C THR A 251 27.84 34.02 -61.33
N ASP A 252 26.80 33.67 -62.10
CA ASP A 252 25.46 33.57 -61.55
C ASP A 252 25.35 32.44 -60.54
N GLU A 253 26.05 31.33 -60.78
CA GLU A 253 26.06 30.24 -59.81
C GLU A 253 26.65 30.69 -58.49
N ALA A 254 27.66 31.55 -58.55
CA ALA A 254 28.23 32.12 -57.33
C ALA A 254 27.18 32.93 -56.57
N LEU A 255 26.39 33.74 -57.28
CA LEU A 255 25.35 34.51 -56.62
C LEU A 255 24.29 33.61 -55.99
N VAL A 256 23.90 32.55 -56.71
CA VAL A 256 22.91 31.62 -56.17
C VAL A 256 23.43 30.98 -54.89
N GLN A 257 24.67 30.50 -54.92
CA GLN A 257 25.26 29.89 -53.74
C GLN A 257 25.36 30.89 -52.59
N ALA A 258 25.78 32.13 -52.88
CA ALA A 258 25.90 33.13 -51.83
C ALA A 258 24.56 33.39 -51.18
N ALA A 259 23.52 33.57 -51.99
CA ALA A 259 22.19 33.85 -51.44
C ALA A 259 21.70 32.67 -50.59
N THR A 260 21.82 31.45 -51.11
CA THR A 260 21.32 30.29 -50.37
C THR A 260 22.08 30.09 -49.06
N LEU A 261 23.41 30.19 -49.11
CA LEU A 261 24.21 29.97 -47.92
C LEU A 261 23.97 31.07 -46.88
N ALA A 262 23.86 32.33 -47.32
CA ALA A 262 23.56 33.40 -46.38
C ALA A 262 22.20 33.20 -45.74
N ASP A 263 21.20 32.78 -46.52
CA ASP A 263 19.88 32.53 -45.96
C ASP A 263 19.90 31.39 -44.96
N ARG A 264 20.69 30.34 -45.23
CA ARG A 264 20.60 29.14 -44.41
C ARG A 264 21.49 29.20 -43.17
N TYR A 265 22.78 29.47 -43.36
CA TYR A 265 23.76 29.28 -42.30
C TYR A 265 24.04 30.54 -41.47
N ILE A 266 23.30 31.63 -41.70
CA ILE A 266 23.44 32.84 -40.89
C ILE A 266 22.06 33.25 -40.40
N SER A 267 21.95 33.49 -39.10
CA SER A 267 20.68 33.85 -38.47
C SER A 267 20.70 35.17 -37.73
N ASP A 268 21.88 35.64 -37.28
CA ASP A 268 21.93 36.89 -36.53
C ASP A 268 21.66 38.10 -37.41
N ARG A 269 21.84 37.99 -38.72
CA ARG A 269 21.64 39.09 -39.65
C ARG A 269 20.52 38.75 -40.61
N PHE A 270 20.24 39.68 -41.52
CA PHE A 270 19.10 39.50 -42.40
C PHE A 270 19.52 39.45 -43.87
N LEU A 271 18.60 38.94 -44.70
CA LEU A 271 18.99 38.34 -45.98
C LEU A 271 19.64 39.33 -46.95
N PRO A 272 19.09 40.53 -47.20
CA PRO A 272 19.65 41.36 -48.27
C PRO A 272 21.10 41.80 -48.04
N ASP A 273 21.57 41.74 -46.79
CA ASP A 273 22.88 42.24 -46.43
C ASP A 273 23.95 41.15 -46.40
N LYS A 274 23.66 39.99 -45.81
CA LYS A 274 24.70 38.98 -45.62
C LYS A 274 25.19 38.41 -46.95
N ALA A 275 24.31 38.26 -47.93
CA ALA A 275 24.75 37.81 -49.25
C ALA A 275 25.73 38.80 -49.86
N ILE A 276 25.43 40.10 -49.75
CA ILE A 276 26.34 41.12 -50.24
C ILE A 276 27.67 41.06 -49.49
N ASP A 277 27.62 40.81 -48.18
CA ASP A 277 28.85 40.70 -47.41
C ASP A 277 29.70 39.53 -47.90
N LEU A 278 29.06 38.38 -48.15
CA LEU A 278 29.79 37.22 -48.66
C LEU A 278 30.42 37.52 -50.01
N ILE A 279 29.66 38.16 -50.91
CA ILE A 279 30.17 38.46 -52.23
C ILE A 279 31.36 39.41 -52.14
N ASP A 280 31.23 40.47 -51.34
CA ASP A 280 32.32 41.44 -51.20
C ASP A 280 33.56 40.80 -50.61
N GLU A 281 33.39 39.96 -49.57
CA GLU A 281 34.55 39.33 -48.95
C GLU A 281 35.24 38.37 -49.90
N ALA A 282 34.46 37.59 -50.66
CA ALA A 282 35.06 36.68 -51.64
C ALA A 282 35.82 37.45 -52.72
N GLY A 283 35.23 38.54 -53.22
CA GLY A 283 35.92 39.34 -54.21
C GLY A 283 37.21 39.94 -53.69
N SER A 284 37.18 40.43 -52.45
CA SER A 284 38.39 40.95 -51.84
C SER A 284 39.44 39.85 -51.70
N ARG A 285 39.02 38.65 -51.31
CA ARG A 285 39.97 37.56 -51.13
C ARG A 285 40.63 37.18 -52.45
N MET A 286 39.85 37.12 -53.54
CA MET A 286 40.47 36.89 -54.85
C MET A 286 41.41 38.01 -55.24
N ARG A 287 41.03 39.26 -55.00
CA ARG A 287 41.89 40.36 -55.40
C ARG A 287 43.20 40.32 -54.64
N ILE A 288 43.16 39.95 -53.35
CA ILE A 288 44.38 39.80 -52.56
C ILE A 288 45.20 38.62 -53.06
N ARG A 289 44.54 37.52 -53.41
CA ARG A 289 45.26 36.31 -53.79
C ARG A 289 46.13 36.53 -55.03
N ARG A 290 45.58 37.18 -56.04
CA ARG A 290 46.33 37.40 -57.27
C ARG A 290 47.29 38.57 -57.14
N VAL A 352 42.29 37.26 -65.54
CA VAL A 352 40.90 37.43 -65.16
C VAL A 352 40.55 36.49 -64.00
N ALA A 353 40.54 37.03 -62.79
CA ALA A 353 40.18 36.24 -61.63
C ALA A 353 38.70 35.88 -61.65
N GLU A 354 38.40 34.65 -61.24
CA GLU A 354 37.04 34.13 -61.26
C GLU A 354 36.59 33.81 -59.85
N VAL A 355 35.32 34.12 -59.56
CA VAL A 355 34.69 33.81 -58.28
C VAL A 355 33.61 32.76 -58.54
N ASP A 356 33.71 31.62 -57.86
CA ASP A 356 32.80 30.51 -58.04
C ASP A 356 32.19 30.10 -56.70
N GLY A 357 31.29 29.11 -56.76
CA GLY A 357 30.55 28.71 -55.57
C GLY A 357 31.43 28.12 -54.47
N GLU A 358 32.48 27.40 -54.85
CA GLU A 358 33.37 26.83 -53.84
C GLU A 358 34.05 27.92 -53.04
N LEU A 359 34.38 29.06 -53.68
CA LEU A 359 34.91 30.19 -52.95
C LEU A 359 33.93 30.72 -51.93
N ILE A 360 32.66 30.86 -52.32
CA ILE A 360 31.66 31.36 -51.39
C ILE A 360 31.52 30.41 -50.21
N ALA A 361 31.49 29.10 -50.48
CA ALA A 361 31.39 28.13 -49.41
C ALA A 361 32.59 28.20 -48.47
N GLU A 362 33.79 28.34 -49.04
CA GLU A 362 34.99 28.45 -48.22
C GLU A 362 34.97 29.70 -47.35
N VAL A 363 34.56 30.84 -47.93
CA VAL A 363 34.51 32.08 -47.18
C VAL A 363 33.51 31.99 -46.04
N LEU A 364 32.32 31.43 -46.32
CA LEU A 364 31.34 31.27 -45.26
C LEU A 364 31.84 30.33 -44.17
N ALA A 365 32.51 29.24 -44.56
CA ALA A 365 33.03 28.30 -43.59
C ALA A 365 34.07 28.94 -42.69
N THR A 366 35.00 29.70 -43.27
CA THR A 366 36.04 30.32 -42.46
C THR A 366 35.49 31.49 -41.66
N ALA A 367 34.38 32.06 -42.10
CA ALA A 367 33.75 33.14 -41.32
C ALA A 367 33.02 32.60 -40.11
N THR A 368 32.28 31.50 -40.27
CA THR A 368 31.46 30.95 -39.21
C THR A 368 32.11 29.76 -38.51
N GLY A 369 32.44 28.71 -39.26
CA GLY A 369 33.01 27.51 -38.70
C GLY A 369 32.34 26.23 -39.14
N ILE A 370 31.17 26.29 -39.76
CA ILE A 370 30.51 25.08 -40.26
C ILE A 370 31.35 24.49 -41.40
N PRO A 371 31.65 23.19 -41.39
CA PRO A 371 32.48 22.61 -42.45
C PRO A 371 31.72 22.40 -43.76
N VAL A 372 31.60 23.48 -44.53
CA VAL A 372 30.93 23.45 -45.82
C VAL A 372 31.90 23.90 -46.90
N PHE A 373 33.19 23.63 -46.70
CA PHE A 373 34.24 24.15 -47.56
C PHE A 373 34.60 23.21 -48.71
N LYS A 374 33.63 22.47 -49.23
CA LYS A 374 33.77 21.59 -50.39
C LYS A 374 34.57 20.34 -50.05
N LEU A 375 34.14 19.20 -50.59
CA LEU A 375 34.73 17.92 -50.25
C LEU A 375 35.95 17.64 -51.12
N THR A 376 37.04 17.23 -50.47
CA THR A 376 38.26 16.83 -51.18
C THR A 376 38.56 15.37 -50.88
N GLU A 377 39.53 14.83 -51.64
CA GLU A 377 39.83 13.40 -51.56
C GLU A 377 40.37 13.00 -50.19
N GLU A 378 41.26 13.83 -49.62
CA GLU A 378 41.91 13.47 -48.36
C GLU A 378 40.89 13.36 -47.23
N GLU A 379 40.02 14.36 -47.09
CA GLU A 379 39.02 14.30 -46.03
C GLU A 379 37.97 13.24 -46.33
N SER A 380 37.75 12.93 -47.61
CA SER A 380 36.87 11.81 -47.94
C SER A 380 37.43 10.49 -47.41
N SER A 381 38.74 10.26 -47.64
CA SER A 381 39.37 9.06 -47.11
C SER A 381 39.35 9.07 -45.59
N ARG A 382 39.60 10.22 -44.98
CA ARG A 382 39.57 10.32 -43.52
C ARG A 382 38.19 9.98 -42.97
N LEU A 383 37.14 10.49 -43.60
CA LEU A 383 35.78 10.20 -43.14
C LEU A 383 35.43 8.74 -43.34
N LEU A 384 35.85 8.14 -44.46
CA LEU A 384 35.61 6.72 -44.66
C LEU A 384 36.40 5.86 -43.70
N ARG A 385 37.42 6.41 -43.05
CA ARG A 385 38.23 5.70 -42.06
C ARG A 385 37.94 6.18 -40.64
N MET A 386 36.76 6.75 -40.39
CA MET A 386 36.47 7.38 -39.11
C MET A 386 36.40 6.35 -37.98
N GLU A 387 35.83 5.18 -38.26
CA GLU A 387 35.71 4.15 -37.23
C GLU A 387 37.08 3.71 -36.74
N ASP A 388 38.04 3.55 -37.67
CA ASP A 388 39.38 3.16 -37.27
C ASP A 388 40.03 4.23 -36.37
N GLU A 389 39.84 5.50 -36.72
CA GLU A 389 40.40 6.57 -35.89
C GLU A 389 39.76 6.59 -34.51
N LEU A 390 38.45 6.43 -34.43
CA LEU A 390 37.78 6.42 -33.13
C LEU A 390 38.19 5.23 -32.29
N HIS A 391 38.35 4.06 -32.90
CA HIS A 391 38.69 2.86 -32.15
C HIS A 391 40.12 2.87 -31.62
N LYS A 392 40.95 3.82 -32.05
CA LYS A 392 42.29 3.94 -31.46
C LYS A 392 42.25 4.45 -30.03
N ARG A 393 41.10 4.93 -29.57
CA ARG A 393 40.93 5.43 -28.20
C ARG A 393 39.81 4.74 -27.45
N VAL A 394 38.69 4.45 -28.12
CA VAL A 394 37.58 3.72 -27.52
C VAL A 394 37.61 2.30 -28.07
N ILE A 395 37.57 1.32 -27.18
CA ILE A 395 37.79 -0.08 -27.53
C ILE A 395 36.55 -0.89 -27.18
N GLY A 396 35.94 -1.51 -28.19
CA GLY A 396 34.90 -2.48 -27.96
C GLY A 396 33.50 -2.09 -28.40
N GLN A 397 33.12 -0.84 -28.17
CA GLN A 397 31.76 -0.38 -28.46
C GLN A 397 31.65 -0.06 -29.95
N VAL A 398 31.48 -1.13 -30.74
CA VAL A 398 31.48 -0.97 -32.20
C VAL A 398 30.20 -0.29 -32.66
N ASP A 399 29.07 -0.66 -32.08
CA ASP A 399 27.78 -0.15 -32.57
C ASP A 399 27.68 1.36 -32.42
N ALA A 400 28.06 1.89 -31.25
CA ALA A 400 27.97 3.33 -31.03
C ALA A 400 28.91 4.09 -31.96
N VAL A 401 30.13 3.57 -32.14
CA VAL A 401 31.07 4.21 -33.05
C VAL A 401 30.53 4.22 -34.47
N LYS A 402 29.93 3.10 -34.90
CA LYS A 402 29.35 3.04 -36.24
C LYS A 402 28.22 4.03 -36.40
N ALA A 403 27.33 4.12 -35.40
CA ALA A 403 26.21 5.05 -35.50
C ALA A 403 26.71 6.50 -35.55
N LEU A 404 27.66 6.85 -34.70
CA LEU A 404 28.18 8.21 -34.69
C LEU A 404 28.89 8.55 -36.00
N SER A 405 29.69 7.62 -36.53
CA SER A 405 30.37 7.86 -37.79
C SER A 405 29.38 7.97 -38.93
N LYS A 406 28.31 7.17 -38.90
CA LYS A 406 27.28 7.28 -39.92
C LYS A 406 26.62 8.65 -39.89
N ALA A 407 26.33 9.15 -38.69
CA ALA A 407 25.73 10.47 -38.57
C ALA A 407 26.67 11.55 -39.11
N ILE A 408 27.95 11.47 -38.76
CA ILE A 408 28.90 12.48 -39.23
C ILE A 408 29.04 12.42 -40.75
N ARG A 409 29.15 11.22 -41.30
CA ARG A 409 29.28 11.08 -42.76
C ARG A 409 28.04 11.59 -43.47
N ARG A 410 26.85 11.29 -42.94
CA ARG A 410 25.62 11.77 -43.53
C ARG A 410 25.55 13.29 -43.51
N THR A 411 25.95 13.91 -42.39
CA THR A 411 25.96 15.36 -42.32
C THR A 411 26.96 15.96 -43.31
N ARG A 412 28.15 15.36 -43.41
CA ARG A 412 29.21 15.89 -44.26
C ARG A 412 28.93 15.70 -45.74
N ALA A 413 28.02 14.81 -46.12
CA ALA A 413 27.70 14.55 -47.51
C ALA A 413 26.54 15.38 -48.02
N GLY A 414 26.08 16.36 -47.23
CA GLY A 414 24.98 17.21 -47.64
C GLY A 414 23.65 16.49 -47.76
N LEU A 415 23.34 15.59 -46.82
CA LEU A 415 22.09 14.86 -46.84
C LEU A 415 21.28 14.99 -45.55
N LYS A 416 21.83 15.63 -44.52
CA LYS A 416 21.12 15.70 -43.25
C LYS A 416 19.97 16.71 -43.33
N ASP A 417 18.98 16.49 -42.49
CA ASP A 417 17.77 17.32 -42.50
C ASP A 417 18.13 18.74 -42.08
N PRO A 418 17.77 19.75 -42.87
CA PRO A 418 18.11 21.14 -42.50
C PRO A 418 17.21 21.73 -41.44
N LYS A 419 16.27 20.97 -40.88
CA LYS A 419 15.38 21.46 -39.85
C LYS A 419 15.70 20.90 -38.46
N ARG A 420 16.60 19.94 -38.37
CA ARG A 420 16.93 19.25 -37.13
C ARG A 420 18.44 19.24 -36.94
N PRO A 421 18.91 19.04 -35.71
CA PRO A 421 20.35 18.96 -35.48
C PRO A 421 20.97 17.78 -36.23
N GLY A 422 22.30 17.81 -36.31
CA GLY A 422 23.02 16.79 -37.06
C GLY A 422 22.80 15.40 -36.52
N GLY A 423 22.79 15.25 -35.20
CA GLY A 423 22.57 13.96 -34.59
C GLY A 423 22.03 14.12 -33.19
N SER A 424 21.22 13.15 -32.76
CA SER A 424 20.63 13.13 -31.43
C SER A 424 20.75 11.72 -30.89
N PHE A 425 21.60 11.54 -29.89
CA PHE A 425 21.90 10.21 -29.37
C PHE A 425 21.60 10.14 -27.87
N ILE A 426 21.12 8.99 -27.43
CA ILE A 426 20.97 8.67 -26.02
C ILE A 426 21.84 7.45 -25.73
N PHE A 427 22.87 7.64 -24.93
CA PHE A 427 23.75 6.54 -24.52
C PHE A 427 23.25 6.00 -23.18
N ALA A 428 23.14 4.68 -23.08
CA ALA A 428 22.72 4.02 -21.86
C ALA A 428 23.52 2.74 -21.66
N GLY A 429 23.53 2.27 -20.43
CA GLY A 429 24.24 1.05 -20.10
C GLY A 429 24.89 1.12 -18.74
N PRO A 430 25.80 0.20 -18.46
CA PRO A 430 26.49 0.20 -17.16
C PRO A 430 27.48 1.34 -17.06
N SER A 431 28.10 1.45 -15.90
CA SER A 431 29.08 2.51 -15.65
C SER A 431 30.48 2.01 -15.96
N GLY A 432 31.33 2.94 -16.41
CA GLY A 432 32.69 2.59 -16.75
C GLY A 432 32.83 1.84 -18.06
N VAL A 433 31.85 1.94 -18.95
CA VAL A 433 31.85 1.21 -20.21
C VAL A 433 32.45 2.09 -21.30
N GLY A 434 32.30 3.40 -21.17
CA GLY A 434 32.89 4.31 -22.13
C GLY A 434 31.92 5.26 -22.79
N LYS A 435 30.81 5.56 -22.11
CA LYS A 435 29.85 6.52 -22.66
C LYS A 435 30.47 7.91 -22.79
N THR A 436 31.15 8.35 -21.74
CA THR A 436 31.78 9.67 -21.76
C THR A 436 33.06 9.67 -22.59
N GLU A 437 33.79 8.55 -22.61
CA GLU A 437 35.02 8.48 -23.39
C GLU A 437 34.75 8.66 -24.88
N LEU A 438 33.63 8.12 -25.37
CA LEU A 438 33.29 8.26 -26.77
C LEU A 438 33.06 9.71 -27.15
N SER A 439 32.40 10.47 -26.28
CA SER A 439 32.17 11.88 -26.57
C SER A 439 33.49 12.65 -26.65
N LYS A 440 34.42 12.39 -25.74
CA LYS A 440 35.71 13.04 -25.79
C LYS A 440 36.47 12.64 -27.05
N ALA A 441 36.40 11.37 -27.42
CA ALA A 441 37.08 10.92 -28.65
C ALA A 441 36.50 11.61 -29.87
N LEU A 442 35.18 11.74 -29.94
CA LEU A 442 34.55 12.43 -31.07
C LEU A 442 34.95 13.89 -31.10
N ALA A 443 34.96 14.56 -29.95
CA ALA A 443 35.35 15.97 -29.91
C ALA A 443 36.80 16.15 -30.32
N GLU A 444 37.67 15.22 -29.91
CA GLU A 444 39.08 15.30 -30.31
C GLU A 444 39.24 15.03 -31.81
N PHE A 445 38.44 14.12 -32.37
CA PHE A 445 38.52 13.85 -33.79
C PHE A 445 38.05 15.05 -34.62
N LEU A 446 36.95 15.68 -34.20
CA LEU A 446 36.38 16.76 -35.00
C LEU A 446 37.20 18.05 -34.90
N PHE A 447 37.68 18.38 -33.70
CA PHE A 447 38.32 19.67 -33.47
C PHE A 447 39.78 19.58 -33.09
N GLY A 448 40.34 18.38 -32.92
CA GLY A 448 41.74 18.26 -32.58
C GLY A 448 42.07 18.42 -31.12
N ASP A 449 41.08 18.57 -30.25
CA ASP A 449 41.32 18.73 -28.83
C ASP A 449 40.04 18.40 -28.07
N GLU A 450 40.18 17.57 -27.03
CA GLU A 450 39.00 17.11 -26.30
C GLU A 450 38.40 18.20 -25.43
N ASP A 451 39.09 19.32 -25.26
CA ASP A 451 38.55 20.43 -24.48
C ASP A 451 37.52 21.25 -25.25
N ALA A 452 37.30 20.96 -26.53
CA ALA A 452 36.32 21.66 -27.35
C ALA A 452 34.92 21.09 -27.19
N LEU A 453 34.64 20.39 -26.10
CA LEU A 453 33.36 19.76 -25.85
C LEU A 453 32.55 20.61 -24.88
N ILE A 454 31.29 20.87 -25.23
CA ILE A 454 30.38 21.62 -24.37
C ILE A 454 29.65 20.59 -23.50
N SER A 455 30.13 20.44 -22.27
CA SER A 455 29.61 19.42 -21.36
C SER A 455 28.81 20.09 -20.24
N LEU A 456 27.62 19.55 -19.99
CA LEU A 456 26.76 20.02 -18.91
C LEU A 456 26.55 18.87 -17.93
N ASP A 457 26.80 19.12 -16.65
CA ASP A 457 26.55 18.15 -15.60
C ASP A 457 25.14 18.37 -15.08
N MET A 458 24.21 17.50 -15.49
CA MET A 458 22.80 17.74 -15.21
C MET A 458 22.45 17.53 -13.75
N SER A 459 23.36 17.00 -12.93
CA SER A 459 23.06 16.81 -11.51
C SER A 459 22.91 18.13 -10.78
N GLU A 460 23.33 19.24 -11.38
CA GLU A 460 23.17 20.56 -10.79
C GLU A 460 21.86 21.23 -11.18
N PHE A 461 21.02 20.55 -11.96
CA PHE A 461 19.75 21.08 -12.42
C PHE A 461 18.58 20.31 -11.81
N SER A 462 18.69 19.98 -10.53
CA SER A 462 17.68 19.17 -9.85
C SER A 462 16.49 19.99 -9.36
N GLU A 463 16.50 21.31 -9.54
CA GLU A 463 15.40 22.15 -9.13
C GLU A 463 14.81 22.85 -10.35
N LYS A 464 13.49 23.05 -10.32
CA LYS A 464 12.78 23.59 -11.47
C LYS A 464 13.22 25.00 -11.83
N HIS A 465 13.67 25.80 -10.87
CA HIS A 465 14.00 27.18 -11.12
C HIS A 465 15.43 27.38 -11.60
N THR A 466 16.15 26.31 -11.91
CA THR A 466 17.50 26.40 -12.44
C THR A 466 17.55 26.40 -13.95
N VAL A 467 16.40 26.41 -14.63
CA VAL A 467 16.40 26.49 -16.09
C VAL A 467 16.91 27.83 -16.57
N SER A 468 16.77 28.89 -15.76
CA SER A 468 17.32 30.19 -16.11
C SER A 468 18.83 30.16 -16.22
N ARG A 469 19.47 29.15 -15.63
CA ARG A 469 20.93 29.03 -15.74
C ARG A 469 21.35 28.76 -17.18
N LEU A 470 20.46 28.18 -17.99
CA LEU A 470 20.73 27.98 -19.41
C LEU A 470 19.84 28.82 -20.31
N PHE A 471 18.85 29.50 -19.74
CA PHE A 471 18.02 30.44 -20.48
C PHE A 471 18.43 31.88 -20.25
N GLY A 472 18.70 32.26 -19.02
CA GLY A 472 18.86 33.65 -18.64
C GLY A 472 17.69 34.11 -17.79
N SER A 473 17.97 35.09 -16.92
CA SER A 473 16.95 35.55 -16.00
C SER A 473 15.83 36.29 -16.74
N PRO A 474 14.63 36.33 -16.18
CA PRO A 474 13.55 37.11 -16.78
C PRO A 474 13.85 38.59 -16.73
N PRO A 475 13.18 39.41 -17.54
CA PRO A 475 13.49 40.84 -17.57
C PRO A 475 13.27 41.52 -16.23
N GLY A 476 14.15 42.47 -15.92
CA GLY A 476 14.09 43.23 -14.70
C GLY A 476 14.73 42.59 -13.49
N TYR A 477 15.31 41.40 -13.64
CA TYR A 477 15.88 40.64 -12.54
C TYR A 477 17.40 40.68 -12.62
N VAL A 478 18.04 40.23 -11.53
CA VAL A 478 19.49 40.23 -11.46
C VAL A 478 20.05 39.21 -12.45
N GLY A 479 21.10 39.58 -13.16
CA GLY A 479 21.71 38.71 -14.14
C GLY A 479 21.14 38.81 -15.54
N TYR A 480 20.30 39.80 -15.83
CA TYR A 480 19.82 40.00 -17.20
C TYR A 480 20.93 40.37 -18.16
N GLU A 481 21.95 41.11 -17.70
CA GLU A 481 23.04 41.49 -18.58
C GLU A 481 23.78 40.29 -19.14
N GLU A 482 23.70 39.14 -18.49
CA GLU A 482 24.31 37.91 -18.97
C GLU A 482 23.24 36.94 -19.42
N GLY A 483 23.34 36.47 -20.66
CA GLY A 483 22.37 35.54 -21.20
C GLY A 483 22.56 34.15 -20.65
N GLY A 484 21.84 33.21 -21.27
CA GLY A 484 21.98 31.81 -20.88
C GLY A 484 23.39 31.32 -21.11
N GLN A 485 23.87 30.51 -20.18
CA GLN A 485 25.25 30.00 -20.28
C GLN A 485 25.41 29.08 -21.49
N LEU A 486 24.43 28.22 -21.74
CA LEU A 486 24.50 27.32 -22.87
C LEU A 486 24.23 28.04 -24.19
N THR A 487 23.25 28.95 -24.21
CA THR A 487 22.87 29.61 -25.45
C THR A 487 24.02 30.44 -26.00
N GLU A 488 24.74 31.17 -25.15
CA GLU A 488 25.86 31.97 -25.62
C GLU A 488 26.96 31.08 -26.20
N LYS A 489 27.27 29.97 -25.52
CA LYS A 489 28.30 29.08 -26.01
C LYS A 489 27.93 28.50 -27.38
N VAL A 490 26.67 28.11 -27.55
CA VAL A 490 26.24 27.58 -28.83
C VAL A 490 26.25 28.67 -29.90
N ARG A 491 25.87 29.89 -29.53
CA ARG A 491 25.83 30.98 -30.48
C ARG A 491 27.22 31.34 -30.99
N ARG A 492 28.22 31.30 -30.11
CA ARG A 492 29.58 31.62 -30.53
C ARG A 492 30.16 30.54 -31.44
N LYS A 493 29.82 29.27 -31.16
CA LYS A 493 30.28 28.14 -31.96
C LYS A 493 29.08 27.36 -32.47
N PRO A 494 28.54 27.73 -33.64
CA PRO A 494 27.38 26.99 -34.17
C PRO A 494 27.66 25.54 -34.47
N PHE A 495 28.90 25.17 -34.76
CA PHE A 495 29.28 23.79 -35.03
C PHE A 495 30.05 23.27 -33.81
N SER A 496 29.38 22.50 -32.97
CA SER A 496 29.98 21.98 -31.76
C SER A 496 29.21 20.74 -31.31
N VAL A 497 29.73 20.08 -30.30
CA VAL A 497 29.12 18.88 -29.72
C VAL A 497 28.60 19.24 -28.34
N VAL A 498 27.32 18.99 -28.10
CA VAL A 498 26.69 19.28 -26.82
C VAL A 498 26.45 17.97 -26.09
N LEU A 499 26.83 17.92 -24.82
CA LEU A 499 26.78 16.71 -24.02
C LEU A 499 26.03 16.97 -22.74
N PHE A 500 25.08 16.08 -22.41
CA PHE A 500 24.31 16.15 -21.17
C PHE A 500 24.61 14.89 -20.36
N ASP A 501 25.41 15.03 -19.32
CA ASP A 501 25.77 13.90 -18.47
C ASP A 501 24.68 13.64 -17.45
N ALA A 502 24.31 12.37 -17.29
CA ALA A 502 23.33 11.93 -16.31
C ALA A 502 22.05 12.78 -16.39
N VAL A 503 21.48 12.79 -17.60
CA VAL A 503 20.34 13.67 -17.86
C VAL A 503 19.10 13.24 -17.08
N GLU A 504 19.07 12.01 -16.57
CA GLU A 504 17.93 11.55 -15.80
C GLU A 504 17.89 12.11 -14.38
N LYS A 505 18.98 12.67 -13.90
CA LYS A 505 19.05 13.23 -12.56
C LYS A 505 18.57 14.67 -12.48
N ALA A 506 18.31 15.30 -13.62
CA ALA A 506 17.82 16.66 -13.64
C ALA A 506 16.31 16.70 -13.47
N HIS A 507 15.79 17.90 -13.23
CA HIS A 507 14.36 18.08 -13.11
C HIS A 507 13.68 17.79 -14.44
N PRO A 508 12.45 17.24 -14.42
CA PRO A 508 11.75 16.97 -15.70
C PRO A 508 11.54 18.22 -16.54
N ASP A 509 11.40 19.39 -15.92
CA ASP A 509 11.19 20.62 -16.68
C ASP A 509 12.33 20.88 -17.66
N ILE A 510 13.52 20.37 -17.37
CA ILE A 510 14.64 20.52 -18.30
C ILE A 510 14.29 19.92 -19.64
N PHE A 511 13.68 18.72 -19.64
CA PHE A 511 13.27 18.10 -20.90
C PHE A 511 12.33 19.00 -21.68
N ASN A 512 11.56 19.83 -20.97
CA ASN A 512 10.68 20.80 -21.62
C ASN A 512 11.41 21.64 -22.65
N SER A 513 12.65 22.00 -22.37
CA SER A 513 13.45 22.77 -23.32
C SER A 513 13.93 21.91 -24.48
N LEU A 514 14.36 20.68 -24.20
CA LEU A 514 15.03 19.87 -25.21
C LEU A 514 14.10 19.55 -26.38
N LEU A 515 12.78 19.51 -26.14
CA LEU A 515 11.85 19.24 -27.23
C LEU A 515 11.95 20.30 -28.32
N GLN A 516 12.29 21.54 -27.95
CA GLN A 516 12.53 22.55 -28.97
C GLN A 516 13.77 22.23 -29.79
N ILE A 517 14.83 21.75 -29.13
CA ILE A 517 16.08 21.49 -29.85
C ILE A 517 15.94 20.27 -30.75
N LEU A 518 15.30 19.21 -30.26
CA LEU A 518 15.30 17.94 -30.97
C LEU A 518 14.43 17.95 -32.22
N GLU A 519 13.38 18.76 -32.26
CA GLU A 519 12.51 18.85 -33.42
C GLU A 519 12.62 20.16 -34.18
N ASP A 520 12.42 21.28 -33.49
CA ASP A 520 12.47 22.59 -34.12
C ASP A 520 13.89 23.01 -34.46
N GLY A 521 14.88 22.61 -33.66
CA GLY A 521 16.25 22.95 -33.94
C GLY A 521 16.65 24.36 -33.58
N ARG A 522 15.80 25.10 -32.89
CA ARG A 522 16.16 26.43 -32.41
C ARG A 522 15.63 26.59 -30.99
N LEU A 523 16.25 27.52 -30.26
CA LEU A 523 15.88 27.82 -28.89
C LEU A 523 15.85 29.32 -28.69
N THR A 524 14.97 29.77 -27.80
CA THR A 524 14.76 31.18 -27.54
C THR A 524 15.08 31.48 -26.08
N ASP A 525 15.92 32.48 -25.85
CA ASP A 525 16.29 32.90 -24.51
C ASP A 525 15.41 34.05 -24.05
N SER A 526 15.63 34.51 -22.82
CA SER A 526 14.81 35.57 -22.24
C SER A 526 14.94 36.89 -22.98
N GLN A 527 16.06 37.10 -23.70
CA GLN A 527 16.22 38.33 -24.47
C GLN A 527 15.23 38.43 -25.61
N GLY A 528 14.59 37.33 -25.99
CA GLY A 528 13.79 37.26 -27.20
C GLY A 528 14.57 36.84 -28.42
N ARG A 529 15.89 36.73 -28.33
CA ARG A 529 16.71 36.25 -29.42
C ARG A 529 16.47 34.76 -29.64
N VAL A 530 16.75 34.30 -30.85
CA VAL A 530 16.58 32.90 -31.23
C VAL A 530 17.96 32.33 -31.58
N VAL A 531 18.30 31.21 -30.94
CA VAL A 531 19.58 30.54 -31.13
C VAL A 531 19.32 29.21 -31.82
N ASP A 532 20.04 28.95 -32.90
CA ASP A 532 19.84 27.73 -33.70
C ASP A 532 20.77 26.62 -33.23
N PHE A 533 20.27 25.38 -33.30
CA PHE A 533 21.03 24.20 -32.93
C PHE A 533 21.15 23.22 -34.09
N LYS A 534 20.98 23.71 -35.32
CA LYS A 534 20.89 22.83 -36.48
C LYS A 534 22.24 22.22 -36.86
N ASN A 535 23.35 22.80 -36.42
CA ASN A 535 24.67 22.33 -36.81
C ASN A 535 25.41 21.59 -35.69
N THR A 536 24.71 21.25 -34.60
CA THR A 536 25.33 20.61 -33.46
C THR A 536 24.97 19.14 -33.40
N VAL A 537 25.70 18.41 -32.55
CA VAL A 537 25.45 17.00 -32.26
C VAL A 537 25.12 16.89 -30.78
N ILE A 538 23.90 16.45 -30.47
CA ILE A 538 23.41 16.40 -29.10
C ILE A 538 23.53 14.96 -28.60
N ILE A 539 24.20 14.79 -27.47
CA ILE A 539 24.37 13.49 -26.83
C ILE A 539 23.85 13.60 -25.40
N MET A 540 23.00 12.66 -25.01
CA MET A 540 22.55 12.55 -23.63
C MET A 540 23.02 11.22 -23.08
N THR A 541 23.89 11.25 -22.08
CA THR A 541 24.32 10.02 -21.42
C THR A 541 23.40 9.77 -20.23
N THR A 542 22.97 8.52 -20.09
CA THR A 542 22.01 8.13 -19.07
C THR A 542 22.48 6.83 -18.44
N ASN A 543 22.32 6.73 -17.13
CA ASN A 543 22.76 5.57 -16.38
C ASN A 543 21.56 4.95 -15.66
N LEU A 544 20.43 4.88 -16.36
CA LEU A 544 19.20 4.39 -15.75
C LEU A 544 19.20 2.88 -15.61
N GLY A 545 18.50 2.40 -14.59
CA GLY A 545 18.29 0.96 -14.41
C GLY A 545 19.54 0.19 -14.09
N THR A 546 20.58 0.88 -13.58
CA THR A 546 21.87 0.25 -13.37
C THR A 546 21.89 -0.70 -12.19
N ARG A 547 20.91 -0.62 -11.28
CA ARG A 547 20.87 -1.55 -10.17
C ARG A 547 20.59 -2.97 -10.65
N ASP A 548 19.79 -3.12 -11.70
CA ASP A 548 19.50 -4.44 -12.24
C ASP A 548 20.72 -5.09 -12.87
N ILE A 549 21.55 -4.32 -13.58
CA ILE A 549 22.76 -4.89 -14.16
C ILE A 549 23.69 -5.40 -13.06
N SER A 550 23.76 -4.69 -11.93
CA SER A 550 24.57 -5.16 -10.81
C SER A 550 24.05 -6.51 -10.30
N LYS A 551 22.73 -6.66 -10.22
CA LYS A 551 22.16 -7.94 -9.81
C LYS A 551 22.49 -9.04 -10.81
N GLY A 552 22.22 -8.80 -12.10
CA GLY A 552 22.39 -9.82 -13.10
C GLY A 552 21.26 -10.82 -13.08
N PHE A 553 21.00 -11.46 -14.22
CA PHE A 553 19.98 -12.50 -14.40
C PHE A 553 18.60 -12.08 -13.90
N ASN A 554 17.64 -13.00 -13.96
CA ASN A 554 16.30 -12.77 -13.46
C ASN A 554 15.88 -13.95 -12.59
N LEU A 555 14.79 -13.76 -11.85
CA LEU A 555 14.23 -14.83 -11.03
C LEU A 555 13.86 -16.02 -11.90
N GLY A 556 14.25 -17.21 -11.47
CA GLY A 556 13.87 -18.43 -12.14
C GLY A 556 15.07 -19.29 -12.46
N PHE A 557 14.86 -20.22 -13.39
CA PHE A 557 15.84 -21.23 -13.77
C PHE A 557 16.50 -20.92 -15.11
N ALA A 558 16.84 -19.65 -15.34
CA ALA A 558 17.37 -19.18 -16.61
C ALA A 558 18.43 -20.12 -17.18
N ALA A 559 18.37 -20.31 -18.49
CA ALA A 559 19.26 -21.24 -19.18
C ALA A 559 20.69 -20.71 -19.20
N GLN A 560 21.62 -21.61 -19.50
CA GLN A 560 23.02 -21.24 -19.68
C GLN A 560 23.16 -20.42 -20.95
N GLY A 561 23.35 -19.11 -20.79
CA GLY A 561 23.40 -18.21 -21.91
C GLY A 561 24.80 -17.83 -22.31
N ASP A 562 24.92 -17.22 -23.49
CA ASP A 562 26.17 -16.74 -24.04
C ASP A 562 26.21 -15.23 -23.98
N THR A 563 27.25 -14.65 -24.59
CA THR A 563 27.38 -13.20 -24.60
C THR A 563 26.24 -12.53 -25.36
N LYS A 564 25.63 -13.25 -26.30
CA LYS A 564 24.51 -12.69 -27.05
C LYS A 564 23.28 -12.52 -26.18
N SER A 565 22.92 -13.55 -25.41
CA SER A 565 21.70 -13.50 -24.61
C SER A 565 21.78 -12.43 -23.52
N ASN A 566 22.93 -12.32 -22.86
CA ASN A 566 23.07 -11.36 -21.78
C ASN A 566 22.90 -9.93 -22.29
N TYR A 567 23.50 -9.61 -23.44
CA TYR A 567 23.34 -8.28 -24.00
C TYR A 567 21.90 -8.02 -24.39
N GLU A 568 21.22 -9.02 -24.96
CA GLU A 568 19.83 -8.83 -25.33
C GLU A 568 18.95 -8.56 -24.11
N ARG A 569 19.17 -9.32 -23.03
CA ARG A 569 18.39 -9.10 -21.81
C ARG A 569 18.66 -7.72 -21.23
N MET A 570 19.92 -7.31 -21.19
CA MET A 570 20.26 -5.99 -20.67
C MET A 570 19.63 -4.90 -21.54
N LYS A 571 19.68 -5.07 -22.86
CA LYS A 571 19.10 -4.08 -23.75
C LYS A 571 17.59 -3.97 -23.55
N ASN A 572 16.91 -5.11 -23.42
CA ASN A 572 15.48 -5.08 -23.18
C ASN A 572 15.15 -4.38 -21.88
N LYS A 573 15.88 -4.71 -20.80
CA LYS A 573 15.62 -4.07 -19.52
C LYS A 573 15.86 -2.57 -19.57
N VAL A 574 16.96 -2.16 -20.20
CA VAL A 574 17.30 -0.73 -20.27
C VAL A 574 16.26 0.01 -21.10
N SER A 575 15.84 -0.57 -22.22
CA SER A 575 14.82 0.08 -23.05
C SER A 575 13.50 0.21 -22.30
N ASP A 576 13.11 -0.84 -21.56
CA ASP A 576 11.89 -0.77 -20.78
C ASP A 576 11.99 0.33 -19.72
N GLU A 577 13.14 0.42 -19.06
CA GLU A 577 13.34 1.45 -18.04
C GLU A 577 13.26 2.85 -18.66
N LEU A 578 13.89 3.04 -19.82
CA LEU A 578 13.85 4.33 -20.49
C LEU A 578 12.43 4.70 -20.88
N LYS A 579 11.67 3.73 -21.40
CA LYS A 579 10.28 4.00 -21.76
C LYS A 579 9.45 4.36 -20.54
N GLN A 580 9.69 3.68 -19.41
CA GLN A 580 8.92 3.97 -18.21
C GLN A 580 9.26 5.34 -17.63
N HIS A 581 10.55 5.71 -17.63
CA HIS A 581 10.99 6.94 -16.98
C HIS A 581 10.67 8.20 -17.77
N PHE A 582 10.93 8.20 -19.07
CA PHE A 582 10.82 9.40 -19.88
C PHE A 582 9.45 9.50 -20.55
N ARG A 583 9.12 10.72 -20.96
CA ARG A 583 7.90 10.95 -21.70
C ARG A 583 8.00 10.36 -23.11
N PRO A 584 6.89 9.87 -23.66
CA PRO A 584 6.94 9.31 -25.02
C PRO A 584 7.39 10.32 -26.06
N GLU A 585 7.03 11.59 -25.90
CA GLU A 585 7.42 12.60 -26.88
C GLU A 585 8.93 12.75 -26.95
N PHE A 586 9.60 12.78 -25.80
CA PHE A 586 11.05 12.96 -25.80
C PHE A 586 11.76 11.79 -26.47
N LEU A 587 11.37 10.56 -26.12
CA LEU A 587 12.01 9.39 -26.71
C LEU A 587 11.68 9.26 -28.19
N ASN A 588 10.52 9.76 -28.62
CA ASN A 588 10.14 9.65 -30.02
C ASN A 588 11.01 10.55 -30.91
N ARG A 589 11.44 11.69 -30.38
CA ARG A 589 12.19 12.65 -31.18
C ARG A 589 13.68 12.35 -31.26
N VAL A 590 14.19 11.45 -30.42
CA VAL A 590 15.62 11.17 -30.39
C VAL A 590 15.98 10.28 -31.56
N ASP A 591 17.05 10.63 -32.28
CA ASP A 591 17.45 9.88 -33.46
C ASP A 591 17.86 8.46 -33.10
N ASP A 592 18.77 8.30 -32.14
CA ASP A 592 19.30 6.98 -31.83
C ASP A 592 19.34 6.75 -30.33
N VAL A 593 19.06 5.51 -29.93
CA VAL A 593 19.22 5.06 -28.55
C VAL A 593 20.19 3.89 -28.58
N VAL A 594 21.40 4.11 -28.06
CA VAL A 594 22.48 3.13 -28.12
C VAL A 594 22.73 2.60 -26.73
N VAL A 595 22.66 1.28 -26.58
CA VAL A 595 22.94 0.62 -25.31
C VAL A 595 24.33 0.01 -25.40
N PHE A 596 25.20 0.39 -24.48
CA PHE A 596 26.58 -0.08 -24.50
C PHE A 596 26.69 -1.44 -23.86
N PRO A 597 27.15 -2.47 -24.58
CA PRO A 597 27.35 -3.78 -23.96
C PRO A 597 28.54 -3.76 -23.00
N GLN A 598 28.60 -4.80 -22.18
CA GLN A 598 29.67 -4.93 -21.19
C GLN A 598 31.01 -5.11 -21.88
N LEU A 599 32.08 -4.99 -21.10
CA LEU A 599 33.43 -5.21 -21.59
C LEU A 599 33.82 -6.66 -21.38
N SER A 600 34.50 -7.23 -22.37
CA SER A 600 34.93 -8.61 -22.32
C SER A 600 36.37 -8.69 -21.81
N GLN A 601 36.83 -9.90 -21.51
CA GLN A 601 38.19 -10.08 -21.02
C GLN A 601 39.22 -9.66 -22.07
N ALA A 602 38.97 -9.98 -23.34
CA ALA A 602 39.90 -9.59 -24.39
C ALA A 602 40.00 -8.08 -24.51
N ASP A 603 38.87 -7.38 -24.36
CA ASP A 603 38.88 -5.91 -24.42
C ASP A 603 39.75 -5.32 -23.31
N ILE A 604 39.84 -6.02 -22.18
CA ILE A 604 40.56 -5.47 -21.03
C ILE A 604 42.04 -5.33 -21.33
N LEU A 605 42.60 -6.24 -22.13
CA LEU A 605 44.03 -6.19 -22.41
C LEU A 605 44.44 -4.93 -23.13
N LYS A 606 43.66 -4.51 -24.13
CA LYS A 606 43.98 -3.28 -24.85
C LYS A 606 43.81 -2.06 -23.96
N ILE A 607 42.83 -2.09 -23.06
CA ILE A 607 42.68 -1.01 -22.11
C ILE A 607 43.89 -0.96 -21.17
N VAL A 608 44.43 -2.12 -20.79
CA VAL A 608 45.64 -2.17 -20.00
C VAL A 608 46.79 -1.52 -20.76
N ASP A 609 46.89 -1.83 -22.06
CA ASP A 609 47.91 -1.22 -22.88
C ASP A 609 47.79 0.30 -22.88
N LEU A 610 46.56 0.81 -23.06
CA LEU A 610 46.35 2.25 -23.07
C LEU A 610 46.69 2.89 -21.74
N MET A 611 46.28 2.25 -20.63
CA MET A 611 46.52 2.82 -19.31
C MET A 611 48.02 2.82 -18.99
N ILE A 612 48.73 1.77 -19.36
CA ILE A 612 50.17 1.74 -19.16
C ILE A 612 50.85 2.78 -20.01
N ASP A 613 50.32 3.03 -21.21
CA ASP A 613 50.86 4.10 -22.05
C ASP A 613 50.65 5.46 -21.38
N LYS A 614 49.50 5.66 -20.75
CA LYS A 614 49.27 6.90 -20.00
C LYS A 614 50.26 7.04 -18.85
N VAL A 615 50.50 5.94 -18.13
CA VAL A 615 51.46 5.98 -17.02
C VAL A 615 52.86 6.30 -17.54
N ASP A 616 53.23 5.72 -18.67
CA ASP A 616 54.52 6.02 -19.27
C ASP A 616 54.62 7.48 -19.70
N GLU A 617 53.52 8.03 -20.22
CA GLU A 617 53.49 9.45 -20.55
C GLU A 617 53.71 10.30 -19.30
N ARG A 618 53.07 9.93 -18.19
CA ARG A 618 53.31 10.64 -16.94
C ARG A 618 54.77 10.55 -16.53
N LEU A 619 55.36 9.37 -16.66
CA LEU A 619 56.75 9.16 -16.21
C LEU A 619 57.74 9.91 -17.09
N LYS A 620 57.43 10.09 -18.38
CA LYS A 620 58.37 10.77 -19.27
C LYS A 620 58.64 12.21 -18.87
N ASP A 621 57.77 12.82 -18.05
CA ASP A 621 57.99 14.19 -17.62
C ASP A 621 59.23 14.33 -16.75
N ARG A 622 59.67 13.24 -16.11
CA ARG A 622 60.87 13.24 -15.28
C ARG A 622 61.97 12.39 -15.89
N ASP A 623 61.99 12.26 -17.22
CA ASP A 623 62.98 11.47 -17.94
C ASP A 623 62.99 10.02 -17.47
N MET A 624 61.84 9.37 -17.57
CA MET A 624 61.67 8.00 -17.09
C MET A 624 60.71 7.26 -18.00
N GLY A 625 60.76 5.94 -17.94
CA GLY A 625 59.89 5.10 -18.75
C GLY A 625 59.58 3.79 -18.05
N ILE A 626 58.53 3.14 -18.53
CA ILE A 626 58.07 1.87 -17.98
C ILE A 626 57.80 0.91 -19.13
N GLU A 627 58.18 -0.35 -18.95
CA GLU A 627 57.93 -1.40 -19.92
C GLU A 627 57.41 -2.64 -19.21
N LEU A 628 56.41 -3.29 -19.80
CA LEU A 628 55.77 -4.46 -19.21
C LEU A 628 55.87 -5.64 -20.16
N SER A 629 56.18 -6.81 -19.61
CA SER A 629 56.15 -8.05 -20.37
C SER A 629 54.70 -8.49 -20.59
N SER A 630 54.53 -9.44 -21.50
CA SER A 630 53.19 -9.94 -21.81
C SER A 630 52.56 -10.61 -20.59
N SER A 631 53.37 -11.30 -19.79
CA SER A 631 52.85 -11.95 -18.59
C SER A 631 52.32 -10.91 -17.60
N ALA A 632 53.01 -9.77 -17.48
CA ALA A 632 52.55 -8.72 -16.59
C ALA A 632 51.18 -8.19 -17.02
N LYS A 633 51.01 -7.95 -18.33
CA LYS A 633 49.72 -7.47 -18.82
C LYS A 633 48.63 -8.52 -18.63
N GLU A 634 48.98 -9.79 -18.83
CA GLU A 634 48.01 -10.86 -18.59
C GLU A 634 47.57 -10.89 -17.13
N LEU A 635 48.53 -10.78 -16.21
CA LEU A 635 48.19 -10.76 -14.80
C LEU A 635 47.34 -9.55 -14.43
N LEU A 636 47.67 -8.39 -15.00
CA LEU A 636 46.88 -7.19 -14.73
C LEU A 636 45.45 -7.35 -15.23
N SER A 637 45.28 -7.91 -16.44
CA SER A 637 43.94 -8.13 -16.97
C SER A 637 43.18 -9.13 -16.11
N LYS A 638 43.86 -10.18 -15.63
CA LYS A 638 43.19 -11.15 -14.77
C LYS A 638 42.74 -10.51 -13.46
N LYS A 639 43.60 -9.67 -12.86
CA LYS A 639 43.27 -9.08 -11.57
C LYS A 639 42.19 -8.01 -11.69
N GLY A 640 42.27 -7.18 -12.73
CA GLY A 640 41.40 -6.04 -12.86
C GLY A 640 40.11 -6.27 -13.60
N TYR A 641 39.76 -7.51 -13.91
CA TYR A 641 38.53 -7.78 -14.65
C TYR A 641 37.34 -7.79 -13.69
N ASP A 642 36.30 -7.04 -14.03
CA ASP A 642 35.05 -7.02 -13.29
C ASP A 642 33.90 -6.89 -14.28
N PRO A 643 33.05 -7.92 -14.41
CA PRO A 643 32.03 -7.93 -15.44
C PRO A 643 30.84 -7.01 -15.19
N VAL A 644 30.90 -6.16 -14.17
CA VAL A 644 29.78 -5.28 -13.80
C VAL A 644 30.19 -3.82 -13.80
N LEU A 645 31.33 -3.50 -13.19
CA LEU A 645 31.72 -2.11 -12.96
C LEU A 645 32.56 -1.53 -14.07
N GLY A 646 32.85 -2.28 -15.13
CA GLY A 646 33.59 -1.72 -16.24
C GLY A 646 35.09 -1.69 -16.01
N ALA A 647 35.74 -0.68 -16.59
CA ALA A 647 37.19 -0.58 -16.59
C ALA A 647 37.74 0.21 -15.40
N ARG A 648 36.90 0.83 -14.58
CA ARG A 648 37.39 1.53 -13.41
C ARG A 648 38.11 0.63 -12.41
N PRO A 649 37.61 -0.57 -12.08
CA PRO A 649 38.40 -1.46 -11.21
C PRO A 649 39.77 -1.77 -11.77
N LEU A 650 39.90 -1.85 -13.10
CA LEU A 650 41.23 -2.04 -13.69
C LEU A 650 42.13 -0.86 -13.38
N ARG A 651 41.60 0.37 -13.45
CA ARG A 651 42.40 1.54 -13.12
C ARG A 651 42.81 1.53 -11.65
N ARG A 652 41.89 1.13 -10.77
CA ARG A 652 42.24 1.01 -9.36
C ARG A 652 43.33 -0.03 -9.14
N THR A 653 43.23 -1.17 -9.83
CA THR A 653 44.26 -2.20 -9.71
C THR A 653 45.61 -1.68 -10.20
N ILE A 654 45.61 -0.95 -11.31
CA ILE A 654 46.86 -0.42 -11.85
C ILE A 654 47.48 0.58 -10.89
N GLN A 655 46.68 1.46 -10.30
CA GLN A 655 47.24 2.42 -9.36
C GLN A 655 47.66 1.77 -8.05
N ARG A 656 47.07 0.62 -7.69
CA ARG A 656 47.41 -0.03 -6.44
C ARG A 656 48.65 -0.92 -6.56
N GLU A 657 48.79 -1.65 -7.65
CA GLU A 657 49.88 -2.62 -7.80
C GLU A 657 51.13 -2.04 -8.46
N ILE A 658 50.97 -1.07 -9.35
CA ILE A 658 52.09 -0.52 -10.12
C ILE A 658 52.47 0.88 -9.65
N GLU A 659 51.50 1.79 -9.59
CA GLU A 659 51.82 3.18 -9.29
C GLU A 659 52.38 3.35 -7.89
N ASP A 660 51.81 2.63 -6.91
CA ASP A 660 52.26 2.80 -5.53
C ASP A 660 53.71 2.36 -5.36
N SER A 661 54.04 1.15 -5.80
CA SER A 661 55.40 0.64 -5.66
C SER A 661 56.39 1.53 -6.40
N LEU A 662 56.00 2.01 -7.57
CA LEU A 662 56.81 3.01 -8.27
C LEU A 662 57.03 4.24 -7.41
N SER A 663 56.00 4.65 -6.65
CA SER A 663 56.14 5.83 -5.81
C SER A 663 57.15 5.61 -4.69
N GLU A 664 57.06 4.48 -3.98
CA GLU A 664 58.05 4.24 -2.94
C GLU A 664 59.45 4.10 -3.52
N LYS A 665 59.57 3.43 -4.68
CA LYS A 665 60.90 3.29 -5.28
C LYS A 665 61.48 4.63 -5.71
N ILE A 666 60.65 5.52 -6.24
CA ILE A 666 61.11 6.86 -6.62
C ILE A 666 61.53 7.63 -5.38
N LEU A 667 60.72 7.58 -4.32
CA LEU A 667 61.05 8.33 -3.11
C LEU A 667 62.33 7.81 -2.46
N PHE A 668 62.54 6.49 -2.48
CA PHE A 668 63.72 5.91 -1.85
C PHE A 668 65.01 6.23 -2.60
N GLY A 669 64.92 6.79 -3.80
CA GLY A 669 66.11 7.03 -4.60
C GLY A 669 66.58 5.84 -5.39
N GLU A 670 65.85 4.74 -5.38
CA GLU A 670 66.23 3.57 -6.17
C GLU A 670 66.20 3.89 -7.67
N LEU A 671 65.16 4.60 -8.11
CA LEU A 671 64.94 4.89 -9.52
C LEU A 671 65.24 6.37 -9.77
N ARG A 672 66.49 6.65 -10.13
CA ARG A 672 66.90 8.00 -10.46
C ARG A 672 66.34 8.43 -11.82
N PRO A 673 66.33 9.73 -12.10
CA PRO A 673 65.97 10.17 -13.46
C PRO A 673 66.93 9.60 -14.48
N GLY A 674 66.45 9.51 -15.72
CA GLY A 674 67.20 8.85 -16.77
C GLY A 674 67.32 7.36 -16.58
N HIS A 675 66.25 6.69 -16.15
CA HIS A 675 66.22 5.25 -16.02
C HIS A 675 64.93 4.73 -16.62
N ILE A 676 64.88 3.41 -16.82
CA ILE A 676 63.72 2.73 -17.37
C ILE A 676 63.31 1.63 -16.39
N VAL A 677 62.01 1.55 -16.11
CA VAL A 677 61.47 0.56 -15.20
C VAL A 677 60.94 -0.61 -16.01
N VAL A 678 61.43 -1.81 -15.70
CA VAL A 678 60.96 -3.05 -16.32
C VAL A 678 60.13 -3.81 -15.29
N VAL A 679 58.90 -4.16 -15.65
CA VAL A 679 57.98 -4.86 -14.78
C VAL A 679 57.75 -6.25 -15.36
N ASP A 680 57.97 -7.27 -14.54
CA ASP A 680 57.75 -8.64 -14.97
C ASP A 680 56.99 -9.41 -13.91
N THR A 681 56.78 -10.70 -14.09
CA THR A 681 56.03 -11.51 -13.14
C THR A 681 56.94 -12.57 -12.53
N GLU A 682 56.63 -12.95 -11.30
CA GLU A 682 57.33 -14.04 -10.62
C GLU A 682 56.33 -14.79 -9.77
N GLY A 683 56.41 -16.12 -9.81
CA GLY A 683 55.47 -16.97 -9.12
C GLY A 683 54.54 -17.70 -10.07
N GLU A 684 53.74 -18.58 -9.49
CA GLU A 684 52.83 -19.42 -10.26
C GLU A 684 51.46 -19.44 -9.59
N GLY A 685 50.44 -19.72 -10.40
CA GLY A 685 49.08 -19.78 -9.89
C GLY A 685 48.57 -18.40 -9.50
N GLU A 686 47.73 -18.39 -8.46
CA GLU A 686 47.15 -17.14 -7.97
C GLU A 686 48.12 -16.33 -7.12
N THR A 687 49.31 -16.86 -6.83
CA THR A 687 50.29 -16.18 -6.01
C THR A 687 51.33 -15.43 -6.82
N LYS A 688 51.01 -15.10 -8.07
CA LYS A 688 51.94 -14.35 -8.92
C LYS A 688 52.09 -12.93 -8.41
N THR A 689 53.30 -12.41 -8.50
CA THR A 689 53.63 -11.08 -7.98
C THR A 689 54.50 -10.35 -8.99
N PHE A 690 54.24 -9.04 -9.14
CA PHE A 690 55.03 -8.22 -10.03
C PHE A 690 56.41 -7.96 -9.45
N THR A 691 57.39 -7.85 -10.33
CA THR A 691 58.77 -7.55 -9.97
C THR A 691 59.24 -6.36 -10.78
N PHE A 692 59.84 -5.39 -10.10
CA PHE A 692 60.26 -4.13 -10.70
C PHE A 692 61.78 -4.06 -10.72
N ARG A 693 62.34 -3.64 -11.85
CA ARG A 693 63.78 -3.55 -12.02
C ARG A 693 64.10 -2.27 -12.76
N GLY A 694 65.31 -1.75 -12.54
CA GLY A 694 65.75 -0.50 -13.13
C GLY A 694 66.93 -0.72 -14.06
N GLU A 695 66.82 -0.16 -15.27
CA GLU A 695 67.89 -0.20 -16.25
C GLU A 695 68.14 1.20 -16.78
N GLU A 696 69.15 1.31 -17.65
CA GLU A 696 69.46 2.59 -18.29
C GLU A 696 68.91 2.63 -19.71
N SER B 44 49.16 66.38 -38.94
CA SER B 44 48.82 65.24 -38.09
C SER B 44 48.92 65.62 -36.61
N LEU B 45 49.04 66.92 -36.34
CA LEU B 45 49.11 67.38 -34.96
C LEU B 45 47.82 67.07 -34.20
N VAL B 46 46.67 67.31 -34.83
CA VAL B 46 45.40 66.96 -34.21
C VAL B 46 45.29 65.44 -34.05
N LEU B 47 45.99 64.68 -34.89
CA LEU B 47 45.93 63.23 -34.80
C LEU B 47 46.75 62.72 -33.63
N ASP B 48 48.04 63.07 -33.57
CA ASP B 48 48.90 62.53 -32.52
C ASP B 48 48.70 63.22 -31.18
N GLN B 49 48.05 64.38 -31.17
CA GLN B 49 47.73 65.02 -29.89
C GLN B 49 46.47 64.41 -29.27
N PHE B 50 45.69 63.69 -30.08
CA PHE B 50 44.60 62.83 -29.61
C PHE B 50 44.81 61.35 -29.93
N GLY B 51 46.04 60.91 -30.18
CA GLY B 51 46.25 59.52 -30.50
C GLY B 51 47.72 59.14 -30.42
N ARG B 52 47.99 57.90 -30.83
CA ARG B 52 49.36 57.39 -30.88
C ARG B 52 49.62 56.80 -32.25
N ASN B 53 50.85 56.98 -32.74
CA ASN B 53 51.25 56.44 -34.05
C ASN B 53 51.86 55.06 -33.83
N LEU B 54 51.07 54.01 -34.05
CA LEU B 54 51.59 52.65 -33.91
C LEU B 54 52.59 52.32 -35.00
N THR B 55 52.39 52.87 -36.20
CA THR B 55 53.34 52.62 -37.29
C THR B 55 54.72 53.14 -36.95
N GLN B 56 54.79 54.34 -36.38
CA GLN B 56 56.09 54.89 -35.97
C GLN B 56 56.71 54.05 -34.86
N ALA B 57 55.90 53.60 -33.91
CA ALA B 57 56.42 52.75 -32.84
C ALA B 57 56.97 51.45 -33.39
N ALA B 58 56.27 50.85 -34.36
CA ALA B 58 56.78 49.65 -35.00
C ALA B 58 58.07 49.92 -35.76
N ARG B 59 58.17 51.07 -36.43
CA ARG B 59 59.39 51.44 -37.11
C ARG B 59 60.55 51.62 -36.12
N GLU B 60 60.25 52.06 -34.91
CA GLU B 60 61.26 52.26 -33.88
C GLU B 60 61.57 50.98 -33.10
N SER B 61 60.91 49.87 -33.43
CA SER B 61 61.13 48.59 -32.77
C SER B 61 60.87 48.68 -31.27
N LYS B 62 59.83 49.41 -30.89
CA LYS B 62 59.40 49.50 -29.50
C LYS B 62 58.24 48.56 -29.19
N LEU B 63 57.96 47.61 -30.06
CA LEU B 63 56.83 46.72 -29.92
C LEU B 63 57.31 45.27 -29.90
N ASP B 64 56.68 44.46 -29.07
CA ASP B 64 57.07 43.06 -28.95
C ASP B 64 56.70 42.29 -30.22
N PRO B 65 57.48 41.29 -30.58
CA PRO B 65 57.17 40.51 -31.78
C PRO B 65 55.88 39.72 -31.62
N VAL B 66 55.23 39.47 -32.76
CA VAL B 66 53.97 38.72 -32.81
C VAL B 66 54.23 37.46 -33.63
N ILE B 67 53.81 36.32 -33.11
CA ILE B 67 54.16 35.01 -33.68
C ILE B 67 52.89 34.19 -33.86
N GLY B 68 52.76 33.59 -35.04
CA GLY B 68 51.71 32.60 -35.26
C GLY B 68 50.33 33.17 -35.50
N ARG B 69 50.20 34.48 -35.67
CA ARG B 69 48.91 35.10 -35.94
C ARG B 69 48.72 35.43 -37.41
N GLU B 70 49.33 34.62 -38.29
CA GLU B 70 49.27 34.91 -39.72
C GLU B 70 47.83 34.83 -40.23
N LYS B 71 47.07 33.83 -39.79
CA LYS B 71 45.70 33.67 -40.28
C LYS B 71 44.82 34.83 -39.84
N GLU B 72 44.92 35.23 -38.57
CA GLU B 72 44.09 36.33 -38.09
C GLU B 72 44.46 37.65 -38.76
N ILE B 73 45.75 37.93 -38.89
CA ILE B 73 46.17 39.15 -39.55
C ILE B 73 45.75 39.16 -41.02
N GLU B 74 45.85 38.00 -41.68
CA GLU B 74 45.40 37.88 -43.06
C GLU B 74 43.90 38.14 -43.16
N ARG B 75 43.12 37.61 -42.23
CA ARG B 75 41.68 37.87 -42.25
C ARG B 75 41.37 39.34 -42.01
N VAL B 76 42.13 39.98 -41.13
CA VAL B 76 41.94 41.41 -40.88
C VAL B 76 42.22 42.22 -42.15
N MET B 77 43.32 41.90 -42.83
CA MET B 77 43.64 42.60 -44.07
C MET B 77 42.59 42.32 -45.14
N GLN B 78 42.08 41.09 -45.19
CA GLN B 78 41.02 40.74 -46.12
C GLN B 78 39.77 41.58 -45.88
N VAL B 79 39.37 41.72 -44.61
CA VAL B 79 38.18 42.49 -44.29
C VAL B 79 38.41 43.97 -44.58
N LEU B 80 39.62 44.47 -44.31
CA LEU B 80 39.91 45.89 -44.50
C LEU B 80 39.79 46.31 -45.96
N SER B 81 39.85 45.36 -46.88
CA SER B 81 39.84 45.66 -48.32
C SER B 81 38.45 45.61 -48.92
N ARG B 82 37.40 45.38 -48.12
CA ARG B 82 36.05 45.33 -48.65
C ARG B 82 35.60 46.70 -49.13
N ARG B 83 34.67 46.69 -50.09
CA ARG B 83 34.12 47.95 -50.60
C ARG B 83 33.22 48.62 -49.57
N THR B 84 32.34 47.85 -48.95
CA THR B 84 31.40 48.37 -47.97
C THR B 84 31.58 47.61 -46.66
N LYS B 85 31.50 48.34 -45.55
CA LYS B 85 31.68 47.78 -44.21
C LYS B 85 33.03 47.06 -44.09
N ASN B 86 34.09 47.84 -44.29
CA ASN B 86 35.46 47.33 -44.30
C ASN B 86 36.17 47.57 -42.97
N ASN B 87 35.43 47.47 -41.86
CA ASN B 87 36.00 47.69 -40.54
C ASN B 87 35.75 46.50 -39.62
N PRO B 88 36.78 45.72 -39.29
CA PRO B 88 36.60 44.54 -38.45
C PRO B 88 36.76 44.86 -36.96
N VAL B 89 36.24 43.96 -36.14
CA VAL B 89 36.37 44.03 -34.70
C VAL B 89 36.81 42.67 -34.18
N LEU B 90 37.85 42.65 -33.34
CA LEU B 90 38.43 41.43 -32.82
C LEU B 90 37.80 41.11 -31.47
N ILE B 91 37.23 39.91 -31.35
CA ILE B 91 36.56 39.48 -30.12
C ILE B 91 37.26 38.23 -29.59
N GLY B 92 37.41 38.17 -28.28
CA GLY B 92 38.03 37.04 -27.64
C GLY B 92 38.18 37.28 -26.15
N GLU B 93 38.57 36.21 -25.47
CA GLU B 93 38.73 36.29 -24.02
C GLU B 93 39.91 37.18 -23.65
N PRO B 94 39.89 37.79 -22.47
CA PRO B 94 40.99 38.67 -22.08
C PRO B 94 42.32 37.92 -21.99
N GLY B 95 43.38 38.58 -22.45
CA GLY B 95 44.71 38.03 -22.36
C GLY B 95 45.17 37.18 -23.52
N VAL B 96 44.28 36.87 -24.48
CA VAL B 96 44.65 36.00 -25.59
C VAL B 96 45.47 36.70 -26.64
N GLY B 97 45.56 38.03 -26.61
CA GLY B 97 46.40 38.75 -27.55
C GLY B 97 45.64 39.42 -28.67
N LYS B 98 44.49 40.03 -28.35
CA LYS B 98 43.74 40.76 -29.36
C LYS B 98 44.52 41.99 -29.84
N THR B 99 45.16 42.70 -28.92
CA THR B 99 45.99 43.83 -29.31
C THR B 99 47.25 43.38 -30.05
N ALA B 100 47.73 42.18 -29.76
CA ALA B 100 48.92 41.68 -30.44
C ALA B 100 48.67 41.51 -31.93
N VAL B 101 47.43 41.22 -32.34
CA VAL B 101 47.13 41.11 -33.76
C VAL B 101 47.32 42.45 -34.45
N VAL B 102 46.82 43.53 -33.85
CA VAL B 102 47.03 44.85 -34.43
C VAL B 102 48.50 45.24 -34.40
N GLU B 103 49.21 44.83 -33.34
CA GLU B 103 50.64 45.11 -33.27
C GLU B 103 51.38 44.44 -34.42
N GLY B 104 51.05 43.17 -34.68
CA GLY B 104 51.67 42.47 -35.80
C GLY B 104 51.27 43.06 -37.14
N LEU B 105 50.04 43.53 -37.27
CA LEU B 105 49.62 44.19 -38.50
C LEU B 105 50.44 45.45 -38.74
N ALA B 106 50.67 46.24 -37.69
CA ALA B 106 51.50 47.43 -37.83
C ALA B 106 52.93 47.06 -38.20
N GLN B 107 53.48 46.02 -37.58
CA GLN B 107 54.84 45.59 -37.91
C GLN B 107 54.94 45.12 -39.35
N ALA B 108 53.93 44.39 -39.83
CA ALA B 108 53.93 43.95 -41.22
C ALA B 108 53.82 45.12 -42.18
N ILE B 109 52.99 46.12 -41.83
CA ILE B 109 52.89 47.31 -42.67
C ILE B 109 54.24 48.01 -42.75
N VAL B 110 54.93 48.14 -41.62
CA VAL B 110 56.26 48.74 -41.64
C VAL B 110 57.22 47.91 -42.49
N LYS B 111 57.19 46.59 -42.31
CA LYS B 111 58.09 45.72 -43.05
C LYS B 111 57.63 45.48 -44.49
N GLY B 112 56.42 45.89 -44.85
CA GLY B 112 55.98 45.85 -46.23
C GLY B 112 55.66 44.49 -46.79
N GLU B 113 55.05 43.60 -46.01
CA GLU B 113 54.53 42.33 -46.52
C GLU B 113 53.01 42.37 -46.62
N VAL B 114 52.44 43.53 -46.90
CA VAL B 114 50.99 43.70 -46.94
C VAL B 114 50.59 43.87 -48.40
N PRO B 115 49.33 43.58 -48.73
CA PRO B 115 48.87 43.77 -50.11
C PRO B 115 48.96 45.24 -50.53
N GLU B 116 48.97 45.44 -51.85
CA GLU B 116 49.17 46.78 -52.40
C GLU B 116 48.06 47.74 -52.00
N THR B 117 46.88 47.23 -51.67
CA THR B 117 45.78 48.09 -51.26
C THR B 117 46.08 48.81 -49.95
N LEU B 118 46.96 48.26 -49.11
CA LEU B 118 47.36 48.90 -47.86
C LEU B 118 48.69 49.61 -48.00
N LYS B 119 49.74 48.87 -48.37
CA LYS B 119 51.09 49.41 -48.55
C LYS B 119 51.51 50.30 -47.39
N ASP B 120 51.62 51.61 -47.64
CA ASP B 120 52.06 52.57 -46.63
C ASP B 120 50.87 53.38 -46.16
N LYS B 121 50.21 52.88 -45.12
CA LYS B 121 49.14 53.59 -44.44
C LYS B 121 49.44 53.61 -42.95
N HIS B 122 49.39 54.80 -42.36
CA HIS B 122 49.74 54.96 -40.96
C HIS B 122 48.61 54.44 -40.08
N LEU B 123 48.98 53.67 -39.06
CA LEU B 123 48.02 53.08 -38.13
C LEU B 123 48.02 53.88 -36.83
N TYR B 124 46.93 54.59 -36.57
CA TYR B 124 46.82 55.45 -35.39
C TYR B 124 45.86 54.84 -34.40
N THR B 125 46.31 54.68 -33.16
CA THR B 125 45.46 54.26 -32.06
C THR B 125 44.80 55.49 -31.46
N LEU B 126 43.47 55.53 -31.50
CA LEU B 126 42.71 56.65 -30.98
C LEU B 126 42.67 56.60 -29.47
N ASP B 127 42.90 57.76 -28.83
CA ASP B 127 42.94 57.85 -27.37
C ASP B 127 41.64 58.49 -26.90
N LEU B 128 40.62 57.65 -26.70
CA LEU B 128 39.38 58.13 -26.12
C LEU B 128 39.63 58.62 -24.70
N GLY B 129 38.90 59.65 -24.29
CA GLY B 129 39.12 60.28 -23.01
C GLY B 129 39.96 61.53 -23.14
N ALA B 130 40.99 61.48 -23.97
CA ALA B 130 41.72 62.68 -24.31
C ALA B 130 40.82 63.64 -25.09
N LEU B 131 39.94 63.10 -25.93
CA LEU B 131 38.91 63.91 -26.56
C LEU B 131 38.00 64.54 -25.52
N VAL B 132 37.64 63.78 -24.49
CA VAL B 132 36.70 64.26 -23.47
C VAL B 132 37.40 65.08 -22.40
N ALA B 133 38.73 65.01 -22.31
CA ALA B 133 39.45 65.61 -21.18
C ALA B 133 39.27 67.12 -21.08
N GLY B 134 38.83 67.78 -22.15
CA GLY B 134 38.68 69.22 -22.11
C GLY B 134 37.35 69.74 -22.62
N SER B 135 36.45 68.84 -23.00
CA SER B 135 35.15 69.22 -23.57
C SER B 135 34.23 69.70 -22.46
N ARG B 136 34.55 70.88 -21.92
CA ARG B 136 33.77 71.44 -20.82
C ARG B 136 32.53 72.16 -21.32
N TYR B 137 32.69 73.03 -22.32
CA TYR B 137 31.54 73.75 -22.85
C TYR B 137 30.79 72.88 -23.85
N ARG B 138 29.56 73.30 -24.17
CA ARG B 138 28.74 72.56 -25.12
C ARG B 138 29.36 72.61 -26.51
N GLY B 139 29.29 71.49 -27.21
CA GLY B 139 29.81 71.41 -28.57
C GLY B 139 31.30 71.54 -28.70
N ASP B 140 32.06 70.87 -27.84
CA ASP B 140 33.52 70.84 -27.92
C ASP B 140 34.07 69.46 -28.28
N PHE B 141 33.61 68.42 -27.58
CA PHE B 141 33.95 67.06 -27.99
C PHE B 141 33.54 66.81 -29.43
N GLU B 142 32.36 67.31 -29.81
CA GLU B 142 31.86 67.12 -31.17
C GLU B 142 32.80 67.74 -32.20
N GLU B 143 33.21 68.99 -31.97
CA GLU B 143 34.08 69.65 -32.94
C GLU B 143 35.47 69.03 -32.95
N ARG B 144 35.95 68.56 -31.79
CA ARG B 144 37.23 67.87 -31.76
C ARG B 144 37.19 66.61 -32.63
N LEU B 145 36.13 65.82 -32.45
CA LEU B 145 36.00 64.58 -33.23
C LEU B 145 35.79 64.86 -34.71
N LYS B 146 35.03 65.91 -35.03
CA LYS B 146 34.84 66.29 -36.42
C LYS B 146 36.15 66.74 -37.06
N LYS B 147 36.96 67.49 -36.33
CA LYS B 147 38.28 67.89 -36.84
C LYS B 147 39.15 66.67 -37.09
N VAL B 148 39.16 65.72 -36.16
CA VAL B 148 39.95 64.51 -36.35
C VAL B 148 39.48 63.74 -37.58
N LEU B 149 38.17 63.60 -37.73
CA LEU B 149 37.63 62.85 -38.87
C LEU B 149 37.92 63.56 -40.20
N LYS B 150 37.83 64.89 -40.20
CA LYS B 150 38.17 65.64 -41.42
C LYS B 150 39.64 65.50 -41.76
N GLU B 151 40.51 65.47 -40.74
CA GLU B 151 41.92 65.19 -40.98
C GLU B 151 42.10 63.81 -41.59
N ILE B 152 41.36 62.82 -41.08
CA ILE B 152 41.44 61.47 -41.64
C ILE B 152 41.03 61.47 -43.10
N ARG B 153 39.93 62.16 -43.42
CA ARG B 153 39.45 62.21 -44.80
C ARG B 153 40.46 62.90 -45.71
N THR B 154 41.03 64.02 -45.26
CA THR B 154 41.97 64.76 -46.10
C THR B 154 43.25 63.96 -46.34
N ARG B 155 43.87 63.45 -45.27
CA ARG B 155 45.12 62.73 -45.45
C ARG B 155 44.90 61.41 -46.16
N GLY B 156 43.80 60.71 -45.84
CA GLY B 156 43.42 59.53 -46.58
C GLY B 156 44.01 58.23 -46.10
N ASP B 157 45.34 58.19 -45.94
CA ASP B 157 46.02 56.93 -45.62
C ASP B 157 46.21 56.74 -44.12
N ILE B 158 45.12 56.74 -43.38
CA ILE B 158 45.15 56.51 -41.93
C ILE B 158 44.16 55.41 -41.59
N ILE B 159 44.60 54.46 -40.77
CA ILE B 159 43.75 53.40 -40.24
C ILE B 159 43.59 53.62 -38.75
N LEU B 160 42.34 53.76 -38.30
CA LEU B 160 42.06 54.01 -36.89
C LEU B 160 41.94 52.70 -36.13
N PHE B 161 42.44 52.72 -34.90
CA PHE B 161 42.33 51.58 -33.99
C PHE B 161 41.74 52.08 -32.68
N ILE B 162 40.54 51.61 -32.36
CA ILE B 162 39.86 51.95 -31.12
C ILE B 162 39.96 50.74 -30.19
N ASP B 163 40.75 50.86 -29.13
CA ASP B 163 41.01 49.73 -28.26
C ASP B 163 39.75 49.24 -27.57
N ALA B 164 39.14 50.07 -26.73
CA ALA B 164 37.93 49.69 -26.02
C ALA B 164 36.71 50.17 -26.83
N LEU B 165 36.35 49.36 -27.82
CA LEU B 165 35.28 49.75 -28.73
C LEU B 165 33.94 49.85 -28.01
N HIS B 166 33.73 49.08 -26.95
CA HIS B 166 32.47 49.18 -26.21
C HIS B 166 32.35 50.49 -25.45
N THR B 167 33.47 51.14 -25.14
CA THR B 167 33.44 52.45 -24.52
C THR B 167 33.08 53.55 -25.51
N LEU B 168 33.10 53.27 -26.81
CA LEU B 168 32.71 54.27 -27.80
C LEU B 168 31.25 54.66 -27.63
N VAL B 169 30.39 53.68 -27.34
CA VAL B 169 28.99 53.98 -27.09
C VAL B 169 28.88 54.79 -25.81
N GLY B 170 28.23 55.96 -25.92
CA GLY B 170 28.08 56.83 -24.76
C GLY B 170 29.38 57.41 -24.25
N ALA B 171 30.30 57.75 -25.15
CA ALA B 171 31.51 58.44 -24.73
C ALA B 171 31.25 59.89 -24.38
N GLY B 172 30.27 60.51 -25.06
CA GLY B 172 29.92 61.89 -24.79
C GLY B 172 28.42 62.07 -24.63
N ALA B 173 27.75 61.07 -24.07
CA ALA B 173 26.29 61.12 -23.86
C ALA B 173 26.00 62.07 -22.71
N ALA B 174 26.10 63.36 -23.00
CA ALA B 174 25.93 64.41 -22.02
C ALA B 174 24.87 65.37 -22.55
N GLU B 175 24.79 66.56 -21.96
CA GLU B 175 23.88 67.58 -22.47
C GLU B 175 24.13 67.87 -23.95
N GLY B 176 25.37 67.69 -24.41
CA GLY B 176 25.64 67.76 -25.83
C GLY B 176 24.85 66.74 -26.63
N ALA B 177 24.72 65.51 -26.08
CA ALA B 177 23.82 64.49 -26.59
C ALA B 177 24.17 64.07 -28.02
N ILE B 178 25.38 63.53 -28.15
CA ILE B 178 25.86 63.02 -29.42
C ILE B 178 26.28 61.56 -29.36
N ASP B 179 26.68 61.04 -28.20
CA ASP B 179 27.00 59.64 -27.93
C ASP B 179 28.30 59.21 -28.59
N ALA B 180 28.95 60.08 -29.37
CA ALA B 180 30.23 59.78 -30.03
C ALA B 180 30.10 58.62 -31.02
N ALA B 181 28.88 58.13 -31.22
CA ALA B 181 28.64 57.04 -32.16
C ALA B 181 27.45 57.29 -33.07
N SER B 182 26.51 58.16 -32.70
CA SER B 182 25.39 58.48 -33.58
C SER B 182 25.87 59.16 -34.85
N ILE B 183 26.99 59.89 -34.77
CA ILE B 183 27.50 60.57 -35.95
C ILE B 183 28.44 59.68 -36.74
N LEU B 184 29.07 58.69 -36.09
CA LEU B 184 29.98 57.79 -36.77
C LEU B 184 29.26 56.79 -37.67
N LYS B 185 27.96 56.58 -37.45
CA LYS B 185 27.24 55.55 -38.17
C LYS B 185 27.23 55.72 -39.68
N PRO B 186 26.95 56.90 -40.25
CA PRO B 186 26.94 57.02 -41.72
C PRO B 186 28.26 56.66 -42.39
N MET B 187 29.38 57.07 -41.81
CA MET B 187 30.67 56.75 -42.41
C MET B 187 30.93 55.25 -42.39
N LEU B 188 30.63 54.58 -41.28
CA LEU B 188 30.80 53.13 -41.22
C LEU B 188 29.87 52.42 -42.18
N ALA B 189 28.66 52.95 -42.36
CA ALA B 189 27.70 52.31 -43.26
C ALA B 189 28.16 52.40 -44.72
N ARG B 190 28.59 53.59 -45.15
CA ARG B 190 28.98 53.77 -46.54
C ARG B 190 30.34 53.14 -46.81
N GLY B 191 31.26 53.23 -45.87
CA GLY B 191 32.53 52.54 -45.96
C GLY B 191 33.76 53.38 -46.27
N GLU B 192 33.68 54.70 -46.14
CA GLU B 192 34.82 55.56 -46.40
C GLU B 192 35.74 55.72 -45.18
N LEU B 193 35.35 55.16 -44.04
CA LEU B 193 36.17 55.19 -42.83
C LEU B 193 36.49 53.75 -42.43
N GLN B 194 37.77 53.49 -42.14
CA GLN B 194 38.23 52.16 -41.79
C GLN B 194 38.78 52.17 -40.37
N THR B 195 38.19 51.34 -39.51
CA THR B 195 38.57 51.26 -38.10
C THR B 195 38.69 49.81 -37.68
N ILE B 196 39.42 49.59 -36.58
CA ILE B 196 39.60 48.27 -36.00
C ILE B 196 39.23 48.33 -34.53
N GLY B 197 38.39 47.39 -34.09
CA GLY B 197 38.00 47.32 -32.69
C GLY B 197 38.47 46.04 -32.03
N ALA B 198 38.52 46.04 -30.70
CA ALA B 198 38.99 44.84 -29.98
C ALA B 198 38.33 44.84 -28.60
N THR B 199 37.26 44.07 -28.47
CA THR B 199 36.54 43.94 -27.20
C THR B 199 36.38 42.47 -26.85
N THR B 200 36.28 42.21 -25.55
CA THR B 200 36.02 40.85 -25.09
C THR B 200 34.60 40.43 -25.42
N LEU B 201 34.34 39.13 -25.33
CA LEU B 201 33.04 38.61 -25.69
C LEU B 201 31.94 39.18 -24.81
N ASP B 202 32.17 39.25 -23.50
CA ASP B 202 31.15 39.73 -22.58
C ASP B 202 30.80 41.18 -22.85
N GLU B 203 31.80 42.03 -23.04
CA GLU B 203 31.54 43.43 -23.36
C GLU B 203 30.82 43.57 -24.69
N TYR B 204 31.22 42.76 -25.68
CA TYR B 204 30.56 42.80 -26.98
C TYR B 204 29.09 42.45 -26.86
N ARG B 205 28.77 41.43 -26.07
CA ARG B 205 27.37 41.04 -25.91
C ARG B 205 26.59 42.08 -25.10
N LYS B 206 27.22 42.64 -24.06
CA LYS B 206 26.48 43.52 -23.15
C LYS B 206 26.24 44.89 -23.77
N HIS B 207 27.20 45.43 -24.51
CA HIS B 207 27.14 46.81 -24.95
C HIS B 207 26.86 46.94 -26.45
N LEU B 208 27.69 46.35 -27.30
CA LEU B 208 27.53 46.54 -28.74
C LEU B 208 26.28 45.82 -29.26
N GLU B 209 25.97 44.65 -28.70
CA GLU B 209 24.84 43.88 -29.21
C GLU B 209 23.50 44.51 -28.88
N LYS B 210 23.44 45.45 -27.93
CA LYS B 210 22.21 46.18 -27.71
C LYS B 210 21.83 47.02 -28.91
N ASP B 211 22.81 47.71 -29.50
CA ASP B 211 22.58 48.60 -30.64
C ASP B 211 22.65 47.77 -31.91
N ALA B 212 21.50 47.38 -32.44
CA ALA B 212 21.46 46.62 -33.68
C ALA B 212 22.04 47.42 -34.84
N ALA B 213 22.00 48.75 -34.76
CA ALA B 213 22.55 49.57 -35.83
C ALA B 213 24.07 49.41 -35.93
N LEU B 214 24.77 49.52 -34.80
CA LEU B 214 26.22 49.33 -34.81
C LEU B 214 26.57 47.85 -34.94
N GLU B 215 25.62 46.96 -34.67
CA GLU B 215 25.89 45.53 -34.78
C GLU B 215 26.25 45.14 -36.21
N ARG B 216 25.52 45.68 -37.19
CA ARG B 216 25.74 45.30 -38.57
C ARG B 216 26.79 46.15 -39.27
N ARG B 217 27.30 47.19 -38.62
CA ARG B 217 28.35 48.00 -39.23
C ARG B 217 29.73 47.35 -39.13
N PHE B 218 29.89 46.37 -38.23
CA PHE B 218 31.19 45.78 -37.96
C PHE B 218 31.20 44.31 -38.35
N GLN B 219 32.40 43.80 -38.62
CA GLN B 219 32.59 42.39 -38.93
C GLN B 219 33.36 41.73 -37.80
N PRO B 220 32.76 40.79 -37.07
CA PRO B 220 33.47 40.18 -35.94
C PRO B 220 34.48 39.14 -36.39
N ILE B 221 35.59 39.07 -35.68
CA ILE B 221 36.65 38.10 -35.92
C ILE B 221 37.03 37.45 -34.61
N GLN B 222 36.91 36.12 -34.55
CA GLN B 222 37.25 35.37 -33.35
C GLN B 222 38.75 35.24 -33.21
N VAL B 223 39.27 35.57 -32.03
CA VAL B 223 40.67 35.36 -31.68
C VAL B 223 40.71 34.28 -30.61
N ALA B 224 41.31 33.15 -30.92
CA ALA B 224 41.25 31.97 -30.07
C ALA B 224 42.46 31.88 -29.15
N GLU B 225 42.29 31.17 -28.05
CA GLU B 225 43.38 30.94 -27.12
C GLU B 225 44.40 29.99 -27.75
N PRO B 226 45.67 30.36 -27.81
CA PRO B 226 46.66 29.50 -28.45
C PRO B 226 46.84 28.19 -27.69
N SER B 227 47.23 27.15 -28.44
CA SER B 227 47.50 25.85 -27.85
C SER B 227 48.87 25.85 -27.20
N LEU B 228 49.25 24.69 -26.63
CA LEU B 228 50.53 24.59 -25.94
C LEU B 228 51.73 24.81 -26.85
N PRO B 229 51.85 24.13 -28.02
CA PRO B 229 53.01 24.42 -28.89
C PRO B 229 53.08 25.85 -29.36
N HIS B 230 51.92 26.45 -29.65
CA HIS B 230 51.90 27.86 -30.04
C HIS B 230 52.41 28.76 -28.92
N THR B 231 52.01 28.45 -27.68
CA THR B 231 52.51 29.21 -26.54
C THR B 231 54.01 29.02 -26.38
N ILE B 232 54.50 27.81 -26.63
CA ILE B 232 55.94 27.57 -26.55
C ILE B 232 56.67 28.40 -27.58
N GLU B 233 56.14 28.47 -28.81
CA GLU B 233 56.76 29.30 -29.83
C GLU B 233 56.74 30.77 -29.45
N ILE B 234 55.63 31.24 -28.88
CA ILE B 234 55.54 32.64 -28.44
C ILE B 234 56.59 32.92 -27.36
N LEU B 235 56.75 32.00 -26.42
CA LEU B 235 57.77 32.16 -25.40
C LEU B 235 59.17 32.17 -25.99
N LYS B 236 59.42 31.31 -26.98
CA LYS B 236 60.71 31.31 -27.65
C LYS B 236 60.98 32.65 -28.31
N GLY B 237 59.97 33.23 -28.94
CA GLY B 237 60.14 34.53 -29.58
C GLY B 237 60.39 35.65 -28.59
N LEU B 238 59.66 35.65 -27.47
CA LEU B 238 59.80 36.71 -26.49
C LEU B 238 60.98 36.51 -25.54
N ARG B 239 61.63 35.34 -25.60
CA ARG B 239 62.74 35.06 -24.70
C ARG B 239 63.88 36.05 -24.90
N ASP B 240 64.22 36.34 -26.15
CA ASP B 240 65.33 37.25 -26.43
C ASP B 240 65.04 38.65 -25.89
N ARG B 241 63.80 39.12 -26.06
CA ARG B 241 63.43 40.42 -25.51
C ARG B 241 63.48 40.42 -23.98
N TYR B 242 63.04 39.32 -23.36
CA TYR B 242 63.01 39.27 -21.90
C TYR B 242 64.38 39.07 -21.28
N GLU B 243 65.37 38.59 -22.04
CA GLU B 243 66.70 38.42 -21.47
C GLU B 243 67.30 39.75 -21.03
N ALA B 244 67.19 40.78 -21.88
CA ALA B 244 67.89 42.03 -21.62
C ALA B 244 67.40 42.72 -20.36
N HIS B 245 66.08 42.70 -20.13
CA HIS B 245 65.53 43.45 -19.00
C HIS B 245 66.03 42.91 -17.67
N HIS B 246 66.16 41.60 -17.54
CA HIS B 246 66.57 40.99 -16.29
C HIS B 246 68.04 40.54 -16.29
N ARG B 247 68.72 40.62 -17.44
CA ARG B 247 70.13 40.26 -17.54
C ARG B 247 70.38 38.84 -17.06
N VAL B 248 69.61 37.91 -17.60
CA VAL B 248 69.67 36.50 -17.23
C VAL B 248 69.79 35.67 -18.51
N SER B 249 69.72 34.34 -18.33
CA SER B 249 69.63 33.41 -19.45
C SER B 249 68.56 32.38 -19.14
N ILE B 250 67.73 32.07 -20.13
CA ILE B 250 66.58 31.17 -19.95
C ILE B 250 66.76 29.98 -20.88
N THR B 251 66.56 28.79 -20.33
CA THR B 251 66.71 27.55 -21.08
C THR B 251 65.39 27.16 -21.76
N ASP B 252 65.49 26.24 -22.73
CA ASP B 252 64.29 25.73 -23.39
C ASP B 252 63.44 24.91 -22.44
N GLU B 253 64.09 24.13 -21.56
CA GLU B 253 63.34 23.36 -20.58
C GLU B 253 62.55 24.27 -19.66
N ALA B 254 63.12 25.43 -19.32
CA ALA B 254 62.39 26.40 -18.51
C ALA B 254 61.13 26.86 -19.24
N LEU B 255 61.23 27.14 -20.55
CA LEU B 255 60.06 27.56 -21.30
C LEU B 255 58.99 26.48 -21.34
N VAL B 256 59.40 25.24 -21.60
CA VAL B 256 58.43 24.14 -21.68
C VAL B 256 57.75 23.95 -20.33
N GLN B 257 58.54 23.96 -19.25
CA GLN B 257 57.96 23.80 -17.91
C GLN B 257 57.01 24.93 -17.57
N ALA B 258 57.38 26.16 -17.91
CA ALA B 258 56.51 27.30 -17.62
C ALA B 258 55.19 27.16 -18.38
N ALA B 259 55.25 26.80 -19.66
CA ALA B 259 54.03 26.66 -20.44
C ALA B 259 53.14 25.57 -19.86
N THR B 260 53.71 24.40 -19.58
CA THR B 260 52.89 23.28 -19.10
C THR B 260 52.30 23.58 -17.72
N LEU B 261 53.11 24.13 -16.81
CA LEU B 261 52.62 24.42 -15.46
C LEU B 261 51.57 25.52 -15.48
N ALA B 262 51.76 26.55 -16.30
CA ALA B 262 50.75 27.60 -16.41
C ALA B 262 49.45 27.02 -16.97
N ASP B 263 49.54 26.15 -17.96
CA ASP B 263 48.34 25.53 -18.50
C ASP B 263 47.63 24.66 -17.46
N ARG B 264 48.40 23.97 -16.61
CA ARG B 264 47.81 22.98 -15.73
C ARG B 264 47.29 23.55 -14.41
N TYR B 265 48.06 24.43 -13.76
CA TYR B 265 47.79 24.77 -12.37
C TYR B 265 47.13 26.13 -12.15
N ILE B 266 46.99 26.95 -13.20
CA ILE B 266 46.31 28.23 -13.10
C ILE B 266 45.02 28.14 -13.91
N SER B 267 43.90 28.54 -13.29
CA SER B 267 42.58 28.27 -13.84
C SER B 267 41.82 29.50 -14.31
N ASP B 268 42.06 30.66 -13.73
CA ASP B 268 41.26 31.85 -14.02
C ASP B 268 41.92 32.77 -15.04
N ARG B 269 43.02 32.35 -15.66
CA ARG B 269 43.72 33.16 -16.64
C ARG B 269 43.93 32.33 -17.91
N PHE B 270 44.25 33.02 -18.99
CA PHE B 270 44.32 32.40 -20.30
C PHE B 270 45.77 32.25 -20.76
N LEU B 271 45.98 31.29 -21.68
CA LEU B 271 47.27 30.63 -21.80
C LEU B 271 48.43 31.55 -22.14
N PRO B 272 48.33 32.43 -23.15
CA PRO B 272 49.53 33.20 -23.55
C PRO B 272 50.07 34.12 -22.47
N ASP B 273 49.25 34.47 -21.47
CA ASP B 273 49.69 35.44 -20.46
C ASP B 273 50.32 34.76 -19.24
N LYS B 274 49.78 33.62 -18.82
CA LYS B 274 50.27 32.96 -17.61
C LYS B 274 51.72 32.51 -17.78
N ALA B 275 52.05 31.92 -18.93
CA ALA B 275 53.44 31.55 -19.17
C ALA B 275 54.34 32.76 -19.14
N ILE B 276 53.88 33.86 -19.75
CA ILE B 276 54.69 35.08 -19.81
C ILE B 276 54.97 35.62 -18.42
N ASP B 277 53.94 35.70 -17.56
CA ASP B 277 54.19 36.33 -16.28
C ASP B 277 54.90 35.39 -15.31
N LEU B 278 54.77 34.07 -15.51
CA LEU B 278 55.63 33.15 -14.76
C LEU B 278 57.09 33.35 -15.13
N ILE B 279 57.39 33.45 -16.43
CA ILE B 279 58.76 33.70 -16.85
C ILE B 279 59.27 35.03 -16.31
N ASP B 280 58.42 36.06 -16.37
CA ASP B 280 58.81 37.38 -15.88
C ASP B 280 59.11 37.35 -14.40
N GLU B 281 58.25 36.70 -13.61
CA GLU B 281 58.48 36.64 -12.17
C GLU B 281 59.73 35.83 -11.83
N ALA B 282 59.96 34.73 -12.56
CA ALA B 282 61.18 33.96 -12.33
C ALA B 282 62.42 34.79 -12.63
N GLY B 283 62.40 35.53 -13.75
CA GLY B 283 63.52 36.41 -14.06
C GLY B 283 63.73 37.48 -13.02
N SER B 284 62.63 38.07 -12.52
CA SER B 284 62.74 39.09 -11.48
C SER B 284 63.33 38.51 -10.21
N ARG B 285 62.89 37.30 -9.83
CA ARG B 285 63.46 36.64 -8.65
C ARG B 285 64.95 36.39 -8.82
N MET B 286 65.35 35.89 -9.99
CA MET B 286 66.76 35.61 -10.22
C MET B 286 67.59 36.89 -10.20
N ARG B 287 67.05 37.97 -10.76
CA ARG B 287 67.75 39.25 -10.73
C ARG B 287 67.89 39.77 -9.31
N ILE B 288 66.82 39.70 -8.51
CA ILE B 288 66.87 40.21 -7.14
C ILE B 288 67.84 39.39 -6.31
N ARG B 289 67.92 38.08 -6.58
CA ARG B 289 68.84 37.23 -5.85
C ARG B 289 70.28 37.72 -5.96
N ARG B 290 70.65 38.32 -7.10
CA ARG B 290 71.98 38.88 -7.27
C ARG B 290 72.03 40.33 -6.80
N VAL B 352 76.27 33.02 -13.02
CA VAL B 352 75.88 32.77 -14.40
C VAL B 352 74.49 33.34 -14.67
N ALA B 353 73.68 33.41 -13.62
CA ALA B 353 72.34 34.01 -13.68
C ALA B 353 71.47 33.32 -14.73
N GLU B 354 71.22 32.03 -14.53
CA GLU B 354 70.38 31.25 -15.42
C GLU B 354 69.19 30.71 -14.66
N VAL B 355 68.05 30.63 -15.35
CA VAL B 355 66.83 30.08 -14.79
C VAL B 355 66.52 28.76 -15.47
N ASP B 356 65.83 27.89 -14.77
CA ASP B 356 65.52 26.55 -15.27
C ASP B 356 64.17 26.11 -14.74
N GLY B 357 63.88 24.82 -14.88
CA GLY B 357 62.58 24.31 -14.49
C GLY B 357 62.30 24.42 -13.01
N GLU B 358 63.32 24.19 -12.16
CA GLU B 358 63.11 24.21 -10.72
C GLU B 358 62.71 25.60 -10.24
N LEU B 359 63.29 26.66 -10.81
CA LEU B 359 62.91 28.00 -10.41
C LEU B 359 61.47 28.30 -10.80
N ILE B 360 61.05 27.87 -12.00
CA ILE B 360 59.67 28.06 -12.41
C ILE B 360 58.73 27.32 -11.48
N ALA B 361 59.07 26.08 -11.13
CA ALA B 361 58.23 25.31 -10.22
C ALA B 361 58.15 25.98 -8.85
N GLU B 362 59.27 26.50 -8.36
CA GLU B 362 59.26 27.19 -7.07
C GLU B 362 58.38 28.43 -7.11
N VAL B 363 58.46 29.21 -8.19
CA VAL B 363 57.65 30.40 -8.31
C VAL B 363 56.16 30.03 -8.35
N LEU B 364 55.82 29.00 -9.13
CA LEU B 364 54.42 28.58 -9.22
C LEU B 364 53.91 28.07 -7.88
N ALA B 365 54.73 27.29 -7.17
CA ALA B 365 54.32 26.78 -5.87
C ALA B 365 54.10 27.92 -4.88
N THR B 366 54.98 28.92 -4.89
CA THR B 366 54.79 30.07 -4.02
C THR B 366 53.53 30.84 -4.38
N ALA B 367 53.22 30.95 -5.68
CA ALA B 367 52.07 31.73 -6.10
C ALA B 367 50.76 31.10 -5.67
N THR B 368 50.60 29.79 -5.86
CA THR B 368 49.33 29.12 -5.61
C THR B 368 49.29 28.29 -4.34
N GLY B 369 50.45 27.85 -3.84
CA GLY B 369 50.50 27.00 -2.67
C GLY B 369 50.51 25.52 -2.95
N ILE B 370 50.32 25.11 -4.19
CA ILE B 370 50.36 23.69 -4.55
C ILE B 370 51.81 23.22 -4.53
N PRO B 371 52.12 22.11 -3.85
CA PRO B 371 53.52 21.66 -3.76
C PRO B 371 54.01 21.01 -5.04
N VAL B 372 54.45 21.83 -5.99
CA VAL B 372 54.98 21.33 -7.26
C VAL B 372 56.50 21.52 -7.33
N PHE B 373 57.12 21.91 -6.23
CA PHE B 373 58.55 22.17 -6.21
C PHE B 373 59.33 20.86 -6.06
N LYS B 374 60.65 20.96 -6.14
CA LYS B 374 61.50 19.78 -6.20
C LYS B 374 61.57 19.07 -4.85
N LEU B 375 61.88 17.78 -4.91
CA LEU B 375 61.94 16.93 -3.72
C LEU B 375 63.35 16.99 -3.12
N THR B 376 63.48 17.69 -2.00
CA THR B 376 64.72 17.68 -1.24
C THR B 376 64.78 16.44 -0.36
N GLU B 377 65.68 16.42 0.61
CA GLU B 377 65.77 15.29 1.52
C GLU B 377 64.59 15.19 2.47
N GLU B 378 63.58 16.06 2.32
CA GLU B 378 62.34 15.91 3.07
C GLU B 378 61.51 14.74 2.57
N GLU B 379 61.90 14.11 1.47
CA GLU B 379 61.23 12.89 1.03
C GLU B 379 61.33 11.79 2.09
N SER B 380 62.36 11.84 2.93
CA SER B 380 62.44 10.91 4.06
C SER B 380 61.38 11.22 5.10
N SER B 381 60.97 12.47 5.22
CA SER B 381 59.94 12.84 6.18
C SER B 381 58.60 12.20 5.85
N ARG B 382 58.39 11.78 4.61
CA ARG B 382 57.18 11.08 4.22
C ARG B 382 57.38 9.59 3.99
N LEU B 383 58.54 9.19 3.49
CA LEU B 383 58.83 7.78 3.28
C LEU B 383 59.03 7.10 4.63
N LEU B 384 58.16 6.14 4.95
CA LEU B 384 58.29 5.29 6.12
C LEU B 384 58.08 6.08 7.41
N ARG B 385 57.89 7.40 7.30
CA ARG B 385 57.71 8.24 8.46
C ARG B 385 56.36 8.92 8.54
N MET B 386 55.63 9.03 7.43
CA MET B 386 54.31 9.65 7.47
C MET B 386 53.35 8.81 8.30
N GLU B 387 53.44 7.49 8.19
CA GLU B 387 52.59 6.62 9.01
C GLU B 387 52.89 6.81 10.49
N ASP B 388 54.16 6.93 10.85
CA ASP B 388 54.50 7.15 12.26
C ASP B 388 54.03 8.52 12.73
N GLU B 389 54.17 9.54 11.89
CA GLU B 389 53.69 10.87 12.25
C GLU B 389 52.18 10.85 12.49
N LEU B 390 51.44 10.13 11.65
CA LEU B 390 50.00 10.01 11.86
C LEU B 390 49.68 9.20 13.11
N HIS B 391 50.44 8.13 13.36
CA HIS B 391 50.20 7.29 14.52
C HIS B 391 50.56 7.97 15.83
N LYS B 392 51.36 9.05 15.79
CA LYS B 392 51.61 9.80 17.00
C LYS B 392 50.35 10.47 17.53
N ARG B 393 49.28 10.53 16.74
CA ARG B 393 48.01 11.09 17.17
C ARG B 393 46.85 10.12 17.06
N VAL B 394 46.86 9.21 16.09
CA VAL B 394 45.81 8.22 15.91
C VAL B 394 46.38 6.85 16.24
N ILE B 395 45.70 6.13 17.13
CA ILE B 395 46.23 4.89 17.69
C ILE B 395 45.41 3.71 17.16
N GLY B 396 46.09 2.76 16.54
CA GLY B 396 45.50 1.46 16.27
C GLY B 396 44.68 1.34 15.00
N GLN B 397 44.77 2.28 14.08
CA GLN B 397 44.08 2.21 12.80
C GLN B 397 45.14 2.20 11.70
N VAL B 398 45.62 1.01 11.35
CA VAL B 398 46.75 0.90 10.44
C VAL B 398 46.31 0.97 8.98
N ASP B 399 45.15 0.41 8.66
CA ASP B 399 44.74 0.34 7.25
C ASP B 399 44.47 1.73 6.69
N ALA B 400 43.66 2.54 7.39
CA ALA B 400 43.33 3.86 6.89
C ALA B 400 44.56 4.76 6.83
N VAL B 401 45.42 4.70 7.84
CA VAL B 401 46.64 5.49 7.83
C VAL B 401 47.52 5.07 6.65
N LYS B 402 47.62 3.77 6.40
CA LYS B 402 48.41 3.28 5.28
C LYS B 402 47.86 3.78 3.95
N ALA B 403 46.53 3.74 3.80
CA ALA B 403 45.93 4.22 2.55
C ALA B 403 46.18 5.71 2.34
N LEU B 404 45.99 6.51 3.40
CA LEU B 404 46.23 7.94 3.29
C LEU B 404 47.68 8.23 2.95
N SER B 405 48.61 7.53 3.61
CA SER B 405 50.03 7.73 3.32
C SER B 405 50.37 7.35 1.90
N LYS B 406 49.80 6.24 1.42
CA LYS B 406 50.04 5.83 0.04
C LYS B 406 49.55 6.90 -0.93
N ALA B 407 48.35 7.44 -0.70
CA ALA B 407 47.83 8.46 -1.60
C ALA B 407 48.69 9.71 -1.59
N ILE B 408 49.11 10.15 -0.40
CA ILE B 408 49.88 11.38 -0.31
C ILE B 408 51.26 11.22 -0.94
N ARG B 409 51.94 10.10 -0.67
CA ARG B 409 53.24 9.89 -1.27
C ARG B 409 53.15 9.57 -2.75
N ARG B 410 52.00 9.12 -3.23
CA ARG B 410 51.81 8.98 -4.68
C ARG B 410 51.66 10.34 -5.34
N THR B 411 50.82 11.21 -4.77
CA THR B 411 50.63 12.51 -5.40
C THR B 411 51.82 13.43 -5.23
N ARG B 412 52.70 13.16 -4.26
CA ARG B 412 53.90 13.96 -4.10
C ARG B 412 55.06 13.47 -4.94
N ALA B 413 55.15 12.17 -5.22
CA ALA B 413 56.27 11.61 -5.96
C ALA B 413 55.99 11.54 -7.46
N GLY B 414 55.57 12.66 -8.04
CA GLY B 414 55.44 12.70 -9.49
C GLY B 414 54.12 12.18 -10.01
N LEU B 415 54.12 10.91 -10.40
CA LEU B 415 53.00 10.31 -11.10
C LEU B 415 51.71 10.41 -10.29
N LYS B 416 50.66 10.88 -10.95
CA LYS B 416 49.32 11.04 -10.40
C LYS B 416 48.41 11.45 -11.54
N ASP B 417 47.14 11.05 -11.43
CA ASP B 417 46.19 11.36 -12.51
C ASP B 417 45.93 12.86 -12.55
N PRO B 418 46.28 13.56 -13.63
CA PRO B 418 46.13 15.01 -13.65
C PRO B 418 44.71 15.49 -13.91
N LYS B 419 43.73 14.59 -13.98
CA LYS B 419 42.35 14.96 -14.25
C LYS B 419 41.41 14.62 -13.09
N ARG B 420 41.93 14.06 -12.01
CA ARG B 420 41.13 13.62 -10.87
C ARG B 420 41.80 14.09 -9.59
N PRO B 421 41.03 14.22 -8.51
CA PRO B 421 41.62 14.67 -7.24
C PRO B 421 42.68 13.71 -6.74
N GLY B 422 43.41 14.16 -5.71
CA GLY B 422 44.51 13.37 -5.18
C GLY B 422 44.04 12.03 -4.62
N GLY B 423 42.91 12.02 -3.93
CA GLY B 423 42.37 10.79 -3.39
C GLY B 423 40.96 10.99 -2.91
N SER B 424 40.19 9.91 -2.88
CA SER B 424 38.81 9.91 -2.40
C SER B 424 38.62 8.70 -1.50
N PHE B 425 38.20 8.94 -0.26
CA PHE B 425 38.10 7.89 0.73
C PHE B 425 36.73 7.93 1.41
N ILE B 426 36.22 6.75 1.72
CA ILE B 426 35.01 6.60 2.53
C ILE B 426 35.40 5.86 3.79
N PHE B 427 35.38 6.58 4.91
CA PHE B 427 35.72 6.02 6.22
C PHE B 427 34.42 5.57 6.89
N ALA B 428 34.26 4.25 7.02
CA ALA B 428 33.09 3.66 7.66
C ALA B 428 33.53 2.92 8.91
N GLY B 429 32.58 2.67 9.82
CA GLY B 429 32.88 1.91 11.01
C GLY B 429 31.99 2.29 12.18
N PRO B 430 32.35 1.82 13.36
CA PRO B 430 31.55 2.13 14.55
C PRO B 430 31.76 3.57 15.01
N SER B 431 31.07 3.92 16.09
CA SER B 431 31.13 5.26 16.62
C SER B 431 32.35 5.45 17.53
N GLY B 432 32.93 6.64 17.47
CA GLY B 432 34.03 6.98 18.36
C GLY B 432 35.29 6.15 18.20
N VAL B 433 35.65 5.80 16.96
CA VAL B 433 36.84 5.00 16.72
C VAL B 433 37.99 5.81 16.13
N GLY B 434 37.73 7.01 15.62
CA GLY B 434 38.80 7.84 15.12
C GLY B 434 38.68 8.24 13.67
N LYS B 435 37.45 8.27 13.15
CA LYS B 435 37.25 8.63 11.75
C LYS B 435 37.56 10.10 11.51
N THR B 436 37.00 10.98 12.34
CA THR B 436 37.26 12.41 12.21
C THR B 436 38.63 12.78 12.75
N GLU B 437 39.10 12.07 13.76
CA GLU B 437 40.43 12.33 14.30
C GLU B 437 41.51 12.11 13.26
N LEU B 438 41.35 11.09 12.42
CA LEU B 438 42.34 10.85 11.37
C LEU B 438 42.37 11.98 10.36
N SER B 439 41.19 12.50 9.98
CA SER B 439 41.15 13.62 9.06
C SER B 439 41.81 14.86 9.66
N LYS B 440 41.54 15.13 10.94
CA LYS B 440 42.18 16.26 11.60
C LYS B 440 43.69 16.07 11.67
N ALA B 441 44.14 14.85 11.95
CA ALA B 441 45.58 14.59 12.01
C ALA B 441 46.23 14.77 10.65
N LEU B 442 45.56 14.33 9.59
CA LEU B 442 46.09 14.53 8.24
C LEU B 442 46.19 16.00 7.90
N ALA B 443 45.16 16.78 8.25
CA ALA B 443 45.19 18.21 8.00
C ALA B 443 46.33 18.88 8.77
N GLU B 444 46.53 18.48 10.03
CA GLU B 444 47.64 19.02 10.80
C GLU B 444 48.98 18.65 10.19
N PHE B 445 49.12 17.40 9.72
CA PHE B 445 50.37 16.98 9.12
C PHE B 445 50.66 17.77 7.85
N LEU B 446 49.64 17.99 7.02
CA LEU B 446 49.86 18.65 5.74
C LEU B 446 50.07 20.15 5.89
N PHE B 447 49.31 20.81 6.77
CA PHE B 447 49.33 22.26 6.84
C PHE B 447 49.85 22.83 8.15
N GLY B 448 50.08 22.01 9.16
CA GLY B 448 50.56 22.49 10.44
C GLY B 448 49.49 22.89 11.44
N ASP B 449 48.23 22.91 11.02
CA ASP B 449 47.13 23.26 11.92
C ASP B 449 45.86 22.59 11.44
N GLU B 450 45.10 22.02 12.37
CA GLU B 450 43.89 21.30 12.01
C GLU B 450 42.75 22.23 11.60
N ASP B 451 42.90 23.54 11.78
CA ASP B 451 41.87 24.48 11.35
C ASP B 451 41.89 24.70 9.84
N ALA B 452 42.88 24.18 9.13
CA ALA B 452 42.94 24.33 7.68
C ALA B 452 42.02 23.36 6.95
N LEU B 453 41.46 22.38 7.65
CA LEU B 453 40.54 21.45 7.03
C LEU B 453 39.25 22.15 6.62
N ILE B 454 38.70 21.76 5.46
CA ILE B 454 37.42 22.29 5.02
C ILE B 454 36.37 21.25 5.34
N SER B 455 35.62 21.47 6.42
CA SER B 455 34.68 20.49 6.95
C SER B 455 33.26 20.90 6.63
N LEU B 456 32.44 19.92 6.25
CA LEU B 456 31.03 20.13 5.96
C LEU B 456 30.20 19.15 6.78
N ASP B 457 29.38 19.67 7.67
CA ASP B 457 28.49 18.85 8.50
C ASP B 457 27.25 18.53 7.67
N MET B 458 27.20 17.31 7.13
CA MET B 458 26.13 16.93 6.21
C MET B 458 24.78 16.79 6.88
N SER B 459 24.72 16.83 8.21
CA SER B 459 23.44 16.74 8.90
C SER B 459 22.56 17.95 8.64
N GLU B 460 23.13 19.05 8.16
CA GLU B 460 22.37 20.23 7.78
C GLU B 460 21.88 20.18 6.35
N PHE B 461 22.19 19.12 5.61
CA PHE B 461 21.78 18.96 4.22
C PHE B 461 20.71 17.87 4.09
N SER B 462 19.80 17.81 5.06
CA SER B 462 18.76 16.79 5.04
C SER B 462 17.67 17.06 4.01
N GLU B 463 17.67 18.22 3.38
CA GLU B 463 16.65 18.58 2.40
C GLU B 463 17.28 18.74 1.02
N LYS B 464 16.46 18.54 0.00
CA LYS B 464 16.95 18.56 -1.37
C LYS B 464 17.47 19.94 -1.77
N HIS B 465 16.72 21.00 -1.43
CA HIS B 465 17.08 22.33 -1.91
C HIS B 465 18.33 22.88 -1.25
N THR B 466 18.73 22.37 -0.08
CA THR B 466 19.92 22.87 0.58
C THR B 466 21.17 22.67 -0.24
N VAL B 467 21.09 21.89 -1.33
CA VAL B 467 22.21 21.76 -2.25
C VAL B 467 22.63 23.11 -2.81
N SER B 468 21.73 24.09 -2.81
CA SER B 468 22.09 25.42 -3.28
C SER B 468 23.16 26.06 -2.42
N ARG B 469 23.40 25.53 -1.22
CA ARG B 469 24.50 26.02 -0.41
C ARG B 469 25.87 25.65 -0.98
N LEU B 470 25.94 24.62 -1.81
CA LEU B 470 27.19 24.25 -2.46
C LEU B 470 27.42 25.05 -3.75
N PHE B 471 26.34 25.36 -4.45
CA PHE B 471 26.40 25.99 -5.77
C PHE B 471 26.20 27.49 -5.69
N GLY B 472 25.12 27.93 -5.06
CA GLY B 472 24.65 29.29 -5.13
C GLY B 472 23.30 29.39 -5.84
N SER B 473 22.69 30.55 -5.68
CA SER B 473 21.38 30.77 -6.29
C SER B 473 21.50 30.82 -7.80
N PRO B 474 20.48 30.34 -8.51
CA PRO B 474 20.49 30.45 -9.98
C PRO B 474 20.29 31.89 -10.41
N PRO B 475 20.60 32.22 -11.66
CA PRO B 475 20.44 33.60 -12.11
C PRO B 475 19.01 34.09 -11.95
N GLY B 476 18.87 35.34 -11.50
CA GLY B 476 17.57 35.94 -11.31
C GLY B 476 16.90 35.65 -9.98
N TYR B 477 17.62 35.10 -9.02
CA TYR B 477 17.04 34.77 -7.73
C TYR B 477 17.90 35.38 -6.63
N VAL B 478 17.30 35.58 -5.46
CA VAL B 478 17.98 36.27 -4.37
C VAL B 478 19.19 35.45 -3.93
N GLY B 479 20.24 36.15 -3.51
CA GLY B 479 21.47 35.51 -3.11
C GLY B 479 22.40 35.12 -4.25
N TYR B 480 22.01 35.39 -5.50
CA TYR B 480 22.83 35.04 -6.65
C TYR B 480 24.11 35.86 -6.72
N GLU B 481 24.16 37.01 -6.05
CA GLU B 481 25.32 37.89 -6.16
C GLU B 481 26.58 37.24 -5.62
N GLU B 482 26.48 36.50 -4.52
CA GLU B 482 27.60 35.74 -3.99
C GLU B 482 27.46 34.27 -4.37
N GLY B 483 28.58 33.63 -4.67
CA GLY B 483 28.58 32.27 -5.15
C GLY B 483 28.44 31.26 -4.03
N GLY B 484 28.63 30.00 -4.40
CA GLY B 484 28.55 28.93 -3.43
C GLY B 484 29.65 29.01 -2.39
N GLN B 485 29.35 28.55 -1.19
CA GLN B 485 30.31 28.62 -0.10
C GLN B 485 31.46 27.65 -0.30
N LEU B 486 31.14 26.38 -0.62
CA LEU B 486 32.18 25.38 -0.83
C LEU B 486 33.03 25.72 -2.06
N THR B 487 32.40 26.19 -3.13
CA THR B 487 33.15 26.55 -4.32
C THR B 487 34.13 27.68 -4.04
N GLU B 488 33.69 28.71 -3.30
CA GLU B 488 34.59 29.80 -2.96
C GLU B 488 35.73 29.32 -2.06
N LYS B 489 35.41 28.48 -1.07
CA LYS B 489 36.46 27.97 -0.18
C LYS B 489 37.50 27.19 -0.95
N VAL B 490 37.08 26.34 -1.89
CA VAL B 490 38.03 25.56 -2.67
C VAL B 490 38.81 26.46 -3.63
N ARG B 491 38.14 27.43 -4.24
CA ARG B 491 38.79 28.31 -5.20
C ARG B 491 39.88 29.14 -4.54
N ARG B 492 39.64 29.62 -3.32
CA ARG B 492 40.67 30.40 -2.65
C ARG B 492 41.88 29.55 -2.29
N LYS B 493 41.66 28.29 -1.94
CA LYS B 493 42.74 27.40 -1.50
C LYS B 493 42.69 26.12 -2.32
N PRO B 494 43.36 26.09 -3.47
CA PRO B 494 43.25 24.92 -4.36
C PRO B 494 43.73 23.62 -3.74
N PHE B 495 44.76 23.66 -2.89
CA PHE B 495 45.30 22.46 -2.27
C PHE B 495 44.84 22.42 -0.81
N SER B 496 43.87 21.56 -0.53
CA SER B 496 43.29 21.47 0.80
C SER B 496 42.67 20.09 0.97
N VAL B 497 42.16 19.82 2.16
CA VAL B 497 41.51 18.56 2.50
C VAL B 497 40.06 18.84 2.83
N VAL B 498 39.15 18.23 2.05
CA VAL B 498 37.72 18.44 2.18
C VAL B 498 37.13 17.22 2.86
N LEU B 499 36.35 17.46 3.91
CA LEU B 499 35.74 16.42 4.72
C LEU B 499 34.24 16.58 4.72
N PHE B 500 33.53 15.48 4.49
CA PHE B 500 32.07 15.42 4.57
C PHE B 500 31.73 14.56 5.78
N ASP B 501 31.35 15.21 6.88
CA ASP B 501 31.12 14.54 8.15
C ASP B 501 29.68 14.07 8.23
N ALA B 502 29.48 12.85 8.72
CA ALA B 502 28.16 12.23 8.82
C ALA B 502 27.47 12.25 7.46
N VAL B 503 28.11 11.56 6.51
CA VAL B 503 27.71 11.66 5.11
C VAL B 503 26.33 11.05 4.88
N GLU B 504 25.95 10.06 5.70
CA GLU B 504 24.70 9.35 5.46
C GLU B 504 23.47 10.11 5.94
N LYS B 505 23.64 11.25 6.61
CA LYS B 505 22.52 11.99 7.17
C LYS B 505 22.03 13.10 6.25
N ALA B 506 22.57 13.19 5.04
CA ALA B 506 22.08 14.14 4.05
C ALA B 506 21.11 13.45 3.10
N HIS B 507 20.37 14.25 2.36
CA HIS B 507 19.44 13.71 1.39
C HIS B 507 20.19 12.92 0.32
N PRO B 508 19.66 11.78 -0.12
CA PRO B 508 20.34 11.01 -1.17
C PRO B 508 20.54 11.79 -2.46
N ASP B 509 19.62 12.69 -2.79
CA ASP B 509 19.78 13.54 -3.98
C ASP B 509 20.66 14.75 -3.68
N ILE B 510 21.82 14.48 -3.10
CA ILE B 510 22.86 15.48 -2.85
C ILE B 510 24.18 15.05 -3.48
N PHE B 511 24.55 13.78 -3.30
CA PHE B 511 25.82 13.27 -3.79
C PHE B 511 25.84 13.11 -5.30
N ASN B 512 24.70 13.26 -5.96
CA ASN B 512 24.69 13.38 -7.41
C ASN B 512 25.57 14.54 -7.85
N SER B 513 25.68 15.58 -7.03
CA SER B 513 26.58 16.69 -7.30
C SER B 513 28.04 16.33 -7.05
N LEU B 514 28.31 15.22 -6.37
CA LEU B 514 29.68 14.78 -6.14
C LEU B 514 30.22 13.92 -7.27
N LEU B 515 29.37 13.53 -8.23
CA LEU B 515 29.82 12.67 -9.31
C LEU B 515 30.89 13.34 -10.16
N GLN B 516 30.69 14.62 -10.50
CA GLN B 516 31.65 15.32 -11.33
C GLN B 516 32.90 15.69 -10.54
N ILE B 517 32.79 15.86 -9.22
CA ILE B 517 33.96 16.18 -8.42
C ILE B 517 34.90 14.99 -8.33
N LEU B 518 34.34 13.80 -8.10
CA LEU B 518 35.17 12.62 -7.86
C LEU B 518 35.84 12.13 -9.15
N GLU B 519 35.09 12.07 -10.25
CA GLU B 519 35.60 11.50 -11.49
C GLU B 519 36.26 12.53 -12.40
N ASP B 520 35.68 13.72 -12.52
CA ASP B 520 36.20 14.72 -13.43
C ASP B 520 36.97 15.82 -12.71
N GLY B 521 36.86 15.90 -11.39
CA GLY B 521 37.65 16.87 -10.64
C GLY B 521 37.27 18.31 -10.92
N ARG B 522 35.98 18.62 -10.95
CA ARG B 522 35.54 19.98 -11.17
C ARG B 522 34.11 20.14 -10.66
N LEU B 523 33.72 21.39 -10.46
CA LEU B 523 32.36 21.74 -10.07
C LEU B 523 32.04 23.10 -10.69
N THR B 524 30.84 23.23 -11.25
CA THR B 524 30.47 24.44 -11.96
C THR B 524 29.64 25.33 -11.05
N ASP B 525 30.13 26.54 -10.82
CA ASP B 525 29.41 27.52 -10.01
C ASP B 525 28.13 27.93 -10.72
N SER B 526 27.17 28.43 -9.93
CA SER B 526 25.89 28.85 -10.50
C SER B 526 26.03 30.04 -11.43
N GLN B 527 27.13 30.77 -11.36
CA GLN B 527 27.40 31.87 -12.27
C GLN B 527 28.11 31.43 -13.54
N GLY B 528 28.39 30.13 -13.67
CA GLY B 528 29.06 29.60 -14.84
C GLY B 528 30.54 29.34 -14.67
N ARG B 529 31.15 29.85 -13.61
CA ARG B 529 32.57 29.63 -13.38
C ARG B 529 32.83 28.19 -12.98
N VAL B 530 33.96 27.65 -13.43
CA VAL B 530 34.37 26.28 -13.15
C VAL B 530 35.47 26.31 -12.09
N VAL B 531 35.30 25.52 -11.04
CA VAL B 531 36.27 25.43 -9.95
C VAL B 531 36.81 24.01 -9.92
N ASP B 532 38.13 23.88 -9.97
CA ASP B 532 38.76 22.57 -10.05
C ASP B 532 39.05 21.99 -8.68
N PHE B 533 38.78 20.69 -8.54
CA PHE B 533 39.04 19.95 -7.31
C PHE B 533 40.22 18.99 -7.49
N LYS B 534 41.02 19.18 -8.52
CA LYS B 534 42.04 18.21 -8.90
C LYS B 534 43.21 18.14 -7.92
N ASN B 535 43.33 19.09 -7.00
CA ASN B 535 44.43 19.12 -6.05
C ASN B 535 43.98 18.88 -4.62
N THR B 536 42.73 18.47 -4.42
CA THR B 536 42.16 18.27 -3.09
C THR B 536 42.10 16.79 -2.76
N VAL B 537 41.92 16.51 -1.47
CA VAL B 537 41.71 15.15 -0.97
C VAL B 537 40.33 15.10 -0.34
N ILE B 538 39.48 14.21 -0.84
CA ILE B 538 38.09 14.12 -0.42
C ILE B 538 37.95 12.96 0.55
N ILE B 539 37.40 13.24 1.73
CA ILE B 539 37.13 12.22 2.74
C ILE B 539 35.67 12.32 3.12
N MET B 540 34.98 11.18 3.18
CA MET B 540 33.58 11.12 3.59
C MET B 540 33.47 10.14 4.75
N THR B 541 32.98 10.61 5.89
CA THR B 541 32.85 9.75 7.06
C THR B 541 31.40 9.32 7.23
N THR B 542 31.21 8.05 7.56
CA THR B 542 29.86 7.50 7.69
C THR B 542 29.80 6.57 8.89
N ASN B 543 28.59 6.09 9.17
CA ASN B 543 28.31 5.23 10.31
C ASN B 543 27.34 4.11 9.95
N LEU B 544 27.24 3.80 8.66
CA LEU B 544 26.22 2.88 8.19
C LEU B 544 26.53 1.45 8.62
N GLY B 545 25.47 0.67 8.87
CA GLY B 545 25.59 -0.73 9.21
C GLY B 545 26.30 -0.98 10.52
N THR B 546 25.93 -0.24 11.56
CA THR B 546 26.63 -0.32 12.83
C THR B 546 25.67 -0.44 14.01
N ARG B 547 24.40 -0.05 13.79
CA ARG B 547 23.46 0.06 14.90
C ARG B 547 23.24 -1.25 15.65
N ASP B 548 23.51 -2.39 15.04
CA ASP B 548 23.26 -3.67 15.68
C ASP B 548 24.48 -4.29 16.35
N ILE B 549 25.64 -3.65 16.28
CA ILE B 549 26.84 -4.23 16.89
C ILE B 549 26.78 -4.27 18.40
N SER B 550 25.81 -3.59 19.02
CA SER B 550 25.72 -3.58 20.47
C SER B 550 25.41 -4.97 21.02
N LYS B 551 24.68 -5.79 20.25
CA LYS B 551 24.29 -7.11 20.70
C LYS B 551 25.04 -8.23 20.01
N GLY B 552 25.49 -8.03 18.78
CA GLY B 552 26.11 -9.09 18.01
C GLY B 552 25.08 -10.03 17.42
N PHE B 553 25.56 -10.90 16.52
CA PHE B 553 24.80 -11.90 15.78
C PHE B 553 23.57 -11.36 15.07
N ASN B 554 23.10 -12.08 14.05
CA ASN B 554 21.94 -11.64 13.27
C ASN B 554 20.64 -12.28 13.77
N LEU B 555 20.54 -13.61 13.68
CA LEU B 555 19.38 -14.36 14.13
C LEU B 555 19.66 -15.85 13.97
N GLY B 556 19.11 -16.67 14.85
CA GLY B 556 19.28 -18.09 14.71
C GLY B 556 20.69 -18.54 15.08
N PHE B 557 20.95 -19.81 14.80
CA PHE B 557 22.22 -20.41 15.14
C PHE B 557 23.34 -19.87 14.25
N ALA B 558 24.54 -19.81 14.82
CA ALA B 558 25.71 -19.28 14.12
C ALA B 558 26.93 -20.10 14.52
N ALA B 559 28.01 -19.92 13.75
CA ALA B 559 29.23 -20.70 13.96
C ALA B 559 29.91 -20.28 15.26
N GLN B 560 31.08 -20.88 15.52
CA GLN B 560 31.80 -20.60 16.75
C GLN B 560 32.20 -19.13 16.84
N GLY B 561 32.87 -18.62 15.80
CA GLY B 561 33.21 -17.22 15.74
C GLY B 561 34.33 -16.80 16.68
N ASP B 562 34.99 -15.71 16.35
CA ASP B 562 36.07 -15.13 17.16
C ASP B 562 36.23 -13.68 16.74
N THR B 563 37.31 -13.04 17.21
CA THR B 563 37.50 -11.62 16.93
C THR B 563 37.61 -11.35 15.43
N LYS B 564 38.34 -12.20 14.71
CA LYS B 564 38.43 -12.06 13.26
C LYS B 564 37.07 -12.23 12.60
N SER B 565 36.29 -13.20 13.07
CA SER B 565 34.98 -13.46 12.48
C SER B 565 34.04 -12.27 12.66
N ASN B 566 34.01 -11.68 13.85
CA ASN B 566 33.16 -10.53 14.08
C ASN B 566 33.55 -9.36 13.18
N TYR B 567 34.85 -9.13 13.00
CA TYR B 567 35.28 -8.08 12.09
C TYR B 567 34.86 -8.39 10.66
N GLU B 568 35.01 -9.65 10.24
CA GLU B 568 34.60 -10.01 8.89
C GLU B 568 33.09 -9.91 8.72
N ARG B 569 32.33 -10.25 9.76
CA ARG B 569 30.89 -10.09 9.73
C ARG B 569 30.50 -8.62 9.60
N MET B 570 31.18 -7.74 10.35
CA MET B 570 30.84 -6.32 10.30
C MET B 570 31.20 -5.71 8.95
N LYS B 571 32.35 -6.10 8.38
CA LYS B 571 32.78 -5.51 7.12
C LYS B 571 31.79 -5.80 6.00
N ASN B 572 31.32 -7.04 5.90
CA ASN B 572 30.37 -7.39 4.85
C ASN B 572 29.06 -6.65 5.04
N LYS B 573 28.60 -6.51 6.29
CA LYS B 573 27.37 -5.80 6.55
C LYS B 573 27.49 -4.31 6.18
N VAL B 574 28.62 -3.70 6.51
CA VAL B 574 28.86 -2.31 6.14
C VAL B 574 28.88 -2.16 4.62
N SER B 575 29.55 -3.08 3.93
CA SER B 575 29.60 -3.01 2.48
C SER B 575 28.20 -3.15 1.87
N ASP B 576 27.39 -4.06 2.40
CA ASP B 576 26.04 -4.23 1.90
C ASP B 576 25.19 -2.98 2.15
N GLU B 577 25.34 -2.37 3.33
CA GLU B 577 24.60 -1.17 3.63
C GLU B 577 25.01 -0.02 2.71
N LEU B 578 26.32 0.10 2.46
CA LEU B 578 26.80 1.11 1.51
C LEU B 578 26.24 0.87 0.12
N LYS B 579 26.24 -0.38 -0.32
CA LYS B 579 25.72 -0.71 -1.65
C LYS B 579 24.24 -0.40 -1.77
N GLN B 580 23.45 -0.67 -0.73
CA GLN B 580 22.02 -0.42 -0.84
C GLN B 580 21.70 1.05 -0.61
N HIS B 581 22.63 1.81 -0.05
CA HIS B 581 22.37 3.23 0.19
C HIS B 581 22.83 4.11 -0.96
N PHE B 582 24.02 3.86 -1.50
CA PHE B 582 24.60 4.70 -2.54
C PHE B 582 24.40 4.07 -3.91
N ARG B 583 24.28 4.91 -4.93
CA ARG B 583 24.16 4.41 -6.29
C ARG B 583 25.47 3.75 -6.72
N PRO B 584 25.39 2.74 -7.59
CA PRO B 584 26.62 2.02 -7.96
C PRO B 584 27.68 2.88 -8.62
N GLU B 585 27.29 3.91 -9.38
CA GLU B 585 28.29 4.77 -10.01
C GLU B 585 29.05 5.59 -8.98
N PHE B 586 28.35 6.07 -7.95
CA PHE B 586 29.02 6.84 -6.90
C PHE B 586 30.07 6.01 -6.20
N LEU B 587 29.75 4.76 -5.88
CA LEU B 587 30.74 3.86 -5.31
C LEU B 587 31.80 3.46 -6.32
N ASN B 588 31.47 3.50 -7.61
CA ASN B 588 32.46 3.21 -8.64
C ASN B 588 33.53 4.29 -8.70
N ARG B 589 33.14 5.55 -8.53
CA ARG B 589 34.11 6.65 -8.54
C ARG B 589 34.63 6.95 -7.14
N VAL B 590 35.12 5.93 -6.44
CA VAL B 590 35.69 6.09 -5.10
C VAL B 590 37.02 5.36 -5.06
N ASP B 591 38.08 6.08 -4.67
CA ASP B 591 39.40 5.47 -4.63
C ASP B 591 39.50 4.38 -3.57
N ASP B 592 38.99 4.64 -2.37
CA ASP B 592 39.12 3.67 -1.29
C ASP B 592 37.91 3.70 -0.36
N VAL B 593 37.53 2.52 0.11
CA VAL B 593 36.54 2.36 1.18
C VAL B 593 37.24 1.63 2.31
N VAL B 594 37.36 2.30 3.46
CA VAL B 594 38.12 1.79 4.60
C VAL B 594 37.17 1.62 5.78
N VAL B 595 37.15 0.43 6.35
CA VAL B 595 36.33 0.11 7.52
C VAL B 595 37.23 0.08 8.75
N PHE B 596 36.79 0.75 9.80
CA PHE B 596 37.59 0.88 11.01
C PHE B 596 37.22 -0.21 12.00
N PRO B 597 38.16 -1.05 12.44
CA PRO B 597 37.85 -2.01 13.49
C PRO B 597 37.66 -1.33 14.83
N GLN B 598 36.97 -2.02 15.73
CA GLN B 598 36.75 -1.50 17.07
C GLN B 598 38.05 -1.48 17.86
N LEU B 599 38.10 -0.58 18.86
CA LEU B 599 39.29 -0.45 19.69
C LEU B 599 39.40 -1.61 20.67
N SER B 600 40.63 -1.89 21.09
CA SER B 600 40.95 -2.95 22.04
C SER B 600 41.49 -2.34 23.32
N GLN B 601 41.76 -3.22 24.30
CA GLN B 601 42.20 -2.76 25.61
C GLN B 601 43.55 -2.04 25.53
N ALA B 602 44.49 -2.57 24.75
CA ALA B 602 45.78 -1.92 24.60
C ALA B 602 45.63 -0.54 23.96
N ASP B 603 44.73 -0.42 22.99
CA ASP B 603 44.49 0.88 22.36
C ASP B 603 43.98 1.89 23.38
N ILE B 604 43.06 1.47 24.25
CA ILE B 604 42.57 2.37 25.30
C ILE B 604 43.69 2.76 26.25
N LEU B 605 44.52 1.78 26.63
CA LEU B 605 45.63 2.06 27.54
C LEU B 605 46.62 3.03 26.91
N LYS B 606 46.72 3.03 25.58
CA LYS B 606 47.57 4.01 24.92
C LYS B 606 46.88 5.37 24.82
N ILE B 607 45.56 5.38 24.64
CA ILE B 607 44.81 6.62 24.47
C ILE B 607 44.74 7.41 25.77
N VAL B 608 44.73 6.72 26.91
CA VAL B 608 44.68 7.45 28.19
C VAL B 608 45.88 8.37 28.33
N ASP B 609 47.03 8.00 27.77
CA ASP B 609 48.20 8.86 27.82
C ASP B 609 47.97 10.15 27.06
N LEU B 610 47.36 10.05 25.88
CA LEU B 610 47.07 11.25 25.10
C LEU B 610 46.07 12.15 25.83
N MET B 611 45.03 11.56 26.41
CA MET B 611 44.05 12.37 27.12
C MET B 611 44.65 13.04 28.35
N ILE B 612 45.52 12.32 29.08
CA ILE B 612 46.17 12.92 30.24
C ILE B 612 47.11 14.03 29.79
N ASP B 613 47.78 13.87 28.64
CA ASP B 613 48.61 14.95 28.12
C ASP B 613 47.77 16.17 27.78
N LYS B 614 46.59 15.96 27.22
CA LYS B 614 45.69 17.08 26.94
C LYS B 614 45.27 17.78 28.23
N VAL B 615 44.98 17.01 29.28
CA VAL B 615 44.63 17.61 30.56
C VAL B 615 45.80 18.40 31.12
N ASP B 616 47.02 17.86 30.96
CA ASP B 616 48.22 18.58 31.40
C ASP B 616 48.39 19.89 30.65
N GLU B 617 48.13 19.88 29.34
CA GLU B 617 48.20 21.12 28.57
C GLU B 617 47.15 22.11 29.05
N ARG B 618 45.95 21.63 29.39
CA ARG B 618 44.93 22.51 29.94
C ARG B 618 45.39 23.14 31.25
N LEU B 619 46.03 22.34 32.11
CA LEU B 619 46.49 22.86 33.39
C LEU B 619 47.70 23.79 33.26
N LYS B 620 48.49 23.63 32.21
CA LYS B 620 49.72 24.41 32.07
C LYS B 620 49.46 25.90 31.93
N ASP B 621 48.26 26.30 31.54
CA ASP B 621 47.96 27.73 31.41
C ASP B 621 48.09 28.43 32.75
N ARG B 622 47.61 27.81 33.82
CA ARG B 622 47.67 28.37 35.16
C ARG B 622 48.81 27.78 35.99
N ASP B 623 49.85 27.30 35.31
CA ASP B 623 51.11 26.90 35.94
C ASP B 623 50.92 25.77 36.94
N MET B 624 50.41 24.64 36.44
CA MET B 624 50.34 23.40 37.19
C MET B 624 50.59 22.22 36.25
N GLY B 625 50.46 21.01 36.78
CA GLY B 625 50.68 19.80 36.02
C GLY B 625 50.14 18.61 36.78
N ILE B 626 50.26 17.43 36.16
CA ILE B 626 49.72 16.21 36.73
C ILE B 626 50.65 15.04 36.37
N GLU B 627 50.53 13.96 37.13
CA GLU B 627 51.50 12.86 37.06
C GLU B 627 50.92 11.57 36.53
N LEU B 628 49.86 11.03 37.14
CA LEU B 628 49.22 9.79 36.70
C LEU B 628 50.20 8.61 36.68
N SER B 629 50.60 8.19 37.89
CA SER B 629 51.41 6.99 38.05
C SER B 629 50.81 5.79 37.32
N SER B 630 51.65 4.78 37.03
CA SER B 630 51.27 3.74 36.06
C SER B 630 50.05 2.96 36.52
N SER B 631 49.96 2.65 37.82
CA SER B 631 48.80 1.91 38.31
C SER B 631 47.52 2.70 38.12
N ALA B 632 47.59 4.02 38.31
CA ALA B 632 46.43 4.87 38.06
C ALA B 632 46.03 4.82 36.59
N LYS B 633 47.02 4.85 35.69
CA LYS B 633 46.71 4.74 34.26
C LYS B 633 46.03 3.42 33.94
N GLU B 634 46.54 2.32 34.50
CA GLU B 634 45.95 1.02 34.20
C GLU B 634 44.53 0.93 34.73
N LEU B 635 44.29 1.44 35.95
CA LEU B 635 42.93 1.44 36.48
C LEU B 635 42.00 2.31 35.65
N LEU B 636 42.50 3.48 35.21
CA LEU B 636 41.70 4.38 34.40
C LEU B 636 41.32 3.72 33.08
N SER B 637 42.25 2.99 32.47
CA SER B 637 41.92 2.24 31.26
C SER B 637 40.94 1.12 31.55
N LYS B 638 41.06 0.50 32.73
CA LYS B 638 40.14 -0.58 33.10
C LYS B 638 38.71 -0.07 33.22
N LYS B 639 38.53 1.10 33.81
CA LYS B 639 37.19 1.70 33.96
C LYS B 639 36.88 2.48 32.69
N GLY B 640 35.97 1.96 31.88
CA GLY B 640 35.58 2.65 30.67
C GLY B 640 36.10 2.02 29.41
N TYR B 641 36.11 0.68 29.36
CA TYR B 641 36.54 -0.02 28.16
C TYR B 641 35.42 -0.03 27.13
N ASP B 642 34.30 -0.68 27.46
CA ASP B 642 33.04 -0.60 26.73
C ASP B 642 33.25 -0.69 25.22
N PRO B 643 33.53 -1.86 24.67
CA PRO B 643 33.91 -1.98 23.25
C PRO B 643 32.74 -1.86 22.27
N VAL B 644 31.87 -0.89 22.52
CA VAL B 644 30.76 -0.62 21.62
C VAL B 644 30.75 0.87 21.28
N LEU B 645 31.31 1.69 22.18
CA LEU B 645 31.26 3.14 22.05
C LEU B 645 32.61 3.78 21.83
N GLY B 646 33.64 2.99 21.52
CA GLY B 646 34.93 3.57 21.20
C GLY B 646 35.57 4.24 22.40
N ALA B 647 36.35 5.29 22.13
CA ALA B 647 37.13 5.96 23.16
C ALA B 647 36.40 7.11 23.84
N ARG B 648 35.16 7.41 23.43
CA ARG B 648 34.42 8.47 24.09
C ARG B 648 34.12 8.17 25.57
N PRO B 649 33.57 7.00 25.95
CA PRO B 649 33.26 6.79 27.37
C PRO B 649 34.47 6.94 28.28
N LEU B 650 35.65 6.48 27.83
CA LEU B 650 36.86 6.68 28.61
C LEU B 650 37.05 8.15 28.95
N ARG B 651 36.88 9.03 27.96
CA ARG B 651 36.97 10.46 28.22
C ARG B 651 36.03 10.86 29.35
N ARG B 652 34.78 10.39 29.29
CA ARG B 652 33.82 10.70 30.34
C ARG B 652 34.37 10.28 31.70
N THR B 653 34.97 9.09 31.77
CA THR B 653 35.59 8.66 33.02
C THR B 653 36.63 9.67 33.49
N ILE B 654 37.54 10.06 32.60
CA ILE B 654 38.56 11.05 32.98
C ILE B 654 37.90 12.35 33.39
N GLN B 655 36.71 12.63 32.83
CA GLN B 655 36.00 13.84 33.21
C GLN B 655 35.42 13.71 34.61
N ARG B 656 34.88 12.55 34.95
CA ARG B 656 34.15 12.42 36.21
C ARG B 656 34.99 11.81 37.33
N GLU B 657 36.21 11.37 37.06
CA GLU B 657 37.05 10.76 38.08
C GLU B 657 38.27 11.59 38.44
N ILE B 658 38.74 12.47 37.56
CA ILE B 658 39.92 13.28 37.83
C ILE B 658 39.57 14.77 37.87
N GLU B 659 39.15 15.33 36.73
CA GLU B 659 39.05 16.78 36.63
C GLU B 659 37.88 17.36 37.42
N ASP B 660 36.98 16.53 37.95
CA ASP B 660 36.09 17.01 38.98
C ASP B 660 36.86 17.29 40.27
N SER B 661 37.53 16.26 40.80
CA SER B 661 38.23 16.41 42.07
C SER B 661 39.19 17.59 42.03
N LEU B 662 40.06 17.63 41.02
CA LEU B 662 40.99 18.73 40.86
C LEU B 662 40.25 20.06 40.92
N SER B 663 39.14 20.18 40.19
CA SER B 663 38.39 21.43 40.20
C SER B 663 38.04 21.84 41.62
N GLU B 664 37.48 20.91 42.40
CA GLU B 664 37.16 21.21 43.79
C GLU B 664 38.38 21.74 44.51
N LYS B 665 39.51 21.04 44.40
CA LYS B 665 40.73 21.50 45.06
C LYS B 665 41.11 22.89 44.56
N ILE B 666 41.04 23.09 43.24
CA ILE B 666 41.38 24.40 42.69
C ILE B 666 40.47 25.47 43.26
N LEU B 667 39.20 25.13 43.47
CA LEU B 667 38.28 26.10 44.04
C LEU B 667 38.53 26.28 45.53
N PHE B 668 38.99 25.22 46.21
CA PHE B 668 39.13 25.29 47.66
C PHE B 668 40.43 25.97 48.07
N GLY B 669 41.39 26.08 47.15
CA GLY B 669 42.69 26.60 47.49
C GLY B 669 43.66 25.59 48.05
N GLU B 670 43.33 24.30 47.98
CA GLU B 670 44.24 23.27 48.49
C GLU B 670 45.54 23.26 47.68
N LEU B 671 45.45 23.40 46.37
CA LEU B 671 46.61 23.43 45.49
C LEU B 671 46.61 24.72 44.68
N ARG B 672 47.78 25.30 44.52
CA ARG B 672 47.97 26.63 43.97
C ARG B 672 48.89 26.58 42.77
N PRO B 673 48.97 27.66 42.00
CA PRO B 673 49.99 27.72 40.94
C PRO B 673 51.38 27.54 41.51
N GLY B 674 52.23 26.84 40.75
CA GLY B 674 53.53 26.45 41.24
C GLY B 674 53.58 25.07 41.85
N HIS B 675 52.53 24.27 41.69
CA HIS B 675 52.48 22.91 42.21
C HIS B 675 52.00 21.98 41.10
N ILE B 676 52.24 20.69 41.31
CA ILE B 676 51.74 19.64 40.43
C ILE B 676 51.04 18.60 41.30
N VAL B 677 50.19 17.81 40.67
CA VAL B 677 49.37 16.81 41.35
C VAL B 677 49.86 15.43 40.95
N VAL B 678 50.20 14.63 41.94
CA VAL B 678 50.59 13.24 41.74
C VAL B 678 49.41 12.36 42.12
N VAL B 679 48.99 11.50 41.21
CA VAL B 679 47.81 10.66 41.38
C VAL B 679 48.27 9.21 41.54
N ASP B 680 47.79 8.55 42.58
CA ASP B 680 48.11 7.15 42.81
C ASP B 680 46.82 6.42 43.20
N THR B 681 46.91 5.11 43.35
CA THR B 681 45.73 4.30 43.65
C THR B 681 45.95 3.54 44.95
N GLU B 682 44.85 3.23 45.62
CA GLU B 682 44.86 2.48 46.86
C GLU B 682 43.77 1.42 46.83
N GLY B 683 43.99 0.34 47.56
CA GLY B 683 43.06 -0.77 47.59
C GLY B 683 43.35 -1.79 46.49
N GLU B 684 42.79 -2.98 46.68
CA GLU B 684 42.97 -4.08 45.73
C GLU B 684 41.66 -4.56 45.13
N GLY B 685 40.67 -4.88 45.96
CA GLY B 685 39.45 -5.49 45.45
C GLY B 685 38.72 -4.60 44.46
N GLU B 686 38.54 -3.34 44.81
CA GLU B 686 38.00 -2.35 43.88
C GLU B 686 39.03 -1.32 43.46
N THR B 687 40.11 -1.17 44.23
CA THR B 687 41.26 -0.30 43.95
C THR B 687 40.86 1.10 43.48
N LYS B 688 39.65 1.53 43.82
CA LYS B 688 39.13 2.80 43.35
C LYS B 688 39.29 3.86 44.44
N THR B 689 40.49 4.43 44.50
CA THR B 689 40.77 5.49 45.47
C THR B 689 41.16 6.79 44.78
N PHE B 690 42.17 6.72 43.90
CA PHE B 690 42.68 7.90 43.18
C PHE B 690 43.06 9.01 44.16
N THR B 691 44.07 8.73 44.97
CA THR B 691 44.59 9.73 45.88
C THR B 691 45.43 10.75 45.13
N PHE B 692 45.14 12.03 45.36
CA PHE B 692 45.88 13.14 44.78
C PHE B 692 46.73 13.80 45.84
N ARG B 693 48.00 14.04 45.54
CA ARG B 693 48.90 14.75 46.43
C ARG B 693 49.54 15.91 45.69
N GLY B 694 49.47 17.10 46.29
CA GLY B 694 50.05 18.28 45.66
C GLY B 694 51.45 18.58 46.14
N GLU B 695 52.42 18.58 45.22
CA GLU B 695 53.80 18.83 45.58
C GLU B 695 54.42 19.77 44.56
N GLU B 696 55.43 20.52 44.98
CA GLU B 696 56.06 21.50 44.10
C GLU B 696 56.76 20.80 42.94
N SER C 44 56.17 66.66 -4.46
CA SER C 44 55.51 67.06 -5.70
C SER C 44 54.20 67.77 -5.41
N LEU C 45 54.12 69.06 -5.80
CA LEU C 45 52.93 69.85 -5.54
C LEU C 45 51.71 69.33 -6.28
N VAL C 46 51.88 68.89 -7.53
CA VAL C 46 50.77 68.38 -8.32
C VAL C 46 50.17 67.15 -7.66
N LEU C 47 51.03 66.24 -7.20
CA LEU C 47 50.56 65.03 -6.53
C LEU C 47 49.98 65.32 -5.16
N ASP C 48 50.49 66.34 -4.47
CA ASP C 48 50.10 66.59 -3.08
C ASP C 48 48.66 67.07 -2.97
N GLN C 49 48.09 67.63 -4.04
CA GLN C 49 46.70 68.04 -3.99
C GLN C 49 45.77 66.85 -3.83
N PHE C 50 46.06 65.75 -4.52
CA PHE C 50 45.27 64.52 -4.45
C PHE C 50 46.17 63.39 -4.01
N GLY C 51 46.26 63.18 -2.70
CA GLY C 51 47.04 62.06 -2.20
C GLY C 51 47.90 62.38 -1.00
N ARG C 52 48.64 61.38 -0.52
CA ARG C 52 49.49 61.55 0.65
C ARG C 52 50.79 60.78 0.45
N ASN C 53 51.91 61.41 0.81
CA ASN C 53 53.22 60.79 0.62
C ASN C 53 53.48 59.84 1.78
N LEU C 54 53.59 58.54 1.47
CA LEU C 54 53.85 57.55 2.50
C LEU C 54 55.31 57.54 2.92
N THR C 55 56.23 57.80 1.98
CA THR C 55 57.65 57.77 2.31
C THR C 55 58.01 58.86 3.32
N GLN C 56 57.48 60.07 3.13
CA GLN C 56 57.76 61.14 4.07
C GLN C 56 57.17 60.84 5.44
N ALA C 57 55.96 60.28 5.47
CA ALA C 57 55.36 59.91 6.75
C ALA C 57 56.19 58.85 7.47
N ALA C 58 56.72 57.88 6.71
CA ALA C 58 57.61 56.89 7.32
C ALA C 58 58.89 57.54 7.82
N ARG C 59 59.40 58.53 7.09
CA ARG C 59 60.60 59.23 7.52
C ARG C 59 60.38 60.02 8.81
N GLU C 60 59.14 60.39 9.10
CA GLU C 60 58.81 61.11 10.33
C GLU C 60 58.44 60.18 11.47
N SER C 61 58.56 58.87 11.28
CA SER C 61 58.22 57.87 12.31
C SER C 61 56.77 57.99 12.74
N LYS C 62 55.89 58.31 11.78
CA LYS C 62 54.45 58.37 12.03
C LYS C 62 53.73 57.07 11.68
N LEU C 63 54.47 56.05 11.29
CA LEU C 63 53.90 54.75 10.95
C LEU C 63 54.32 53.72 11.98
N ASP C 64 53.36 52.94 12.45
CA ASP C 64 53.64 51.92 13.44
C ASP C 64 54.55 50.84 12.85
N PRO C 65 55.45 50.27 13.65
CA PRO C 65 56.36 49.26 13.12
C PRO C 65 55.62 48.00 12.67
N VAL C 66 56.20 47.33 11.69
CA VAL C 66 55.62 46.13 11.10
C VAL C 66 56.59 44.98 11.33
N ILE C 67 56.08 43.88 11.89
CA ILE C 67 56.91 42.78 12.37
C ILE C 67 56.43 41.49 11.72
N GLY C 68 57.39 40.71 11.21
CA GLY C 68 57.10 39.36 10.77
C GLY C 68 56.49 39.23 9.39
N ARG C 69 56.54 40.27 8.57
CA ARG C 69 55.97 40.24 7.23
C ARG C 69 57.06 40.24 6.16
N GLU C 70 58.14 39.50 6.41
CA GLU C 70 59.24 39.46 5.46
C GLU C 70 58.84 38.84 4.14
N LYS C 71 58.09 37.74 4.17
CA LYS C 71 57.72 37.06 2.93
C LYS C 71 56.81 37.91 2.06
N GLU C 72 55.81 38.56 2.67
CA GLU C 72 54.89 39.38 1.90
C GLU C 72 55.61 40.55 1.24
N ILE C 73 56.46 41.24 2.01
CA ILE C 73 57.20 42.37 1.46
C ILE C 73 58.16 41.92 0.37
N GLU C 74 58.81 40.77 0.58
CA GLU C 74 59.72 40.23 -0.41
C GLU C 74 59.00 39.93 -1.72
N ARG C 75 57.82 39.31 -1.63
CA ARG C 75 57.09 38.98 -2.85
C ARG C 75 56.53 40.23 -3.51
N VAL C 76 56.14 41.24 -2.73
CA VAL C 76 55.69 42.50 -3.32
C VAL C 76 56.82 43.15 -4.09
N MET C 77 58.02 43.19 -3.51
CA MET C 77 59.17 43.73 -4.25
C MET C 77 59.48 42.89 -5.47
N GLN C 78 59.34 41.57 -5.35
CA GLN C 78 59.57 40.67 -6.48
C GLN C 78 58.64 40.99 -7.64
N VAL C 79 57.35 41.19 -7.35
CA VAL C 79 56.39 41.50 -8.41
C VAL C 79 56.64 42.90 -8.96
N LEU C 80 56.98 43.86 -8.10
CA LEU C 80 57.17 45.24 -8.55
C LEU C 80 58.33 45.36 -9.53
N SER C 81 59.34 44.52 -9.40
CA SER C 81 60.49 44.56 -10.31
C SER C 81 60.30 43.62 -11.49
N ARG C 82 59.17 43.75 -12.17
CA ARG C 82 58.87 42.98 -13.36
C ARG C 82 58.88 43.88 -14.59
N ARG C 83 58.58 43.32 -15.75
CA ARG C 83 58.70 44.05 -17.00
C ARG C 83 57.35 44.53 -17.54
N THR C 84 56.31 43.70 -17.49
CA THR C 84 55.05 44.02 -18.15
C THR C 84 53.93 44.34 -17.16
N LYS C 85 53.63 43.44 -16.23
CA LYS C 85 52.58 43.67 -15.23
C LYS C 85 53.23 43.62 -13.86
N ASN C 86 53.76 44.75 -13.42
CA ASN C 86 54.31 44.88 -12.07
C ASN C 86 53.35 45.65 -11.17
N ASN C 87 52.14 45.12 -11.05
CA ASN C 87 51.06 45.75 -10.28
C ASN C 87 50.49 44.74 -9.30
N PRO C 88 51.05 44.63 -8.10
CA PRO C 88 50.52 43.68 -7.12
C PRO C 88 49.31 44.21 -6.37
N VAL C 89 48.39 43.29 -6.08
CA VAL C 89 47.22 43.57 -5.25
C VAL C 89 47.20 42.58 -4.10
N LEU C 90 46.98 43.08 -2.89
CA LEU C 90 46.95 42.25 -1.69
C LEU C 90 45.52 41.92 -1.31
N ILE C 91 45.20 40.63 -1.27
CA ILE C 91 43.88 40.15 -0.91
C ILE C 91 43.97 39.36 0.39
N GLY C 92 43.06 39.64 1.31
CA GLY C 92 43.08 39.01 2.61
C GLY C 92 41.81 39.32 3.36
N GLU C 93 41.75 38.84 4.60
CA GLU C 93 40.58 39.08 5.43
C GLU C 93 40.62 40.50 6.00
N PRO C 94 39.46 41.06 6.34
CA PRO C 94 39.43 42.45 6.81
C PRO C 94 39.98 42.62 8.22
N GLY C 95 41.30 42.74 8.33
CA GLY C 95 41.92 42.95 9.62
C GLY C 95 43.25 42.24 9.78
N VAL C 96 43.68 41.50 8.76
CA VAL C 96 44.92 40.73 8.86
C VAL C 96 46.17 41.57 8.66
N GLY C 97 46.02 42.84 8.28
CA GLY C 97 47.18 43.72 8.18
C GLY C 97 47.72 43.89 6.77
N LYS C 98 46.82 44.12 5.81
CA LYS C 98 47.27 44.37 4.44
C LYS C 98 47.97 45.71 4.31
N THR C 99 47.36 46.78 4.85
CA THR C 99 47.96 48.10 4.79
C THR C 99 49.28 48.14 5.56
N ALA C 100 49.38 47.37 6.64
CA ALA C 100 50.63 47.32 7.40
C ALA C 100 51.78 46.80 6.55
N VAL C 101 51.50 45.88 5.62
CA VAL C 101 52.55 45.38 4.73
C VAL C 101 53.10 46.52 3.89
N VAL C 102 52.21 47.36 3.36
CA VAL C 102 52.64 48.47 2.51
C VAL C 102 53.38 49.51 3.33
N GLU C 103 52.93 49.78 4.56
CA GLU C 103 53.64 50.72 5.41
C GLU C 103 55.02 50.19 5.77
N GLY C 104 55.14 48.89 6.00
CA GLY C 104 56.45 48.29 6.21
C GLY C 104 57.33 48.38 4.98
N LEU C 105 56.73 48.25 3.79
CA LEU C 105 57.47 48.45 2.56
C LEU C 105 58.00 49.89 2.46
N ALA C 106 57.17 50.85 2.85
CA ALA C 106 57.62 52.24 2.85
C ALA C 106 58.78 52.45 3.82
N GLN C 107 58.67 51.88 5.02
CA GLN C 107 59.74 51.99 6.00
C GLN C 107 61.02 51.32 5.48
N ALA C 108 60.87 50.22 4.75
CA ALA C 108 62.03 49.54 4.20
C ALA C 108 62.68 50.32 3.06
N ILE C 109 61.87 50.93 2.19
CA ILE C 109 62.46 51.64 1.06
C ILE C 109 63.15 52.91 1.53
N VAL C 110 62.57 53.61 2.50
CA VAL C 110 63.40 54.61 3.17
C VAL C 110 64.03 53.96 4.40
N LYS C 111 64.98 53.06 4.16
CA LYS C 111 65.95 52.63 5.17
C LYS C 111 67.27 52.34 4.48
N GLY C 112 67.23 52.23 3.16
CA GLY C 112 68.36 51.72 2.40
C GLY C 112 68.48 50.21 2.36
N GLU C 113 67.41 49.48 2.65
CA GLU C 113 67.45 48.02 2.76
C GLU C 113 66.61 47.32 1.69
N VAL C 114 66.46 47.92 0.52
CA VAL C 114 65.69 47.31 -0.56
C VAL C 114 66.60 47.04 -1.75
N PRO C 115 66.27 46.08 -2.61
CA PRO C 115 67.12 45.82 -3.78
C PRO C 115 67.11 46.98 -4.78
N GLU C 116 67.88 46.85 -5.85
CA GLU C 116 67.98 47.92 -6.83
C GLU C 116 66.65 48.11 -7.55
N THR C 117 66.59 49.17 -8.35
CA THR C 117 65.39 49.61 -9.07
C THR C 117 64.24 50.02 -8.15
N LEU C 118 64.47 49.97 -6.83
CA LEU C 118 63.48 50.45 -5.86
C LEU C 118 64.04 51.49 -4.90
N LYS C 119 65.34 51.75 -4.90
CA LYS C 119 65.91 52.70 -3.96
C LYS C 119 65.42 54.11 -4.27
N ASP C 120 65.15 54.87 -3.21
CA ASP C 120 64.74 56.27 -3.30
C ASP C 120 63.42 56.44 -4.05
N LYS C 121 62.62 55.40 -4.16
CA LYS C 121 61.29 55.54 -4.72
C LYS C 121 60.36 56.22 -3.73
N HIS C 122 59.29 56.81 -4.24
CA HIS C 122 58.35 57.57 -3.42
C HIS C 122 56.97 56.96 -3.55
N LEU C 123 56.42 56.50 -2.43
CA LEU C 123 55.10 55.88 -2.38
C LEU C 123 54.06 56.95 -2.07
N TYR C 124 53.13 57.16 -2.99
CA TYR C 124 52.00 58.04 -2.76
C TYR C 124 50.70 57.26 -2.72
N THR C 125 49.95 57.45 -1.64
CA THR C 125 48.61 56.89 -1.49
C THR C 125 47.67 57.82 -2.22
N LEU C 126 47.06 57.32 -3.28
CA LEU C 126 46.12 58.10 -4.07
C LEU C 126 44.77 58.15 -3.38
N ASP C 127 44.08 59.29 -3.51
CA ASP C 127 42.85 59.50 -2.74
C ASP C 127 41.66 58.81 -3.39
N LEU C 128 41.37 59.14 -4.65
CA LEU C 128 40.16 58.76 -5.40
C LEU C 128 38.91 59.39 -4.82
N GLY C 129 39.02 60.22 -3.79
CA GLY C 129 37.87 60.95 -3.28
C GLY C 129 37.93 62.39 -3.70
N ALA C 130 39.14 62.97 -3.69
CA ALA C 130 39.31 64.33 -4.18
C ALA C 130 39.25 64.39 -5.71
N LEU C 131 39.66 63.32 -6.39
CA LEU C 131 39.59 63.30 -7.85
C LEU C 131 38.15 63.44 -8.34
N VAL C 132 37.22 62.71 -7.71
CA VAL C 132 35.83 62.78 -8.14
C VAL C 132 35.16 64.02 -7.56
N ALA C 133 35.65 64.50 -6.42
CA ALA C 133 35.16 65.75 -5.85
C ALA C 133 35.53 66.91 -6.76
N GLY C 134 34.61 67.85 -6.93
CA GLY C 134 34.83 68.96 -7.84
C GLY C 134 34.91 68.55 -9.29
N SER C 135 34.06 67.62 -9.72
CA SER C 135 34.01 67.18 -11.10
C SER C 135 32.65 67.54 -11.68
N ARG C 136 32.20 68.77 -11.41
CA ARG C 136 30.84 69.18 -11.74
C ARG C 136 30.57 69.12 -13.24
N TYR C 137 31.48 69.65 -14.04
CA TYR C 137 31.24 69.74 -15.47
C TYR C 137 31.86 68.56 -16.21
N ARG C 138 31.42 68.37 -17.46
CA ARG C 138 31.94 67.31 -18.29
C ARG C 138 33.44 67.51 -18.55
N GLY C 139 34.18 66.40 -18.56
CA GLY C 139 35.60 66.46 -18.83
C GLY C 139 36.42 67.11 -17.74
N ASP C 140 35.95 67.06 -16.49
CA ASP C 140 36.72 67.52 -15.35
C ASP C 140 37.44 66.40 -14.63
N PHE C 141 36.76 65.28 -14.40
CA PHE C 141 37.39 64.16 -13.71
C PHE C 141 38.54 63.60 -14.54
N GLU C 142 38.33 63.43 -15.85
CA GLU C 142 39.36 62.90 -16.72
C GLU C 142 40.55 63.85 -16.80
N GLU C 143 40.29 65.15 -16.76
CA GLU C 143 41.38 66.13 -16.83
C GLU C 143 42.33 65.97 -15.66
N ARG C 144 41.80 65.68 -14.47
CA ARG C 144 42.67 65.47 -13.32
C ARG C 144 43.56 64.25 -13.51
N LEU C 145 42.99 63.14 -13.99
CA LEU C 145 43.77 61.92 -14.18
C LEU C 145 44.87 62.10 -15.22
N LYS C 146 44.56 62.77 -16.33
CA LYS C 146 45.58 62.99 -17.35
C LYS C 146 46.72 63.84 -16.78
N LYS C 147 46.38 64.88 -16.02
CA LYS C 147 47.41 65.74 -15.44
C LYS C 147 48.30 65.00 -14.47
N VAL C 148 47.69 64.24 -13.54
CA VAL C 148 48.50 63.53 -12.55
C VAL C 148 49.30 62.42 -13.20
N LEU C 149 48.73 61.75 -14.21
CA LEU C 149 49.48 60.71 -14.92
C LEU C 149 50.66 61.29 -15.69
N LYS C 150 50.49 62.46 -16.30
CA LYS C 150 51.62 63.12 -16.95
C LYS C 150 52.67 63.50 -15.93
N GLU C 151 52.24 63.95 -14.75
CA GLU C 151 53.19 64.23 -13.68
C GLU C 151 53.97 62.98 -13.28
N ILE C 152 53.27 61.85 -13.17
CA ILE C 152 53.93 60.59 -12.83
C ILE C 152 54.94 60.22 -13.91
N ARG C 153 54.56 60.38 -15.17
CA ARG C 153 55.48 60.05 -16.26
C ARG C 153 56.71 60.96 -16.23
N THR C 154 56.52 62.25 -15.97
CA THR C 154 57.65 63.17 -15.89
C THR C 154 58.57 62.82 -14.72
N ARG C 155 58.01 62.52 -13.56
CA ARG C 155 58.78 62.19 -12.37
C ARG C 155 58.69 60.67 -12.18
N GLY C 156 59.68 59.96 -12.70
CA GLY C 156 59.57 58.51 -12.86
C GLY C 156 59.62 57.72 -11.57
N ASP C 157 60.19 58.27 -10.51
CA ASP C 157 60.38 57.51 -9.26
C ASP C 157 59.19 57.70 -8.32
N ILE C 158 58.00 57.34 -8.82
CA ILE C 158 56.77 57.46 -8.06
C ILE C 158 56.00 56.15 -8.18
N ILE C 159 55.49 55.64 -7.07
CA ILE C 159 54.67 54.44 -7.04
C ILE C 159 53.34 54.77 -6.38
N LEU C 160 52.24 54.48 -7.08
CA LEU C 160 50.91 54.74 -6.57
C LEU C 160 50.43 53.57 -5.70
N PHE C 161 49.65 53.91 -4.68
CA PHE C 161 49.07 52.93 -3.77
C PHE C 161 47.60 53.28 -3.58
N ILE C 162 46.72 52.30 -3.78
CA ILE C 162 45.29 52.53 -3.78
C ILE C 162 44.65 51.60 -2.76
N ASP C 163 44.16 52.15 -1.66
CA ASP C 163 43.29 51.39 -0.77
C ASP C 163 41.92 51.19 -1.42
N ALA C 164 41.30 50.06 -1.10
CA ALA C 164 39.99 49.69 -1.65
C ALA C 164 40.00 49.79 -3.18
N LEU C 165 40.85 48.96 -3.79
CA LEU C 165 40.98 48.94 -5.25
C LEU C 165 39.65 48.61 -5.93
N HIS C 166 38.74 47.94 -5.23
CA HIS C 166 37.47 47.53 -5.83
C HIS C 166 36.64 48.72 -6.28
N THR C 167 36.79 49.89 -5.65
CA THR C 167 36.03 51.05 -6.07
C THR C 167 36.61 51.72 -7.31
N LEU C 168 37.76 51.24 -7.79
CA LEU C 168 38.33 51.80 -9.00
C LEU C 168 37.41 51.60 -10.20
N VAL C 169 36.81 50.42 -10.30
CA VAL C 169 35.90 50.13 -11.41
C VAL C 169 34.63 50.97 -11.27
N GLY C 170 34.22 51.62 -12.35
CA GLY C 170 33.03 52.43 -12.35
C GLY C 170 33.16 53.76 -11.62
N ALA C 171 34.33 54.06 -11.07
CA ALA C 171 34.48 55.28 -10.27
C ALA C 171 34.32 56.54 -11.10
N GLY C 172 34.44 56.46 -12.42
CA GLY C 172 34.38 57.65 -13.24
C GLY C 172 33.04 58.35 -13.22
N ALA C 173 32.04 57.77 -13.86
CA ALA C 173 30.70 58.35 -13.94
C ALA C 173 29.73 57.46 -14.70
N ALA C 174 28.47 57.86 -14.73
CA ALA C 174 27.48 57.32 -15.64
C ALA C 174 27.53 58.13 -16.93
N GLU C 175 26.51 57.98 -17.79
CA GLU C 175 26.38 58.70 -19.04
C GLU C 175 27.69 58.83 -19.82
N GLY C 176 27.94 59.98 -20.44
CA GLY C 176 29.09 60.14 -21.31
C GLY C 176 30.39 60.41 -20.61
N ALA C 177 30.92 59.42 -19.89
CA ALA C 177 32.20 59.56 -19.22
C ALA C 177 32.75 58.17 -18.93
N ILE C 178 33.99 57.92 -19.36
CA ILE C 178 34.63 56.64 -19.11
C ILE C 178 35.26 56.65 -17.71
N ASP C 179 35.24 55.50 -17.06
CA ASP C 179 35.73 55.41 -15.70
C ASP C 179 37.26 55.51 -15.66
N ALA C 180 37.78 55.58 -14.44
CA ALA C 180 39.24 55.62 -14.26
C ALA C 180 39.89 54.32 -14.68
N ALA C 181 39.17 53.20 -14.57
CA ALA C 181 39.74 51.92 -14.96
C ALA C 181 40.08 51.88 -16.45
N SER C 182 39.17 52.38 -17.28
CA SER C 182 39.42 52.40 -18.72
C SER C 182 40.61 53.28 -19.05
N ILE C 183 40.75 54.41 -18.36
CA ILE C 183 41.87 55.30 -18.58
C ILE C 183 43.18 54.63 -18.18
N LEU C 184 43.18 53.90 -17.06
CA LEU C 184 44.40 53.31 -16.55
C LEU C 184 44.77 51.99 -17.22
N LYS C 185 43.84 51.35 -17.92
CA LYS C 185 44.14 50.05 -18.55
C LYS C 185 45.34 50.09 -19.49
N PRO C 186 45.45 51.03 -20.44
CA PRO C 186 46.58 50.97 -21.38
C PRO C 186 47.94 51.03 -20.71
N MET C 187 48.09 51.84 -19.67
CA MET C 187 49.39 51.99 -19.03
C MET C 187 49.71 50.80 -18.13
N LEU C 188 48.70 50.26 -17.45
CA LEU C 188 48.95 49.16 -16.52
C LEU C 188 49.44 47.91 -17.24
N ALA C 189 48.78 47.55 -18.35
CA ALA C 189 49.15 46.33 -19.06
C ALA C 189 50.54 46.42 -19.65
N ARG C 190 50.88 47.57 -20.24
CA ARG C 190 52.18 47.72 -20.88
C ARG C 190 53.31 47.86 -19.85
N GLY C 191 53.03 48.43 -18.69
CA GLY C 191 54.01 48.47 -17.61
C GLY C 191 54.77 49.76 -17.47
N GLU C 192 54.08 50.90 -17.56
CA GLU C 192 54.68 52.20 -17.34
C GLU C 192 54.14 52.89 -16.09
N LEU C 193 53.35 52.19 -15.28
CA LEU C 193 52.74 52.77 -14.09
C LEU C 193 52.66 51.68 -13.01
N GLN C 194 53.66 51.65 -12.13
CA GLN C 194 53.61 50.74 -11.00
C GLN C 194 52.52 51.16 -10.04
N THR C 195 51.81 50.18 -9.49
CA THR C 195 50.67 50.45 -8.63
C THR C 195 50.46 49.28 -7.68
N ILE C 196 50.20 49.59 -6.41
CA ILE C 196 49.93 48.59 -5.39
C ILE C 196 48.50 48.77 -4.90
N GLY C 197 47.71 47.69 -5.00
CA GLY C 197 46.33 47.72 -4.56
C GLY C 197 46.12 46.79 -3.37
N ALA C 198 44.95 46.93 -2.74
CA ALA C 198 44.62 46.11 -1.58
C ALA C 198 43.11 46.03 -1.43
N THR C 199 42.58 44.80 -1.43
CA THR C 199 41.15 44.57 -1.24
C THR C 199 40.96 43.32 -0.40
N THR C 200 39.78 43.22 0.22
CA THR C 200 39.42 41.98 0.89
C THR C 200 38.91 40.98 -0.14
N LEU C 201 38.86 39.71 0.26
CA LEU C 201 38.49 38.65 -0.68
C LEU C 201 37.08 38.85 -1.22
N ASP C 202 36.13 39.16 -0.34
CA ASP C 202 34.74 39.29 -0.77
C ASP C 202 34.55 40.42 -1.76
N GLU C 203 35.16 41.59 -1.47
CA GLU C 203 35.00 42.73 -2.37
C GLU C 203 35.84 42.57 -3.63
N TYR C 204 36.97 41.86 -3.54
CA TYR C 204 37.74 41.54 -4.74
C TYR C 204 36.94 40.65 -5.68
N ARG C 205 36.24 39.66 -5.13
CA ARG C 205 35.43 38.75 -5.91
C ARG C 205 34.12 39.35 -6.40
N LYS C 206 33.57 40.32 -5.67
CA LYS C 206 32.24 40.84 -5.96
C LYS C 206 32.25 42.03 -6.91
N HIS C 207 33.31 42.84 -6.91
CA HIS C 207 33.38 44.02 -7.74
C HIS C 207 34.49 43.95 -8.78
N LEU C 208 35.71 43.62 -8.37
CA LEU C 208 36.82 43.63 -9.31
C LEU C 208 36.72 42.49 -10.32
N GLU C 209 35.89 41.49 -10.05
CA GLU C 209 35.80 40.34 -10.96
C GLU C 209 34.71 40.47 -12.01
N LYS C 210 33.91 41.54 -11.97
CA LYS C 210 33.01 41.78 -13.11
C LYS C 210 33.72 42.43 -14.29
N ASP C 211 34.95 42.90 -14.10
CA ASP C 211 35.76 43.49 -15.16
C ASP C 211 37.04 42.67 -15.26
N ALA C 212 36.99 41.61 -16.07
CA ALA C 212 38.15 40.72 -16.19
C ALA C 212 39.34 41.39 -16.84
N ALA C 213 39.08 42.33 -17.76
CA ALA C 213 40.18 43.04 -18.43
C ALA C 213 41.02 43.81 -17.42
N LEU C 214 40.36 44.46 -16.45
CA LEU C 214 41.11 45.13 -15.39
C LEU C 214 41.74 44.14 -14.43
N GLU C 215 41.04 43.03 -14.16
CA GLU C 215 41.54 42.07 -13.19
C GLU C 215 42.83 41.42 -13.66
N ARG C 216 42.93 41.11 -14.97
CA ARG C 216 44.11 40.40 -15.46
C ARG C 216 45.38 41.24 -15.40
N ARG C 217 45.27 42.54 -15.15
CA ARG C 217 46.43 43.42 -15.06
C ARG C 217 47.01 43.50 -13.66
N PHE C 218 46.47 42.74 -12.71
CA PHE C 218 46.95 42.74 -11.34
C PHE C 218 47.32 41.32 -10.92
N GLN C 219 48.44 41.19 -10.20
CA GLN C 219 48.88 39.90 -9.70
C GLN C 219 48.51 39.79 -8.24
N PRO C 220 47.58 38.91 -7.87
CA PRO C 220 47.12 38.85 -6.48
C PRO C 220 48.13 38.17 -5.56
N ILE C 221 48.29 38.75 -4.38
CA ILE C 221 49.13 38.19 -3.33
C ILE C 221 48.26 38.04 -2.08
N GLN C 222 48.25 36.84 -1.52
CA GLN C 222 47.39 36.55 -0.37
C GLN C 222 48.14 36.82 0.92
N VAL C 223 47.52 37.58 1.82
CA VAL C 223 48.08 37.88 3.13
C VAL C 223 47.32 37.04 4.14
N ALA C 224 48.00 36.09 4.76
CA ALA C 224 47.36 35.13 5.65
C ALA C 224 47.29 35.67 7.07
N GLU C 225 46.28 35.22 7.80
CA GLU C 225 46.12 35.62 9.19
C GLU C 225 47.28 35.09 10.02
N PRO C 226 47.90 35.92 10.86
CA PRO C 226 49.05 35.46 11.64
C PRO C 226 48.66 34.43 12.68
N SER C 227 49.63 33.58 13.02
CA SER C 227 49.43 32.57 14.04
C SER C 227 49.56 33.19 15.43
N LEU C 228 49.46 32.34 16.46
CA LEU C 228 49.55 32.84 17.83
C LEU C 228 50.93 33.39 18.17
N PRO C 229 52.04 32.67 17.95
CA PRO C 229 53.35 33.28 18.28
C PRO C 229 53.65 34.53 17.48
N HIS C 230 53.20 34.57 16.21
CA HIS C 230 53.36 35.78 15.41
C HIS C 230 52.59 36.94 16.03
N THR C 231 51.39 36.67 16.53
CA THR C 231 50.63 37.71 17.22
C THR C 231 51.33 38.18 18.48
N ILE C 232 51.96 37.24 19.20
CA ILE C 232 52.73 37.62 20.39
C ILE C 232 53.87 38.56 20.00
N GLU C 233 54.58 38.23 18.92
CA GLU C 233 55.67 39.09 18.46
C GLU C 233 55.16 40.45 18.04
N ILE C 234 54.02 40.51 17.36
CA ILE C 234 53.45 41.78 16.95
C ILE C 234 53.09 42.62 18.18
N LEU C 235 52.48 41.99 19.18
CA LEU C 235 52.13 42.71 20.40
C LEU C 235 53.37 43.22 21.12
N LYS C 236 54.43 42.41 21.17
CA LYS C 236 55.67 42.87 21.79
C LYS C 236 56.26 44.05 21.03
N GLY C 237 56.18 44.02 19.70
CA GLY C 237 56.68 45.14 18.91
C GLY C 237 55.89 46.42 19.15
N LEU C 238 54.56 46.31 19.24
CA LEU C 238 53.73 47.49 19.40
C LEU C 238 53.54 47.91 20.85
N ARG C 239 54.07 47.14 21.81
CA ARG C 239 53.94 47.51 23.22
C ARG C 239 54.55 48.86 23.51
N ASP C 240 55.75 49.11 22.96
CA ASP C 240 56.43 50.38 23.24
C ASP C 240 55.63 51.56 22.72
N ARG C 241 55.08 51.45 21.51
CA ARG C 241 54.28 52.53 20.96
C ARG C 241 53.00 52.73 21.73
N TYR C 242 52.33 51.64 22.12
CA TYR C 242 51.04 51.78 22.81
C TYR C 242 51.20 52.21 24.26
N GLU C 243 52.36 51.98 24.87
CA GLU C 243 52.57 52.45 26.24
C GLU C 243 52.62 53.97 26.29
N ALA C 244 53.27 54.59 25.31
CA ALA C 244 53.50 56.03 25.37
C ALA C 244 52.19 56.81 25.31
N HIS C 245 51.26 56.41 24.44
CA HIS C 245 50.01 57.14 24.32
C HIS C 245 49.21 57.10 25.61
N HIS C 246 49.15 55.93 26.25
CA HIS C 246 48.44 55.79 27.52
C HIS C 246 49.33 56.11 28.73
N ARG C 247 50.64 56.23 28.53
CA ARG C 247 51.58 56.52 29.62
C ARG C 247 51.51 55.45 30.72
N VAL C 248 51.35 54.19 30.31
CA VAL C 248 51.25 53.07 31.24
C VAL C 248 52.33 52.05 30.95
N SER C 249 52.33 50.95 31.69
CA SER C 249 53.24 49.84 31.47
C SER C 249 52.44 48.56 31.27
N ILE C 250 52.82 47.77 30.27
CA ILE C 250 52.17 46.52 29.95
C ILE C 250 53.14 45.39 30.29
N THR C 251 52.74 44.51 31.19
CA THR C 251 53.62 43.42 31.58
C THR C 251 53.69 42.37 30.48
N ASP C 252 54.70 41.50 30.59
CA ASP C 252 54.91 40.49 29.57
C ASP C 252 53.75 39.50 29.50
N GLU C 253 53.21 39.10 30.65
CA GLU C 253 52.13 38.13 30.67
C GLU C 253 50.84 38.70 30.10
N ALA C 254 50.66 40.02 30.16
CA ALA C 254 49.45 40.64 29.64
C ALA C 254 49.31 40.41 28.14
N LEU C 255 50.42 40.50 27.40
CA LEU C 255 50.37 40.29 25.96
C LEU C 255 49.93 38.86 25.62
N VAL C 256 50.51 37.88 26.31
CA VAL C 256 50.14 36.48 26.06
C VAL C 256 48.68 36.26 26.41
N GLN C 257 48.24 36.80 27.55
CA GLN C 257 46.85 36.63 27.95
C GLN C 257 45.91 37.26 26.94
N ALA C 258 46.22 38.47 26.48
CA ALA C 258 45.36 39.13 25.50
C ALA C 258 45.29 38.34 24.20
N ALA C 259 46.44 37.89 23.70
CA ALA C 259 46.44 37.13 22.45
C ALA C 259 45.62 35.85 22.59
N THR C 260 45.85 35.08 23.66
CA THR C 260 45.14 33.82 23.82
C THR C 260 43.64 34.04 23.99
N LEU C 261 43.26 34.98 24.86
CA LEU C 261 41.84 35.21 25.11
C LEU C 261 41.14 35.73 23.87
N ALA C 262 41.78 36.64 23.12
CA ALA C 262 41.16 37.13 21.90
C ALA C 262 41.03 36.01 20.87
N ASP C 263 42.05 35.16 20.74
CA ASP C 263 41.97 34.05 19.80
C ASP C 263 40.89 33.05 20.19
N ARG C 264 40.63 32.89 21.47
CA ARG C 264 39.71 31.84 21.91
C ARG C 264 38.26 32.29 22.04
N TYR C 265 38.02 33.53 22.51
CA TYR C 265 36.69 33.92 22.93
C TYR C 265 36.01 34.91 21.99
N ILE C 266 36.67 35.35 20.92
CA ILE C 266 36.08 36.26 19.95
C ILE C 266 36.09 35.58 18.59
N SER C 267 34.96 35.59 17.90
CA SER C 267 34.77 34.79 16.69
C SER C 267 34.67 35.61 15.42
N ASP C 268 33.95 36.73 15.43
CA ASP C 268 33.66 37.44 14.19
C ASP C 268 34.80 38.32 13.70
N ARG C 269 35.82 38.54 14.51
CA ARG C 269 36.97 39.37 14.13
C ARG C 269 38.17 38.48 13.84
N PHE C 270 39.26 39.11 13.42
CA PHE C 270 40.46 38.40 13.03
C PHE C 270 41.63 38.78 13.94
N LEU C 271 42.58 37.86 14.06
CA LEU C 271 43.51 37.78 15.17
C LEU C 271 44.38 39.01 15.40
N PRO C 272 45.10 39.54 14.40
CA PRO C 272 46.07 40.62 14.70
C PRO C 272 45.42 41.89 15.20
N ASP C 273 44.12 42.05 14.97
CA ASP C 273 43.39 43.25 15.38
C ASP C 273 42.74 43.11 16.75
N LYS C 274 42.18 41.95 17.07
CA LYS C 274 41.44 41.78 18.31
C LYS C 274 42.35 41.88 19.54
N ALA C 275 43.56 41.30 19.46
CA ALA C 275 44.48 41.40 20.59
C ALA C 275 44.93 42.84 20.82
N ILE C 276 45.19 43.57 19.74
CA ILE C 276 45.52 44.99 19.86
C ILE C 276 44.36 45.75 20.48
N ASP C 277 43.14 45.43 20.07
CA ASP C 277 41.96 46.04 20.67
C ASP C 277 41.92 45.79 22.17
N LEU C 278 42.17 44.54 22.59
CA LEU C 278 42.16 44.22 24.01
C LEU C 278 43.19 45.04 24.79
N ILE C 279 44.44 45.03 24.32
CA ILE C 279 45.51 45.73 25.02
C ILE C 279 45.20 47.21 25.11
N ASP C 280 44.80 47.80 23.98
CA ASP C 280 44.57 49.24 23.91
C ASP C 280 43.40 49.65 24.80
N GLU C 281 42.32 48.87 24.78
CA GLU C 281 41.17 49.22 25.60
C GLU C 281 41.46 49.03 27.07
N ALA C 282 42.27 48.04 27.44
CA ALA C 282 42.66 47.89 28.83
C ALA C 282 43.47 49.09 29.30
N GLY C 283 44.41 49.53 28.47
CA GLY C 283 45.21 50.69 28.80
C GLY C 283 44.38 51.94 28.97
N SER C 284 43.46 52.17 28.02
CA SER C 284 42.55 53.30 28.12
C SER C 284 41.71 53.22 29.38
N ARG C 285 41.19 52.03 29.68
CA ARG C 285 40.39 51.84 30.89
C ARG C 285 41.16 52.26 32.13
N MET C 286 42.38 51.77 32.28
CA MET C 286 43.06 51.99 33.55
C MET C 286 43.58 53.41 33.66
N ARG C 287 43.99 54.03 32.54
CA ARG C 287 44.30 55.45 32.61
C ARG C 287 43.09 56.30 32.95
N ILE C 288 41.91 55.94 32.45
CA ILE C 288 40.70 56.61 32.89
C ILE C 288 40.49 56.39 34.38
N ARG C 289 40.84 55.20 34.87
CA ARG C 289 40.72 54.90 36.30
C ARG C 289 41.59 55.83 37.13
N ARG C 290 42.83 56.05 36.70
CA ARG C 290 43.76 56.90 37.45
C ARG C 290 43.33 58.36 37.39
N VAL C 352 53.04 54.90 39.80
CA VAL C 352 53.40 54.18 38.58
C VAL C 352 52.21 53.35 38.12
N ALA C 353 52.09 53.16 36.81
CA ALA C 353 50.97 52.44 36.22
C ALA C 353 51.47 51.16 35.57
N GLU C 354 50.81 50.04 35.90
CA GLU C 354 51.12 48.74 35.33
C GLU C 354 49.84 48.02 34.96
N VAL C 355 49.81 47.44 33.76
CA VAL C 355 48.66 46.71 33.25
C VAL C 355 49.03 45.23 33.22
N ASP C 356 48.24 44.41 33.89
CA ASP C 356 48.49 42.97 33.99
C ASP C 356 47.35 42.21 33.32
N GLY C 357 47.47 40.87 33.32
CA GLY C 357 46.52 40.04 32.61
C GLY C 357 45.11 40.11 33.16
N GLU C 358 44.98 40.42 34.46
CA GLU C 358 43.66 40.48 35.08
C GLU C 358 42.80 41.57 34.46
N LEU C 359 43.42 42.72 34.15
CA LEU C 359 42.69 43.78 33.46
C LEU C 359 42.20 43.32 32.10
N ILE C 360 43.03 42.57 31.37
CA ILE C 360 42.63 42.05 30.06
C ILE C 360 41.44 41.11 30.22
N ALA C 361 41.52 40.20 31.20
CA ALA C 361 40.42 39.24 31.39
C ALA C 361 39.13 39.95 31.76
N GLU C 362 39.21 40.94 32.65
CA GLU C 362 38.01 41.67 33.05
C GLU C 362 37.42 42.44 31.87
N VAL C 363 38.28 43.06 31.05
CA VAL C 363 37.80 43.80 29.89
C VAL C 363 37.10 42.86 28.91
N LEU C 364 37.70 41.70 28.65
CA LEU C 364 37.08 40.75 27.72
C LEU C 364 35.75 40.22 28.28
N ALA C 365 35.71 39.95 29.59
CA ALA C 365 34.46 39.47 30.18
C ALA C 365 33.37 40.52 30.09
N THR C 366 33.72 41.79 30.33
CA THR C 366 32.73 42.86 30.19
C THR C 366 32.26 42.99 28.74
N ALA C 367 33.19 42.86 27.79
CA ALA C 367 32.84 43.04 26.38
C ALA C 367 31.94 41.92 25.88
N THR C 368 32.27 40.67 26.18
CA THR C 368 31.55 39.53 25.61
C THR C 368 30.49 38.95 26.53
N GLY C 369 30.70 38.98 27.84
CA GLY C 369 29.80 38.38 28.78
C GLY C 369 30.24 37.05 29.34
N ILE C 370 31.21 36.40 28.70
CA ILE C 370 31.75 35.14 29.19
C ILE C 370 32.61 35.42 30.42
N PRO C 371 32.36 34.78 31.56
CA PRO C 371 33.17 35.04 32.76
C PRO C 371 34.52 34.35 32.67
N VAL C 372 35.57 35.15 32.49
CA VAL C 372 36.92 34.62 32.35
C VAL C 372 37.84 35.28 33.37
N PHE C 373 37.29 36.25 34.11
CA PHE C 373 38.08 36.95 35.13
C PHE C 373 38.38 36.02 36.30
N LYS C 374 39.28 36.48 37.17
CA LYS C 374 39.81 35.63 38.23
C LYS C 374 38.74 35.33 39.28
N LEU C 375 38.95 34.23 39.99
CA LEU C 375 38.05 33.79 41.04
C LEU C 375 38.38 34.51 42.34
N THR C 376 37.38 35.12 42.94
CA THR C 376 37.51 35.70 44.26
C THR C 376 37.11 34.66 45.31
N GLU C 377 37.47 34.94 46.56
CA GLU C 377 37.10 34.04 47.65
C GLU C 377 35.58 33.96 47.80
N GLU C 378 34.90 35.09 47.65
CA GLU C 378 33.44 35.08 47.69
C GLU C 378 32.87 34.23 46.57
N GLU C 379 33.42 34.37 45.36
CA GLU C 379 32.95 33.58 44.23
C GLU C 379 33.25 32.10 44.42
N SER C 380 34.42 31.77 44.98
CA SER C 380 34.74 30.37 45.24
C SER C 380 33.78 29.78 46.25
N SER C 381 33.48 30.51 47.33
CA SER C 381 32.54 30.02 48.32
C SER C 381 31.15 29.85 47.71
N ARG C 382 30.73 30.79 46.87
CA ARG C 382 29.42 30.68 46.23
C ARG C 382 29.36 29.46 45.31
N LEU C 383 30.44 29.22 44.55
CA LEU C 383 30.47 28.06 43.68
C LEU C 383 30.48 26.76 44.48
N LEU C 384 31.07 26.79 45.69
CA LEU C 384 31.07 25.60 46.53
C LEU C 384 29.71 25.37 47.19
N ARG C 385 28.94 26.42 47.46
CA ARG C 385 27.62 26.30 48.04
C ARG C 385 26.52 26.41 46.99
N MET C 386 26.91 26.27 45.71
CA MET C 386 25.95 26.26 44.62
C MET C 386 24.82 25.27 44.85
N GLU C 387 25.12 24.09 45.40
CA GLU C 387 24.06 23.12 45.63
C GLU C 387 23.01 23.64 46.60
N ASP C 388 23.45 24.22 47.71
CA ASP C 388 22.52 24.79 48.67
C ASP C 388 21.76 25.97 48.08
N GLU C 389 22.43 26.75 47.24
CA GLU C 389 21.77 27.87 46.58
C GLU C 389 20.67 27.38 45.65
N LEU C 390 20.92 26.29 44.93
CA LEU C 390 19.94 25.76 43.99
C LEU C 390 18.79 25.06 44.71
N HIS C 391 19.06 24.46 45.87
CA HIS C 391 18.01 23.74 46.58
C HIS C 391 16.95 24.67 47.17
N LYS C 392 17.17 25.98 47.18
CA LYS C 392 16.13 26.90 47.62
C LYS C 392 14.95 26.95 46.67
N ARG C 393 15.13 26.48 45.43
CA ARG C 393 14.06 26.44 44.44
C ARG C 393 13.58 25.03 44.12
N VAL C 394 14.45 24.04 44.24
CA VAL C 394 14.13 22.65 43.91
C VAL C 394 14.30 21.82 45.18
N ILE C 395 13.27 21.03 45.50
CA ILE C 395 13.29 20.15 46.67
C ILE C 395 13.56 18.73 46.19
N GLY C 396 14.53 18.07 46.82
CA GLY C 396 14.92 16.76 46.36
C GLY C 396 15.76 16.87 45.09
N GLN C 397 15.78 15.77 44.33
CA GLN C 397 16.53 15.67 43.08
C GLN C 397 17.99 16.06 43.29
N VAL C 398 18.63 15.38 44.24
CA VAL C 398 20.00 15.73 44.62
C VAL C 398 20.97 15.47 43.48
N ASP C 399 20.79 14.35 42.77
CA ASP C 399 21.76 13.95 41.76
C ASP C 399 21.87 14.95 40.62
N ALA C 400 20.74 15.45 40.13
CA ALA C 400 20.77 16.40 39.03
C ALA C 400 21.44 17.71 39.45
N VAL C 401 21.12 18.21 40.64
CA VAL C 401 21.74 19.43 41.13
C VAL C 401 23.25 19.23 41.30
N LYS C 402 23.64 18.05 41.80
CA LYS C 402 25.07 17.76 41.95
C LYS C 402 25.77 17.73 40.60
N ALA C 403 25.14 17.14 39.59
CA ALA C 403 25.74 17.09 38.26
C ALA C 403 25.90 18.49 37.68
N LEU C 404 24.85 19.32 37.81
CA LEU C 404 24.95 20.69 37.30
C LEU C 404 26.05 21.47 38.02
N SER C 405 26.13 21.32 39.35
CA SER C 405 27.16 22.00 40.10
C SER C 405 28.55 21.55 39.69
N LYS C 406 28.72 20.24 39.47
CA LYS C 406 30.01 19.73 39.03
C LYS C 406 30.40 20.30 37.67
N ALA C 407 29.44 20.38 36.76
CA ALA C 407 29.72 20.95 35.44
C ALA C 407 30.13 22.42 35.55
N ILE C 408 29.40 23.19 36.34
CA ILE C 408 29.74 24.61 36.49
C ILE C 408 31.10 24.78 37.15
N ARG C 409 31.41 23.92 38.13
CA ARG C 409 32.69 24.02 38.81
C ARG C 409 33.84 23.65 37.88
N ARG C 410 33.64 22.65 37.01
CA ARG C 410 34.65 22.36 36.00
C ARG C 410 34.84 23.55 35.07
N THR C 411 33.75 24.19 34.67
CA THR C 411 33.87 25.34 33.78
C THR C 411 34.66 26.47 34.44
N ARG C 412 34.35 26.77 35.70
CA ARG C 412 35.00 27.90 36.37
C ARG C 412 36.42 27.58 36.82
N ALA C 413 36.74 26.33 37.09
CA ALA C 413 38.08 25.97 37.52
C ALA C 413 39.09 25.98 36.38
N GLY C 414 38.64 26.09 35.14
CA GLY C 414 39.54 26.12 34.01
C GLY C 414 39.89 24.77 33.44
N LEU C 415 39.14 23.72 33.76
CA LEU C 415 39.40 22.38 33.25
C LEU C 415 38.43 21.99 32.14
N LYS C 416 37.63 22.92 31.65
CA LYS C 416 36.71 22.61 30.56
C LYS C 416 37.47 22.35 29.28
N ASP C 417 36.97 21.42 28.48
CA ASP C 417 37.52 21.18 27.16
C ASP C 417 37.23 22.39 26.27
N PRO C 418 38.23 23.00 25.64
CA PRO C 418 37.99 24.25 24.91
C PRO C 418 37.37 24.04 23.54
N LYS C 419 36.90 22.83 23.25
CA LYS C 419 36.32 22.52 21.96
C LYS C 419 34.86 22.08 22.03
N ARG C 420 34.30 21.91 23.22
CA ARG C 420 32.97 21.35 23.41
C ARG C 420 32.20 22.20 24.40
N PRO C 421 30.86 22.12 24.37
CA PRO C 421 30.06 22.91 25.32
C PRO C 421 30.39 22.58 26.77
N GLY C 422 30.00 23.50 27.65
CA GLY C 422 30.30 23.33 29.07
C GLY C 422 29.68 22.08 29.66
N GLY C 423 28.45 21.76 29.26
CA GLY C 423 27.80 20.55 29.72
C GLY C 423 26.63 20.20 28.84
N SER C 424 26.34 18.91 28.75
CA SER C 424 25.20 18.40 28.00
C SER C 424 24.49 17.36 28.84
N PHE C 425 23.22 17.62 29.15
CA PHE C 425 22.46 16.78 30.08
C PHE C 425 21.14 16.36 29.46
N ILE C 426 20.73 15.14 29.76
CA ILE C 426 19.41 14.63 29.41
C ILE C 426 18.68 14.36 30.73
N PHE C 427 17.67 15.17 31.02
CA PHE C 427 16.84 15.01 32.22
C PHE C 427 15.64 14.16 31.84
N ALA C 428 15.64 12.90 32.27
CA ALA C 428 14.54 11.99 31.98
C ALA C 428 13.76 11.75 33.26
N GLY C 429 12.44 11.88 33.18
CA GLY C 429 11.64 11.65 34.36
C GLY C 429 10.14 11.72 34.13
N PRO C 430 9.37 11.43 35.19
CA PRO C 430 7.91 11.53 35.10
C PRO C 430 7.42 12.96 35.01
N SER C 431 6.10 13.14 35.00
CA SER C 431 5.52 14.48 34.88
C SER C 431 5.51 15.19 36.22
N GLY C 432 5.77 16.49 36.20
CA GLY C 432 5.69 17.31 37.38
C GLY C 432 6.67 16.98 38.49
N VAL C 433 7.90 16.63 38.15
CA VAL C 433 8.92 16.30 39.15
C VAL C 433 9.99 17.36 39.27
N GLY C 434 10.09 18.30 38.33
CA GLY C 434 11.02 19.40 38.46
C GLY C 434 12.10 19.44 37.40
N LYS C 435 11.81 18.91 36.21
CA LYS C 435 12.80 18.94 35.13
C LYS C 435 12.96 20.34 34.57
N THR C 436 11.84 21.02 34.31
CA THR C 436 11.90 22.40 33.82
C THR C 436 12.21 23.38 34.95
N GLU C 437 11.75 23.09 36.16
CA GLU C 437 12.01 23.96 37.29
C GLU C 437 13.50 24.04 37.58
N LEU C 438 14.21 22.91 37.45
CA LEU C 438 15.65 22.92 37.68
C LEU C 438 16.36 23.79 36.64
N SER C 439 15.94 23.72 35.39
CA SER C 439 16.55 24.56 34.36
C SER C 439 16.29 26.03 34.64
N LYS C 440 15.07 26.38 35.03
CA LYS C 440 14.76 27.77 35.37
C LYS C 440 15.57 28.24 36.57
N ALA C 441 15.72 27.38 37.58
CA ALA C 441 16.50 27.74 38.76
C ALA C 441 17.97 27.94 38.40
N LEU C 442 18.51 27.08 37.54
CA LEU C 442 19.90 27.26 37.10
C LEU C 442 20.07 28.57 36.34
N ALA C 443 19.11 28.90 35.46
CA ALA C 443 19.20 30.15 34.72
C ALA C 443 19.13 31.34 35.68
N GLU C 444 18.24 31.27 36.68
CA GLU C 444 18.14 32.36 37.65
C GLU C 444 19.41 32.50 38.47
N PHE C 445 20.00 31.38 38.90
CA PHE C 445 21.23 31.42 39.65
C PHE C 445 22.37 32.00 38.82
N LEU C 446 22.41 31.67 37.53
CA LEU C 446 23.55 32.08 36.71
C LEU C 446 23.51 33.57 36.39
N PHE C 447 22.51 34.01 35.64
CA PHE C 447 22.60 35.37 35.12
C PHE C 447 21.89 36.39 35.99
N GLY C 448 20.55 36.43 35.94
CA GLY C 448 19.82 37.20 36.93
C GLY C 448 18.41 36.75 37.23
N ASP C 449 17.91 35.77 36.49
CA ASP C 449 16.50 35.39 36.53
C ASP C 449 16.28 34.24 35.57
N GLU C 450 15.04 33.73 35.57
CA GLU C 450 14.66 32.65 34.68
C GLU C 450 14.30 33.14 33.29
N ASP C 451 14.41 34.43 33.02
CA ASP C 451 14.07 34.98 31.71
C ASP C 451 15.22 34.91 30.72
N ALA C 452 16.42 34.57 31.16
CA ALA C 452 17.58 34.49 30.28
C ALA C 452 17.74 33.11 29.64
N LEU C 453 16.91 32.14 30.02
CA LEU C 453 16.99 30.82 29.44
C LEU C 453 16.53 30.84 27.99
N ILE C 454 17.25 30.13 27.12
CA ILE C 454 16.87 30.02 25.72
C ILE C 454 16.12 28.70 25.58
N SER C 455 14.79 28.77 25.56
CA SER C 455 13.93 27.61 25.61
C SER C 455 13.35 27.33 24.23
N LEU C 456 13.39 26.06 23.82
CA LEU C 456 12.82 25.62 22.56
C LEU C 456 11.84 24.49 22.82
N ASP C 457 10.59 24.69 22.41
CA ASP C 457 9.53 23.71 22.60
C ASP C 457 9.53 22.75 21.42
N MET C 458 9.99 21.52 21.64
CA MET C 458 10.07 20.54 20.57
C MET C 458 8.71 20.10 20.05
N SER C 459 7.62 20.45 20.73
CA SER C 459 6.29 20.12 20.23
C SER C 459 6.03 20.76 18.88
N GLU C 460 6.62 21.93 18.62
CA GLU C 460 6.46 22.59 17.33
C GLU C 460 7.25 21.91 16.23
N PHE C 461 8.32 21.20 16.56
CA PHE C 461 9.17 20.57 15.55
C PHE C 461 8.71 19.13 15.26
N SER C 462 7.42 18.98 14.95
CA SER C 462 6.89 17.66 14.66
C SER C 462 7.26 17.18 13.26
N GLU C 463 7.33 18.09 12.29
CA GLU C 463 7.68 17.74 10.92
C GLU C 463 9.18 17.85 10.71
N LYS C 464 9.74 16.88 9.98
CA LYS C 464 11.18 16.83 9.80
C LYS C 464 11.71 17.95 8.90
N HIS C 465 10.82 18.68 8.23
CA HIS C 465 11.24 19.80 7.40
C HIS C 465 11.25 21.12 8.14
N THR C 466 11.03 21.11 9.45
CA THR C 466 11.08 22.31 10.27
C THR C 466 12.48 22.67 10.73
N VAL C 467 13.49 21.87 10.35
CA VAL C 467 14.86 22.14 10.75
C VAL C 467 15.32 23.51 10.30
N SER C 468 14.67 24.08 9.28
CA SER C 468 15.05 25.40 8.80
C SER C 468 14.84 26.48 9.86
N ARG C 469 14.05 26.19 10.90
CA ARG C 469 13.92 27.15 11.99
C ARG C 469 15.19 27.27 12.82
N LEU C 470 16.12 26.32 12.70
CA LEU C 470 17.40 26.40 13.37
C LEU C 470 18.46 27.04 12.48
N PHE C 471 18.35 26.84 11.18
CA PHE C 471 19.36 27.27 10.20
C PHE C 471 18.94 28.50 9.42
N GLY C 472 17.77 28.47 8.81
CA GLY C 472 17.34 29.45 7.84
C GLY C 472 17.19 28.84 6.47
N SER C 473 16.62 29.61 5.57
CA SER C 473 16.40 29.10 4.23
C SER C 473 17.70 29.11 3.43
N PRO C 474 17.89 28.14 2.55
CA PRO C 474 19.07 28.14 1.69
C PRO C 474 19.02 29.30 0.71
N PRO C 475 20.15 29.65 0.09
CA PRO C 475 20.14 30.77 -0.85
C PRO C 475 19.13 30.58 -1.97
N GLY C 476 18.46 31.66 -2.34
CA GLY C 476 17.43 31.62 -3.35
C GLY C 476 16.06 31.20 -2.88
N TYR C 477 15.77 31.33 -1.58
CA TYR C 477 14.49 30.94 -1.04
C TYR C 477 13.97 32.02 -0.10
N VAL C 478 12.66 32.02 0.13
CA VAL C 478 12.04 33.06 0.92
C VAL C 478 12.51 33.00 2.37
N GLY C 479 12.79 34.16 2.94
CA GLY C 479 13.31 34.23 4.29
C GLY C 479 14.79 34.01 4.42
N TYR C 480 15.55 34.15 3.33
CA TYR C 480 16.97 33.81 3.34
C TYR C 480 17.78 34.77 4.21
N GLU C 481 17.47 36.06 4.15
CA GLU C 481 18.27 37.04 4.89
C GLU C 481 17.98 37.05 6.39
N GLU C 482 16.85 36.48 6.82
CA GLU C 482 16.52 36.53 8.25
C GLU C 482 17.54 35.74 9.06
N GLY C 483 18.02 34.62 8.54
CA GLY C 483 18.96 33.80 9.25
C GLY C 483 18.27 32.83 10.19
N GLY C 484 19.08 32.06 10.90
CA GLY C 484 18.54 31.14 11.87
C GLY C 484 17.99 31.84 13.09
N GLN C 485 17.03 31.19 13.74
CA GLN C 485 16.43 31.76 14.93
C GLN C 485 17.19 31.37 16.19
N LEU C 486 17.67 30.12 16.25
CA LEU C 486 18.52 29.68 17.35
C LEU C 486 19.94 30.21 17.22
N THR C 487 20.49 30.19 16.00
CA THR C 487 21.85 30.65 15.79
C THR C 487 22.00 32.12 16.15
N GLU C 488 21.03 32.95 15.78
CA GLU C 488 21.12 34.37 16.10
C GLU C 488 21.06 34.60 17.61
N LYS C 489 20.18 33.89 18.30
CA LYS C 489 20.08 34.03 19.74
C LYS C 489 21.38 33.63 20.42
N VAL C 490 21.97 32.51 20.01
CA VAL C 490 23.21 32.06 20.62
C VAL C 490 24.35 33.01 20.28
N ARG C 491 24.37 33.55 19.06
CA ARG C 491 25.41 34.50 18.68
C ARG C 491 25.31 35.78 19.50
N ARG C 492 24.10 36.24 19.78
CA ARG C 492 23.95 37.45 20.59
C ARG C 492 24.42 37.22 22.02
N LYS C 493 24.15 36.05 22.59
CA LYS C 493 24.55 35.71 23.95
C LYS C 493 25.39 34.44 23.92
N PRO C 494 26.72 34.56 23.77
CA PRO C 494 27.55 33.37 23.70
C PRO C 494 27.49 32.49 24.94
N PHE C 495 27.29 33.08 26.11
CA PHE C 495 27.23 32.34 27.37
C PHE C 495 25.77 32.34 27.84
N SER C 496 25.07 31.23 27.57
CA SER C 496 23.66 31.11 27.92
C SER C 496 23.35 29.65 28.14
N VAL C 497 22.12 29.38 28.57
CA VAL C 497 21.64 28.02 28.84
C VAL C 497 20.54 27.70 27.84
N VAL C 498 20.77 26.69 27.01
CA VAL C 498 19.85 26.29 25.95
C VAL C 498 19.10 25.05 26.43
N LEU C 499 17.77 25.10 26.35
CA LEU C 499 16.91 24.04 26.83
C LEU C 499 16.03 23.55 25.69
N PHE C 500 15.99 22.23 25.50
CA PHE C 500 15.11 21.58 24.54
C PHE C 500 14.05 20.82 25.34
N ASP C 501 12.82 21.33 25.33
CA ASP C 501 11.78 20.81 26.21
C ASP C 501 10.95 19.76 25.47
N ALA C 502 10.78 18.61 26.11
CA ALA C 502 10.00 17.49 25.56
C ALA C 502 10.55 17.05 24.21
N VAL C 503 11.79 16.55 24.25
CA VAL C 503 12.50 16.20 23.01
C VAL C 503 11.82 15.06 22.28
N GLU C 504 11.12 14.17 23.00
CA GLU C 504 10.48 13.03 22.35
C GLU C 504 9.25 13.43 21.53
N LYS C 505 8.78 14.67 21.66
CA LYS C 505 7.63 15.15 20.91
C LYS C 505 7.98 15.59 19.49
N ALA C 506 9.26 15.60 19.13
CA ALA C 506 9.71 16.06 17.83
C ALA C 506 10.09 14.88 16.94
N HIS C 507 10.23 15.17 15.66
CA HIS C 507 10.66 14.16 14.71
C HIS C 507 12.08 13.69 15.08
N PRO C 508 12.36 12.40 15.04
CA PRO C 508 13.68 11.93 15.47
C PRO C 508 14.76 12.17 14.43
N ASP C 509 14.77 13.38 13.87
CA ASP C 509 15.81 13.81 12.94
C ASP C 509 16.32 15.20 13.26
N ILE C 510 15.57 16.02 13.99
CA ILE C 510 16.02 17.35 14.38
C ILE C 510 17.34 17.26 15.11
N PHE C 511 17.48 16.29 16.01
CA PHE C 511 18.68 16.10 16.80
C PHE C 511 19.88 15.70 15.95
N ASN C 512 19.66 15.30 14.70
CA ASN C 512 20.79 15.11 13.80
C ASN C 512 21.58 16.39 13.64
N SER C 513 20.93 17.55 13.78
CA SER C 513 21.60 18.83 13.71
C SER C 513 22.36 19.18 14.99
N LEU C 514 22.14 18.44 16.07
CA LEU C 514 22.84 18.73 17.32
C LEU C 514 24.18 18.03 17.43
N LEU C 515 24.48 17.08 16.55
CA LEU C 515 25.73 16.34 16.65
C LEU C 515 26.93 17.29 16.67
N GLN C 516 27.03 18.13 15.64
CA GLN C 516 28.13 19.10 15.58
C GLN C 516 28.10 20.04 16.78
N ILE C 517 26.92 20.27 17.35
CA ILE C 517 26.85 21.10 18.55
C ILE C 517 27.48 20.38 19.73
N LEU C 518 27.18 19.08 19.88
CA LEU C 518 27.59 18.38 21.09
C LEU C 518 29.07 17.99 21.04
N GLU C 519 29.57 17.62 19.86
CA GLU C 519 30.95 17.16 19.76
C GLU C 519 31.90 18.25 19.30
N ASP C 520 31.50 19.06 18.32
CA ASP C 520 32.36 20.10 17.79
C ASP C 520 32.08 21.48 18.40
N GLY C 521 30.91 21.68 18.98
CA GLY C 521 30.59 22.96 19.57
C GLY C 521 30.46 24.10 18.57
N ARG C 522 29.78 23.86 17.45
CA ARG C 522 29.58 24.90 16.45
C ARG C 522 28.35 24.56 15.62
N LEU C 523 27.80 25.58 14.97
CA LEU C 523 26.67 25.37 14.06
C LEU C 523 26.73 26.41 12.96
N THR C 524 26.59 25.97 11.72
CA THR C 524 26.64 26.85 10.56
C THR C 524 25.24 27.10 10.04
N ASP C 525 24.87 28.38 9.92
CA ASP C 525 23.56 28.71 9.36
C ASP C 525 23.62 28.68 7.84
N SER C 526 22.49 28.97 7.20
CA SER C 526 22.40 28.83 5.76
C SER C 526 23.23 29.88 5.01
N GLN C 527 23.71 30.90 5.69
CA GLN C 527 24.54 31.92 5.06
C GLN C 527 26.03 31.64 5.19
N GLY C 528 26.40 30.52 5.79
CA GLY C 528 27.80 30.13 5.89
C GLY C 528 28.53 30.60 7.13
N ARG C 529 27.88 31.38 8.00
CA ARG C 529 28.53 31.86 9.21
C ARG C 529 28.53 30.77 10.27
N VAL C 530 29.66 30.64 10.97
CA VAL C 530 29.81 29.64 12.02
C VAL C 530 29.52 30.30 13.36
N VAL C 531 28.52 29.78 14.08
CA VAL C 531 28.15 30.27 15.40
C VAL C 531 28.73 29.32 16.43
N ASP C 532 29.35 29.89 17.45
CA ASP C 532 30.10 29.13 18.45
C ASP C 532 29.19 28.73 19.61
N PHE C 533 29.16 27.44 19.91
CA PHE C 533 28.36 26.91 21.01
C PHE C 533 29.22 26.42 22.17
N LYS C 534 30.48 26.83 22.22
CA LYS C 534 31.43 26.28 23.18
C LYS C 534 31.26 26.81 24.60
N ASN C 535 30.45 27.85 24.79
CA ASN C 535 30.27 28.45 26.11
C ASN C 535 28.84 28.33 26.62
N THR C 536 28.08 27.36 26.12
CA THR C 536 26.69 27.18 26.52
C THR C 536 26.53 25.89 27.30
N VAL C 537 25.34 25.73 27.89
CA VAL C 537 24.96 24.53 28.62
C VAL C 537 23.70 23.99 27.97
N ILE C 538 23.76 22.75 27.47
CA ILE C 538 22.67 22.14 26.73
C ILE C 538 21.91 21.21 27.66
N ILE C 539 20.60 21.41 27.76
CA ILE C 539 19.74 20.56 28.57
C ILE C 539 18.61 20.05 27.67
N MET C 540 18.28 18.77 27.78
CA MET C 540 17.17 18.19 27.03
C MET C 540 16.28 17.43 28.00
N THR C 541 15.00 17.80 28.06
CA THR C 541 14.06 17.18 28.99
C THR C 541 13.17 16.17 28.28
N THR C 542 12.88 15.06 28.96
CA THR C 542 12.08 14.01 28.35
C THR C 542 11.34 13.20 29.42
N ASN C 543 10.26 12.56 28.97
CA ASN C 543 9.43 11.69 29.79
C ASN C 543 9.52 10.24 29.36
N LEU C 544 10.54 9.87 28.61
CA LEU C 544 10.64 8.52 28.06
C LEU C 544 10.87 7.50 29.17
N GLY C 545 10.28 6.31 28.99
CA GLY C 545 10.51 5.22 29.92
C GLY C 545 9.82 5.34 31.25
N THR C 546 8.79 6.18 31.35
CA THR C 546 8.06 6.39 32.59
C THR C 546 6.59 6.04 32.44
N ARG C 547 6.32 4.89 31.81
CA ARG C 547 4.96 4.42 31.61
C ARG C 547 4.54 3.33 32.60
N ASP C 548 5.48 2.78 33.37
CA ASP C 548 5.19 1.69 34.28
C ASP C 548 5.24 2.09 35.74
N ILE C 549 5.21 3.39 36.03
CA ILE C 549 5.24 3.84 37.41
C ILE C 549 3.97 3.43 38.14
N SER C 550 2.84 3.45 37.44
CA SER C 550 1.56 3.02 38.02
C SER C 550 1.32 1.55 37.70
N LYS C 551 2.26 0.72 38.14
CA LYS C 551 2.17 -0.73 37.99
C LYS C 551 2.70 -1.40 39.23
N GLY C 552 2.12 -2.55 39.57
CA GLY C 552 2.50 -3.26 40.77
C GLY C 552 3.14 -4.62 40.50
N PHE C 553 3.01 -5.12 39.28
CA PHE C 553 3.57 -6.41 38.93
C PHE C 553 3.63 -6.53 37.41
N ASN C 554 4.28 -7.59 36.94
CA ASN C 554 4.31 -7.91 35.53
C ASN C 554 3.09 -8.75 35.19
N LEU C 555 3.06 -9.32 33.99
CA LEU C 555 1.85 -9.97 33.50
C LEU C 555 1.75 -11.44 33.87
N GLY C 556 2.84 -12.20 33.74
CA GLY C 556 2.81 -13.63 33.92
C GLY C 556 2.86 -14.05 35.38
N PHE C 557 3.05 -15.34 35.58
CA PHE C 557 3.18 -15.90 36.92
C PHE C 557 4.51 -15.46 37.55
N ALA C 558 4.48 -15.25 38.86
CA ALA C 558 5.65 -14.80 39.59
C ALA C 558 5.60 -15.37 40.99
N ALA C 559 6.78 -15.41 41.63
CA ALA C 559 6.91 -16.01 42.96
C ALA C 559 7.21 -14.96 44.03
N GLN C 560 8.21 -14.11 43.81
CA GLN C 560 8.69 -13.20 44.85
C GLN C 560 8.12 -11.79 44.69
N GLY C 561 8.35 -11.15 43.55
CA GLY C 561 7.76 -9.85 43.32
C GLY C 561 8.70 -8.67 43.13
N ASP C 562 9.88 -8.89 42.52
CA ASP C 562 10.73 -7.81 42.04
C ASP C 562 11.13 -6.86 43.17
N THR C 563 11.95 -7.39 44.08
CA THR C 563 12.39 -6.66 45.26
C THR C 563 13.01 -5.29 44.96
N LYS C 564 13.39 -5.02 43.71
CA LYS C 564 13.97 -3.72 43.38
C LYS C 564 12.92 -2.62 43.51
N SER C 565 13.37 -1.45 43.94
CA SER C 565 12.48 -0.31 44.13
C SER C 565 12.04 0.25 42.79
N ASN C 566 11.16 1.27 42.85
CA ASN C 566 10.69 1.90 41.62
C ASN C 566 11.80 2.63 40.89
N TYR C 567 12.79 3.14 41.62
CA TYR C 567 13.84 3.94 40.99
C TYR C 567 14.67 3.08 40.03
N GLU C 568 15.00 1.86 40.42
CA GLU C 568 15.81 1.01 39.55
C GLU C 568 15.04 0.58 38.31
N ARG C 569 13.75 0.26 38.47
CA ARG C 569 12.94 -0.08 37.30
C ARG C 569 12.83 1.11 36.36
N MET C 570 12.62 2.31 36.91
CA MET C 570 12.60 3.52 36.09
C MET C 570 13.91 3.73 35.37
N LYS C 571 15.03 3.51 36.07
CA LYS C 571 16.35 3.65 35.46
C LYS C 571 16.50 2.72 34.26
N ASN C 572 16.18 1.44 34.45
CA ASN C 572 16.35 0.47 33.37
C ASN C 572 15.43 0.79 32.20
N LYS C 573 14.18 1.13 32.47
CA LYS C 573 13.25 1.45 31.39
C LYS C 573 13.69 2.70 30.63
N VAL C 574 14.17 3.72 31.36
CA VAL C 574 14.64 4.94 30.71
C VAL C 574 15.83 4.64 29.81
N SER C 575 16.78 3.85 30.32
CA SER C 575 17.95 3.52 29.51
C SER C 575 17.55 2.77 28.24
N ASP C 576 16.66 1.78 28.38
CA ASP C 576 16.24 1.01 27.22
C ASP C 576 15.50 1.89 26.21
N GLU C 577 14.59 2.74 26.67
CA GLU C 577 13.83 3.59 25.76
C GLU C 577 14.74 4.61 25.08
N LEU C 578 15.71 5.15 25.82
CA LEU C 578 16.64 6.10 25.20
C LEU C 578 17.47 5.43 24.13
N LYS C 579 17.97 4.22 24.38
CA LYS C 579 18.72 3.51 23.36
C LYS C 579 17.85 3.14 22.17
N GLN C 580 16.56 2.88 22.40
CA GLN C 580 15.68 2.52 21.30
C GLN C 580 15.28 3.73 20.47
N HIS C 581 15.23 4.91 21.08
CA HIS C 581 14.71 6.09 20.41
C HIS C 581 15.78 6.94 19.76
N PHE C 582 17.03 6.88 20.22
CA PHE C 582 18.10 7.70 19.69
C PHE C 582 19.21 6.83 19.14
N ARG C 583 19.84 7.30 18.08
CA ARG C 583 20.93 6.56 17.47
C ARG C 583 22.15 6.57 18.39
N PRO C 584 22.98 5.53 18.34
CA PRO C 584 24.10 5.43 19.28
C PRO C 584 25.07 6.60 19.23
N GLU C 585 25.31 7.16 18.05
CA GLU C 585 26.27 8.27 17.95
C GLU C 585 25.74 9.52 18.66
N PHE C 586 24.42 9.67 18.76
CA PHE C 586 23.88 10.82 19.48
C PHE C 586 24.02 10.63 20.99
N LEU C 587 23.73 9.43 21.48
CA LEU C 587 23.89 9.16 22.91
C LEU C 587 25.35 9.10 23.32
N ASN C 588 26.27 8.89 22.38
CA ASN C 588 27.68 8.88 22.71
C ASN C 588 28.23 10.28 22.97
N ARG C 589 27.52 11.32 22.52
CA ARG C 589 27.97 12.69 22.71
C ARG C 589 27.34 13.37 23.92
N VAL C 590 26.24 12.84 24.43
CA VAL C 590 25.58 13.43 25.59
C VAL C 590 26.40 13.13 26.83
N ASP C 591 26.79 14.18 27.56
CA ASP C 591 27.69 14.00 28.68
C ASP C 591 27.02 13.24 29.83
N ASP C 592 25.84 13.68 30.24
CA ASP C 592 25.18 13.10 31.41
C ASP C 592 23.74 12.76 31.11
N VAL C 593 23.27 11.65 31.68
CA VAL C 593 21.87 11.28 31.66
C VAL C 593 21.41 11.14 33.11
N VAL C 594 20.47 11.98 33.52
CA VAL C 594 20.01 12.05 34.90
C VAL C 594 18.54 11.69 34.94
N VAL C 595 18.19 10.74 35.82
CA VAL C 595 16.81 10.28 35.99
C VAL C 595 16.25 10.93 37.24
N PHE C 596 15.02 11.44 37.13
CA PHE C 596 14.39 12.17 38.23
C PHE C 596 13.45 11.25 38.97
N PRO C 597 13.74 10.88 40.22
CA PRO C 597 12.80 10.06 40.99
C PRO C 597 11.58 10.86 41.41
N GLN C 598 10.52 10.12 41.76
CA GLN C 598 9.28 10.74 42.16
C GLN C 598 9.41 11.40 43.54
N LEU C 599 8.54 12.35 43.80
CA LEU C 599 8.56 13.11 45.05
C LEU C 599 7.86 12.34 46.15
N SER C 600 8.38 12.48 47.37
CA SER C 600 7.82 11.83 48.55
C SER C 600 6.93 12.80 49.31
N GLN C 601 6.37 12.33 50.43
CA GLN C 601 5.43 13.14 51.20
C GLN C 601 6.12 14.35 51.82
N ALA C 602 7.32 14.17 52.35
CA ALA C 602 8.04 15.29 52.94
C ALA C 602 8.37 16.36 51.91
N ASP C 603 8.72 15.94 50.70
CA ASP C 603 8.99 16.90 49.63
C ASP C 603 7.74 17.71 49.29
N ILE C 604 6.58 17.05 49.25
CA ILE C 604 5.34 17.77 49.01
C ILE C 604 5.07 18.76 50.14
N LEU C 605 5.32 18.34 51.39
CA LEU C 605 5.13 19.23 52.52
C LEU C 605 6.02 20.46 52.39
N LYS C 606 7.26 20.27 51.92
CA LYS C 606 8.16 21.41 51.74
C LYS C 606 7.71 22.30 50.58
N ILE C 607 7.23 21.71 49.49
CA ILE C 607 6.77 22.49 48.34
C ILE C 607 5.52 23.30 48.70
N VAL C 608 4.76 22.83 49.68
CA VAL C 608 3.61 23.59 50.16
C VAL C 608 4.04 24.98 50.60
N ASP C 609 5.17 25.08 51.31
CA ASP C 609 5.66 26.37 51.75
C ASP C 609 5.96 27.29 50.57
N LEU C 610 6.62 26.75 49.53
CA LEU C 610 6.94 27.57 48.37
C LEU C 610 5.69 28.08 47.67
N MET C 611 4.69 27.21 47.49
CA MET C 611 3.46 27.64 46.84
C MET C 611 2.70 28.67 47.68
N ILE C 612 2.67 28.48 49.00
CA ILE C 612 2.00 29.46 49.86
C ILE C 612 2.73 30.79 49.81
N ASP C 613 4.07 30.77 49.74
CA ASP C 613 4.82 32.00 49.58
C ASP C 613 4.53 32.67 48.25
N LYS C 614 4.35 31.88 47.19
CA LYS C 614 3.96 32.45 45.90
C LYS C 614 2.61 33.15 45.99
N VAL C 615 1.64 32.52 46.66
CA VAL C 615 0.33 33.14 46.82
C VAL C 615 0.43 34.42 47.64
N ASP C 616 1.23 34.39 48.72
CA ASP C 616 1.42 35.59 49.53
C ASP C 616 2.07 36.70 48.71
N GLU C 617 3.05 36.36 47.87
CA GLU C 617 3.66 37.36 47.00
C GLU C 617 2.64 37.94 46.03
N ARG C 618 1.74 37.09 45.51
CA ARG C 618 0.70 37.59 44.62
C ARG C 618 -0.22 38.56 45.35
N LEU C 619 -0.56 38.27 46.61
CA LEU C 619 -1.45 39.17 47.34
C LEU C 619 -0.75 40.43 47.82
N LYS C 620 0.58 40.38 47.99
CA LYS C 620 1.29 41.50 48.61
C LYS C 620 1.23 42.78 47.80
N ASP C 621 1.12 42.69 46.46
CA ASP C 621 1.09 43.89 45.65
C ASP C 621 -0.14 44.75 45.93
N ARG C 622 -1.20 44.17 46.49
CA ARG C 622 -2.41 44.91 46.82
C ARG C 622 -2.59 45.02 48.34
N ASP C 623 -1.48 44.97 49.08
CA ASP C 623 -1.45 45.20 50.53
C ASP C 623 -2.36 44.20 51.26
N MET C 624 -1.98 42.93 51.15
CA MET C 624 -2.65 41.85 51.87
C MET C 624 -1.58 40.85 52.29
N GLY C 625 -2.02 39.69 52.77
CA GLY C 625 -1.09 38.65 53.18
C GLY C 625 -1.83 37.46 53.74
N ILE C 626 -1.11 36.35 53.83
CA ILE C 626 -1.65 35.09 54.34
C ILE C 626 -0.67 34.51 55.34
N GLU C 627 -1.22 33.79 56.31
CA GLU C 627 -0.40 33.05 57.27
C GLU C 627 -1.07 31.70 57.50
N LEU C 628 -0.35 30.61 57.21
CA LEU C 628 -0.87 29.27 57.34
C LEU C 628 -0.41 28.64 58.64
N SER C 629 -1.35 28.02 59.35
CA SER C 629 -0.99 27.22 60.51
C SER C 629 -0.28 25.94 60.07
N SER C 630 0.55 25.42 60.97
CA SER C 630 1.29 24.20 60.65
C SER C 630 0.35 23.02 60.37
N SER C 631 -0.71 22.90 61.18
CA SER C 631 -1.70 21.86 60.93
C SER C 631 -2.38 22.07 59.58
N ALA C 632 -2.65 23.32 59.22
CA ALA C 632 -3.27 23.59 57.92
C ALA C 632 -2.34 23.19 56.77
N LYS C 633 -1.04 23.49 56.91
CA LYS C 633 -0.10 23.10 55.87
C LYS C 633 0.03 21.58 55.77
N GLU C 634 0.02 20.89 56.91
CA GLU C 634 0.04 19.43 56.89
C GLU C 634 -1.21 18.87 56.23
N LEU C 635 -2.36 19.49 56.50
CA LEU C 635 -3.60 19.09 55.84
C LEU C 635 -3.52 19.30 54.34
N LEU C 636 -2.94 20.41 53.90
CA LEU C 636 -2.76 20.64 52.47
C LEU C 636 -1.85 19.59 51.85
N SER C 637 -0.78 19.23 52.55
CA SER C 637 0.10 18.17 52.04
C SER C 637 -0.64 16.86 51.92
N LYS C 638 -1.47 16.53 52.90
CA LYS C 638 -2.21 15.27 52.86
C LYS C 638 -3.27 15.26 51.75
N LYS C 639 -3.98 16.37 51.57
CA LYS C 639 -5.09 16.40 50.63
C LYS C 639 -4.62 16.19 49.20
N GLY C 640 -3.61 16.94 48.78
CA GLY C 640 -3.08 16.76 47.44
C GLY C 640 -1.74 16.05 47.45
N TYR C 641 -1.75 14.77 47.09
CA TYR C 641 -0.52 13.99 46.99
C TYR C 641 -0.78 12.82 46.07
N ASP C 642 -0.36 12.93 44.82
CA ASP C 642 -0.45 11.85 43.85
C ASP C 642 0.96 11.50 43.39
N PRO C 643 1.51 10.35 43.78
CA PRO C 643 2.90 10.05 43.38
C PRO C 643 3.09 9.97 41.88
N VAL C 644 2.06 9.57 41.13
CA VAL C 644 2.21 9.45 39.68
C VAL C 644 2.33 10.83 39.05
N LEU C 645 1.49 11.78 39.45
CA LEU C 645 1.37 13.06 38.76
C LEU C 645 2.23 14.16 39.34
N GLY C 646 3.06 13.86 40.33
CA GLY C 646 3.98 14.85 40.86
C GLY C 646 3.33 15.93 41.70
N ALA C 647 3.81 17.16 41.58
CA ALA C 647 3.38 18.26 42.44
C ALA C 647 2.36 19.17 41.76
N ARG C 648 1.84 18.80 40.59
CA ARG C 648 0.81 19.59 39.94
C ARG C 648 -0.56 19.41 40.61
N PRO C 649 -0.94 18.20 41.04
CA PRO C 649 -2.19 18.08 41.83
C PRO C 649 -2.17 18.93 43.08
N LEU C 650 -1.01 19.10 43.71
CA LEU C 650 -0.93 20.01 44.86
C LEU C 650 -1.23 21.44 44.45
N ARG C 651 -0.73 21.86 43.28
CA ARG C 651 -1.05 23.18 42.78
C ARG C 651 -2.54 23.33 42.52
N ARG C 652 -3.17 22.29 41.98
CA ARG C 652 -4.62 22.32 41.77
C ARG C 652 -5.36 22.43 43.09
N THR C 653 -4.87 21.73 44.13
CA THR C 653 -5.54 21.77 45.42
C THR C 653 -5.53 23.16 46.02
N ILE C 654 -4.36 23.81 46.07
CA ILE C 654 -4.26 25.12 46.72
C ILE C 654 -5.20 26.10 46.06
N GLN C 655 -5.40 26.00 44.75
CA GLN C 655 -6.29 26.90 44.06
C GLN C 655 -7.74 26.72 44.51
N ARG C 656 -8.16 25.47 44.75
CA ARG C 656 -9.58 25.21 44.98
C ARG C 656 -10.02 25.65 46.37
N GLU C 657 -9.42 25.11 47.43
CA GLU C 657 -9.91 25.44 48.77
C GLU C 657 -9.51 26.86 49.20
N ILE C 658 -8.27 27.28 48.95
CA ILE C 658 -7.75 28.51 49.50
C ILE C 658 -8.00 29.70 48.58
N GLU C 659 -7.62 29.57 47.30
CA GLU C 659 -7.64 30.73 46.42
C GLU C 659 -9.07 31.12 46.06
N ASP C 660 -9.96 30.15 45.87
CA ASP C 660 -11.35 30.46 45.53
C ASP C 660 -12.04 31.20 46.68
N SER C 661 -11.85 30.73 47.91
CA SER C 661 -12.45 31.38 49.06
C SER C 661 -11.92 32.79 49.22
N LEU C 662 -10.61 32.98 49.05
CA LEU C 662 -10.04 34.31 49.14
C LEU C 662 -10.60 35.23 48.06
N SER C 663 -10.77 34.71 46.84
CA SER C 663 -11.32 35.52 45.76
C SER C 663 -12.76 35.95 46.07
N GLU C 664 -13.59 35.00 46.52
CA GLU C 664 -14.98 35.35 46.82
C GLU C 664 -15.08 36.28 48.02
N LYS C 665 -14.14 36.18 48.96
CA LYS C 665 -14.15 37.10 50.10
C LYS C 665 -13.70 38.50 49.68
N ILE C 666 -12.72 38.59 48.79
CA ILE C 666 -12.27 39.89 48.31
C ILE C 666 -13.37 40.56 47.50
N LEU C 667 -14.01 39.82 46.61
CA LEU C 667 -15.09 40.39 45.80
C LEU C 667 -16.26 40.83 46.67
N PHE C 668 -16.58 40.03 47.70
CA PHE C 668 -17.67 40.39 48.61
C PHE C 668 -17.34 41.67 49.37
N GLY C 669 -16.06 41.94 49.59
CA GLY C 669 -15.63 43.10 50.36
C GLY C 669 -15.21 42.78 51.78
N GLU C 670 -15.30 41.52 52.22
CA GLU C 670 -14.93 41.17 53.57
C GLU C 670 -13.46 41.44 53.85
N LEU C 671 -12.59 41.12 52.88
CA LEU C 671 -11.16 41.34 53.00
C LEU C 671 -10.79 42.64 52.30
N ARG C 672 -10.05 43.49 53.00
CA ARG C 672 -9.67 44.81 52.55
C ARG C 672 -8.18 45.01 52.70
N PRO C 673 -7.60 45.95 51.95
CA PRO C 673 -6.16 46.21 52.09
C PRO C 673 -5.81 46.61 53.52
N GLY C 674 -4.63 46.20 53.96
CA GLY C 674 -4.21 46.38 55.32
C GLY C 674 -4.57 45.25 56.25
N HIS C 675 -5.29 44.25 55.77
CA HIS C 675 -5.68 43.09 56.57
C HIS C 675 -5.02 41.84 56.01
N ILE C 676 -4.46 41.03 56.89
CA ILE C 676 -3.89 39.75 56.51
C ILE C 676 -4.87 38.64 56.88
N VAL C 677 -4.67 37.48 56.27
CA VAL C 677 -5.59 36.35 56.44
C VAL C 677 -4.87 35.26 57.24
N VAL C 678 -5.50 34.80 58.30
CA VAL C 678 -5.01 33.68 59.08
C VAL C 678 -5.90 32.48 58.78
N VAL C 679 -5.29 31.40 58.30
CA VAL C 679 -6.00 30.20 57.90
C VAL C 679 -5.66 29.10 58.89
N ASP C 680 -6.68 28.44 59.43
CA ASP C 680 -6.49 27.34 60.36
C ASP C 680 -7.38 26.17 59.96
N THR C 681 -7.23 25.06 60.67
CA THR C 681 -8.00 23.86 60.38
C THR C 681 -8.88 23.50 61.57
N GLU C 682 -10.06 22.96 61.26
CA GLU C 682 -11.01 22.53 62.29
C GLU C 682 -11.54 21.16 61.94
N GLY C 683 -12.07 20.49 62.95
CA GLY C 683 -12.51 19.11 62.80
C GLY C 683 -11.41 18.13 63.13
N GLU C 684 -11.66 16.87 62.79
CA GLU C 684 -10.72 15.81 63.07
C GLU C 684 -10.91 14.69 62.06
N GLY C 685 -9.80 14.18 61.53
CA GLY C 685 -9.85 13.07 60.59
C GLY C 685 -10.14 13.56 59.19
N GLU C 686 -11.16 12.98 58.56
CA GLU C 686 -11.57 13.36 57.22
C GLU C 686 -12.50 14.57 57.22
N THR C 687 -12.88 15.08 58.39
CA THR C 687 -13.77 16.22 58.47
C THR C 687 -13.03 17.55 58.65
N LYS C 688 -11.70 17.53 58.62
CA LYS C 688 -10.92 18.76 58.76
C LYS C 688 -11.22 19.71 57.61
N THR C 689 -11.34 20.99 57.92
CA THR C 689 -11.69 22.00 56.94
C THR C 689 -11.00 23.30 57.31
N PHE C 690 -10.72 24.12 56.29
CA PHE C 690 -10.04 25.39 56.49
C PHE C 690 -11.00 26.48 56.92
N THR C 691 -10.52 27.37 57.77
CA THR C 691 -11.25 28.56 58.19
C THR C 691 -10.33 29.77 58.07
N PHE C 692 -10.88 30.86 57.56
CA PHE C 692 -10.13 32.08 57.29
C PHE C 692 -10.60 33.18 58.25
N ARG C 693 -9.65 33.81 58.93
CA ARG C 693 -9.94 34.89 59.85
C ARG C 693 -9.23 36.15 59.41
N GLY C 694 -9.98 37.27 59.38
CA GLY C 694 -9.43 38.54 58.98
C GLY C 694 -8.74 39.22 60.14
N GLU C 695 -7.45 39.49 59.95
CA GLU C 695 -6.63 40.11 60.98
C GLU C 695 -5.83 41.26 60.36
N GLU C 696 -5.55 42.28 61.17
CA GLU C 696 -4.82 43.44 60.70
C GLU C 696 -3.32 43.26 60.91
N SER D 44 32.15 76.83 11.88
CA SER D 44 31.15 75.79 12.16
C SER D 44 29.83 76.11 11.48
N LEU D 45 29.86 77.06 10.55
CA LEU D 45 28.64 77.42 9.83
C LEU D 45 28.14 76.27 8.97
N VAL D 46 29.06 75.56 8.31
CA VAL D 46 28.65 74.43 7.48
C VAL D 46 28.11 73.29 8.33
N LEU D 47 28.71 73.07 9.51
CA LEU D 47 28.24 72.04 10.41
C LEU D 47 26.80 72.30 10.86
N ASP D 48 26.51 73.57 11.18
CA ASP D 48 25.16 73.91 11.61
C ASP D 48 24.15 73.73 10.48
N GLN D 49 24.58 73.89 9.23
CA GLN D 49 23.70 73.66 8.11
C GLN D 49 23.29 72.20 8.00
N PHE D 50 24.22 71.28 8.29
CA PHE D 50 23.98 69.86 8.12
C PHE D 50 23.81 69.12 9.45
N GLY D 51 23.91 69.82 10.58
CA GLY D 51 23.79 69.16 11.86
C GLY D 51 23.38 70.06 13.00
N ARG D 52 23.51 69.57 14.23
CA ARG D 52 23.12 70.31 15.43
C ARG D 52 24.17 70.09 16.51
N ASN D 53 24.35 71.11 17.35
CA ASN D 53 25.30 71.05 18.45
C ASN D 53 24.58 70.49 19.68
N LEU D 54 24.95 69.28 20.07
CA LEU D 54 24.32 68.66 21.23
C LEU D 54 24.79 69.32 22.52
N THR D 55 26.07 69.68 22.61
CA THR D 55 26.57 70.36 23.79
C THR D 55 25.90 71.71 23.97
N GLN D 56 25.68 72.45 22.88
CA GLN D 56 24.96 73.72 22.97
C GLN D 56 23.54 73.51 23.46
N ALA D 57 22.86 72.46 22.98
CA ALA D 57 21.51 72.18 23.43
C ALA D 57 21.49 71.84 24.92
N ALA D 58 22.46 71.05 25.38
CA ALA D 58 22.53 70.71 26.79
C ALA D 58 22.82 71.94 27.64
N ARG D 59 23.69 72.83 27.15
CA ARG D 59 23.99 74.05 27.89
C ARG D 59 22.75 74.91 28.10
N GLU D 60 21.83 74.90 27.14
CA GLU D 60 20.56 75.61 27.27
C GLU D 60 19.53 74.82 28.04
N SER D 61 19.86 73.61 28.49
CA SER D 61 18.95 72.74 29.24
C SER D 61 17.68 72.44 28.43
N LYS D 62 17.89 71.84 27.26
CA LYS D 62 16.81 71.42 26.39
C LYS D 62 16.72 69.92 26.22
N LEU D 63 17.54 69.15 26.95
CA LEU D 63 17.56 67.70 26.85
C LEU D 63 17.03 67.08 28.13
N ASP D 64 16.27 66.00 28.00
CA ASP D 64 15.71 65.34 29.16
C ASP D 64 16.81 64.70 30.00
N PRO D 65 16.62 64.62 31.32
CA PRO D 65 17.64 64.01 32.17
C PRO D 65 17.78 62.51 31.92
N VAL D 66 18.97 61.99 32.21
CA VAL D 66 19.30 60.59 32.01
C VAL D 66 19.62 59.97 33.36
N ILE D 67 18.99 58.84 33.66
CA ILE D 67 19.06 58.22 34.99
C ILE D 67 19.71 56.85 34.87
N GLY D 68 20.75 56.63 35.66
CA GLY D 68 21.29 55.29 35.86
C GLY D 68 21.88 54.63 34.64
N ARG D 69 22.62 55.38 33.82
CA ARG D 69 23.34 54.82 32.68
C ARG D 69 24.84 55.02 32.85
N GLU D 70 25.31 54.87 34.10
CA GLU D 70 26.71 55.15 34.39
C GLU D 70 27.64 54.16 33.72
N LYS D 71 27.26 52.88 33.67
CA LYS D 71 28.14 51.87 33.10
C LYS D 71 28.31 52.05 31.59
N GLU D 72 27.20 52.26 30.88
CA GLU D 72 27.28 52.44 29.44
C GLU D 72 28.02 53.71 29.07
N ILE D 73 27.76 54.79 29.81
CA ILE D 73 28.47 56.04 29.55
C ILE D 73 29.95 55.89 29.84
N GLU D 74 30.29 55.16 30.91
CA GLU D 74 31.69 54.91 31.22
C GLU D 74 32.36 54.13 30.11
N ARG D 75 31.69 53.10 29.58
CA ARG D 75 32.27 52.34 28.48
C ARG D 75 32.44 53.20 27.24
N VAL D 76 31.46 54.05 26.94
CA VAL D 76 31.56 54.94 25.79
C VAL D 76 32.76 55.87 25.94
N MET D 77 32.92 56.47 27.11
CA MET D 77 34.05 57.35 27.37
C MET D 77 35.37 56.61 27.28
N GLN D 78 35.40 55.38 27.79
CA GLN D 78 36.63 54.59 27.74
C GLN D 78 37.03 54.27 26.31
N VAL D 79 36.05 53.89 25.48
CA VAL D 79 36.35 53.58 24.09
C VAL D 79 36.77 54.84 23.34
N LEU D 80 36.11 55.97 23.61
CA LEU D 80 36.43 57.21 22.92
C LEU D 80 37.85 57.68 23.20
N SER D 81 38.47 57.19 24.27
CA SER D 81 39.84 57.57 24.63
C SER D 81 40.87 56.61 24.05
N ARG D 82 40.46 55.69 23.19
CA ARG D 82 41.38 54.71 22.63
C ARG D 82 42.31 55.35 21.62
N ARG D 83 43.53 54.80 21.53
CA ARG D 83 44.51 55.33 20.59
C ARG D 83 44.05 55.12 19.15
N THR D 84 43.53 53.94 18.83
CA THR D 84 43.09 53.61 17.49
C THR D 84 41.72 52.97 17.54
N LYS D 85 40.95 53.15 16.46
CA LYS D 85 39.61 52.59 16.33
C LYS D 85 38.72 52.99 17.50
N ASN D 86 38.82 54.25 17.91
CA ASN D 86 38.03 54.77 19.03
C ASN D 86 36.66 55.26 18.55
N ASN D 87 35.86 54.30 18.08
CA ASN D 87 34.55 54.59 17.49
C ASN D 87 33.51 53.66 18.09
N PRO D 88 32.97 54.01 19.27
CA PRO D 88 31.94 53.16 19.88
C PRO D 88 30.61 53.28 19.17
N VAL D 89 29.91 52.15 19.06
CA VAL D 89 28.57 52.11 18.48
C VAL D 89 27.66 51.35 19.44
N LEU D 90 26.53 51.96 19.78
CA LEU D 90 25.58 51.39 20.72
C LEU D 90 24.54 50.59 19.96
N ILE D 91 24.42 49.31 20.26
CA ILE D 91 23.44 48.43 19.64
C ILE D 91 22.46 47.95 20.70
N GLY D 92 21.17 48.07 20.42
CA GLY D 92 20.15 47.63 21.36
C GLY D 92 18.79 47.62 20.70
N GLU D 93 17.83 47.08 21.42
CA GLU D 93 16.47 46.99 20.91
C GLU D 93 15.84 48.38 20.83
N PRO D 94 14.87 48.58 19.94
CA PRO D 94 14.21 49.88 19.86
C PRO D 94 13.47 50.21 21.15
N GLY D 95 13.54 51.47 21.55
CA GLY D 95 12.87 51.96 22.72
C GLY D 95 13.72 52.06 23.97
N VAL D 96 14.85 51.35 24.02
CA VAL D 96 15.76 51.45 25.15
C VAL D 96 16.56 52.73 24.98
N GLY D 97 17.28 53.15 26.03
CA GLY D 97 17.98 54.41 25.99
C GLY D 97 19.27 54.40 25.21
N LYS D 98 19.18 54.32 23.88
CA LYS D 98 20.37 54.42 23.05
C LYS D 98 20.77 55.87 22.84
N THR D 99 19.84 56.68 22.31
CA THR D 99 20.09 58.12 22.20
C THR D 99 20.21 58.77 23.58
N ALA D 100 19.51 58.22 24.57
CA ALA D 100 19.58 58.77 25.92
C ALA D 100 20.99 58.70 26.49
N VAL D 101 21.74 57.64 26.18
CA VAL D 101 23.11 57.55 26.66
C VAL D 101 23.95 58.69 26.07
N VAL D 102 23.78 58.97 24.79
CA VAL D 102 24.54 60.04 24.16
C VAL D 102 24.14 61.40 24.74
N GLU D 103 22.84 61.60 24.99
CA GLU D 103 22.41 62.85 25.62
C GLU D 103 22.99 62.99 27.02
N GLY D 104 23.03 61.90 27.78
CA GLY D 104 23.64 61.95 29.10
C GLY D 104 25.13 62.25 29.04
N LEU D 105 25.82 61.69 28.03
CA LEU D 105 27.23 62.00 27.86
C LEU D 105 27.43 63.47 27.53
N ALA D 106 26.56 64.03 26.68
CA ALA D 106 26.63 65.45 26.39
C ALA D 106 26.42 66.29 27.63
N GLN D 107 25.43 65.93 28.45
CA GLN D 107 25.18 66.66 29.68
C GLN D 107 26.36 66.57 30.64
N ALA D 108 26.98 65.38 30.73
CA ALA D 108 28.15 65.22 31.58
C ALA D 108 29.31 66.07 31.10
N ILE D 109 29.51 66.14 29.78
CA ILE D 109 30.55 66.98 29.22
C ILE D 109 30.28 68.45 29.54
N VAL D 110 29.03 68.88 29.40
CA VAL D 110 28.68 70.27 29.71
C VAL D 110 28.94 70.58 31.17
N LYS D 111 28.51 69.70 32.07
CA LYS D 111 28.70 69.92 33.49
C LYS D 111 30.13 69.68 33.95
N GLY D 112 30.95 69.00 33.14
CA GLY D 112 32.36 68.84 33.47
C GLY D 112 32.68 67.74 34.45
N GLU D 113 32.22 66.51 34.21
CA GLU D 113 32.58 65.34 35.00
C GLU D 113 33.24 64.27 34.14
N VAL D 114 34.08 64.70 33.20
CA VAL D 114 34.73 63.79 32.27
C VAL D 114 36.24 64.00 32.37
N PRO D 115 37.02 62.98 31.99
CA PRO D 115 38.48 63.13 32.03
C PRO D 115 38.98 64.18 31.06
N GLU D 116 40.30 64.39 31.08
CA GLU D 116 40.92 65.43 30.29
C GLU D 116 40.74 65.20 28.79
N THR D 117 40.77 63.94 28.35
CA THR D 117 40.64 63.64 26.92
C THR D 117 39.29 64.11 26.38
N LEU D 118 38.23 63.88 27.14
CA LEU D 118 36.90 64.32 26.75
C LEU D 118 36.57 65.72 27.25
N LYS D 119 37.46 66.33 28.02
CA LYS D 119 37.18 67.63 28.61
C LYS D 119 37.10 68.71 27.53
N ASP D 120 36.06 69.54 27.63
CA ASP D 120 35.84 70.66 26.72
C ASP D 120 35.78 70.18 25.26
N LYS D 121 34.79 69.34 24.97
CA LYS D 121 34.59 68.82 23.63
C LYS D 121 33.19 69.19 23.16
N HIS D 122 33.06 69.38 21.85
CA HIS D 122 31.79 69.69 21.22
C HIS D 122 31.24 68.46 20.52
N LEU D 123 30.00 68.12 20.84
CA LEU D 123 29.35 66.92 20.30
C LEU D 123 28.38 67.37 19.21
N TYR D 124 28.71 67.05 17.97
CA TYR D 124 27.89 67.42 16.83
C TYR D 124 27.23 66.19 16.23
N THR D 125 25.91 66.25 16.06
CA THR D 125 25.18 65.21 15.33
C THR D 125 25.21 65.53 13.85
N LEU D 126 25.38 64.51 13.03
CA LEU D 126 25.48 64.68 11.58
C LEU D 126 24.29 64.00 10.90
N ASP D 127 23.64 64.75 10.01
CA ASP D 127 22.47 64.29 9.29
C ASP D 127 22.90 63.83 7.90
N LEU D 128 22.88 62.51 7.67
CA LEU D 128 23.22 61.99 6.36
C LEU D 128 22.14 62.28 5.33
N GLY D 129 20.88 62.40 5.76
CA GLY D 129 19.81 62.66 4.82
C GLY D 129 19.96 63.98 4.10
N ALA D 130 20.39 65.02 4.83
CA ALA D 130 20.57 66.33 4.21
C ALA D 130 21.67 66.30 3.15
N LEU D 131 22.78 65.63 3.45
CA LEU D 131 23.89 65.58 2.50
C LEU D 131 23.50 64.84 1.23
N VAL D 132 22.81 63.70 1.36
CA VAL D 132 22.43 62.91 0.20
C VAL D 132 21.37 63.63 -0.63
N ALA D 133 20.41 64.27 0.05
CA ALA D 133 19.36 64.99 -0.65
C ALA D 133 19.95 66.08 -1.52
N GLY D 134 19.37 66.25 -2.71
CA GLY D 134 19.97 67.11 -3.73
C GLY D 134 20.79 66.28 -4.70
N SER D 135 22.07 66.62 -4.82
CA SER D 135 23.02 65.86 -5.64
C SER D 135 22.54 65.76 -7.09
N ARG D 136 22.46 66.92 -7.73
CA ARG D 136 21.97 66.98 -9.10
C ARG D 136 22.88 66.22 -10.06
N TYR D 137 24.19 66.45 -9.98
CA TYR D 137 25.14 65.97 -10.96
C TYR D 137 26.25 65.17 -10.28
N ARG D 138 27.26 64.83 -11.08
CA ARG D 138 28.43 64.14 -10.57
C ARG D 138 29.26 65.06 -9.68
N GLY D 139 29.74 64.51 -8.57
CA GLY D 139 30.57 65.25 -7.64
C GLY D 139 29.82 66.12 -6.65
N ASP D 140 28.48 66.15 -6.72
CA ASP D 140 27.71 67.01 -5.83
C ASP D 140 27.65 66.46 -4.40
N PHE D 141 27.54 65.13 -4.26
CA PHE D 141 27.45 64.53 -2.93
C PHE D 141 28.68 64.89 -2.10
N GLU D 142 29.86 64.46 -2.55
CA GLU D 142 31.09 64.86 -1.89
C GLU D 142 31.41 66.32 -2.21
N GLU D 143 32.54 66.79 -1.68
CA GLU D 143 32.95 68.19 -1.64
C GLU D 143 32.10 68.93 -0.62
N ARG D 144 31.07 68.25 -0.09
CA ARG D 144 30.41 68.63 1.14
C ARG D 144 30.99 67.85 2.32
N LEU D 145 31.15 66.53 2.16
CA LEU D 145 31.86 65.74 3.14
C LEU D 145 33.31 66.20 3.27
N LYS D 146 33.93 66.57 2.15
CA LYS D 146 35.29 67.09 2.21
C LYS D 146 35.35 68.34 3.07
N LYS D 147 34.39 69.26 2.88
CA LYS D 147 34.37 70.49 3.66
C LYS D 147 34.13 70.22 5.13
N VAL D 148 33.19 69.31 5.45
CA VAL D 148 32.88 69.07 6.86
C VAL D 148 34.05 68.37 7.54
N LEU D 149 34.70 67.43 6.86
CA LEU D 149 35.86 66.77 7.47
C LEU D 149 37.03 67.71 7.61
N LYS D 150 37.23 68.64 6.66
CA LYS D 150 38.30 69.61 6.85
C LYS D 150 37.98 70.56 7.99
N GLU D 151 36.71 70.91 8.18
CA GLU D 151 36.32 71.71 9.34
C GLU D 151 36.60 70.96 10.63
N ILE D 152 36.28 69.65 10.68
CA ILE D 152 36.54 68.86 11.88
C ILE D 152 38.03 68.79 12.15
N ARG D 153 38.83 68.54 11.12
CA ARG D 153 40.27 68.41 11.29
C ARG D 153 40.89 69.72 11.76
N THR D 154 40.44 70.85 11.21
CA THR D 154 41.01 72.14 11.59
C THR D 154 40.74 72.44 13.06
N ARG D 155 39.48 72.36 13.48
CA ARG D 155 39.15 72.69 14.87
C ARG D 155 39.68 71.63 15.83
N GLY D 156 39.42 70.36 15.53
CA GLY D 156 39.98 69.29 16.34
C GLY D 156 39.36 69.10 17.70
N ASP D 157 38.14 69.58 17.91
CA ASP D 157 37.46 69.43 19.20
C ASP D 157 36.00 69.04 18.98
N ILE D 158 35.74 68.17 18.03
CA ILE D 158 34.38 67.75 17.69
C ILE D 158 34.30 66.23 17.77
N ILE D 159 33.25 65.73 18.41
CA ILE D 159 32.90 64.31 18.38
C ILE D 159 31.64 64.19 17.54
N LEU D 160 31.70 63.34 16.51
CA LEU D 160 30.62 63.22 15.55
C LEU D 160 29.70 62.07 15.96
N PHE D 161 28.39 62.34 15.98
CA PHE D 161 27.39 61.36 16.36
C PHE D 161 26.45 61.13 15.19
N ILE D 162 26.23 59.87 14.84
CA ILE D 162 25.44 59.49 13.68
C ILE D 162 24.33 58.57 14.17
N ASP D 163 23.08 59.02 14.05
CA ASP D 163 21.94 58.16 14.30
C ASP D 163 21.65 57.30 13.08
N ALA D 164 21.15 56.08 13.31
CA ALA D 164 20.85 55.13 12.25
C ALA D 164 22.09 54.90 11.36
N LEU D 165 23.13 54.35 11.98
CA LEU D 165 24.40 54.15 11.29
C LEU D 165 24.27 53.24 10.08
N HIS D 166 23.23 52.42 10.01
CA HIS D 166 23.07 51.52 8.86
C HIS D 166 22.86 52.31 7.57
N THR D 167 22.28 53.50 7.65
CA THR D 167 22.09 54.32 6.46
C THR D 167 23.43 54.82 5.90
N LEU D 168 24.49 54.82 6.70
CA LEU D 168 25.79 55.23 6.19
C LEU D 168 26.33 54.24 5.16
N VAL D 169 25.96 52.96 5.28
CA VAL D 169 26.42 51.97 4.31
C VAL D 169 25.92 52.31 2.92
N GLY D 170 24.61 52.57 2.80
CA GLY D 170 24.09 53.04 1.55
C GLY D 170 24.03 54.56 1.50
N ALA D 171 25.05 55.16 0.92
CA ALA D 171 25.12 56.61 0.76
C ALA D 171 24.53 56.99 -0.59
N GLY D 172 24.79 58.21 -1.03
CA GLY D 172 24.38 58.58 -2.38
C GLY D 172 25.29 57.91 -3.39
N ALA D 173 25.18 56.58 -3.46
CA ALA D 173 26.07 55.77 -4.31
C ALA D 173 25.45 55.57 -5.69
N ALA D 174 25.09 56.68 -6.32
CA ALA D 174 24.68 56.65 -7.70
C ALA D 174 25.87 56.32 -8.60
N GLU D 175 25.57 55.95 -9.85
CA GLU D 175 26.55 55.46 -10.82
C GLU D 175 27.60 54.60 -10.12
N GLY D 176 28.89 54.90 -10.33
CA GLY D 176 29.91 54.31 -9.51
C GLY D 176 30.24 55.19 -8.32
N ALA D 177 30.63 56.44 -8.61
CA ALA D 177 30.88 57.46 -7.60
C ALA D 177 31.79 56.98 -6.48
N ILE D 178 31.74 57.66 -5.34
CA ILE D 178 32.44 57.26 -4.12
C ILE D 178 31.47 57.42 -2.96
N ASP D 179 31.11 56.32 -2.32
CA ASP D 179 30.16 56.37 -1.23
C ASP D 179 30.79 57.00 0.01
N ALA D 180 29.93 57.43 0.93
CA ALA D 180 30.41 58.07 2.16
C ALA D 180 31.22 57.11 3.00
N ALA D 181 30.85 55.83 3.00
CA ALA D 181 31.58 54.83 3.77
C ALA D 181 33.02 54.72 3.29
N SER D 182 33.23 54.73 1.97
CA SER D 182 34.59 54.64 1.45
C SER D 182 35.40 55.88 1.81
N ILE D 183 34.75 57.04 1.87
CA ILE D 183 35.44 58.26 2.26
C ILE D 183 35.83 58.19 3.73
N LEU D 184 34.95 57.66 4.58
CA LEU D 184 35.20 57.66 6.01
C LEU D 184 36.12 56.53 6.48
N LYS D 185 36.25 55.46 5.68
CA LYS D 185 37.07 54.33 6.11
C LYS D 185 38.52 54.68 6.39
N PRO D 186 39.26 55.38 5.51
CA PRO D 186 40.71 55.49 5.72
C PRO D 186 41.11 56.15 7.04
N MET D 187 40.39 57.16 7.49
CA MET D 187 40.75 57.84 8.73
C MET D 187 39.99 57.31 9.94
N LEU D 188 39.01 56.43 9.75
CA LEU D 188 38.33 55.85 10.91
C LEU D 188 39.22 54.86 11.64
N ALA D 189 39.91 53.99 10.90
CA ALA D 189 40.77 52.99 11.50
C ALA D 189 42.15 53.52 11.90
N ARG D 190 42.48 54.75 11.51
CA ARG D 190 43.77 55.34 11.84
C ARG D 190 43.79 55.97 13.22
N GLY D 191 42.64 56.35 13.76
CA GLY D 191 42.56 56.94 15.08
C GLY D 191 41.94 58.33 15.12
N GLU D 192 41.80 58.99 13.97
CA GLU D 192 41.18 60.30 13.93
C GLU D 192 39.68 60.17 13.67
N LEU D 193 38.98 61.30 13.74
CA LEU D 193 37.54 61.39 13.49
C LEU D 193 36.77 60.46 14.43
N GLN D 194 36.86 60.79 15.72
CA GLN D 194 36.11 60.06 16.73
C GLN D 194 34.62 60.14 16.43
N THR D 195 33.96 58.99 16.42
CA THR D 195 32.58 58.89 15.98
C THR D 195 31.79 57.97 16.91
N ILE D 196 30.53 58.32 17.12
CA ILE D 196 29.61 57.52 17.93
C ILE D 196 28.41 57.16 17.07
N GLY D 197 28.04 55.88 17.08
CA GLY D 197 26.92 55.42 16.29
C GLY D 197 25.91 54.69 17.15
N ALA D 198 24.70 54.57 16.62
CA ALA D 198 23.62 53.89 17.34
C ALA D 198 22.65 53.29 16.32
N THR D 199 22.38 52.00 16.46
CA THR D 199 21.45 51.31 15.57
C THR D 199 20.90 50.09 16.30
N THR D 200 19.74 49.63 15.82
CA THR D 200 19.08 48.49 16.42
C THR D 200 19.77 47.19 16.04
N LEU D 201 19.46 46.12 16.76
CA LEU D 201 20.12 44.84 16.53
C LEU D 201 19.81 44.28 15.16
N ASP D 202 18.54 44.35 14.74
CA ASP D 202 18.17 43.77 13.44
C ASP D 202 18.82 44.52 12.29
N GLU D 203 18.78 45.86 12.32
CA GLU D 203 19.41 46.64 11.26
C GLU D 203 20.92 46.51 11.29
N TYR D 204 21.50 46.38 12.48
CA TYR D 204 22.93 46.12 12.59
C TYR D 204 23.28 44.77 11.97
N ARG D 205 22.42 43.77 12.14
CA ARG D 205 22.69 42.44 11.61
C ARG D 205 22.55 42.41 10.09
N LYS D 206 21.48 42.99 9.56
CA LYS D 206 21.18 42.82 8.14
C LYS D 206 21.79 43.88 7.25
N HIS D 207 22.29 44.99 7.81
CA HIS D 207 22.87 46.05 7.00
C HIS D 207 24.36 46.23 7.26
N LEU D 208 24.76 46.44 8.51
CA LEU D 208 26.15 46.75 8.80
C LEU D 208 27.05 45.54 8.65
N GLU D 209 26.54 44.35 9.01
CA GLU D 209 27.34 43.14 8.90
C GLU D 209 27.72 42.81 7.47
N LYS D 210 26.97 43.31 6.48
CA LYS D 210 27.30 43.04 5.09
C LYS D 210 28.65 43.62 4.72
N ASP D 211 28.93 44.85 5.16
CA ASP D 211 30.21 45.51 4.90
C ASP D 211 31.11 45.28 6.11
N ALA D 212 31.91 44.22 6.05
CA ALA D 212 32.79 43.87 7.16
C ALA D 212 33.87 44.91 7.38
N ALA D 213 34.38 45.52 6.30
CA ALA D 213 35.45 46.50 6.44
C ALA D 213 35.01 47.70 7.26
N LEU D 214 33.78 48.17 7.04
CA LEU D 214 33.25 49.27 7.85
C LEU D 214 32.92 48.81 9.26
N GLU D 215 32.39 47.60 9.40
CA GLU D 215 31.98 47.10 10.72
C GLU D 215 33.18 46.93 11.65
N ARG D 216 34.31 46.48 11.12
CA ARG D 216 35.47 46.20 11.96
C ARG D 216 36.06 47.44 12.61
N ARG D 217 35.69 48.63 12.16
CA ARG D 217 36.23 49.87 12.69
C ARG D 217 35.43 50.43 13.87
N PHE D 218 34.37 49.74 14.28
CA PHE D 218 33.54 50.19 15.38
C PHE D 218 33.58 49.18 16.53
N GLN D 219 33.50 49.70 17.74
CA GLN D 219 33.45 48.86 18.93
C GLN D 219 32.00 48.75 19.41
N PRO D 220 31.40 47.57 19.37
CA PRO D 220 29.99 47.46 19.77
C PRO D 220 29.83 47.52 21.29
N ILE D 221 28.76 48.18 21.72
CA ILE D 221 28.40 48.28 23.13
C ILE D 221 26.91 47.97 23.23
N GLN D 222 26.57 47.01 24.08
CA GLN D 222 25.19 46.57 24.24
C GLN D 222 24.47 47.47 25.23
N VAL D 223 23.23 47.83 24.91
CA VAL D 223 22.37 48.61 25.78
C VAL D 223 21.18 47.73 26.13
N ALA D 224 21.16 47.21 27.36
CA ALA D 224 20.13 46.29 27.78
C ALA D 224 18.90 47.04 28.28
N GLU D 225 17.76 46.38 28.18
CA GLU D 225 16.51 46.95 28.67
C GLU D 225 16.58 47.09 30.18
N PRO D 226 16.18 48.24 30.74
CA PRO D 226 16.29 48.42 32.18
C PRO D 226 15.29 47.57 32.95
N SER D 227 15.62 47.29 34.21
CA SER D 227 14.75 46.53 35.08
C SER D 227 13.64 47.41 35.63
N LEU D 228 12.74 46.81 36.41
CA LEU D 228 11.63 47.55 36.98
C LEU D 228 12.07 48.67 37.92
N PRO D 229 12.98 48.45 38.89
CA PRO D 229 13.42 49.59 39.71
C PRO D 229 14.07 50.70 38.89
N HIS D 230 14.85 50.34 37.87
CA HIS D 230 15.47 51.35 37.02
C HIS D 230 14.41 52.14 36.26
N THR D 231 13.38 51.45 35.76
CA THR D 231 12.30 52.14 35.06
C THR D 231 11.53 53.05 36.01
N ILE D 232 11.35 52.62 37.26
CA ILE D 232 10.68 53.46 38.25
C ILE D 232 11.51 54.72 38.50
N GLU D 233 12.83 54.57 38.62
CA GLU D 233 13.69 55.74 38.79
C GLU D 233 13.61 56.67 37.59
N ILE D 234 13.57 56.10 36.38
CA ILE D 234 13.47 56.92 35.17
C ILE D 234 12.15 57.68 35.15
N LEU D 235 11.05 57.01 35.52
CA LEU D 235 9.76 57.69 35.57
C LEU D 235 9.76 58.80 36.62
N LYS D 236 10.39 58.56 37.76
CA LYS D 236 10.51 59.60 38.77
C LYS D 236 11.31 60.79 38.24
N GLY D 237 12.35 60.52 37.44
CA GLY D 237 13.11 61.60 36.85
C GLY D 237 12.29 62.40 35.84
N LEU D 238 11.50 61.73 35.03
CA LEU D 238 10.75 62.39 33.96
C LEU D 238 9.43 62.99 34.42
N ARG D 239 8.97 62.66 35.63
CA ARG D 239 7.66 63.13 36.08
C ARG D 239 7.61 64.65 36.15
N ASP D 240 8.73 65.29 36.51
CA ASP D 240 8.73 66.75 36.63
C ASP D 240 8.48 67.41 35.28
N ARG D 241 9.24 66.99 34.27
CA ARG D 241 9.05 67.56 32.92
C ARG D 241 7.67 67.24 32.38
N TYR D 242 7.17 66.03 32.62
CA TYR D 242 5.87 65.68 32.07
C TYR D 242 4.74 66.43 32.78
N GLU D 243 4.86 66.66 34.09
CA GLU D 243 3.89 67.49 34.79
C GLU D 243 3.95 68.94 34.28
N ALA D 244 5.15 69.45 34.04
CA ALA D 244 5.28 70.81 33.52
C ALA D 244 4.64 70.94 32.15
N HIS D 245 4.86 69.95 31.28
CA HIS D 245 4.30 70.01 29.93
C HIS D 245 2.79 69.83 29.93
N HIS D 246 2.29 68.89 30.73
CA HIS D 246 0.87 68.52 30.67
C HIS D 246 0.00 69.35 31.60
N ARG D 247 0.59 70.21 32.45
CA ARG D 247 -0.17 71.05 33.37
C ARG D 247 -1.06 70.21 34.27
N VAL D 248 -0.54 69.08 34.73
CA VAL D 248 -1.23 68.18 35.63
C VAL D 248 -0.29 67.77 36.75
N SER D 249 -0.79 66.95 37.67
CA SER D 249 0.00 66.41 38.77
C SER D 249 -0.11 64.90 38.77
N ILE D 250 1.03 64.22 38.91
CA ILE D 250 1.11 62.77 38.86
C ILE D 250 1.41 62.26 40.25
N THR D 251 0.59 61.33 40.75
CA THR D 251 0.81 60.72 42.04
C THR D 251 2.02 59.80 42.00
N ASP D 252 2.57 59.53 43.19
CA ASP D 252 3.74 58.64 43.27
C ASP D 252 3.39 57.22 42.84
N GLU D 253 2.22 56.72 43.27
CA GLU D 253 1.83 55.36 42.90
C GLU D 253 1.50 55.25 41.42
N ALA D 254 1.21 56.37 40.75
CA ALA D 254 0.89 56.31 39.33
C ALA D 254 2.07 55.80 38.52
N LEU D 255 3.28 56.26 38.84
CA LEU D 255 4.47 55.79 38.12
C LEU D 255 4.67 54.29 38.29
N VAL D 256 4.53 53.80 39.53
CA VAL D 256 4.70 52.38 39.80
C VAL D 256 3.66 51.57 39.06
N GLN D 257 2.39 52.02 39.09
CA GLN D 257 1.33 51.32 38.40
C GLN D 257 1.59 51.29 36.90
N ALA D 258 1.99 52.42 36.33
CA ALA D 258 2.26 52.46 34.89
C ALA D 258 3.40 51.53 34.52
N ALA D 259 4.49 51.54 35.29
CA ALA D 259 5.61 50.68 34.99
C ALA D 259 5.23 49.21 35.07
N THR D 260 4.55 48.81 36.14
CA THR D 260 4.19 47.41 36.31
C THR D 260 3.21 46.96 35.23
N LEU D 261 2.20 47.78 34.94
CA LEU D 261 1.21 47.41 33.94
C LEU D 261 1.83 47.31 32.55
N ALA D 262 2.68 48.26 32.19
CA ALA D 262 3.34 48.21 30.89
C ALA D 262 4.25 47.00 30.77
N ASP D 263 4.99 46.69 31.84
CA ASP D 263 5.88 45.54 31.81
C ASP D 263 5.12 44.23 31.72
N ARG D 264 3.95 44.14 32.35
CA ARG D 264 3.26 42.87 32.44
C ARG D 264 2.30 42.62 31.27
N TYR D 265 1.39 43.58 31.01
CA TYR D 265 0.30 43.32 30.08
C TYR D 265 0.60 43.74 28.64
N ILE D 266 1.78 44.28 28.36
CA ILE D 266 2.15 44.68 27.01
C ILE D 266 3.49 44.05 26.68
N SER D 267 3.48 43.04 25.81
CA SER D 267 4.72 42.46 25.30
C SER D 267 4.72 42.58 23.77
N ASP D 268 5.04 43.79 23.31
CA ASP D 268 5.48 44.02 21.93
C ASP D 268 6.59 45.06 21.83
N ARG D 269 6.83 45.85 22.87
CA ARG D 269 7.80 46.92 22.89
C ARG D 269 8.70 46.76 24.10
N PHE D 270 9.49 47.77 24.43
CA PHE D 270 10.45 47.66 25.51
C PHE D 270 10.21 48.74 26.56
N LEU D 271 10.72 48.47 27.76
CA LEU D 271 10.11 49.02 28.97
C LEU D 271 10.14 50.55 29.06
N PRO D 272 11.28 51.23 28.92
CA PRO D 272 11.26 52.69 29.17
C PRO D 272 10.32 53.46 28.27
N ASP D 273 10.19 53.06 27.01
CA ASP D 273 9.30 53.78 26.09
C ASP D 273 7.83 53.49 26.41
N LYS D 274 7.48 52.22 26.60
CA LYS D 274 6.07 51.86 26.76
C LYS D 274 5.53 52.28 28.12
N ALA D 275 6.41 52.43 29.11
CA ALA D 275 5.97 52.99 30.39
C ALA D 275 5.68 54.47 30.26
N ILE D 276 6.52 55.20 29.53
CA ILE D 276 6.31 56.62 29.32
C ILE D 276 5.06 56.88 28.49
N ASP D 277 4.75 55.97 27.56
CA ASP D 277 3.56 56.13 26.72
C ASP D 277 2.28 56.20 27.56
N LEU D 278 2.19 55.38 28.61
CA LEU D 278 1.00 55.38 29.45
C LEU D 278 0.80 56.74 30.12
N ILE D 279 1.89 57.29 30.68
CA ILE D 279 1.79 58.59 31.33
C ILE D 279 1.43 59.67 30.32
N ASP D 280 2.02 59.61 29.13
CA ASP D 280 1.71 60.61 28.10
C ASP D 280 0.24 60.55 27.72
N GLU D 281 -0.30 59.35 27.50
CA GLU D 281 -1.70 59.21 27.12
C GLU D 281 -2.61 59.65 28.26
N ALA D 282 -2.25 59.34 29.51
CA ALA D 282 -3.07 59.76 30.64
C ALA D 282 -3.11 61.28 30.74
N GLY D 283 -1.97 61.93 30.58
CA GLY D 283 -1.95 63.39 30.61
C GLY D 283 -2.75 64.00 29.46
N SER D 284 -2.63 63.41 28.28
CA SER D 284 -3.41 63.89 27.14
C SER D 284 -4.91 63.78 27.41
N ARG D 285 -5.35 62.63 27.93
CA ARG D 285 -6.76 62.45 28.21
C ARG D 285 -7.25 63.41 29.31
N MET D 286 -6.42 63.62 30.33
CA MET D 286 -6.78 64.57 31.37
C MET D 286 -6.94 65.98 30.81
N ARG D 287 -6.05 66.39 29.91
CA ARG D 287 -6.19 67.70 29.29
C ARG D 287 -7.43 67.76 28.41
N ILE D 288 -7.75 66.66 27.72
CA ILE D 288 -8.90 66.64 26.83
C ILE D 288 -10.21 66.72 27.60
N ARG D 289 -10.28 66.10 28.78
CA ARG D 289 -11.54 66.10 29.53
C ARG D 289 -12.02 67.51 29.84
N ARG D 290 -11.11 68.38 30.27
CA ARG D 290 -11.47 69.76 30.57
C ARG D 290 -11.28 70.65 29.35
N VAL D 352 -3.93 71.41 38.66
CA VAL D 352 -5.13 71.21 39.47
C VAL D 352 -5.59 69.76 39.38
N ALA D 353 -5.67 69.26 38.14
CA ALA D 353 -6.08 67.88 37.93
C ALA D 353 -5.01 66.91 38.43
N GLU D 354 -5.45 65.73 38.85
CA GLU D 354 -4.58 64.73 39.44
C GLU D 354 -4.60 63.48 38.58
N VAL D 355 -3.45 62.83 38.45
CA VAL D 355 -3.28 61.63 37.64
C VAL D 355 -2.90 60.50 38.60
N ASP D 356 -3.85 59.60 38.86
CA ASP D 356 -3.64 58.47 39.75
C ASP D 356 -3.49 57.18 38.93
N GLY D 357 -3.33 56.07 39.64
CA GLY D 357 -3.17 54.79 38.97
C GLY D 357 -4.44 54.28 38.32
N GLU D 358 -5.60 54.72 38.82
CA GLU D 358 -6.86 54.30 38.22
C GLU D 358 -6.98 54.79 36.78
N LEU D 359 -6.58 56.04 36.53
CA LEU D 359 -6.62 56.56 35.17
C LEU D 359 -5.68 55.79 34.25
N ILE D 360 -4.48 55.45 34.75
CA ILE D 360 -3.53 54.70 33.94
C ILE D 360 -4.08 53.33 33.60
N ALA D 361 -4.69 52.67 34.58
CA ALA D 361 -5.31 51.37 34.33
C ALA D 361 -6.44 51.50 33.31
N GLU D 362 -7.23 52.57 33.40
CA GLU D 362 -8.30 52.78 32.43
C GLU D 362 -7.74 53.00 31.03
N VAL D 363 -6.66 53.76 30.91
CA VAL D 363 -6.05 54.00 29.60
C VAL D 363 -5.54 52.69 29.01
N LEU D 364 -4.86 51.89 29.82
CA LEU D 364 -4.33 50.63 29.31
C LEU D 364 -5.46 49.68 28.95
N ALA D 365 -6.56 49.69 29.72
CA ALA D 365 -7.70 48.87 29.37
C ALA D 365 -8.31 49.30 28.05
N THR D 366 -8.42 50.62 27.83
CA THR D 366 -8.97 51.10 26.56
C THR D 366 -8.05 50.79 25.39
N ALA D 367 -6.74 50.76 25.62
CA ALA D 367 -5.79 50.53 24.53
C ALA D 367 -5.68 49.04 24.21
N THR D 368 -5.20 48.25 25.17
CA THR D 368 -4.96 46.83 24.93
C THR D 368 -6.24 46.02 24.94
N GLY D 369 -7.26 46.44 25.69
CA GLY D 369 -8.47 45.68 25.88
C GLY D 369 -8.46 44.78 27.10
N ILE D 370 -7.34 44.69 27.81
CA ILE D 370 -7.28 43.84 29.00
C ILE D 370 -8.01 44.53 30.15
N PRO D 371 -8.95 43.87 30.82
CA PRO D 371 -9.69 44.51 31.93
C PRO D 371 -8.85 44.65 33.20
N VAL D 372 -8.06 45.71 33.25
CA VAL D 372 -7.20 46.00 34.38
C VAL D 372 -7.80 47.10 35.25
N PHE D 373 -8.88 47.73 34.78
CA PHE D 373 -9.48 48.86 35.46
C PHE D 373 -9.96 48.47 36.86
N LYS D 374 -10.07 49.48 37.72
CA LYS D 374 -10.33 49.26 39.14
C LYS D 374 -11.69 48.63 39.36
N LEU D 375 -11.77 47.73 40.35
CA LEU D 375 -13.02 47.09 40.70
C LEU D 375 -14.04 48.11 41.21
N THR D 376 -15.30 47.89 40.85
CA THR D 376 -16.40 48.71 41.32
C THR D 376 -17.46 47.84 42.00
N GLU D 377 -18.30 48.49 42.80
CA GLU D 377 -19.34 47.75 43.52
C GLU D 377 -20.31 47.08 42.57
N GLU D 378 -20.70 47.78 41.50
CA GLU D 378 -21.59 47.17 40.51
C GLU D 378 -20.92 45.98 39.84
N GLU D 379 -19.65 46.13 39.46
CA GLU D 379 -18.93 45.02 38.83
C GLU D 379 -18.76 43.86 39.81
N SER D 380 -18.45 44.16 41.08
CA SER D 380 -18.32 43.10 42.07
C SER D 380 -19.63 42.36 42.24
N SER D 381 -20.75 43.08 42.32
CA SER D 381 -22.05 42.44 42.45
C SER D 381 -22.36 41.58 41.24
N ARG D 382 -22.07 42.08 40.03
CA ARG D 382 -22.34 41.31 38.83
C ARG D 382 -21.49 40.03 38.79
N LEU D 383 -20.23 40.14 39.19
CA LEU D 383 -19.36 38.97 39.23
C LEU D 383 -19.84 37.95 40.26
N LEU D 384 -20.30 38.43 41.41
CA LEU D 384 -20.74 37.51 42.47
C LEU D 384 -21.97 36.72 42.06
N ARG D 385 -22.82 37.30 41.21
CA ARG D 385 -24.05 36.67 40.77
C ARG D 385 -24.02 36.24 39.32
N MET D 386 -22.83 36.07 38.74
CA MET D 386 -22.73 35.73 37.32
C MET D 386 -23.27 34.34 37.01
N GLU D 387 -23.46 33.48 38.02
CA GLU D 387 -24.08 32.19 37.78
C GLU D 387 -25.50 32.35 37.24
N ASP D 388 -26.26 33.27 37.83
CA ASP D 388 -27.60 33.56 37.30
C ASP D 388 -27.52 34.14 35.89
N GLU D 389 -26.54 34.99 35.65
CA GLU D 389 -26.37 35.57 34.31
C GLU D 389 -26.14 34.49 33.27
N LEU D 390 -25.30 33.51 33.59
CA LEU D 390 -25.10 32.38 32.68
C LEU D 390 -26.36 31.54 32.56
N HIS D 391 -27.06 31.34 33.67
CA HIS D 391 -28.27 30.52 33.67
C HIS D 391 -29.43 31.16 32.93
N LYS D 392 -29.38 32.47 32.68
CA LYS D 392 -30.40 33.11 31.87
C LYS D 392 -30.43 32.59 30.44
N ARG D 393 -29.37 31.94 29.99
CA ARG D 393 -29.29 31.42 28.61
C ARG D 393 -29.08 29.92 28.53
N VAL D 394 -28.48 29.29 29.54
CA VAL D 394 -28.27 27.84 29.56
C VAL D 394 -29.05 27.27 30.73
N ILE D 395 -29.68 26.12 30.52
CA ILE D 395 -30.50 25.47 31.52
C ILE D 395 -29.81 24.18 31.96
N GLY D 396 -29.67 24.00 33.26
CA GLY D 396 -28.96 22.86 33.79
C GLY D 396 -27.46 23.09 33.79
N GLN D 397 -26.74 22.01 34.10
CA GLN D 397 -25.28 22.02 34.17
C GLN D 397 -24.77 23.11 35.11
N VAL D 398 -25.24 23.04 36.36
CA VAL D 398 -24.85 24.03 37.35
C VAL D 398 -23.36 23.90 37.69
N ASP D 399 -22.81 22.69 37.62
CA ASP D 399 -21.41 22.50 37.97
C ASP D 399 -20.48 23.26 37.02
N ALA D 400 -20.76 23.20 35.72
CA ALA D 400 -19.95 23.95 34.76
C ALA D 400 -20.05 25.44 34.99
N VAL D 401 -21.25 25.93 35.26
CA VAL D 401 -21.44 27.35 35.52
C VAL D 401 -20.66 27.78 36.75
N LYS D 402 -20.71 26.97 37.81
CA LYS D 402 -19.95 27.29 39.02
C LYS D 402 -18.45 27.29 38.76
N ALA D 403 -17.96 26.31 37.99
CA ALA D 403 -16.54 26.25 37.70
C ALA D 403 -16.08 27.47 36.90
N LEU D 404 -16.82 27.83 35.85
CA LEU D 404 -16.45 28.99 35.06
C LEU D 404 -16.54 30.27 35.89
N SER D 405 -17.56 30.40 36.73
CA SER D 405 -17.69 31.57 37.58
C SER D 405 -16.52 31.67 38.55
N LYS D 406 -16.12 30.56 39.14
CA LYS D 406 -14.97 30.57 40.05
C LYS D 406 -13.70 30.97 39.31
N ALA D 407 -13.52 30.45 38.09
CA ALA D 407 -12.35 30.84 37.31
C ALA D 407 -12.33 32.33 37.02
N ILE D 408 -13.46 32.88 36.59
CA ILE D 408 -13.51 34.29 36.25
C ILE D 408 -13.34 35.16 37.49
N ARG D 409 -13.89 34.71 38.63
CA ARG D 409 -13.72 35.46 39.86
C ARG D 409 -12.26 35.43 40.31
N ARG D 410 -11.59 34.29 40.15
CA ARG D 410 -10.16 34.23 40.44
C ARG D 410 -9.38 35.18 39.56
N THR D 411 -9.70 35.21 38.26
CA THR D 411 -9.00 36.11 37.34
C THR D 411 -9.22 37.57 37.71
N ARG D 412 -10.46 37.94 38.03
CA ARG D 412 -10.77 39.34 38.32
C ARG D 412 -10.29 39.78 39.69
N ALA D 413 -10.18 38.86 40.65
CA ALA D 413 -9.74 39.19 41.99
C ALA D 413 -8.25 39.47 42.07
N GLY D 414 -7.50 39.20 41.00
CA GLY D 414 -6.06 39.42 41.03
C GLY D 414 -5.28 38.32 41.73
N LEU D 415 -5.72 37.08 41.62
CA LEU D 415 -5.05 35.95 42.27
C LEU D 415 -4.49 34.94 41.28
N LYS D 416 -4.78 35.08 39.99
CA LYS D 416 -4.38 34.11 38.99
C LYS D 416 -2.88 34.08 38.83
N ASP D 417 -2.37 32.94 38.37
CA ASP D 417 -0.95 32.80 38.10
C ASP D 417 -0.57 33.72 36.95
N PRO D 418 0.39 34.63 37.13
CA PRO D 418 0.70 35.60 36.06
C PRO D 418 1.25 34.97 34.81
N LYS D 419 1.72 33.73 34.85
CA LYS D 419 2.34 33.09 33.70
C LYS D 419 1.55 31.86 33.22
N ARG D 420 0.25 31.87 33.43
CA ARG D 420 -0.62 30.80 32.94
C ARG D 420 -1.92 31.41 32.46
N PRO D 421 -2.62 30.73 31.54
CA PRO D 421 -3.89 31.28 31.03
C PRO D 421 -4.96 31.36 32.12
N GLY D 422 -6.08 31.98 31.75
CA GLY D 422 -7.13 32.22 32.73
C GLY D 422 -7.76 30.93 33.25
N GLY D 423 -7.98 29.96 32.36
CA GLY D 423 -8.58 28.71 32.78
C GLY D 423 -8.65 27.67 31.69
N SER D 424 -8.29 26.44 32.02
CA SER D 424 -8.29 25.33 31.08
C SER D 424 -9.41 24.38 31.45
N PHE D 425 -10.35 24.15 30.52
CA PHE D 425 -11.52 23.34 30.80
C PHE D 425 -11.70 22.29 29.72
N ILE D 426 -12.09 21.09 30.15
CA ILE D 426 -12.47 20.01 29.24
C ILE D 426 -13.94 19.70 29.51
N PHE D 427 -14.81 20.07 28.56
CA PHE D 427 -16.24 19.81 28.66
C PHE D 427 -16.52 18.47 28.00
N ALA D 428 -16.79 17.45 28.81
CA ALA D 428 -17.10 16.13 28.31
C ALA D 428 -18.60 15.88 28.43
N GLY D 429 -19.24 15.58 27.32
CA GLY D 429 -20.68 15.38 27.34
C GLY D 429 -21.23 14.78 26.06
N PRO D 430 -22.49 14.36 26.11
CA PRO D 430 -23.14 13.82 24.90
C PRO D 430 -23.51 14.92 23.92
N SER D 431 -24.16 14.54 22.82
CA SER D 431 -24.55 15.51 21.81
C SER D 431 -25.76 16.32 22.27
N GLY D 432 -25.79 17.58 21.86
CA GLY D 432 -26.94 18.43 22.12
C GLY D 432 -27.24 18.68 23.58
N VAL D 433 -26.22 18.94 24.38
CA VAL D 433 -26.41 19.22 25.79
C VAL D 433 -26.20 20.69 26.13
N GLY D 434 -25.39 21.41 25.36
CA GLY D 434 -25.22 22.84 25.58
C GLY D 434 -23.80 23.29 25.79
N LYS D 435 -22.84 22.45 25.40
CA LYS D 435 -21.43 22.79 25.56
C LYS D 435 -21.06 24.02 24.72
N THR D 436 -21.38 23.98 23.43
CA THR D 436 -21.16 25.13 22.56
C THR D 436 -22.02 26.32 23.00
N GLU D 437 -23.26 26.06 23.41
CA GLU D 437 -24.11 27.14 23.89
C GLU D 437 -23.54 27.78 25.15
N LEU D 438 -23.01 26.97 26.07
CA LEU D 438 -22.39 27.52 27.27
C LEU D 438 -21.16 28.34 26.92
N SER D 439 -20.34 27.86 25.97
CA SER D 439 -19.18 28.63 25.55
C SER D 439 -19.59 29.97 24.96
N LYS D 440 -20.62 29.96 24.10
CA LYS D 440 -21.10 31.21 23.51
C LYS D 440 -21.64 32.14 24.57
N ALA D 441 -22.36 31.61 25.56
CA ALA D 441 -22.89 32.44 26.64
C ALA D 441 -21.76 33.08 27.44
N LEU D 442 -20.71 32.31 27.74
CA LEU D 442 -19.57 32.86 28.46
C LEU D 442 -18.89 33.95 27.64
N ALA D 443 -18.71 33.72 26.33
CA ALA D 443 -18.10 34.73 25.49
C ALA D 443 -18.93 36.01 25.45
N GLU D 444 -20.26 35.87 25.35
CA GLU D 444 -21.13 37.04 25.35
C GLU D 444 -21.05 37.78 26.69
N PHE D 445 -21.01 37.04 27.80
CA PHE D 445 -20.93 37.67 29.11
C PHE D 445 -19.63 38.44 29.28
N LEU D 446 -18.51 37.86 28.84
CA LEU D 446 -17.21 38.47 29.10
C LEU D 446 -16.97 39.70 28.22
N PHE D 447 -17.44 39.67 26.98
CA PHE D 447 -17.15 40.74 26.04
C PHE D 447 -18.39 41.53 25.64
N GLY D 448 -19.45 40.85 25.20
CA GLY D 448 -20.66 41.54 24.80
C GLY D 448 -21.23 41.07 23.48
N ASP D 449 -20.61 40.06 22.88
CA ASP D 449 -21.11 39.49 21.63
C ASP D 449 -20.57 38.08 21.47
N GLU D 450 -21.37 37.22 20.86
CA GLU D 450 -20.98 35.83 20.66
C GLU D 450 -19.89 35.66 19.59
N ASP D 451 -19.68 36.65 18.74
CA ASP D 451 -18.70 36.54 17.67
C ASP D 451 -17.30 36.94 18.10
N ALA D 452 -17.11 37.31 19.36
CA ALA D 452 -15.79 37.52 19.93
C ALA D 452 -15.15 36.21 20.38
N LEU D 453 -15.70 35.08 19.96
CA LEU D 453 -15.20 33.77 20.34
C LEU D 453 -14.41 33.17 19.17
N ILE D 454 -13.24 32.62 19.47
CA ILE D 454 -12.44 31.93 18.47
C ILE D 454 -12.77 30.45 18.52
N SER D 455 -13.27 29.92 17.41
CA SER D 455 -13.72 28.54 17.34
C SER D 455 -12.92 27.80 16.27
N LEU D 456 -12.42 26.62 16.63
CA LEU D 456 -11.66 25.78 15.72
C LEU D 456 -12.28 24.39 15.69
N ASP D 457 -12.50 23.87 14.49
CA ASP D 457 -13.10 22.56 14.31
C ASP D 457 -12.01 21.52 14.17
N MET D 458 -11.91 20.62 15.15
CA MET D 458 -10.87 19.60 15.14
C MET D 458 -11.12 18.50 14.13
N SER D 459 -12.31 18.48 13.50
CA SER D 459 -12.54 17.52 12.43
C SER D 459 -11.64 17.80 11.24
N GLU D 460 -11.39 19.08 10.96
CA GLU D 460 -10.48 19.46 9.89
C GLU D 460 -9.04 19.04 10.19
N PHE D 461 -8.63 19.07 11.45
CA PHE D 461 -7.26 18.73 11.84
C PHE D 461 -7.10 17.23 12.05
N SER D 462 -7.52 16.44 11.06
CA SER D 462 -7.52 14.99 11.17
C SER D 462 -6.25 14.36 10.61
N GLU D 463 -5.30 15.16 10.13
CA GLU D 463 -4.09 14.64 9.51
C GLU D 463 -2.87 15.26 10.17
N LYS D 464 -1.76 14.51 10.17
CA LYS D 464 -0.57 14.91 10.93
C LYS D 464 -0.01 16.24 10.44
N HIS D 465 0.03 16.45 9.14
CA HIS D 465 0.68 17.64 8.58
C HIS D 465 -0.15 18.91 8.73
N THR D 466 -1.36 18.81 9.27
CA THR D 466 -2.23 19.97 9.40
C THR D 466 -1.77 20.95 10.47
N VAL D 467 -0.80 20.57 11.30
CA VAL D 467 -0.39 21.39 12.43
C VAL D 467 0.04 22.79 12.01
N SER D 468 0.50 22.94 10.77
CA SER D 468 0.96 24.25 10.30
C SER D 468 -0.15 25.29 10.29
N ARG D 469 -1.42 24.86 10.37
CA ARG D 469 -2.51 25.82 10.47
C ARG D 469 -2.52 26.56 11.79
N LEU D 470 -1.79 26.08 12.80
CA LEU D 470 -1.80 26.74 14.10
C LEU D 470 -0.75 27.85 14.17
N PHE D 471 0.51 27.53 13.86
CA PHE D 471 1.60 28.48 14.03
C PHE D 471 2.30 28.87 12.73
N GLY D 472 2.14 28.10 11.65
CA GLY D 472 2.64 28.52 10.36
C GLY D 472 3.53 27.48 9.73
N SER D 473 4.25 27.89 8.68
CA SER D 473 5.13 27.04 7.90
C SER D 473 6.59 27.48 8.07
N PRO D 474 7.54 26.55 8.03
CA PRO D 474 8.94 26.89 8.28
C PRO D 474 9.48 27.79 7.18
N PRO D 475 10.58 28.50 7.44
CA PRO D 475 11.16 29.37 6.42
C PRO D 475 11.53 28.60 5.17
N GLY D 476 11.35 29.25 4.02
CA GLY D 476 11.64 28.64 2.74
C GLY D 476 10.50 27.87 2.12
N TYR D 477 9.29 28.02 2.61
CA TYR D 477 8.12 27.30 2.10
C TYR D 477 6.99 28.28 1.84
N VAL D 478 6.01 27.81 1.07
CA VAL D 478 4.89 28.67 0.70
C VAL D 478 4.09 29.06 1.93
N GLY D 479 3.62 30.30 1.94
CA GLY D 479 2.86 30.80 3.06
C GLY D 479 3.67 31.24 4.25
N TYR D 480 4.99 31.25 4.16
CA TYR D 480 5.82 31.64 5.28
C TYR D 480 5.66 33.11 5.63
N GLU D 481 5.41 33.97 4.63
CA GLU D 481 5.40 35.40 4.87
C GLU D 481 4.31 35.80 5.85
N GLU D 482 3.10 35.27 5.68
CA GLU D 482 2.03 35.57 6.64
C GLU D 482 2.13 34.66 7.88
N GLY D 483 1.96 33.35 7.69
CA GLY D 483 2.22 32.39 8.74
C GLY D 483 1.12 32.28 9.77
N GLY D 484 0.65 31.08 10.03
CA GLY D 484 -0.24 30.83 11.15
C GLY D 484 -1.63 31.42 11.01
N GLN D 485 -2.59 30.86 11.75
CA GLN D 485 -3.91 31.44 11.89
C GLN D 485 -4.28 31.67 13.35
N LEU D 486 -4.07 30.69 14.21
CA LEU D 486 -4.39 30.86 15.63
C LEU D 486 -3.51 31.93 16.27
N THR D 487 -2.23 31.97 15.91
CA THR D 487 -1.31 32.91 16.56
C THR D 487 -1.67 34.35 16.24
N GLU D 488 -2.06 34.63 15.00
CA GLU D 488 -2.36 36.01 14.60
C GLU D 488 -3.61 36.53 15.28
N LYS D 489 -4.68 35.71 15.30
CA LYS D 489 -5.92 36.13 15.93
C LYS D 489 -5.72 36.39 17.42
N VAL D 490 -4.97 35.53 18.10
CA VAL D 490 -4.71 35.73 19.53
C VAL D 490 -3.83 36.95 19.73
N ARG D 491 -2.87 37.20 18.83
CA ARG D 491 -2.02 38.37 18.95
C ARG D 491 -2.84 39.65 18.79
N ARG D 492 -3.81 39.66 17.88
CA ARG D 492 -4.67 40.83 17.72
C ARG D 492 -5.51 41.07 18.97
N LYS D 493 -6.06 40.00 19.57
CA LYS D 493 -6.94 40.10 20.73
C LYS D 493 -6.30 39.34 21.89
N PRO D 494 -5.54 40.03 22.75
CA PRO D 494 -4.94 39.33 23.90
C PRO D 494 -5.96 38.71 24.84
N PHE D 495 -7.11 39.34 25.03
CA PHE D 495 -8.14 38.83 25.92
C PHE D 495 -9.26 38.25 25.07
N SER D 496 -9.33 36.92 25.02
CA SER D 496 -10.33 36.24 24.21
C SER D 496 -10.53 34.83 24.75
N VAL D 497 -11.47 34.12 24.16
CA VAL D 497 -11.80 32.75 24.53
C VAL D 497 -11.49 31.85 23.36
N VAL D 498 -10.70 30.80 23.59
CA VAL D 498 -10.30 29.85 22.56
C VAL D 498 -10.99 28.53 22.83
N LEU D 499 -11.65 28.00 21.80
CA LEU D 499 -12.46 26.79 21.92
C LEU D 499 -12.07 25.80 20.85
N PHE D 500 -11.93 24.53 21.24
CA PHE D 500 -11.60 23.44 20.33
C PHE D 500 -12.75 22.45 20.35
N ASP D 501 -13.54 22.44 19.27
CA ASP D 501 -14.71 21.58 19.17
C ASP D 501 -14.32 20.19 18.71
N ALA D 502 -14.96 19.18 19.32
CA ALA D 502 -14.74 17.77 18.98
C ALA D 502 -13.26 17.41 19.04
N VAL D 503 -12.69 17.56 20.24
CA VAL D 503 -11.26 17.37 20.43
C VAL D 503 -10.84 15.93 20.15
N GLU D 504 -11.80 15.00 20.09
CA GLU D 504 -11.46 13.62 19.82
C GLU D 504 -11.16 13.38 18.34
N LYS D 505 -11.76 14.17 17.45
CA LYS D 505 -11.62 13.91 16.02
C LYS D 505 -10.21 14.23 15.51
N ALA D 506 -9.55 15.22 16.10
CA ALA D 506 -8.24 15.62 15.62
C ALA D 506 -7.19 14.56 15.92
N HIS D 507 -6.08 14.64 15.20
CA HIS D 507 -4.96 13.76 15.44
C HIS D 507 -4.40 14.01 16.84
N PRO D 508 -3.94 12.95 17.54
CA PRO D 508 -3.35 13.17 18.88
C PRO D 508 -2.15 14.09 18.86
N ASP D 509 -1.37 14.09 17.78
CA ASP D 509 -0.17 14.92 17.72
C ASP D 509 -0.50 16.41 17.63
N ILE D 510 -1.75 16.75 17.34
CA ILE D 510 -2.14 18.16 17.31
C ILE D 510 -2.03 18.78 18.70
N PHE D 511 -2.34 17.99 19.72
CA PHE D 511 -2.52 18.53 21.07
C PHE D 511 -1.21 18.65 21.81
N ASN D 512 -0.13 18.04 21.31
CA ASN D 512 1.18 18.26 21.89
C ASN D 512 1.57 19.73 21.81
N SER D 513 1.08 20.43 20.78
CA SER D 513 1.34 21.86 20.65
C SER D 513 0.65 22.67 21.73
N LEU D 514 -0.32 22.09 22.44
CA LEU D 514 -1.03 22.81 23.49
C LEU D 514 -0.31 22.76 24.83
N LEU D 515 0.76 21.98 24.95
CA LEU D 515 1.46 21.86 26.22
C LEU D 515 2.03 23.21 26.66
N GLN D 516 2.70 23.91 25.75
CA GLN D 516 3.24 25.21 26.08
C GLN D 516 2.15 26.25 26.33
N ILE D 517 1.03 26.14 25.61
CA ILE D 517 -0.07 27.08 25.83
C ILE D 517 -0.66 26.89 27.22
N LEU D 518 -0.87 25.64 27.63
CA LEU D 518 -1.48 25.36 28.93
C LEU D 518 -0.53 25.61 30.10
N GLU D 519 0.74 25.26 29.96
CA GLU D 519 1.68 25.36 31.09
C GLU D 519 2.38 26.71 31.14
N ASP D 520 3.06 27.10 30.06
CA ASP D 520 3.80 28.36 30.05
C ASP D 520 2.99 29.53 29.50
N GLY D 521 1.81 29.27 28.93
CA GLY D 521 0.98 30.35 28.42
C GLY D 521 1.61 31.12 27.28
N ARG D 522 2.20 30.43 26.31
CA ARG D 522 2.82 31.09 25.18
C ARG D 522 2.91 30.13 24.01
N LEU D 523 3.09 30.69 22.82
CA LEU D 523 3.27 29.90 21.60
C LEU D 523 4.14 30.70 20.64
N THR D 524 5.10 30.02 20.01
CA THR D 524 6.01 30.65 19.07
C THR D 524 5.65 30.23 17.66
N ASP D 525 5.40 31.20 16.79
CA ASP D 525 5.09 30.89 15.40
C ASP D 525 6.38 30.59 14.64
N SER D 526 6.21 30.12 13.40
CA SER D 526 7.36 29.73 12.60
C SER D 526 8.26 30.91 12.25
N GLN D 527 7.74 32.13 12.30
CA GLN D 527 8.59 33.29 12.02
C GLN D 527 9.52 33.60 13.17
N GLY D 528 9.13 33.27 14.41
CA GLY D 528 9.98 33.49 15.55
C GLY D 528 9.35 34.34 16.64
N ARG D 529 8.21 34.95 16.34
CA ARG D 529 7.51 35.76 17.34
C ARG D 529 6.89 34.87 18.41
N VAL D 530 6.78 35.42 19.61
CA VAL D 530 6.25 34.69 20.76
C VAL D 530 4.97 35.39 21.18
N VAL D 531 3.83 34.80 20.87
CA VAL D 531 2.54 35.31 21.33
C VAL D 531 2.23 34.68 22.67
N ASP D 532 1.52 35.40 23.52
CA ASP D 532 1.21 34.94 24.86
C ASP D 532 -0.28 34.67 25.02
N PHE D 533 -0.59 33.60 25.75
CA PHE D 533 -1.96 33.21 26.04
C PHE D 533 -2.29 33.41 27.51
N LYS D 534 -1.57 34.29 28.20
CA LYS D 534 -1.74 34.47 29.63
C LYS D 534 -3.06 35.11 30.00
N ASN D 535 -3.81 35.65 29.03
CA ASN D 535 -5.07 36.32 29.30
C ASN D 535 -6.23 35.70 28.53
N THR D 536 -6.18 34.41 28.25
CA THR D 536 -7.23 33.72 27.51
C THR D 536 -7.83 32.60 28.35
N VAL D 537 -8.90 32.01 27.83
CA VAL D 537 -9.59 30.89 28.46
C VAL D 537 -9.70 29.78 27.42
N ILE D 538 -9.14 28.62 27.73
CA ILE D 538 -9.05 27.51 26.78
C ILE D 538 -10.11 26.47 27.14
N ILE D 539 -10.90 26.07 26.15
CA ILE D 539 -11.96 25.09 26.32
C ILE D 539 -11.80 24.00 25.26
N MET D 540 -11.94 22.74 25.66
CA MET D 540 -11.90 21.62 24.74
C MET D 540 -13.19 20.82 24.91
N THR D 541 -13.93 20.62 23.83
CA THR D 541 -15.21 19.91 23.86
C THR D 541 -15.00 18.47 23.41
N THR D 542 -15.57 17.52 24.16
CA THR D 542 -15.38 16.10 23.84
C THR D 542 -16.61 15.30 24.19
N ASN D 543 -16.71 14.12 23.57
CA ASN D 543 -17.80 13.19 23.79
C ASN D 543 -17.33 11.83 24.30
N LEU D 544 -16.10 11.74 24.78
CA LEU D 544 -15.59 10.47 25.29
C LEU D 544 -16.33 10.05 26.54
N GLY D 545 -16.64 8.76 26.64
CA GLY D 545 -17.33 8.24 27.79
C GLY D 545 -18.81 8.54 27.85
N THR D 546 -19.35 9.21 26.83
CA THR D 546 -20.75 9.59 26.80
C THR D 546 -21.51 8.84 25.70
N ARG D 547 -20.96 7.75 25.18
CA ARG D 547 -21.62 7.01 24.12
C ARG D 547 -22.86 6.29 24.64
N ASP D 548 -22.79 5.72 25.83
CA ASP D 548 -23.90 5.00 26.44
C ASP D 548 -24.33 5.72 27.70
N ILE D 549 -25.62 6.05 27.78
CA ILE D 549 -26.16 6.74 28.93
C ILE D 549 -27.16 5.89 29.72
N SER D 550 -27.86 4.97 29.06
CA SER D 550 -28.76 4.06 29.76
C SER D 550 -28.01 3.01 30.57
N LYS D 551 -26.68 3.05 30.57
CA LYS D 551 -25.85 2.04 31.24
C LYS D 551 -25.86 2.28 32.76
N GLY D 552 -27.06 2.23 33.33
CA GLY D 552 -27.21 2.41 34.76
C GLY D 552 -26.76 1.23 35.58
N PHE D 553 -26.61 0.07 34.95
CA PHE D 553 -26.17 -1.15 35.62
C PHE D 553 -25.06 -1.81 34.78
N ASN D 554 -24.46 -2.85 35.36
CA ASN D 554 -23.41 -3.58 34.68
C ASN D 554 -24.03 -4.46 33.60
N LEU D 555 -23.19 -5.22 32.88
CA LEU D 555 -23.70 -5.99 31.73
C LEU D 555 -24.22 -7.35 32.15
N GLY D 556 -23.44 -8.11 32.93
CA GLY D 556 -23.77 -9.46 33.29
C GLY D 556 -24.76 -9.52 34.45
N PHE D 557 -24.95 -10.73 34.96
CA PHE D 557 -25.81 -10.92 36.11
C PHE D 557 -25.25 -10.19 37.33
N ALA D 558 -26.13 -9.48 38.03
CA ALA D 558 -25.72 -8.63 39.14
C ALA D 558 -26.34 -9.16 40.43
N ALA D 559 -25.60 -8.96 41.52
CA ALA D 559 -26.07 -9.45 42.82
C ALA D 559 -27.22 -8.58 43.35
N GLN D 560 -26.93 -7.32 43.64
CA GLN D 560 -27.90 -6.33 44.08
C GLN D 560 -27.17 -5.01 44.27
N GLY D 561 -27.94 -3.92 44.27
CA GLY D 561 -27.39 -2.61 44.58
C GLY D 561 -27.05 -1.76 43.37
N ASP D 562 -27.75 -0.63 43.24
CA ASP D 562 -27.42 0.32 42.18
C ASP D 562 -26.06 0.99 42.44
N THR D 563 -25.59 0.93 43.68
CA THR D 563 -24.30 1.46 44.10
C THR D 563 -24.22 2.98 43.97
N LYS D 564 -23.17 3.48 43.33
CA LYS D 564 -22.82 4.89 43.40
C LYS D 564 -23.89 5.81 42.81
N SER D 565 -24.04 5.77 41.48
CA SER D 565 -24.96 6.66 40.78
C SER D 565 -24.93 6.41 39.27
N ASN D 566 -25.76 7.12 38.52
CA ASN D 566 -25.60 7.17 37.07
C ASN D 566 -24.64 8.26 36.65
N TYR D 567 -24.81 9.46 37.20
CA TYR D 567 -23.90 10.57 36.91
C TYR D 567 -22.48 10.26 37.38
N GLU D 568 -22.33 9.63 38.54
CA GLU D 568 -20.99 9.33 39.05
C GLU D 568 -20.30 8.25 38.22
N ARG D 569 -21.02 7.22 37.80
CA ARG D 569 -20.39 6.23 36.92
C ARG D 569 -20.06 6.85 35.58
N MET D 570 -20.88 7.80 35.12
CA MET D 570 -20.53 8.55 33.90
C MET D 570 -19.24 9.33 34.10
N LYS D 571 -19.07 9.95 35.27
CA LYS D 571 -17.83 10.66 35.57
C LYS D 571 -16.63 9.71 35.53
N ASN D 572 -16.77 8.54 36.16
CA ASN D 572 -15.68 7.57 36.15
C ASN D 572 -15.37 7.11 34.73
N LYS D 573 -16.41 6.86 33.93
CA LYS D 573 -16.22 6.40 32.57
C LYS D 573 -15.48 7.45 31.73
N VAL D 574 -15.89 8.71 31.83
CA VAL D 574 -15.24 9.75 31.03
C VAL D 574 -13.81 9.98 31.50
N SER D 575 -13.57 9.90 32.82
CA SER D 575 -12.21 10.04 33.32
C SER D 575 -11.32 8.91 32.81
N ASP D 576 -11.82 7.67 32.83
CA ASP D 576 -11.04 6.54 32.35
C ASP D 576 -10.77 6.69 30.85
N GLU D 577 -11.78 7.10 30.07
CA GLU D 577 -11.58 7.27 28.65
C GLU D 577 -10.56 8.37 28.35
N LEU D 578 -10.62 9.49 29.08
CA LEU D 578 -9.64 10.55 28.89
C LEU D 578 -8.25 10.08 29.24
N LYS D 579 -8.12 9.32 30.33
CA LYS D 579 -6.81 8.78 30.71
C LYS D 579 -6.28 7.86 29.61
N GLN D 580 -7.14 7.04 29.02
CA GLN D 580 -6.70 6.13 27.97
C GLN D 580 -6.35 6.88 26.69
N HIS D 581 -7.01 8.00 26.41
CA HIS D 581 -6.85 8.67 25.13
C HIS D 581 -5.75 9.72 25.12
N PHE D 582 -5.38 10.29 26.27
CA PHE D 582 -4.42 11.37 26.33
C PHE D 582 -3.25 11.01 27.23
N ARG D 583 -2.07 11.55 26.89
CA ARG D 583 -0.89 11.33 27.70
C ARG D 583 -1.03 12.02 29.06
N PRO D 584 -0.42 11.45 30.11
CA PRO D 584 -0.56 12.07 31.43
C PRO D 584 -0.05 13.49 31.51
N GLU D 585 1.02 13.81 30.78
CA GLU D 585 1.56 15.17 30.82
C GLU D 585 0.63 16.18 30.17
N PHE D 586 -0.40 15.73 29.45
CA PHE D 586 -1.39 16.65 28.91
C PHE D 586 -2.53 16.87 29.89
N LEU D 587 -3.06 15.78 30.46
CA LEU D 587 -4.12 15.91 31.46
C LEU D 587 -3.64 16.60 32.73
N ASN D 588 -2.35 16.51 33.04
CA ASN D 588 -1.83 17.13 34.25
C ASN D 588 -1.86 18.65 34.18
N ARG D 589 -1.89 19.23 32.98
CA ARG D 589 -1.89 20.67 32.83
C ARG D 589 -3.29 21.28 32.76
N VAL D 590 -4.32 20.46 32.67
CA VAL D 590 -5.69 20.94 32.52
C VAL D 590 -6.25 21.26 33.90
N ASP D 591 -6.81 22.47 34.06
CA ASP D 591 -7.38 22.87 35.33
C ASP D 591 -8.58 22.01 35.70
N ASP D 592 -9.64 22.05 34.88
CA ASP D 592 -10.90 21.42 35.25
C ASP D 592 -11.43 20.53 34.14
N VAL D 593 -11.99 19.40 34.53
CA VAL D 593 -12.74 18.52 33.65
C VAL D 593 -14.18 18.48 34.16
N VAL D 594 -15.12 18.89 33.30
CA VAL D 594 -16.51 19.05 33.69
C VAL D 594 -17.36 18.13 32.83
N VAL D 595 -18.19 17.31 33.48
CA VAL D 595 -19.08 16.37 32.80
C VAL D 595 -20.46 17.00 32.69
N PHE D 596 -21.03 16.94 31.49
CA PHE D 596 -22.34 17.53 31.23
C PHE D 596 -23.40 16.44 31.32
N PRO D 597 -24.29 16.48 32.30
CA PRO D 597 -25.30 15.43 32.43
C PRO D 597 -26.37 15.54 31.36
N GLN D 598 -27.09 14.43 31.16
CA GLN D 598 -28.15 14.38 30.19
C GLN D 598 -29.30 15.31 30.60
N LEU D 599 -29.97 15.88 29.60
CA LEU D 599 -31.06 16.82 29.82
C LEU D 599 -32.31 16.09 30.27
N SER D 600 -33.10 16.74 31.12
CA SER D 600 -34.36 16.20 31.60
C SER D 600 -35.53 16.94 30.93
N GLN D 601 -36.72 16.37 31.09
CA GLN D 601 -37.92 16.93 30.46
C GLN D 601 -38.21 18.35 30.96
N ALA D 602 -38.09 18.55 32.27
CA ALA D 602 -38.31 19.87 32.86
C ALA D 602 -37.38 20.89 32.21
N ASP D 603 -36.14 20.50 31.97
CA ASP D 603 -35.18 21.36 31.29
C ASP D 603 -35.63 21.64 29.86
N ILE D 604 -36.22 20.63 29.21
CA ILE D 604 -36.72 20.78 27.85
C ILE D 604 -37.81 21.84 27.83
N LEU D 605 -38.63 21.89 28.87
CA LEU D 605 -39.66 22.92 28.96
C LEU D 605 -39.05 24.32 28.96
N LYS D 606 -38.01 24.54 29.78
CA LYS D 606 -37.37 25.85 29.80
C LYS D 606 -36.70 26.14 28.46
N ILE D 607 -36.13 25.11 27.82
CA ILE D 607 -35.48 25.31 26.53
C ILE D 607 -36.49 25.78 25.48
N VAL D 608 -37.64 25.11 25.40
CA VAL D 608 -38.65 25.53 24.44
C VAL D 608 -39.22 26.87 24.82
N ASP D 609 -39.29 27.19 26.12
CA ASP D 609 -39.74 28.51 26.54
C ASP D 609 -38.80 29.60 26.03
N LEU D 610 -37.49 29.39 26.18
CA LEU D 610 -36.53 30.38 25.68
C LEU D 610 -36.61 30.49 24.15
N MET D 611 -36.77 29.36 23.46
CA MET D 611 -36.82 29.41 22.01
C MET D 611 -38.08 30.12 21.50
N ILE D 612 -39.22 29.87 22.14
CA ILE D 612 -40.43 30.58 21.74
C ILE D 612 -40.34 32.06 22.13
N ASP D 613 -39.62 32.38 23.21
CA ASP D 613 -39.38 33.79 23.50
C ASP D 613 -38.55 34.46 22.41
N LYS D 614 -37.55 33.75 21.88
CA LYS D 614 -36.79 34.27 20.76
C LYS D 614 -37.68 34.46 19.53
N VAL D 615 -38.55 33.49 19.26
CA VAL D 615 -39.49 33.63 18.14
C VAL D 615 -40.39 34.83 18.36
N ASP D 616 -40.82 35.06 19.60
CA ASP D 616 -41.70 36.18 19.92
C ASP D 616 -41.00 37.51 19.68
N GLU D 617 -39.75 37.63 20.13
CA GLU D 617 -39.04 38.89 19.93
C GLU D 617 -38.71 39.08 18.45
N ARG D 618 -38.53 37.99 17.70
CA ARG D 618 -38.36 38.10 16.25
C ARG D 618 -39.63 38.62 15.60
N LEU D 619 -40.78 38.10 16.01
CA LEU D 619 -42.06 38.55 15.45
C LEU D 619 -42.44 39.95 15.90
N LYS D 620 -41.86 40.43 17.01
CA LYS D 620 -42.17 41.78 17.47
C LYS D 620 -41.76 42.84 16.46
N ASP D 621 -40.84 42.50 15.55
CA ASP D 621 -40.45 43.43 14.49
C ASP D 621 -41.63 43.78 13.58
N ARG D 622 -42.52 42.82 13.31
CA ARG D 622 -43.73 43.07 12.55
C ARG D 622 -44.90 43.45 13.44
N ASP D 623 -44.66 43.67 14.74
CA ASP D 623 -45.71 43.99 15.70
C ASP D 623 -46.80 42.92 15.69
N MET D 624 -46.40 41.65 15.62
CA MET D 624 -47.31 40.53 15.58
C MET D 624 -47.25 39.71 16.87
N GLY D 625 -46.05 39.32 17.30
CA GLY D 625 -45.91 38.58 18.53
C GLY D 625 -46.41 37.15 18.42
N ILE D 626 -46.40 36.42 19.53
CA ILE D 626 -46.91 35.05 19.55
C ILE D 626 -47.19 34.67 21.00
N GLU D 627 -48.25 33.89 21.19
CA GLU D 627 -48.56 33.27 22.47
C GLU D 627 -49.08 31.85 22.20
N LEU D 628 -48.89 30.96 23.17
CA LEU D 628 -49.18 29.55 22.99
C LEU D 628 -49.93 29.02 24.20
N SER D 629 -50.69 27.95 23.99
CA SER D 629 -51.32 27.25 25.11
C SER D 629 -50.29 26.37 25.82
N SER D 630 -50.62 25.98 27.04
CA SER D 630 -49.75 25.09 27.80
C SER D 630 -49.63 23.73 27.11
N SER D 631 -50.75 23.21 26.59
CA SER D 631 -50.71 21.95 25.86
C SER D 631 -49.79 22.04 24.65
N ALA D 632 -49.64 23.23 24.07
CA ALA D 632 -48.76 23.38 22.91
C ALA D 632 -47.32 23.05 23.28
N LYS D 633 -46.79 23.69 24.32
CA LYS D 633 -45.42 23.39 24.73
C LYS D 633 -45.32 21.99 25.32
N GLU D 634 -46.41 21.48 25.92
CA GLU D 634 -46.39 20.11 26.40
C GLU D 634 -46.18 19.13 25.25
N LEU D 635 -46.90 19.31 24.14
CA LEU D 635 -46.73 18.42 23.00
C LEU D 635 -45.38 18.64 22.34
N LEU D 636 -44.90 19.88 22.32
CA LEU D 636 -43.57 20.13 21.79
C LEU D 636 -42.50 19.37 22.58
N SER D 637 -42.61 19.38 23.91
CA SER D 637 -41.70 18.60 24.73
C SER D 637 -41.89 17.10 24.49
N LYS D 638 -43.14 16.66 24.33
CA LYS D 638 -43.41 15.25 24.07
C LYS D 638 -42.74 14.79 22.78
N LYS D 639 -42.69 15.66 21.77
CA LYS D 639 -41.95 15.33 20.56
C LYS D 639 -40.46 15.19 20.86
N GLY D 640 -39.93 16.05 21.73
CA GLY D 640 -38.54 15.99 22.11
C GLY D 640 -38.22 14.89 23.10
N TYR D 641 -38.48 13.64 22.70
CA TYR D 641 -38.18 12.48 23.52
C TYR D 641 -36.78 11.92 23.26
N ASP D 642 -36.01 12.55 22.38
CA ASP D 642 -34.73 11.99 21.97
C ASP D 642 -33.69 12.15 23.08
N PRO D 643 -33.10 11.07 23.58
CA PRO D 643 -32.02 11.20 24.56
C PRO D 643 -30.62 11.20 23.96
N VAL D 644 -30.49 10.88 22.67
CA VAL D 644 -29.17 10.76 22.05
C VAL D 644 -28.83 11.95 21.14
N LEU D 645 -29.82 12.59 20.52
CA LEU D 645 -29.59 13.80 19.74
C LEU D 645 -29.76 15.07 20.55
N GLY D 646 -30.12 14.97 21.83
CA GLY D 646 -30.28 16.16 22.64
C GLY D 646 -31.38 17.05 22.11
N ALA D 647 -31.20 18.35 22.27
CA ALA D 647 -32.16 19.35 21.82
C ALA D 647 -31.94 19.78 20.38
N ARG D 648 -31.00 19.14 19.68
CA ARG D 648 -30.72 19.53 18.29
C ARG D 648 -31.93 19.37 17.37
N PRO D 649 -32.62 18.22 17.32
CA PRO D 649 -33.80 18.13 16.44
C PRO D 649 -34.94 19.04 16.86
N LEU D 650 -34.99 19.44 18.13
CA LEU D 650 -36.06 20.34 18.56
C LEU D 650 -35.93 21.71 17.91
N ARG D 651 -34.71 22.12 17.56
CA ARG D 651 -34.51 23.40 16.90
C ARG D 651 -35.08 23.40 15.49
N ARG D 652 -35.04 22.27 14.79
CA ARG D 652 -35.69 22.15 13.50
C ARG D 652 -37.19 21.90 13.63
N THR D 653 -37.62 21.25 14.73
CA THR D 653 -39.05 21.08 14.95
C THR D 653 -39.75 22.41 15.19
N ILE D 654 -39.21 23.24 16.09
CA ILE D 654 -39.79 24.54 16.35
C ILE D 654 -39.77 25.42 15.11
N GLN D 655 -38.92 25.10 14.14
CA GLN D 655 -38.84 25.88 12.91
C GLN D 655 -39.86 25.39 11.88
N ARG D 656 -39.80 24.10 11.53
CA ARG D 656 -40.69 23.57 10.49
C ARG D 656 -42.14 23.56 10.95
N GLU D 657 -42.40 23.02 12.14
CA GLU D 657 -43.79 22.79 12.54
C GLU D 657 -44.50 24.10 12.88
N ILE D 658 -43.75 25.13 13.25
CA ILE D 658 -44.35 26.35 13.77
C ILE D 658 -44.20 27.50 12.79
N GLU D 659 -42.97 27.88 12.46
CA GLU D 659 -42.77 29.15 11.77
C GLU D 659 -42.80 29.04 10.25
N ASP D 660 -42.60 27.85 9.68
CA ASP D 660 -42.88 27.70 8.26
C ASP D 660 -44.38 27.77 7.98
N SER D 661 -45.18 27.20 8.88
CA SER D 661 -46.63 27.37 8.78
C SER D 661 -47.00 28.84 8.92
N LEU D 662 -46.35 29.56 9.83
CA LEU D 662 -46.60 30.98 9.99
C LEU D 662 -46.20 31.76 8.73
N SER D 663 -45.08 31.38 8.11
CA SER D 663 -44.66 32.03 6.87
C SER D 663 -45.66 31.74 5.75
N GLU D 664 -46.18 30.51 5.68
CA GLU D 664 -47.21 30.21 4.71
C GLU D 664 -48.44 31.08 4.94
N LYS D 665 -48.86 31.21 6.19
CA LYS D 665 -50.06 31.99 6.50
C LYS D 665 -49.88 33.46 6.17
N ILE D 666 -48.70 34.02 6.47
CA ILE D 666 -48.45 35.41 6.12
C ILE D 666 -48.35 35.57 4.61
N LEU D 667 -47.89 34.53 3.90
CA LEU D 667 -47.92 34.57 2.44
C LEU D 667 -49.36 34.63 1.93
N PHE D 668 -50.25 33.82 2.51
CA PHE D 668 -51.67 33.96 2.21
C PHE D 668 -52.25 35.25 2.77
N GLY D 669 -51.59 35.86 3.75
CA GLY D 669 -52.08 37.10 4.33
C GLY D 669 -53.25 36.96 5.28
N GLU D 670 -53.50 35.76 5.81
CA GLU D 670 -54.62 35.57 6.72
C GLU D 670 -54.43 36.39 8.00
N LEU D 671 -53.19 36.62 8.40
CA LEU D 671 -52.88 37.45 9.55
C LEU D 671 -52.19 38.74 9.09
N ARG D 672 -52.42 39.81 9.83
CA ARG D 672 -51.94 41.13 9.51
C ARG D 672 -51.16 41.68 10.70
N PRO D 673 -50.27 42.64 10.47
CA PRO D 673 -49.53 43.25 11.59
C PRO D 673 -50.48 43.86 12.60
N GLY D 674 -50.10 43.78 13.88
CA GLY D 674 -50.93 44.21 14.97
C GLY D 674 -51.80 43.11 15.57
N HIS D 675 -51.77 41.91 14.99
CA HIS D 675 -52.53 40.77 15.48
C HIS D 675 -51.65 39.85 16.31
N ILE D 676 -52.16 39.43 17.46
CA ILE D 676 -51.47 38.50 18.34
C ILE D 676 -51.94 37.09 17.98
N VAL D 677 -51.00 36.21 17.72
CA VAL D 677 -51.33 34.83 17.32
C VAL D 677 -51.27 33.93 18.55
N VAL D 678 -52.32 33.13 18.73
CA VAL D 678 -52.42 32.20 19.84
C VAL D 678 -52.43 30.78 19.28
N VAL D 679 -51.61 29.91 19.85
CA VAL D 679 -51.42 28.55 19.36
C VAL D 679 -52.08 27.61 20.35
N ASP D 680 -52.93 26.72 19.84
CA ASP D 680 -53.61 25.72 20.65
C ASP D 680 -53.45 24.34 20.00
N THR D 681 -54.00 23.32 20.65
CA THR D 681 -53.83 21.94 20.22
C THR D 681 -55.19 21.27 20.02
N GLU D 682 -55.24 20.35 19.05
CA GLU D 682 -56.44 19.58 18.73
C GLU D 682 -56.04 18.13 18.54
N GLY D 683 -56.45 17.27 19.46
CA GLY D 683 -56.18 15.85 19.34
C GLY D 683 -56.02 15.21 20.70
N GLU D 684 -55.82 13.90 20.67
CA GLU D 684 -55.67 13.07 21.87
C GLU D 684 -54.45 12.18 21.69
N GLY D 685 -53.29 12.65 22.14
CA GLY D 685 -52.07 11.87 22.05
C GLY D 685 -51.29 12.08 20.78
N GLU D 686 -51.11 11.02 19.99
CA GLU D 686 -50.33 11.11 18.77
C GLU D 686 -51.01 11.92 17.68
N THR D 687 -52.33 12.09 17.76
CA THR D 687 -53.09 12.86 16.78
C THR D 687 -53.24 14.32 17.18
N LYS D 688 -52.57 14.74 18.25
CA LYS D 688 -52.65 16.14 18.68
C LYS D 688 -51.86 17.01 17.70
N THR D 689 -52.51 18.06 17.20
CA THR D 689 -51.92 18.93 16.20
C THR D 689 -52.01 20.38 16.66
N PHE D 690 -51.14 21.21 16.10
CA PHE D 690 -51.10 22.62 16.47
C PHE D 690 -51.93 23.46 15.50
N THR D 691 -52.65 24.43 16.05
CA THR D 691 -53.51 25.30 15.26
C THR D 691 -53.34 26.73 15.74
N PHE D 692 -53.50 27.67 14.81
CA PHE D 692 -53.24 29.09 15.02
C PHE D 692 -54.55 29.87 15.08
N ARG D 693 -54.53 30.96 15.84
CA ARG D 693 -55.69 31.84 15.91
C ARG D 693 -55.19 33.27 16.13
N GLY D 694 -55.80 34.20 15.41
CA GLY D 694 -55.43 35.59 15.45
C GLY D 694 -56.41 36.39 16.30
N GLU D 695 -55.87 37.33 17.09
CA GLU D 695 -56.68 38.17 17.96
C GLU D 695 -55.98 39.51 18.12
N GLU D 696 -56.68 40.59 17.76
CA GLU D 696 -56.10 41.93 17.84
C GLU D 696 -55.73 42.31 19.27
N SER E 44 4.60 81.76 3.20
CA SER E 44 3.82 80.60 2.81
C SER E 44 3.71 80.49 1.29
N LEU E 45 4.57 81.23 0.58
CA LEU E 45 4.55 81.20 -0.88
C LEU E 45 4.88 79.81 -1.40
N VAL E 46 5.89 79.16 -0.81
CA VAL E 46 6.22 77.79 -1.19
C VAL E 46 5.10 76.84 -0.78
N LEU E 47 4.47 77.12 0.36
CA LEU E 47 3.29 76.35 0.77
C LEU E 47 2.15 76.53 -0.23
N ASP E 48 1.94 77.77 -0.69
CA ASP E 48 0.87 78.03 -1.63
C ASP E 48 1.15 77.36 -2.98
N GLN E 49 2.41 77.31 -3.39
CA GLN E 49 2.75 76.67 -4.66
C GLN E 49 2.41 75.19 -4.65
N PHE E 50 2.70 74.50 -3.55
CA PHE E 50 2.61 73.04 -3.49
C PHE E 50 1.75 72.61 -2.30
N GLY E 51 0.64 73.30 -2.08
CA GLY E 51 -0.25 72.92 -0.99
C GLY E 51 -1.37 73.92 -0.88
N ARG E 52 -2.29 73.63 0.04
CA ARG E 52 -3.45 74.48 0.27
C ARG E 52 -3.65 74.72 1.76
N ASN E 53 -3.89 75.97 2.13
CA ASN E 53 -4.18 76.28 3.53
C ASN E 53 -5.67 76.09 3.79
N LEU E 54 -5.99 75.75 5.04
CA LEU E 54 -7.37 75.43 5.41
C LEU E 54 -7.99 76.39 6.40
N THR E 55 -7.17 77.06 7.22
CA THR E 55 -7.72 77.87 8.30
C THR E 55 -8.51 79.06 7.77
N GLN E 56 -7.98 79.79 6.78
CA GLN E 56 -8.72 80.94 6.27
C GLN E 56 -9.91 80.50 5.43
N ALA E 57 -9.82 79.34 4.78
CA ALA E 57 -10.96 78.80 4.05
C ALA E 57 -12.11 78.47 5.00
N ALA E 58 -11.78 77.83 6.14
CA ALA E 58 -12.79 77.55 7.15
C ALA E 58 -13.19 78.79 7.94
N ARG E 59 -12.41 79.87 7.85
CA ARG E 59 -12.80 81.11 8.53
C ARG E 59 -14.10 81.65 7.97
N GLU E 60 -14.28 81.57 6.66
CA GLU E 60 -15.57 81.82 6.03
C GLU E 60 -16.44 80.57 6.00
N SER E 61 -15.88 79.42 6.35
CA SER E 61 -16.64 78.17 6.53
C SER E 61 -17.32 77.72 5.24
N LYS E 62 -16.66 77.95 4.11
CA LYS E 62 -17.18 77.48 2.82
C LYS E 62 -16.59 76.13 2.43
N LEU E 63 -16.59 75.16 3.34
CA LEU E 63 -16.14 73.81 3.00
C LEU E 63 -17.24 72.77 3.15
N ASP E 64 -17.79 72.59 4.36
CA ASP E 64 -18.80 71.56 4.60
C ASP E 64 -19.33 71.64 6.03
N PRO E 65 -20.59 71.30 6.27
CA PRO E 65 -21.07 71.09 7.64
C PRO E 65 -20.82 69.67 8.10
N VAL E 66 -20.03 69.52 9.16
CA VAL E 66 -19.66 68.20 9.65
C VAL E 66 -20.85 67.56 10.35
N ILE E 67 -21.11 66.29 10.04
CA ILE E 67 -22.24 65.55 10.60
C ILE E 67 -21.72 64.30 11.30
N GLY E 68 -21.89 64.25 12.61
CA GLY E 68 -21.66 63.03 13.37
C GLY E 68 -20.25 62.50 13.33
N ARG E 69 -19.25 63.35 13.55
CA ARG E 69 -17.85 62.92 13.59
C ARG E 69 -17.15 63.52 14.79
N GLU E 70 -17.86 63.59 15.93
CA GLU E 70 -17.31 64.26 17.10
C GLU E 70 -16.24 63.42 17.79
N LYS E 71 -16.48 62.11 17.92
CA LYS E 71 -15.56 61.26 18.67
C LYS E 71 -14.19 61.17 18.00
N GLU E 72 -14.17 61.03 16.67
CA GLU E 72 -12.90 60.94 15.96
C GLU E 72 -12.13 62.24 16.05
N ILE E 73 -12.82 63.37 15.96
CA ILE E 73 -12.15 64.66 16.08
C ILE E 73 -11.59 64.85 17.49
N GLU E 74 -12.36 64.45 18.50
CA GLU E 74 -11.87 64.51 19.87
C GLU E 74 -10.64 63.65 20.06
N ARG E 75 -10.64 62.44 19.48
CA ARG E 75 -9.45 61.60 19.53
C ARG E 75 -8.29 62.25 18.79
N VAL E 76 -8.58 63.01 17.73
CA VAL E 76 -7.54 63.72 17.01
C VAL E 76 -6.86 64.74 17.91
N MET E 77 -7.67 65.54 18.64
CA MET E 77 -7.05 66.45 19.60
C MET E 77 -6.29 65.69 20.68
N GLN E 78 -6.85 64.57 21.15
CA GLN E 78 -6.18 63.78 22.17
C GLN E 78 -4.79 63.36 21.73
N VAL E 79 -4.67 62.85 20.50
CA VAL E 79 -3.37 62.41 20.00
C VAL E 79 -2.46 63.61 19.76
N LEU E 80 -3.01 64.70 19.22
CA LEU E 80 -2.19 65.88 18.94
C LEU E 80 -1.61 66.52 20.19
N SER E 81 -2.32 66.43 21.32
CA SER E 81 -1.87 67.06 22.55
C SER E 81 -0.71 66.31 23.22
N ARG E 82 -0.37 65.12 22.73
CA ARG E 82 0.71 64.35 23.32
C ARG E 82 2.05 65.07 23.18
N ARG E 83 2.88 64.99 24.22
CA ARG E 83 4.21 65.57 24.14
C ARG E 83 5.05 64.87 23.08
N THR E 84 5.00 63.54 23.04
CA THR E 84 5.71 62.75 22.04
C THR E 84 4.72 61.81 21.37
N LYS E 85 5.15 61.23 20.25
CA LYS E 85 4.34 60.30 19.48
C LYS E 85 3.05 60.95 18.99
N ASN E 86 3.07 62.26 18.79
CA ASN E 86 1.88 63.03 18.46
C ASN E 86 1.76 63.23 16.94
N ASN E 87 1.60 62.12 16.23
CA ASN E 87 1.45 62.11 14.77
C ASN E 87 0.28 61.22 14.40
N PRO E 88 -0.94 61.74 14.45
CA PRO E 88 -2.11 60.92 14.13
C PRO E 88 -2.14 60.52 12.67
N VAL E 89 -2.67 59.32 12.42
CA VAL E 89 -2.93 58.85 11.07
C VAL E 89 -4.30 58.19 11.04
N LEU E 90 -5.12 58.55 10.05
CA LEU E 90 -6.47 58.01 9.91
C LEU E 90 -6.45 56.89 8.88
N ILE E 91 -6.85 55.70 9.28
CA ILE E 91 -6.93 54.55 8.39
C ILE E 91 -8.39 54.34 8.02
N GLY E 92 -8.66 54.25 6.73
CA GLY E 92 -10.03 54.07 6.26
C GLY E 92 -10.06 53.95 4.77
N GLU E 93 -11.20 53.47 4.27
CA GLU E 93 -11.40 53.28 2.85
C GLU E 93 -11.65 54.63 2.16
N PRO E 94 -11.39 54.71 0.86
CA PRO E 94 -11.58 55.99 0.15
C PRO E 94 -13.00 56.52 0.23
N GLY E 95 -14.00 55.65 0.35
CA GLY E 95 -15.37 56.11 0.47
C GLY E 95 -15.61 56.88 1.77
N VAL E 96 -14.98 56.44 2.85
CA VAL E 96 -15.15 57.09 4.14
C VAL E 96 -14.54 58.50 4.09
N GLY E 97 -15.23 59.46 4.70
CA GLY E 97 -14.80 60.84 4.67
C GLY E 97 -13.69 61.15 5.67
N LYS E 98 -12.48 60.70 5.38
CA LYS E 98 -11.35 61.02 6.26
C LYS E 98 -10.98 62.49 6.15
N THR E 99 -11.06 63.06 4.94
CA THR E 99 -10.85 64.50 4.78
C THR E 99 -11.93 65.31 5.46
N ALA E 100 -13.13 64.74 5.61
CA ALA E 100 -14.17 65.41 6.38
C ALA E 100 -13.74 65.63 7.82
N VAL E 101 -13.04 64.66 8.40
CA VAL E 101 -12.52 64.81 9.76
C VAL E 101 -11.52 65.96 9.82
N VAL E 102 -10.64 66.05 8.82
CA VAL E 102 -9.63 67.12 8.82
C VAL E 102 -10.29 68.48 8.70
N GLU E 103 -11.27 68.62 7.81
CA GLU E 103 -11.93 69.91 7.66
C GLU E 103 -12.80 70.24 8.86
N GLY E 104 -13.31 69.21 9.55
CA GLY E 104 -13.97 69.45 10.82
C GLY E 104 -13.00 69.96 11.89
N LEU E 105 -11.79 69.42 11.90
CA LEU E 105 -10.75 69.94 12.77
C LEU E 105 -10.46 71.40 12.45
N ALA E 106 -10.38 71.72 11.16
CA ALA E 106 -10.15 73.11 10.76
C ALA E 106 -11.28 74.02 11.23
N GLN E 107 -12.52 73.57 11.07
CA GLN E 107 -13.66 74.35 11.56
C GLN E 107 -13.63 74.53 13.07
N ALA E 108 -13.24 73.48 13.80
CA ALA E 108 -13.13 73.60 15.26
C ALA E 108 -12.05 74.60 15.64
N ILE E 109 -10.92 74.58 14.94
CA ILE E 109 -9.86 75.55 15.20
C ILE E 109 -10.36 76.96 14.93
N VAL E 110 -11.10 77.14 13.83
CA VAL E 110 -11.63 78.47 13.50
C VAL E 110 -12.58 78.94 14.59
N LYS E 111 -13.49 78.07 15.02
CA LYS E 111 -14.43 78.41 16.09
C LYS E 111 -14.79 77.15 16.85
N GLY E 112 -14.88 77.24 18.16
CA GLY E 112 -15.24 76.10 18.97
C GLY E 112 -14.22 75.90 20.08
N GLU E 113 -14.47 74.86 20.88
CA GLU E 113 -13.60 74.53 21.99
C GLU E 113 -12.30 73.94 21.46
N VAL E 114 -11.19 74.64 21.69
CA VAL E 114 -9.87 74.15 21.30
C VAL E 114 -8.93 74.30 22.47
N PRO E 115 -8.28 73.22 22.92
CA PRO E 115 -7.36 73.34 24.07
C PRO E 115 -6.10 74.12 23.74
N GLU E 116 -5.23 74.30 24.73
CA GLU E 116 -4.00 75.03 24.51
C GLU E 116 -3.06 74.25 23.61
N THR E 117 -2.07 74.95 23.07
CA THR E 117 -1.10 74.44 22.10
C THR E 117 -1.76 73.95 20.81
N LEU E 118 -3.04 74.26 20.61
CA LEU E 118 -3.74 73.93 19.38
C LEU E 118 -4.52 75.09 18.79
N LYS E 119 -4.66 76.20 19.50
CA LYS E 119 -5.39 77.34 18.97
C LYS E 119 -4.59 78.03 17.87
N ASP E 120 -5.32 78.68 16.96
CA ASP E 120 -4.75 79.49 15.87
C ASP E 120 -3.63 78.75 15.11
N LYS E 121 -3.70 77.43 15.07
CA LYS E 121 -2.72 76.61 14.36
C LYS E 121 -3.09 76.57 12.88
N HIS E 122 -2.27 77.20 12.04
CA HIS E 122 -2.51 77.17 10.61
C HIS E 122 -2.24 75.76 10.06
N LEU E 123 -3.23 75.22 9.36
CA LEU E 123 -3.19 73.86 8.87
C LEU E 123 -3.08 73.86 7.35
N TYR E 124 -2.00 73.29 6.84
CA TYR E 124 -1.73 73.20 5.42
C TYR E 124 -1.78 71.75 4.96
N THR E 125 -2.55 71.49 3.91
CA THR E 125 -2.55 70.18 3.28
C THR E 125 -1.51 70.17 2.16
N LEU E 126 -0.69 69.12 2.16
CA LEU E 126 0.42 68.99 1.22
C LEU E 126 0.11 67.89 0.23
N ASP E 127 0.31 68.19 -1.05
CA ASP E 127 0.04 67.24 -2.14
C ASP E 127 1.37 66.84 -2.76
N LEU E 128 1.75 65.58 -2.58
CA LEU E 128 3.02 65.09 -3.11
C LEU E 128 3.02 65.01 -4.62
N GLY E 129 1.85 64.91 -5.25
CA GLY E 129 1.78 64.92 -6.71
C GLY E 129 2.09 66.26 -7.33
N ALA E 130 2.06 67.33 -6.53
CA ALA E 130 2.42 68.66 -7.00
C ALA E 130 3.85 69.04 -6.68
N LEU E 131 4.45 68.45 -5.65
CA LEU E 131 5.82 68.76 -5.25
C LEU E 131 6.85 68.35 -6.31
N VAL E 132 6.46 67.55 -7.30
CA VAL E 132 7.39 67.02 -8.28
C VAL E 132 7.42 67.96 -9.49
N ALA E 133 6.88 69.16 -9.31
CA ALA E 133 6.78 70.12 -10.41
C ALA E 133 8.16 70.55 -10.89
N GLY E 134 8.34 70.53 -12.21
CA GLY E 134 9.59 70.96 -12.82
C GLY E 134 10.79 70.17 -12.37
N SER E 135 10.59 68.90 -12.00
CA SER E 135 11.66 68.05 -11.51
C SER E 135 12.27 67.30 -12.69
N ARG E 136 13.09 68.01 -13.45
CA ARG E 136 13.83 67.35 -14.52
C ARG E 136 14.75 66.27 -13.97
N TYR E 137 15.45 66.56 -12.89
CA TYR E 137 16.22 65.58 -12.14
C TYR E 137 15.72 65.56 -10.71
N ARG E 138 16.17 64.56 -9.95
CA ARG E 138 15.66 64.33 -8.61
C ARG E 138 16.08 65.39 -7.61
N GLY E 139 17.26 65.99 -7.78
CA GLY E 139 17.76 66.92 -6.78
C GLY E 139 16.89 68.15 -6.62
N ASP E 140 16.30 68.63 -7.72
CA ASP E 140 15.46 69.83 -7.65
C ASP E 140 14.26 69.60 -6.74
N PHE E 141 13.73 68.38 -6.72
CA PHE E 141 12.64 68.04 -5.81
C PHE E 141 13.05 68.29 -4.36
N GLU E 142 14.21 67.76 -3.97
CA GLU E 142 14.63 67.89 -2.58
C GLU E 142 15.09 69.31 -2.25
N GLU E 143 15.56 70.07 -3.24
CA GLU E 143 15.95 71.45 -2.97
C GLU E 143 14.75 72.28 -2.52
N ARG E 144 13.68 72.27 -3.32
CA ARG E 144 12.46 72.95 -2.90
C ARG E 144 11.85 72.29 -1.67
N LEU E 145 12.12 71.00 -1.46
CA LEU E 145 11.70 70.35 -0.24
C LEU E 145 12.34 70.98 0.99
N LYS E 146 13.67 71.16 0.97
CA LYS E 146 14.33 71.84 2.07
C LYS E 146 13.87 73.29 2.20
N LYS E 147 13.62 73.96 1.07
CA LYS E 147 13.14 75.33 1.15
C LYS E 147 11.78 75.41 1.84
N VAL E 148 10.86 74.52 1.50
CA VAL E 148 9.57 74.57 2.15
C VAL E 148 9.69 74.17 3.63
N LEU E 149 10.51 73.16 3.94
CA LEU E 149 10.64 72.76 5.34
C LEU E 149 11.26 73.85 6.19
N LYS E 150 12.25 74.57 5.66
CA LYS E 150 12.76 75.72 6.39
C LYS E 150 11.71 76.82 6.49
N GLU E 151 10.81 76.91 5.51
CA GLU E 151 9.68 77.82 5.65
C GLU E 151 8.81 77.46 6.85
N ILE E 152 8.49 76.17 7.02
CA ILE E 152 7.77 75.76 8.24
C ILE E 152 8.58 76.08 9.49
N ARG E 153 9.87 75.76 9.49
CA ARG E 153 10.65 75.97 10.71
C ARG E 153 10.69 77.45 11.10
N THR E 154 10.80 78.33 10.11
CA THR E 154 10.67 79.76 10.39
C THR E 154 9.27 80.10 10.89
N ARG E 155 8.24 79.51 10.27
CA ARG E 155 6.87 79.79 10.67
C ARG E 155 6.59 79.27 12.09
N GLY E 156 6.99 78.04 12.37
CA GLY E 156 6.79 77.47 13.71
C GLY E 156 5.40 77.01 14.06
N ASP E 157 4.40 77.84 13.83
CA ASP E 157 3.01 77.52 14.18
C ASP E 157 2.32 76.88 12.98
N ILE E 158 2.69 75.65 12.69
CA ILE E 158 2.27 74.96 11.48
C ILE E 158 1.79 73.56 11.84
N ILE E 159 0.65 73.17 11.29
CA ILE E 159 0.16 71.80 11.34
C ILE E 159 -0.07 71.34 9.91
N LEU E 160 0.50 70.19 9.55
CA LEU E 160 0.47 69.69 8.19
C LEU E 160 -0.46 68.49 8.08
N PHE E 161 -1.15 68.39 6.95
CA PHE E 161 -1.92 67.22 6.59
C PHE E 161 -1.32 66.61 5.35
N ILE E 162 -1.23 65.27 5.33
CA ILE E 162 -0.60 64.56 4.24
C ILE E 162 -1.67 63.88 3.41
N ASP E 163 -1.32 63.56 2.17
CA ASP E 163 -2.20 62.83 1.26
C ASP E 163 -2.21 61.35 1.63
N ALA E 164 -2.67 60.50 0.72
CA ALA E 164 -2.82 59.06 0.99
C ALA E 164 -1.54 58.41 1.50
N LEU E 165 -0.41 59.12 1.50
CA LEU E 165 0.84 58.67 2.10
C LEU E 165 1.45 57.50 1.35
N HIS E 166 2.46 56.85 1.96
CA HIS E 166 3.18 55.70 1.40
C HIS E 166 3.56 55.93 -0.06
N THR E 167 3.77 57.18 -0.44
CA THR E 167 4.34 57.55 -1.72
C THR E 167 5.65 58.31 -1.59
N LEU E 168 5.91 58.91 -0.43
CA LEU E 168 7.22 59.46 -0.11
C LEU E 168 8.04 58.52 0.75
N VAL E 169 7.39 57.60 1.46
CA VAL E 169 8.08 56.65 2.31
C VAL E 169 7.97 55.22 1.79
N GLY E 170 6.91 54.88 1.06
CA GLY E 170 6.77 53.55 0.49
C GLY E 170 7.21 53.50 -0.96
N ALA E 171 8.01 54.48 -1.37
CA ALA E 171 8.47 54.57 -2.75
C ALA E 171 9.63 53.64 -3.05
N GLY E 172 10.15 52.92 -2.05
CA GLY E 172 11.28 52.03 -2.28
C GLY E 172 10.96 50.79 -3.09
N ALA E 173 9.69 50.54 -3.37
CA ALA E 173 9.27 49.40 -4.17
C ALA E 173 8.99 49.76 -5.62
N ALA E 174 9.36 50.97 -6.04
CA ALA E 174 9.09 51.43 -7.40
C ALA E 174 10.39 51.92 -8.04
N GLU E 175 10.42 51.86 -9.36
CA GLU E 175 11.57 52.31 -10.14
C GLU E 175 11.31 53.70 -10.71
N GLY E 176 12.17 54.65 -10.36
CA GLY E 176 12.06 56.02 -10.82
C GLY E 176 11.30 56.93 -9.89
N ALA E 177 10.51 56.38 -8.97
CA ALA E 177 9.77 57.20 -8.02
C ALA E 177 10.70 57.81 -6.98
N ILE E 178 10.32 58.97 -6.46
CA ILE E 178 11.15 59.67 -5.50
C ILE E 178 10.98 59.03 -4.13
N ASP E 179 12.07 58.47 -3.60
CA ASP E 179 12.06 57.85 -2.28
C ASP E 179 12.62 58.84 -1.28
N ALA E 180 11.83 59.88 -1.00
CA ALA E 180 12.19 60.91 -0.03
C ALA E 180 11.48 60.57 1.28
N ALA E 181 12.08 59.65 2.03
CA ALA E 181 11.50 59.15 3.29
C ALA E 181 12.17 59.75 4.52
N SER E 182 13.48 59.64 4.63
CA SER E 182 14.22 60.15 5.79
C SER E 182 14.30 61.67 5.82
N ILE E 183 13.57 62.35 4.93
CA ILE E 183 13.63 63.80 4.84
C ILE E 183 13.02 64.44 6.09
N LEU E 184 11.98 63.82 6.64
CA LEU E 184 11.28 64.38 7.80
C LEU E 184 11.60 63.67 9.10
N LYS E 185 12.35 62.57 9.07
CA LYS E 185 12.62 61.83 10.29
C LYS E 185 13.34 62.63 11.38
N PRO E 186 14.44 63.33 11.11
CA PRO E 186 15.08 64.10 12.21
C PRO E 186 14.17 65.18 12.78
N MET E 187 13.39 65.84 11.94
CA MET E 187 12.53 66.91 12.41
C MET E 187 11.34 66.37 13.19
N LEU E 188 10.79 65.22 12.78
CA LEU E 188 9.76 64.58 13.58
C LEU E 188 10.31 64.08 14.91
N ALA E 189 11.53 63.54 14.89
CA ALA E 189 12.15 63.04 16.12
C ALA E 189 12.41 64.17 17.10
N ARG E 190 12.87 65.32 16.61
CA ARG E 190 13.12 66.47 17.47
C ARG E 190 11.84 67.18 17.89
N GLY E 191 10.69 66.78 17.37
CA GLY E 191 9.43 67.37 17.77
C GLY E 191 9.15 68.73 17.20
N GLU E 192 9.97 69.22 16.27
CA GLU E 192 9.75 70.54 15.70
C GLU E 192 8.53 70.61 14.80
N LEU E 193 8.11 69.49 14.20
CA LEU E 193 7.04 69.50 13.22
C LEU E 193 5.99 68.47 13.60
N GLN E 194 4.72 68.81 13.37
CA GLN E 194 3.59 67.96 13.68
C GLN E 194 2.73 67.80 12.44
N THR E 195 2.29 66.58 12.16
CA THR E 195 1.52 66.29 10.97
C THR E 195 0.50 65.20 11.23
N ILE E 196 -0.50 65.14 10.36
CA ILE E 196 -1.56 64.14 10.38
C ILE E 196 -1.62 63.48 9.01
N GLY E 197 -1.65 62.14 9.01
CA GLY E 197 -1.69 61.38 7.78
C GLY E 197 -2.99 60.61 7.60
N ALA E 198 -3.13 59.97 6.44
CA ALA E 198 -4.30 59.15 6.16
C ALA E 198 -3.92 58.07 5.15
N THR E 199 -4.41 56.86 5.37
CA THR E 199 -4.08 55.68 4.57
C THR E 199 -5.28 54.73 4.59
N THR E 200 -5.10 53.57 3.98
CA THR E 200 -6.05 52.47 4.03
C THR E 200 -5.48 51.37 4.91
N LEU E 201 -6.36 50.66 5.61
CA LEU E 201 -5.94 49.77 6.68
C LEU E 201 -5.03 48.66 6.17
N ASP E 202 -5.45 47.96 5.11
CA ASP E 202 -4.66 46.84 4.61
C ASP E 202 -3.31 47.28 4.08
N GLU E 203 -3.29 48.35 3.28
CA GLU E 203 -2.03 48.85 2.74
C GLU E 203 -1.14 49.40 3.85
N TYR E 204 -1.74 50.09 4.83
CA TYR E 204 -0.98 50.55 5.98
C TYR E 204 -0.33 49.39 6.72
N ARG E 205 -1.07 48.30 6.91
CA ARG E 205 -0.51 47.13 7.56
C ARG E 205 0.57 46.48 6.71
N LYS E 206 0.47 46.58 5.39
CA LYS E 206 1.39 45.89 4.50
C LYS E 206 2.59 46.75 4.10
N HIS E 207 2.54 48.07 4.32
CA HIS E 207 3.72 48.93 4.23
C HIS E 207 4.12 49.54 5.56
N LEU E 208 3.21 50.26 6.22
CA LEU E 208 3.61 51.10 7.36
C LEU E 208 3.97 50.28 8.60
N GLU E 209 3.54 49.04 8.69
CA GLU E 209 3.91 48.18 9.81
C GLU E 209 5.26 47.50 9.59
N LYS E 210 5.90 47.71 8.44
CA LYS E 210 7.19 47.10 8.17
C LYS E 210 8.32 47.87 8.83
N ASP E 211 8.48 49.14 8.48
CA ASP E 211 9.53 49.96 9.06
C ASP E 211 9.20 50.27 10.51
N ALA E 212 10.19 50.08 11.39
CA ALA E 212 9.96 50.28 12.82
C ALA E 212 9.80 51.76 13.15
N ALA E 213 10.59 52.63 12.52
CA ALA E 213 10.53 54.05 12.83
C ALA E 213 9.18 54.65 12.46
N LEU E 214 8.62 54.25 11.31
CA LEU E 214 7.32 54.77 10.89
C LEU E 214 6.22 54.32 11.85
N GLU E 215 6.15 53.03 12.16
CA GLU E 215 5.11 52.52 13.03
C GLU E 215 5.29 52.99 14.47
N ARG E 216 6.50 53.39 14.86
CA ARG E 216 6.72 53.87 16.22
C ARG E 216 6.19 55.28 16.42
N ARG E 217 6.35 56.15 15.44
CA ARG E 217 6.06 57.58 15.59
C ARG E 217 4.79 57.96 14.84
N PHE E 218 3.78 57.10 14.86
CA PHE E 218 2.52 57.37 14.21
C PHE E 218 1.42 56.64 14.97
N GLN E 219 0.40 57.39 15.42
CA GLN E 219 -0.71 56.81 16.16
C GLN E 219 -1.88 56.59 15.23
N PRO E 220 -2.33 55.36 15.03
CA PRO E 220 -3.46 55.12 14.12
C PRO E 220 -4.78 55.56 14.73
N ILE E 221 -5.67 56.04 13.86
CA ILE E 221 -7.04 56.38 14.24
C ILE E 221 -7.97 55.72 13.22
N GLN E 222 -8.94 54.97 13.70
CA GLN E 222 -9.80 54.16 12.86
C GLN E 222 -11.06 54.94 12.51
N VAL E 223 -11.34 55.09 11.22
CA VAL E 223 -12.59 55.65 10.72
C VAL E 223 -13.26 54.59 9.86
N ALA E 224 -14.50 54.27 10.18
CA ALA E 224 -15.24 53.19 9.51
C ALA E 224 -16.36 53.76 8.65
N GLU E 225 -16.98 52.86 7.90
CA GLU E 225 -18.09 53.25 7.03
C GLU E 225 -19.31 53.61 7.86
N PRO E 226 -19.91 54.77 7.66
CA PRO E 226 -21.14 55.10 8.39
C PRO E 226 -22.29 54.22 7.95
N SER E 227 -23.21 53.98 8.88
CA SER E 227 -24.38 53.16 8.58
C SER E 227 -25.40 53.98 7.80
N LEU E 228 -26.53 53.34 7.47
CA LEU E 228 -27.58 54.01 6.71
C LEU E 228 -28.11 55.27 7.40
N PRO E 229 -28.57 55.23 8.65
CA PRO E 229 -29.11 56.47 9.25
C PRO E 229 -28.11 57.62 9.26
N HIS E 230 -26.85 57.32 9.55
CA HIS E 230 -25.82 58.38 9.57
C HIS E 230 -25.69 59.04 8.21
N THR E 231 -25.70 58.24 7.14
CA THR E 231 -25.72 58.80 5.80
C THR E 231 -26.99 59.60 5.56
N ILE E 232 -28.10 59.22 6.20
CA ILE E 232 -29.33 59.99 6.06
C ILE E 232 -29.16 61.39 6.64
N GLU E 233 -28.60 61.48 7.86
CA GLU E 233 -28.37 62.83 8.39
C GLU E 233 -27.33 63.59 7.59
N ILE E 234 -26.31 62.90 7.08
CA ILE E 234 -25.31 63.59 6.25
C ILE E 234 -25.97 64.16 5.00
N LEU E 235 -26.83 63.38 4.35
CA LEU E 235 -27.53 63.85 3.16
C LEU E 235 -28.45 65.01 3.50
N LYS E 236 -29.15 64.94 4.64
CA LYS E 236 -30.01 66.06 5.04
C LYS E 236 -29.19 67.32 5.28
N GLY E 237 -28.03 67.18 5.91
CA GLY E 237 -27.19 68.35 6.17
C GLY E 237 -26.64 68.97 4.90
N LEU E 238 -26.22 68.13 3.95
CA LEU E 238 -25.69 68.65 2.69
C LEU E 238 -26.79 69.04 1.71
N ARG E 239 -28.04 68.69 2.00
CA ARG E 239 -29.15 69.04 1.12
C ARG E 239 -29.32 70.55 1.01
N ASP E 240 -29.03 71.28 2.10
CA ASP E 240 -29.15 72.73 2.05
C ASP E 240 -28.21 73.32 1.00
N ARG E 241 -26.93 72.91 1.03
CA ARG E 241 -25.97 73.42 0.06
C ARG E 241 -26.28 72.91 -1.33
N TYR E 242 -26.75 71.67 -1.45
CA TYR E 242 -27.07 71.13 -2.77
C TYR E 242 -28.26 71.86 -3.39
N GLU E 243 -29.24 72.25 -2.59
CA GLU E 243 -30.36 73.05 -3.09
C GLU E 243 -29.95 74.49 -3.35
N ALA E 244 -28.98 75.00 -2.58
CA ALA E 244 -28.45 76.34 -2.86
C ALA E 244 -27.74 76.39 -4.20
N HIS E 245 -26.95 75.35 -4.51
CA HIS E 245 -26.22 75.34 -5.78
C HIS E 245 -27.13 74.93 -6.93
N HIS E 246 -27.65 73.71 -6.90
CA HIS E 246 -28.61 73.24 -7.89
C HIS E 246 -29.99 73.71 -7.48
N ARG E 247 -30.71 74.36 -8.41
CA ARG E 247 -32.04 74.87 -8.09
C ARG E 247 -33.03 73.72 -7.96
N VAL E 248 -32.92 72.95 -6.87
CA VAL E 248 -33.65 71.71 -6.70
C VAL E 248 -34.38 71.77 -5.36
N SER E 249 -35.53 71.10 -5.29
CA SER E 249 -36.21 70.83 -4.03
C SER E 249 -36.14 69.33 -3.79
N ILE E 250 -35.51 68.93 -2.69
CA ILE E 250 -35.19 67.54 -2.42
C ILE E 250 -36.06 67.05 -1.26
N THR E 251 -36.68 65.89 -1.45
CA THR E 251 -37.51 65.27 -0.43
C THR E 251 -36.72 64.22 0.35
N ASP E 252 -37.16 63.98 1.58
CA ASP E 252 -36.49 62.99 2.43
C ASP E 252 -36.64 61.58 1.87
N GLU E 253 -37.81 61.27 1.28
CA GLU E 253 -38.00 59.97 0.66
C GLU E 253 -37.03 59.77 -0.50
N ALA E 254 -36.74 60.84 -1.25
CA ALA E 254 -35.76 60.75 -2.32
C ALA E 254 -34.37 60.42 -1.76
N LEU E 255 -34.00 61.04 -0.64
CA LEU E 255 -32.71 60.74 -0.02
C LEU E 255 -32.65 59.30 0.46
N VAL E 256 -33.73 58.81 1.07
CA VAL E 256 -33.76 57.43 1.54
C VAL E 256 -33.63 56.47 0.37
N GLN E 257 -34.37 56.72 -0.71
CA GLN E 257 -34.28 55.87 -1.89
C GLN E 257 -32.88 55.91 -2.49
N ALA E 258 -32.27 57.10 -2.53
CA ALA E 258 -30.91 57.21 -3.07
C ALA E 258 -29.93 56.39 -2.26
N ALA E 259 -30.01 56.50 -0.93
CA ALA E 259 -29.10 55.72 -0.08
C ALA E 259 -29.32 54.23 -0.25
N THR E 260 -30.58 53.78 -0.26
CA THR E 260 -30.87 52.36 -0.39
C THR E 260 -30.39 51.82 -1.74
N LEU E 261 -30.66 52.55 -2.82
CA LEU E 261 -30.24 52.10 -4.14
C LEU E 261 -28.73 52.09 -4.28
N ALA E 262 -28.04 53.10 -3.71
CA ALA E 262 -26.59 53.11 -3.76
C ALA E 262 -26.00 51.93 -3.01
N ASP E 263 -26.56 51.61 -1.83
CA ASP E 263 -26.05 50.47 -1.08
C ASP E 263 -26.34 49.15 -1.80
N ARG E 264 -27.50 49.03 -2.43
CA ARG E 264 -27.88 47.74 -3.02
C ARG E 264 -27.19 47.53 -4.36
N TYR E 265 -27.43 48.41 -5.33
CA TYR E 265 -26.99 48.19 -6.70
C TYR E 265 -25.55 48.58 -6.95
N ILE E 266 -24.88 49.23 -6.00
CA ILE E 266 -23.48 49.62 -6.15
C ILE E 266 -22.69 49.05 -4.99
N SER E 267 -21.59 48.36 -5.29
CA SER E 267 -20.71 47.81 -4.28
C SER E 267 -19.24 48.06 -4.54
N ASP E 268 -18.86 48.50 -5.75
CA ASP E 268 -17.46 48.82 -6.05
C ASP E 268 -16.98 50.06 -5.32
N ARG E 269 -17.88 50.90 -4.83
CA ARG E 269 -17.55 52.07 -4.04
C ARG E 269 -18.13 51.89 -2.63
N PHE E 270 -17.71 52.77 -1.73
CA PHE E 270 -18.16 52.71 -0.35
C PHE E 270 -19.22 53.78 -0.11
N LEU E 271 -19.98 53.59 0.97
CA LEU E 271 -21.30 54.21 1.14
C LEU E 271 -21.30 55.73 1.00
N PRO E 272 -20.60 56.50 1.86
CA PRO E 272 -20.87 57.94 1.90
C PRO E 272 -20.20 58.73 0.78
N ASP E 273 -20.23 58.23 -0.45
CA ASP E 273 -19.86 59.06 -1.61
C ASP E 273 -20.87 58.88 -2.75
N LYS E 274 -21.37 57.65 -2.92
CA LYS E 274 -22.21 57.35 -4.07
C LYS E 274 -23.56 58.06 -3.96
N ALA E 275 -24.07 58.25 -2.74
CA ALA E 275 -25.28 59.02 -2.57
C ALA E 275 -25.07 60.47 -3.03
N ILE E 276 -23.92 61.05 -2.69
CA ILE E 276 -23.58 62.38 -3.15
C ILE E 276 -23.50 62.42 -4.67
N ASP E 277 -22.86 61.42 -5.27
CA ASP E 277 -22.76 61.37 -6.73
C ASP E 277 -24.13 61.28 -7.37
N LEU E 278 -25.01 60.43 -6.82
CA LEU E 278 -26.35 60.28 -7.36
C LEU E 278 -27.15 61.57 -7.27
N ILE E 279 -27.09 62.25 -6.12
CA ILE E 279 -27.89 63.46 -5.96
C ILE E 279 -27.35 64.58 -6.84
N ASP E 280 -26.02 64.68 -6.97
CA ASP E 280 -25.45 65.70 -7.84
C ASP E 280 -25.77 65.43 -9.30
N GLU E 281 -25.72 64.16 -9.71
CA GLU E 281 -26.06 63.82 -11.09
C GLU E 281 -27.54 64.09 -11.37
N ALA E 282 -28.41 63.80 -10.40
CA ALA E 282 -29.83 64.12 -10.57
C ALA E 282 -30.05 65.62 -10.69
N GLY E 283 -29.35 66.41 -9.87
CA GLY E 283 -29.45 67.86 -10.01
C GLY E 283 -28.98 68.35 -11.36
N SER E 284 -27.86 67.83 -11.85
CA SER E 284 -27.38 68.21 -13.17
C SER E 284 -28.37 67.81 -14.26
N ARG E 285 -28.95 66.61 -14.15
CA ARG E 285 -29.88 66.15 -15.17
C ARG E 285 -31.17 66.96 -15.17
N MET E 286 -31.63 67.42 -13.99
CA MET E 286 -32.83 68.24 -13.98
C MET E 286 -32.54 69.65 -14.47
N ARG E 287 -31.35 70.19 -14.15
CA ARG E 287 -31.03 71.54 -14.59
C ARG E 287 -30.74 71.60 -16.08
N ILE E 288 -30.24 70.51 -16.66
CA ILE E 288 -29.98 70.50 -18.10
C ILE E 288 -31.29 70.46 -18.88
N ARG E 289 -32.33 69.87 -18.31
CA ARG E 289 -33.63 69.85 -18.98
C ARG E 289 -34.27 71.23 -19.01
N ARG E 290 -34.01 72.05 -18.00
CA ARG E 290 -34.58 73.39 -17.92
C ARG E 290 -34.02 74.28 -19.02
N GLY E 347 -43.55 80.40 -14.92
CA GLY E 347 -42.68 79.46 -15.61
C GLY E 347 -42.10 78.41 -14.69
N VAL E 352 -39.43 76.79 -8.81
CA VAL E 352 -38.41 75.86 -8.34
C VAL E 352 -38.90 74.43 -8.54
N ALA E 353 -38.09 73.63 -9.24
CA ALA E 353 -38.43 72.25 -9.52
C ALA E 353 -38.04 71.34 -8.36
N GLU E 354 -38.55 70.12 -8.38
CA GLU E 354 -38.38 69.18 -7.27
C GLU E 354 -37.87 67.85 -7.82
N VAL E 355 -37.17 67.09 -6.97
CA VAL E 355 -36.65 65.78 -7.33
C VAL E 355 -37.36 64.73 -6.46
N ASP E 356 -37.68 63.60 -7.08
CA ASP E 356 -38.33 62.49 -6.38
C ASP E 356 -37.45 61.24 -6.47
N GLY E 357 -37.92 60.17 -5.83
CA GLY E 357 -37.20 58.92 -5.89
C GLY E 357 -37.19 58.30 -7.27
N GLU E 358 -38.20 58.61 -8.09
CA GLU E 358 -38.21 58.12 -9.46
C GLU E 358 -37.03 58.66 -10.25
N LEU E 359 -36.70 59.95 -10.07
CA LEU E 359 -35.55 60.53 -10.75
C LEU E 359 -34.26 59.87 -10.30
N ILE E 360 -34.14 59.58 -9.00
CA ILE E 360 -32.94 58.91 -8.49
C ILE E 360 -32.81 57.52 -9.08
N ALA E 361 -33.92 56.77 -9.15
CA ALA E 361 -33.88 55.44 -9.74
C ALA E 361 -33.50 55.52 -11.22
N GLU E 362 -34.04 56.50 -11.94
CA GLU E 362 -33.68 56.68 -13.34
C GLU E 362 -32.20 57.01 -13.48
N VAL E 363 -31.67 57.85 -12.59
CA VAL E 363 -30.26 58.20 -12.63
C VAL E 363 -29.38 56.97 -12.41
N LEU E 364 -29.73 56.16 -11.43
CA LEU E 364 -28.97 54.94 -11.17
C LEU E 364 -29.04 53.99 -12.34
N ALA E 365 -30.23 53.84 -12.94
CA ALA E 365 -30.38 52.97 -14.09
C ALA E 365 -29.55 53.46 -15.27
N THR E 366 -29.54 54.77 -15.51
CA THR E 366 -28.73 55.34 -16.58
C THR E 366 -27.24 55.09 -16.31
N ALA E 367 -26.82 55.21 -15.06
CA ALA E 367 -25.45 54.88 -14.69
C ALA E 367 -25.13 53.43 -15.03
N THR E 368 -25.86 52.49 -14.43
CA THR E 368 -25.69 51.08 -14.74
C THR E 368 -26.95 50.33 -14.28
N GLY E 369 -27.34 49.32 -15.05
CA GLY E 369 -28.51 48.53 -14.71
C GLY E 369 -29.65 48.73 -15.68
N ILE E 370 -30.67 47.87 -15.60
CA ILE E 370 -31.83 47.97 -16.48
C ILE E 370 -32.62 49.21 -16.07
N PRO E 371 -33.33 49.85 -17.01
CA PRO E 371 -34.08 51.08 -16.67
C PRO E 371 -35.22 50.78 -15.71
N VAL E 372 -35.24 51.49 -14.58
CA VAL E 372 -36.27 51.45 -13.55
C VAL E 372 -36.69 49.99 -13.30
N PHE E 373 -37.99 49.74 -13.12
CA PHE E 373 -38.52 48.39 -12.90
C PHE E 373 -37.89 47.73 -11.69
N LYS E 374 -36.83 46.93 -11.92
CA LYS E 374 -36.20 46.20 -10.82
C LYS E 374 -35.63 47.14 -9.77
N LEU E 375 -35.28 48.36 -10.15
CA LEU E 375 -34.76 49.33 -9.19
C LEU E 375 -35.84 49.82 -8.24
N THR E 376 -37.11 49.56 -8.53
CA THR E 376 -38.20 49.92 -7.63
C THR E 376 -38.49 48.75 -6.69
N GLU E 377 -39.56 48.86 -5.91
CA GLU E 377 -39.96 47.83 -4.98
C GLU E 377 -41.17 47.10 -5.53
N GLU E 378 -40.96 45.87 -6.01
CA GLU E 378 -42.04 45.05 -6.55
C GLU E 378 -41.89 43.60 -6.11
N GLU E 379 -41.25 43.38 -4.94
CA GLU E 379 -40.80 42.04 -4.55
C GLU E 379 -41.93 41.03 -4.62
N SER E 380 -43.07 41.32 -3.98
CA SER E 380 -44.18 40.39 -3.99
C SER E 380 -44.65 40.11 -5.42
N SER E 381 -44.80 41.17 -6.23
CA SER E 381 -45.12 40.97 -7.63
C SER E 381 -43.94 40.39 -8.40
N ARG E 382 -42.72 40.65 -7.94
CA ARG E 382 -41.55 40.05 -8.56
C ARG E 382 -41.56 38.54 -8.41
N LEU E 383 -42.04 38.05 -7.26
CA LEU E 383 -42.10 36.61 -7.04
C LEU E 383 -43.20 35.96 -7.87
N LEU E 384 -44.34 36.64 -8.01
CA LEU E 384 -45.47 36.03 -8.72
C LEU E 384 -45.17 35.87 -10.21
N ARG E 385 -44.60 36.90 -10.84
CA ARG E 385 -44.22 36.81 -12.25
C ARG E 385 -43.08 35.81 -12.46
N MET E 386 -42.38 35.42 -11.40
CA MET E 386 -41.30 34.45 -11.49
C MET E 386 -41.80 33.08 -11.95
N GLU E 387 -43.03 32.72 -11.56
CA GLU E 387 -43.53 31.37 -11.83
C GLU E 387 -43.52 31.07 -13.33
N ASP E 388 -44.10 31.98 -14.12
CA ASP E 388 -44.09 31.81 -15.57
C ASP E 388 -42.67 31.84 -16.11
N GLU E 389 -41.82 32.69 -15.54
CA GLU E 389 -40.44 32.80 -16.03
C GLU E 389 -39.70 31.48 -15.89
N LEU E 390 -39.85 30.81 -14.75
CA LEU E 390 -39.28 29.46 -14.63
C LEU E 390 -39.95 28.50 -15.59
N HIS E 391 -41.29 28.51 -15.65
CA HIS E 391 -41.96 27.66 -16.62
C HIS E 391 -41.67 28.06 -18.06
N LYS E 392 -41.11 29.25 -18.27
CA LYS E 392 -40.69 29.66 -19.60
C LYS E 392 -39.31 29.08 -19.95
N ARG E 393 -38.37 29.16 -19.01
CA ARG E 393 -37.00 28.72 -19.29
C ARG E 393 -36.93 27.21 -19.44
N VAL E 394 -37.54 26.47 -18.51
CA VAL E 394 -37.63 25.01 -18.60
C VAL E 394 -39.05 24.66 -19.04
N ILE E 395 -39.15 23.75 -20.01
CA ILE E 395 -40.44 23.43 -20.62
C ILE E 395 -40.99 22.19 -19.91
N GLY E 396 -41.73 22.44 -18.83
CA GLY E 396 -42.55 21.41 -18.22
C GLY E 396 -41.95 20.72 -17.02
N GLN E 397 -42.30 21.19 -15.83
CA GLN E 397 -42.05 20.45 -14.60
C GLN E 397 -43.21 20.43 -13.63
N VAL E 398 -44.13 21.40 -13.69
CA VAL E 398 -45.32 21.45 -12.86
C VAL E 398 -44.96 21.36 -11.39
N ASP E 399 -44.93 20.14 -10.85
CA ASP E 399 -44.74 19.96 -9.42
C ASP E 399 -43.39 20.48 -8.95
N ALA E 400 -42.34 20.24 -9.73
CA ALA E 400 -41.00 20.67 -9.35
C ALA E 400 -40.92 22.18 -9.20
N VAL E 401 -41.36 22.90 -10.24
CA VAL E 401 -41.30 24.36 -10.22
C VAL E 401 -42.23 24.89 -9.14
N LYS E 402 -43.39 24.27 -8.96
CA LYS E 402 -44.33 24.73 -7.93
C LYS E 402 -43.72 24.60 -6.54
N ALA E 403 -43.11 23.45 -6.24
CA ALA E 403 -42.50 23.28 -4.93
C ALA E 403 -41.34 24.24 -4.71
N LEU E 404 -40.49 24.39 -5.73
CA LEU E 404 -39.37 25.33 -5.60
C LEU E 404 -39.86 26.74 -5.35
N SER E 405 -40.88 27.17 -6.12
CA SER E 405 -41.40 28.52 -5.94
C SER E 405 -42.02 28.69 -4.56
N LYS E 406 -42.80 27.72 -4.10
CA LYS E 406 -43.40 27.87 -2.77
C LYS E 406 -42.32 27.99 -1.71
N ALA E 407 -41.28 27.16 -1.80
CA ALA E 407 -40.19 27.23 -0.82
C ALA E 407 -39.51 28.60 -0.85
N ILE E 408 -39.23 29.12 -2.05
CA ILE E 408 -38.44 30.36 -2.12
C ILE E 408 -39.28 31.58 -1.76
N ARG E 409 -40.56 31.60 -2.16
CA ARG E 409 -41.45 32.65 -1.64
C ARG E 409 -41.54 32.60 -0.13
N ARG E 410 -41.63 31.39 0.45
CA ARG E 410 -41.69 31.28 1.89
C ARG E 410 -40.43 31.82 2.55
N THR E 411 -39.26 31.50 1.99
CA THR E 411 -38.01 31.90 2.64
C THR E 411 -37.72 33.37 2.42
N ARG E 412 -38.20 33.96 1.33
CA ARG E 412 -37.92 35.37 1.08
C ARG E 412 -38.73 36.30 1.99
N ALA E 413 -39.92 35.88 2.41
CA ALA E 413 -40.67 36.64 3.40
C ALA E 413 -39.90 36.59 4.72
N GLY E 414 -39.26 37.70 5.07
CA GLY E 414 -38.27 37.69 6.13
C GLY E 414 -38.78 37.26 7.49
N LEU E 415 -38.42 36.05 7.87
CA LEU E 415 -38.65 35.52 9.22
C LEU E 415 -37.41 34.87 9.80
N LYS E 416 -36.61 34.20 8.98
CA LYS E 416 -35.44 33.48 9.48
C LYS E 416 -34.29 34.44 9.76
N ASP E 417 -33.54 34.12 10.82
CA ASP E 417 -32.38 34.92 11.18
C ASP E 417 -31.26 34.74 10.16
N PRO E 418 -30.40 35.74 10.00
CA PRO E 418 -29.30 35.62 9.03
C PRO E 418 -28.18 34.72 9.50
N LYS E 419 -28.51 33.47 9.85
CA LYS E 419 -27.50 32.50 10.26
C LYS E 419 -27.53 31.22 9.44
N ARG E 420 -28.43 31.11 8.47
CA ARG E 420 -28.51 29.96 7.59
C ARG E 420 -28.76 30.44 6.17
N PRO E 421 -28.38 29.65 5.17
CA PRO E 421 -28.52 30.10 3.78
C PRO E 421 -29.99 30.30 3.40
N GLY E 422 -30.19 30.92 2.23
CA GLY E 422 -31.54 31.22 1.78
C GLY E 422 -32.36 29.97 1.54
N GLY E 423 -31.78 28.96 0.91
CA GLY E 423 -32.50 27.75 0.59
C GLY E 423 -31.57 26.57 0.42
N SER E 424 -32.09 25.38 0.73
CA SER E 424 -31.35 24.13 0.55
C SER E 424 -32.30 23.11 -0.08
N PHE E 425 -31.93 22.63 -1.26
CA PHE E 425 -32.79 21.75 -2.03
C PHE E 425 -32.01 20.53 -2.50
N ILE E 426 -32.73 19.42 -2.66
CA ILE E 426 -32.18 18.18 -3.19
C ILE E 426 -32.98 17.83 -4.43
N PHE E 427 -32.34 17.89 -5.59
CA PHE E 427 -32.99 17.61 -6.87
C PHE E 427 -32.73 16.16 -7.24
N ALA E 428 -33.72 15.30 -7.04
CA ALA E 428 -33.61 13.89 -7.36
C ALA E 428 -34.23 13.62 -8.73
N GLY E 429 -33.43 13.09 -9.64
CA GLY E 429 -33.92 12.81 -10.98
C GLY E 429 -32.84 12.25 -11.90
N PRO E 430 -33.27 11.65 -13.00
CA PRO E 430 -32.32 11.10 -13.97
C PRO E 430 -31.68 12.20 -14.81
N SER E 431 -30.70 11.81 -15.61
CA SER E 431 -29.99 12.76 -16.45
C SER E 431 -30.83 13.13 -17.66
N GLY E 432 -30.46 14.25 -18.29
CA GLY E 432 -31.17 14.70 -19.47
C GLY E 432 -32.57 15.21 -19.24
N VAL E 433 -32.88 15.62 -18.01
CA VAL E 433 -34.21 16.13 -17.68
C VAL E 433 -34.23 17.65 -17.61
N GLY E 434 -33.20 18.26 -17.05
CA GLY E 434 -33.14 19.70 -16.98
C GLY E 434 -32.91 20.28 -15.60
N LYS E 435 -32.36 19.48 -14.68
CA LYS E 435 -32.02 20.00 -13.36
C LYS E 435 -30.99 21.11 -13.47
N THR E 436 -29.96 20.92 -14.29
CA THR E 436 -29.00 21.98 -14.53
C THR E 436 -29.65 23.20 -15.17
N GLU E 437 -30.55 22.97 -16.13
CA GLU E 437 -31.26 24.09 -16.76
C GLU E 437 -32.12 24.83 -15.76
N LEU E 438 -32.82 24.10 -14.88
CA LEU E 438 -33.63 24.77 -13.87
C LEU E 438 -32.77 25.59 -12.92
N SER E 439 -31.61 25.04 -12.51
CA SER E 439 -30.72 25.79 -11.64
C SER E 439 -30.21 27.04 -12.32
N LYS E 440 -29.84 26.94 -13.60
CA LYS E 440 -29.40 28.11 -14.36
C LYS E 440 -30.50 29.15 -14.43
N ALA E 441 -31.74 28.72 -14.69
CA ALA E 441 -32.86 29.66 -14.78
C ALA E 441 -33.11 30.35 -13.44
N LEU E 442 -33.06 29.59 -12.35
CA LEU E 442 -33.26 30.17 -11.03
C LEU E 442 -32.19 31.19 -10.70
N ALA E 443 -30.93 30.87 -11.00
CA ALA E 443 -29.85 31.82 -10.79
C ALA E 443 -30.03 33.06 -11.64
N GLU E 444 -30.43 32.88 -12.90
CA GLU E 444 -30.62 34.01 -13.79
C GLU E 444 -31.73 34.93 -13.28
N PHE E 445 -32.83 34.36 -12.79
CA PHE E 445 -33.89 35.19 -12.23
C PHE E 445 -33.42 35.90 -10.97
N LEU E 446 -32.80 35.17 -10.05
CA LEU E 446 -32.51 35.73 -8.73
C LEU E 446 -31.41 36.78 -8.79
N PHE E 447 -30.40 36.60 -9.65
CA PHE E 447 -29.25 37.49 -9.65
C PHE E 447 -28.96 38.13 -11.00
N GLY E 448 -29.72 37.81 -12.05
CA GLY E 448 -29.58 38.50 -13.33
C GLY E 448 -28.43 38.05 -14.19
N ASP E 449 -27.64 37.06 -13.74
CA ASP E 449 -26.47 36.62 -14.48
C ASP E 449 -26.55 35.12 -14.72
N GLU E 450 -26.17 34.70 -15.92
CA GLU E 450 -26.10 33.28 -16.23
C GLU E 450 -24.97 32.60 -15.47
N ASP E 451 -23.83 33.28 -15.34
CA ASP E 451 -22.66 32.73 -14.68
C ASP E 451 -22.73 32.83 -13.16
N ALA E 452 -23.89 33.17 -12.61
CA ALA E 452 -24.06 33.24 -11.16
C ALA E 452 -24.26 31.88 -10.51
N LEU E 453 -23.97 30.81 -11.24
CA LEU E 453 -24.08 29.45 -10.74
C LEU E 453 -22.69 28.86 -10.56
N ILE E 454 -22.47 28.20 -9.43
CA ILE E 454 -21.20 27.54 -9.13
C ILE E 454 -21.47 26.04 -9.18
N SER E 455 -20.94 25.37 -10.19
CA SER E 455 -21.18 23.96 -10.41
C SER E 455 -19.96 23.15 -9.98
N LEU E 456 -20.18 22.18 -9.10
CA LEU E 456 -19.12 21.31 -8.61
C LEU E 456 -19.60 19.86 -8.73
N ASP E 457 -18.71 18.99 -9.21
CA ASP E 457 -19.01 17.59 -9.42
C ASP E 457 -18.33 16.77 -8.33
N MET E 458 -19.10 15.93 -7.64
CA MET E 458 -18.60 15.17 -6.51
C MET E 458 -18.20 13.75 -6.88
N SER E 459 -18.29 13.37 -8.17
CA SER E 459 -17.90 12.02 -8.57
C SER E 459 -16.41 11.76 -8.38
N GLU E 460 -15.57 12.80 -8.45
CA GLU E 460 -14.14 12.65 -8.24
C GLU E 460 -13.72 13.05 -6.83
N PHE E 461 -14.68 13.28 -5.93
CA PHE E 461 -14.41 13.53 -4.52
C PHE E 461 -14.70 12.30 -3.67
N SER E 462 -14.40 11.11 -4.20
CA SER E 462 -14.79 9.88 -3.52
C SER E 462 -13.79 9.49 -2.44
N GLU E 463 -12.50 9.64 -2.71
CA GLU E 463 -11.47 9.14 -1.80
C GLU E 463 -11.26 10.16 -0.68
N LYS E 464 -10.19 9.96 0.11
CA LYS E 464 -9.97 10.74 1.32
C LYS E 464 -9.34 12.11 1.05
N HIS E 465 -8.13 12.13 0.49
CA HIS E 465 -7.37 13.38 0.47
C HIS E 465 -7.84 14.35 -0.61
N THR E 466 -8.62 13.90 -1.60
CA THR E 466 -9.13 14.82 -2.61
C THR E 466 -9.93 15.96 -1.98
N VAL E 467 -10.63 15.68 -0.88
CA VAL E 467 -11.44 16.70 -0.23
C VAL E 467 -10.60 17.91 0.14
N SER E 468 -9.27 17.72 0.24
CA SER E 468 -8.39 18.83 0.56
C SER E 468 -8.53 19.94 -0.47
N ARG E 469 -8.59 19.59 -1.76
CA ARG E 469 -8.68 20.63 -2.79
C ARG E 469 -10.03 21.32 -2.76
N LEU E 470 -10.99 20.80 -1.99
CA LEU E 470 -12.26 21.50 -1.81
C LEU E 470 -12.14 22.62 -0.80
N PHE E 471 -11.16 22.53 0.10
CA PHE E 471 -10.87 23.56 1.09
C PHE E 471 -9.58 24.31 0.82
N GLY E 472 -8.53 23.60 0.42
CA GLY E 472 -7.19 24.12 0.26
C GLY E 472 -6.20 23.23 0.97
N SER E 473 -5.00 23.76 1.17
CA SER E 473 -3.96 23.01 1.84
C SER E 473 -3.40 23.81 2.99
N PRO E 474 -2.89 23.15 4.03
CA PRO E 474 -2.24 23.88 5.12
C PRO E 474 -1.02 24.60 4.60
N PRO E 475 -0.65 25.72 5.24
CA PRO E 475 0.48 26.50 4.74
C PRO E 475 1.75 25.67 4.68
N GLY E 476 2.52 25.88 3.61
CA GLY E 476 3.73 25.13 3.40
C GLY E 476 3.62 23.90 2.52
N TYR E 477 2.46 23.66 1.93
CA TYR E 477 2.23 22.45 1.14
C TYR E 477 1.69 22.81 -0.23
N VAL E 478 1.61 21.78 -1.09
CA VAL E 478 1.22 21.98 -2.47
C VAL E 478 -0.23 22.46 -2.55
N GLY E 479 -0.50 23.38 -3.45
CA GLY E 479 -1.84 23.92 -3.63
C GLY E 479 -2.31 24.78 -2.48
N TYR E 480 -1.42 25.60 -1.91
CA TYR E 480 -1.80 26.54 -0.86
C TYR E 480 -2.13 27.92 -1.40
N GLU E 481 -1.48 28.33 -2.50
CA GLU E 481 -1.75 29.65 -3.05
C GLU E 481 -3.21 29.79 -3.48
N GLU E 482 -3.75 28.77 -4.13
CA GLU E 482 -5.15 28.74 -4.49
C GLU E 482 -5.93 27.91 -3.48
N GLY E 483 -7.04 28.47 -2.99
CA GLY E 483 -7.87 27.79 -2.02
C GLY E 483 -8.76 26.74 -2.67
N GLY E 484 -9.65 26.20 -1.86
CA GLY E 484 -10.61 25.25 -2.38
C GLY E 484 -11.54 25.87 -3.39
N GLN E 485 -12.03 25.03 -4.31
CA GLN E 485 -12.93 25.53 -5.35
C GLN E 485 -14.16 26.19 -4.74
N LEU E 486 -14.80 25.51 -3.79
CA LEU E 486 -16.01 26.05 -3.18
C LEU E 486 -15.74 27.37 -2.49
N THR E 487 -14.74 27.40 -1.61
CA THR E 487 -14.48 28.59 -0.82
C THR E 487 -14.09 29.77 -1.70
N GLU E 488 -13.19 29.55 -2.66
CA GLU E 488 -12.77 30.63 -3.54
C GLU E 488 -13.93 31.14 -4.38
N LYS E 489 -14.66 30.24 -5.04
CA LYS E 489 -15.77 30.67 -5.89
C LYS E 489 -16.84 31.40 -5.09
N VAL E 490 -17.10 30.96 -3.87
CA VAL E 490 -18.11 31.62 -3.04
C VAL E 490 -17.63 33.01 -2.62
N ARG E 491 -16.37 33.11 -2.17
CA ARG E 491 -15.86 34.41 -1.75
C ARG E 491 -15.71 35.38 -2.91
N ARG E 492 -15.58 34.88 -4.14
CA ARG E 492 -15.61 35.77 -5.31
C ARG E 492 -16.99 36.39 -5.51
N LYS E 493 -18.03 35.56 -5.47
CA LYS E 493 -19.40 35.99 -5.72
C LYS E 493 -20.24 35.68 -4.49
N PRO E 494 -20.41 36.65 -3.59
CA PRO E 494 -21.24 36.41 -2.40
C PRO E 494 -22.69 36.09 -2.73
N PHE E 495 -23.20 36.57 -3.86
CA PHE E 495 -24.57 36.32 -4.30
C PHE E 495 -24.51 35.34 -5.47
N SER E 496 -24.70 34.06 -5.18
CA SER E 496 -24.65 33.02 -6.20
C SER E 496 -25.38 31.79 -5.66
N VAL E 497 -25.44 30.75 -6.49
CA VAL E 497 -26.11 29.50 -6.15
C VAL E 497 -25.07 28.39 -6.25
N VAL E 498 -24.95 27.61 -5.18
CA VAL E 498 -23.99 26.50 -5.12
C VAL E 498 -24.68 25.24 -5.62
N LEU E 499 -24.00 24.52 -6.51
CA LEU E 499 -24.54 23.31 -7.13
C LEU E 499 -23.61 22.14 -6.85
N PHE E 500 -24.18 21.02 -6.40
CA PHE E 500 -23.43 19.82 -6.06
C PHE E 500 -23.91 18.67 -6.94
N ASP E 501 -23.06 18.25 -7.87
CA ASP E 501 -23.41 17.18 -8.80
C ASP E 501 -22.93 15.83 -8.28
N ALA E 502 -23.82 14.84 -8.34
CA ALA E 502 -23.52 13.46 -7.92
C ALA E 502 -23.07 13.43 -6.46
N VAL E 503 -23.96 13.88 -5.58
CA VAL E 503 -23.64 13.99 -4.16
C VAL E 503 -23.42 12.61 -3.54
N GLU E 504 -24.18 11.61 -3.99
CA GLU E 504 -24.10 10.28 -3.41
C GLU E 504 -22.72 9.65 -3.57
N LYS E 505 -21.93 10.07 -4.56
CA LYS E 505 -20.60 9.52 -4.76
C LYS E 505 -19.55 10.20 -3.89
N ALA E 506 -19.89 11.32 -3.25
CA ALA E 506 -18.92 12.06 -2.45
C ALA E 506 -18.63 11.34 -1.14
N HIS E 507 -17.42 11.55 -0.63
CA HIS E 507 -17.03 10.98 0.65
C HIS E 507 -17.73 11.72 1.78
N PRO E 508 -18.19 11.00 2.81
CA PRO E 508 -19.04 11.63 3.85
C PRO E 508 -18.37 12.74 4.64
N ASP E 509 -17.04 12.80 4.68
CA ASP E 509 -16.38 13.76 5.57
C ASP E 509 -16.76 15.20 5.24
N ILE E 510 -16.79 15.54 3.94
CA ILE E 510 -17.20 16.88 3.54
C ILE E 510 -18.59 17.24 4.04
N PHE E 511 -19.48 16.24 4.16
CA PHE E 511 -20.80 16.48 4.72
C PHE E 511 -20.72 17.16 6.08
N ASN E 512 -19.73 16.78 6.90
CA ASN E 512 -19.54 17.44 8.19
C ASN E 512 -19.45 18.95 8.00
N SER E 513 -18.58 19.41 7.09
CA SER E 513 -18.51 20.82 6.80
C SER E 513 -19.84 21.32 6.21
N LEU E 514 -20.46 20.54 5.33
CA LEU E 514 -21.79 20.88 4.85
C LEU E 514 -22.71 21.14 6.03
N LEU E 515 -22.59 20.34 7.09
CA LEU E 515 -23.40 20.56 8.27
C LEU E 515 -23.23 21.98 8.80
N GLN E 516 -21.98 22.41 9.02
CA GLN E 516 -21.78 23.76 9.52
C GLN E 516 -22.09 24.80 8.46
N ILE E 517 -22.14 24.40 7.19
CA ILE E 517 -22.67 25.29 6.17
C ILE E 517 -24.16 25.49 6.34
N LEU E 518 -24.88 24.40 6.61
CA LEU E 518 -26.34 24.46 6.69
C LEU E 518 -26.85 24.89 8.06
N GLU E 519 -26.01 24.93 9.08
CA GLU E 519 -26.44 25.31 10.42
C GLU E 519 -25.91 26.66 10.86
N ASP E 520 -24.61 26.90 10.68
CA ASP E 520 -24.02 28.18 11.06
C ASP E 520 -23.92 29.16 9.89
N GLY E 521 -24.00 28.66 8.66
CA GLY E 521 -24.03 29.54 7.50
C GLY E 521 -22.70 30.16 7.12
N ARG E 522 -21.59 29.62 7.59
CA ARG E 522 -20.29 30.18 7.27
C ARG E 522 -19.24 29.08 7.35
N LEU E 523 -18.09 29.33 6.71
CA LEU E 523 -17.00 28.37 6.67
C LEU E 523 -15.68 29.10 6.79
N THR E 524 -14.64 28.36 7.20
CA THR E 524 -13.30 28.88 7.33
C THR E 524 -12.37 28.10 6.42
N ASP E 525 -11.61 28.82 5.59
CA ASP E 525 -10.70 28.20 4.65
C ASP E 525 -9.31 28.05 5.29
N SER E 526 -8.43 27.32 4.60
CA SER E 526 -7.10 27.08 5.13
C SER E 526 -6.26 28.35 5.22
N GLN E 527 -6.61 29.39 4.47
CA GLN E 527 -5.90 30.65 4.56
C GLN E 527 -6.31 31.47 5.78
N GLY E 528 -7.33 31.04 6.52
CA GLY E 528 -7.72 31.69 7.74
C GLY E 528 -8.85 32.70 7.62
N ARG E 529 -9.30 33.02 6.41
CA ARG E 529 -10.39 33.96 6.23
C ARG E 529 -11.71 33.28 6.56
N VAL E 530 -12.82 33.98 6.38
CA VAL E 530 -14.15 33.43 6.61
C VAL E 530 -15.00 33.71 5.38
N VAL E 531 -15.75 32.70 4.93
CA VAL E 531 -16.64 32.82 3.79
C VAL E 531 -18.07 32.65 4.29
N ASP E 532 -18.94 33.56 3.87
CA ASP E 532 -20.32 33.61 4.33
C ASP E 532 -21.25 33.03 3.28
N PHE E 533 -22.18 32.19 3.71
CA PHE E 533 -23.13 31.52 2.83
C PHE E 533 -24.56 32.00 3.06
N LYS E 534 -24.74 33.16 3.68
CA LYS E 534 -26.09 33.62 4.02
C LYS E 534 -26.93 33.86 2.78
N ASN E 535 -26.34 34.46 1.75
CA ASN E 535 -27.07 34.85 0.55
C ASN E 535 -27.01 33.80 -0.54
N THR E 536 -26.45 32.63 -0.26
CA THR E 536 -26.34 31.56 -1.25
C THR E 536 -27.45 30.53 -1.07
N VAL E 537 -27.77 29.85 -2.15
CA VAL E 537 -28.76 28.78 -2.17
C VAL E 537 -28.06 27.51 -2.63
N ILE E 538 -28.20 26.45 -1.85
CA ILE E 538 -27.43 25.22 -2.07
C ILE E 538 -28.36 24.17 -2.67
N ILE E 539 -27.91 23.53 -3.75
CA ILE E 539 -28.68 22.51 -4.46
C ILE E 539 -27.82 21.27 -4.57
N MET E 540 -28.40 20.11 -4.26
CA MET E 540 -27.73 18.82 -4.38
C MET E 540 -28.46 17.98 -5.42
N THR E 541 -27.88 17.85 -6.60
CA THR E 541 -28.45 16.97 -7.62
C THR E 541 -28.05 15.53 -7.35
N THR E 542 -29.01 14.62 -7.53
CA THR E 542 -28.79 13.21 -7.28
C THR E 542 -29.65 12.38 -8.22
N ASN E 543 -29.22 11.13 -8.43
CA ASN E 543 -29.91 10.19 -9.29
C ASN E 543 -30.35 8.94 -8.53
N LEU E 544 -30.39 9.00 -7.20
CA LEU E 544 -30.73 7.84 -6.40
C LEU E 544 -32.20 7.49 -6.56
N GLY E 545 -32.48 6.21 -6.85
CA GLY E 545 -33.83 5.73 -6.99
C GLY E 545 -34.42 5.84 -8.38
N THR E 546 -33.73 6.50 -9.30
CA THR E 546 -34.23 6.64 -10.67
C THR E 546 -33.85 5.46 -11.55
N ARG E 547 -32.96 4.57 -11.10
CA ARG E 547 -32.54 3.44 -11.92
C ARG E 547 -33.69 2.49 -12.18
N ASP E 548 -34.50 2.20 -11.15
CA ASP E 548 -35.66 1.34 -11.35
C ASP E 548 -36.74 2.04 -12.17
N ILE E 549 -36.89 3.36 -11.99
CA ILE E 549 -37.85 4.10 -12.77
C ILE E 549 -37.42 4.17 -14.23
N SER E 550 -36.15 4.49 -14.47
CA SER E 550 -35.67 4.63 -15.84
C SER E 550 -35.60 3.27 -16.55
N LYS E 551 -35.13 2.24 -15.84
CA LYS E 551 -34.97 0.91 -16.43
C LYS E 551 -35.87 -0.06 -15.68
N GLY E 552 -36.84 -0.63 -16.38
CA GLY E 552 -37.73 -1.61 -15.77
C GLY E 552 -37.05 -2.89 -15.35
N PHE E 553 -36.11 -3.38 -16.17
CA PHE E 553 -35.36 -4.59 -15.84
C PHE E 553 -34.17 -4.19 -14.99
N ASN E 554 -34.03 -4.81 -13.81
CA ASN E 554 -32.95 -4.45 -12.92
C ASN E 554 -31.74 -5.37 -13.12
N LEU E 555 -31.90 -6.65 -12.81
CA LEU E 555 -30.85 -7.60 -13.15
C LEU E 555 -31.36 -8.86 -13.83
N GLY E 556 -32.53 -9.36 -13.43
CA GLY E 556 -32.95 -10.69 -13.81
C GLY E 556 -34.38 -10.74 -14.31
N PHE E 557 -35.06 -11.82 -13.94
CA PHE E 557 -36.36 -12.16 -14.51
C PHE E 557 -37.43 -11.19 -14.03
N ALA E 558 -37.86 -10.29 -14.91
CA ALA E 558 -38.85 -9.28 -14.57
C ALA E 558 -40.09 -9.44 -15.43
N ALA E 559 -41.24 -9.09 -14.87
CA ALA E 559 -42.49 -9.08 -15.59
C ALA E 559 -42.71 -7.69 -16.21
N GLN E 560 -43.90 -7.47 -16.78
CA GLN E 560 -44.19 -6.19 -17.41
C GLN E 560 -44.21 -5.06 -16.38
N GLY E 561 -44.82 -5.30 -15.22
CA GLY E 561 -44.88 -4.26 -14.21
C GLY E 561 -45.83 -3.14 -14.57
N ASP E 562 -45.62 -1.99 -13.93
CA ASP E 562 -46.45 -0.81 -14.15
C ASP E 562 -45.56 0.42 -14.12
N THR E 563 -46.15 1.57 -14.42
CA THR E 563 -45.42 2.84 -14.48
C THR E 563 -46.16 4.01 -13.84
N LYS E 564 -47.27 3.78 -13.14
CA LYS E 564 -48.03 4.88 -12.58
C LYS E 564 -47.83 5.02 -11.07
N SER E 565 -47.54 3.92 -10.38
CA SER E 565 -47.31 4.00 -8.94
C SER E 565 -46.08 4.86 -8.62
N ASN E 566 -45.00 4.67 -9.39
CA ASN E 566 -43.85 5.55 -9.25
C ASN E 566 -44.22 6.99 -9.60
N TYR E 567 -45.05 7.18 -10.64
CA TYR E 567 -45.49 8.53 -11.01
C TYR E 567 -46.23 9.21 -9.87
N GLU E 568 -46.76 8.43 -8.93
CA GLU E 568 -47.46 9.03 -7.79
C GLU E 568 -46.54 9.22 -6.60
N ARG E 569 -45.70 8.23 -6.29
CA ARG E 569 -44.96 8.24 -5.03
C ARG E 569 -43.46 8.29 -5.26
N MET E 570 -43.04 8.95 -6.34
CA MET E 570 -41.62 9.21 -6.55
C MET E 570 -41.01 10.02 -5.41
N LYS E 571 -41.74 11.02 -4.90
CA LYS E 571 -41.23 11.82 -3.80
C LYS E 571 -41.01 10.97 -2.55
N ASN E 572 -41.96 10.10 -2.22
CA ASN E 572 -41.81 9.24 -1.06
C ASN E 572 -40.67 8.23 -1.26
N LYS E 573 -40.57 7.67 -2.48
CA LYS E 573 -39.48 6.75 -2.77
C LYS E 573 -38.13 7.41 -2.56
N VAL E 574 -37.93 8.59 -3.14
CA VAL E 574 -36.64 9.25 -3.01
C VAL E 574 -36.39 9.70 -1.57
N SER E 575 -37.44 10.11 -0.85
CA SER E 575 -37.25 10.47 0.55
C SER E 575 -36.76 9.27 1.36
N ASP E 576 -37.38 8.12 1.18
CA ASP E 576 -36.96 6.92 1.90
C ASP E 576 -35.54 6.52 1.50
N GLU E 577 -35.22 6.60 0.20
CA GLU E 577 -33.89 6.22 -0.26
C GLU E 577 -32.82 7.12 0.33
N LEU E 578 -33.08 8.43 0.38
CA LEU E 578 -32.11 9.35 0.98
C LEU E 578 -32.01 9.13 2.49
N LYS E 579 -33.13 8.83 3.15
CA LYS E 579 -33.06 8.57 4.58
C LYS E 579 -32.23 7.33 4.88
N GLN E 580 -32.39 6.27 4.09
CA GLN E 580 -31.67 5.03 4.35
C GLN E 580 -30.20 5.15 3.93
N HIS E 581 -29.94 5.84 2.82
CA HIS E 581 -28.58 5.90 2.30
C HIS E 581 -27.70 6.84 3.13
N PHE E 582 -28.25 7.97 3.55
CA PHE E 582 -27.48 8.99 4.25
C PHE E 582 -27.94 9.14 5.69
N ARG E 583 -27.23 9.97 6.42
CA ARG E 583 -27.52 10.19 7.84
C ARG E 583 -28.84 10.93 8.01
N PRO E 584 -29.70 10.51 8.92
CA PRO E 584 -30.97 11.24 9.13
C PRO E 584 -30.78 12.70 9.54
N GLU E 585 -29.71 13.00 10.28
CA GLU E 585 -29.49 14.37 10.72
C GLU E 585 -29.28 15.31 9.55
N PHE E 586 -28.51 14.88 8.54
CA PHE E 586 -28.30 15.73 7.36
C PHE E 586 -29.60 15.94 6.60
N LEU E 587 -30.41 14.89 6.45
CA LEU E 587 -31.70 15.04 5.81
C LEU E 587 -32.62 15.95 6.61
N ASN E 588 -32.42 16.02 7.93
CA ASN E 588 -33.18 16.96 8.74
C ASN E 588 -32.72 18.39 8.47
N ARG E 589 -31.42 18.60 8.33
CA ARG E 589 -30.90 19.95 8.11
C ARG E 589 -31.36 20.51 6.77
N VAL E 590 -31.33 19.68 5.72
CA VAL E 590 -31.73 20.15 4.40
C VAL E 590 -33.22 20.50 4.41
N ASP E 591 -33.60 21.45 3.56
CA ASP E 591 -34.96 22.00 3.62
C ASP E 591 -35.94 21.25 2.72
N ASP E 592 -35.68 21.22 1.41
CA ASP E 592 -36.68 20.73 0.48
C ASP E 592 -36.10 19.70 -0.48
N VAL E 593 -36.99 18.86 -1.01
CA VAL E 593 -36.65 17.87 -2.02
C VAL E 593 -37.56 18.09 -3.23
N VAL E 594 -36.99 18.05 -4.42
CA VAL E 594 -37.70 18.28 -5.67
C VAL E 594 -37.34 17.14 -6.63
N VAL E 595 -38.35 16.51 -7.21
CA VAL E 595 -38.15 15.32 -8.02
C VAL E 595 -38.45 15.63 -9.47
N PHE E 596 -37.59 15.14 -10.37
CA PHE E 596 -37.72 15.41 -11.79
C PHE E 596 -38.24 14.18 -12.51
N PRO E 597 -39.47 14.18 -13.01
CA PRO E 597 -39.98 13.03 -13.77
C PRO E 597 -39.41 13.00 -15.19
N GLN E 598 -39.87 12.03 -15.96
CA GLN E 598 -39.37 11.82 -17.31
C GLN E 598 -39.94 12.85 -18.28
N LEU E 599 -39.32 12.92 -19.46
CA LEU E 599 -39.68 13.89 -20.49
C LEU E 599 -40.95 13.46 -21.23
N SER E 600 -41.49 14.39 -22.00
CA SER E 600 -42.65 14.15 -22.85
C SER E 600 -42.34 14.58 -24.28
N GLN E 601 -43.05 13.97 -25.23
CA GLN E 601 -42.79 14.25 -26.65
C GLN E 601 -43.08 15.70 -26.98
N ALA E 602 -44.18 16.26 -26.45
CA ALA E 602 -44.49 17.65 -26.71
C ALA E 602 -43.41 18.57 -26.16
N ASP E 603 -42.83 18.22 -25.01
CA ASP E 603 -41.71 18.98 -24.48
C ASP E 603 -40.53 18.96 -25.45
N ILE E 604 -40.27 17.80 -26.06
CA ILE E 604 -39.24 17.72 -27.09
C ILE E 604 -39.59 18.61 -28.27
N LEU E 605 -40.87 18.71 -28.61
CA LEU E 605 -41.28 19.61 -29.68
C LEU E 605 -40.97 21.06 -29.33
N LYS E 606 -41.26 21.48 -28.09
CA LYS E 606 -40.88 22.84 -27.71
C LYS E 606 -39.36 23.02 -27.72
N ILE E 607 -38.61 22.00 -27.31
CA ILE E 607 -37.15 22.11 -27.33
C ILE E 607 -36.64 22.31 -28.75
N VAL E 608 -37.14 21.51 -29.69
CA VAL E 608 -36.67 21.64 -31.06
C VAL E 608 -37.15 22.96 -31.67
N ASP E 609 -38.35 23.43 -31.27
CA ASP E 609 -38.79 24.75 -31.72
C ASP E 609 -37.84 25.83 -31.24
N LEU E 610 -37.41 25.74 -29.98
CA LEU E 610 -36.47 26.73 -29.44
C LEU E 610 -35.15 26.69 -30.19
N MET E 611 -34.63 25.49 -30.45
CA MET E 611 -33.37 25.40 -31.20
C MET E 611 -33.52 25.98 -32.61
N ILE E 612 -34.62 25.64 -33.30
CA ILE E 612 -34.80 26.10 -34.67
C ILE E 612 -34.95 27.62 -34.72
N ASP E 613 -35.73 28.20 -33.80
CA ASP E 613 -35.90 29.64 -33.88
C ASP E 613 -34.68 30.39 -33.35
N LYS E 614 -33.87 29.79 -32.48
CA LYS E 614 -32.57 30.36 -32.18
C LYS E 614 -31.69 30.38 -33.42
N VAL E 615 -31.74 29.32 -34.22
CA VAL E 615 -31.01 29.34 -35.50
C VAL E 615 -31.56 30.42 -36.42
N ASP E 616 -32.88 30.54 -36.48
CA ASP E 616 -33.52 31.45 -37.43
C ASP E 616 -33.27 32.91 -37.09
N GLU E 617 -33.33 33.26 -35.80
CA GLU E 617 -33.17 34.66 -35.41
C GLU E 617 -31.79 35.20 -35.76
N ARG E 618 -30.78 34.33 -35.85
CA ARG E 618 -29.46 34.75 -36.27
C ARG E 618 -29.21 34.54 -37.76
N LEU E 619 -29.89 33.59 -38.38
CA LEU E 619 -29.75 33.41 -39.82
C LEU E 619 -30.58 34.41 -40.61
N LYS E 620 -31.44 35.17 -39.94
CA LYS E 620 -32.20 36.22 -40.62
C LYS E 620 -31.31 37.33 -41.16
N ASP E 621 -30.04 37.38 -40.73
CA ASP E 621 -29.12 38.39 -41.26
C ASP E 621 -29.01 38.31 -42.76
N ARG E 622 -29.12 37.10 -43.33
CA ARG E 622 -29.14 36.89 -44.76
C ARG E 622 -30.56 36.83 -45.31
N ASP E 623 -31.56 37.12 -44.47
CA ASP E 623 -32.98 37.01 -44.82
C ASP E 623 -33.31 35.56 -45.22
N MET E 624 -32.92 34.64 -44.33
CA MET E 624 -33.21 33.22 -44.49
C MET E 624 -34.32 32.82 -43.53
N GLY E 625 -35.36 32.19 -44.07
CA GLY E 625 -36.45 31.67 -43.27
C GLY E 625 -36.36 30.16 -43.21
N ILE E 626 -36.64 29.61 -42.04
CA ILE E 626 -36.53 28.18 -41.79
C ILE E 626 -37.90 27.66 -41.36
N GLU E 627 -38.41 26.66 -42.08
CA GLU E 627 -39.69 26.04 -41.77
C GLU E 627 -39.50 24.54 -41.62
N LEU E 628 -40.11 23.98 -40.57
CA LEU E 628 -40.01 22.56 -40.26
C LEU E 628 -41.39 21.91 -40.35
N SER E 629 -41.46 20.79 -41.05
CA SER E 629 -42.68 20.00 -41.08
C SER E 629 -42.84 19.23 -39.77
N SER E 630 -44.10 18.89 -39.45
CA SER E 630 -44.37 18.11 -38.25
C SER E 630 -43.70 16.74 -38.31
N SER E 631 -43.62 16.17 -39.51
CA SER E 631 -42.87 14.93 -39.69
C SER E 631 -41.41 15.12 -39.33
N ALA E 632 -40.82 16.24 -39.77
CA ALA E 632 -39.45 16.56 -39.38
C ALA E 632 -39.33 16.75 -37.88
N LYS E 633 -40.33 17.40 -37.26
CA LYS E 633 -40.33 17.56 -35.82
C LYS E 633 -40.25 16.22 -35.11
N GLU E 634 -41.13 15.29 -35.50
CA GLU E 634 -41.14 13.97 -34.85
C GLU E 634 -39.88 13.18 -35.17
N LEU E 635 -39.36 13.28 -36.39
CA LEU E 635 -38.14 12.56 -36.73
C LEU E 635 -36.96 13.05 -35.90
N LEU E 636 -36.82 14.36 -35.75
CA LEU E 636 -35.75 14.90 -34.93
C LEU E 636 -35.97 14.55 -33.45
N SER E 637 -37.24 14.51 -33.02
CA SER E 637 -37.53 14.14 -31.64
C SER E 637 -37.10 12.70 -31.36
N LYS E 638 -37.38 11.78 -32.29
CA LYS E 638 -37.03 10.39 -32.05
C LYS E 638 -35.53 10.15 -32.18
N LYS E 639 -34.90 10.76 -33.20
CA LYS E 639 -33.47 10.59 -33.37
C LYS E 639 -32.68 11.24 -32.25
N GLY E 640 -33.10 12.44 -31.84
CA GLY E 640 -32.37 13.22 -30.86
C GLY E 640 -32.71 12.95 -29.41
N TYR E 641 -33.56 11.97 -29.12
CA TYR E 641 -33.89 11.62 -27.75
C TYR E 641 -33.32 10.24 -27.44
N ASP E 642 -32.88 10.08 -26.19
CA ASP E 642 -32.29 8.84 -25.75
C ASP E 642 -32.50 8.69 -24.24
N PRO E 643 -33.08 7.57 -23.79
CA PRO E 643 -33.46 7.47 -22.37
C PRO E 643 -32.31 7.63 -21.39
N VAL E 644 -31.10 7.22 -21.76
CA VAL E 644 -29.97 7.30 -20.84
C VAL E 644 -29.25 8.64 -21.03
N LEU E 645 -29.76 9.46 -21.96
CA LEU E 645 -29.15 10.75 -22.25
C LEU E 645 -30.11 11.92 -22.21
N GLY E 646 -31.41 11.70 -22.37
CA GLY E 646 -32.34 12.82 -22.36
C GLY E 646 -32.26 13.64 -23.63
N ALA E 647 -32.43 14.95 -23.48
CA ALA E 647 -32.49 15.87 -24.62
C ALA E 647 -31.13 16.47 -24.96
N ARG E 648 -30.07 16.06 -24.27
CA ARG E 648 -28.75 16.62 -24.54
C ARG E 648 -28.16 16.25 -25.91
N PRO E 649 -28.47 15.09 -26.51
CA PRO E 649 -27.91 14.82 -27.84
C PRO E 649 -28.53 15.63 -28.96
N LEU E 650 -29.61 16.38 -28.70
CA LEU E 650 -30.24 17.18 -29.74
C LEU E 650 -29.30 18.25 -30.29
N ARG E 651 -28.55 18.92 -29.41
CA ARG E 651 -27.66 19.97 -29.87
C ARG E 651 -26.71 19.46 -30.96
N ARG E 652 -26.19 18.25 -30.78
CA ARG E 652 -25.34 17.66 -31.81
C ARG E 652 -26.18 17.10 -32.97
N THR E 653 -27.40 16.63 -32.69
CA THR E 653 -28.21 15.99 -33.73
C THR E 653 -28.58 16.98 -34.83
N ILE E 654 -29.15 18.13 -34.46
CA ILE E 654 -29.51 19.13 -35.46
C ILE E 654 -28.28 19.66 -36.18
N GLN E 655 -27.18 19.86 -35.45
CA GLN E 655 -25.94 20.30 -36.10
C GLN E 655 -25.47 19.29 -37.15
N ARG E 656 -25.55 18.00 -36.83
CA ARG E 656 -25.18 16.97 -37.79
C ARG E 656 -26.14 16.88 -38.96
N GLU E 657 -27.42 17.20 -38.75
CA GLU E 657 -28.44 17.04 -39.77
C GLU E 657 -28.67 18.30 -40.57
N ILE E 658 -28.97 19.42 -39.91
CA ILE E 658 -29.42 20.61 -40.63
C ILE E 658 -28.23 21.47 -41.05
N GLU E 659 -27.37 21.82 -40.09
CA GLU E 659 -26.28 22.77 -40.35
C GLU E 659 -25.31 22.22 -41.38
N ASP E 660 -24.98 20.93 -41.29
CA ASP E 660 -24.02 20.34 -42.23
C ASP E 660 -24.51 20.42 -43.67
N SER E 661 -25.79 20.14 -43.92
CA SER E 661 -26.35 20.26 -45.26
C SER E 661 -26.54 21.73 -45.67
N LEU E 662 -26.97 22.56 -44.72
CA LEU E 662 -27.19 23.98 -45.02
C LEU E 662 -25.91 24.66 -45.47
N SER E 663 -24.79 24.33 -44.82
CA SER E 663 -23.52 24.96 -45.15
C SER E 663 -23.14 24.69 -46.61
N GLU E 664 -23.21 23.44 -47.03
CA GLU E 664 -22.84 23.11 -48.41
C GLU E 664 -23.86 23.62 -49.40
N LYS E 665 -25.15 23.63 -49.03
CA LYS E 665 -26.16 24.19 -49.92
C LYS E 665 -25.94 25.69 -50.14
N ILE E 666 -25.57 26.42 -49.09
CA ILE E 666 -25.32 27.85 -49.23
C ILE E 666 -24.03 28.08 -50.02
N LEU E 667 -22.97 27.34 -49.70
CA LEU E 667 -21.69 27.56 -50.35
C LEU E 667 -21.70 27.15 -51.83
N PHE E 668 -22.55 26.19 -52.19
CA PHE E 668 -22.63 25.79 -53.60
C PHE E 668 -23.13 26.93 -54.47
N GLY E 669 -24.12 27.69 -54.00
CA GLY E 669 -24.70 28.78 -54.75
C GLY E 669 -26.14 28.55 -55.17
N GLU E 670 -26.69 27.37 -54.92
CA GLU E 670 -28.08 27.10 -55.27
C GLU E 670 -29.05 27.97 -54.49
N LEU E 671 -28.64 28.47 -53.33
CA LEU E 671 -29.48 29.32 -52.49
C LEU E 671 -28.90 30.73 -52.47
N ARG E 672 -29.75 31.72 -52.73
CA ARG E 672 -29.36 33.11 -52.77
C ARG E 672 -30.03 33.88 -51.63
N PRO E 673 -29.45 35.01 -51.20
CA PRO E 673 -30.07 35.79 -50.14
C PRO E 673 -31.48 36.23 -50.50
N GLY E 674 -32.36 36.21 -49.51
CA GLY E 674 -33.76 36.53 -49.72
C GLY E 674 -34.66 35.34 -49.97
N HIS E 675 -34.43 34.21 -49.31
CA HIS E 675 -35.20 33.00 -49.56
C HIS E 675 -35.50 32.31 -48.25
N ILE E 676 -36.49 31.42 -48.28
CA ILE E 676 -36.94 30.66 -47.13
C ILE E 676 -36.84 29.18 -47.46
N VAL E 677 -36.22 28.40 -46.57
CA VAL E 677 -36.06 26.97 -46.75
C VAL E 677 -37.09 26.24 -45.90
N VAL E 678 -37.81 25.31 -46.52
CA VAL E 678 -38.81 24.49 -45.85
C VAL E 678 -38.28 23.06 -45.81
N VAL E 679 -38.41 22.43 -44.65
CA VAL E 679 -37.88 21.09 -44.41
C VAL E 679 -39.00 20.08 -44.62
N ASP E 680 -38.74 19.07 -45.46
CA ASP E 680 -39.68 17.99 -45.70
C ASP E 680 -38.95 16.66 -45.66
N THR E 681 -39.57 15.67 -45.00
CA THR E 681 -38.96 14.36 -44.84
C THR E 681 -39.31 13.49 -46.04
N GLU E 682 -38.30 12.86 -46.63
CA GLU E 682 -38.47 11.97 -47.77
C GLU E 682 -38.09 10.56 -47.35
N GLY E 683 -39.00 9.62 -47.53
CA GLY E 683 -38.81 8.25 -47.12
C GLY E 683 -39.69 7.89 -45.92
N GLU E 684 -39.47 6.68 -45.42
CA GLU E 684 -40.23 6.16 -44.30
C GLU E 684 -39.28 5.50 -43.30
N GLY E 685 -39.62 5.65 -42.02
CA GLY E 685 -38.83 5.02 -40.97
C GLY E 685 -37.40 5.52 -40.95
N GLU E 686 -36.45 4.59 -40.85
CA GLU E 686 -35.04 4.92 -40.82
C GLU E 686 -34.55 5.55 -42.13
N THR E 687 -35.28 5.40 -43.21
CA THR E 687 -34.90 5.95 -44.51
C THR E 687 -35.39 7.38 -44.70
N LYS E 688 -36.08 7.96 -43.73
CA LYS E 688 -36.50 9.35 -43.83
C LYS E 688 -35.30 10.27 -43.89
N THR E 689 -35.34 11.21 -44.83
CA THR E 689 -34.23 12.13 -45.06
C THR E 689 -34.77 13.55 -45.14
N PHE E 690 -34.14 14.46 -44.39
CA PHE E 690 -34.53 15.87 -44.42
C PHE E 690 -34.12 16.46 -45.77
N THR E 691 -35.06 17.13 -46.43
CA THR E 691 -34.82 17.76 -47.72
C THR E 691 -35.30 19.20 -47.66
N PHE E 692 -34.58 20.08 -48.36
CA PHE E 692 -34.76 21.52 -48.25
C PHE E 692 -35.35 22.06 -49.54
N ARG E 693 -36.47 22.77 -49.42
CA ARG E 693 -37.13 23.39 -50.57
C ARG E 693 -37.09 24.90 -50.40
N GLY E 694 -36.58 25.60 -51.42
CA GLY E 694 -36.42 27.04 -51.37
C GLY E 694 -37.60 27.77 -52.00
N GLU E 695 -38.02 28.84 -51.34
CA GLU E 695 -39.09 29.69 -51.84
C GLU E 695 -38.69 31.16 -51.66
N GLU E 696 -39.32 32.02 -52.45
CA GLU E 696 -39.05 33.45 -52.36
C GLU E 696 -39.96 34.12 -51.33
N SER F 44 -6.69 88.98 -26.69
CA SER F 44 -5.93 88.22 -25.70
C SER F 44 -4.66 87.65 -26.33
N LEU F 45 -3.55 88.38 -26.15
CA LEU F 45 -2.27 87.93 -26.71
C LEU F 45 -1.82 86.63 -26.06
N VAL F 46 -2.06 86.47 -24.76
CA VAL F 46 -1.58 85.28 -24.05
C VAL F 46 -2.24 84.02 -24.60
N LEU F 47 -3.55 84.06 -24.84
CA LEU F 47 -4.24 82.90 -25.37
C LEU F 47 -3.79 82.58 -26.79
N ASP F 48 -3.72 83.61 -27.66
CA ASP F 48 -3.40 83.38 -29.06
C ASP F 48 -1.97 82.91 -29.24
N GLN F 49 -1.04 83.41 -28.44
CA GLN F 49 0.37 83.04 -28.59
C GLN F 49 0.61 81.59 -28.18
N PHE F 50 -0.07 81.13 -27.13
CA PHE F 50 0.23 79.84 -26.52
C PHE F 50 -0.99 78.92 -26.50
N GLY F 51 -1.98 79.16 -27.35
CA GLY F 51 -3.16 78.32 -27.39
C GLY F 51 -3.96 78.61 -28.64
N ARG F 52 -5.03 77.84 -28.81
CA ARG F 52 -5.88 77.95 -29.99
C ARG F 52 -7.34 78.10 -29.57
N ASN F 53 -8.14 78.62 -30.50
CA ASN F 53 -9.54 78.93 -30.27
C ASN F 53 -10.39 78.00 -31.11
N LEU F 54 -11.33 77.30 -30.44
CA LEU F 54 -12.25 76.44 -31.17
C LEU F 54 -13.58 77.12 -31.44
N THR F 55 -14.03 78.00 -30.55
CA THR F 55 -15.31 78.68 -30.74
C THR F 55 -15.27 79.56 -31.98
N GLN F 56 -14.21 80.35 -32.14
CA GLN F 56 -14.08 81.17 -33.34
C GLN F 56 -13.91 80.30 -34.57
N ALA F 57 -13.13 79.23 -34.47
CA ALA F 57 -12.94 78.33 -35.60
C ALA F 57 -14.27 77.66 -35.97
N ALA F 58 -15.06 77.26 -34.98
CA ALA F 58 -16.40 76.76 -35.27
C ALA F 58 -17.27 77.85 -35.87
N ARG F 59 -17.13 79.08 -35.37
CA ARG F 59 -17.84 80.21 -35.96
C ARG F 59 -17.41 80.45 -37.41
N GLU F 60 -16.11 80.29 -37.68
CA GLU F 60 -15.61 80.37 -39.05
C GLU F 60 -15.86 79.09 -39.84
N SER F 61 -16.29 78.01 -39.17
CA SER F 61 -16.65 76.75 -39.82
C SER F 61 -15.48 76.19 -40.63
N LYS F 62 -14.41 75.83 -39.92
CA LYS F 62 -13.21 75.32 -40.54
C LYS F 62 -12.86 73.89 -40.12
N LEU F 63 -13.74 73.21 -39.39
CA LEU F 63 -13.48 71.86 -38.94
C LEU F 63 -14.51 70.89 -39.52
N ASP F 64 -14.27 69.60 -39.27
CA ASP F 64 -15.12 68.57 -39.83
C ASP F 64 -16.46 68.50 -39.08
N PRO F 65 -17.53 68.17 -39.78
CA PRO F 65 -18.83 68.02 -39.10
C PRO F 65 -18.85 66.83 -38.16
N VAL F 66 -19.69 66.93 -37.14
CA VAL F 66 -19.83 65.91 -36.11
C VAL F 66 -21.15 65.19 -36.31
N ILE F 67 -21.09 63.87 -36.46
CA ILE F 67 -22.26 63.05 -36.74
C ILE F 67 -22.30 61.90 -35.74
N GLY F 68 -23.47 61.68 -35.15
CA GLY F 68 -23.67 60.53 -34.28
C GLY F 68 -22.89 60.55 -32.99
N ARG F 69 -22.78 61.70 -32.33
CA ARG F 69 -22.12 61.81 -31.04
C ARG F 69 -22.93 62.66 -30.08
N GLU F 70 -24.26 62.63 -30.21
CA GLU F 70 -25.11 63.45 -29.35
C GLU F 70 -25.14 62.92 -27.93
N LYS F 71 -25.14 61.61 -27.75
CA LYS F 71 -25.16 61.04 -26.41
C LYS F 71 -23.90 61.41 -25.63
N GLU F 72 -22.74 61.31 -26.28
CA GLU F 72 -21.48 61.60 -25.59
C GLU F 72 -21.41 63.07 -25.18
N ILE F 73 -21.78 63.98 -26.09
CA ILE F 73 -21.70 65.40 -25.77
C ILE F 73 -22.73 65.77 -24.71
N GLU F 74 -23.93 65.17 -24.78
CA GLU F 74 -24.93 65.41 -23.73
C GLU F 74 -24.41 64.95 -22.38
N ARG F 75 -23.82 63.75 -22.34
CA ARG F 75 -23.29 63.21 -21.10
C ARG F 75 -22.20 64.09 -20.52
N VAL F 76 -21.24 64.51 -21.35
CA VAL F 76 -20.12 65.30 -20.82
C VAL F 76 -20.60 66.69 -20.39
N MET F 77 -21.55 67.28 -21.12
CA MET F 77 -21.97 68.64 -20.79
C MET F 77 -22.90 68.64 -19.58
N GLN F 78 -23.55 67.51 -19.30
CA GLN F 78 -24.28 67.42 -18.02
C GLN F 78 -23.34 67.05 -16.88
N VAL F 79 -22.25 66.34 -17.15
CA VAL F 79 -21.24 66.09 -16.11
C VAL F 79 -20.59 67.40 -15.68
N LEU F 80 -20.24 68.26 -16.62
CA LEU F 80 -19.53 69.48 -16.26
C LEU F 80 -20.36 70.37 -15.36
N SER F 81 -21.69 70.24 -15.42
CA SER F 81 -22.60 71.03 -14.59
C SER F 81 -22.67 70.53 -13.15
N ARG F 82 -22.00 69.44 -12.82
CA ARG F 82 -22.03 68.91 -11.47
C ARG F 82 -21.40 69.88 -10.48
N ARG F 83 -21.89 69.86 -9.24
CA ARG F 83 -21.30 70.69 -8.20
C ARG F 83 -19.91 70.18 -7.83
N THR F 84 -19.72 68.87 -7.79
CA THR F 84 -18.44 68.26 -7.47
C THR F 84 -18.02 67.34 -8.60
N LYS F 85 -16.71 67.18 -8.75
CA LYS F 85 -16.11 66.45 -9.87
C LYS F 85 -16.62 66.98 -11.20
N ASN F 86 -16.63 68.31 -11.34
CA ASN F 86 -17.16 68.98 -12.51
C ASN F 86 -16.17 69.09 -13.65
N ASN F 87 -14.99 68.48 -13.51
CA ASN F 87 -13.99 68.49 -14.57
C ASN F 87 -14.04 67.18 -15.33
N PRO F 88 -14.74 67.11 -16.46
CA PRO F 88 -14.88 65.83 -17.17
C PRO F 88 -13.61 65.45 -17.91
N VAL F 89 -13.27 64.17 -17.85
CA VAL F 89 -12.14 63.62 -18.58
C VAL F 89 -12.64 62.48 -19.46
N LEU F 90 -12.27 62.52 -20.74
CA LEU F 90 -12.69 61.50 -21.69
C LEU F 90 -11.68 60.37 -21.72
N ILE F 91 -12.18 59.14 -21.60
CA ILE F 91 -11.35 57.94 -21.60
C ILE F 91 -11.73 57.09 -22.81
N GLY F 92 -10.75 56.81 -23.65
CA GLY F 92 -10.95 56.02 -24.85
C GLY F 92 -9.64 55.62 -25.50
N GLU F 93 -9.60 55.70 -26.83
CA GLU F 93 -8.42 55.39 -27.61
C GLU F 93 -8.28 56.47 -28.68
N PRO F 94 -7.06 56.72 -29.18
CA PRO F 94 -6.90 57.83 -30.12
C PRO F 94 -7.56 57.54 -31.47
N GLY F 95 -8.06 58.60 -32.09
CA GLY F 95 -8.73 58.47 -33.38
C GLY F 95 -10.15 57.99 -33.33
N VAL F 96 -10.78 57.96 -32.15
CA VAL F 96 -12.18 57.58 -32.04
C VAL F 96 -13.11 58.78 -32.11
N GLY F 97 -12.61 59.99 -31.90
CA GLY F 97 -13.45 61.17 -32.00
C GLY F 97 -13.48 62.04 -30.75
N LYS F 98 -12.43 61.98 -29.94
CA LYS F 98 -12.34 62.88 -28.79
C LYS F 98 -12.33 64.34 -29.25
N THR F 99 -11.45 64.66 -30.20
CA THR F 99 -11.48 65.99 -30.79
C THR F 99 -12.80 66.24 -31.51
N ALA F 100 -13.40 65.18 -32.06
CA ALA F 100 -14.68 65.33 -32.75
C ALA F 100 -15.77 65.74 -31.77
N VAL F 101 -15.85 65.08 -30.61
CA VAL F 101 -16.89 65.45 -29.65
C VAL F 101 -16.58 66.80 -29.02
N VAL F 102 -15.30 67.14 -28.85
CA VAL F 102 -14.96 68.47 -28.35
C VAL F 102 -15.42 69.54 -29.33
N GLU F 103 -15.18 69.32 -30.63
CA GLU F 103 -15.66 70.25 -31.65
C GLU F 103 -17.18 70.28 -31.71
N GLY F 104 -17.84 69.15 -31.44
CA GLY F 104 -19.29 69.16 -31.36
C GLY F 104 -19.79 70.01 -30.22
N LEU F 105 -19.14 69.92 -29.06
CA LEU F 105 -19.47 70.81 -27.95
C LEU F 105 -19.26 72.28 -28.31
N ALA F 106 -18.13 72.57 -28.97
CA ALA F 106 -17.86 73.96 -29.36
C ALA F 106 -18.91 74.47 -30.35
N GLN F 107 -19.29 73.63 -31.32
CA GLN F 107 -20.31 74.01 -32.29
C GLN F 107 -21.65 74.24 -31.60
N ALA F 108 -22.04 73.34 -30.69
CA ALA F 108 -23.28 73.52 -29.97
C ALA F 108 -23.28 74.81 -29.15
N ILE F 109 -22.12 75.16 -28.59
CA ILE F 109 -22.00 76.40 -27.84
C ILE F 109 -22.18 77.60 -28.77
N VAL F 110 -21.50 77.59 -29.92
CA VAL F 110 -21.49 78.78 -30.77
C VAL F 110 -22.84 78.96 -31.46
N LYS F 111 -23.53 77.87 -31.80
CA LYS F 111 -24.81 78.02 -32.50
C LYS F 111 -25.91 78.54 -31.59
N GLY F 112 -25.73 78.44 -30.27
CA GLY F 112 -26.71 78.95 -29.33
C GLY F 112 -27.71 77.92 -28.83
N GLU F 113 -27.66 76.69 -29.31
CA GLU F 113 -28.54 75.64 -28.82
C GLU F 113 -27.99 74.99 -27.54
N VAL F 114 -27.67 75.84 -26.56
CA VAL F 114 -27.22 75.37 -25.25
C VAL F 114 -27.92 76.18 -24.17
N PRO F 115 -28.11 75.57 -22.99
CA PRO F 115 -28.80 76.27 -21.91
C PRO F 115 -27.90 77.26 -21.17
N GLU F 116 -28.41 77.81 -20.08
CA GLU F 116 -27.65 78.72 -19.22
C GLU F 116 -26.69 77.91 -18.36
N THR F 117 -26.14 78.51 -17.31
CA THR F 117 -25.15 77.85 -16.45
C THR F 117 -23.90 77.50 -17.28
N LEU F 118 -23.14 78.56 -17.57
CA LEU F 118 -22.10 78.84 -18.56
C LEU F 118 -22.67 79.32 -19.89
N LYS F 119 -24.00 79.38 -20.04
CA LYS F 119 -24.69 80.03 -21.15
C LYS F 119 -23.93 79.90 -22.48
N ASP F 120 -23.39 81.01 -22.96
CA ASP F 120 -22.53 81.04 -24.14
C ASP F 120 -21.21 81.70 -23.72
N LYS F 121 -20.12 80.95 -23.78
CA LYS F 121 -18.81 81.47 -23.43
C LYS F 121 -17.77 80.86 -24.37
N HIS F 122 -16.49 81.02 -24.01
CA HIS F 122 -15.39 80.63 -24.87
C HIS F 122 -14.70 79.36 -24.37
N LEU F 123 -14.51 78.42 -25.29
CA LEU F 123 -13.78 77.19 -25.05
C LEU F 123 -12.52 77.22 -25.91
N TYR F 124 -11.36 77.28 -25.26
CA TYR F 124 -10.08 77.29 -25.96
C TYR F 124 -9.31 76.02 -25.63
N THR F 125 -8.22 75.81 -26.36
CA THR F 125 -7.34 74.67 -26.13
C THR F 125 -5.92 75.17 -25.89
N LEU F 126 -5.20 74.44 -25.04
CA LEU F 126 -3.82 74.77 -24.71
C LEU F 126 -2.87 73.93 -25.55
N ASP F 127 -1.92 74.59 -26.21
CA ASP F 127 -0.92 73.93 -27.04
C ASP F 127 0.37 73.82 -26.24
N LEU F 128 0.66 72.62 -25.73
CA LEU F 128 1.84 72.42 -24.89
C LEU F 128 3.13 72.66 -25.65
N GLY F 129 3.13 72.51 -26.97
CA GLY F 129 4.34 72.77 -27.74
C GLY F 129 4.79 74.22 -27.63
N ALA F 130 3.84 75.15 -27.67
CA ALA F 130 4.17 76.56 -27.51
C ALA F 130 4.67 76.87 -26.10
N LEU F 131 4.10 76.21 -25.09
CA LEU F 131 4.51 76.48 -23.71
C LEU F 131 5.91 75.95 -23.44
N VAL F 132 6.17 74.71 -23.85
CA VAL F 132 7.49 74.12 -23.59
C VAL F 132 8.58 74.86 -24.37
N ALA F 133 8.31 75.20 -25.62
CA ALA F 133 9.27 75.95 -26.42
C ALA F 133 9.42 77.37 -25.87
N GLY F 134 10.64 77.89 -25.94
CA GLY F 134 10.95 79.20 -25.42
C GLY F 134 11.20 79.26 -23.93
N SER F 135 11.19 78.12 -23.24
CA SER F 135 11.42 78.06 -21.80
C SER F 135 12.70 77.27 -21.56
N ARG F 136 13.83 77.99 -21.55
CA ARG F 136 15.12 77.33 -21.36
C ARG F 136 15.24 76.75 -19.95
N TYR F 137 14.76 77.46 -18.94
CA TYR F 137 14.86 77.04 -17.56
C TYR F 137 13.48 76.76 -16.98
N ARG F 138 13.47 76.02 -15.87
CA ARG F 138 12.22 75.69 -15.20
C ARG F 138 11.51 76.94 -14.70
N GLY F 139 12.26 77.90 -14.14
CA GLY F 139 11.66 79.13 -13.69
C GLY F 139 11.01 79.91 -14.82
N ASP F 140 11.65 79.91 -16.00
CA ASP F 140 11.04 80.53 -17.17
C ASP F 140 9.79 79.77 -17.60
N PHE F 141 9.81 78.45 -17.46
CA PHE F 141 8.66 77.64 -17.87
C PHE F 141 7.47 77.88 -16.93
N GLU F 142 7.72 77.91 -15.62
CA GLU F 142 6.62 78.02 -14.68
C GLU F 142 6.04 79.43 -14.64
N GLU F 143 6.85 80.44 -14.96
CA GLU F 143 6.36 81.81 -14.90
C GLU F 143 5.39 82.10 -16.04
N ARG F 144 5.53 81.41 -17.17
CA ARG F 144 4.57 81.57 -18.26
C ARG F 144 3.27 80.86 -17.95
N LEU F 145 3.34 79.65 -17.40
CA LEU F 145 2.13 78.89 -17.07
C LEU F 145 1.28 79.62 -16.04
N LYS F 146 1.92 80.17 -15.00
CA LYS F 146 1.16 80.89 -13.99
C LYS F 146 0.51 82.13 -14.58
N LYS F 147 1.19 82.82 -15.50
CA LYS F 147 0.60 83.97 -16.16
C LYS F 147 -0.62 83.58 -16.99
N VAL F 148 -0.50 82.49 -17.76
CA VAL F 148 -1.63 82.03 -18.58
C VAL F 148 -2.81 81.68 -17.69
N LEU F 149 -2.55 80.93 -16.61
CA LEU F 149 -3.64 80.50 -15.73
C LEU F 149 -4.26 81.70 -15.03
N LYS F 150 -3.43 82.68 -14.63
CA LYS F 150 -3.96 83.89 -14.01
C LYS F 150 -4.86 84.64 -14.97
N GLU F 151 -4.48 84.74 -16.24
CA GLU F 151 -5.33 85.41 -17.21
C GLU F 151 -6.65 84.67 -17.40
N ILE F 152 -6.59 83.35 -17.54
CA ILE F 152 -7.83 82.59 -17.79
C ILE F 152 -8.74 82.64 -16.57
N ARG F 153 -8.18 82.70 -15.36
CA ARG F 153 -8.99 82.83 -14.17
C ARG F 153 -9.57 84.25 -14.05
N THR F 154 -8.78 85.26 -14.42
CA THR F 154 -9.23 86.64 -14.27
C THR F 154 -10.37 86.96 -15.22
N ARG F 155 -10.28 86.51 -16.47
CA ARG F 155 -11.38 86.76 -17.40
C ARG F 155 -12.65 86.06 -16.96
N GLY F 156 -12.55 84.83 -16.49
CA GLY F 156 -13.68 84.14 -15.89
C GLY F 156 -14.70 83.60 -16.87
N ASP F 157 -14.46 83.73 -18.17
CA ASP F 157 -15.37 83.18 -19.17
C ASP F 157 -14.66 82.21 -20.10
N ILE F 158 -13.61 81.54 -19.62
CA ILE F 158 -12.73 80.72 -20.46
C ILE F 158 -12.72 79.30 -19.91
N ILE F 159 -12.93 78.33 -20.80
CA ILE F 159 -12.81 76.92 -20.45
C ILE F 159 -11.69 76.32 -21.30
N LEU F 160 -10.74 75.65 -20.65
CA LEU F 160 -9.55 75.15 -21.32
C LEU F 160 -9.68 73.67 -21.62
N PHE F 161 -9.08 73.26 -22.74
CA PHE F 161 -9.03 71.87 -23.15
C PHE F 161 -7.59 71.48 -23.45
N ILE F 162 -7.18 70.30 -22.97
CA ILE F 162 -5.84 69.79 -23.17
C ILE F 162 -5.93 68.35 -23.67
N ASP F 163 -4.91 67.91 -24.39
CA ASP F 163 -4.81 66.54 -24.87
C ASP F 163 -3.66 65.83 -24.17
N ALA F 164 -3.81 64.52 -23.99
CA ALA F 164 -2.82 63.69 -23.28
C ALA F 164 -2.58 64.22 -21.86
N LEU F 165 -3.64 64.18 -21.05
CA LEU F 165 -3.57 64.72 -19.70
C LEU F 165 -2.59 63.98 -18.81
N HIS F 166 -2.26 62.73 -19.16
CA HIS F 166 -1.34 61.94 -18.34
C HIS F 166 0.02 62.61 -18.21
N THR F 167 0.49 63.24 -19.29
CA THR F 167 1.78 63.93 -19.25
C THR F 167 1.78 65.10 -18.28
N LEU F 168 0.69 65.86 -18.21
CA LEU F 168 0.64 67.03 -17.33
C LEU F 168 0.63 66.64 -15.86
N VAL F 169 0.16 65.44 -15.52
CA VAL F 169 0.02 65.04 -14.14
C VAL F 169 0.96 63.91 -13.74
N GLY F 170 1.53 63.17 -14.69
CA GLY F 170 2.36 62.03 -14.33
C GLY F 170 3.73 62.03 -14.99
N ALA F 171 4.33 63.22 -15.13
CA ALA F 171 5.67 63.33 -15.72
C ALA F 171 6.77 63.23 -14.67
N GLY F 172 6.43 63.11 -13.39
CA GLY F 172 7.41 63.05 -12.33
C GLY F 172 8.03 61.70 -12.09
N ALA F 173 7.55 60.65 -12.75
CA ALA F 173 8.12 59.32 -12.59
C ALA F 173 9.33 59.09 -13.48
N ALA F 174 9.65 60.01 -14.38
CA ALA F 174 10.78 59.89 -15.28
C ALA F 174 11.58 61.18 -15.26
N GLU F 175 12.90 61.05 -15.40
CA GLU F 175 13.78 62.21 -15.39
C GLU F 175 13.63 63.01 -16.68
N GLY F 176 13.80 64.33 -16.56
CA GLY F 176 13.75 65.21 -17.71
C GLY F 176 12.37 65.59 -18.19
N ALA F 177 11.32 65.15 -17.51
CA ALA F 177 9.94 65.47 -17.87
C ALA F 177 9.34 66.38 -16.81
N ILE F 178 8.65 67.43 -17.25
CA ILE F 178 8.08 68.42 -16.35
C ILE F 178 6.67 68.00 -15.97
N ASP F 179 6.44 67.82 -14.68
CA ASP F 179 5.13 67.47 -14.14
C ASP F 179 4.54 68.74 -13.55
N ALA F 180 3.88 69.53 -14.40
CA ALA F 180 3.42 70.87 -14.02
C ALA F 180 2.03 70.86 -13.40
N ALA F 181 1.65 69.76 -12.74
CA ALA F 181 0.34 69.70 -12.10
C ALA F 181 0.21 70.73 -10.98
N SER F 182 1.33 71.12 -10.35
CA SER F 182 1.28 72.12 -9.30
C SER F 182 0.79 73.46 -9.80
N ILE F 183 0.93 73.73 -11.10
CA ILE F 183 0.39 74.98 -11.65
C ILE F 183 -1.12 74.97 -11.59
N LEU F 184 -1.73 73.81 -11.84
CA LEU F 184 -3.19 73.69 -11.93
C LEU F 184 -3.84 73.12 -10.68
N LYS F 185 -3.11 72.34 -9.88
CA LYS F 185 -3.74 71.63 -8.76
C LYS F 185 -4.39 72.54 -7.71
N PRO F 186 -3.76 73.62 -7.21
CA PRO F 186 -4.40 74.40 -6.13
C PRO F 186 -5.77 74.93 -6.51
N MET F 187 -5.84 75.63 -7.64
CA MET F 187 -7.12 76.18 -8.09
C MET F 187 -8.01 75.13 -8.75
N LEU F 188 -7.47 73.96 -9.08
CA LEU F 188 -8.33 72.83 -9.39
C LEU F 188 -9.11 72.39 -8.16
N ALA F 189 -8.42 72.22 -7.04
CA ALA F 189 -9.09 71.86 -5.80
C ALA F 189 -9.99 72.98 -5.28
N ARG F 190 -9.59 74.24 -5.49
CA ARG F 190 -10.39 75.37 -5.07
C ARG F 190 -11.67 75.55 -5.89
N GLY F 191 -11.80 74.84 -7.00
CA GLY F 191 -13.02 74.90 -7.78
C GLY F 191 -13.19 76.14 -8.62
N GLU F 192 -12.12 76.91 -8.84
CA GLU F 192 -12.18 78.11 -9.67
C GLU F 192 -11.60 77.90 -11.05
N LEU F 193 -11.38 76.66 -11.47
CA LEU F 193 -10.85 76.36 -12.78
C LEU F 193 -11.52 75.10 -13.32
N GLN F 194 -12.02 75.18 -14.56
CA GLN F 194 -12.72 74.08 -15.20
C GLN F 194 -12.01 73.70 -16.48
N THR F 195 -11.75 72.41 -16.65
CA THR F 195 -11.01 71.92 -17.81
C THR F 195 -11.61 70.59 -18.25
N ILE F 196 -11.45 70.27 -19.54
CA ILE F 196 -11.87 69.00 -20.10
C ILE F 196 -10.63 68.28 -20.61
N GLY F 197 -10.50 67.00 -20.27
CA GLY F 197 -9.30 66.23 -20.57
C GLY F 197 -9.58 65.04 -21.46
N ALA F 198 -8.60 64.70 -22.29
CA ALA F 198 -8.66 63.52 -23.15
C ALA F 198 -7.52 62.59 -22.79
N THR F 199 -7.84 61.33 -22.52
CA THR F 199 -6.83 60.36 -22.09
C THR F 199 -7.30 58.98 -22.51
N THR F 200 -6.33 58.06 -22.64
CA THR F 200 -6.63 56.66 -22.91
C THR F 200 -6.93 55.95 -21.60
N LEU F 201 -7.36 54.69 -21.67
CA LEU F 201 -7.71 53.96 -20.45
C LEU F 201 -6.48 53.46 -19.70
N ASP F 202 -5.41 53.08 -20.40
CA ASP F 202 -4.21 52.64 -19.72
C ASP F 202 -3.57 53.77 -18.94
N GLU F 203 -3.36 54.92 -19.58
CA GLU F 203 -2.77 56.06 -18.91
C GLU F 203 -3.64 56.55 -17.76
N TYR F 204 -4.95 56.62 -17.98
CA TYR F 204 -5.87 57.02 -16.92
C TYR F 204 -5.78 56.06 -15.73
N ARG F 205 -5.87 54.76 -15.98
CA ARG F 205 -5.81 53.79 -14.89
C ARG F 205 -4.50 53.87 -14.14
N LYS F 206 -3.39 54.09 -14.84
CA LYS F 206 -2.09 54.09 -14.17
C LYS F 206 -1.73 55.43 -13.55
N HIS F 207 -2.45 56.50 -13.88
CA HIS F 207 -2.06 57.82 -13.39
C HIS F 207 -3.11 58.48 -12.51
N LEU F 208 -4.37 58.50 -12.94
CA LEU F 208 -5.41 59.27 -12.26
C LEU F 208 -6.14 58.49 -11.18
N GLU F 209 -6.24 57.17 -11.30
CA GLU F 209 -6.84 56.38 -10.22
C GLU F 209 -5.89 56.24 -9.05
N LYS F 210 -4.58 56.36 -9.30
CA LYS F 210 -3.61 56.20 -8.23
C LYS F 210 -3.66 57.37 -7.24
N ASP F 211 -3.72 58.60 -7.75
CA ASP F 211 -3.80 59.76 -6.87
C ASP F 211 -5.26 60.03 -6.48
N ALA F 212 -5.51 60.13 -5.17
CA ALA F 212 -6.86 60.32 -4.66
C ALA F 212 -7.33 61.76 -4.87
N ALA F 213 -6.42 62.71 -4.73
CA ALA F 213 -6.76 64.13 -4.77
C ALA F 213 -7.45 64.52 -6.08
N LEU F 214 -6.89 64.10 -7.21
CA LEU F 214 -7.49 64.44 -8.50
C LEU F 214 -8.74 63.60 -8.75
N GLU F 215 -8.80 62.40 -8.15
CA GLU F 215 -9.93 61.50 -8.33
C GLU F 215 -11.19 62.09 -7.73
N ARG F 216 -11.03 63.02 -6.79
CA ARG F 216 -12.15 63.75 -6.20
C ARG F 216 -12.56 64.94 -7.06
N ARG F 217 -11.86 65.19 -8.16
CA ARG F 217 -12.13 66.36 -8.99
C ARG F 217 -12.42 66.02 -10.46
N PHE F 218 -11.98 64.87 -10.96
CA PHE F 218 -12.17 64.51 -12.37
C PHE F 218 -13.23 63.42 -12.45
N GLN F 219 -14.19 63.60 -13.35
CA GLN F 219 -15.21 62.60 -13.60
C GLN F 219 -14.90 61.88 -14.90
N PRO F 220 -14.75 60.55 -14.89
CA PRO F 220 -14.49 59.83 -16.14
C PRO F 220 -15.76 59.69 -16.97
N ILE F 221 -15.61 59.90 -18.28
CA ILE F 221 -16.66 59.60 -19.26
C ILE F 221 -16.05 58.74 -20.36
N GLN F 222 -16.69 57.61 -20.63
CA GLN F 222 -16.21 56.68 -21.64
C GLN F 222 -16.70 57.11 -23.01
N VAL F 223 -15.79 57.07 -24.00
CA VAL F 223 -16.12 57.33 -25.39
C VAL F 223 -15.79 56.08 -26.18
N ALA F 224 -16.73 55.64 -27.02
CA ALA F 224 -16.63 54.36 -27.69
C ALA F 224 -16.50 54.54 -29.19
N GLU F 225 -15.85 53.58 -29.82
CA GLU F 225 -15.70 53.58 -31.26
C GLU F 225 -17.06 53.40 -31.94
N PRO F 226 -17.35 54.16 -32.99
CA PRO F 226 -18.68 54.11 -33.62
C PRO F 226 -18.89 52.83 -34.42
N SER F 227 -20.16 52.49 -34.60
CA SER F 227 -20.54 51.31 -35.35
C SER F 227 -20.39 51.55 -36.85
N LEU F 228 -20.75 50.54 -37.64
CA LEU F 228 -20.62 50.63 -39.10
C LEU F 228 -21.48 51.74 -39.70
N PRO F 229 -22.78 51.86 -39.39
CA PRO F 229 -23.55 52.97 -39.99
C PRO F 229 -23.01 54.34 -39.63
N HIS F 230 -22.54 54.52 -38.39
CA HIS F 230 -21.98 55.80 -37.99
C HIS F 230 -20.72 56.11 -38.78
N THR F 231 -19.86 55.10 -38.98
CA THR F 231 -18.66 55.30 -39.77
C THR F 231 -19.01 55.65 -41.22
N ILE F 232 -20.02 54.98 -41.77
CA ILE F 232 -20.45 55.28 -43.14
C ILE F 232 -20.95 56.72 -43.23
N GLU F 233 -21.69 57.17 -42.22
CA GLU F 233 -22.14 58.56 -42.20
C GLU F 233 -20.97 59.53 -42.10
N ILE F 234 -19.95 59.19 -41.33
CA ILE F 234 -18.77 60.04 -41.23
C ILE F 234 -18.07 60.14 -42.58
N LEU F 235 -17.93 59.00 -43.29
CA LEU F 235 -17.33 59.04 -44.62
C LEU F 235 -18.18 59.86 -45.58
N LYS F 236 -19.51 59.75 -45.49
CA LYS F 236 -20.37 60.59 -46.31
C LYS F 236 -20.18 62.07 -45.99
N GLY F 237 -19.92 62.40 -44.72
CA GLY F 237 -19.65 63.77 -44.37
C GLY F 237 -18.33 64.28 -44.92
N LEU F 238 -17.29 63.45 -44.87
CA LEU F 238 -15.94 63.85 -45.26
C LEU F 238 -15.66 63.68 -46.75
N ARG F 239 -16.57 63.02 -47.49
CA ARG F 239 -16.31 62.75 -48.89
C ARG F 239 -16.22 64.03 -49.70
N ASP F 240 -17.04 65.03 -49.38
CA ASP F 240 -17.00 66.28 -50.12
C ASP F 240 -15.62 66.95 -49.98
N ARG F 241 -15.13 67.04 -48.74
CA ARG F 241 -13.83 67.67 -48.52
C ARG F 241 -12.71 66.91 -49.20
N TYR F 242 -12.71 65.57 -49.07
CA TYR F 242 -11.61 64.80 -49.63
C TYR F 242 -11.67 64.77 -51.16
N GLU F 243 -12.88 64.75 -51.74
CA GLU F 243 -13.00 64.86 -53.18
C GLU F 243 -12.54 66.22 -53.69
N ALA F 244 -12.90 67.28 -52.96
CA ALA F 244 -12.48 68.62 -53.38
C ALA F 244 -10.95 68.77 -53.31
N HIS F 245 -10.34 68.26 -52.24
CA HIS F 245 -8.90 68.39 -52.10
C HIS F 245 -8.17 67.51 -53.11
N HIS F 246 -8.64 66.27 -53.29
CA HIS F 246 -7.97 65.30 -54.13
C HIS F 246 -8.42 65.34 -55.58
N ARG F 247 -9.42 66.16 -55.91
CA ARG F 247 -9.92 66.30 -57.27
C ARG F 247 -10.35 64.94 -57.84
N VAL F 248 -11.09 64.20 -57.02
CA VAL F 248 -11.50 62.83 -57.32
C VAL F 248 -12.99 62.70 -57.02
N SER F 249 -13.55 61.56 -57.41
CA SER F 249 -14.93 61.19 -57.07
C SER F 249 -14.94 59.78 -56.51
N ILE F 250 -15.74 59.57 -55.46
CA ILE F 250 -15.82 58.29 -54.77
C ILE F 250 -17.28 57.87 -54.67
N THR F 251 -17.54 56.58 -54.85
CA THR F 251 -18.89 56.06 -54.88
C THR F 251 -19.31 55.52 -53.51
N ASP F 252 -20.62 55.52 -53.27
CA ASP F 252 -21.16 55.04 -51.99
C ASP F 252 -20.80 53.58 -51.77
N GLU F 253 -20.80 52.77 -52.84
CA GLU F 253 -20.36 51.39 -52.72
C GLU F 253 -18.91 51.33 -52.24
N ALA F 254 -18.06 52.23 -52.76
CA ALA F 254 -16.69 52.30 -52.28
C ALA F 254 -16.66 52.64 -50.79
N LEU F 255 -17.49 53.58 -50.35
CA LEU F 255 -17.54 53.93 -48.94
C LEU F 255 -17.89 52.73 -48.07
N VAL F 256 -18.97 52.03 -48.42
CA VAL F 256 -19.43 50.93 -47.57
C VAL F 256 -18.45 49.77 -47.59
N GLN F 257 -17.89 49.47 -48.77
CA GLN F 257 -16.89 48.40 -48.84
C GLN F 257 -15.64 48.76 -48.05
N ALA F 258 -15.19 50.02 -48.12
CA ALA F 258 -14.03 50.45 -47.36
C ALA F 258 -14.29 50.32 -45.86
N ALA F 259 -15.47 50.75 -45.41
CA ALA F 259 -15.80 50.63 -44.00
C ALA F 259 -15.80 49.16 -43.56
N THR F 260 -16.40 48.29 -44.37
CA THR F 260 -16.48 46.88 -44.01
C THR F 260 -15.10 46.24 -43.95
N LEU F 261 -14.27 46.50 -44.97
CA LEU F 261 -12.94 45.89 -45.00
C LEU F 261 -12.06 46.43 -43.88
N ALA F 262 -12.19 47.72 -43.57
CA ALA F 262 -11.46 48.26 -42.43
C ALA F 262 -11.90 47.59 -41.14
N ASP F 263 -13.21 47.34 -41.00
CA ASP F 263 -13.72 46.71 -39.79
C ASP F 263 -13.19 45.28 -39.65
N ARG F 264 -13.18 44.53 -40.74
CA ARG F 264 -12.96 43.08 -40.61
C ARG F 264 -11.52 42.64 -40.89
N TYR F 265 -10.70 43.47 -41.52
CA TYR F 265 -9.35 43.05 -41.91
C TYR F 265 -8.24 43.85 -41.23
N ILE F 266 -8.56 44.80 -40.36
CA ILE F 266 -7.55 45.58 -39.67
C ILE F 266 -7.88 45.59 -38.17
N SER F 267 -6.87 45.30 -37.34
CA SER F 267 -7.05 45.28 -35.90
C SER F 267 -6.22 46.32 -35.16
N ASP F 268 -5.06 46.71 -35.69
CA ASP F 268 -4.19 47.63 -34.97
C ASP F 268 -4.81 49.02 -34.84
N ARG F 269 -5.55 49.45 -35.85
CA ARG F 269 -6.14 50.78 -35.87
C ARG F 269 -7.61 50.70 -35.45
N PHE F 270 -8.32 51.83 -35.49
CA PHE F 270 -9.75 51.87 -35.16
C PHE F 270 -10.55 52.40 -36.34
N LEU F 271 -11.83 52.02 -36.38
CA LEU F 271 -12.76 52.26 -37.50
C LEU F 271 -12.79 53.71 -37.97
N PRO F 272 -13.00 54.71 -37.10
CA PRO F 272 -13.00 56.08 -37.60
C PRO F 272 -11.59 56.58 -37.84
N ASP F 273 -10.60 55.88 -37.27
CA ASP F 273 -9.20 56.25 -37.44
C ASP F 273 -8.56 55.57 -38.65
N LYS F 274 -9.11 54.43 -39.07
CA LYS F 274 -8.47 53.67 -40.15
C LYS F 274 -9.17 53.83 -41.49
N ALA F 275 -10.50 53.87 -41.50
CA ALA F 275 -11.23 53.97 -42.76
C ALA F 275 -10.95 55.30 -43.44
N ILE F 276 -10.87 56.38 -42.65
CA ILE F 276 -10.63 57.69 -43.22
C ILE F 276 -9.24 57.75 -43.85
N ASP F 277 -8.24 57.18 -43.18
CA ASP F 277 -6.88 57.14 -43.73
C ASP F 277 -6.82 56.28 -44.98
N LEU F 278 -7.52 55.15 -44.98
CA LEU F 278 -7.48 54.27 -46.14
C LEU F 278 -8.19 54.92 -47.33
N ILE F 279 -9.28 55.65 -47.08
CA ILE F 279 -9.94 56.41 -48.15
C ILE F 279 -9.01 57.49 -48.70
N ASP F 280 -8.31 58.19 -47.80
CA ASP F 280 -7.36 59.20 -48.25
C ASP F 280 -6.26 58.59 -49.10
N GLU F 281 -5.74 57.43 -48.68
CA GLU F 281 -4.68 56.77 -49.46
C GLU F 281 -5.19 56.32 -50.82
N ALA F 282 -6.42 55.77 -50.87
CA ALA F 282 -6.98 55.37 -52.14
C ALA F 282 -7.15 56.56 -53.08
N GLY F 283 -7.65 57.67 -52.55
CA GLY F 283 -7.78 58.87 -53.37
C GLY F 283 -6.44 59.39 -53.85
N SER F 284 -5.43 59.34 -52.98
CA SER F 284 -4.10 59.78 -53.37
C SER F 284 -3.53 58.90 -54.48
N ARG F 285 -3.74 57.57 -54.37
CA ARG F 285 -3.29 56.67 -55.42
C ARG F 285 -4.00 56.94 -56.73
N MET F 286 -5.31 57.17 -56.68
CA MET F 286 -6.06 57.45 -57.90
C MET F 286 -5.57 58.75 -58.54
N ARG F 287 -5.33 59.78 -57.74
CA ARG F 287 -4.85 61.05 -58.29
C ARG F 287 -3.44 60.92 -58.84
N ILE F 288 -2.57 60.17 -58.15
CA ILE F 288 -1.18 60.08 -58.57
C ILE F 288 -1.06 59.19 -59.81
N ARG F 289 -2.06 58.34 -60.04
CA ARG F 289 -2.05 57.51 -61.25
C ARG F 289 -2.11 58.37 -62.51
N ARG F 290 -2.96 59.39 -62.51
CA ARG F 290 -3.12 60.26 -63.67
C ARG F 290 -2.05 61.35 -63.68
N VAL F 352 -12.75 62.88 -65.16
CA VAL F 352 -13.01 62.80 -63.72
C VAL F 352 -12.56 61.45 -63.18
N ALA F 353 -11.77 61.48 -62.11
CA ALA F 353 -11.25 60.26 -61.51
C ALA F 353 -12.29 59.64 -60.59
N GLU F 354 -12.51 58.34 -60.74
CA GLU F 354 -13.47 57.59 -59.95
C GLU F 354 -12.82 56.31 -59.44
N VAL F 355 -13.18 55.91 -58.22
CA VAL F 355 -12.63 54.71 -57.58
C VAL F 355 -13.75 53.72 -57.35
N ASP F 356 -13.47 52.44 -57.55
CA ASP F 356 -14.45 51.38 -57.42
C ASP F 356 -14.02 50.42 -56.32
N GLY F 357 -14.75 49.31 -56.20
CA GLY F 357 -14.44 48.33 -55.17
C GLY F 357 -13.09 47.67 -55.38
N GLU F 358 -12.72 47.43 -56.63
CA GLU F 358 -11.44 46.77 -56.91
C GLU F 358 -10.27 47.61 -56.41
N LEU F 359 -10.31 48.92 -56.67
CA LEU F 359 -9.23 49.79 -56.20
C LEU F 359 -9.21 49.87 -54.69
N ILE F 360 -10.39 50.03 -54.06
CA ILE F 360 -10.45 50.22 -52.62
C ILE F 360 -10.09 48.93 -51.90
N ALA F 361 -10.11 47.79 -52.60
CA ALA F 361 -9.61 46.55 -52.02
C ALA F 361 -8.12 46.34 -52.29
N GLU F 362 -7.65 46.68 -53.50
CA GLU F 362 -6.26 46.45 -53.82
C GLU F 362 -5.35 47.40 -53.05
N VAL F 363 -5.86 48.57 -52.65
CA VAL F 363 -5.05 49.45 -51.82
C VAL F 363 -4.72 48.79 -50.48
N LEU F 364 -5.71 48.17 -49.83
CA LEU F 364 -5.44 47.42 -48.61
C LEU F 364 -4.56 46.20 -48.91
N ALA F 365 -4.81 45.52 -50.03
CA ALA F 365 -4.01 44.35 -50.37
C ALA F 365 -2.53 44.71 -50.47
N THR F 366 -2.22 45.86 -51.08
CA THR F 366 -0.85 46.32 -51.14
C THR F 366 -0.35 46.78 -49.78
N ALA F 367 -1.20 47.47 -49.00
CA ALA F 367 -0.76 48.05 -47.74
C ALA F 367 -0.39 46.98 -46.72
N THR F 368 -1.27 46.01 -46.49
CA THR F 368 -1.02 44.99 -45.49
C THR F 368 -0.29 43.78 -46.04
N GLY F 369 -0.12 43.68 -47.35
CA GLY F 369 0.52 42.51 -47.95
C GLY F 369 -0.34 41.28 -47.79
N ILE F 370 0.22 40.14 -48.19
CA ILE F 370 -0.46 38.84 -48.09
C ILE F 370 -1.82 38.94 -48.74
N PRO F 371 -1.92 38.96 -50.08
CA PRO F 371 -3.17 39.36 -50.72
C PRO F 371 -4.30 38.37 -50.48
N VAL F 372 -4.83 38.39 -49.25
CA VAL F 372 -6.01 37.61 -48.92
C VAL F 372 -7.21 38.17 -49.65
N PHE F 373 -7.98 37.30 -50.29
CA PHE F 373 -9.08 37.71 -51.15
C PHE F 373 -10.37 37.82 -50.35
N LYS F 374 -11.29 38.63 -50.87
CA LYS F 374 -12.60 38.81 -50.26
C LYS F 374 -13.46 37.58 -50.55
N LEU F 375 -14.73 37.65 -50.18
CA LEU F 375 -15.66 36.54 -50.41
C LEU F 375 -15.89 36.41 -51.91
N THR F 376 -15.25 35.42 -52.52
CA THR F 376 -15.30 35.21 -53.95
C THR F 376 -15.84 33.83 -54.26
N GLU F 377 -16.28 33.66 -55.51
CA GLU F 377 -16.82 32.37 -55.94
C GLU F 377 -15.75 31.29 -55.90
N GLU F 378 -14.52 31.63 -56.27
CA GLU F 378 -13.43 30.67 -56.18
C GLU F 378 -13.17 30.24 -54.74
N GLU F 379 -13.27 31.19 -53.80
CA GLU F 379 -13.02 30.88 -52.40
C GLU F 379 -14.05 29.88 -51.88
N SER F 380 -15.32 30.05 -52.24
CA SER F 380 -16.33 29.09 -51.82
C SER F 380 -16.21 27.78 -52.59
N SER F 381 -15.79 27.83 -53.85
CA SER F 381 -15.66 26.61 -54.65
C SER F 381 -14.56 25.70 -54.10
N ARG F 382 -13.42 26.27 -53.74
CA ARG F 382 -12.32 25.45 -53.25
C ARG F 382 -12.65 24.77 -51.93
N LEU F 383 -13.55 25.36 -51.14
CA LEU F 383 -13.92 24.78 -49.85
C LEU F 383 -14.74 23.50 -50.00
N LEU F 384 -15.38 23.28 -51.15
CA LEU F 384 -16.20 22.08 -51.31
C LEU F 384 -15.37 20.84 -51.62
N ARG F 385 -14.10 21.01 -52.00
CA ARG F 385 -13.22 19.89 -52.27
C ARG F 385 -11.90 20.02 -51.51
N MET F 386 -11.84 20.87 -50.50
CA MET F 386 -10.62 21.11 -49.75
C MET F 386 -10.13 19.89 -48.99
N GLU F 387 -10.98 18.88 -48.82
CA GLU F 387 -10.52 17.63 -48.20
C GLU F 387 -9.41 16.99 -49.02
N ASP F 388 -9.53 17.03 -50.35
CA ASP F 388 -8.49 16.48 -51.21
C ASP F 388 -7.19 17.27 -51.05
N GLU F 389 -7.28 18.59 -50.94
CA GLU F 389 -6.07 19.39 -50.72
C GLU F 389 -5.43 19.07 -49.39
N LEU F 390 -6.24 18.88 -48.34
CA LEU F 390 -5.68 18.51 -47.04
C LEU F 390 -5.12 17.10 -47.05
N HIS F 391 -5.61 16.22 -47.93
CA HIS F 391 -5.04 14.89 -48.06
C HIS F 391 -3.76 14.86 -48.88
N LYS F 392 -3.39 15.98 -49.50
CA LYS F 392 -2.12 16.02 -50.22
C LYS F 392 -0.94 15.90 -49.29
N ARG F 393 -1.13 16.23 -48.01
CA ARG F 393 -0.09 16.10 -46.99
C ARG F 393 -0.43 15.09 -45.92
N VAL F 394 -1.62 15.20 -45.32
CA VAL F 394 -2.07 14.28 -44.29
C VAL F 394 -2.58 13.00 -44.96
N ILE F 395 -2.04 11.85 -44.55
CA ILE F 395 -2.39 10.57 -45.13
C ILE F 395 -2.82 9.63 -44.01
N GLY F 396 -3.95 8.96 -44.22
CA GLY F 396 -4.40 7.91 -43.32
C GLY F 396 -5.47 8.30 -42.33
N GLN F 397 -5.98 9.53 -42.38
CA GLN F 397 -7.05 9.97 -41.48
C GLN F 397 -8.03 10.79 -42.29
N VAL F 398 -9.16 10.18 -42.63
CA VAL F 398 -10.20 10.82 -43.45
C VAL F 398 -11.35 11.33 -42.60
N ASP F 399 -11.70 10.60 -41.54
CA ASP F 399 -12.83 11.00 -40.70
C ASP F 399 -12.54 12.28 -39.91
N ALA F 400 -11.34 12.39 -39.34
CA ALA F 400 -10.98 13.58 -38.58
C ALA F 400 -10.95 14.81 -39.48
N VAL F 401 -10.33 14.68 -40.66
CA VAL F 401 -10.29 15.81 -41.58
C VAL F 401 -11.68 16.13 -42.12
N LYS F 402 -12.54 15.12 -42.27
CA LYS F 402 -13.92 15.38 -42.67
C LYS F 402 -14.66 16.19 -41.62
N ALA F 403 -14.50 15.84 -40.35
CA ALA F 403 -15.12 16.62 -39.28
C ALA F 403 -14.58 18.05 -39.25
N LEU F 404 -13.26 18.19 -39.42
CA LEU F 404 -12.64 19.51 -39.46
C LEU F 404 -13.18 20.34 -40.62
N SER F 405 -13.31 19.71 -41.79
CA SER F 405 -13.85 20.41 -42.96
C SER F 405 -15.29 20.81 -42.75
N LYS F 406 -16.09 19.94 -42.13
CA LYS F 406 -17.47 20.28 -41.83
C LYS F 406 -17.54 21.50 -40.92
N ALA F 407 -16.71 21.51 -39.86
CA ALA F 407 -16.70 22.66 -38.96
C ALA F 407 -16.27 23.93 -39.67
N ILE F 408 -15.24 23.84 -40.51
CA ILE F 408 -14.74 25.01 -41.23
C ILE F 408 -15.80 25.55 -42.19
N ARG F 409 -16.46 24.66 -42.92
CA ARG F 409 -17.51 25.10 -43.84
C ARG F 409 -18.68 25.70 -43.08
N ARG F 410 -19.04 25.13 -41.93
CA ARG F 410 -20.13 25.69 -41.13
C ARG F 410 -19.80 27.10 -40.65
N THR F 411 -18.56 27.31 -40.19
CA THR F 411 -18.19 28.62 -39.68
C THR F 411 -17.83 29.61 -40.77
N ARG F 412 -17.59 29.15 -41.99
CA ARG F 412 -17.21 30.03 -43.09
C ARG F 412 -18.39 30.53 -43.89
N ALA F 413 -19.44 29.71 -44.06
CA ALA F 413 -20.61 30.12 -44.83
C ALA F 413 -21.43 31.18 -44.12
N GLY F 414 -21.13 31.48 -42.86
CA GLY F 414 -21.92 32.43 -42.10
C GLY F 414 -23.02 31.76 -41.31
N LEU F 415 -22.77 30.51 -40.89
CA LEU F 415 -23.74 29.74 -40.14
C LEU F 415 -23.40 29.59 -38.67
N LYS F 416 -22.12 29.64 -38.29
CA LYS F 416 -21.74 29.60 -36.90
C LYS F 416 -21.93 30.96 -36.26
N ASP F 417 -21.99 30.97 -34.94
CA ASP F 417 -22.25 32.20 -34.20
C ASP F 417 -21.10 33.19 -34.41
N PRO F 418 -21.38 34.49 -34.51
CA PRO F 418 -20.30 35.48 -34.57
C PRO F 418 -19.58 35.68 -33.24
N LYS F 419 -20.14 35.18 -32.14
CA LYS F 419 -19.51 35.32 -30.83
C LYS F 419 -18.24 34.48 -30.70
N ARG F 420 -18.03 33.52 -31.58
CA ARG F 420 -16.89 32.62 -31.49
C ARG F 420 -15.82 33.00 -32.52
N PRO F 421 -14.57 32.60 -32.30
CA PRO F 421 -13.54 32.80 -33.32
C PRO F 421 -13.72 31.86 -34.50
N GLY F 422 -12.75 31.84 -35.41
CA GLY F 422 -12.87 31.01 -36.60
C GLY F 422 -13.00 29.53 -36.28
N GLY F 423 -12.47 29.09 -35.15
CA GLY F 423 -12.60 27.70 -34.76
C GLY F 423 -11.85 27.37 -33.48
N SER F 424 -12.40 26.46 -32.68
CA SER F 424 -11.76 25.99 -31.46
C SER F 424 -11.71 24.48 -31.50
N PHE F 425 -10.49 23.92 -31.52
CA PHE F 425 -10.32 22.49 -31.74
C PHE F 425 -9.38 21.92 -30.68
N ILE F 426 -9.70 20.71 -30.24
CA ILE F 426 -8.90 20.00 -29.24
C ILE F 426 -8.35 18.74 -29.90
N PHE F 427 -7.03 18.66 -30.03
CA PHE F 427 -6.37 17.50 -30.62
C PHE F 427 -5.81 16.65 -29.49
N ALA F 428 -6.26 15.41 -29.38
CA ALA F 428 -5.89 14.54 -28.28
C ALA F 428 -5.48 13.17 -28.79
N GLY F 429 -4.63 13.14 -29.82
CA GLY F 429 -4.12 11.90 -30.34
C GLY F 429 -2.82 11.50 -29.68
N PRO F 430 -2.33 10.30 -29.98
CA PRO F 430 -1.01 9.90 -29.47
C PRO F 430 0.12 10.61 -30.20
N SER F 431 1.36 10.27 -29.86
CA SER F 431 2.51 10.97 -30.42
C SER F 431 2.92 10.39 -31.77
N GLY F 432 3.34 11.26 -32.68
CA GLY F 432 3.89 10.81 -33.95
C GLY F 432 2.91 10.20 -34.92
N VAL F 433 1.62 10.53 -34.81
CA VAL F 433 0.61 9.98 -35.71
C VAL F 433 -0.16 11.06 -36.45
N GLY F 434 -0.25 12.28 -35.92
CA GLY F 434 -1.00 13.33 -36.56
C GLY F 434 -0.66 14.68 -35.96
N LYS F 435 -1.64 15.58 -35.87
CA LYS F 435 -1.43 16.93 -35.35
C LYS F 435 -0.31 17.64 -36.10
N THR F 436 0.16 18.76 -35.56
CA THR F 436 1.31 19.50 -36.07
C THR F 436 1.32 19.62 -37.59
N GLU F 437 1.55 18.49 -38.28
CA GLU F 437 1.51 18.49 -39.74
C GLU F 437 0.13 18.85 -40.26
N LEU F 438 -0.92 18.33 -39.61
CA LEU F 438 -2.28 18.69 -40.00
C LEU F 438 -2.53 20.18 -39.81
N SER F 439 -2.06 20.74 -38.69
CA SER F 439 -2.21 22.17 -38.45
C SER F 439 -1.44 22.98 -39.49
N LYS F 440 -0.25 22.52 -39.87
CA LYS F 440 0.53 23.21 -40.90
C LYS F 440 -0.20 23.19 -42.24
N ALA F 441 -0.77 22.05 -42.61
CA ALA F 441 -1.54 21.98 -43.85
C ALA F 441 -2.75 22.89 -43.79
N LEU F 442 -3.45 22.92 -42.66
CA LEU F 442 -4.61 23.78 -42.52
C LEU F 442 -4.22 25.25 -42.62
N ALA F 443 -3.11 25.63 -41.99
CA ALA F 443 -2.65 27.02 -42.07
C ALA F 443 -2.29 27.40 -43.50
N GLU F 444 -1.53 26.53 -44.18
CA GLU F 444 -1.14 26.81 -45.55
C GLU F 444 -2.36 26.94 -46.46
N PHE F 445 -3.35 26.07 -46.28
CA PHE F 445 -4.56 26.16 -47.08
C PHE F 445 -5.34 27.43 -46.75
N LEU F 446 -5.75 27.59 -45.50
CA LEU F 446 -6.62 28.68 -45.09
C LEU F 446 -5.95 30.04 -45.25
N PHE F 447 -4.91 30.33 -44.49
CA PHE F 447 -4.26 31.64 -44.59
C PHE F 447 -3.06 31.62 -45.53
N GLY F 448 -3.22 30.99 -46.69
CA GLY F 448 -2.29 31.10 -47.80
C GLY F 448 -0.79 31.01 -47.56
N ASP F 449 -0.35 30.47 -46.43
CA ASP F 449 1.08 30.34 -46.18
C ASP F 449 1.42 29.52 -44.95
N GLU F 450 2.71 29.27 -44.73
CA GLU F 450 3.21 28.54 -43.57
C GLU F 450 3.58 29.46 -42.42
N ASP F 451 3.56 30.77 -42.62
CA ASP F 451 3.95 31.72 -41.59
C ASP F 451 2.95 31.78 -40.45
N ALA F 452 1.79 31.15 -40.59
CA ALA F 452 0.78 31.13 -39.53
C ALA F 452 1.19 30.14 -38.44
N LEU F 453 0.25 29.80 -37.56
CA LEU F 453 0.52 28.94 -36.40
C LEU F 453 1.71 29.46 -35.61
N ILE F 454 1.53 30.64 -35.00
CA ILE F 454 2.58 31.29 -34.23
C ILE F 454 3.08 30.35 -33.14
N SER F 455 2.17 29.58 -32.55
CA SER F 455 2.48 28.45 -31.69
C SER F 455 3.07 28.85 -30.34
N LEU F 456 2.67 28.13 -29.30
CA LEU F 456 3.18 28.32 -27.94
C LEU F 456 3.25 26.96 -27.26
N ASP F 457 4.22 26.77 -26.36
CA ASP F 457 4.31 25.56 -25.56
C ASP F 457 3.82 25.86 -24.16
N MET F 458 2.81 25.10 -23.70
CA MET F 458 2.21 25.36 -22.41
C MET F 458 3.04 24.84 -21.24
N SER F 459 3.94 23.89 -21.49
CA SER F 459 4.64 23.24 -20.39
C SER F 459 5.47 24.22 -19.58
N GLU F 460 6.10 25.20 -20.25
CA GLU F 460 6.83 26.22 -19.51
C GLU F 460 5.90 27.24 -18.88
N PHE F 461 4.62 27.24 -19.25
CA PHE F 461 3.62 28.10 -18.61
C PHE F 461 2.91 27.27 -17.55
N SER F 462 3.66 26.91 -16.51
CA SER F 462 3.17 26.05 -15.44
C SER F 462 2.99 26.76 -14.12
N GLU F 463 3.93 27.60 -13.71
CA GLU F 463 3.81 28.34 -12.46
C GLU F 463 2.77 29.44 -12.60
N LYS F 464 2.20 29.84 -11.46
CA LYS F 464 1.18 30.89 -11.45
C LYS F 464 1.73 32.19 -12.01
N HIS F 465 2.90 32.62 -11.52
CA HIS F 465 3.47 33.88 -11.99
C HIS F 465 3.79 33.84 -13.47
N THR F 466 4.10 32.65 -14.00
CA THR F 466 4.30 32.52 -15.44
C THR F 466 3.03 32.90 -16.20
N VAL F 467 1.87 32.44 -15.72
CA VAL F 467 0.59 32.85 -16.31
C VAL F 467 0.49 34.37 -16.34
N SER F 468 1.13 35.02 -15.36
CA SER F 468 1.15 36.48 -15.34
C SER F 468 1.81 37.06 -16.59
N ARG F 469 2.97 36.54 -16.98
CA ARG F 469 3.69 37.18 -18.09
C ARG F 469 3.10 36.82 -19.43
N LEU F 470 2.28 35.76 -19.50
CA LEU F 470 1.64 35.43 -20.77
C LEU F 470 0.52 36.42 -21.11
N PHE F 471 -0.02 37.12 -20.12
CA PHE F 471 -1.14 38.03 -20.32
C PHE F 471 -0.94 39.33 -19.56
N GLY F 472 0.27 39.90 -19.66
CA GLY F 472 0.50 41.24 -19.14
C GLY F 472 1.11 41.32 -17.76
N SER F 473 2.08 42.22 -17.60
CA SER F 473 2.72 42.44 -16.31
C SER F 473 1.80 43.23 -15.38
N PRO F 474 1.57 42.75 -14.16
CA PRO F 474 0.70 43.49 -13.23
C PRO F 474 1.39 44.74 -12.71
N PRO F 475 0.63 45.70 -12.18
CA PRO F 475 1.26 46.87 -11.57
C PRO F 475 2.14 46.47 -10.39
N GLY F 476 3.28 47.16 -10.27
CA GLY F 476 4.25 46.85 -9.24
C GLY F 476 5.21 45.72 -9.58
N TYR F 477 5.04 45.07 -10.73
CA TYR F 477 5.94 44.02 -11.15
C TYR F 477 7.26 44.62 -11.60
N VAL F 478 8.38 44.04 -11.13
CA VAL F 478 9.69 44.52 -11.52
C VAL F 478 9.88 44.29 -13.00
N GLY F 479 10.29 45.35 -13.72
CA GLY F 479 10.35 45.28 -15.17
C GLY F 479 8.96 45.25 -15.78
N TYR F 480 8.24 46.37 -15.66
CA TYR F 480 6.86 46.45 -16.14
C TYR F 480 6.77 46.25 -17.64
N GLU F 481 7.85 46.48 -18.38
CA GLU F 481 7.85 46.27 -19.83
C GLU F 481 7.61 44.81 -20.22
N GLU F 482 7.77 43.88 -19.27
CA GLU F 482 7.58 42.45 -19.55
C GLU F 482 6.09 42.12 -19.57
N GLY F 483 5.44 42.54 -20.65
CA GLY F 483 4.03 42.32 -20.83
C GLY F 483 3.73 40.98 -21.46
N GLY F 484 2.49 40.81 -21.90
CA GLY F 484 2.09 39.57 -22.52
C GLY F 484 2.75 39.36 -23.87
N GLN F 485 2.94 38.09 -24.21
CA GLN F 485 3.52 37.69 -25.50
C GLN F 485 2.46 37.25 -26.49
N LEU F 486 1.51 36.41 -26.05
CA LEU F 486 0.44 35.96 -26.93
C LEU F 486 -0.39 37.14 -27.42
N THR F 487 -0.73 38.06 -26.51
CA THR F 487 -1.55 39.21 -26.90
C THR F 487 -0.86 40.04 -27.96
N GLU F 488 0.43 40.36 -27.75
CA GLU F 488 1.16 41.17 -28.72
C GLU F 488 1.29 40.44 -30.05
N LYS F 489 1.64 39.15 -30.02
CA LYS F 489 1.82 38.40 -31.25
C LYS F 489 0.52 38.31 -32.04
N VAL F 490 -0.60 38.08 -31.35
CA VAL F 490 -1.89 38.03 -32.04
C VAL F 490 -2.26 39.40 -32.58
N ARG F 491 -1.94 40.47 -31.83
CA ARG F 491 -2.25 41.82 -32.29
C ARG F 491 -1.50 42.14 -33.58
N ARG F 492 -0.21 41.80 -33.63
CA ARG F 492 0.59 42.16 -34.80
C ARG F 492 0.24 41.30 -36.02
N LYS F 493 -0.15 40.05 -35.80
CA LYS F 493 -0.48 39.11 -36.88
C LYS F 493 -1.86 38.54 -36.62
N PRO F 494 -2.92 39.33 -36.83
CA PRO F 494 -4.27 38.86 -36.48
C PRO F 494 -4.77 37.70 -37.31
N PHE F 495 -4.23 37.47 -38.50
CA PHE F 495 -4.70 36.43 -39.40
C PHE F 495 -3.86 35.17 -39.34
N SER F 496 -3.35 34.82 -38.16
CA SER F 496 -2.55 33.64 -37.97
C SER F 496 -3.33 32.59 -37.17
N VAL F 497 -2.64 31.48 -36.87
CA VAL F 497 -3.23 30.37 -36.13
C VAL F 497 -2.58 30.33 -34.75
N VAL F 498 -3.39 30.11 -33.72
CA VAL F 498 -2.89 29.96 -32.36
C VAL F 498 -2.95 28.48 -32.01
N LEU F 499 -1.82 27.93 -31.56
CA LEU F 499 -1.71 26.51 -31.27
C LEU F 499 -0.92 26.34 -29.97
N PHE F 500 -1.58 25.84 -28.93
CA PHE F 500 -0.93 25.61 -27.64
C PHE F 500 -0.63 24.12 -27.50
N ASP F 501 0.65 23.80 -27.28
CA ASP F 501 1.10 22.43 -27.17
C ASP F 501 1.09 21.97 -25.73
N ALA F 502 0.59 20.77 -25.49
CA ALA F 502 0.57 20.14 -24.16
C ALA F 502 -0.17 21.02 -23.16
N VAL F 503 -1.46 21.24 -23.44
CA VAL F 503 -2.30 22.04 -22.56
C VAL F 503 -2.52 21.39 -21.20
N GLU F 504 -2.22 20.10 -21.08
CA GLU F 504 -2.28 19.45 -19.77
C GLU F 504 -1.29 20.08 -18.80
N LYS F 505 -0.06 20.34 -19.26
CA LYS F 505 0.98 20.92 -18.43
C LYS F 505 0.86 22.44 -18.47
N ALA F 506 -0.10 22.95 -17.70
CA ALA F 506 -0.32 24.39 -17.63
C ALA F 506 -1.04 24.71 -16.33
N HIS F 507 -0.81 25.92 -15.82
CA HIS F 507 -1.49 26.36 -14.61
C HIS F 507 -2.98 26.51 -14.90
N PRO F 508 -3.85 26.11 -13.96
CA PRO F 508 -5.30 26.14 -14.24
C PRO F 508 -5.83 27.52 -14.61
N ASP F 509 -5.33 28.58 -13.99
CA ASP F 509 -5.93 29.90 -14.19
C ASP F 509 -5.73 30.41 -15.60
N ILE F 510 -4.71 29.91 -16.32
CA ILE F 510 -4.56 30.30 -17.73
C ILE F 510 -5.78 29.87 -18.51
N PHE F 511 -6.34 28.71 -18.18
CA PHE F 511 -7.55 28.24 -18.87
C PHE F 511 -8.73 29.15 -18.60
N ASN F 512 -8.68 29.97 -17.55
CA ASN F 512 -9.70 31.00 -17.37
C ASN F 512 -9.68 32.00 -18.51
N SER F 513 -8.49 32.44 -18.92
CA SER F 513 -8.38 33.41 -19.99
C SER F 513 -8.99 32.89 -21.29
N LEU F 514 -8.82 31.59 -21.55
CA LEU F 514 -9.37 30.99 -22.76
C LEU F 514 -10.88 31.16 -22.81
N LEU F 515 -11.56 31.26 -21.66
CA LEU F 515 -12.99 31.52 -21.67
C LEU F 515 -13.30 32.84 -22.36
N GLN F 516 -12.53 33.88 -22.05
CA GLN F 516 -12.69 35.14 -22.77
C GLN F 516 -12.22 35.04 -24.21
N ILE F 517 -11.40 34.04 -24.53
CA ILE F 517 -10.93 33.86 -25.90
C ILE F 517 -12.08 33.39 -26.80
N LEU F 518 -12.84 32.39 -26.34
CA LEU F 518 -13.87 31.77 -27.15
C LEU F 518 -15.25 32.37 -26.95
N GLU F 519 -15.61 32.74 -25.72
CA GLU F 519 -16.93 33.30 -25.48
C GLU F 519 -17.11 34.65 -26.19
N ASP F 520 -16.05 35.46 -26.24
CA ASP F 520 -16.16 36.81 -26.75
C ASP F 520 -15.14 37.17 -27.83
N GLY F 521 -13.99 36.51 -27.85
CA GLY F 521 -12.92 36.95 -28.73
C GLY F 521 -12.26 38.25 -28.30
N ARG F 522 -12.45 38.65 -27.04
CA ARG F 522 -12.00 39.92 -26.51
C ARG F 522 -11.21 39.66 -25.23
N LEU F 523 -10.01 40.23 -25.14
CA LEU F 523 -9.21 40.05 -23.93
C LEU F 523 -8.98 41.33 -23.14
N THR F 524 -9.05 42.48 -23.79
CA THR F 524 -8.90 43.81 -23.17
C THR F 524 -7.83 43.81 -22.08
N ASP F 525 -6.62 43.44 -22.48
CA ASP F 525 -5.50 43.47 -21.55
C ASP F 525 -5.23 44.89 -21.07
N SER F 526 -4.76 45.01 -19.82
CA SER F 526 -4.65 46.31 -19.19
C SER F 526 -3.70 47.23 -19.97
N GLN F 527 -2.42 46.89 -20.03
CA GLN F 527 -1.47 47.64 -20.84
C GLN F 527 -1.27 47.04 -22.22
N GLY F 528 -1.90 45.91 -22.51
CA GLY F 528 -1.78 45.30 -23.81
C GLY F 528 -2.70 45.95 -24.82
N ARG F 529 -3.44 46.95 -24.39
CA ARG F 529 -4.33 47.75 -25.23
C ARG F 529 -5.37 46.80 -25.84
N VAL F 530 -5.59 46.93 -27.15
CA VAL F 530 -6.60 46.13 -27.85
C VAL F 530 -6.07 44.72 -28.04
N VAL F 531 -6.80 43.74 -27.50
CA VAL F 531 -6.52 42.32 -27.74
C VAL F 531 -7.80 41.72 -28.31
N ASP F 532 -7.90 41.76 -29.64
CA ASP F 532 -9.04 41.21 -30.37
C ASP F 532 -8.57 39.98 -31.14
N PHE F 533 -9.11 38.82 -30.78
CA PHE F 533 -8.75 37.58 -31.45
C PHE F 533 -9.61 37.29 -32.67
N LYS F 534 -10.67 38.09 -32.88
CA LYS F 534 -11.62 37.97 -33.99
C LYS F 534 -11.85 36.53 -34.43
N ASN F 535 -11.73 36.25 -35.72
CA ASN F 535 -11.96 34.92 -36.27
C ASN F 535 -10.61 34.27 -36.57
N THR F 536 -10.08 33.56 -35.58
CA THR F 536 -8.84 32.81 -35.70
C THR F 536 -9.07 31.35 -35.35
N VAL F 537 -8.09 30.52 -35.69
CA VAL F 537 -8.14 29.09 -35.44
C VAL F 537 -7.28 28.79 -34.21
N ILE F 538 -7.92 28.27 -33.18
CA ILE F 538 -7.27 27.96 -31.92
C ILE F 538 -7.24 26.44 -31.78
N ILE F 539 -6.05 25.88 -31.61
CA ILE F 539 -5.84 24.44 -31.57
C ILE F 539 -5.09 24.09 -30.30
N MET F 540 -5.69 23.26 -29.46
CA MET F 540 -5.12 22.85 -28.19
C MET F 540 -4.67 21.40 -28.34
N THR F 541 -3.37 21.15 -28.35
CA THR F 541 -2.85 19.81 -28.57
C THR F 541 -2.44 19.20 -27.23
N THR F 542 -2.98 18.02 -26.95
CA THR F 542 -2.71 17.32 -25.70
C THR F 542 -2.49 15.85 -25.96
N ASN F 543 -1.82 15.19 -25.02
CA ASN F 543 -1.45 13.78 -25.14
C ASN F 543 -2.23 12.88 -24.18
N LEU F 544 -3.39 13.32 -23.72
CA LEU F 544 -4.18 12.55 -22.77
C LEU F 544 -5.12 11.55 -23.44
N GLY F 545 -5.07 11.42 -24.76
CA GLY F 545 -5.96 10.53 -25.48
C GLY F 545 -5.35 9.19 -25.82
N THR F 546 -4.28 8.82 -25.13
CA THR F 546 -3.54 7.60 -25.43
C THR F 546 -4.10 6.44 -24.61
N ARG F 547 -4.50 5.37 -25.30
CA ARG F 547 -5.00 4.16 -24.68
C ARG F 547 -4.29 2.96 -25.27
N ASP F 548 -4.60 1.77 -24.75
CA ASP F 548 -4.05 0.52 -25.25
C ASP F 548 -5.12 -0.17 -26.10
N ILE F 549 -4.94 -0.11 -27.43
CA ILE F 549 -5.88 -0.71 -28.37
C ILE F 549 -5.20 -1.75 -29.25
N SER F 550 -4.07 -1.40 -29.87
CA SER F 550 -3.37 -2.33 -30.76
C SER F 550 -2.93 -3.57 -29.98
N LYS F 551 -2.39 -3.39 -28.79
CA LYS F 551 -2.08 -4.52 -27.92
C LYS F 551 -3.36 -5.25 -27.52
N GLY F 552 -4.43 -4.50 -27.26
CA GLY F 552 -5.68 -5.09 -26.79
C GLY F 552 -6.33 -6.07 -27.74
N PHE F 553 -6.30 -7.35 -27.37
CA PHE F 553 -7.01 -8.39 -28.10
C PHE F 553 -7.96 -9.18 -27.20
N ASN F 554 -8.22 -8.68 -25.98
CA ASN F 554 -9.20 -9.23 -25.05
C ASN F 554 -8.77 -10.56 -24.45
N LEU F 555 -9.07 -10.76 -23.17
CA LEU F 555 -8.79 -12.00 -22.46
C LEU F 555 -9.72 -13.09 -22.97
N GLY F 556 -9.15 -14.04 -23.70
CA GLY F 556 -9.92 -15.17 -24.19
C GLY F 556 -9.36 -15.67 -25.49
N PHE F 557 -9.83 -16.85 -25.89
CA PHE F 557 -9.45 -17.41 -27.17
C PHE F 557 -9.94 -16.51 -28.29
N ALA F 558 -11.27 -16.39 -28.42
CA ALA F 558 -11.94 -15.44 -29.30
C ALA F 558 -11.66 -15.66 -30.78
N ALA F 559 -12.60 -15.22 -31.63
CA ALA F 559 -12.35 -15.14 -33.07
C ALA F 559 -13.37 -14.15 -33.64
N GLN F 560 -12.93 -12.90 -33.83
CA GLN F 560 -13.75 -11.83 -34.35
C GLN F 560 -12.88 -10.57 -34.45
N GLY F 561 -13.42 -9.55 -35.12
CA GLY F 561 -12.74 -8.28 -35.24
C GLY F 561 -13.63 -7.20 -35.84
N ASP F 562 -13.60 -6.00 -35.25
CA ASP F 562 -14.41 -4.89 -35.71
C ASP F 562 -13.57 -3.63 -35.76
N THR F 563 -13.72 -2.87 -36.85
CA THR F 563 -12.97 -1.64 -37.08
C THR F 563 -13.88 -0.42 -37.18
N LYS F 564 -15.13 -0.54 -36.76
CA LYS F 564 -16.09 0.56 -36.81
C LYS F 564 -16.29 1.25 -35.47
N SER F 565 -16.43 0.48 -34.40
CA SER F 565 -16.68 1.05 -33.07
C SER F 565 -15.49 1.81 -32.52
N ASN F 566 -14.34 1.79 -33.20
CA ASN F 566 -13.14 2.40 -32.66
C ASN F 566 -13.31 3.89 -32.40
N TYR F 567 -13.83 4.62 -33.40
CA TYR F 567 -13.94 6.07 -33.26
C TYR F 567 -14.95 6.43 -32.17
N GLU F 568 -16.09 5.76 -32.13
CA GLU F 568 -17.08 6.10 -31.12
C GLU F 568 -16.58 5.79 -29.71
N ARG F 569 -15.91 4.65 -29.53
CA ARG F 569 -15.43 4.30 -28.20
C ARG F 569 -14.29 5.23 -27.77
N MET F 570 -13.39 5.58 -28.70
CA MET F 570 -12.33 6.52 -28.35
C MET F 570 -12.88 7.91 -28.05
N LYS F 571 -13.93 8.32 -28.77
CA LYS F 571 -14.58 9.58 -28.45
C LYS F 571 -15.16 9.55 -27.06
N ASN F 572 -15.83 8.45 -26.70
CA ASN F 572 -16.39 8.33 -25.35
C ASN F 572 -15.29 8.39 -24.29
N LYS F 573 -14.20 7.65 -24.51
CA LYS F 573 -13.10 7.64 -23.55
C LYS F 573 -12.49 9.02 -23.38
N VAL F 574 -12.21 9.70 -24.50
CA VAL F 574 -11.58 11.01 -24.44
C VAL F 574 -12.49 12.03 -23.79
N SER F 575 -13.78 12.02 -24.16
CA SER F 575 -14.73 12.95 -23.57
C SER F 575 -14.85 12.72 -22.07
N ASP F 576 -14.96 11.46 -21.64
CA ASP F 576 -15.07 11.16 -20.22
C ASP F 576 -13.82 11.59 -19.47
N GLU F 577 -12.64 11.32 -20.04
CA GLU F 577 -11.40 11.70 -19.38
C GLU F 577 -11.28 13.21 -19.25
N LEU F 578 -11.63 13.94 -20.31
CA LEU F 578 -11.56 15.39 -20.25
C LEU F 578 -12.56 15.95 -19.25
N LYS F 579 -13.76 15.39 -19.20
CA LYS F 579 -14.77 15.85 -18.24
C LYS F 579 -14.35 15.57 -16.81
N GLN F 580 -13.77 14.39 -16.56
CA GLN F 580 -13.30 14.06 -15.22
C GLN F 580 -12.11 14.92 -14.81
N HIS F 581 -11.21 15.20 -15.76
CA HIS F 581 -10.00 15.93 -15.43
C HIS F 581 -10.19 17.44 -15.38
N PHE F 582 -11.15 17.96 -16.14
CA PHE F 582 -11.29 19.42 -16.28
C PHE F 582 -12.74 19.83 -16.14
N ARG F 583 -12.92 21.11 -15.82
CA ARG F 583 -14.24 21.69 -15.65
C ARG F 583 -15.02 21.71 -16.97
N PRO F 584 -16.35 21.64 -16.91
CA PRO F 584 -17.15 21.55 -18.13
C PRO F 584 -17.56 22.87 -18.75
N GLU F 585 -17.52 23.99 -18.02
CA GLU F 585 -17.93 25.26 -18.60
C GLU F 585 -16.98 25.76 -19.68
N PHE F 586 -15.80 25.15 -19.81
CA PHE F 586 -14.92 25.40 -20.94
C PHE F 586 -15.01 24.30 -21.99
N LEU F 587 -15.26 23.06 -21.56
CA LEU F 587 -15.38 21.95 -22.50
C LEU F 587 -16.62 22.09 -23.37
N ASN F 588 -17.72 22.60 -22.81
CA ASN F 588 -18.92 22.80 -23.62
C ASN F 588 -18.77 23.97 -24.58
N ARG F 589 -17.93 24.95 -24.26
CA ARG F 589 -17.70 26.09 -25.13
C ARG F 589 -16.50 25.87 -26.06
N VAL F 590 -16.49 24.75 -26.78
CA VAL F 590 -15.46 24.48 -27.79
C VAL F 590 -16.16 24.00 -29.05
N ASP F 591 -15.56 24.29 -30.20
CA ASP F 591 -16.16 23.89 -31.47
C ASP F 591 -16.08 22.39 -31.67
N ASP F 592 -14.91 21.79 -31.48
CA ASP F 592 -14.79 20.36 -31.70
C ASP F 592 -13.57 19.78 -31.00
N VAL F 593 -13.67 18.49 -30.71
CA VAL F 593 -12.55 17.69 -30.21
C VAL F 593 -12.21 16.69 -31.30
N VAL F 594 -11.18 16.99 -32.07
CA VAL F 594 -10.77 16.16 -33.19
C VAL F 594 -9.76 15.13 -32.69
N VAL F 595 -10.18 13.87 -32.62
CA VAL F 595 -9.35 12.78 -32.14
C VAL F 595 -9.25 11.72 -33.23
N PHE F 596 -8.03 11.28 -33.50
CA PHE F 596 -7.78 10.25 -34.50
C PHE F 596 -6.94 9.13 -33.89
N PRO F 597 -7.15 7.90 -34.34
CA PRO F 597 -6.42 6.76 -33.79
C PRO F 597 -5.04 6.64 -34.41
N GLN F 598 -4.34 5.57 -34.05
CA GLN F 598 -3.02 5.30 -34.58
C GLN F 598 -3.09 5.07 -36.09
N LEU F 599 -2.03 5.50 -36.78
CA LEU F 599 -1.97 5.31 -38.22
C LEU F 599 -1.97 3.82 -38.57
N SER F 600 -2.66 3.47 -39.65
CA SER F 600 -2.84 2.09 -40.05
C SER F 600 -1.98 1.76 -41.26
N GLN F 601 -1.95 0.47 -41.59
CA GLN F 601 -1.20 0.01 -42.74
C GLN F 601 -1.86 0.48 -44.03
N ALA F 602 -1.14 0.32 -45.15
CA ALA F 602 -1.56 0.75 -46.48
C ALA F 602 -1.57 2.27 -46.59
N ASP F 603 -1.27 2.95 -45.48
CA ASP F 603 -0.98 4.38 -45.49
C ASP F 603 0.51 4.67 -45.51
N ILE F 604 1.34 3.67 -45.21
CA ILE F 604 2.77 3.86 -45.14
C ILE F 604 3.37 4.15 -46.50
N LEU F 605 2.74 3.64 -47.57
CA LEU F 605 3.30 3.83 -48.91
C LEU F 605 3.31 5.30 -49.32
N LYS F 606 2.23 6.03 -49.04
CA LYS F 606 2.20 7.45 -49.36
C LYS F 606 3.20 8.22 -48.53
N ILE F 607 3.37 7.85 -47.26
CA ILE F 607 4.36 8.49 -46.41
C ILE F 607 5.76 8.25 -46.96
N VAL F 608 6.03 7.03 -47.43
CA VAL F 608 7.30 6.71 -48.06
C VAL F 608 7.50 7.58 -49.29
N ASP F 609 6.44 7.76 -50.08
CA ASP F 609 6.54 8.61 -51.27
C ASP F 609 6.90 10.04 -50.88
N LEU F 610 6.27 10.58 -49.85
CA LEU F 610 6.55 11.95 -49.43
C LEU F 610 7.98 12.10 -48.93
N MET F 611 8.42 11.16 -48.09
CA MET F 611 9.79 11.23 -47.58
C MET F 611 10.82 11.05 -48.70
N ILE F 612 10.54 10.17 -49.66
CA ILE F 612 11.43 10.00 -50.79
C ILE F 612 11.46 11.27 -51.63
N ASP F 613 10.35 11.97 -51.74
CA ASP F 613 10.34 13.26 -52.43
C ASP F 613 11.23 14.27 -51.71
N LYS F 614 11.16 14.31 -50.38
CA LYS F 614 12.03 15.22 -49.64
C LYS F 614 13.50 14.87 -49.83
N VAL F 615 13.83 13.58 -49.77
CA VAL F 615 15.21 13.15 -50.00
C VAL F 615 15.63 13.48 -51.43
N ASP F 616 14.69 13.37 -52.38
CA ASP F 616 14.99 13.72 -53.77
C ASP F 616 15.31 15.20 -53.91
N GLU F 617 14.59 16.04 -53.17
CA GLU F 617 14.93 17.47 -53.15
C GLU F 617 16.33 17.69 -52.58
N ARG F 618 16.64 16.98 -51.50
CA ARG F 618 17.96 17.11 -50.90
C ARG F 618 19.07 16.72 -51.89
N LEU F 619 18.88 15.61 -52.60
CA LEU F 619 19.85 15.20 -53.62
C LEU F 619 19.91 16.22 -54.77
N LYS F 620 18.74 16.66 -55.25
CA LYS F 620 18.68 17.61 -56.35
C LYS F 620 19.35 18.92 -56.04
N ASP F 621 19.45 19.28 -54.75
CA ASP F 621 20.24 20.44 -54.38
C ASP F 621 21.68 20.31 -54.88
N ARG F 622 22.19 19.09 -54.94
CA ARG F 622 23.53 18.81 -55.45
C ARG F 622 23.51 18.26 -56.87
N ASP F 623 22.44 18.50 -57.62
CA ASP F 623 22.29 18.02 -59.00
C ASP F 623 22.35 16.50 -59.06
N MET F 624 21.44 15.86 -58.32
CA MET F 624 21.26 14.42 -58.33
C MET F 624 19.78 14.11 -58.24
N GLY F 625 19.44 12.82 -58.18
CA GLY F 625 18.06 12.40 -58.11
C GLY F 625 17.95 10.96 -57.66
N ILE F 626 16.78 10.61 -57.14
CA ILE F 626 16.52 9.27 -56.64
C ILE F 626 15.12 8.84 -57.10
N GLU F 627 14.99 7.57 -57.47
CA GLU F 627 13.70 6.97 -57.76
C GLU F 627 13.72 5.52 -57.29
N LEU F 628 12.56 5.02 -56.90
CA LEU F 628 12.45 3.69 -56.32
C LEU F 628 11.39 2.88 -57.04
N SER F 629 11.56 1.57 -56.99
CA SER F 629 10.57 0.64 -57.50
C SER F 629 9.50 0.37 -56.45
N SER F 630 8.38 -0.19 -56.90
CA SER F 630 7.30 -0.52 -55.96
C SER F 630 7.76 -1.55 -54.94
N SER F 631 8.63 -2.47 -55.36
CA SER F 631 9.17 -3.45 -54.41
C SER F 631 9.97 -2.78 -53.31
N ALA F 632 10.78 -1.78 -53.66
CA ALA F 632 11.53 -1.05 -52.65
C ALA F 632 10.59 -0.34 -51.68
N LYS F 633 9.54 0.30 -52.20
CA LYS F 633 8.60 1.00 -51.34
C LYS F 633 7.88 0.04 -50.39
N GLU F 634 7.45 -1.12 -50.90
CA GLU F 634 6.73 -2.05 -50.03
C GLU F 634 7.68 -2.67 -49.00
N LEU F 635 8.94 -2.91 -49.39
CA LEU F 635 9.92 -3.41 -48.42
C LEU F 635 10.16 -2.37 -47.32
N LEU F 636 10.29 -1.10 -47.69
CA LEU F 636 10.48 -0.06 -46.69
C LEU F 636 9.27 0.04 -45.77
N SER F 637 8.06 -0.05 -46.33
CA SER F 637 6.85 0.00 -45.52
C SER F 637 6.82 -1.17 -44.54
N LYS F 638 7.16 -2.37 -45.01
CA LYS F 638 7.17 -3.53 -44.13
C LYS F 638 8.20 -3.40 -43.02
N LYS F 639 9.41 -2.91 -43.36
CA LYS F 639 10.47 -2.83 -42.37
C LYS F 639 10.23 -1.73 -41.37
N GLY F 640 9.63 -0.62 -41.78
CA GLY F 640 9.45 0.55 -40.93
C GLY F 640 8.08 0.71 -40.30
N TYR F 641 7.27 -0.34 -40.28
CA TYR F 641 5.92 -0.25 -39.72
C TYR F 641 5.97 -0.50 -38.22
N ASP F 642 5.48 0.46 -37.44
CA ASP F 642 5.32 0.30 -35.99
C ASP F 642 3.93 0.81 -35.63
N PRO F 643 3.03 -0.05 -35.15
CA PRO F 643 1.64 0.38 -34.93
C PRO F 643 1.49 1.52 -33.95
N VAL F 644 2.33 1.58 -32.90
CA VAL F 644 2.11 2.53 -31.80
C VAL F 644 3.05 3.72 -31.92
N LEU F 645 4.24 3.52 -32.47
CA LEU F 645 5.21 4.60 -32.63
C LEU F 645 4.90 5.51 -33.81
N GLY F 646 3.92 5.16 -34.64
CA GLY F 646 3.53 6.05 -35.73
C GLY F 646 4.52 6.05 -36.88
N ALA F 647 4.57 7.17 -37.58
CA ALA F 647 5.39 7.33 -38.78
C ALA F 647 6.80 7.80 -38.48
N ARG F 648 7.10 8.14 -37.22
CA ARG F 648 8.47 8.53 -36.86
C ARG F 648 9.49 7.44 -37.16
N PRO F 649 9.28 6.16 -36.81
CA PRO F 649 10.30 5.14 -37.13
C PRO F 649 10.53 4.96 -38.61
N LEU F 650 9.57 5.35 -39.46
CA LEU F 650 9.80 5.23 -40.90
C LEU F 650 10.93 6.14 -41.35
N ARG F 651 10.99 7.36 -40.79
CA ARG F 651 12.09 8.27 -41.12
C ARG F 651 13.43 7.68 -40.70
N ARG F 652 13.48 7.07 -39.51
CA ARG F 652 14.71 6.44 -39.06
C ARG F 652 15.09 5.26 -39.94
N THR F 653 14.10 4.48 -40.38
CA THR F 653 14.37 3.36 -41.27
C THR F 653 14.93 3.84 -42.59
N ILE F 654 14.35 4.90 -43.16
CA ILE F 654 14.89 5.48 -44.39
C ILE F 654 16.31 5.98 -44.17
N GLN F 655 16.55 6.63 -43.03
CA GLN F 655 17.87 7.17 -42.74
C GLN F 655 18.91 6.06 -42.63
N ARG F 656 18.54 4.95 -41.99
CA ARG F 656 19.48 3.84 -41.84
C ARG F 656 19.72 3.12 -43.16
N GLU F 657 18.66 2.95 -43.95
CA GLU F 657 18.72 2.05 -45.11
C GLU F 657 18.94 2.76 -46.44
N ILE F 658 18.77 4.08 -46.52
CA ILE F 658 18.79 4.72 -47.83
C ILE F 658 19.95 5.68 -47.99
N GLU F 659 19.98 6.76 -47.17
CA GLU F 659 20.96 7.80 -47.45
C GLU F 659 22.24 7.62 -46.65
N ASP F 660 22.32 6.59 -45.80
CA ASP F 660 23.63 6.20 -45.27
C ASP F 660 24.48 5.56 -46.37
N SER F 661 23.88 4.64 -47.12
CA SER F 661 24.57 4.07 -48.29
C SER F 661 24.82 5.15 -49.33
N LEU F 662 23.87 6.06 -49.52
CA LEU F 662 24.09 7.18 -50.42
C LEU F 662 25.27 8.03 -49.97
N SER F 663 25.37 8.30 -48.67
CA SER F 663 26.47 9.11 -48.15
C SER F 663 27.81 8.42 -48.37
N GLU F 664 27.89 7.12 -48.08
CA GLU F 664 29.15 6.42 -48.25
C GLU F 664 29.54 6.32 -49.71
N LYS F 665 28.56 6.14 -50.61
CA LYS F 665 28.87 6.09 -52.03
C LYS F 665 29.32 7.45 -52.54
N ILE F 666 28.67 8.53 -52.11
CA ILE F 666 29.07 9.86 -52.52
C ILE F 666 30.48 10.18 -52.04
N LEU F 667 30.78 9.83 -50.78
CA LEU F 667 32.12 10.08 -50.25
C LEU F 667 33.16 9.25 -51.00
N PHE F 668 32.83 8.00 -51.33
CA PHE F 668 33.76 7.16 -52.07
C PHE F 668 34.02 7.70 -53.48
N GLY F 669 33.08 8.46 -54.02
CA GLY F 669 33.20 9.00 -55.37
C GLY F 669 32.45 8.23 -56.43
N GLU F 670 31.75 7.15 -56.07
CA GLU F 670 30.99 6.39 -57.05
C GLU F 670 29.90 7.23 -57.69
N LEU F 671 29.18 8.01 -56.89
CA LEU F 671 28.13 8.88 -57.38
C LEU F 671 28.69 10.28 -57.59
N ARG F 672 28.31 10.90 -58.70
CA ARG F 672 28.83 12.19 -59.13
C ARG F 672 27.68 13.09 -59.53
N PRO F 673 27.88 14.41 -59.54
CA PRO F 673 26.82 15.32 -59.95
C PRO F 673 26.33 15.01 -61.36
N GLY F 674 25.02 15.12 -61.55
CA GLY F 674 24.41 14.76 -62.81
C GLY F 674 24.21 13.26 -62.92
N HIS F 675 23.59 12.66 -61.91
CA HIS F 675 23.34 11.23 -61.89
C HIS F 675 22.01 10.96 -61.22
N ILE F 676 21.46 9.78 -61.52
CA ILE F 676 20.21 9.30 -60.93
C ILE F 676 20.49 7.92 -60.35
N VAL F 677 20.01 7.69 -59.13
CA VAL F 677 20.20 6.41 -58.45
C VAL F 677 18.88 5.64 -58.51
N VAL F 678 18.98 4.37 -58.87
CA VAL F 678 17.83 3.47 -58.94
C VAL F 678 17.97 2.47 -57.81
N VAL F 679 16.89 2.32 -57.03
CA VAL F 679 16.86 1.44 -55.86
C VAL F 679 16.01 0.23 -56.20
N ASP F 680 16.55 -0.96 -55.97
CA ASP F 680 15.87 -2.20 -56.25
C ASP F 680 16.00 -3.13 -55.05
N THR F 681 15.19 -4.18 -55.02
CA THR F 681 15.23 -5.19 -53.97
C THR F 681 15.81 -6.48 -54.53
N GLU F 682 16.79 -7.03 -53.83
CA GLU F 682 17.45 -8.26 -54.23
C GLU F 682 17.27 -9.31 -53.14
N GLY F 683 16.92 -10.51 -53.52
CA GLY F 683 16.62 -11.59 -52.59
C GLY F 683 15.13 -11.79 -52.43
N GLU F 684 14.79 -12.66 -51.49
CA GLU F 684 13.39 -12.99 -51.21
C GLU F 684 13.22 -13.21 -49.71
N GLY F 685 11.95 -13.15 -49.28
CA GLY F 685 11.67 -13.33 -47.87
C GLY F 685 12.19 -12.16 -47.05
N GLU F 686 12.67 -12.48 -45.85
CA GLU F 686 13.21 -11.48 -44.94
C GLU F 686 14.66 -11.13 -45.24
N THR F 687 15.26 -11.77 -46.24
CA THR F 687 16.64 -11.52 -46.63
C THR F 687 16.76 -10.49 -47.74
N LYS F 688 15.65 -9.88 -48.15
CA LYS F 688 15.70 -8.87 -49.21
C LYS F 688 16.52 -7.68 -48.77
N THR F 689 17.44 -7.25 -49.65
CA THR F 689 18.30 -6.11 -49.39
C THR F 689 18.15 -5.09 -50.50
N PHE F 690 18.61 -3.87 -50.23
CA PHE F 690 18.51 -2.80 -51.20
C PHE F 690 19.76 -2.76 -52.08
N THR F 691 19.54 -2.46 -53.35
CA THR F 691 20.61 -2.39 -54.35
C THR F 691 20.51 -1.04 -55.05
N PHE F 692 21.64 -0.35 -55.16
CA PHE F 692 21.71 0.99 -55.73
C PHE F 692 22.47 0.93 -57.05
N ARG F 693 21.88 1.50 -58.10
CA ARG F 693 22.54 1.61 -59.39
C ARG F 693 22.58 3.08 -59.81
N GLY F 694 23.79 3.58 -60.05
CA GLY F 694 23.97 4.96 -60.49
C GLY F 694 24.08 5.03 -62.00
N GLU F 695 23.25 5.88 -62.61
CA GLU F 695 23.24 6.03 -64.05
C GLU F 695 23.23 7.51 -64.41
N GLU F 696 23.63 7.80 -65.64
CA GLU F 696 23.75 9.18 -66.09
C GLU F 696 22.40 9.76 -66.48
N UNK G 1 1.95 14.13 2.01
CA UNK G 1 2.52 15.41 2.40
C UNK G 1 3.10 16.15 1.19
N UNK G 2 4.37 15.87 0.89
CA UNK G 2 5.06 16.47 -0.25
C UNK G 2 5.05 18.00 -0.16
N UNK G 3 5.75 18.51 0.86
CA UNK G 3 5.83 19.94 1.07
C UNK G 3 6.47 20.64 -0.12
N UNK G 4 5.94 21.81 -0.46
CA UNK G 4 6.41 22.59 -1.60
C UNK G 4 7.19 23.81 -1.11
N UNK G 5 8.34 24.03 -1.72
CA UNK G 5 9.23 25.12 -1.35
C UNK G 5 9.05 26.32 -2.27
N UNK G 6 9.03 27.50 -1.69
CA UNK G 6 8.83 28.74 -2.43
C UNK G 6 10.15 29.47 -2.58
N UNK G 7 10.47 29.87 -3.81
CA UNK G 7 11.69 30.59 -4.12
C UNK G 7 11.41 32.07 -4.28
N UNK G 8 12.30 32.89 -3.74
CA UNK G 8 12.16 34.34 -3.83
C UNK G 8 12.84 34.85 -5.10
N UNK G 9 12.93 36.16 -5.25
CA UNK G 9 13.54 36.75 -6.44
C UNK G 9 14.09 38.12 -6.06
N UNK G 10 14.94 38.65 -6.93
CA UNK G 10 15.55 39.96 -6.69
C UNK G 10 15.11 40.96 -7.75
N UNK G 11 15.72 42.14 -7.76
CA UNK G 11 15.37 43.18 -8.70
C UNK G 11 16.64 43.86 -9.18
N UNK G 12 16.49 44.90 -9.99
CA UNK G 12 17.63 45.64 -10.51
C UNK G 12 17.20 47.08 -10.75
N UNK G 13 17.78 48.00 -9.99
CA UNK G 13 17.48 49.41 -10.13
C UNK G 13 18.70 50.24 -9.72
N UNK G 14 18.75 51.47 -10.23
CA UNK G 14 19.86 52.36 -9.95
C UNK G 14 19.40 53.80 -10.15
N UNK G 15 20.18 54.73 -9.60
CA UNK G 15 19.88 56.16 -9.70
C UNK G 15 20.76 56.89 -10.70
N UNK G 16 22.06 56.58 -10.73
CA UNK G 16 23.02 57.18 -11.65
C UNK G 16 23.17 58.68 -11.45
N UNK G 17 24.10 59.29 -12.16
CA UNK G 17 24.35 60.73 -12.03
C UNK G 17 24.92 61.25 -13.35
N UNK G 18 24.51 62.46 -13.73
CA UNK G 18 24.93 63.07 -14.98
C UNK G 18 26.02 64.11 -14.71
N UNK G 19 26.48 64.75 -15.79
CA UNK G 19 27.47 65.81 -15.72
C UNK G 19 27.00 66.99 -16.56
N UNK G 20 27.60 68.15 -16.31
CA UNK G 20 27.23 69.38 -16.99
C UNK G 20 28.20 69.71 -18.11
N UNK G 21 27.70 70.38 -19.14
CA UNK G 21 28.50 70.93 -20.23
C UNK G 21 28.35 72.45 -20.26
N UNK G 22 27.88 73.00 -19.14
CA UNK G 22 27.48 74.39 -18.97
C UNK G 22 26.64 74.91 -20.15
N UNK G 23 26.78 76.19 -20.48
CA UNK G 23 26.17 76.72 -21.69
C UNK G 23 26.98 77.84 -22.32
N UNK G 24 28.30 77.85 -22.11
CA UNK G 24 29.11 79.00 -22.47
C UNK G 24 30.24 78.66 -23.43
N GLY H 38 -17.19 -84.78 3.18
CA GLY H 38 -15.81 -84.40 3.35
C GLY H 38 -14.84 -85.30 2.59
N LEU H 39 -14.27 -84.77 1.51
CA LEU H 39 -13.31 -85.54 0.73
C LEU H 39 -11.90 -85.38 1.29
N GLY H 40 -11.54 -84.16 1.72
CA GLY H 40 -10.20 -83.94 2.22
C GLY H 40 -9.88 -84.78 3.42
N ASP H 41 -10.77 -84.79 4.40
CA ASP H 41 -10.54 -85.59 5.61
C ASP H 41 -10.49 -87.09 5.28
N GLN H 42 -11.34 -87.53 4.37
CA GLN H 42 -11.36 -88.95 3.99
C GLN H 42 -10.03 -89.36 3.35
N VAL H 43 -9.55 -88.57 2.39
CA VAL H 43 -8.29 -88.92 1.75
C VAL H 43 -7.12 -88.78 2.71
N TYR H 44 -7.17 -87.81 3.62
CA TYR H 44 -6.09 -87.69 4.60
C TYR H 44 -6.06 -88.89 5.54
N ASN H 45 -7.24 -89.37 5.98
CA ASN H 45 -7.28 -90.58 6.79
C ASN H 45 -6.71 -91.76 6.03
N ARG H 46 -7.13 -91.92 4.77
CA ARG H 46 -6.65 -93.06 3.99
C ARG H 46 -5.14 -93.01 3.80
N LEU H 47 -4.59 -91.82 3.53
CA LEU H 47 -3.14 -91.70 3.40
C LEU H 47 -2.43 -91.98 4.72
N LEU H 48 -2.97 -91.44 5.83
CA LEU H 48 -2.37 -91.70 7.13
C LEU H 48 -2.35 -93.18 7.45
N ASN H 49 -3.28 -93.94 6.87
CA ASN H 49 -3.25 -95.39 7.07
C ASN H 49 -1.97 -96.05 6.55
N GLU H 50 -1.24 -95.39 5.63
CA GLU H 50 0.07 -95.87 5.20
C GLU H 50 1.21 -94.99 5.72
N ARG H 51 1.02 -94.33 6.85
CA ARG H 51 2.08 -93.58 7.52
C ARG H 51 2.62 -92.46 6.62
N ILE H 52 1.71 -91.69 6.03
CA ILE H 52 2.06 -90.55 5.19
C ILE H 52 1.48 -89.30 5.84
N ILE H 53 2.34 -88.35 6.17
CA ILE H 53 1.93 -87.11 6.81
C ILE H 53 2.17 -85.96 5.86
N PHE H 54 1.15 -85.14 5.64
CA PHE H 54 1.27 -83.93 4.84
C PHE H 54 1.40 -82.72 5.73
N LEU H 55 2.50 -81.99 5.59
CA LEU H 55 2.65 -80.66 6.12
C LEU H 55 2.34 -79.67 4.99
N GLY H 56 2.45 -78.39 5.31
CA GLY H 56 2.36 -77.34 4.33
C GLY H 56 1.14 -76.46 4.47
N GLN H 57 1.37 -75.36 5.18
CA GLN H 57 0.55 -74.21 5.55
C GLN H 57 1.53 -73.30 6.25
N PRO H 58 1.24 -72.02 6.43
CA PRO H 58 2.03 -71.22 7.38
C PRO H 58 1.96 -71.88 8.75
N VAL H 59 3.12 -72.32 9.24
CA VAL H 59 3.16 -73.14 10.44
C VAL H 59 2.74 -72.31 11.65
N ASP H 60 1.80 -72.85 12.43
CA ASP H 60 1.32 -72.20 13.63
C ASP H 60 1.12 -73.27 14.69
N ASP H 61 0.43 -72.90 15.78
CA ASP H 61 0.26 -73.82 16.90
C ASP H 61 -0.68 -74.96 16.57
N ASP H 62 -1.75 -74.67 15.81
CA ASP H 62 -2.74 -75.71 15.51
C ASP H 62 -2.15 -76.81 14.63
N ILE H 63 -1.49 -76.42 13.54
CA ILE H 63 -0.91 -77.43 12.65
C ILE H 63 0.23 -78.16 13.36
N ALA H 64 0.96 -77.47 14.23
CA ALA H 64 2.02 -78.14 14.99
C ALA H 64 1.44 -79.18 15.93
N ASN H 65 0.34 -78.85 16.61
CA ASN H 65 -0.30 -79.82 17.47
C ASN H 65 -0.80 -81.02 16.68
N LYS H 66 -1.40 -80.77 15.51
CA LYS H 66 -1.88 -81.87 14.69
C LYS H 66 -0.74 -82.77 14.23
N ILE H 67 0.36 -82.17 13.78
CA ILE H 67 1.50 -82.97 13.31
C ILE H 67 2.11 -83.77 14.45
N THR H 68 2.27 -83.14 15.62
CA THR H 68 2.82 -83.86 16.75
C THR H 68 1.92 -85.00 17.19
N ALA H 69 0.60 -84.78 17.15
CA ALA H 69 -0.33 -85.85 17.49
C ALA H 69 -0.22 -87.01 16.50
N GLN H 70 -0.14 -86.69 15.21
CA GLN H 70 0.00 -87.75 14.20
C GLN H 70 1.31 -88.51 14.38
N LEU H 71 2.39 -87.80 14.67
CA LEU H 71 3.69 -88.45 14.89
C LEU H 71 3.64 -89.36 16.10
N LEU H 72 3.05 -88.90 17.20
CA LEU H 72 2.93 -89.74 18.39
C LEU H 72 2.06 -90.96 18.12
N LEU H 73 0.96 -90.78 17.37
CA LEU H 73 0.10 -91.90 17.05
C LEU H 73 0.82 -92.94 16.19
N LEU H 74 1.59 -92.48 15.20
CA LEU H 74 2.32 -93.41 14.35
C LEU H 74 3.53 -94.00 15.06
N ALA H 75 3.98 -93.38 16.15
CA ALA H 75 5.10 -93.92 16.92
C ALA H 75 4.73 -95.16 17.71
N SER H 76 3.46 -95.57 17.71
CA SER H 76 3.07 -96.80 18.39
C SER H 76 3.80 -98.01 17.79
N ASP H 77 3.92 -98.04 16.46
CA ASP H 77 4.69 -99.08 15.79
C ASP H 77 6.13 -98.60 15.66
N PRO H 78 7.10 -99.23 16.33
CA PRO H 78 8.46 -98.68 16.38
C PRO H 78 9.42 -99.18 15.32
N GLU H 79 8.98 -99.89 14.28
CA GLU H 79 9.92 -100.39 13.28
C GLU H 79 9.72 -99.82 11.88
N LYS H 80 8.52 -99.38 11.53
CA LYS H 80 8.29 -98.82 10.20
C LYS H 80 8.53 -97.33 10.20
N ASP H 81 8.69 -96.77 9.00
CA ASP H 81 9.08 -95.38 8.80
C ASP H 81 7.86 -94.50 8.60
N ILE H 82 8.09 -93.19 8.66
CA ILE H 82 7.05 -92.19 8.47
C ILE H 82 7.52 -91.20 7.42
N TYR H 83 6.72 -90.98 6.39
CA TYR H 83 7.04 -90.04 5.33
C TYR H 83 6.31 -88.73 5.57
N LEU H 84 7.03 -87.62 5.45
CA LEU H 84 6.50 -86.30 5.74
C LEU H 84 6.77 -85.39 4.55
N TYR H 85 5.70 -84.85 3.96
CA TYR H 85 5.81 -83.97 2.80
C TYR H 85 5.69 -82.52 3.24
N ILE H 86 6.50 -81.65 2.63
CA ILE H 86 6.52 -80.23 2.99
C ILE H 86 6.24 -79.39 1.75
N ASN H 87 5.27 -78.49 1.87
CA ASN H 87 5.04 -77.42 0.89
C ASN H 87 4.50 -76.23 1.68
N SER H 88 5.40 -75.37 2.15
CA SER H 88 4.97 -74.33 3.08
C SER H 88 5.92 -73.15 3.03
N PRO H 89 5.44 -71.93 3.28
CA PRO H 89 6.33 -70.76 3.33
C PRO H 89 6.94 -70.51 4.69
N GLY H 90 6.86 -71.45 5.63
CA GLY H 90 7.43 -71.29 6.95
C GLY H 90 6.35 -71.20 8.01
N GLY H 91 6.62 -70.39 9.03
CA GLY H 91 5.66 -70.25 10.12
C GLY H 91 6.36 -69.81 11.40
N SER H 92 5.70 -70.10 12.52
CA SER H 92 6.20 -69.67 13.81
C SER H 92 7.35 -70.55 14.28
N ILE H 93 8.31 -69.92 14.95
CA ILE H 93 9.51 -70.64 15.42
C ILE H 93 9.16 -71.63 16.52
N THR H 94 8.38 -71.19 17.51
CA THR H 94 8.19 -71.98 18.72
C THR H 94 7.34 -73.23 18.48
N ALA H 95 6.60 -73.29 17.37
CA ALA H 95 5.85 -74.49 17.02
C ALA H 95 6.69 -75.43 16.17
N GLY H 96 7.50 -74.87 15.28
CA GLY H 96 8.46 -75.69 14.55
C GLY H 96 9.44 -76.38 15.47
N MET H 97 9.81 -75.74 16.57
CA MET H 97 10.65 -76.41 17.56
C MET H 97 9.93 -77.60 18.19
N ALA H 98 8.63 -77.46 18.47
CA ALA H 98 7.88 -78.61 18.99
C ALA H 98 7.88 -79.75 17.98
N ILE H 99 7.64 -79.44 16.71
CA ILE H 99 7.64 -80.48 15.68
C ILE H 99 9.02 -81.12 15.57
N TYR H 100 10.08 -80.32 15.59
CA TYR H 100 11.43 -80.85 15.47
C TYR H 100 11.77 -81.76 16.64
N ASP H 101 11.42 -81.35 17.85
CA ASP H 101 11.71 -82.19 19.01
C ASP H 101 10.91 -83.48 18.98
N THR H 102 9.66 -83.43 18.50
CA THR H 102 8.89 -84.67 18.34
C THR H 102 9.55 -85.58 17.31
N MET H 103 10.06 -85.00 16.22
CA MET H 103 10.77 -85.80 15.22
C MET H 103 12.00 -86.46 15.81
N GLN H 104 12.76 -85.71 16.62
CA GLN H 104 13.97 -86.25 17.23
C GLN H 104 13.69 -87.14 18.42
N TYR H 105 12.45 -87.19 18.90
CA TYR H 105 12.12 -87.97 20.09
C TYR H 105 11.86 -89.43 19.75
N ILE H 106 10.98 -89.69 18.79
CA ILE H 106 10.53 -91.07 18.54
C ILE H 106 11.65 -91.89 17.91
N LYS H 107 11.53 -93.21 18.05
CA LYS H 107 12.50 -94.13 17.48
C LYS H 107 12.36 -94.27 15.97
N ASN H 108 11.14 -94.12 15.45
CA ASN H 108 10.89 -94.32 14.03
C ASN H 108 11.65 -93.29 13.21
N ASP H 109 12.26 -93.77 12.12
CA ASP H 109 12.95 -92.88 11.19
C ASP H 109 11.93 -92.08 10.39
N VAL H 110 12.29 -90.83 10.09
CA VAL H 110 11.41 -89.92 9.36
C VAL H 110 12.06 -89.60 8.03
N VAL H 111 11.33 -89.86 6.95
CA VAL H 111 11.78 -89.54 5.60
C VAL H 111 11.05 -88.27 5.16
N THR H 112 11.81 -87.21 4.95
CA THR H 112 11.26 -85.91 4.58
C THR H 112 11.36 -85.73 3.06
N ILE H 113 10.27 -85.26 2.46
CA ILE H 113 10.21 -84.99 1.04
C ILE H 113 9.71 -83.57 0.84
N ALA H 114 10.45 -82.79 0.06
CA ALA H 114 10.09 -81.40 -0.24
C ALA H 114 9.49 -81.33 -1.63
N MET H 115 8.23 -80.91 -1.71
CA MET H 115 7.55 -80.66 -2.98
C MET H 115 7.04 -79.24 -3.00
N GLY H 116 7.21 -78.56 -4.12
CA GLY H 116 6.73 -77.20 -4.22
C GLY H 116 7.68 -76.17 -3.65
N LEU H 117 7.41 -75.71 -2.44
CA LEU H 117 8.21 -74.71 -1.78
C LEU H 117 8.57 -75.17 -0.38
N ALA H 118 9.81 -74.93 0.03
CA ALA H 118 10.29 -75.25 1.38
C ALA H 118 11.14 -74.08 1.84
N ALA H 119 10.52 -73.16 2.58
CA ALA H 119 11.15 -71.92 2.97
C ALA H 119 11.02 -71.69 4.47
N ALA H 120 12.00 -70.97 5.02
CA ALA H 120 12.02 -70.57 6.43
C ALA H 120 11.91 -71.81 7.30
N MET H 121 10.86 -71.96 8.12
CA MET H 121 10.76 -73.15 8.96
C MET H 121 10.53 -74.41 8.14
N GLY H 122 9.95 -74.28 6.95
CA GLY H 122 9.83 -75.43 6.08
C GLY H 122 11.18 -76.02 5.72
N GLN H 123 12.16 -75.17 5.42
CA GLN H 123 13.51 -75.65 5.15
C GLN H 123 14.11 -76.32 6.37
N PHE H 124 13.90 -75.75 7.56
CA PHE H 124 14.49 -76.33 8.76
C PHE H 124 13.91 -77.72 9.02
N LEU H 125 12.59 -77.86 8.95
CA LEU H 125 11.98 -79.17 9.18
C LEU H 125 12.35 -80.14 8.07
N LEU H 126 12.57 -79.66 6.85
CA LEU H 126 13.01 -80.53 5.78
C LEU H 126 14.41 -81.06 6.05
N SER H 127 15.32 -80.19 6.50
CA SER H 127 16.66 -80.59 6.85
C SER H 127 16.71 -81.43 8.12
N ALA H 128 15.68 -81.38 8.94
CA ALA H 128 15.64 -82.10 10.21
C ALA H 128 15.46 -83.60 10.04
N GLY H 129 15.21 -84.08 8.83
CA GLY H 129 15.00 -85.49 8.61
C GLY H 129 16.22 -86.33 8.94
N THR H 130 15.98 -87.64 9.06
CA THR H 130 17.06 -88.55 9.41
C THR H 130 18.12 -88.56 8.31
N PRO H 131 19.39 -88.69 8.66
CA PRO H 131 20.45 -88.64 7.64
C PRO H 131 20.27 -89.72 6.58
N GLY H 132 20.54 -89.34 5.33
CA GLY H 132 20.37 -90.25 4.22
C GLY H 132 18.94 -90.49 3.80
N LYS H 133 17.98 -89.72 4.34
CA LYS H 133 16.58 -89.95 4.05
C LYS H 133 15.84 -88.63 3.84
N ARG H 134 16.52 -87.60 3.36
CA ARG H 134 15.91 -86.32 3.01
C ARG H 134 15.97 -86.15 1.51
N PHE H 135 14.83 -85.84 0.90
CA PHE H 135 14.75 -85.72 -0.55
C PHE H 135 13.91 -84.52 -0.93
N ALA H 136 14.17 -84.02 -2.14
CA ALA H 136 13.35 -82.98 -2.73
C ALA H 136 13.01 -83.37 -4.15
N LEU H 137 11.77 -83.15 -4.55
CA LEU H 137 11.43 -83.40 -5.94
C LEU H 137 12.12 -82.37 -6.84
N PRO H 138 12.35 -82.70 -8.10
CA PRO H 138 12.90 -81.69 -9.03
C PRO H 138 11.91 -80.54 -9.18
N ASN H 139 12.45 -79.36 -9.49
CA ASN H 139 11.70 -78.12 -9.60
C ASN H 139 11.17 -77.63 -8.25
N ALA H 140 11.74 -78.11 -7.14
CA ALA H 140 11.36 -77.65 -5.82
C ALA H 140 12.31 -76.56 -5.36
N GLU H 141 11.76 -75.45 -4.89
CA GLU H 141 12.54 -74.28 -4.51
C GLU H 141 12.69 -74.25 -2.99
N ILE H 142 13.90 -73.96 -2.52
CA ILE H 142 14.22 -73.97 -1.10
C ILE H 142 14.82 -72.62 -0.74
N LEU H 143 14.36 -72.05 0.38
CA LEU H 143 14.80 -70.74 0.83
C LEU H 143 15.35 -70.83 2.24
N ILE H 144 16.44 -70.12 2.49
CA ILE H 144 16.99 -69.97 3.84
C ILE H 144 17.21 -68.50 4.12
N HIS H 145 16.88 -68.08 5.33
CA HIS H 145 17.10 -66.71 5.80
C HIS H 145 17.03 -66.71 7.32
N GLN H 146 17.06 -65.52 7.90
CA GLN H 146 17.13 -65.34 9.34
C GLN H 146 15.75 -65.02 9.92
N PRO H 147 15.54 -65.27 11.21
CA PRO H 147 14.24 -65.03 11.81
C PRO H 147 13.88 -63.55 11.85
N SER H 148 12.59 -63.29 11.94
CA SER H 148 12.06 -61.93 12.03
C SER H 148 11.04 -61.85 13.16
N ALA H 149 10.94 -60.67 13.76
CA ALA H 149 10.04 -60.45 14.89
C ALA H 149 9.81 -58.95 15.04
N GLY H 150 9.23 -58.56 16.17
CA GLY H 150 9.02 -57.16 16.47
C GLY H 150 9.22 -56.90 17.96
N LEU H 151 9.39 -55.61 18.29
CA LEU H 151 9.62 -55.19 19.66
C LEU H 151 8.61 -54.13 20.06
N ALA H 152 8.13 -54.23 21.30
CA ALA H 152 7.22 -53.24 21.85
C ALA H 152 7.31 -53.30 23.38
N GLY H 153 7.10 -52.16 24.02
CA GLY H 153 7.12 -52.08 25.46
C GLY H 153 8.09 -51.02 25.92
N SER H 154 8.53 -51.16 27.18
CA SER H 154 9.48 -50.23 27.75
C SER H 154 10.91 -50.65 27.42
N ALA H 155 11.88 -49.88 27.91
CA ALA H 155 13.27 -50.12 27.57
C ALA H 155 13.77 -51.46 28.10
N SER H 156 13.41 -51.80 29.34
CA SER H 156 13.87 -53.06 29.93
C SER H 156 13.26 -54.26 29.23
N ASP H 157 11.96 -54.21 28.95
CA ASP H 157 11.31 -55.30 28.24
C ASP H 157 11.89 -55.47 26.85
N ILE H 158 12.16 -54.35 26.16
CA ILE H 158 12.77 -54.43 24.84
C ILE H 158 14.16 -55.04 24.93
N LYS H 159 14.92 -54.67 25.95
CA LYS H 159 16.26 -55.24 26.14
C LYS H 159 16.19 -56.75 26.31
N ILE H 160 15.30 -57.22 27.19
CA ILE H 160 15.18 -58.66 27.44
C ILE H 160 14.74 -59.39 26.17
N HIS H 161 13.75 -58.84 25.48
CA HIS H 161 13.25 -59.48 24.26
C HIS H 161 14.32 -59.54 23.20
N ALA H 162 15.11 -58.47 23.04
CA ALA H 162 16.17 -58.47 22.05
C ALA H 162 17.25 -59.50 22.39
N GLU H 163 17.58 -59.63 23.68
CA GLU H 163 18.54 -60.65 24.08
C GLU H 163 18.02 -62.05 23.74
N ARG H 164 16.75 -62.31 24.01
CA ARG H 164 16.21 -63.63 23.64
C ARG H 164 16.23 -63.83 22.14
N LEU H 165 15.90 -62.79 21.37
CA LEU H 165 15.90 -62.92 19.92
C LEU H 165 17.28 -63.28 19.40
N LEU H 166 18.32 -62.61 19.92
CA LEU H 166 19.68 -62.95 19.52
C LEU H 166 20.03 -64.38 19.91
N HIS H 167 19.61 -64.80 21.10
CA HIS H 167 19.87 -66.18 21.54
C HIS H 167 19.21 -67.19 20.60
N THR H 168 17.96 -66.93 20.22
CA THR H 168 17.25 -67.84 19.33
C THR H 168 17.88 -67.89 17.95
N LYS H 169 18.33 -66.73 17.44
CA LYS H 169 19.02 -66.71 16.15
C LYS H 169 20.30 -67.51 16.21
N LYS H 170 21.06 -67.39 17.30
CA LYS H 170 22.26 -68.18 17.47
C LYS H 170 21.93 -69.67 17.51
N ARG H 171 20.86 -70.04 18.21
CA ARG H 171 20.47 -71.44 18.28
C ARG H 171 20.10 -71.99 16.91
N MET H 172 19.37 -71.21 16.12
CA MET H 172 19.02 -71.65 14.78
C MET H 172 20.26 -71.82 13.91
N ALA H 173 21.20 -70.88 13.99
CA ALA H 173 22.43 -71.01 13.21
C ALA H 173 23.19 -72.27 13.61
N GLU H 174 23.30 -72.52 14.91
CA GLU H 174 24.02 -73.70 15.38
C GLU H 174 23.36 -74.98 14.93
N LEU H 175 22.02 -75.06 15.03
CA LEU H 175 21.32 -76.26 14.64
C LEU H 175 21.42 -76.50 13.13
N THR H 176 21.30 -75.44 12.33
CA THR H 176 21.45 -75.60 10.89
C THR H 176 22.84 -76.06 10.52
N SER H 177 23.87 -75.50 11.17
CA SER H 177 25.23 -75.93 10.91
C SER H 177 25.42 -77.39 11.28
N GLN H 178 24.85 -77.81 12.41
CA GLN H 178 24.98 -79.20 12.83
C GLN H 178 24.32 -80.15 11.84
N HIS H 179 23.11 -79.80 11.37
CA HIS H 179 22.38 -80.71 10.49
C HIS H 179 22.97 -80.75 9.09
N THR H 180 23.31 -79.59 8.52
CA THR H 180 23.76 -79.58 7.13
C THR H 180 25.20 -80.05 7.01
N GLY H 181 26.04 -79.73 8.00
CA GLY H 181 27.46 -80.02 7.94
C GLY H 181 28.32 -78.81 7.67
N GLN H 182 27.73 -77.69 7.26
CA GLN H 182 28.48 -76.45 7.07
C GLN H 182 28.92 -75.89 8.43
N THR H 183 29.89 -74.99 8.40
CA THR H 183 30.35 -74.36 9.62
C THR H 183 29.35 -73.31 10.07
N ILE H 184 29.45 -72.93 11.35
CA ILE H 184 28.51 -71.97 11.93
C ILE H 184 28.63 -70.62 11.24
N GLU H 185 29.86 -70.14 11.04
CA GLU H 185 30.06 -68.84 10.41
C GLU H 185 29.64 -68.88 8.95
N GLN H 186 29.78 -70.03 8.29
CA GLN H 186 29.31 -70.15 6.92
C GLN H 186 27.80 -69.95 6.83
N ILE H 187 27.06 -70.58 7.74
CA ILE H 187 25.60 -70.41 7.75
C ILE H 187 25.25 -68.99 8.14
N THR H 188 26.02 -68.39 9.06
CA THR H 188 25.76 -67.01 9.46
C THR H 188 25.93 -66.06 8.28
N ARG H 189 26.96 -66.27 7.47
CA ARG H 189 27.19 -65.39 6.33
C ARG H 189 26.17 -65.64 5.22
N ASP H 190 25.85 -66.90 4.94
CA ASP H 190 24.90 -67.20 3.88
C ASP H 190 23.49 -66.77 4.25
N SER H 191 23.04 -67.09 5.47
CA SER H 191 21.67 -66.82 5.89
C SER H 191 21.57 -65.45 6.55
N ASP H 192 21.89 -64.42 5.78
CA ASP H 192 21.79 -63.04 6.25
C ASP H 192 20.62 -62.32 5.60
N ARG H 193 20.56 -62.26 4.27
CA ARG H 193 19.45 -61.63 3.56
C ARG H 193 18.45 -62.66 3.07
N ASP H 194 18.89 -63.56 2.19
CA ASP H 194 18.08 -64.59 1.56
C ASP H 194 18.97 -65.51 0.77
N ARG H 195 18.58 -66.77 0.63
CA ARG H 195 19.33 -67.67 -0.25
C ARG H 195 18.36 -68.69 -0.83
N TRP H 196 18.36 -68.82 -2.15
CA TRP H 196 17.49 -69.73 -2.87
C TRP H 196 18.28 -70.87 -3.49
N PHE H 197 17.70 -72.07 -3.44
CA PHE H 197 18.28 -73.25 -4.03
C PHE H 197 17.24 -73.98 -4.85
N ASP H 198 17.68 -74.60 -5.94
CA ASP H 198 16.92 -75.64 -6.59
C ASP H 198 17.35 -76.98 -6.00
N ALA H 199 16.98 -78.08 -6.65
CA ALA H 199 17.24 -79.40 -6.09
C ALA H 199 18.73 -79.67 -5.99
N PHE H 200 19.48 -79.42 -7.06
CA PHE H 200 20.87 -79.88 -7.12
C PHE H 200 21.79 -79.00 -6.27
N GLU H 201 21.56 -77.68 -6.24
CA GLU H 201 22.35 -76.83 -5.36
C GLU H 201 22.10 -77.20 -3.89
N ALA H 202 20.86 -77.53 -3.54
CA ALA H 202 20.58 -78.01 -2.20
C ALA H 202 21.29 -79.32 -1.92
N LYS H 203 21.32 -80.22 -2.91
CA LYS H 203 22.00 -81.50 -2.73
C LYS H 203 23.48 -81.30 -2.47
N GLU H 204 24.14 -80.46 -3.26
CA GLU H 204 25.58 -80.25 -3.07
C GLU H 204 25.87 -79.46 -1.81
N TYR H 205 24.98 -78.53 -1.44
CA TYR H 205 25.18 -77.73 -0.24
C TYR H 205 25.12 -78.58 1.02
N GLY H 206 24.26 -79.58 1.04
CA GLY H 206 24.04 -80.40 2.21
C GLY H 206 22.64 -80.32 2.79
N LEU H 207 21.75 -79.48 2.24
CA LEU H 207 20.38 -79.43 2.71
C LEU H 207 19.61 -80.69 2.38
N ILE H 208 19.90 -81.33 1.26
CA ILE H 208 19.16 -82.50 0.78
C ILE H 208 20.14 -83.63 0.52
N ASP H 209 19.80 -84.82 1.04
CA ASP H 209 20.65 -85.98 0.82
C ASP H 209 20.68 -86.41 -0.64
N ASP H 210 19.53 -86.39 -1.31
CA ASP H 210 19.45 -86.85 -2.69
C ASP H 210 18.17 -86.33 -3.33
N VAL H 211 18.24 -86.11 -4.63
CA VAL H 211 17.08 -85.69 -5.43
C VAL H 211 16.47 -86.93 -6.04
N MET H 212 15.16 -87.11 -5.85
CA MET H 212 14.47 -88.32 -6.26
C MET H 212 13.45 -88.02 -7.35
N THR H 213 13.25 -88.99 -8.24
CA THR H 213 12.19 -88.92 -9.24
C THR H 213 11.87 -90.34 -9.69
N THR H 214 10.57 -90.63 -9.83
CA THR H 214 10.09 -91.95 -10.22
C THR H 214 10.65 -93.04 -9.31
N ALA H 215 10.34 -92.92 -8.03
CA ALA H 215 10.80 -93.86 -6.99
C ALA H 215 12.32 -93.99 -7.00
N GLY I 38 -12.98 -84.21 10.44
CA GLY I 38 -11.68 -83.58 10.55
C GLY I 38 -10.66 -84.46 11.25
N LEU I 39 -9.46 -84.57 10.65
CA LEU I 39 -8.43 -85.46 11.17
C LEU I 39 -8.13 -85.19 12.64
N GLY I 40 -8.22 -83.92 13.05
CA GLY I 40 -7.97 -83.59 14.44
C GLY I 40 -8.88 -84.34 15.39
N ASP I 41 -10.15 -84.51 15.02
CA ASP I 41 -11.09 -85.20 15.90
C ASP I 41 -10.68 -86.64 16.12
N GLN I 42 -10.39 -87.38 15.04
CA GLN I 42 -10.01 -88.78 15.21
C GLN I 42 -8.69 -88.92 15.94
N VAL I 43 -7.71 -88.08 15.62
CA VAL I 43 -6.41 -88.23 16.29
C VAL I 43 -6.53 -87.89 17.76
N TYR I 44 -7.34 -86.89 18.11
CA TYR I 44 -7.51 -86.53 19.52
C TYR I 44 -8.28 -87.61 20.26
N ASN I 45 -9.30 -88.20 19.64
CA ASN I 45 -10.00 -89.31 20.28
C ASN I 45 -9.07 -90.48 20.54
N ARG I 46 -8.28 -90.86 19.53
CA ARG I 46 -7.41 -92.03 19.68
C ARG I 46 -6.28 -91.75 20.67
N LEU I 47 -5.84 -90.49 20.76
CA LEU I 47 -4.84 -90.14 21.77
C LEU I 47 -5.43 -90.16 23.17
N LEU I 48 -6.64 -89.62 23.34
CA LEU I 48 -7.30 -89.67 24.64
C LEU I 48 -7.55 -91.10 25.07
N ASN I 49 -7.76 -92.01 24.11
CA ASN I 49 -7.83 -93.43 24.45
C ASN I 49 -6.52 -93.94 25.02
N GLU I 50 -5.42 -93.21 24.83
CA GLU I 50 -4.13 -93.55 25.40
C GLU I 50 -3.79 -92.71 26.63
N ARG I 51 -4.76 -91.95 27.14
CA ARG I 51 -4.56 -91.09 28.31
C ARG I 51 -3.52 -90.00 28.04
N ILE I 52 -3.68 -89.31 26.92
CA ILE I 52 -2.82 -88.20 26.54
C ILE I 52 -3.69 -86.98 26.27
N ILE I 53 -3.32 -85.85 26.85
CA ILE I 53 -4.09 -84.62 26.75
C ILE I 53 -3.18 -83.51 26.24
N PHE I 54 -3.75 -82.63 25.42
CA PHE I 54 -3.02 -81.52 24.83
C PHE I 54 -3.56 -80.20 25.36
N LEU I 55 -2.67 -79.21 25.45
CA LEU I 55 -3.01 -77.86 25.88
C LEU I 55 -2.36 -76.86 24.93
N GLY I 56 -2.55 -77.08 23.64
CA GLY I 56 -1.80 -76.40 22.60
C GLY I 56 -2.21 -74.98 22.26
N GLN I 57 -3.21 -74.42 22.92
CA GLN I 57 -3.65 -73.06 22.63
C GLN I 57 -3.72 -72.27 23.93
N PRO I 58 -3.81 -70.94 23.85
CA PRO I 58 -3.89 -70.14 25.08
C PRO I 58 -5.05 -70.56 25.96
N VAL I 59 -4.80 -70.54 27.27
CA VAL I 59 -5.80 -70.98 28.24
C VAL I 59 -6.93 -69.97 28.30
N ASP I 60 -8.16 -70.46 28.26
CA ASP I 60 -9.34 -69.64 28.48
C ASP I 60 -10.41 -70.54 29.10
N ASP I 61 -11.66 -70.07 29.10
CA ASP I 61 -12.72 -70.82 29.76
C ASP I 61 -13.00 -72.16 29.07
N ASP I 62 -13.05 -72.15 27.73
CA ASP I 62 -13.48 -73.34 27.01
C ASP I 62 -12.45 -74.47 27.10
N ILE I 63 -11.17 -74.14 26.88
CA ILE I 63 -10.15 -75.16 26.94
C ILE I 63 -9.99 -75.66 28.38
N ALA I 64 -10.15 -74.78 29.37
CA ALA I 64 -10.10 -75.23 30.75
C ALA I 64 -11.24 -76.19 31.05
N ASN I 65 -12.44 -75.89 30.58
CA ASN I 65 -13.57 -76.80 30.78
C ASN I 65 -13.31 -78.14 30.12
N LYS I 66 -12.80 -78.12 28.89
CA LYS I 66 -12.57 -79.38 28.17
C LYS I 66 -11.48 -80.21 28.85
N ILE I 67 -10.40 -79.57 29.28
CA ILE I 67 -9.32 -80.30 29.94
C ILE I 67 -9.79 -80.85 31.28
N THR I 68 -10.60 -80.08 32.02
CA THR I 68 -11.15 -80.59 33.26
C THR I 68 -12.06 -81.78 33.01
N ALA I 69 -12.88 -81.71 31.95
CA ALA I 69 -13.74 -82.85 31.61
C ALA I 69 -12.91 -84.09 31.29
N GLN I 70 -11.84 -83.92 30.52
CA GLN I 70 -10.98 -85.04 30.20
C GLN I 70 -10.31 -85.62 31.44
N LEU I 71 -9.85 -84.74 32.34
CA LEU I 71 -9.22 -85.21 33.57
C LEU I 71 -10.19 -85.98 34.44
N LEU I 72 -11.41 -85.45 34.62
CA LEU I 72 -12.40 -86.15 35.42
C LEU I 72 -12.79 -87.48 34.79
N LEU I 73 -12.92 -87.50 33.46
CA LEU I 73 -13.28 -88.73 32.77
C LEU I 73 -12.19 -89.79 32.92
N LEU I 74 -10.92 -89.39 32.80
CA LEU I 74 -9.82 -90.32 32.97
C LEU I 74 -9.61 -90.72 34.42
N ALA I 75 -10.11 -89.92 35.37
CA ALA I 75 -9.98 -90.24 36.78
C ALA I 75 -10.82 -91.43 37.21
N SER I 76 -11.63 -92.00 36.31
CA SER I 76 -12.35 -93.22 36.64
C SER I 76 -11.38 -94.35 36.97
N ASP I 77 -10.29 -94.46 36.20
CA ASP I 77 -9.21 -95.37 36.54
C ASP I 77 -8.32 -94.73 37.59
N PRO I 78 -8.17 -95.31 38.77
CA PRO I 78 -7.42 -94.67 39.85
C PRO I 78 -5.94 -95.02 39.97
N GLU I 79 -5.43 -96.00 39.23
CA GLU I 79 -4.02 -96.37 39.38
C GLU I 79 -3.15 -96.06 38.18
N LYS I 80 -3.72 -95.63 37.06
CA LYS I 80 -2.93 -95.22 35.92
C LYS I 80 -2.61 -93.72 36.00
N ASP I 81 -1.77 -93.27 35.09
CA ASP I 81 -1.30 -91.89 35.06
C ASP I 81 -1.70 -91.23 33.75
N ILE I 82 -1.81 -89.90 33.78
CA ILE I 82 -2.23 -89.12 32.63
C ILE I 82 -1.07 -88.24 32.19
N TYR I 83 -0.74 -88.30 30.91
CA TYR I 83 0.30 -87.46 30.31
C TYR I 83 -0.35 -86.22 29.72
N LEU I 84 0.18 -85.05 30.06
CA LEU I 84 -0.35 -83.78 29.62
C LEU I 84 0.75 -82.99 28.92
N TYR I 85 0.54 -82.67 27.66
CA TYR I 85 1.51 -81.92 26.86
C TYR I 85 1.12 -80.45 26.86
N ILE I 86 2.10 -79.57 27.04
CA ILE I 86 1.86 -78.13 27.11
C ILE I 86 2.63 -77.44 26.02
N ASN I 87 1.92 -76.64 25.22
CA ASN I 87 2.53 -75.71 24.26
C ASN I 87 1.56 -74.53 24.15
N SER I 88 1.79 -73.51 24.97
CA SER I 88 0.80 -72.44 25.09
C SER I 88 1.49 -71.21 25.66
N PRO I 89 1.04 -70.01 25.29
CA PRO I 89 1.58 -68.79 25.90
C PRO I 89 0.84 -68.32 27.14
N GLY I 90 -0.02 -69.14 27.72
CA GLY I 90 -0.73 -68.78 28.93
C GLY I 90 -2.13 -68.27 28.64
N GLY I 91 -2.77 -67.78 29.70
CA GLY I 91 -4.13 -67.28 29.59
C GLY I 91 -4.67 -66.67 30.87
N SER I 92 -5.97 -66.82 31.10
CA SER I 92 -6.60 -66.22 32.26
C SER I 92 -6.18 -66.95 33.54
N ILE I 93 -6.15 -66.20 34.64
CA ILE I 93 -5.74 -66.78 35.92
C ILE I 93 -6.75 -67.81 36.39
N THR I 94 -8.05 -67.49 36.32
CA THR I 94 -9.06 -68.36 36.91
C THR I 94 -9.14 -69.71 36.22
N ALA I 95 -9.07 -69.73 34.88
CA ALA I 95 -9.11 -71.00 34.16
C ALA I 95 -7.90 -71.86 34.50
N GLY I 96 -6.71 -71.25 34.53
CA GLY I 96 -5.52 -72.00 34.90
C GLY I 96 -5.60 -72.54 36.31
N MET I 97 -6.17 -71.77 37.24
CA MET I 97 -6.30 -72.25 38.61
C MET I 97 -7.33 -73.37 38.71
N ALA I 98 -8.38 -73.32 37.89
CA ALA I 98 -9.33 -74.43 37.84
C ALA I 98 -8.65 -75.71 37.35
N ILE I 99 -7.84 -75.59 36.30
CA ILE I 99 -7.09 -76.75 35.81
C ILE I 99 -6.14 -77.27 36.89
N TYR I 100 -5.46 -76.36 37.58
CA TYR I 100 -4.53 -76.74 38.64
C TYR I 100 -5.25 -77.48 39.76
N ASP I 101 -6.42 -76.98 40.17
CA ASP I 101 -7.18 -77.63 41.22
C ASP I 101 -7.65 -79.01 40.78
N THR I 102 -8.07 -79.15 39.52
CA THR I 102 -8.47 -80.46 39.04
C THR I 102 -7.28 -81.42 39.00
N MET I 103 -6.11 -80.93 38.62
CA MET I 103 -4.92 -81.77 38.63
C MET I 103 -4.59 -82.23 40.04
N GLN I 104 -4.68 -81.33 41.01
CA GLN I 104 -4.34 -81.69 42.39
C GLN I 104 -5.41 -82.55 43.03
N TYR I 105 -6.65 -82.47 42.55
CA TYR I 105 -7.76 -83.13 43.22
C TYR I 105 -7.74 -84.64 43.00
N ILE I 106 -7.47 -85.09 41.78
CA ILE I 106 -7.56 -86.51 41.45
C ILE I 106 -6.36 -87.24 42.04
N LYS I 107 -6.59 -88.50 42.41
CA LYS I 107 -5.52 -89.31 42.99
C LYS I 107 -4.50 -89.73 41.94
N ASN I 108 -4.86 -89.67 40.67
CA ASN I 108 -3.93 -90.03 39.61
C ASN I 108 -2.79 -89.02 39.53
N ASP I 109 -1.58 -89.52 39.31
CA ASP I 109 -0.44 -88.65 39.10
C ASP I 109 -0.39 -88.18 37.65
N VAL I 110 -0.19 -86.88 37.46
CA VAL I 110 -0.22 -86.26 36.15
C VAL I 110 1.21 -85.95 35.74
N VAL I 111 1.69 -86.61 34.69
CA VAL I 111 3.01 -86.36 34.16
C VAL I 111 2.92 -85.27 33.09
N THR I 112 3.65 -84.19 33.30
CA THR I 112 3.57 -83.02 32.42
C THR I 112 4.81 -82.97 31.54
N ILE I 113 4.60 -82.73 30.25
CA ILE I 113 5.68 -82.62 29.27
C ILE I 113 5.53 -81.31 28.54
N ALA I 114 6.59 -80.51 28.50
CA ALA I 114 6.58 -79.20 27.87
C ALA I 114 7.31 -79.27 26.53
N MET I 115 6.61 -78.93 25.46
CA MET I 115 7.19 -78.82 24.13
C MET I 115 6.77 -77.48 23.54
N GLY I 116 7.64 -76.90 22.71
CA GLY I 116 7.35 -75.59 22.17
C GLY I 116 7.77 -74.50 23.14
N LEU I 117 6.82 -73.95 23.88
CA LEU I 117 7.12 -73.02 24.95
C LEU I 117 6.09 -73.17 26.05
N ALA I 118 6.46 -72.74 27.25
CA ALA I 118 5.57 -72.72 28.41
C ALA I 118 5.77 -71.38 29.11
N ALA I 119 4.86 -70.45 28.85
CA ALA I 119 4.98 -69.09 29.36
C ALA I 119 3.77 -68.74 30.22
N ALA I 120 4.02 -67.94 31.26
CA ALA I 120 2.99 -67.41 32.16
C ALA I 120 2.24 -68.59 32.77
N MET I 121 0.93 -68.72 32.57
CA MET I 121 0.19 -69.83 33.17
C MET I 121 0.63 -71.17 32.59
N GLY I 122 1.21 -71.16 31.39
CA GLY I 122 1.68 -72.41 30.80
C GLY I 122 2.73 -73.08 31.66
N GLN I 123 3.72 -72.32 32.13
CA GLN I 123 4.75 -72.93 32.98
C GLN I 123 4.22 -73.20 34.37
N PHE I 124 3.24 -72.42 34.84
CA PHE I 124 2.64 -72.71 36.14
C PHE I 124 1.94 -74.06 36.14
N LEU I 125 1.22 -74.37 35.05
CA LEU I 125 0.65 -75.71 34.94
C LEU I 125 1.72 -76.74 34.63
N LEU I 126 2.81 -76.33 33.98
CA LEU I 126 3.91 -77.24 33.72
C LEU I 126 4.57 -77.69 35.03
N SER I 127 4.77 -76.76 35.95
CA SER I 127 5.38 -77.08 37.23
C SER I 127 4.41 -77.69 38.22
N ALA I 128 3.13 -77.76 37.89
CA ALA I 128 2.12 -78.29 38.81
C ALA I 128 2.03 -79.81 38.78
N GLY I 129 2.82 -80.48 37.96
CA GLY I 129 2.75 -81.92 37.86
C GLY I 129 3.25 -82.61 39.11
N THR I 130 3.04 -83.92 39.14
CA THR I 130 3.49 -84.72 40.26
C THR I 130 5.01 -84.64 40.39
N PRO I 131 5.54 -84.42 41.59
CA PRO I 131 6.99 -84.29 41.74
C PRO I 131 7.74 -85.51 41.22
N GLY I 132 8.85 -85.25 40.54
CA GLY I 132 9.60 -86.28 39.88
C GLY I 132 9.07 -86.68 38.52
N LYS I 133 8.02 -86.04 38.04
CA LYS I 133 7.37 -86.41 36.79
C LYS I 133 7.02 -85.17 35.97
N ARG I 134 7.95 -84.23 35.90
CA ARG I 134 7.81 -83.04 35.05
C ARG I 134 9.01 -83.02 34.10
N PHE I 135 8.73 -82.90 32.80
CA PHE I 135 9.78 -83.00 31.79
C PHE I 135 9.59 -81.92 30.73
N ALA I 136 10.69 -81.58 30.08
CA ALA I 136 10.67 -80.63 28.97
C ALA I 136 11.54 -81.17 27.84
N LEU I 137 11.09 -80.96 26.61
CA LEU I 137 11.88 -81.36 25.46
C LEU I 137 13.09 -80.42 25.32
N PRO I 138 14.19 -80.91 24.73
CA PRO I 138 15.45 -80.13 24.77
C PRO I 138 15.33 -78.73 24.18
N ASN I 139 14.64 -78.57 23.07
CA ASN I 139 14.48 -77.25 22.44
C ASN I 139 13.18 -76.58 22.88
N ALA I 140 12.98 -76.46 24.18
CA ALA I 140 11.79 -75.82 24.73
C ALA I 140 12.21 -74.64 25.60
N GLU I 141 11.39 -73.59 25.59
CA GLU I 141 11.66 -72.39 26.38
C GLU I 141 10.58 -72.22 27.43
N ILE I 142 10.97 -71.67 28.58
CA ILE I 142 10.07 -71.41 29.69
C ILE I 142 10.19 -69.95 30.06
N LEU I 143 9.06 -69.29 30.28
CA LEU I 143 9.04 -67.86 30.60
C LEU I 143 8.25 -67.64 31.87
N ILE I 144 8.75 -66.77 32.75
CA ILE I 144 8.07 -66.41 33.98
C ILE I 144 7.95 -64.90 34.07
N HIS I 145 6.79 -64.43 34.49
CA HIS I 145 6.55 -63.00 34.73
C HIS I 145 5.30 -62.88 35.60
N GLN I 146 5.12 -61.68 36.16
CA GLN I 146 4.02 -61.40 37.05
C GLN I 146 2.70 -61.27 36.28
N PRO I 147 1.57 -61.43 36.96
CA PRO I 147 0.27 -61.27 36.28
C PRO I 147 0.07 -59.84 35.81
N SER I 148 -0.80 -59.70 34.81
CA SER I 148 -1.10 -58.39 34.24
C SER I 148 -2.54 -58.38 33.77
N ALA I 149 -3.37 -57.55 34.41
CA ALA I 149 -4.78 -57.46 34.02
C ALA I 149 -5.30 -56.08 34.44
N GLY I 150 -5.40 -55.16 33.48
CA GLY I 150 -5.88 -53.83 33.78
C GLY I 150 -7.34 -53.82 34.20
N LEU I 151 -7.69 -52.82 35.01
CA LEU I 151 -9.04 -52.69 35.52
C LEU I 151 -9.38 -51.22 35.69
N ALA I 152 -10.67 -50.91 35.63
CA ALA I 152 -11.13 -49.53 35.66
C ALA I 152 -12.55 -49.47 36.22
N GLY I 153 -12.95 -48.28 36.59
CA GLY I 153 -14.25 -48.02 37.17
C GLY I 153 -14.20 -46.78 38.06
N SER I 154 -15.02 -46.80 39.11
CA SER I 154 -15.02 -45.73 40.09
C SER I 154 -13.85 -45.90 41.06
N ALA I 155 -13.66 -44.91 41.93
CA ALA I 155 -12.51 -44.94 42.83
C ALA I 155 -12.58 -46.11 43.81
N SER I 156 -13.75 -46.34 44.41
CA SER I 156 -13.88 -47.42 45.37
C SER I 156 -13.74 -48.79 44.71
N ASP I 157 -14.38 -48.96 43.54
CA ASP I 157 -14.23 -50.21 42.81
C ASP I 157 -12.79 -50.44 42.39
N ILE I 158 -12.11 -49.36 41.97
CA ILE I 158 -10.70 -49.49 41.60
C ILE I 158 -9.86 -49.91 42.81
N LYS I 159 -10.14 -49.34 43.97
CA LYS I 159 -9.40 -49.73 45.18
C LYS I 159 -9.63 -51.20 45.51
N ILE I 160 -10.88 -51.64 45.47
CA ILE I 160 -11.19 -53.04 45.80
C ILE I 160 -10.51 -53.97 44.81
N HIS I 161 -10.59 -53.66 43.52
CA HIS I 161 -9.97 -54.53 42.52
C HIS I 161 -8.46 -54.51 42.60
N ALA I 162 -7.86 -53.38 42.98
CA ALA I 162 -6.41 -53.35 43.18
C ALA I 162 -6.00 -54.25 44.33
N GLU I 163 -6.76 -54.22 45.44
CA GLU I 163 -6.48 -55.13 46.54
C GLU I 163 -6.60 -56.58 46.08
N ARG I 164 -7.64 -56.88 45.30
CA ARG I 164 -7.80 -58.25 44.80
C ARG I 164 -6.65 -58.66 43.90
N LEU I 165 -6.19 -57.77 43.03
CA LEU I 165 -5.06 -58.07 42.15
C LEU I 165 -3.80 -58.35 42.95
N LEU I 166 -3.54 -57.53 43.96
CA LEU I 166 -2.37 -57.78 44.81
C LEU I 166 -2.48 -59.11 45.52
N HIS I 167 -3.67 -59.45 46.01
CA HIS I 167 -3.86 -60.74 46.67
C HIS I 167 -3.59 -61.90 45.72
N THR I 168 -4.10 -61.81 44.48
CA THR I 168 -3.85 -62.87 43.51
C THR I 168 -2.38 -62.97 43.15
N LYS I 169 -1.69 -61.83 43.03
CA LYS I 169 -0.25 -61.87 42.77
C LYS I 169 0.49 -62.57 43.91
N LYS I 170 0.13 -62.25 45.15
CA LYS I 170 0.78 -62.91 46.28
C LYS I 170 0.50 -64.41 46.28
N ARG I 171 -0.74 -64.81 45.99
CA ARG I 171 -1.06 -66.23 45.94
C ARG I 171 -0.27 -66.94 44.85
N MET I 172 -0.15 -66.30 43.68
CA MET I 172 0.64 -66.86 42.59
C MET I 172 2.08 -67.08 43.03
N ALA I 173 2.67 -66.06 43.66
CA ALA I 173 4.06 -66.17 44.11
C ALA I 173 4.23 -67.28 45.13
N GLU I 174 3.31 -67.37 46.10
CA GLU I 174 3.42 -68.42 47.11
C GLU I 174 3.30 -69.80 46.50
N LEU I 175 2.35 -69.99 45.58
CA LEU I 175 2.17 -71.30 44.97
C LEU I 175 3.38 -71.71 44.14
N THR I 176 3.93 -70.79 43.33
CA THR I 176 5.09 -71.16 42.55
C THR I 176 6.31 -71.38 43.43
N SER I 177 6.45 -70.64 44.53
CA SER I 177 7.52 -70.90 45.47
C SER I 177 7.38 -72.28 46.10
N GLN I 178 6.15 -72.66 46.46
CA GLN I 178 5.93 -73.98 47.01
C GLN I 178 6.28 -75.08 46.02
N HIS I 179 5.89 -74.90 44.75
CA HIS I 179 6.13 -75.93 43.76
C HIS I 179 7.57 -76.01 43.27
N THR I 180 8.33 -74.91 43.37
CA THR I 180 9.72 -74.94 42.96
C THR I 180 10.70 -75.00 44.12
N GLY I 181 10.27 -74.65 45.33
CA GLY I 181 11.16 -74.64 46.48
C GLY I 181 12.28 -73.62 46.37
N GLN I 182 11.96 -72.41 45.93
CA GLN I 182 12.97 -71.36 45.72
C GLN I 182 12.69 -70.14 46.57
N THR I 183 12.05 -70.31 47.73
CA THR I 183 11.65 -69.22 48.63
C THR I 183 10.70 -68.24 47.93
N ILE I 184 10.14 -67.30 48.69
CA ILE I 184 9.18 -66.36 48.14
C ILE I 184 9.86 -65.09 47.64
N GLU I 185 10.85 -64.60 48.39
CA GLU I 185 11.52 -63.36 48.00
C GLU I 185 12.29 -63.53 46.68
N GLN I 186 12.93 -64.69 46.49
CA GLN I 186 13.66 -64.93 45.25
C GLN I 186 12.71 -64.96 44.06
N ILE I 187 11.56 -65.63 44.22
CA ILE I 187 10.58 -65.69 43.15
C ILE I 187 10.02 -64.31 42.85
N THR I 188 9.75 -63.52 43.90
CA THR I 188 9.24 -62.17 43.69
C THR I 188 10.25 -61.31 42.95
N ARG I 189 11.54 -61.43 43.30
CA ARG I 189 12.57 -60.68 42.60
C ARG I 189 12.67 -61.11 41.15
N ASP I 190 12.58 -62.42 40.88
CA ASP I 190 12.73 -62.90 39.51
C ASP I 190 11.53 -62.54 38.64
N SER I 191 10.33 -62.50 39.23
CA SER I 191 9.10 -62.33 38.46
C SER I 191 8.75 -60.87 38.21
N ASP I 192 9.62 -59.92 38.57
CA ASP I 192 9.33 -58.52 38.31
C ASP I 192 9.22 -58.26 36.81
N ARG I 193 10.13 -58.80 36.02
CA ARG I 193 10.09 -58.73 34.58
C ARG I 193 10.11 -60.14 34.00
N ASP I 194 10.08 -60.20 32.67
CA ASP I 194 10.18 -61.48 31.98
C ASP I 194 11.52 -62.13 32.29
N ARG I 195 11.50 -63.44 32.56
CA ARG I 195 12.72 -64.22 32.64
C ARG I 195 12.56 -65.50 31.85
N TRP I 196 13.60 -65.87 31.11
CA TRP I 196 13.58 -67.02 30.21
C TRP I 196 14.53 -68.10 30.68
N PHE I 197 14.15 -69.34 30.42
CA PHE I 197 14.95 -70.51 30.74
C PHE I 197 14.88 -71.48 29.58
N ASP I 198 15.94 -72.25 29.40
CA ASP I 198 15.94 -73.35 28.44
C ASP I 198 16.41 -74.63 29.12
N ALA I 199 15.62 -75.69 28.95
CA ALA I 199 15.84 -77.02 29.49
C ALA I 199 16.70 -77.08 30.75
N PHE I 200 18.00 -76.85 30.61
CA PHE I 200 18.92 -77.07 31.72
C PHE I 200 18.81 -75.99 32.78
N GLU I 201 18.62 -74.73 32.37
CA GLU I 201 18.39 -73.67 33.36
C GLU I 201 17.11 -73.92 34.13
N ALA I 202 16.06 -74.38 33.45
CA ALA I 202 14.83 -74.75 34.15
C ALA I 202 15.06 -75.91 35.11
N LYS I 203 15.87 -76.89 34.71
CA LYS I 203 16.15 -78.03 35.58
C LYS I 203 16.86 -77.58 36.85
N GLU I 204 17.94 -76.80 36.69
CA GLU I 204 18.70 -76.35 37.85
C GLU I 204 17.93 -75.34 38.70
N TYR I 205 17.02 -74.58 38.10
CA TYR I 205 16.23 -73.62 38.86
C TYR I 205 15.14 -74.29 39.68
N GLY I 206 14.60 -75.42 39.19
CA GLY I 206 13.56 -76.14 39.88
C GLY I 206 12.21 -76.11 39.20
N LEU I 207 12.10 -75.50 38.01
CA LEU I 207 10.81 -75.46 37.32
C LEU I 207 10.41 -76.83 36.80
N ILE I 208 11.37 -77.62 36.31
CA ILE I 208 11.13 -78.96 35.83
C ILE I 208 12.03 -79.92 36.61
N ASP I 209 11.91 -81.20 36.30
CA ASP I 209 12.63 -82.24 37.01
C ASP I 209 13.70 -82.93 36.18
N ASP I 210 13.49 -83.08 34.87
CA ASP I 210 14.50 -83.67 34.00
C ASP I 210 14.18 -83.27 32.57
N VAL I 211 15.20 -83.35 31.71
CA VAL I 211 15.07 -83.02 30.30
C VAL I 211 14.99 -84.32 29.52
N MET I 212 13.86 -84.55 28.87
CA MET I 212 13.64 -85.81 28.18
C MET I 212 14.34 -85.82 26.82
N THR I 213 14.95 -86.94 26.49
CA THR I 213 15.49 -87.24 25.18
C THR I 213 14.74 -88.46 24.64
N THR I 214 15.26 -89.04 23.55
CA THR I 214 14.68 -90.25 22.97
C THR I 214 14.37 -91.27 24.06
N ALA I 215 13.14 -91.79 24.04
CA ALA I 215 12.67 -92.69 25.09
C ALA I 215 13.40 -94.02 25.05
N GLY J 38 -15.46 -80.51 18.56
CA GLY J 38 -15.21 -81.90 18.22
C GLY J 38 -15.26 -82.82 19.42
N LEU J 39 -14.13 -82.98 20.10
CA LEU J 39 -14.04 -83.87 21.25
C LEU J 39 -14.98 -83.43 22.37
N GLY J 40 -15.35 -82.15 22.39
CA GLY J 40 -16.21 -81.65 23.44
C GLY J 40 -17.53 -82.38 23.53
N ASP J 41 -18.13 -82.67 22.37
CA ASP J 41 -19.41 -83.37 22.38
C ASP J 41 -19.29 -84.74 23.03
N GLN J 42 -18.29 -85.53 22.63
CA GLN J 42 -18.15 -86.87 23.18
C GLN J 42 -17.83 -86.83 24.67
N VAL J 43 -16.93 -85.94 25.09
CA VAL J 43 -16.58 -85.91 26.50
C VAL J 43 -17.78 -85.45 27.34
N TYR J 44 -18.52 -84.46 26.87
CA TYR J 44 -19.68 -83.98 27.61
C TYR J 44 -20.77 -85.05 27.69
N ASN J 45 -20.99 -85.78 26.59
CA ASN J 45 -22.00 -86.84 26.62
C ASN J 45 -21.60 -87.97 27.56
N ARG J 46 -20.32 -88.37 27.51
CA ARG J 46 -19.87 -89.45 28.38
C ARG J 46 -19.86 -89.02 29.84
N LEU J 47 -19.67 -87.73 30.12
CA LEU J 47 -19.80 -87.25 31.50
C LEU J 47 -21.27 -87.20 31.93
N LEU J 48 -22.15 -86.73 31.05
CA LEU J 48 -23.58 -86.71 31.37
C LEU J 48 -24.10 -88.11 31.63
N ASN J 49 -23.52 -89.12 30.98
CA ASN J 49 -23.87 -90.50 31.30
C ASN J 49 -23.56 -90.85 32.74
N GLU J 50 -22.66 -90.11 33.38
CA GLU J 50 -22.36 -90.29 34.80
C GLU J 50 -22.97 -89.19 35.67
N ARG J 51 -23.94 -88.45 35.14
CA ARG J 51 -24.69 -87.44 35.88
C ARG J 51 -23.80 -86.31 36.38
N ILE J 52 -23.05 -85.71 35.45
CA ILE J 52 -22.20 -84.56 35.73
C ILE J 52 -22.56 -83.46 34.75
N ILE J 53 -22.79 -82.25 35.25
CA ILE J 53 -23.20 -81.12 34.43
C ILE J 53 -22.23 -79.97 34.65
N PHE J 54 -21.91 -79.25 33.57
CA PHE J 54 -20.98 -78.14 33.60
C PHE J 54 -21.71 -76.83 33.34
N LEU J 55 -21.16 -75.75 33.89
CA LEU J 55 -21.67 -74.39 33.68
C LEU J 55 -20.50 -73.44 33.45
N GLY J 56 -19.56 -73.85 32.62
CA GLY J 56 -18.34 -73.09 32.43
C GLY J 56 -18.42 -71.96 31.42
N GLN J 57 -19.41 -71.07 31.58
CA GLN J 57 -19.58 -69.92 30.70
C GLN J 57 -20.62 -69.00 31.31
N PRO J 58 -20.63 -67.72 30.93
CA PRO J 58 -21.65 -66.81 31.47
C PRO J 58 -23.05 -67.30 31.13
N VAL J 59 -23.96 -67.14 32.09
CA VAL J 59 -25.29 -67.73 31.96
C VAL J 59 -26.19 -66.79 31.16
N ASP J 60 -26.89 -67.34 30.18
CA ASP J 60 -27.87 -66.61 29.39
C ASP J 60 -28.94 -67.60 28.97
N ASP J 61 -29.75 -67.22 27.98
CA ASP J 61 -30.93 -68.02 27.64
C ASP J 61 -30.55 -69.42 27.18
N ASP J 62 -29.58 -69.54 26.29
CA ASP J 62 -29.28 -70.83 25.67
C ASP J 62 -28.71 -71.82 26.68
N ILE J 63 -27.70 -71.38 27.45
CA ILE J 63 -27.12 -72.28 28.43
C ILE J 63 -28.12 -72.59 29.54
N ALA J 64 -29.00 -71.63 29.88
CA ALA J 64 -30.04 -71.92 30.86
C ALA J 64 -30.98 -72.99 30.35
N ASN J 65 -31.36 -72.92 29.07
CA ASN J 65 -32.20 -73.96 28.49
C ASN J 65 -31.50 -75.31 28.52
N LYS J 66 -30.21 -75.33 28.20
CA LYS J 66 -29.46 -76.59 28.21
C LYS J 66 -29.41 -77.17 29.62
N ILE J 67 -29.12 -76.35 30.62
CA ILE J 67 -29.04 -76.84 31.99
C ILE J 67 -30.40 -77.35 32.47
N THR J 68 -31.47 -76.60 32.17
CA THR J 68 -32.80 -77.04 32.56
C THR J 68 -33.16 -78.36 31.90
N ALA J 69 -32.85 -78.50 30.60
CA ALA J 69 -33.16 -79.73 29.89
C ALA J 69 -32.38 -80.90 30.48
N GLN J 70 -31.10 -80.71 30.78
CA GLN J 70 -30.30 -81.78 31.36
C GLN J 70 -30.82 -82.17 32.73
N LEU J 71 -31.22 -81.18 33.55
CA LEU J 71 -31.77 -81.49 34.86
C LEU J 71 -33.07 -82.27 34.74
N LEU J 72 -33.96 -81.87 33.84
CA LEU J 72 -35.21 -82.59 33.65
C LEU J 72 -34.96 -84.01 33.16
N LEU J 73 -34.01 -84.18 32.24
CA LEU J 73 -33.70 -85.51 31.74
C LEU J 73 -33.11 -86.40 32.83
N LEU J 74 -32.22 -85.85 33.66
CA LEU J 74 -31.63 -86.63 34.73
C LEU J 74 -32.60 -86.88 35.87
N ALA J 75 -33.68 -86.10 35.96
CA ALA J 75 -34.68 -86.31 37.00
C ALA J 75 -35.50 -87.57 36.80
N SER J 76 -35.18 -88.42 35.82
CA SER J 76 -35.92 -89.67 35.65
C SER J 76 -35.74 -90.59 36.85
N ASP J 77 -34.53 -90.64 37.40
CA ASP J 77 -34.29 -91.42 38.61
C ASP J 77 -34.40 -90.54 39.83
N PRO J 78 -35.42 -90.74 40.68
CA PRO J 78 -35.62 -89.86 41.84
C PRO J 78 -34.63 -90.09 42.97
N GLU J 79 -33.77 -91.09 42.89
CA GLU J 79 -32.88 -91.44 44.00
C GLU J 79 -31.49 -90.85 43.86
N LYS J 80 -30.82 -91.08 42.73
CA LYS J 80 -29.45 -90.61 42.59
C LYS J 80 -29.40 -89.09 42.44
N ASP J 81 -28.22 -88.53 42.69
CA ASP J 81 -28.02 -87.09 42.78
C ASP J 81 -27.30 -86.57 41.55
N ILE J 82 -27.25 -85.25 41.43
CA ILE J 82 -26.70 -84.56 40.27
C ILE J 82 -25.57 -83.64 40.73
N TYR J 83 -24.49 -83.60 39.96
CA TYR J 83 -23.33 -82.78 40.27
C TYR J 83 -23.30 -81.55 39.36
N LEU J 84 -22.99 -80.40 39.93
CA LEU J 84 -22.85 -79.16 39.19
C LEU J 84 -21.47 -78.58 39.43
N TYR J 85 -20.87 -77.97 38.41
CA TYR J 85 -19.47 -77.58 38.44
C TYR J 85 -19.31 -76.12 38.04
N ILE J 86 -20.08 -75.24 38.69
CA ILE J 86 -20.14 -73.83 38.29
C ILE J 86 -18.76 -73.20 38.34
N ASN J 87 -18.39 -72.52 37.25
CA ASN J 87 -17.31 -71.53 37.28
C ASN J 87 -17.56 -70.50 36.20
N SER J 88 -18.26 -69.42 36.55
CA SER J 88 -18.66 -68.43 35.55
C SER J 88 -18.89 -67.07 36.19
N PRO J 89 -18.71 -65.97 35.43
CA PRO J 89 -18.96 -64.63 35.96
C PRO J 89 -20.43 -64.19 35.86
N GLY J 90 -21.34 -65.07 36.26
CA GLY J 90 -22.73 -64.70 36.29
C GLY J 90 -23.35 -64.50 34.91
N GLY J 91 -24.42 -63.71 34.89
CA GLY J 91 -25.14 -63.44 33.66
C GLY J 91 -26.46 -62.74 33.90
N SER J 92 -27.51 -63.17 33.21
CA SER J 92 -28.82 -62.55 33.35
C SER J 92 -29.59 -63.15 34.53
N ILE J 93 -30.43 -62.31 35.14
CA ILE J 93 -31.17 -62.74 36.31
C ILE J 93 -32.21 -63.80 35.95
N THR J 94 -32.93 -63.59 34.84
CA THR J 94 -34.05 -64.46 34.51
C THR J 94 -33.58 -65.88 34.21
N ALA J 95 -32.49 -66.03 33.46
CA ALA J 95 -31.94 -67.35 33.21
C ALA J 95 -31.47 -68.00 34.51
N GLY J 96 -30.85 -67.23 35.39
CA GLY J 96 -30.42 -67.76 36.66
C GLY J 96 -31.58 -68.28 37.49
N MET J 97 -32.69 -67.55 37.51
CA MET J 97 -33.87 -68.02 38.24
C MET J 97 -34.55 -69.18 37.54
N ALA J 98 -34.48 -69.28 36.22
CA ALA J 98 -34.95 -70.49 35.56
C ALA J 98 -34.18 -71.70 36.07
N ILE J 99 -32.85 -71.61 36.06
CA ILE J 99 -32.03 -72.72 36.54
C ILE J 99 -32.33 -73.00 38.01
N TYR J 100 -32.42 -71.95 38.83
CA TYR J 100 -32.62 -72.12 40.27
C TYR J 100 -33.96 -72.77 40.56
N ASP J 101 -35.02 -72.33 39.89
CA ASP J 101 -36.34 -72.93 40.08
C ASP J 101 -36.33 -74.38 39.65
N THR J 102 -35.60 -74.71 38.58
CA THR J 102 -35.47 -76.11 38.21
C THR J 102 -34.72 -76.91 39.27
N MET J 103 -33.73 -76.29 39.92
CA MET J 103 -32.98 -76.99 40.95
C MET J 103 -33.84 -77.35 42.16
N GLN J 104 -34.75 -76.46 42.55
CA GLN J 104 -35.58 -76.67 43.73
C GLN J 104 -36.82 -77.50 43.44
N TYR J 105 -36.97 -78.01 42.21
CA TYR J 105 -38.19 -78.65 41.77
C TYR J 105 -38.02 -80.12 41.43
N ILE J 106 -36.81 -80.58 41.09
CA ILE J 106 -36.62 -81.92 40.56
C ILE J 106 -36.58 -83.00 41.63
N LYS J 107 -36.62 -82.61 42.91
CA LYS J 107 -36.70 -83.55 44.04
C LYS J 107 -35.38 -84.31 44.23
N ASN J 108 -34.44 -84.13 43.31
CA ASN J 108 -33.14 -84.77 43.42
C ASN J 108 -32.15 -83.85 44.11
N ASP J 109 -31.26 -84.45 44.89
CA ASP J 109 -30.22 -83.67 45.55
C ASP J 109 -29.22 -83.17 44.53
N VAL J 110 -28.89 -81.90 44.59
CA VAL J 110 -27.97 -81.26 43.65
C VAL J 110 -26.72 -80.89 44.41
N VAL J 111 -25.58 -81.41 43.95
CA VAL J 111 -24.29 -81.10 44.55
C VAL J 111 -23.59 -80.09 43.65
N THR J 112 -23.22 -78.95 44.21
CA THR J 112 -22.58 -77.88 43.46
C THR J 112 -21.13 -77.74 43.90
N ILE J 113 -20.23 -77.57 42.94
CA ILE J 113 -18.80 -77.43 43.19
C ILE J 113 -18.30 -76.20 42.46
N ALA J 114 -17.64 -75.30 43.18
CA ALA J 114 -17.02 -74.12 42.60
C ALA J 114 -15.57 -74.43 42.27
N MET J 115 -15.22 -74.26 40.99
CA MET J 115 -13.91 -74.67 40.48
C MET J 115 -12.99 -73.50 40.16
N GLY J 116 -13.48 -72.54 39.39
CA GLY J 116 -12.67 -71.39 39.02
C GLY J 116 -13.15 -70.12 39.67
N LEU J 117 -13.88 -69.31 38.91
CA LEU J 117 -14.48 -68.09 39.42
C LEU J 117 -15.99 -68.25 39.48
N ALA J 118 -16.56 -68.10 40.67
CA ALA J 118 -18.00 -68.13 40.90
C ALA J 118 -18.41 -66.75 41.37
N ALA J 119 -18.89 -65.93 40.45
CA ALA J 119 -19.22 -64.54 40.73
C ALA J 119 -20.64 -64.23 40.32
N ALA J 120 -21.20 -63.19 40.95
CA ALA J 120 -22.55 -62.70 40.66
C ALA J 120 -23.58 -63.82 40.73
N MET J 121 -24.17 -64.16 39.59
CA MET J 121 -25.19 -65.20 39.58
C MET J 121 -24.58 -66.59 39.73
N GLY J 122 -23.30 -66.75 39.36
CA GLY J 122 -22.62 -68.00 39.62
C GLY J 122 -22.56 -68.32 41.10
N GLN J 123 -22.29 -67.30 41.93
CA GLN J 123 -22.33 -67.49 43.37
C GLN J 123 -23.72 -67.87 43.84
N PHE J 124 -24.75 -67.26 43.26
CA PHE J 124 -26.12 -67.58 43.64
C PHE J 124 -26.44 -69.03 43.35
N LEU J 125 -26.07 -69.51 42.16
CA LEU J 125 -26.34 -70.90 41.82
C LEU J 125 -25.48 -71.86 42.63
N LEU J 126 -24.27 -71.43 42.99
CA LEU J 126 -23.44 -72.24 43.89
C LEU J 126 -24.08 -72.41 45.25
N SER J 127 -24.56 -71.32 45.84
CA SER J 127 -25.18 -71.36 47.16
C SER J 127 -26.61 -71.85 47.13
N ALA J 128 -27.17 -72.06 45.94
CA ALA J 128 -28.54 -72.55 45.82
C ALA J 128 -28.63 -74.08 45.90
N GLY J 129 -27.52 -74.77 46.07
CA GLY J 129 -27.55 -76.21 46.16
C GLY J 129 -28.17 -76.70 47.46
N THR J 130 -28.35 -78.01 47.53
CA THR J 130 -28.95 -78.61 48.72
C THR J 130 -28.02 -78.39 49.92
N PRO J 131 -28.57 -78.12 51.11
CA PRO J 131 -27.72 -77.89 52.28
C PRO J 131 -26.84 -79.09 52.57
N GLY J 132 -25.59 -78.81 52.96
CA GLY J 132 -24.63 -79.85 53.23
C GLY J 132 -23.98 -80.46 52.02
N LYS J 133 -24.30 -79.97 50.82
CA LYS J 133 -23.74 -80.52 49.58
C LYS J 133 -23.29 -79.40 48.66
N ARG J 134 -22.67 -78.36 49.22
CA ARG J 134 -22.08 -77.28 48.45
C ARG J 134 -20.59 -77.21 48.77
N PHE J 135 -19.75 -77.25 47.75
CA PHE J 135 -18.31 -77.32 47.96
C PHE J 135 -17.58 -76.37 47.01
N ALA J 136 -16.37 -76.02 47.41
CA ALA J 136 -15.49 -75.21 46.57
C ALA J 136 -14.08 -75.79 46.64
N LEU J 137 -13.40 -75.80 45.51
CA LEU J 137 -12.02 -76.23 45.49
C LEU J 137 -11.15 -75.22 46.23
N PRO J 138 -10.02 -75.66 46.80
CA PRO J 138 -9.27 -74.78 47.72
C PRO J 138 -8.78 -73.47 47.10
N ASN J 139 -8.57 -73.42 45.79
CA ASN J 139 -8.03 -72.24 45.13
C ASN J 139 -9.09 -71.47 44.36
N ALA J 140 -10.35 -71.55 44.78
CA ALA J 140 -11.44 -70.88 44.08
C ALA J 140 -11.62 -69.46 44.57
N GLU J 141 -12.27 -68.65 43.74
CA GLU J 141 -12.61 -67.27 44.06
C GLU J 141 -14.13 -67.13 44.02
N ILE J 142 -14.69 -66.39 44.99
CA ILE J 142 -16.12 -66.14 45.04
C ILE J 142 -16.34 -64.64 45.17
N LEU J 143 -17.34 -64.11 44.46
CA LEU J 143 -17.63 -62.69 44.47
C LEU J 143 -19.12 -62.46 44.68
N ILE J 144 -19.44 -61.47 45.51
CA ILE J 144 -20.83 -61.06 45.72
C ILE J 144 -20.96 -59.57 45.45
N HIS J 145 -22.02 -59.19 44.73
CA HIS J 145 -22.31 -57.80 44.46
C HIS J 145 -23.76 -57.68 43.99
N GLN J 146 -24.26 -56.45 43.98
CA GLN J 146 -25.63 -56.17 43.62
C GLN J 146 -25.83 -56.27 42.11
N PRO J 147 -27.07 -56.46 41.66
CA PRO J 147 -27.34 -56.53 40.22
C PRO J 147 -27.11 -55.19 39.53
N SER J 148 -26.96 -55.24 38.21
CA SER J 148 -26.77 -54.06 37.39
C SER J 148 -27.64 -54.18 36.15
N ALA J 149 -28.05 -53.03 35.63
CA ALA J 149 -28.92 -52.96 34.46
C ALA J 149 -28.86 -51.54 33.89
N GLY J 150 -29.74 -51.25 32.93
CA GLY J 150 -29.79 -49.94 32.34
C GLY J 150 -31.22 -49.56 32.03
N LEU J 151 -31.46 -48.25 31.93
CA LEU J 151 -32.80 -47.71 31.76
C LEU J 151 -32.87 -46.84 30.52
N ALA J 152 -33.99 -46.93 29.80
CA ALA J 152 -34.22 -46.12 28.63
C ALA J 152 -35.73 -46.04 28.38
N GLY J 153 -36.19 -44.88 27.95
CA GLY J 153 -37.58 -44.67 27.65
C GLY J 153 -38.06 -43.34 28.18
N SER J 154 -39.38 -43.23 28.32
CA SER J 154 -40.00 -42.02 28.87
C SER J 154 -40.04 -42.11 30.39
N ALA J 155 -40.62 -41.09 31.02
CA ALA J 155 -40.64 -41.03 32.48
C ALA J 155 -41.43 -42.18 33.08
N SER J 156 -42.58 -42.51 32.50
CA SER J 156 -43.43 -43.55 33.08
C SER J 156 -42.77 -44.92 32.98
N ASP J 157 -42.24 -45.25 31.81
CA ASP J 157 -41.57 -46.55 31.64
C ASP J 157 -40.34 -46.65 32.54
N ILE J 158 -39.57 -45.56 32.64
CA ILE J 158 -38.41 -45.55 33.53
C ILE J 158 -38.84 -45.77 34.97
N LYS J 159 -39.93 -45.13 35.39
CA LYS J 159 -40.44 -45.33 36.74
C LYS J 159 -40.81 -46.80 36.98
N ILE J 160 -41.56 -47.39 36.04
CA ILE J 160 -42.01 -48.77 36.21
C ILE J 160 -40.81 -49.71 36.29
N HIS J 161 -39.85 -49.53 35.38
CA HIS J 161 -38.68 -50.41 35.37
C HIS J 161 -37.81 -50.19 36.60
N ALA J 162 -37.76 -48.97 37.14
CA ALA J 162 -37.02 -48.73 38.37
C ALA J 162 -37.67 -49.46 39.55
N GLU J 163 -39.00 -49.43 39.63
CA GLU J 163 -39.67 -50.20 40.68
C GLU J 163 -39.41 -51.68 40.52
N ARG J 164 -39.43 -52.19 39.28
CA ARG J 164 -39.17 -53.60 39.08
C ARG J 164 -37.73 -53.96 39.45
N LEU J 165 -36.77 -53.08 39.14
CA LEU J 165 -35.39 -53.32 39.55
C LEU J 165 -35.25 -53.34 41.06
N LEU J 166 -35.95 -52.43 41.74
CA LEU J 166 -35.95 -52.47 43.21
C LEU J 166 -36.50 -53.79 43.72
N HIS J 167 -37.61 -54.25 43.14
CA HIS J 167 -38.23 -55.48 43.61
C HIS J 167 -37.30 -56.68 43.39
N THR J 168 -36.65 -56.74 42.23
CA THR J 168 -35.78 -57.88 41.97
C THR J 168 -34.50 -57.82 42.82
N LYS J 169 -33.99 -56.63 43.10
CA LYS J 169 -32.85 -56.53 44.01
C LYS J 169 -33.23 -56.99 45.42
N LYS J 170 -34.41 -56.59 45.88
CA LYS J 170 -34.87 -57.04 47.19
C LYS J 170 -35.05 -58.55 47.22
N ARG J 171 -35.58 -59.12 46.14
CA ARG J 171 -35.74 -60.57 46.09
C ARG J 171 -34.40 -61.28 46.10
N MET J 172 -33.42 -60.73 45.37
CA MET J 172 -32.07 -61.30 45.41
C MET J 172 -31.54 -61.33 46.83
N ALA J 173 -31.64 -60.19 47.53
CA ALA J 173 -31.13 -60.10 48.89
C ALA J 173 -31.85 -61.06 49.82
N GLU J 174 -33.18 -61.16 49.68
CA GLU J 174 -33.95 -62.03 50.56
C GLU J 174 -33.58 -63.50 50.34
N LEU J 175 -33.45 -63.92 49.08
CA LEU J 175 -33.09 -65.30 48.80
C LEU J 175 -31.69 -65.61 49.30
N THR J 176 -30.74 -64.68 49.09
CA THR J 176 -29.39 -64.89 49.59
C THR J 176 -29.37 -65.01 51.10
N SER J 177 -30.13 -64.15 51.79
CA SER J 177 -30.19 -64.22 53.24
C SER J 177 -30.88 -65.50 53.71
N GLN J 178 -31.79 -66.05 52.90
CA GLN J 178 -32.44 -67.29 53.28
C GLN J 178 -31.50 -68.48 53.15
N HIS J 179 -30.74 -68.54 52.05
CA HIS J 179 -29.89 -69.71 51.83
C HIS J 179 -28.69 -69.72 52.77
N THR J 180 -28.15 -68.55 53.09
CA THR J 180 -26.99 -68.43 53.97
C THR J 180 -27.45 -68.09 55.37
N GLY J 181 -26.62 -68.38 56.36
CA GLY J 181 -26.95 -68.06 57.74
C GLY J 181 -26.67 -66.62 58.09
N GLN J 182 -27.17 -65.69 57.28
CA GLN J 182 -26.95 -64.27 57.47
C GLN J 182 -28.29 -63.53 57.45
N THR J 183 -28.33 -62.38 58.11
CA THR J 183 -29.51 -61.55 58.11
C THR J 183 -29.63 -60.78 56.79
N ILE J 184 -30.84 -60.32 56.50
CA ILE J 184 -31.05 -59.53 55.29
C ILE J 184 -30.25 -58.24 55.34
N GLU J 185 -30.17 -57.60 56.51
CA GLU J 185 -29.40 -56.37 56.64
C GLU J 185 -27.92 -56.63 56.38
N GLN J 186 -27.39 -57.74 56.90
CA GLN J 186 -25.99 -58.06 56.67
C GLN J 186 -25.70 -58.23 55.19
N ILE J 187 -26.57 -58.95 54.47
CA ILE J 187 -26.36 -59.18 53.05
C ILE J 187 -26.46 -57.88 52.27
N THR J 188 -27.49 -57.07 52.54
CA THR J 188 -27.66 -55.84 51.78
C THR J 188 -26.56 -54.82 52.10
N ARG J 189 -25.92 -54.94 53.27
CA ARG J 189 -24.80 -54.07 53.56
C ARG J 189 -23.52 -54.58 52.91
N ASP J 190 -23.35 -55.91 52.84
CA ASP J 190 -22.11 -56.47 52.30
C ASP J 190 -22.03 -56.36 50.78
N SER J 191 -23.17 -56.44 50.09
CA SER J 191 -23.20 -56.46 48.63
C SER J 191 -23.42 -55.08 48.04
N ASP J 192 -22.95 -54.03 48.69
CA ASP J 192 -23.13 -52.69 48.16
C ASP J 192 -22.32 -52.48 46.88
N ARG J 193 -21.02 -52.80 46.92
CA ARG J 193 -20.17 -52.67 45.74
C ARG J 193 -19.63 -54.01 45.27
N ASP J 194 -18.88 -54.70 46.11
CA ASP J 194 -18.22 -55.97 45.79
C ASP J 194 -17.74 -56.61 47.09
N ARG J 195 -17.55 -57.92 47.05
CA ARG J 195 -16.82 -58.59 48.12
C ARG J 195 -16.27 -59.91 47.59
N TRP J 196 -14.98 -60.13 47.79
CA TRP J 196 -14.28 -61.32 47.36
C TRP J 196 -14.03 -62.25 48.54
N PHE J 197 -14.10 -63.55 48.26
CA PHE J 197 -13.85 -64.59 49.24
C PHE J 197 -12.96 -65.66 48.62
N ASP J 198 -12.06 -66.22 49.42
CA ASP J 198 -11.42 -67.47 49.08
C ASP J 198 -12.28 -68.61 49.64
N ALA J 199 -11.76 -69.83 49.65
CA ALA J 199 -12.55 -70.98 50.08
C ALA J 199 -12.92 -70.89 51.55
N PHE J 200 -11.94 -70.62 52.41
CA PHE J 200 -12.18 -70.69 53.85
C PHE J 200 -13.02 -69.51 54.34
N GLU J 201 -12.81 -68.32 53.77
CA GLU J 201 -13.63 -67.17 54.15
C GLU J 201 -15.09 -67.41 53.76
N ALA J 202 -15.32 -67.99 52.59
CA ALA J 202 -16.69 -68.32 52.19
C ALA J 202 -17.28 -69.39 53.09
N LYS J 203 -16.47 -70.38 53.48
CA LYS J 203 -16.94 -71.40 54.41
C LYS J 203 -17.39 -70.78 55.72
N GLU J 204 -16.59 -69.88 56.28
CA GLU J 204 -16.96 -69.22 57.53
C GLU J 204 -18.18 -68.32 57.35
N TYR J 205 -18.27 -67.63 56.21
CA TYR J 205 -19.39 -66.75 55.96
C TYR J 205 -20.71 -67.52 55.88
N GLY J 206 -20.68 -68.70 55.26
CA GLY J 206 -21.89 -69.49 55.05
C GLY J 206 -22.29 -69.65 53.59
N LEU J 207 -21.50 -69.13 52.64
CA LEU J 207 -21.84 -69.30 51.23
C LEU J 207 -21.75 -70.77 50.82
N ILE J 208 -20.75 -71.48 51.33
CA ILE J 208 -20.57 -72.90 51.03
C ILE J 208 -20.57 -73.68 52.33
N ASP J 209 -20.60 -75.00 52.20
CA ASP J 209 -20.70 -75.88 53.37
C ASP J 209 -19.34 -76.44 53.80
N ASP J 210 -18.50 -76.79 52.84
CA ASP J 210 -17.19 -77.34 53.18
C ASP J 210 -16.25 -77.17 51.99
N VAL J 211 -14.96 -77.12 52.29
CA VAL J 211 -13.93 -77.04 51.27
C VAL J 211 -13.46 -78.45 50.95
N MET J 212 -13.64 -78.86 49.69
CA MET J 212 -13.34 -80.21 49.27
C MET J 212 -11.99 -80.24 48.56
N THR J 213 -11.10 -81.11 49.02
CA THR J 213 -9.79 -81.26 48.42
C THR J 213 -9.43 -82.73 48.34
N THR J 214 -8.66 -83.09 47.31
CA THR J 214 -8.11 -84.44 47.09
C THR J 214 -9.13 -85.54 47.41
N ALA J 215 -10.39 -85.29 47.09
CA ALA J 215 -11.44 -86.27 47.34
C ALA J 215 -11.67 -87.15 46.12
N GLY K 38 -24.05 -80.09 18.98
CA GLY K 38 -23.61 -80.35 20.34
C GLY K 38 -24.49 -81.32 21.08
N LEU K 39 -24.25 -81.46 22.39
CA LEU K 39 -25.06 -82.36 23.22
C LEU K 39 -26.50 -81.90 23.28
N GLY K 40 -26.73 -80.60 23.04
CA GLY K 40 -28.08 -80.06 23.13
C GLY K 40 -29.04 -80.74 22.18
N ASP K 41 -28.55 -81.14 21.01
CA ASP K 41 -29.44 -81.78 20.03
C ASP K 41 -29.98 -83.10 20.55
N GLN K 42 -29.11 -83.97 21.07
CA GLN K 42 -29.59 -85.23 21.63
C GLN K 42 -30.44 -85.01 22.88
N VAL K 43 -30.07 -84.03 23.72
CA VAL K 43 -30.88 -83.76 24.90
C VAL K 43 -32.30 -83.37 24.48
N TYR K 44 -32.42 -82.46 23.51
CA TYR K 44 -33.72 -82.05 23.02
C TYR K 44 -34.45 -83.20 22.35
N ASN K 45 -33.73 -84.09 21.67
CA ASN K 45 -34.36 -85.22 21.01
C ASN K 45 -35.01 -86.15 22.04
N ARG K 46 -34.28 -86.46 23.11
CA ARG K 46 -34.86 -87.31 24.15
C ARG K 46 -36.01 -86.61 24.86
N LEU K 47 -35.90 -85.29 25.08
CA LEU K 47 -37.00 -84.56 25.68
C LEU K 47 -38.24 -84.60 24.79
N LEU K 48 -38.05 -84.47 23.48
CA LEU K 48 -39.17 -84.61 22.55
C LEU K 48 -39.75 -86.01 22.61
N ASN K 49 -38.89 -87.02 22.71
CA ASN K 49 -39.37 -88.39 22.93
C ASN K 49 -40.21 -88.48 24.20
N GLU K 50 -39.94 -87.63 25.18
CA GLU K 50 -40.74 -87.56 26.39
C GLU K 50 -41.87 -86.53 26.31
N ARG K 51 -42.15 -86.02 25.10
CA ARG K 51 -43.26 -85.09 24.87
C ARG K 51 -43.07 -83.79 25.65
N ILE K 52 -41.89 -83.19 25.50
CA ILE K 52 -41.55 -81.92 26.14
C ILE K 52 -41.07 -80.96 25.06
N ILE K 53 -41.58 -79.73 25.10
CA ILE K 53 -41.26 -78.72 24.10
C ILE K 53 -40.74 -77.47 24.82
N PHE K 54 -39.75 -76.84 24.20
CA PHE K 54 -39.12 -75.64 24.76
C PHE K 54 -39.35 -74.46 23.83
N LEU K 55 -39.40 -73.27 24.42
CA LEU K 55 -39.51 -72.01 23.70
C LEU K 55 -38.57 -70.98 24.32
N GLY K 56 -37.36 -71.42 24.67
CA GLY K 56 -36.43 -70.56 25.37
C GLY K 56 -35.68 -69.58 24.49
N GLN K 57 -36.40 -68.81 23.69
CA GLN K 57 -35.80 -67.81 22.81
C GLN K 57 -36.92 -66.93 22.26
N PRO K 58 -36.59 -65.74 21.76
CA PRO K 58 -37.61 -64.86 21.19
C PRO K 58 -38.34 -65.52 20.03
N VAL K 59 -39.61 -65.17 19.88
CA VAL K 59 -40.46 -65.78 18.86
C VAL K 59 -40.21 -65.11 17.52
N ASP K 60 -39.99 -65.91 16.48
CA ASP K 60 -39.86 -65.44 15.12
C ASP K 60 -40.44 -66.50 14.20
N ASP K 61 -40.21 -66.33 12.89
CA ASP K 61 -40.76 -67.29 11.93
C ASP K 61 -40.14 -68.67 12.09
N ASP K 62 -38.83 -68.73 12.31
CA ASP K 62 -38.14 -70.03 12.39
C ASP K 62 -38.63 -70.83 13.59
N ILE K 63 -38.63 -70.21 14.78
CA ILE K 63 -39.04 -70.96 15.96
C ILE K 63 -40.53 -71.25 15.92
N ALA K 64 -41.33 -70.38 15.31
CA ALA K 64 -42.76 -70.68 15.17
C ALA K 64 -42.98 -71.90 14.28
N ASN K 65 -42.26 -71.97 13.15
CA ASN K 65 -42.36 -73.16 12.32
C ASN K 65 -41.90 -74.39 13.07
N LYS K 66 -40.83 -74.25 13.86
CA LYS K 66 -40.33 -75.40 14.62
C LYS K 66 -41.35 -75.89 15.62
N ILE K 67 -41.97 -74.98 16.38
CA ILE K 67 -42.94 -75.35 17.39
C ILE K 67 -44.17 -75.97 16.73
N THR K 68 -44.63 -75.38 15.63
CA THR K 68 -45.78 -75.92 14.92
C THR K 68 -45.49 -77.32 14.40
N ALA K 69 -44.29 -77.53 13.85
CA ALA K 69 -43.91 -78.85 13.36
C ALA K 69 -43.88 -79.87 14.48
N GLN K 70 -43.32 -79.49 15.63
CA GLN K 70 -43.28 -80.42 16.76
C GLN K 70 -44.68 -80.75 17.26
N LEU K 71 -45.56 -79.73 17.33
CA LEU K 71 -46.92 -79.97 17.76
C LEU K 71 -47.65 -80.89 16.81
N LEU K 72 -47.51 -80.67 15.50
CA LEU K 72 -48.17 -81.52 14.52
C LEU K 72 -47.64 -82.94 14.58
N LEU K 73 -46.33 -83.10 14.79
CA LEU K 73 -45.75 -84.43 14.89
C LEU K 73 -46.26 -85.16 16.12
N LEU K 74 -46.32 -84.46 17.26
CA LEU K 74 -46.77 -85.09 18.50
C LEU K 74 -48.28 -85.31 18.51
N ALA K 75 -49.02 -84.62 17.66
CA ALA K 75 -50.46 -84.81 17.59
C ALA K 75 -50.85 -86.16 16.99
N SER K 76 -49.92 -87.04 16.65
CA SER K 76 -50.28 -88.35 16.15
C SER K 76 -51.02 -89.17 17.19
N ASP K 77 -50.62 -89.07 18.46
CA ASP K 77 -51.31 -89.74 19.54
C ASP K 77 -52.32 -88.76 20.13
N PRO K 78 -53.63 -89.01 20.00
CA PRO K 78 -54.60 -88.01 20.44
C PRO K 78 -55.00 -88.15 21.90
N GLU K 79 -54.24 -88.95 22.66
CA GLU K 79 -54.58 -89.22 24.05
C GLU K 79 -53.65 -88.53 25.03
N LYS K 80 -52.34 -88.60 24.82
CA LYS K 80 -51.38 -88.10 25.78
C LYS K 80 -51.27 -86.59 25.69
N ASP K 81 -50.72 -85.99 26.75
CA ASP K 81 -50.59 -84.55 26.87
C ASP K 81 -49.23 -84.08 26.33
N ILE K 82 -49.13 -82.78 26.14
CA ILE K 82 -47.92 -82.15 25.62
C ILE K 82 -47.54 -81.00 26.55
N TYR K 83 -46.30 -81.03 27.05
CA TYR K 83 -45.80 -80.02 27.97
C TYR K 83 -44.93 -79.02 27.22
N LEU K 84 -45.16 -77.73 27.47
CA LEU K 84 -44.46 -76.66 26.76
C LEU K 84 -43.97 -75.65 27.79
N TYR K 85 -42.67 -75.39 27.78
CA TYR K 85 -42.05 -74.43 28.68
C TYR K 85 -41.80 -73.13 27.94
N ILE K 86 -42.12 -72.01 28.61
CA ILE K 86 -41.97 -70.69 28.01
C ILE K 86 -40.90 -69.93 28.77
N ASN K 87 -39.89 -69.44 28.05
CA ASN K 87 -38.91 -68.51 28.60
C ASN K 87 -38.46 -67.62 27.44
N SER K 88 -39.13 -66.49 27.28
CA SER K 88 -38.89 -65.64 26.11
C SER K 88 -39.37 -64.23 26.40
N PRO K 89 -38.75 -63.22 25.77
CA PRO K 89 -39.22 -61.84 25.95
C PRO K 89 -40.27 -61.39 24.95
N GLY K 90 -40.69 -62.25 24.03
CA GLY K 90 -41.73 -61.91 23.07
C GLY K 90 -41.28 -62.21 21.67
N GLY K 91 -41.94 -61.57 20.71
CA GLY K 91 -41.62 -61.78 19.32
C GLY K 91 -42.69 -61.21 18.41
N SER K 92 -42.70 -61.68 17.16
CA SER K 92 -43.65 -61.18 16.18
C SER K 92 -45.05 -61.69 16.48
N ILE K 93 -46.05 -60.87 16.16
CA ILE K 93 -47.44 -61.21 16.44
C ILE K 93 -47.88 -62.41 15.60
N THR K 94 -47.54 -62.41 14.31
CA THR K 94 -48.04 -63.45 13.41
C THR K 94 -47.53 -64.83 13.80
N ALA K 95 -46.24 -64.93 14.15
CA ALA K 95 -45.70 -66.22 14.55
C ALA K 95 -46.36 -66.73 15.82
N GLY K 96 -46.53 -65.86 16.82
CA GLY K 96 -47.19 -66.27 18.04
C GLY K 96 -48.62 -66.70 17.81
N MET K 97 -49.33 -66.00 16.92
CA MET K 97 -50.71 -66.38 16.62
C MET K 97 -50.76 -67.70 15.88
N ALA K 98 -49.78 -67.98 15.02
CA ALA K 98 -49.71 -69.29 14.38
C ALA K 98 -49.52 -70.39 15.41
N ILE K 99 -48.62 -70.17 16.37
CA ILE K 99 -48.41 -71.16 17.42
C ILE K 99 -49.68 -71.34 18.25
N TYR K 100 -50.36 -70.25 18.56
CA TYR K 100 -51.61 -70.32 19.32
C TYR K 100 -52.67 -71.11 18.56
N ASP K 101 -52.80 -70.86 17.26
CA ASP K 101 -53.77 -71.59 16.45
C ASP K 101 -53.45 -73.07 16.41
N THR K 102 -52.17 -73.42 16.26
CA THR K 102 -51.79 -74.82 16.28
C THR K 102 -52.10 -75.47 17.62
N MET K 103 -51.89 -74.72 18.71
CA MET K 103 -52.21 -75.23 20.04
C MET K 103 -53.70 -75.50 20.17
N GLN K 104 -54.53 -74.59 19.67
CA GLN K 104 -55.97 -74.76 19.76
C GLN K 104 -56.52 -75.77 18.77
N TYR K 105 -55.73 -76.15 17.76
CA TYR K 105 -56.24 -76.97 16.66
C TYR K 105 -55.99 -78.46 16.85
N ILE K 106 -54.91 -78.86 17.55
CA ILE K 106 -54.51 -80.26 17.59
C ILE K 106 -55.32 -81.10 18.55
N LYS K 107 -56.36 -80.54 19.17
CA LYS K 107 -57.28 -81.22 20.09
C LYS K 107 -56.57 -82.04 21.16
N ASN K 108 -55.32 -81.73 21.47
CA ASN K 108 -54.59 -82.37 22.56
C ASN K 108 -54.36 -81.35 23.67
N ASP K 109 -54.34 -81.82 24.91
CA ASP K 109 -54.13 -80.93 26.03
C ASP K 109 -52.69 -80.42 26.04
N VAL K 110 -52.54 -79.12 26.23
CA VAL K 110 -51.22 -78.47 26.24
C VAL K 110 -51.02 -77.85 27.61
N VAL K 111 -50.05 -78.37 28.35
CA VAL K 111 -49.72 -77.89 29.68
C VAL K 111 -48.55 -76.92 29.54
N THR K 112 -48.81 -75.64 29.82
CA THR K 112 -47.80 -74.61 29.67
C THR K 112 -47.20 -74.27 31.03
N ILE K 113 -45.88 -74.09 31.06
CA ILE K 113 -45.15 -73.78 32.28
C ILE K 113 -44.27 -72.56 32.03
N ALA K 114 -44.48 -71.52 32.83
CA ALA K 114 -43.59 -70.36 32.82
C ALA K 114 -42.34 -70.68 33.64
N MET K 115 -41.18 -70.45 33.04
CA MET K 115 -39.91 -70.96 33.56
C MET K 115 -38.86 -69.84 33.55
N GLY K 116 -39.22 -68.69 34.13
CA GLY K 116 -38.23 -67.65 34.32
C GLY K 116 -38.63 -66.29 33.80
N LEU K 117 -39.31 -66.26 32.65
CA LEU K 117 -39.78 -65.00 32.09
C LEU K 117 -40.81 -65.30 31.02
N ALA K 118 -41.97 -64.66 31.11
CA ALA K 118 -43.05 -64.78 30.12
C ALA K 118 -43.53 -63.37 29.82
N ALA K 119 -42.93 -62.74 28.82
CA ALA K 119 -43.19 -61.36 28.48
C ALA K 119 -43.84 -61.26 27.12
N ALA K 120 -44.74 -60.28 26.97
CA ALA K 120 -45.40 -59.97 25.69
C ALA K 120 -46.07 -61.21 25.11
N MET K 121 -45.56 -61.69 23.98
CA MET K 121 -46.13 -62.87 23.34
C MET K 121 -45.93 -64.13 24.17
N GLY K 122 -44.87 -64.18 24.98
CA GLY K 122 -44.65 -65.34 25.83
C GLY K 122 -45.78 -65.55 26.83
N GLN K 123 -46.21 -64.48 27.48
CA GLN K 123 -47.33 -64.61 28.43
C GLN K 123 -48.62 -64.94 27.70
N PHE K 124 -48.78 -64.45 26.47
CA PHE K 124 -49.97 -64.78 25.69
C PHE K 124 -50.01 -66.28 25.40
N LEU K 125 -48.88 -66.84 24.98
CA LEU K 125 -48.83 -68.29 24.74
C LEU K 125 -48.98 -69.08 26.03
N LEU K 126 -48.46 -68.56 27.14
CA LEU K 126 -48.61 -69.25 28.42
C LEU K 126 -50.07 -69.28 28.86
N SER K 127 -50.79 -68.17 28.67
CA SER K 127 -52.22 -68.13 29.01
C SER K 127 -53.06 -68.85 27.97
N ALA K 128 -52.50 -69.15 26.80
CA ALA K 128 -53.24 -69.83 25.74
C ALA K 128 -53.40 -71.31 26.00
N GLY K 129 -52.78 -71.86 27.03
CA GLY K 129 -52.89 -73.29 27.31
C GLY K 129 -54.29 -73.70 27.68
N THR K 130 -54.51 -75.01 27.68
CA THR K 130 -55.82 -75.55 28.01
C THR K 130 -56.16 -75.24 29.47
N PRO K 131 -57.42 -74.94 29.78
CA PRO K 131 -57.77 -74.52 31.14
C PRO K 131 -57.41 -75.58 32.17
N GLY K 132 -56.93 -75.11 33.33
CA GLY K 132 -56.50 -75.99 34.39
C GLY K 132 -55.12 -76.56 34.23
N LYS K 133 -54.41 -76.21 33.16
CA LYS K 133 -53.08 -76.75 32.89
C LYS K 133 -52.10 -75.64 32.55
N ARG K 134 -52.27 -74.48 33.17
CA ARG K 134 -51.35 -73.36 33.03
C ARG K 134 -50.67 -73.13 34.36
N PHE K 135 -49.34 -73.16 34.37
CA PHE K 135 -48.57 -73.09 35.61
C PHE K 135 -47.35 -72.20 35.42
N ALA K 136 -46.83 -71.72 36.56
CA ALA K 136 -45.61 -70.93 36.57
C ALA K 136 -44.75 -71.39 37.73
N LEU K 137 -43.43 -71.30 37.55
CA LEU K 137 -42.52 -71.59 38.65
C LEU K 137 -42.55 -70.44 39.66
N PRO K 138 -42.22 -70.72 40.92
CA PRO K 138 -42.39 -69.68 41.97
C PRO K 138 -41.64 -68.40 41.69
N ASN K 139 -40.41 -68.48 41.20
CA ASN K 139 -39.60 -67.30 40.90
C ASN K 139 -39.64 -67.02 39.40
N ALA K 140 -40.83 -66.69 38.93
CA ALA K 140 -41.06 -66.40 37.52
C ALA K 140 -41.66 -65.01 37.37
N GLU K 141 -41.23 -64.30 36.33
CA GLU K 141 -41.71 -62.95 36.06
C GLU K 141 -42.60 -62.97 34.83
N ILE K 142 -43.72 -62.26 34.90
CA ILE K 142 -44.65 -62.13 33.79
C ILE K 142 -44.92 -60.65 33.59
N LEU K 143 -45.24 -60.25 32.36
CA LEU K 143 -45.63 -58.87 32.13
C LEU K 143 -46.58 -58.80 30.94
N ILE K 144 -47.32 -57.71 30.87
CA ILE K 144 -48.26 -57.46 29.79
C ILE K 144 -48.11 -56.01 29.33
N HIS K 145 -48.23 -55.82 28.02
CA HIS K 145 -48.22 -54.50 27.40
C HIS K 145 -48.79 -54.61 26.00
N GLN K 146 -49.08 -53.47 25.40
CA GLN K 146 -49.64 -53.41 24.07
C GLN K 146 -48.56 -53.64 23.02
N PRO K 147 -48.95 -54.08 21.82
CA PRO K 147 -47.95 -54.32 20.76
C PRO K 147 -47.34 -53.02 20.26
N SER K 148 -46.19 -53.17 19.60
CA SER K 148 -45.45 -52.06 19.04
C SER K 148 -45.00 -52.41 17.62
N ALA K 149 -44.92 -51.38 16.77
CA ALA K 149 -44.53 -51.57 15.38
C ALA K 149 -44.04 -50.24 14.83
N GLY K 150 -43.87 -50.16 13.51
CA GLY K 150 -43.44 -48.94 12.87
C GLY K 150 -44.19 -48.74 11.57
N LEU K 151 -44.17 -47.49 11.11
CA LEU K 151 -44.89 -47.10 9.90
C LEU K 151 -43.96 -46.39 8.93
N ALA K 152 -44.14 -46.69 7.64
CA ALA K 152 -43.36 -46.05 6.58
C ALA K 152 -44.12 -46.19 5.28
N GLY K 153 -44.11 -45.13 4.47
CA GLY K 153 -44.78 -45.11 3.19
C GLY K 153 -45.54 -43.82 3.01
N SER K 154 -46.36 -43.79 1.96
CA SER K 154 -47.17 -42.63 1.66
C SER K 154 -48.40 -42.59 2.58
N ALA K 155 -49.24 -41.57 2.40
CA ALA K 155 -50.33 -41.34 3.33
C ALA K 155 -51.33 -42.48 3.34
N SER K 156 -51.68 -43.01 2.18
CA SER K 156 -52.66 -44.10 2.12
C SER K 156 -52.14 -45.36 2.79
N ASP K 157 -50.87 -45.69 2.56
CA ASP K 157 -50.29 -46.86 3.19
C ASP K 157 -50.23 -46.71 4.70
N ILE K 158 -49.86 -45.52 5.18
CA ILE K 158 -49.86 -45.26 6.62
C ILE K 158 -51.26 -45.42 7.18
N LYS K 159 -52.26 -44.91 6.47
CA LYS K 159 -53.65 -45.05 6.91
C LYS K 159 -54.04 -46.51 7.07
N ILE K 160 -53.78 -47.31 6.03
CA ILE K 160 -54.21 -48.71 6.06
C ILE K 160 -53.48 -49.47 7.15
N HIS K 161 -52.16 -49.25 7.27
CA HIS K 161 -51.41 -49.99 8.28
C HIS K 161 -51.80 -49.55 9.70
N ALA K 162 -52.16 -48.28 9.87
CA ALA K 162 -52.66 -47.84 11.17
C ALA K 162 -53.97 -48.53 11.53
N GLU K 163 -54.88 -48.62 10.56
CA GLU K 163 -56.13 -49.34 10.81
C GLU K 163 -55.85 -50.79 11.18
N ARG K 164 -54.93 -51.44 10.47
CA ARG K 164 -54.67 -52.85 10.73
C ARG K 164 -54.00 -53.05 12.09
N LEU K 165 -53.10 -52.14 12.47
CA LEU K 165 -52.50 -52.21 13.79
C LEU K 165 -53.54 -52.04 14.88
N LEU K 166 -54.48 -51.11 14.70
CA LEU K 166 -55.55 -50.95 15.68
C LEU K 166 -56.38 -52.22 15.77
N HIS K 167 -56.71 -52.82 14.63
CA HIS K 167 -57.52 -54.04 14.63
C HIS K 167 -56.81 -55.18 15.33
N THR K 168 -55.51 -55.36 15.07
CA THR K 168 -54.80 -56.47 15.72
C THR K 168 -54.61 -56.21 17.21
N LYS K 169 -54.43 -54.96 17.62
CA LYS K 169 -54.40 -54.66 19.05
C LYS K 169 -55.73 -55.00 19.70
N LYS K 170 -56.84 -54.67 19.04
CA LYS K 170 -58.15 -55.01 19.56
C LYS K 170 -58.31 -56.52 19.69
N ARG K 171 -57.87 -57.27 18.68
CA ARG K 171 -58.01 -58.73 18.75
C ARG K 171 -57.15 -59.32 19.87
N MET K 172 -55.93 -58.79 20.05
CA MET K 172 -55.10 -59.27 21.16
C MET K 172 -55.77 -59.02 22.49
N ALA K 173 -56.33 -57.81 22.68
CA ALA K 173 -57.01 -57.50 23.92
C ALA K 173 -58.21 -58.42 24.14
N GLU K 174 -58.99 -58.66 23.10
CA GLU K 174 -60.18 -59.49 23.23
C GLU K 174 -59.80 -60.93 23.56
N LEU K 175 -58.77 -61.46 22.90
CA LEU K 175 -58.33 -62.82 23.18
C LEU K 175 -57.79 -62.95 24.61
N THR K 176 -57.03 -61.96 25.07
CA THR K 176 -56.55 -62.00 26.44
C THR K 176 -57.71 -61.96 27.42
N SER K 177 -58.72 -61.12 27.15
CA SER K 177 -59.89 -61.06 28.02
C SER K 177 -60.63 -62.39 28.04
N GLN K 178 -60.76 -63.04 26.88
CA GLN K 178 -61.44 -64.33 26.82
C GLN K 178 -60.69 -65.40 27.59
N HIS K 179 -59.37 -65.44 27.45
CA HIS K 179 -58.61 -66.51 28.10
C HIS K 179 -58.47 -66.29 29.60
N THR K 180 -58.21 -65.06 30.03
CA THR K 180 -58.02 -64.80 31.45
C THR K 180 -59.32 -64.76 32.23
N GLY K 181 -60.43 -64.41 31.59
CA GLY K 181 -61.69 -64.27 32.27
C GLY K 181 -61.99 -62.88 32.78
N GLN K 182 -61.08 -61.93 32.59
CA GLN K 182 -61.29 -60.55 33.01
C GLN K 182 -62.17 -59.84 31.97
N THR K 183 -62.36 -58.54 32.15
CA THR K 183 -63.15 -57.71 31.26
C THR K 183 -62.26 -57.08 30.20
N ILE K 184 -62.84 -56.91 29.00
CA ILE K 184 -62.08 -56.32 27.89
C ILE K 184 -61.55 -54.95 28.28
N GLU K 185 -62.39 -54.13 28.92
CA GLU K 185 -61.93 -52.82 29.36
C GLU K 185 -60.87 -52.95 30.45
N GLN K 186 -61.00 -53.95 31.32
CA GLN K 186 -59.98 -54.18 32.34
C GLN K 186 -58.62 -54.46 31.71
N ILE K 187 -58.58 -55.36 30.73
CA ILE K 187 -57.32 -55.67 30.06
C ILE K 187 -56.79 -54.47 29.30
N THR K 188 -57.69 -53.72 28.63
CA THR K 188 -57.25 -52.56 27.87
C THR K 188 -56.61 -51.52 28.79
N ARG K 189 -57.22 -51.28 29.95
CA ARG K 189 -56.66 -50.29 30.87
C ARG K 189 -55.40 -50.83 31.54
N ASP K 190 -55.30 -52.14 31.74
CA ASP K 190 -54.14 -52.73 32.39
C ASP K 190 -52.97 -52.97 31.45
N SER K 191 -53.15 -52.75 30.15
CA SER K 191 -52.09 -52.99 29.18
C SER K 191 -51.67 -51.74 28.42
N ASP K 192 -52.09 -50.55 28.86
CA ASP K 192 -51.61 -49.33 28.24
C ASP K 192 -50.11 -49.19 28.39
N ARG K 193 -49.59 -49.49 29.58
CA ARG K 193 -48.17 -49.50 29.86
C ARG K 193 -47.74 -50.91 30.27
N ASP K 194 -46.45 -51.06 30.55
CA ASP K 194 -45.94 -52.31 31.08
C ASP K 194 -46.55 -52.59 32.43
N ARG K 195 -47.00 -53.82 32.65
CA ARG K 195 -47.45 -54.25 33.97
C ARG K 195 -46.80 -55.59 34.30
N TRP K 196 -46.22 -55.68 35.49
CA TRP K 196 -45.47 -56.83 35.93
C TRP K 196 -46.29 -57.70 36.88
N PHE K 197 -45.86 -58.95 37.02
CA PHE K 197 -46.54 -59.94 37.83
C PHE K 197 -45.52 -60.96 38.33
N ASP K 198 -45.63 -61.32 39.61
CA ASP K 198 -44.98 -62.52 40.11
C ASP K 198 -45.95 -63.69 39.96
N ALA K 199 -45.61 -64.84 40.53
CA ALA K 199 -46.44 -66.03 40.34
C ALA K 199 -47.81 -65.87 40.98
N PHE K 200 -47.86 -65.38 42.22
CA PHE K 200 -49.12 -65.36 42.95
C PHE K 200 -50.04 -64.24 42.46
N GLU K 201 -49.48 -63.08 42.13
CA GLU K 201 -50.31 -62.01 41.57
C GLU K 201 -50.90 -62.43 40.23
N ALA K 202 -50.11 -63.15 39.42
CA ALA K 202 -50.65 -63.68 38.18
C ALA K 202 -51.74 -64.71 38.44
N LYS K 203 -51.55 -65.57 39.45
CA LYS K 203 -52.56 -66.57 39.77
C LYS K 203 -53.87 -65.93 40.17
N GLU K 204 -53.81 -64.91 41.03
CA GLU K 204 -55.05 -64.26 41.45
C GLU K 204 -55.65 -63.44 40.31
N TYR K 205 -54.79 -62.87 39.45
CA TYR K 205 -55.29 -62.12 38.30
C TYR K 205 -56.03 -63.02 37.32
N GLY K 206 -55.53 -64.22 37.09
CA GLY K 206 -56.10 -65.14 36.11
C GLY K 206 -55.17 -65.51 34.98
N LEU K 207 -53.92 -65.01 34.96
CA LEU K 207 -52.99 -65.37 33.91
C LEU K 207 -52.65 -66.86 33.95
N ILE K 208 -52.45 -67.41 35.14
CA ILE K 208 -52.18 -68.82 35.32
C ILE K 208 -53.24 -69.41 36.25
N ASP K 209 -53.12 -70.72 36.47
CA ASP K 209 -54.09 -71.43 37.30
C ASP K 209 -53.52 -71.96 38.60
N ASP K 210 -52.23 -72.29 38.63
CA ASP K 210 -51.60 -72.79 39.83
C ASP K 210 -50.09 -72.62 39.69
N VAL K 211 -49.39 -72.65 40.83
CA VAL K 211 -47.94 -72.52 40.87
C VAL K 211 -47.35 -73.84 41.33
N MET K 212 -46.59 -74.49 40.46
CA MET K 212 -45.86 -75.70 40.84
C MET K 212 -44.71 -75.34 41.76
N THR K 213 -44.50 -76.17 42.79
CA THR K 213 -43.35 -76.03 43.67
C THR K 213 -42.42 -77.24 43.58
N THR K 214 -42.94 -78.44 43.83
CA THR K 214 -42.14 -79.66 43.79
C THR K 214 -42.65 -80.66 42.76
N ALA K 215 -43.95 -80.93 42.75
CA ALA K 215 -44.52 -81.90 41.82
C ALA K 215 -46.03 -81.75 41.71
N GLY L 38 -30.06 -79.77 14.08
CA GLY L 38 -30.09 -81.18 14.40
C GLY L 38 -31.49 -81.73 14.58
N LEU L 39 -32.21 -81.20 15.56
CA LEU L 39 -33.58 -81.64 15.79
C LEU L 39 -34.51 -81.18 14.67
N GLY L 40 -34.25 -79.99 14.13
CA GLY L 40 -35.12 -79.46 13.09
C GLY L 40 -35.07 -80.30 11.82
N ASP L 41 -33.87 -80.74 11.44
CA ASP L 41 -33.75 -81.61 10.27
C ASP L 41 -34.53 -82.90 10.47
N GLN L 42 -34.44 -83.49 11.65
CA GLN L 42 -35.18 -84.73 11.92
C GLN L 42 -36.68 -84.50 11.88
N VAL L 43 -37.14 -83.40 12.47
CA VAL L 43 -38.58 -83.13 12.50
C VAL L 43 -39.12 -82.90 11.09
N TYR L 44 -38.40 -82.10 10.29
CA TYR L 44 -38.82 -81.88 8.92
C TYR L 44 -38.76 -83.15 8.10
N ASN L 45 -37.75 -84.01 8.34
CA ASN L 45 -37.67 -85.28 7.65
C ASN L 45 -38.89 -86.14 7.96
N ARG L 46 -39.29 -86.20 9.23
CA ARG L 46 -40.45 -87.00 9.61
C ARG L 46 -41.73 -86.43 9.00
N LEU L 47 -41.88 -85.09 9.03
CA LEU L 47 -43.07 -84.48 8.45
C LEU L 47 -43.16 -84.75 6.95
N LEU L 48 -42.06 -84.54 6.22
CA LEU L 48 -42.05 -84.87 4.80
C LEU L 48 -42.33 -86.34 4.59
N ASN L 49 -41.85 -87.19 5.51
CA ASN L 49 -42.14 -88.61 5.42
C ASN L 49 -43.62 -88.88 5.49
N GLU L 50 -44.35 -88.17 6.35
CA GLU L 50 -45.78 -88.46 6.41
C GLU L 50 -46.46 -88.05 5.10
N ARG L 51 -46.74 -86.75 4.91
CA ARG L 51 -47.09 -86.18 3.60
C ARG L 51 -46.74 -84.71 3.46
N ILE L 52 -46.15 -84.10 4.49
CA ILE L 52 -46.33 -82.66 4.74
C ILE L 52 -45.15 -81.86 4.19
N ILE L 53 -45.45 -80.65 3.71
CA ILE L 53 -44.47 -79.69 3.19
C ILE L 53 -44.70 -78.35 3.88
N PHE L 54 -43.62 -77.59 4.05
CA PHE L 54 -43.66 -76.31 4.75
C PHE L 54 -43.10 -75.20 3.87
N LEU L 55 -43.64 -74.00 4.05
CA LEU L 55 -43.18 -72.79 3.37
C LEU L 55 -43.14 -71.62 4.35
N GLY L 56 -42.58 -71.85 5.54
CA GLY L 56 -42.57 -70.83 6.55
C GLY L 56 -41.44 -69.83 6.48
N GLN L 57 -41.25 -69.21 5.31
CA GLN L 57 -40.20 -68.21 5.14
C GLN L 57 -40.42 -67.43 3.84
N PRO L 58 -39.72 -66.32 3.63
CA PRO L 58 -39.86 -65.59 2.36
C PRO L 58 -39.47 -66.46 1.17
N VAL L 59 -40.17 -66.23 0.06
CA VAL L 59 -40.03 -67.06 -1.12
C VAL L 59 -38.87 -66.54 -1.97
N ASP L 60 -37.85 -67.39 -2.16
CA ASP L 60 -36.75 -67.05 -3.05
C ASP L 60 -36.27 -68.30 -3.78
N ASP L 61 -35.10 -68.23 -4.42
CA ASP L 61 -34.68 -69.27 -5.34
C ASP L 61 -34.48 -70.62 -4.65
N ASP L 62 -33.68 -70.66 -3.58
CA ASP L 62 -33.31 -71.94 -2.99
C ASP L 62 -34.52 -72.63 -2.37
N ILE L 63 -35.37 -71.89 -1.67
CA ILE L 63 -36.56 -72.50 -1.09
C ILE L 63 -37.51 -72.96 -2.19
N ALA L 64 -37.58 -72.22 -3.30
CA ALA L 64 -38.42 -72.65 -4.42
C ALA L 64 -37.91 -73.97 -5.01
N ASN L 65 -36.60 -74.08 -5.19
CA ASN L 65 -36.04 -75.34 -5.68
C ASN L 65 -36.29 -76.48 -4.71
N LYS L 66 -36.16 -76.21 -3.41
CA LYS L 66 -36.40 -77.25 -2.41
C LYS L 66 -37.85 -77.72 -2.43
N ILE L 67 -38.79 -76.78 -2.51
CA ILE L 67 -40.21 -77.16 -2.53
C ILE L 67 -40.55 -77.89 -3.82
N THR L 68 -40.00 -77.43 -4.95
CA THR L 68 -40.24 -78.13 -6.21
C THR L 68 -39.70 -79.55 -6.16
N ALA L 69 -38.50 -79.72 -5.58
CA ALA L 69 -37.94 -81.06 -5.44
C ALA L 69 -38.81 -81.94 -4.56
N GLN L 70 -39.30 -81.39 -3.44
CA GLN L 70 -40.16 -82.17 -2.57
C GLN L 70 -41.46 -82.57 -3.27
N LEU L 71 -42.06 -81.64 -4.03
CA LEU L 71 -43.28 -81.96 -4.77
C LEU L 71 -43.03 -83.06 -5.80
N LEU L 72 -41.93 -82.95 -6.56
CA LEU L 72 -41.62 -83.98 -7.54
C LEU L 72 -41.35 -85.32 -6.88
N LEU L 73 -40.65 -85.32 -5.75
CA LEU L 73 -40.36 -86.58 -5.07
C LEU L 73 -41.63 -87.23 -4.53
N LEU L 74 -42.54 -86.43 -3.96
CA LEU L 74 -43.79 -86.98 -3.45
C LEU L 74 -44.75 -87.35 -4.57
N ALA L 75 -44.55 -86.82 -5.77
CA ALA L 75 -45.40 -87.17 -6.90
C ALA L 75 -45.21 -88.59 -7.40
N SER L 76 -44.39 -89.42 -6.75
CA SER L 76 -44.24 -90.80 -7.19
C SER L 76 -45.54 -91.57 -7.07
N ASP L 77 -46.27 -91.37 -5.96
CA ASP L 77 -47.55 -92.03 -5.76
C ASP L 77 -48.66 -91.08 -6.19
N PRO L 78 -49.41 -91.39 -7.24
CA PRO L 78 -50.39 -90.42 -7.76
C PRO L 78 -51.72 -90.43 -7.01
N GLU L 79 -51.97 -91.47 -6.22
CA GLU L 79 -53.27 -91.57 -5.55
C GLU L 79 -53.37 -90.60 -4.38
N LYS L 80 -52.33 -90.50 -3.57
CA LYS L 80 -52.40 -89.69 -2.36
C LYS L 80 -52.29 -88.21 -2.68
N ASP L 81 -52.64 -87.39 -1.69
CA ASP L 81 -52.58 -85.94 -1.79
C ASP L 81 -51.49 -85.40 -0.88
N ILE L 82 -51.19 -84.11 -1.03
CA ILE L 82 -50.11 -83.45 -0.33
C ILE L 82 -50.66 -82.24 0.41
N TYR L 83 -50.28 -82.09 1.67
CA TYR L 83 -50.68 -80.97 2.50
C TYR L 83 -49.52 -79.99 2.59
N LEU L 84 -49.81 -78.70 2.40
CA LEU L 84 -48.80 -77.65 2.41
C LEU L 84 -49.26 -76.53 3.34
N TYR L 85 -48.33 -75.99 4.11
CA TYR L 85 -48.61 -74.93 5.08
C TYR L 85 -47.85 -73.68 4.67
N ILE L 86 -48.49 -72.52 4.81
CA ILE L 86 -47.90 -71.25 4.39
C ILE L 86 -47.91 -70.28 5.56
N ASN L 87 -46.73 -69.77 5.90
CA ASN L 87 -46.56 -68.61 6.79
C ASN L 87 -45.42 -67.80 6.18
N SER L 88 -45.77 -66.87 5.29
CA SER L 88 -44.74 -66.19 4.51
C SER L 88 -45.17 -64.79 4.11
N PRO L 89 -44.26 -63.81 4.16
CA PRO L 89 -44.60 -62.44 3.75
C PRO L 89 -44.39 -62.14 2.27
N GLY L 90 -44.21 -63.15 1.42
CA GLY L 90 -44.04 -62.95 0.00
C GLY L 90 -42.67 -63.37 -0.48
N GLY L 91 -42.26 -62.78 -1.60
CA GLY L 91 -40.96 -63.10 -2.17
C GLY L 91 -40.92 -62.74 -3.65
N SER L 92 -40.01 -63.38 -4.36
CA SER L 92 -39.79 -63.09 -5.77
C SER L 92 -40.90 -63.70 -6.62
N ILE L 93 -41.17 -63.04 -7.75
CA ILE L 93 -42.25 -63.49 -8.63
C ILE L 93 -41.89 -64.81 -9.30
N THR L 94 -40.68 -64.93 -9.83
CA THR L 94 -40.32 -66.08 -10.64
C THR L 94 -40.32 -67.37 -9.82
N ALA L 95 -39.78 -67.33 -8.60
CA ALA L 95 -39.77 -68.51 -7.75
C ALA L 95 -41.19 -68.96 -7.41
N GLY L 96 -42.05 -68.00 -7.05
CA GLY L 96 -43.43 -68.34 -6.79
C GLY L 96 -44.14 -68.92 -8.00
N MET L 97 -43.85 -68.40 -9.19
CA MET L 97 -44.49 -68.92 -10.39
C MET L 97 -43.98 -70.32 -10.73
N ALA L 98 -42.70 -70.58 -10.46
CA ALA L 98 -42.17 -71.93 -10.63
C ALA L 98 -42.85 -72.90 -9.68
N ILE L 99 -43.04 -72.49 -8.42
CA ILE L 99 -43.74 -73.34 -7.47
C ILE L 99 -45.18 -73.58 -7.91
N TYR L 100 -45.84 -72.53 -8.42
CA TYR L 100 -47.21 -72.64 -8.90
C TYR L 100 -47.29 -73.62 -10.08
N ASP L 101 -46.35 -73.52 -11.01
CA ASP L 101 -46.35 -74.41 -12.17
C ASP L 101 -46.10 -75.85 -11.77
N THR L 102 -45.20 -76.09 -10.81
CA THR L 102 -44.99 -77.45 -10.33
C THR L 102 -46.22 -77.96 -9.60
N MET L 103 -46.91 -77.08 -8.87
CA MET L 103 -48.13 -77.44 -8.18
C MET L 103 -49.21 -77.89 -9.16
N GLN L 104 -49.34 -77.17 -10.27
CA GLN L 104 -50.33 -77.55 -11.28
C GLN L 104 -49.89 -78.72 -12.15
N TYR L 105 -48.58 -78.95 -12.29
CA TYR L 105 -48.09 -79.96 -13.22
C TYR L 105 -48.48 -81.36 -12.77
N ILE L 106 -48.25 -81.68 -11.50
CA ILE L 106 -48.55 -83.02 -11.02
C ILE L 106 -50.06 -83.20 -10.88
N LYS L 107 -50.50 -84.46 -10.94
CA LYS L 107 -51.91 -84.81 -10.89
C LYS L 107 -52.39 -84.98 -9.45
N ASN L 108 -51.49 -84.89 -8.47
CA ASN L 108 -51.86 -84.99 -7.07
C ASN L 108 -52.64 -83.75 -6.64
N ASP L 109 -53.40 -83.91 -5.56
CA ASP L 109 -54.16 -82.82 -4.97
C ASP L 109 -53.32 -82.17 -3.87
N VAL L 110 -53.20 -80.86 -3.93
CA VAL L 110 -52.43 -80.09 -2.96
C VAL L 110 -53.42 -79.27 -2.14
N VAL L 111 -53.38 -79.45 -0.82
CA VAL L 111 -54.24 -78.74 0.11
C VAL L 111 -53.40 -77.67 0.79
N THR L 112 -53.69 -76.41 0.51
CA THR L 112 -52.94 -75.31 1.08
C THR L 112 -53.64 -74.82 2.33
N ILE L 113 -52.87 -74.58 3.39
CA ILE L 113 -53.38 -74.10 4.66
C ILE L 113 -52.58 -72.88 5.09
N ALA L 114 -53.27 -71.76 5.26
CA ALA L 114 -52.63 -70.58 5.83
C ALA L 114 -52.38 -70.81 7.31
N MET L 115 -51.17 -70.44 7.74
CA MET L 115 -50.69 -70.75 9.10
C MET L 115 -50.06 -69.50 9.71
N GLY L 116 -50.79 -68.39 9.64
CA GLY L 116 -50.27 -67.13 10.14
C GLY L 116 -50.43 -66.01 9.14
N LEU L 117 -49.31 -65.46 8.67
CA LEU L 117 -49.35 -64.41 7.66
C LEU L 117 -49.16 -65.03 6.28
N ALA L 118 -50.06 -64.68 5.36
CA ALA L 118 -49.98 -65.12 3.97
C ALA L 118 -50.20 -63.88 3.11
N ALA L 119 -49.11 -63.24 2.72
CA ALA L 119 -49.15 -61.98 2.00
C ALA L 119 -48.39 -62.10 0.68
N ALA L 120 -48.77 -61.26 -0.28
CA ALA L 120 -48.15 -61.20 -1.59
C ALA L 120 -48.11 -62.58 -2.25
N MET L 121 -46.92 -63.10 -2.51
CA MET L 121 -46.81 -64.41 -3.15
C MET L 121 -47.32 -65.52 -2.26
N GLY L 122 -47.28 -65.34 -0.94
CA GLY L 122 -47.88 -66.31 -0.05
C GLY L 122 -49.36 -66.49 -0.32
N GLN L 123 -50.08 -65.39 -0.52
CA GLN L 123 -51.48 -65.47 -0.88
C GLN L 123 -51.67 -66.14 -2.24
N PHE L 124 -50.81 -65.79 -3.21
CA PHE L 124 -50.95 -66.35 -4.55
C PHE L 124 -50.78 -67.87 -4.53
N LEU L 125 -49.80 -68.37 -3.78
CA LEU L 125 -49.62 -69.81 -3.68
C LEU L 125 -50.69 -70.45 -2.80
N LEU L 126 -51.26 -69.69 -1.86
CA LEU L 126 -52.31 -70.23 -1.02
C LEU L 126 -53.58 -70.50 -1.82
N SER L 127 -53.96 -69.58 -2.70
CA SER L 127 -55.16 -69.72 -3.52
C SER L 127 -54.96 -70.64 -4.71
N ALA L 128 -53.73 -71.10 -4.96
CA ALA L 128 -53.43 -71.93 -6.11
C ALA L 128 -53.72 -73.40 -5.87
N GLY L 129 -54.18 -73.77 -4.68
CA GLY L 129 -54.49 -75.16 -4.41
C GLY L 129 -55.71 -75.64 -5.18
N THR L 130 -55.92 -76.95 -5.11
CA THR L 130 -57.06 -77.54 -5.80
C THR L 130 -58.36 -77.00 -5.21
N PRO L 131 -59.36 -76.72 -6.05
CA PRO L 131 -60.63 -76.17 -5.53
C PRO L 131 -61.26 -77.10 -4.52
N GLY L 132 -61.83 -76.51 -3.48
CA GLY L 132 -62.39 -77.27 -2.37
C GLY L 132 -61.38 -77.71 -1.33
N LYS L 133 -60.10 -77.36 -1.51
CA LYS L 133 -59.05 -77.81 -0.60
C LYS L 133 -58.10 -76.66 -0.27
N ARG L 134 -58.67 -75.49 0.01
CA ARG L 134 -57.90 -74.34 0.50
C ARG L 134 -58.47 -73.93 1.83
N PHE L 135 -57.60 -73.75 2.83
CA PHE L 135 -58.06 -73.51 4.19
C PHE L 135 -57.18 -72.49 4.88
N ALA L 136 -57.73 -71.88 5.92
CA ALA L 136 -57.00 -70.95 6.76
C ALA L 136 -57.43 -71.14 8.22
N LEU L 137 -56.47 -71.03 9.13
CA LEU L 137 -56.77 -71.12 10.54
C LEU L 137 -57.54 -69.87 10.99
N PRO L 138 -58.29 -69.97 12.08
CA PRO L 138 -59.19 -68.85 12.45
C PRO L 138 -58.48 -67.51 12.62
N ASN L 139 -57.24 -67.50 13.11
CA ASN L 139 -56.47 -66.27 13.25
C ASN L 139 -55.37 -66.29 12.20
N ALA L 140 -55.71 -65.85 11.00
CA ALA L 140 -54.76 -65.80 9.89
C ALA L 140 -54.94 -64.50 9.14
N GLU L 141 -53.82 -63.90 8.74
CA GLU L 141 -53.82 -62.64 8.02
C GLU L 141 -53.53 -62.90 6.55
N ILE L 142 -54.34 -62.32 5.68
CA ILE L 142 -54.21 -62.48 4.24
C ILE L 142 -54.16 -61.11 3.60
N LEU L 143 -53.19 -60.91 2.70
CA LEU L 143 -52.94 -59.62 2.09
C LEU L 143 -52.76 -59.79 0.59
N ILE L 144 -53.24 -58.81 -0.19
CA ILE L 144 -53.08 -58.79 -1.63
C ILE L 144 -52.61 -57.41 -2.05
N HIS L 145 -51.64 -57.36 -2.95
CA HIS L 145 -51.15 -56.09 -3.47
C HIS L 145 -50.39 -56.34 -4.77
N GLN L 146 -50.23 -55.29 -5.54
CA GLN L 146 -49.53 -55.38 -6.82
C GLN L 146 -48.04 -55.58 -6.61
N PRO L 147 -47.35 -56.16 -7.60
CA PRO L 147 -45.91 -56.37 -7.48
C PRO L 147 -45.14 -55.06 -7.45
N SER L 148 -43.92 -55.12 -6.92
CA SER L 148 -43.03 -53.97 -6.85
C SER L 148 -41.66 -54.39 -7.34
N ALA L 149 -40.96 -53.46 -7.98
CA ALA L 149 -39.65 -53.73 -8.56
C ALA L 149 -38.88 -52.42 -8.64
N GLY L 150 -37.75 -52.45 -9.36
CA GLY L 150 -36.94 -51.28 -9.55
C GLY L 150 -36.46 -51.20 -10.99
N LEU L 151 -35.99 -50.00 -11.36
CA LEU L 151 -35.55 -49.73 -12.73
C LEU L 151 -34.18 -49.08 -12.70
N ALA L 152 -33.32 -49.50 -13.63
CA ALA L 152 -31.99 -48.94 -13.77
C ALA L 152 -31.45 -49.24 -15.16
N GLY L 153 -30.71 -48.30 -15.72
CA GLY L 153 -30.10 -48.48 -17.02
C GLY L 153 -30.37 -47.35 -17.99
N SER L 154 -30.12 -47.59 -19.28
CA SER L 154 -30.37 -46.60 -20.30
C SER L 154 -31.85 -46.56 -20.64
N ALA L 155 -32.24 -45.58 -21.48
CA ALA L 155 -33.65 -45.34 -21.74
C ALA L 155 -34.33 -46.54 -22.38
N SER L 156 -33.67 -47.17 -23.35
CA SER L 156 -34.28 -48.30 -24.03
C SER L 156 -34.45 -49.49 -23.10
N ASP L 157 -33.45 -49.76 -22.26
CA ASP L 157 -33.56 -50.86 -21.30
C ASP L 157 -34.66 -50.58 -20.29
N ILE L 158 -34.75 -49.34 -19.81
CA ILE L 158 -35.85 -48.95 -18.94
C ILE L 158 -37.19 -49.21 -19.62
N LYS L 159 -37.29 -48.85 -20.90
CA LYS L 159 -38.52 -49.08 -21.65
C LYS L 159 -38.88 -50.57 -21.64
N ILE L 160 -37.94 -51.42 -22.08
CA ILE L 160 -38.22 -52.84 -22.23
C ILE L 160 -38.62 -53.45 -20.90
N HIS L 161 -37.87 -53.12 -19.84
CA HIS L 161 -38.23 -53.60 -18.51
C HIS L 161 -39.61 -53.11 -18.11
N ALA L 162 -40.00 -51.92 -18.57
CA ALA L 162 -41.33 -51.41 -18.25
C ALA L 162 -42.43 -52.24 -18.90
N GLU L 163 -42.29 -52.57 -20.20
CA GLU L 163 -43.31 -53.44 -20.78
C GLU L 163 -43.33 -54.79 -20.08
N ARG L 164 -42.16 -55.31 -19.71
CA ARG L 164 -42.15 -56.62 -19.06
C ARG L 164 -42.84 -56.58 -17.70
N LEU L 165 -42.61 -55.51 -16.92
CA LEU L 165 -43.28 -55.39 -15.63
C LEU L 165 -44.79 -55.25 -15.80
N LEU L 166 -45.22 -54.46 -16.79
CA LEU L 166 -46.65 -54.33 -17.02
C LEU L 166 -47.26 -55.67 -17.43
N HIS L 167 -46.57 -56.42 -18.27
CA HIS L 167 -47.07 -57.71 -18.72
C HIS L 167 -47.19 -58.70 -17.55
N THR L 168 -46.18 -58.74 -16.68
CA THR L 168 -46.26 -59.68 -15.57
C THR L 168 -47.31 -59.25 -14.55
N LYS L 169 -47.51 -57.95 -14.36
CA LYS L 169 -48.62 -57.51 -13.51
C LYS L 169 -49.96 -57.93 -14.09
N LYS L 170 -50.14 -57.78 -15.40
CA LYS L 170 -51.38 -58.22 -16.04
C LYS L 170 -51.58 -59.72 -15.88
N ARG L 171 -50.51 -60.50 -16.05
CA ARG L 171 -50.64 -61.95 -15.90
C ARG L 171 -51.01 -62.33 -14.47
N MET L 172 -50.40 -61.68 -13.48
CA MET L 172 -50.75 -61.95 -12.09
C MET L 172 -52.21 -61.63 -11.82
N ALA L 173 -52.67 -60.48 -12.31
CA ALA L 173 -54.07 -60.12 -12.11
C ALA L 173 -55.00 -61.13 -12.77
N GLU L 174 -54.67 -61.56 -13.99
CA GLU L 174 -55.52 -62.52 -14.68
C GLU L 174 -55.57 -63.85 -13.94
N LEU L 175 -54.42 -64.32 -13.45
CA LEU L 175 -54.40 -65.60 -12.72
C LEU L 175 -55.16 -65.50 -11.41
N THR L 176 -55.03 -64.38 -10.70
CA THR L 176 -55.78 -64.21 -9.46
C THR L 176 -57.28 -64.18 -9.73
N SER L 177 -57.69 -63.48 -10.78
CA SER L 177 -59.10 -63.45 -11.14
C SER L 177 -59.60 -64.83 -11.52
N GLN L 178 -58.79 -65.61 -12.24
CA GLN L 178 -59.18 -66.96 -12.60
C GLN L 178 -59.37 -67.84 -11.37
N HIS L 179 -58.43 -67.76 -10.42
CA HIS L 179 -58.47 -68.69 -9.30
C HIS L 179 -59.51 -68.28 -8.26
N THR L 180 -59.76 -66.98 -8.09
CA THR L 180 -60.66 -66.52 -7.04
C THR L 180 -62.09 -66.37 -7.50
N GLY L 181 -62.37 -66.46 -8.80
CA GLY L 181 -63.72 -66.31 -9.29
C GLY L 181 -64.22 -64.88 -9.36
N GLN L 182 -63.37 -63.90 -9.08
CA GLN L 182 -63.71 -62.50 -9.17
C GLN L 182 -63.43 -61.96 -10.57
N THR L 183 -64.02 -60.82 -10.88
CA THR L 183 -63.76 -60.19 -12.16
C THR L 183 -62.39 -59.52 -12.17
N ILE L 184 -61.80 -59.45 -13.36
CA ILE L 184 -60.45 -58.91 -13.49
C ILE L 184 -60.40 -57.46 -13.05
N GLU L 185 -61.44 -56.68 -13.40
CA GLU L 185 -61.49 -55.28 -12.98
C GLU L 185 -61.56 -55.15 -11.47
N GLN L 186 -62.35 -56.01 -10.81
CA GLN L 186 -62.44 -55.97 -9.36
C GLN L 186 -61.10 -56.33 -8.72
N ILE L 187 -60.41 -57.34 -9.28
CA ILE L 187 -59.11 -57.73 -8.76
C ILE L 187 -58.11 -56.59 -8.91
N THR L 188 -58.10 -55.92 -10.07
CA THR L 188 -57.21 -54.80 -10.26
C THR L 188 -57.52 -53.67 -9.28
N ARG L 189 -58.80 -53.38 -9.08
CA ARG L 189 -59.20 -52.31 -8.18
C ARG L 189 -58.76 -52.61 -6.75
N ASP L 190 -58.94 -53.85 -6.30
CA ASP L 190 -58.56 -54.20 -4.94
C ASP L 190 -57.06 -54.39 -4.76
N SER L 191 -56.34 -54.77 -5.81
CA SER L 191 -54.92 -55.06 -5.70
C SER L 191 -54.04 -53.87 -6.05
N ASP L 192 -54.61 -52.77 -6.55
CA ASP L 192 -53.83 -51.55 -6.72
C ASP L 192 -53.19 -51.13 -5.40
N ARG L 193 -53.99 -51.07 -4.36
CA ARG L 193 -53.55 -50.69 -3.03
C ARG L 193 -53.43 -51.97 -2.18
N ASP L 194 -53.26 -51.82 -0.87
CA ASP L 194 -52.74 -52.89 -0.02
C ASP L 194 -53.81 -53.46 0.91
N ARG L 195 -54.98 -53.78 0.35
CA ARG L 195 -56.11 -54.29 1.12
C ARG L 195 -55.73 -55.50 1.97
N TRP L 196 -56.24 -55.53 3.20
CA TRP L 196 -56.06 -56.63 4.14
C TRP L 196 -57.32 -57.49 4.19
N PHE L 197 -57.20 -58.63 4.86
CA PHE L 197 -58.30 -59.58 5.03
C PHE L 197 -58.14 -60.33 6.34
N ASP L 198 -59.19 -61.05 6.71
CA ASP L 198 -59.12 -62.08 7.74
C ASP L 198 -59.70 -63.38 7.17
N ALA L 199 -59.95 -64.35 8.04
CA ALA L 199 -60.42 -65.65 7.58
C ALA L 199 -61.77 -65.55 6.89
N PHE L 200 -62.73 -64.88 7.53
CA PHE L 200 -64.10 -64.87 7.00
C PHE L 200 -64.23 -63.96 5.79
N GLU L 201 -63.54 -62.82 5.80
CA GLU L 201 -63.53 -61.96 4.62
C GLU L 201 -62.91 -62.67 3.43
N ALA L 202 -61.85 -63.45 3.67
CA ALA L 202 -61.26 -64.26 2.60
C ALA L 202 -62.24 -65.32 2.12
N LYS L 203 -62.96 -65.95 3.05
CA LYS L 203 -63.93 -66.97 2.67
C LYS L 203 -65.02 -66.39 1.78
N GLU L 204 -65.56 -65.23 2.14
CA GLU L 204 -66.62 -64.65 1.33
C GLU L 204 -66.08 -64.06 0.04
N TYR L 205 -64.83 -63.59 0.05
CA TYR L 205 -64.21 -63.04 -1.15
C TYR L 205 -63.94 -64.13 -2.19
N GLY L 206 -63.50 -65.30 -1.73
CA GLY L 206 -63.14 -66.39 -2.62
C GLY L 206 -61.67 -66.78 -2.56
N LEU L 207 -60.85 -66.15 -1.72
CA LEU L 207 -59.44 -66.51 -1.65
C LEU L 207 -59.24 -67.91 -1.07
N ILE L 208 -60.12 -68.33 -0.16
CA ILE L 208 -60.08 -69.66 0.42
C ILE L 208 -61.47 -70.27 0.31
N ASP L 209 -61.56 -71.54 0.68
CA ASP L 209 -62.81 -72.29 0.56
C ASP L 209 -63.49 -72.56 1.89
N ASP L 210 -62.73 -72.63 2.98
CA ASP L 210 -63.30 -72.86 4.30
C ASP L 210 -62.30 -72.42 5.35
N VAL L 211 -62.80 -72.26 6.57
CA VAL L 211 -61.98 -71.92 7.73
C VAL L 211 -61.84 -73.20 8.56
N MET L 212 -60.60 -73.65 8.75
CA MET L 212 -60.33 -74.92 9.41
C MET L 212 -60.10 -74.69 10.89
N THR L 213 -60.93 -75.33 11.71
CA THR L 213 -60.75 -75.33 13.16
C THR L 213 -60.91 -76.75 13.66
N THR L 214 -60.04 -77.15 14.58
CA THR L 214 -59.96 -78.51 15.11
C THR L 214 -59.72 -79.52 14.00
N ALA L 215 -59.63 -80.80 14.36
CA ALA L 215 -59.36 -81.85 13.37
C ALA L 215 -60.66 -82.43 12.82
N GLY M 38 -29.34 -80.09 5.23
CA GLY M 38 -29.62 -81.43 5.69
C GLY M 38 -30.71 -82.12 4.91
N LEU M 39 -31.95 -81.61 5.05
CA LEU M 39 -33.07 -82.21 4.34
C LEU M 39 -32.94 -81.98 2.83
N GLY M 40 -32.51 -80.78 2.43
CA GLY M 40 -32.36 -80.50 1.02
C GLY M 40 -31.37 -81.42 0.34
N ASP M 41 -30.26 -81.73 1.02
CA ASP M 41 -29.27 -82.64 0.46
C ASP M 41 -29.85 -84.03 0.25
N GLN M 42 -30.61 -84.53 1.24
CA GLN M 42 -31.22 -85.84 1.10
C GLN M 42 -32.23 -85.87 -0.04
N VAL M 43 -33.05 -84.81 -0.16
CA VAL M 43 -34.02 -84.75 -1.24
C VAL M 43 -33.32 -84.73 -2.59
N TYR M 44 -32.23 -83.96 -2.70
CA TYR M 44 -31.48 -83.91 -3.95
C TYR M 44 -30.88 -85.26 -4.29
N ASN M 45 -30.37 -85.98 -3.27
CA ASN M 45 -29.83 -87.32 -3.53
C ASN M 45 -30.91 -88.28 -4.02
N ARG M 46 -32.07 -88.28 -3.37
CA ARG M 46 -33.15 -89.16 -3.79
C ARG M 46 -33.62 -88.81 -5.20
N LEU M 47 -33.60 -87.53 -5.55
CA LEU M 47 -33.97 -87.14 -6.92
C LEU M 47 -32.90 -87.58 -7.91
N LEU M 48 -31.62 -87.47 -7.52
CA LEU M 48 -30.54 -87.93 -8.39
C LEU M 48 -30.63 -89.43 -8.64
N ASN M 49 -31.15 -90.18 -7.67
CA ASN M 49 -31.38 -91.60 -7.88
C ASN M 49 -32.37 -91.88 -9.00
N GLU M 50 -33.17 -90.88 -9.39
CA GLU M 50 -34.11 -91.00 -10.49
C GLU M 50 -33.63 -90.26 -11.74
N ARG M 51 -32.34 -89.95 -11.81
CA ARG M 51 -31.73 -89.28 -12.97
C ARG M 51 -32.38 -87.92 -13.23
N ILE M 52 -32.49 -87.11 -12.18
CA ILE M 52 -33.00 -85.76 -12.26
C ILE M 52 -31.94 -84.80 -11.73
N ILE M 53 -31.63 -83.77 -12.50
CA ILE M 53 -30.60 -82.81 -12.16
C ILE M 53 -31.22 -81.43 -12.10
N PHE M 54 -30.81 -80.63 -11.11
CA PHE M 54 -31.33 -79.29 -10.90
C PHE M 54 -30.27 -78.26 -11.25
N LEU M 55 -30.70 -77.15 -11.83
CA LEU M 55 -29.81 -76.06 -12.19
C LEU M 55 -30.39 -74.73 -11.73
N GLY M 56 -30.80 -74.68 -10.46
CA GLY M 56 -31.13 -73.42 -9.84
C GLY M 56 -29.87 -72.58 -9.68
N GLN M 57 -30.07 -71.36 -9.15
CA GLN M 57 -29.07 -70.36 -8.76
C GLN M 57 -28.22 -69.92 -9.95
N PRO M 58 -27.55 -68.77 -9.87
CA PRO M 58 -26.67 -68.37 -10.98
C PRO M 58 -25.56 -69.38 -11.20
N VAL M 59 -25.15 -69.51 -12.46
CA VAL M 59 -24.15 -70.51 -12.85
C VAL M 59 -22.75 -69.91 -12.68
N ASP M 60 -21.87 -70.66 -12.05
CA ASP M 60 -20.49 -70.25 -11.81
C ASP M 60 -19.62 -71.51 -11.88
N ASP M 61 -18.38 -71.39 -11.42
CA ASP M 61 -17.45 -72.52 -11.49
C ASP M 61 -17.91 -73.67 -10.60
N ASP M 62 -18.39 -73.37 -9.40
CA ASP M 62 -18.76 -74.43 -8.46
C ASP M 62 -19.92 -75.26 -8.98
N ILE M 63 -21.01 -74.60 -9.37
CA ILE M 63 -22.17 -75.34 -9.85
C ILE M 63 -21.87 -76.00 -11.19
N ALA M 64 -21.00 -75.40 -12.01
CA ALA M 64 -20.62 -76.05 -13.26
C ALA M 64 -19.88 -77.35 -12.99
N ASN M 65 -18.95 -77.33 -12.04
CA ASN M 65 -18.25 -78.55 -11.68
C ASN M 65 -19.22 -79.59 -11.12
N LYS M 66 -20.16 -79.16 -10.28
CA LYS M 66 -21.13 -80.10 -9.72
C LYS M 66 -21.98 -80.74 -10.81
N ILE M 67 -22.48 -79.92 -11.75
CA ILE M 67 -23.33 -80.45 -12.81
C ILE M 67 -22.54 -81.37 -13.72
N THR M 68 -21.30 -81.01 -14.06
CA THR M 68 -20.46 -81.87 -14.88
C THR M 68 -20.20 -83.20 -14.19
N ALA M 69 -19.92 -83.15 -12.88
CA ALA M 69 -19.69 -84.38 -12.13
C ALA M 69 -20.93 -85.26 -12.12
N GLN M 70 -22.10 -84.66 -11.91
CA GLN M 70 -23.33 -85.44 -11.89
C GLN M 70 -23.61 -86.06 -13.25
N LEU M 71 -23.40 -85.30 -14.32
CA LEU M 71 -23.61 -85.84 -15.67
C LEU M 71 -22.66 -86.99 -15.95
N LEU M 72 -21.38 -86.85 -15.59
CA LEU M 72 -20.43 -87.93 -15.82
C LEU M 72 -20.78 -89.16 -15.00
N LEU M 73 -21.21 -88.97 -13.76
CA LEU M 73 -21.59 -90.10 -12.93
C LEU M 73 -22.83 -90.80 -13.47
N LEU M 74 -23.81 -90.04 -13.96
CA LEU M 74 -25.02 -90.65 -14.50
C LEU M 74 -24.77 -91.29 -15.85
N ALA M 75 -23.72 -90.87 -16.56
CA ALA M 75 -23.42 -91.43 -17.87
C ALA M 75 -22.94 -92.87 -17.81
N SER M 76 -22.90 -93.49 -16.63
CA SER M 76 -22.50 -94.90 -16.54
C SER M 76 -23.48 -95.82 -17.23
N ASP M 77 -24.72 -95.37 -17.46
CA ASP M 77 -25.70 -96.16 -18.19
C ASP M 77 -25.73 -95.69 -19.63
N PRO M 78 -25.25 -96.49 -20.59
CA PRO M 78 -25.18 -96.01 -21.98
C PRO M 78 -26.51 -95.57 -22.56
N GLU M 79 -27.60 -96.27 -22.24
CA GLU M 79 -28.90 -96.00 -22.88
C GLU M 79 -29.97 -95.74 -21.82
N LYS M 80 -30.04 -94.49 -21.35
CA LYS M 80 -31.14 -94.00 -20.53
C LYS M 80 -31.32 -92.51 -20.82
N ASP M 81 -32.10 -91.84 -19.98
CA ASP M 81 -32.40 -90.43 -20.16
C ASP M 81 -32.03 -89.65 -18.92
N ILE M 82 -31.76 -88.36 -19.11
CA ILE M 82 -31.41 -87.45 -18.02
C ILE M 82 -32.28 -86.22 -18.13
N TYR M 83 -32.90 -85.81 -17.02
CA TYR M 83 -33.76 -84.65 -16.97
C TYR M 83 -33.05 -83.52 -16.25
N LEU M 84 -33.11 -82.33 -16.83
CA LEU M 84 -32.45 -81.15 -16.29
C LEU M 84 -33.46 -80.03 -16.15
N TYR M 85 -33.55 -79.44 -14.96
CA TYR M 85 -34.44 -78.32 -14.68
C TYR M 85 -33.61 -77.06 -14.53
N ILE M 86 -33.99 -76.00 -15.25
CA ILE M 86 -33.24 -74.75 -15.27
C ILE M 86 -34.12 -73.67 -14.67
N ASN M 87 -33.62 -73.02 -13.62
CA ASN M 87 -34.28 -71.89 -12.97
C ASN M 87 -33.24 -70.83 -12.65
N SER M 88 -32.36 -70.55 -13.61
CA SER M 88 -31.21 -69.70 -13.36
C SER M 88 -31.28 -68.43 -14.19
N PRO M 89 -30.78 -67.31 -13.67
CA PRO M 89 -30.68 -66.07 -14.46
C PRO M 89 -29.38 -65.92 -15.24
N GLY M 90 -28.59 -66.98 -15.39
CA GLY M 90 -27.34 -66.90 -16.12
C GLY M 90 -26.13 -66.74 -15.22
N GLY M 91 -24.98 -66.58 -15.87
CA GLY M 91 -23.73 -66.42 -15.14
C GLY M 91 -22.50 -66.43 -16.01
N SER M 92 -21.48 -67.19 -15.60
CA SER M 92 -20.21 -67.20 -16.31
C SER M 92 -20.36 -67.87 -17.67
N ILE M 93 -19.69 -67.29 -18.67
CA ILE M 93 -19.75 -67.85 -20.02
C ILE M 93 -18.99 -69.17 -20.09
N THR M 94 -17.79 -69.22 -19.49
CA THR M 94 -16.96 -70.41 -19.59
C THR M 94 -17.55 -71.59 -18.82
N ALA M 95 -18.17 -71.34 -17.66
CA ALA M 95 -18.82 -72.43 -16.94
C ALA M 95 -19.99 -73.00 -17.74
N GLY M 96 -20.80 -72.12 -18.33
CA GLY M 96 -21.86 -72.59 -19.21
C GLY M 96 -21.33 -73.38 -20.39
N MET M 97 -20.19 -72.95 -20.93
CA MET M 97 -19.58 -73.70 -22.02
C MET M 97 -19.12 -75.08 -21.57
N ALA M 98 -18.54 -75.18 -20.38
CA ALA M 98 -18.16 -76.48 -19.87
C ALA M 98 -19.37 -77.39 -19.72
N ILE M 99 -20.47 -76.85 -19.18
CA ILE M 99 -21.69 -77.64 -19.04
C ILE M 99 -22.22 -78.07 -20.40
N TYR M 100 -22.21 -77.16 -21.37
CA TYR M 100 -22.71 -77.47 -22.71
C TYR M 100 -21.89 -78.56 -23.39
N ASP M 101 -20.56 -78.45 -23.29
CA ASP M 101 -19.71 -79.48 -23.90
C ASP M 101 -19.89 -80.82 -23.21
N THR M 102 -20.07 -80.82 -21.89
CA THR M 102 -20.34 -82.07 -21.19
C THR M 102 -21.66 -82.67 -21.64
N MET M 103 -22.68 -81.83 -21.84
CA MET M 103 -23.97 -82.30 -22.31
C MET M 103 -23.85 -82.92 -23.71
N GLN M 104 -23.09 -82.28 -24.59
CA GLN M 104 -22.92 -82.82 -25.94
C GLN M 104 -22.02 -84.05 -25.95
N TYR M 105 -21.14 -84.19 -24.97
CA TYR M 105 -20.14 -85.24 -25.00
C TYR M 105 -20.76 -86.62 -24.78
N ILE M 106 -21.64 -86.74 -23.77
CA ILE M 106 -22.17 -88.05 -23.41
C ILE M 106 -23.22 -88.49 -24.42
N LYS M 107 -23.40 -89.80 -24.52
CA LYS M 107 -24.35 -90.40 -25.45
C LYS M 107 -25.79 -90.30 -24.99
N ASN M 108 -26.04 -90.10 -23.70
CA ASN M 108 -27.41 -90.09 -23.20
C ASN M 108 -28.13 -88.83 -23.66
N ASP M 109 -29.42 -88.99 -23.94
CA ASP M 109 -30.26 -87.86 -24.31
C ASP M 109 -30.59 -87.05 -23.06
N VAL M 110 -30.43 -85.73 -23.18
CA VAL M 110 -30.65 -84.81 -22.08
C VAL M 110 -31.93 -84.03 -22.35
N VAL M 111 -32.92 -84.20 -21.48
CA VAL M 111 -34.19 -83.52 -21.58
C VAL M 111 -34.15 -82.32 -20.64
N THR M 112 -34.33 -81.13 -21.20
CA THR M 112 -34.27 -79.89 -20.42
C THR M 112 -35.68 -79.34 -20.27
N ILE M 113 -36.03 -78.99 -19.04
CA ILE M 113 -37.33 -78.40 -18.71
C ILE M 113 -37.09 -77.06 -18.04
N ALA M 114 -37.72 -76.01 -18.56
CA ALA M 114 -37.53 -74.66 -18.07
C ALA M 114 -38.67 -74.27 -17.14
N MET M 115 -38.32 -73.92 -15.91
CA MET M 115 -39.28 -73.39 -14.95
C MET M 115 -38.68 -72.17 -14.28
N GLY M 116 -39.50 -71.17 -14.07
CA GLY M 116 -39.04 -69.94 -13.41
C GLY M 116 -38.58 -68.89 -14.42
N LEU M 117 -37.27 -68.61 -14.43
CA LEU M 117 -36.73 -67.53 -15.24
C LEU M 117 -35.99 -68.04 -16.48
N ALA M 118 -35.00 -68.90 -16.31
CA ALA M 118 -34.28 -69.52 -17.43
C ALA M 118 -33.81 -68.47 -18.45
N ALA M 119 -32.96 -67.56 -17.98
CA ALA M 119 -32.52 -66.42 -18.76
C ALA M 119 -31.01 -66.45 -18.95
N ALA M 120 -30.55 -65.74 -19.99
CA ALA M 120 -29.13 -65.58 -20.30
C ALA M 120 -28.52 -66.96 -20.53
N MET M 121 -27.50 -67.37 -19.78
CA MET M 121 -26.89 -68.68 -20.00
C MET M 121 -27.87 -69.80 -19.65
N GLY M 122 -28.83 -69.52 -18.78
CA GLY M 122 -29.90 -70.48 -18.55
C GLY M 122 -30.69 -70.77 -19.81
N GLN M 123 -30.99 -69.71 -20.58
CA GLN M 123 -31.64 -69.91 -21.87
C GLN M 123 -30.78 -70.74 -22.81
N PHE M 124 -29.47 -70.46 -22.85
CA PHE M 124 -28.58 -71.20 -23.74
C PHE M 124 -28.56 -72.68 -23.39
N LEU M 125 -28.46 -72.99 -22.09
CA LEU M 125 -28.43 -74.39 -21.70
C LEU M 125 -29.79 -75.05 -21.88
N LEU M 126 -30.88 -74.28 -21.79
CA LEU M 126 -32.19 -74.84 -22.09
C LEU M 126 -32.31 -75.19 -23.57
N SER M 127 -31.84 -74.31 -24.44
CA SER M 127 -31.95 -74.53 -25.89
C SER M 127 -30.98 -75.59 -26.40
N ALA M 128 -30.02 -76.01 -25.59
CA ALA M 128 -28.98 -76.93 -26.03
C ALA M 128 -29.34 -78.40 -25.77
N GLY M 129 -30.59 -78.68 -25.44
CA GLY M 129 -31.01 -80.03 -25.17
C GLY M 129 -31.14 -80.86 -26.44
N THR M 130 -31.40 -82.14 -26.23
CA THR M 130 -31.59 -83.05 -27.36
C THR M 130 -32.81 -82.61 -28.16
N PRO M 131 -32.71 -82.51 -29.49
CA PRO M 131 -33.84 -82.03 -30.28
C PRO M 131 -35.06 -82.90 -30.09
N GLY M 132 -36.22 -82.26 -30.01
CA GLY M 132 -37.46 -82.93 -29.68
C GLY M 132 -37.66 -83.21 -28.22
N LYS M 133 -36.74 -82.79 -27.35
CA LYS M 133 -36.78 -83.07 -25.93
C LYS M 133 -36.45 -81.82 -25.11
N ARG M 134 -36.99 -80.68 -25.54
CA ARG M 134 -36.85 -79.42 -24.81
C ARG M 134 -38.24 -78.91 -24.49
N PHE M 135 -38.48 -78.57 -23.22
CA PHE M 135 -39.80 -78.17 -22.78
C PHE M 135 -39.71 -77.01 -21.80
N ALA M 136 -40.80 -76.28 -21.68
CA ALA M 136 -40.92 -75.21 -20.71
C ALA M 136 -42.31 -75.23 -20.10
N LEU M 137 -42.39 -74.98 -18.80
CA LEU M 137 -43.69 -74.90 -18.14
C LEU M 137 -44.44 -73.66 -18.63
N PRO M 138 -45.78 -73.69 -18.63
CA PRO M 138 -46.54 -72.60 -19.27
C PRO M 138 -46.23 -71.22 -18.73
N ASN M 139 -46.07 -71.07 -17.42
CA ASN M 139 -45.76 -69.78 -16.82
C ASN M 139 -44.26 -69.64 -16.57
N ALA M 140 -43.49 -69.73 -17.66
CA ALA M 140 -42.04 -69.62 -17.58
C ALA M 140 -41.55 -68.56 -18.54
N GLU M 141 -40.80 -67.60 -18.02
CA GLU M 141 -40.20 -66.55 -18.85
C GLU M 141 -38.96 -67.08 -19.55
N ILE M 142 -38.54 -66.38 -20.61
CA ILE M 142 -37.27 -66.62 -21.28
C ILE M 142 -36.72 -65.28 -21.74
N LEU M 143 -35.41 -65.08 -21.57
CA LEU M 143 -34.77 -63.83 -21.94
C LEU M 143 -33.51 -64.12 -22.74
N ILE M 144 -33.27 -63.31 -23.78
CA ILE M 144 -32.07 -63.41 -24.59
C ILE M 144 -31.43 -62.04 -24.70
N HIS M 145 -30.10 -62.00 -24.58
CA HIS M 145 -29.33 -60.78 -24.73
C HIS M 145 -27.87 -61.16 -24.95
N GLN M 146 -27.07 -60.16 -25.32
CA GLN M 146 -25.66 -60.36 -25.61
C GLN M 146 -24.83 -60.39 -24.32
N PRO M 147 -23.64 -60.99 -24.36
CA PRO M 147 -22.82 -61.07 -23.15
C PRO M 147 -22.29 -59.70 -22.73
N SER M 148 -21.79 -59.65 -21.50
CA SER M 148 -21.24 -58.43 -20.92
C SER M 148 -19.96 -58.76 -20.17
N ALA M 149 -19.07 -57.78 -20.10
CA ALA M 149 -17.77 -57.95 -19.44
C ALA M 149 -17.20 -56.57 -19.13
N GLY M 150 -15.93 -56.53 -18.76
CA GLY M 150 -15.27 -55.28 -18.46
C GLY M 150 -13.85 -55.27 -19.00
N LEU M 151 -13.28 -54.08 -19.07
CA LEU M 151 -11.94 -53.88 -19.62
C LEU M 151 -11.07 -53.13 -18.63
N ALA M 152 -9.82 -53.57 -18.50
CA ALA M 152 -8.85 -52.92 -17.64
C ALA M 152 -7.45 -53.36 -18.06
N GLY M 153 -6.49 -52.43 -17.97
CA GLY M 153 -5.11 -52.70 -18.28
C GLY M 153 -4.56 -51.68 -19.24
N SER M 154 -3.40 -52.00 -19.82
CA SER M 154 -2.77 -51.13 -20.80
C SER M 154 -3.48 -51.28 -22.15
N ALA M 155 -3.02 -50.50 -23.13
CA ALA M 155 -3.69 -50.48 -24.43
C ALA M 155 -3.63 -51.83 -25.12
N SER M 156 -2.47 -52.49 -25.07
CA SER M 156 -2.31 -53.77 -25.78
C SER M 156 -3.19 -54.85 -25.17
N ASP M 157 -3.20 -54.95 -23.84
CA ASP M 157 -4.02 -55.96 -23.18
C ASP M 157 -5.51 -55.69 -23.41
N ILE M 158 -5.91 -54.42 -23.35
CA ILE M 158 -7.30 -54.07 -23.63
C ILE M 158 -7.67 -54.48 -25.05
N LYS M 159 -6.78 -54.21 -26.01
CA LYS M 159 -7.04 -54.61 -27.38
C LYS M 159 -7.26 -56.11 -27.48
N ILE M 160 -6.31 -56.90 -26.96
CA ILE M 160 -6.38 -58.35 -27.07
C ILE M 160 -7.67 -58.88 -26.45
N HIS M 161 -8.00 -58.37 -25.25
CA HIS M 161 -9.25 -58.77 -24.62
C HIS M 161 -10.44 -58.37 -25.47
N ALA M 162 -10.34 -57.28 -26.22
CA ALA M 162 -11.44 -56.87 -27.09
C ALA M 162 -11.65 -57.87 -28.22
N GLU M 163 -10.58 -58.31 -28.90
CA GLU M 163 -10.80 -59.33 -29.93
C GLU M 163 -11.33 -60.62 -29.32
N ARG M 164 -10.85 -60.98 -28.13
CA ARG M 164 -11.36 -62.21 -27.52
C ARG M 164 -12.85 -62.10 -27.20
N LEU M 165 -13.28 -60.95 -26.69
CA LEU M 165 -14.70 -60.75 -26.41
C LEU M 165 -15.54 -60.80 -27.68
N LEU M 166 -15.05 -60.18 -28.75
CA LEU M 166 -15.80 -60.21 -30.01
C LEU M 166 -15.90 -61.63 -30.55
N HIS M 167 -14.82 -62.40 -30.47
CA HIS M 167 -14.86 -63.78 -30.92
C HIS M 167 -15.84 -64.61 -30.08
N THR M 168 -15.85 -64.40 -28.76
CA THR M 168 -16.80 -65.11 -27.92
C THR M 168 -18.23 -64.77 -28.28
N LYS M 169 -18.52 -63.49 -28.50
CA LYS M 169 -19.87 -63.09 -28.89
C LYS M 169 -20.28 -63.72 -30.22
N LYS M 170 -19.37 -63.73 -31.19
CA LYS M 170 -19.68 -64.34 -32.48
C LYS M 170 -19.96 -65.83 -32.33
N ARG M 171 -19.15 -66.53 -31.51
CA ARG M 171 -19.38 -67.95 -31.30
C ARG M 171 -20.73 -68.20 -30.63
N MET M 172 -21.09 -67.35 -29.66
CA MET M 172 -22.38 -67.49 -29.01
C MET M 172 -23.51 -67.35 -30.03
N ALA M 173 -23.40 -66.33 -30.89
CA ALA M 173 -24.44 -66.13 -31.90
C ALA M 173 -24.53 -67.31 -32.85
N GLU M 174 -23.38 -67.85 -33.28
CA GLU M 174 -23.39 -68.98 -34.20
C GLU M 174 -24.04 -70.21 -33.56
N LEU M 175 -23.70 -70.49 -32.30
CA LEU M 175 -24.27 -71.64 -31.62
C LEU M 175 -25.78 -71.47 -31.43
N THR M 176 -26.22 -70.27 -31.06
CA THR M 176 -27.64 -70.02 -30.92
C THR M 176 -28.38 -70.22 -32.24
N SER M 177 -27.80 -69.69 -33.33
CA SER M 177 -28.42 -69.86 -34.64
C SER M 177 -28.49 -71.33 -35.04
N GLN M 178 -27.43 -72.09 -34.77
CA GLN M 178 -27.42 -73.50 -35.12
C GLN M 178 -28.48 -74.26 -34.34
N HIS M 179 -28.60 -74.01 -33.04
CA HIS M 179 -29.54 -74.79 -32.23
C HIS M 179 -30.99 -74.39 -32.48
N THR M 180 -31.27 -73.09 -32.58
CA THR M 180 -32.65 -72.63 -32.70
C THR M 180 -33.19 -72.70 -34.13
N GLY M 181 -32.33 -72.91 -35.12
CA GLY M 181 -32.79 -73.00 -36.49
C GLY M 181 -33.03 -71.68 -37.18
N GLN M 182 -32.65 -70.56 -36.58
CA GLN M 182 -32.77 -69.26 -37.20
C GLN M 182 -31.47 -68.94 -37.95
N THR M 183 -31.39 -67.75 -38.53
CA THR M 183 -30.21 -67.31 -39.24
C THR M 183 -29.33 -66.46 -38.32
N ILE M 184 -28.03 -66.46 -38.60
CA ILE M 184 -27.08 -65.76 -37.75
C ILE M 184 -27.40 -64.28 -37.70
N GLU M 185 -27.75 -63.69 -38.85
CA GLU M 185 -28.10 -62.28 -38.89
C GLU M 185 -29.35 -62.00 -38.06
N GLN M 186 -30.35 -62.89 -38.15
CA GLN M 186 -31.56 -62.72 -37.36
C GLN M 186 -31.26 -62.74 -35.86
N ILE M 187 -30.44 -63.71 -35.43
CA ILE M 187 -30.10 -63.81 -34.01
C ILE M 187 -29.32 -62.59 -33.56
N THR M 188 -28.37 -62.13 -34.38
CA THR M 188 -27.59 -60.96 -34.02
C THR M 188 -28.47 -59.71 -33.92
N ARG M 189 -29.43 -59.56 -34.84
CA ARG M 189 -30.29 -58.40 -34.80
C ARG M 189 -31.23 -58.42 -33.60
N ASP M 190 -31.80 -59.59 -33.30
CA ASP M 190 -32.73 -59.69 -32.18
C ASP M 190 -32.03 -59.50 -30.84
N SER M 191 -30.92 -60.19 -30.63
CA SER M 191 -30.22 -60.17 -29.35
C SER M 191 -29.22 -59.02 -29.24
N ASP M 192 -29.70 -57.80 -29.48
CA ASP M 192 -28.88 -56.61 -29.25
C ASP M 192 -29.22 -55.98 -27.90
N ARG M 193 -30.49 -55.87 -27.58
CA ARG M 193 -30.97 -55.52 -26.26
C ARG M 193 -31.67 -56.73 -25.65
N ASP M 194 -32.23 -56.55 -24.46
CA ASP M 194 -32.99 -57.62 -23.83
C ASP M 194 -34.21 -57.95 -24.66
N ARG M 195 -34.46 -59.24 -24.88
CA ARG M 195 -35.65 -59.69 -25.58
C ARG M 195 -36.32 -60.78 -24.76
N TRP M 196 -37.63 -60.63 -24.54
CA TRP M 196 -38.39 -61.51 -23.67
C TRP M 196 -39.38 -62.36 -24.47
N PHE M 197 -39.54 -63.61 -24.04
CA PHE M 197 -40.52 -64.52 -24.58
C PHE M 197 -41.26 -65.20 -23.44
N ASP M 198 -42.54 -65.49 -23.67
CA ASP M 198 -43.27 -66.42 -22.81
C ASP M 198 -43.16 -67.81 -23.43
N ALA M 199 -43.97 -68.75 -22.94
CA ALA M 199 -43.85 -70.14 -23.41
C ALA M 199 -44.14 -70.25 -24.89
N PHE M 200 -45.26 -69.68 -25.35
CA PHE M 200 -45.69 -69.88 -26.73
C PHE M 200 -44.84 -69.09 -27.72
N GLU M 201 -44.44 -67.87 -27.37
CA GLU M 201 -43.54 -67.13 -28.24
C GLU M 201 -42.20 -67.84 -28.38
N ALA M 202 -41.72 -68.43 -27.28
CA ALA M 202 -40.48 -69.21 -27.35
C ALA M 202 -40.66 -70.45 -28.21
N LYS M 203 -41.82 -71.11 -28.11
CA LYS M 203 -42.08 -72.26 -28.97
C LYS M 203 -42.09 -71.87 -30.44
N GLU M 204 -42.74 -70.77 -30.77
CA GLU M 204 -42.81 -70.33 -32.15
C GLU M 204 -41.43 -69.90 -32.67
N TYR M 205 -40.66 -69.20 -31.83
CA TYR M 205 -39.35 -68.73 -32.25
C TYR M 205 -38.39 -69.88 -32.52
N GLY M 206 -38.54 -70.98 -31.80
CA GLY M 206 -37.67 -72.13 -31.95
C GLY M 206 -36.76 -72.40 -30.77
N LEU M 207 -36.87 -71.62 -29.68
CA LEU M 207 -36.04 -71.85 -28.51
C LEU M 207 -36.35 -73.19 -27.86
N ILE M 208 -37.63 -73.55 -27.77
CA ILE M 208 -38.07 -74.81 -27.20
C ILE M 208 -38.89 -75.58 -28.24
N ASP M 209 -39.33 -76.77 -27.86
CA ASP M 209 -40.06 -77.65 -28.75
C ASP M 209 -41.55 -77.73 -28.42
N ASP M 210 -41.89 -77.92 -27.14
CA ASP M 210 -43.27 -78.04 -26.73
C ASP M 210 -43.40 -77.53 -25.31
N VAL M 211 -44.63 -77.20 -24.92
CA VAL M 211 -44.94 -76.69 -23.59
C VAL M 211 -45.67 -77.77 -22.81
N MET M 212 -45.06 -78.25 -21.75
CA MET M 212 -45.65 -79.31 -20.93
C MET M 212 -46.68 -78.72 -19.98
N THR M 213 -47.81 -79.40 -19.86
CA THR M 213 -48.87 -79.00 -18.94
C THR M 213 -49.12 -80.05 -17.87
N THR M 214 -49.13 -81.33 -18.24
CA THR M 214 -49.31 -82.40 -17.27
C THR M 214 -48.57 -83.63 -17.80
N ALA M 215 -48.03 -84.41 -16.86
CA ALA M 215 -47.27 -85.61 -17.21
C ALA M 215 -48.16 -86.64 -17.90
N GLY N 38 -23.37 -81.52 0.53
CA GLY N 38 -23.20 -82.93 0.79
C GLY N 38 -23.26 -83.77 -0.47
N LEU N 39 -24.15 -83.40 -1.39
CA LEU N 39 -24.25 -84.13 -2.65
C LEU N 39 -22.97 -84.01 -3.47
N GLY N 40 -22.36 -82.82 -3.47
CA GLY N 40 -21.12 -82.64 -4.19
C GLY N 40 -20.01 -83.51 -3.65
N ASP N 41 -19.91 -83.62 -2.33
CA ASP N 41 -18.90 -84.49 -1.74
C ASP N 41 -19.14 -85.95 -2.12
N GLN N 42 -20.39 -86.39 -2.11
CA GLN N 42 -20.69 -87.78 -2.45
C GLN N 42 -20.36 -88.08 -3.90
N VAL N 43 -20.74 -87.18 -4.82
CA VAL N 43 -20.46 -87.43 -6.23
C VAL N 43 -18.95 -87.37 -6.48
N TYR N 44 -18.25 -86.48 -5.78
CA TYR N 44 -16.78 -86.45 -5.91
C TYR N 44 -16.16 -87.74 -5.41
N ASN N 45 -16.66 -88.27 -4.30
CA ASN N 45 -16.17 -89.55 -3.80
C ASN N 45 -16.40 -90.67 -4.80
N ARG N 46 -17.59 -90.70 -5.41
CA ARG N 46 -17.89 -91.75 -6.38
C ARG N 46 -17.01 -91.63 -7.62
N LEU N 47 -16.80 -90.40 -8.10
CA LEU N 47 -15.94 -90.21 -9.27
C LEU N 47 -14.50 -90.58 -8.97
N LEU N 48 -13.98 -90.16 -7.81
CA LEU N 48 -12.65 -90.57 -7.39
C LEU N 48 -12.58 -92.09 -7.26
N ASN N 49 -13.67 -92.72 -6.85
CA ASN N 49 -13.71 -94.17 -6.82
C ASN N 49 -13.53 -94.74 -8.22
N GLU N 50 -14.20 -94.16 -9.22
CA GLU N 50 -13.98 -94.69 -10.56
C GLU N 50 -12.55 -94.42 -11.04
N ARG N 51 -12.23 -93.20 -11.47
CA ARG N 51 -10.84 -92.76 -11.53
C ARG N 51 -10.69 -91.23 -11.52
N ILE N 52 -11.79 -90.51 -11.51
CA ILE N 52 -11.78 -89.13 -12.00
C ILE N 52 -11.34 -88.17 -10.90
N ILE N 53 -10.56 -87.17 -11.29
CA ILE N 53 -10.10 -86.10 -10.41
C ILE N 53 -10.45 -84.77 -11.06
N PHE N 54 -10.65 -83.74 -10.24
CA PHE N 54 -11.13 -82.45 -10.71
C PHE N 54 -10.19 -81.33 -10.28
N LEU N 55 -10.11 -80.30 -11.12
CA LEU N 55 -9.35 -79.08 -10.85
C LEU N 55 -10.19 -77.87 -11.24
N GLY N 56 -11.45 -77.86 -10.81
CA GLY N 56 -12.38 -76.82 -11.23
C GLY N 56 -12.36 -75.56 -10.40
N GLN N 57 -11.18 -75.05 -10.05
CA GLN N 57 -11.06 -73.87 -9.21
C GLN N 57 -9.61 -73.43 -9.21
N PRO N 58 -9.33 -72.16 -8.89
CA PRO N 58 -7.96 -71.65 -8.98
C PRO N 58 -7.00 -72.41 -8.08
N VAL N 59 -5.77 -72.57 -8.56
CA VAL N 59 -4.76 -73.37 -7.88
C VAL N 59 -4.17 -72.59 -6.72
N ASP N 60 -4.10 -73.22 -5.55
CA ASP N 60 -3.43 -72.65 -4.39
C ASP N 60 -2.86 -73.80 -3.57
N ASP N 61 -2.48 -73.51 -2.32
CA ASP N 61 -1.82 -74.51 -1.50
C ASP N 61 -2.77 -75.64 -1.12
N ASP N 62 -3.99 -75.31 -0.69
CA ASP N 62 -4.93 -76.32 -0.23
C ASP N 62 -5.31 -77.28 -1.35
N ILE N 63 -5.65 -76.73 -2.52
CA ILE N 63 -6.06 -77.58 -3.64
C ILE N 63 -4.89 -78.39 -4.18
N ALA N 64 -3.69 -77.81 -4.21
CA ALA N 64 -2.52 -78.57 -4.62
C ALA N 64 -2.26 -79.74 -3.66
N ASN N 65 -2.39 -79.50 -2.36
CA ASN N 65 -2.27 -80.57 -1.39
C ASN N 65 -3.32 -81.65 -1.58
N LYS N 66 -4.57 -81.27 -1.82
CA LYS N 66 -5.63 -82.24 -2.06
C LYS N 66 -5.40 -83.06 -3.31
N ILE N 67 -4.97 -82.43 -4.40
CA ILE N 67 -4.73 -83.17 -5.64
C ILE N 67 -3.51 -84.07 -5.50
N THR N 68 -2.47 -83.61 -4.82
CA THR N 68 -1.33 -84.47 -4.54
C THR N 68 -1.74 -85.68 -3.71
N ALA N 69 -2.62 -85.45 -2.72
CA ALA N 69 -3.12 -86.55 -1.91
C ALA N 69 -3.88 -87.55 -2.75
N GLN N 70 -4.76 -87.07 -3.63
CA GLN N 70 -5.55 -87.97 -4.47
C GLN N 70 -4.65 -88.75 -5.42
N LEU N 71 -3.65 -88.08 -6.02
CA LEU N 71 -2.74 -88.77 -6.92
C LEU N 71 -1.92 -89.83 -6.19
N LEU N 72 -1.41 -89.50 -5.01
CA LEU N 72 -0.64 -90.47 -4.24
C LEU N 72 -1.50 -91.66 -3.85
N LEU N 73 -2.76 -91.41 -3.47
CA LEU N 73 -3.66 -92.49 -3.10
C LEU N 73 -3.98 -93.38 -4.31
N LEU N 74 -4.21 -92.77 -5.47
CA LEU N 74 -4.53 -93.54 -6.66
C LEU N 74 -3.31 -94.25 -7.25
N ALA N 75 -2.11 -93.82 -6.87
CA ALA N 75 -0.89 -94.44 -7.39
C ALA N 75 -0.68 -95.86 -6.87
N SER N 76 -1.48 -96.32 -5.91
CA SER N 76 -1.34 -97.68 -5.40
C SER N 76 -1.49 -98.71 -6.50
N ASP N 77 -2.31 -98.43 -7.51
CA ASP N 77 -2.42 -99.31 -8.66
C ASP N 77 -1.54 -98.77 -9.78
N PRO N 78 -0.48 -99.48 -10.16
CA PRO N 78 0.47 -98.91 -11.12
C PRO N 78 0.13 -99.22 -12.57
N GLU N 79 -1.11 -99.65 -12.84
CA GLU N 79 -1.49 -100.05 -14.19
C GLU N 79 -2.50 -99.12 -14.84
N LYS N 80 -3.66 -98.94 -14.22
CA LYS N 80 -4.72 -98.17 -14.85
C LYS N 80 -4.41 -96.68 -14.86
N ASP N 81 -4.93 -95.99 -15.87
CA ASP N 81 -4.64 -94.59 -16.13
C ASP N 81 -5.59 -93.69 -15.33
N ILE N 82 -5.11 -92.49 -15.03
CA ILE N 82 -5.84 -91.53 -14.21
C ILE N 82 -6.24 -90.34 -15.06
N TYR N 83 -7.52 -89.97 -14.98
CA TYR N 83 -8.08 -88.87 -15.75
C TYR N 83 -8.15 -87.63 -14.88
N LEU N 84 -7.83 -86.48 -15.47
CA LEU N 84 -7.78 -85.22 -14.73
C LEU N 84 -8.44 -84.13 -15.57
N TYR N 85 -9.56 -83.59 -15.08
CA TYR N 85 -10.29 -82.54 -15.77
C TYR N 85 -9.84 -81.18 -15.24
N ILE N 86 -9.65 -80.22 -16.14
CA ILE N 86 -9.13 -78.92 -15.78
C ILE N 86 -10.13 -77.85 -16.22
N ASN N 87 -10.54 -77.01 -15.26
CA ASN N 87 -11.33 -75.81 -15.55
C ASN N 87 -10.98 -74.80 -14.46
N SER N 88 -9.99 -73.95 -14.75
CA SER N 88 -9.48 -73.03 -13.74
C SER N 88 -8.74 -71.90 -14.43
N PRO N 89 -8.68 -70.72 -13.82
CA PRO N 89 -7.92 -69.61 -14.40
C PRO N 89 -6.46 -69.52 -13.98
N GLY N 90 -5.92 -70.54 -13.33
CA GLY N 90 -4.53 -70.52 -12.91
C GLY N 90 -4.36 -70.48 -11.41
N GLY N 91 -3.35 -69.78 -10.93
CA GLY N 91 -3.14 -69.66 -9.49
C GLY N 91 -1.66 -69.54 -9.18
N SER N 92 -1.30 -70.02 -7.99
CA SER N 92 0.07 -69.90 -7.51
C SER N 92 1.00 -70.82 -8.30
N ILE N 93 2.28 -70.45 -8.31
CA ILE N 93 3.27 -71.18 -9.08
C ILE N 93 3.83 -72.38 -8.32
N THR N 94 4.22 -72.19 -7.06
CA THR N 94 4.83 -73.29 -6.32
C THR N 94 3.87 -74.46 -6.14
N ALA N 95 2.61 -74.17 -5.82
CA ALA N 95 1.63 -75.23 -5.64
C ALA N 95 1.41 -76.01 -6.94
N GLY N 96 1.24 -75.30 -8.05
CA GLY N 96 1.05 -75.97 -9.31
C GLY N 96 2.25 -76.78 -9.73
N MET N 97 3.45 -76.29 -9.45
CA MET N 97 4.64 -77.06 -9.78
C MET N 97 4.76 -78.28 -8.88
N ALA N 98 4.27 -78.20 -7.65
CA ALA N 98 4.17 -79.40 -6.83
C ALA N 98 3.23 -80.42 -7.46
N ILE N 99 2.08 -79.96 -7.95
CA ILE N 99 1.17 -80.85 -8.66
C ILE N 99 1.85 -81.47 -9.87
N TYR N 100 2.59 -80.66 -10.63
CA TYR N 100 3.26 -81.15 -11.83
C TYR N 100 4.32 -82.20 -11.48
N ASP N 101 5.07 -81.95 -10.41
CA ASP N 101 6.07 -82.92 -9.98
C ASP N 101 5.43 -84.23 -9.57
N THR N 102 4.29 -84.15 -8.86
CA THR N 102 3.59 -85.37 -8.50
C THR N 102 3.08 -86.10 -9.73
N MET N 103 2.60 -85.36 -10.73
CA MET N 103 2.17 -85.97 -11.98
C MET N 103 3.32 -86.70 -12.65
N GLN N 104 4.49 -86.08 -12.69
CA GLN N 104 5.65 -86.68 -13.36
C GLN N 104 6.34 -87.73 -12.50
N TYR N 105 5.98 -87.86 -11.23
CA TYR N 105 6.66 -88.77 -10.32
C TYR N 105 6.09 -90.18 -10.34
N ILE N 106 4.78 -90.32 -10.51
CA ILE N 106 4.18 -91.65 -10.46
C ILE N 106 4.30 -92.33 -11.81
N LYS N 107 4.18 -93.66 -11.79
CA LYS N 107 4.29 -94.47 -13.00
C LYS N 107 2.99 -94.52 -13.80
N ASN N 108 1.88 -94.10 -13.22
CA ASN N 108 0.61 -94.13 -13.94
C ASN N 108 0.58 -93.05 -15.02
N ASP N 109 -0.24 -93.27 -16.04
CA ASP N 109 -0.43 -92.32 -17.11
C ASP N 109 -1.57 -91.37 -16.78
N VAL N 110 -1.32 -90.08 -16.94
CA VAL N 110 -2.29 -89.05 -16.60
C VAL N 110 -2.85 -88.48 -17.89
N VAL N 111 -4.16 -88.57 -18.06
CA VAL N 111 -4.85 -88.05 -19.23
C VAL N 111 -5.55 -86.76 -18.81
N THR N 112 -5.06 -85.63 -19.30
CA THR N 112 -5.64 -84.34 -18.98
C THR N 112 -6.69 -83.97 -20.01
N ILE N 113 -7.82 -83.45 -19.53
CA ILE N 113 -8.92 -83.02 -20.37
C ILE N 113 -9.28 -81.61 -20.00
N ALA N 114 -9.19 -80.69 -20.95
CA ALA N 114 -9.56 -79.30 -20.75
C ALA N 114 -11.01 -79.09 -21.12
N MET N 115 -11.75 -78.39 -20.27
CA MET N 115 -13.14 -78.06 -20.53
C MET N 115 -13.43 -76.67 -20.00
N GLY N 116 -14.18 -75.90 -20.78
CA GLY N 116 -14.55 -74.56 -20.37
C GLY N 116 -13.40 -73.56 -20.48
N LEU N 117 -12.39 -73.71 -19.63
CA LEU N 117 -11.27 -72.78 -19.62
C LEU N 117 -10.04 -73.47 -19.07
N ALA N 118 -8.89 -73.15 -19.63
CA ALA N 118 -7.60 -73.61 -19.14
C ALA N 118 -6.60 -72.48 -19.41
N ALA N 119 -6.43 -71.61 -18.41
CA ALA N 119 -5.67 -70.39 -18.59
C ALA N 119 -4.53 -70.35 -17.57
N ALA N 120 -3.46 -69.64 -17.95
CA ALA N 120 -2.25 -69.50 -17.13
C ALA N 120 -1.73 -70.89 -16.80
N MET N 121 -1.59 -71.27 -15.54
CA MET N 121 -1.02 -72.58 -15.21
C MET N 121 -2.03 -73.70 -15.36
N GLY N 122 -3.31 -73.38 -15.55
CA GLY N 122 -4.24 -74.39 -16.02
C GLY N 122 -3.80 -74.98 -17.34
N GLN N 123 -3.35 -74.13 -18.26
CA GLN N 123 -2.72 -74.62 -19.48
C GLN N 123 -1.45 -75.41 -19.17
N PHE N 124 -0.66 -74.93 -18.21
CA PHE N 124 0.62 -75.59 -17.92
C PHE N 124 0.41 -77.02 -17.45
N LEU N 125 -0.58 -77.24 -16.58
CA LEU N 125 -0.88 -78.60 -16.14
C LEU N 125 -1.63 -79.37 -17.21
N LEU N 126 -2.34 -78.67 -18.10
CA LEU N 126 -2.98 -79.33 -19.22
C LEU N 126 -1.95 -79.93 -20.17
N SER N 127 -0.88 -79.20 -20.45
CA SER N 127 0.17 -79.66 -21.35
C SER N 127 1.13 -80.64 -20.68
N ALA N 128 1.02 -80.86 -19.37
CA ALA N 128 1.93 -81.72 -18.65
C ALA N 128 1.55 -83.18 -18.71
N GLY N 129 0.45 -83.52 -19.37
CA GLY N 129 0.03 -84.91 -19.45
C GLY N 129 0.96 -85.74 -20.31
N THR N 130 0.77 -87.05 -20.22
CA THR N 130 1.60 -87.97 -20.99
C THR N 130 1.36 -87.76 -22.48
N PRO N 131 2.38 -87.94 -23.32
CA PRO N 131 2.20 -87.71 -24.77
C PRO N 131 1.13 -88.61 -25.34
N GLY N 132 0.33 -88.03 -26.25
CA GLY N 132 -0.76 -88.76 -26.86
C GLY N 132 -2.02 -88.85 -26.03
N LYS N 133 -2.03 -88.28 -24.83
CA LYS N 133 -3.16 -88.39 -23.92
C LYS N 133 -3.50 -87.04 -23.31
N ARG N 134 -3.56 -85.99 -24.14
CA ARG N 134 -4.00 -84.67 -23.72
C ARG N 134 -5.10 -84.22 -24.67
N PHE N 135 -6.25 -83.85 -24.11
CA PHE N 135 -7.42 -83.55 -24.93
C PHE N 135 -8.10 -82.28 -24.44
N ALA N 136 -8.86 -81.67 -25.34
CA ALA N 136 -9.67 -80.50 -25.00
C ALA N 136 -11.04 -80.66 -25.64
N LEU N 137 -12.05 -80.09 -24.99
CA LEU N 137 -13.39 -80.11 -25.55
C LEU N 137 -13.53 -79.03 -26.62
N PRO N 138 -14.46 -79.22 -27.57
CA PRO N 138 -14.48 -78.33 -28.75
C PRO N 138 -14.65 -76.86 -28.43
N ASN N 139 -15.36 -76.51 -27.35
CA ASN N 139 -15.61 -75.12 -27.00
C ASN N 139 -14.74 -74.66 -25.83
N ALA N 140 -13.55 -75.23 -25.71
CA ALA N 140 -12.62 -74.88 -24.65
C ALA N 140 -11.63 -73.83 -25.15
N GLU N 141 -11.28 -72.90 -24.26
CA GLU N 141 -10.32 -71.85 -24.56
C GLU N 141 -9.06 -72.06 -23.73
N ILE N 142 -7.91 -71.74 -24.31
CA ILE N 142 -6.62 -71.91 -23.66
C ILE N 142 -5.85 -70.61 -23.74
N LEU N 143 -5.28 -70.18 -22.61
CA LEU N 143 -4.59 -68.91 -22.54
C LEU N 143 -3.16 -69.13 -22.06
N ILE N 144 -2.22 -68.40 -22.65
CA ILE N 144 -0.83 -68.43 -22.25
C ILE N 144 -0.34 -67.01 -22.02
N HIS N 145 0.42 -66.82 -20.94
CA HIS N 145 1.04 -65.53 -20.64
C HIS N 145 2.14 -65.75 -19.61
N GLN N 146 2.96 -64.73 -19.42
CA GLN N 146 4.09 -64.80 -18.52
C GLN N 146 3.64 -64.63 -17.07
N PRO N 147 4.44 -65.10 -16.11
CA PRO N 147 4.06 -64.98 -14.69
C PRO N 147 3.99 -63.53 -14.24
N SER N 148 3.48 -63.36 -13.02
CA SER N 148 3.34 -62.03 -12.43
C SER N 148 3.51 -62.15 -10.92
N ALA N 149 3.98 -61.07 -10.32
CA ALA N 149 4.26 -61.01 -8.88
C ALA N 149 4.43 -59.55 -8.48
N GLY N 150 4.90 -59.32 -7.26
CA GLY N 150 5.16 -57.97 -6.79
C GLY N 150 6.45 -57.93 -5.99
N LEU N 151 6.89 -56.71 -5.71
CA LEU N 151 8.15 -56.49 -5.01
C LEU N 151 7.94 -55.52 -3.85
N ALA N 152 8.67 -55.76 -2.77
CA ALA N 152 8.64 -54.90 -1.60
C ALA N 152 9.86 -55.19 -0.74
N GLY N 153 10.42 -54.15 -0.12
CA GLY N 153 11.56 -54.29 0.76
C GLY N 153 12.65 -53.31 0.39
N SER N 154 13.85 -53.59 0.89
CA SER N 154 15.01 -52.76 0.60
C SER N 154 15.56 -53.10 -0.78
N ALA N 155 16.62 -52.37 -1.17
CA ALA N 155 17.17 -52.53 -2.51
C ALA N 155 17.73 -53.93 -2.73
N SER N 156 18.47 -54.45 -1.75
CA SER N 156 19.12 -55.76 -1.93
C SER N 156 18.10 -56.89 -1.95
N ASP N 157 17.09 -56.83 -1.07
CA ASP N 157 16.04 -57.84 -1.09
C ASP N 157 15.27 -57.81 -2.39
N ILE N 158 14.96 -56.61 -2.89
CA ILE N 158 14.30 -56.50 -4.19
C ILE N 158 15.18 -57.07 -5.29
N LYS N 159 16.48 -56.85 -5.22
CA LYS N 159 17.40 -57.40 -6.20
C LYS N 159 17.34 -58.92 -6.22
N ILE N 160 17.42 -59.54 -5.03
CA ILE N 160 17.38 -61.00 -4.95
C ILE N 160 16.06 -61.54 -5.47
N HIS N 161 14.95 -60.92 -5.04
CA HIS N 161 13.64 -61.40 -5.46
C HIS N 161 13.46 -61.27 -6.97
N ALA N 162 13.93 -60.17 -7.55
CA ALA N 162 13.84 -60.00 -9.00
C ALA N 162 14.68 -61.02 -9.73
N GLU N 163 15.87 -61.33 -9.22
CA GLU N 163 16.69 -62.36 -9.85
C GLU N 163 15.95 -63.70 -9.86
N ARG N 164 15.33 -64.06 -8.74
CA ARG N 164 14.67 -65.37 -8.71
C ARG N 164 13.37 -65.35 -9.51
N LEU N 165 12.71 -64.19 -9.61
CA LEU N 165 11.56 -64.09 -10.51
C LEU N 165 11.96 -64.34 -11.95
N LEU N 166 13.09 -63.75 -12.37
CA LEU N 166 13.58 -63.98 -13.72
C LEU N 166 13.94 -65.45 -13.92
N HIS N 167 14.56 -66.07 -12.91
CA HIS N 167 14.89 -67.49 -13.00
C HIS N 167 13.63 -68.35 -13.16
N THR N 168 12.60 -68.04 -12.39
CA THR N 168 11.34 -68.79 -12.48
C THR N 168 10.70 -68.61 -13.85
N LYS N 169 10.72 -67.39 -14.38
CA LYS N 169 10.17 -67.17 -15.72
C LYS N 169 10.93 -67.97 -16.77
N LYS N 170 12.27 -67.99 -16.67
CA LYS N 170 13.06 -68.77 -17.61
C LYS N 170 12.74 -70.26 -17.50
N ARG N 171 12.59 -70.77 -16.28
CA ARG N 171 12.26 -72.19 -16.11
C ARG N 171 10.88 -72.50 -16.68
N MET N 172 9.92 -71.60 -16.48
CA MET N 172 8.59 -71.79 -17.06
C MET N 172 8.67 -71.88 -18.57
N ALA N 173 9.41 -70.95 -19.19
CA ALA N 173 9.54 -70.96 -20.65
C ALA N 173 10.22 -72.24 -21.12
N GLU N 174 11.27 -72.68 -20.43
CA GLU N 174 11.97 -73.89 -20.82
C GLU N 174 11.07 -75.11 -20.75
N LEU N 175 10.31 -75.24 -19.66
CA LEU N 175 9.43 -76.39 -19.52
C LEU N 175 8.31 -76.36 -20.57
N THR N 176 7.76 -75.18 -20.84
CA THR N 176 6.73 -75.08 -21.88
C THR N 176 7.29 -75.49 -23.24
N SER N 177 8.50 -75.03 -23.56
CA SER N 177 9.12 -75.42 -24.83
C SER N 177 9.37 -76.92 -24.88
N GLN N 178 9.81 -77.51 -23.77
CA GLN N 178 10.09 -78.94 -23.76
C GLN N 178 8.82 -79.75 -23.97
N HIS N 179 7.72 -79.35 -23.32
CA HIS N 179 6.50 -80.14 -23.43
C HIS N 179 5.78 -79.92 -24.76
N THR N 180 5.67 -78.68 -25.21
CA THR N 180 4.90 -78.41 -26.42
C THR N 180 5.62 -78.91 -27.66
N GLY N 181 6.92 -78.66 -27.76
CA GLY N 181 7.70 -78.98 -28.93
C GLY N 181 8.23 -77.77 -29.67
N GLN N 182 7.65 -76.59 -29.44
CA GLN N 182 8.17 -75.38 -30.04
C GLN N 182 9.50 -74.99 -29.40
N THR N 183 10.24 -74.13 -30.09
CA THR N 183 11.53 -73.70 -29.59
C THR N 183 11.36 -72.73 -28.42
N ILE N 184 12.43 -72.60 -27.62
CA ILE N 184 12.39 -71.72 -26.46
C ILE N 184 12.15 -70.28 -26.87
N GLU N 185 12.84 -69.82 -27.92
CA GLU N 185 12.68 -68.44 -28.36
C GLU N 185 11.27 -68.18 -28.87
N GLN N 186 10.69 -69.15 -29.57
CA GLN N 186 9.31 -68.98 -30.05
C GLN N 186 8.34 -68.85 -28.89
N ILE N 187 8.49 -69.69 -27.87
CA ILE N 187 7.61 -69.61 -26.69
C ILE N 187 7.81 -68.27 -25.99
N THR N 188 9.06 -67.82 -25.87
CA THR N 188 9.32 -66.53 -25.24
C THR N 188 8.67 -65.40 -26.01
N ARG N 189 8.74 -65.44 -27.35
CA ARG N 189 8.11 -64.40 -28.15
C ARG N 189 6.60 -64.42 -27.98
N ASP N 190 6.01 -65.61 -27.95
CA ASP N 190 4.55 -65.70 -27.89
C ASP N 190 4.02 -65.30 -26.52
N SER N 191 4.66 -65.77 -25.45
CA SER N 191 4.19 -65.50 -24.10
C SER N 191 4.78 -64.21 -23.53
N ASP N 192 4.66 -63.12 -24.28
CA ASP N 192 4.98 -61.80 -23.79
C ASP N 192 3.74 -61.04 -23.33
N ARG N 193 2.60 -61.32 -23.94
CA ARG N 193 1.30 -60.84 -23.49
C ARG N 193 0.34 -62.03 -23.47
N ASP N 194 -0.93 -61.74 -23.23
CA ASP N 194 -1.93 -62.81 -23.28
C ASP N 194 -2.08 -63.32 -24.71
N ARG N 195 -2.16 -64.64 -24.85
CA ARG N 195 -2.50 -65.24 -26.13
C ARG N 195 -3.57 -66.30 -25.92
N TRP N 196 -4.58 -66.29 -26.78
CA TRP N 196 -5.72 -67.18 -26.69
C TRP N 196 -5.69 -68.20 -27.83
N PHE N 197 -6.21 -69.39 -27.54
CA PHE N 197 -6.33 -70.47 -28.51
C PHE N 197 -7.67 -71.15 -28.33
N ASP N 198 -8.26 -71.57 -29.45
CA ASP N 198 -9.37 -72.50 -29.40
C ASP N 198 -8.82 -73.93 -29.45
N ALA N 199 -9.69 -74.91 -29.64
CA ALA N 199 -9.25 -76.30 -29.59
C ALA N 199 -8.28 -76.63 -30.71
N PHE N 200 -8.61 -76.21 -31.94
CA PHE N 200 -7.81 -76.63 -33.09
C PHE N 200 -6.49 -75.88 -33.19
N GLU N 201 -6.47 -74.59 -32.84
CA GLU N 201 -5.21 -73.87 -32.78
C GLU N 201 -4.29 -74.46 -31.72
N ALA N 202 -4.84 -74.87 -30.58
CA ALA N 202 -4.03 -75.55 -29.57
C ALA N 202 -3.53 -76.90 -30.09
N LYS N 203 -4.37 -77.62 -30.82
CA LYS N 203 -3.96 -78.92 -31.35
C LYS N 203 -2.80 -78.77 -32.32
N GLU N 204 -2.88 -77.80 -33.22
CA GLU N 204 -1.80 -77.61 -34.20
C GLU N 204 -0.56 -77.00 -33.53
N TYR N 205 -0.78 -76.20 -32.49
CA TYR N 205 0.34 -75.53 -31.82
C TYR N 205 1.18 -76.50 -30.99
N GLY N 206 0.60 -77.63 -30.60
CA GLY N 206 1.27 -78.57 -29.74
C GLY N 206 0.87 -78.51 -28.28
N LEU N 207 -0.03 -77.61 -27.91
CA LEU N 207 -0.49 -77.55 -26.52
C LEU N 207 -1.23 -78.82 -26.12
N ILE N 208 -2.06 -79.37 -27.01
CA ILE N 208 -2.79 -80.60 -26.75
C ILE N 208 -2.54 -81.56 -27.90
N ASP N 209 -2.88 -82.83 -27.67
CA ASP N 209 -2.62 -83.89 -28.63
C ASP N 209 -3.78 -84.14 -29.57
N ASP N 210 -5.02 -84.03 -29.10
CA ASP N 210 -6.19 -84.28 -29.92
C ASP N 210 -7.37 -83.54 -29.33
N VAL N 211 -8.42 -83.37 -30.15
CA VAL N 211 -9.67 -82.76 -29.72
C VAL N 211 -10.69 -83.87 -29.55
N MET N 212 -11.24 -83.98 -28.35
CA MET N 212 -12.19 -85.05 -28.01
C MET N 212 -13.61 -84.50 -28.15
N THR N 213 -14.41 -85.13 -29.00
CA THR N 213 -15.78 -84.73 -29.24
C THR N 213 -16.78 -85.63 -28.54
N THR N 214 -16.72 -86.94 -28.79
CA THR N 214 -17.58 -87.92 -28.15
C THR N 214 -16.72 -89.00 -27.50
N ALA N 215 -17.37 -90.04 -26.99
CA ALA N 215 -16.68 -91.14 -26.35
C ALA N 215 -16.28 -92.20 -27.37
N ASP O 24 3.80 -13.64 13.42
CA ASP O 24 4.07 -14.95 12.85
C ASP O 24 5.57 -15.20 12.76
N PRO O 25 6.08 -16.12 13.59
CA PRO O 25 7.53 -16.34 13.63
C PRO O 25 8.12 -16.83 12.31
N TYR O 26 7.42 -17.70 11.57
CA TYR O 26 8.04 -18.30 10.39
C TYR O 26 8.36 -17.25 9.34
N ALA O 27 7.44 -16.33 9.07
CA ALA O 27 7.70 -15.26 8.14
C ALA O 27 8.86 -14.39 8.63
N LYS O 28 8.92 -14.16 9.94
CA LYS O 28 9.98 -13.33 10.49
C LYS O 28 11.35 -13.95 10.28
N LEU O 29 11.49 -15.27 10.50
CA LEU O 29 12.74 -15.92 10.17
C LEU O 29 13.01 -15.88 8.67
N PHE O 30 11.95 -16.02 7.86
CA PHE O 30 12.14 -15.93 6.41
C PHE O 30 12.67 -14.56 6.00
N GLU O 31 12.38 -13.53 6.80
CA GLU O 31 12.89 -12.20 6.50
C GLU O 31 14.41 -12.15 6.55
N GLU O 32 15.03 -12.82 7.52
CA GLU O 32 16.48 -12.95 7.57
C GLU O 32 16.98 -14.23 6.92
N ARG O 33 16.28 -14.72 5.89
CA ARG O 33 16.77 -15.79 5.02
C ARG O 33 17.01 -17.08 5.81
N VAL O 34 15.93 -17.58 6.40
CA VAL O 34 15.95 -18.83 7.14
C VAL O 34 14.74 -19.67 6.71
N ILE O 35 15.00 -20.93 6.40
CA ILE O 35 13.97 -21.84 5.89
C ILE O 35 13.92 -23.07 6.79
N PHE O 36 12.72 -23.42 7.26
CA PHE O 36 12.49 -24.67 7.96
C PHE O 36 12.13 -25.76 6.98
N LEU O 37 12.71 -26.94 7.15
CA LEU O 37 12.26 -28.16 6.51
C LEU O 37 11.97 -29.14 7.65
N GLY O 38 10.77 -29.04 8.22
CA GLY O 38 10.44 -29.80 9.40
C GLY O 38 9.31 -30.79 9.22
N VAL O 39 8.95 -31.05 7.96
CA VAL O 39 7.88 -31.99 7.65
C VAL O 39 8.43 -33.09 6.76
N GLN O 40 7.58 -34.05 6.40
CA GLN O 40 7.99 -35.11 5.50
C GLN O 40 8.36 -34.54 4.14
N ILE O 41 9.35 -35.15 3.50
CA ILE O 41 9.85 -34.68 2.21
C ILE O 41 8.97 -35.32 1.13
N ASP O 42 8.03 -34.54 0.60
CA ASP O 42 7.17 -34.97 -0.48
C ASP O 42 7.09 -33.85 -1.51
N ASP O 43 6.18 -33.99 -2.47
CA ASP O 43 6.14 -33.07 -3.60
C ASP O 43 5.82 -31.65 -3.15
N ALA O 44 4.81 -31.48 -2.30
CA ALA O 44 4.42 -30.14 -1.87
C ALA O 44 5.53 -29.48 -1.07
N SER O 45 6.15 -30.22 -0.15
CA SER O 45 7.23 -29.67 0.65
C SER O 45 8.41 -29.28 -0.22
N ALA O 46 8.77 -30.13 -1.17
CA ALA O 46 9.88 -29.82 -2.08
C ALA O 46 9.58 -28.57 -2.89
N ASN O 47 8.36 -28.47 -3.42
CA ASN O 47 7.98 -27.30 -4.22
C ASN O 47 8.07 -26.03 -3.39
N ASP O 48 7.54 -26.06 -2.17
CA ASP O 48 7.62 -24.90 -1.30
C ASP O 48 9.08 -24.52 -1.02
N VAL O 49 9.92 -25.51 -0.75
CA VAL O 49 11.31 -25.24 -0.43
C VAL O 49 12.02 -24.58 -1.62
N MET O 50 11.81 -25.09 -2.84
CA MET O 50 12.53 -24.51 -3.96
C MET O 50 11.97 -23.15 -4.34
N ALA O 51 10.68 -22.94 -4.16
CA ALA O 51 10.12 -21.60 -4.37
C ALA O 51 10.74 -20.60 -3.41
N GLN O 52 10.86 -20.98 -2.14
CA GLN O 52 11.49 -20.10 -1.16
C GLN O 52 12.95 -19.85 -1.50
N LEU O 53 13.67 -20.89 -1.93
CA LEU O 53 15.08 -20.74 -2.29
C LEU O 53 15.25 -19.79 -3.47
N LEU O 54 14.40 -19.92 -4.50
CA LEU O 54 14.49 -19.05 -5.65
C LEU O 54 14.17 -17.61 -5.28
N CYS O 55 13.14 -17.40 -4.46
CA CYS O 55 12.83 -16.05 -4.01
C CYS O 55 13.99 -15.45 -3.23
N LEU O 56 14.60 -16.22 -2.34
CA LEU O 56 15.71 -15.71 -1.55
C LEU O 56 16.91 -15.38 -2.43
N GLU O 57 17.18 -16.20 -3.44
CA GLU O 57 18.26 -15.89 -4.37
C GLU O 57 17.96 -14.61 -5.14
N SER O 58 16.72 -14.44 -5.58
CA SER O 58 16.37 -13.26 -6.36
C SER O 58 16.47 -11.99 -5.52
N MET O 59 16.10 -12.07 -4.24
CA MET O 59 16.15 -10.89 -3.39
C MET O 59 17.58 -10.38 -3.23
N ASP O 60 18.53 -11.28 -2.97
CA ASP O 60 19.92 -10.87 -2.83
C ASP O 60 20.84 -12.04 -3.16
N PRO O 61 21.62 -11.95 -4.24
CA PRO O 61 22.38 -13.12 -4.70
C PRO O 61 23.69 -13.36 -3.98
N ASP O 62 24.07 -12.56 -2.99
CA ASP O 62 25.39 -12.70 -2.37
C ASP O 62 25.33 -12.85 -0.85
N ARG O 63 24.14 -13.05 -0.29
CA ARG O 63 24.00 -13.30 1.14
C ARG O 63 23.54 -14.73 1.37
N ASP O 64 24.06 -15.35 2.42
CA ASP O 64 23.83 -16.77 2.66
C ASP O 64 22.37 -17.05 2.95
N ILE O 65 21.98 -18.30 2.72
CA ILE O 65 20.64 -18.81 2.99
C ILE O 65 20.76 -19.95 3.98
N SER O 66 19.98 -19.90 5.05
CA SER O 66 20.03 -20.90 6.10
C SER O 66 18.87 -21.87 5.94
N VAL O 67 19.17 -23.16 5.97
CA VAL O 67 18.18 -24.22 5.87
C VAL O 67 18.24 -25.06 7.14
N TYR O 68 17.12 -25.17 7.82
CA TYR O 68 17.01 -25.90 9.08
C TYR O 68 16.28 -27.22 8.82
N ILE O 69 16.86 -28.32 9.26
CA ILE O 69 16.36 -29.65 8.94
C ILE O 69 15.91 -30.35 10.21
N ASN O 70 14.63 -30.69 10.27
CA ASN O 70 14.06 -31.47 11.37
C ASN O 70 13.07 -32.49 10.81
N SER O 71 13.46 -33.17 9.74
CA SER O 71 12.54 -34.05 9.04
C SER O 71 12.94 -35.51 9.20
N PRO O 72 11.98 -36.44 9.14
CA PRO O 72 12.30 -37.87 9.26
C PRO O 72 12.63 -38.55 7.94
N GLY O 73 12.56 -37.86 6.81
CA GLY O 73 12.82 -38.48 5.53
C GLY O 73 11.73 -38.20 4.52
N GLY O 74 11.67 -38.98 3.45
CA GLY O 74 10.63 -38.78 2.45
C GLY O 74 11.00 -39.46 1.14
N SER O 75 10.34 -39.01 0.08
CA SER O 75 10.53 -39.58 -1.24
C SER O 75 11.90 -39.21 -1.79
N PHE O 76 12.26 -39.83 -2.92
CA PHE O 76 13.57 -39.62 -3.50
C PHE O 76 13.57 -38.55 -4.59
N THR O 77 12.49 -38.48 -5.38
CA THR O 77 12.41 -37.46 -6.41
C THR O 77 12.41 -36.06 -5.80
N ALA O 78 11.67 -35.87 -4.71
CA ALA O 78 11.70 -34.60 -4.01
C ALA O 78 13.08 -34.32 -3.45
N LEU O 79 13.75 -35.35 -2.93
CA LEU O 79 15.12 -35.19 -2.46
C LEU O 79 16.03 -34.66 -3.56
N THR O 80 15.99 -35.30 -4.74
CA THR O 80 16.86 -34.87 -5.83
C THR O 80 16.50 -33.47 -6.30
N ALA O 81 15.21 -33.14 -6.34
CA ALA O 81 14.80 -31.81 -6.76
C ALA O 81 15.34 -30.74 -5.81
N ILE O 82 15.18 -30.97 -4.50
CA ILE O 82 15.68 -30.01 -3.52
C ILE O 82 17.20 -29.91 -3.59
N TYR O 83 17.87 -31.04 -3.75
CA TYR O 83 19.33 -31.04 -3.83
C TYR O 83 19.82 -30.25 -5.04
N ASP O 84 19.18 -30.44 -6.19
CA ASP O 84 19.55 -29.70 -7.38
C ASP O 84 19.29 -28.22 -7.22
N THR O 85 18.16 -27.85 -6.62
CA THR O 85 17.88 -26.44 -6.39
C THR O 85 18.91 -25.81 -5.44
N MET O 86 19.31 -26.55 -4.41
CA MET O 86 20.34 -26.05 -3.50
C MET O 86 21.67 -25.86 -4.23
N GLN O 87 22.04 -26.81 -5.08
CA GLN O 87 23.31 -26.70 -5.80
C GLN O 87 23.27 -25.59 -6.84
N TYR O 88 22.09 -25.29 -7.40
CA TYR O 88 22.01 -24.35 -8.50
C TYR O 88 22.19 -22.91 -8.02
N VAL O 89 21.58 -22.55 -6.89
CA VAL O 89 21.56 -21.16 -6.47
C VAL O 89 22.97 -20.68 -6.16
N LYS O 90 23.26 -19.44 -6.51
CA LYS O 90 24.60 -18.88 -6.30
C LYS O 90 24.98 -18.74 -4.83
N PRO O 91 24.16 -18.14 -3.96
CA PRO O 91 24.62 -17.92 -2.58
C PRO O 91 24.86 -19.21 -1.82
N ASP O 92 25.73 -19.13 -0.82
CA ASP O 92 26.05 -20.29 -0.01
C ASP O 92 24.84 -20.70 0.83
N VAL O 93 24.70 -22.00 1.05
CA VAL O 93 23.60 -22.57 1.82
C VAL O 93 24.18 -23.20 3.08
N GLN O 94 23.71 -22.75 4.23
CA GLN O 94 24.16 -23.25 5.52
C GLN O 94 23.08 -24.14 6.12
N THR O 95 23.39 -25.41 6.29
CA THR O 95 22.41 -26.40 6.77
C THR O 95 22.64 -26.69 8.24
N VAL O 96 21.56 -26.66 9.02
CA VAL O 96 21.61 -26.90 10.46
C VAL O 96 20.68 -28.07 10.79
N CYS O 97 21.23 -29.12 11.37
CA CYS O 97 20.46 -30.23 11.90
C CYS O 97 20.08 -29.95 13.34
N MET O 98 18.80 -30.08 13.65
CA MET O 98 18.28 -29.64 14.94
C MET O 98 17.82 -30.80 15.81
N GLY O 99 16.88 -31.60 15.31
CA GLY O 99 16.42 -32.79 16.00
C GLY O 99 17.02 -34.02 15.38
N GLN O 100 16.27 -34.67 14.49
CA GLN O 100 16.78 -35.79 13.72
C GLN O 100 16.83 -35.39 12.25
N ALA O 101 17.70 -36.08 11.51
CA ALA O 101 17.81 -35.91 10.06
C ALA O 101 18.05 -37.31 9.49
N ALA O 102 16.99 -37.95 9.02
CA ALA O 102 17.02 -39.34 8.62
C ALA O 102 16.82 -39.48 7.12
N ALA O 103 17.49 -40.49 6.55
CA ALA O 103 17.37 -40.84 5.14
C ALA O 103 17.72 -39.68 4.23
N ALA O 104 16.73 -39.14 3.52
CA ALA O 104 16.97 -38.03 2.60
C ALA O 104 17.42 -36.78 3.34
N ALA O 105 16.95 -36.59 4.57
CA ALA O 105 17.36 -35.43 5.35
C ALA O 105 18.87 -35.44 5.60
N ALA O 106 19.46 -36.62 5.78
CA ALA O 106 20.91 -36.70 5.97
C ALA O 106 21.65 -36.22 4.74
N VAL O 107 21.18 -36.60 3.55
CA VAL O 107 21.80 -36.14 2.31
C VAL O 107 21.65 -34.64 2.17
N LEU O 108 20.47 -34.11 2.48
CA LEU O 108 20.27 -32.67 2.40
C LEU O 108 21.17 -31.93 3.37
N LEU O 109 21.35 -32.48 4.58
CA LEU O 109 22.25 -31.85 5.54
C LEU O 109 23.69 -31.87 5.05
N ALA O 110 24.12 -32.99 4.47
CA ALA O 110 25.48 -33.09 3.94
C ALA O 110 25.66 -32.30 2.65
N ALA O 111 24.58 -31.83 2.04
CA ALA O 111 24.66 -31.11 0.77
C ALA O 111 24.87 -29.61 0.93
N GLY O 112 25.14 -29.13 2.14
CA GLY O 112 25.37 -27.71 2.33
C GLY O 112 26.74 -27.28 1.87
N THR O 113 26.97 -25.97 1.93
CA THR O 113 28.27 -25.43 1.57
C THR O 113 29.32 -25.93 2.56
N PRO O 114 30.46 -26.44 2.08
CA PRO O 114 31.46 -27.00 3.00
C PRO O 114 31.92 -25.96 4.01
N GLY O 115 32.08 -26.41 5.26
CA GLY O 115 32.45 -25.54 6.34
C GLY O 115 31.29 -24.79 6.97
N LYS O 116 30.08 -24.96 6.48
CA LYS O 116 28.90 -24.28 7.00
C LYS O 116 27.77 -25.26 7.28
N ARG O 117 28.12 -26.47 7.71
CA ARG O 117 27.15 -27.50 8.05
C ARG O 117 27.26 -27.78 9.54
N MET O 118 26.14 -27.63 10.25
CA MET O 118 26.14 -27.62 11.70
C MET O 118 25.07 -28.58 12.23
N ALA O 119 25.26 -29.02 13.47
CA ALA O 119 24.30 -29.88 14.13
C ALA O 119 24.25 -29.55 15.61
N LEU O 120 23.05 -29.62 16.18
CA LEU O 120 22.88 -29.39 17.60
C LEU O 120 23.54 -30.52 18.39
N PRO O 121 23.91 -30.25 19.66
CA PRO O 121 24.73 -31.24 20.39
C PRO O 121 24.09 -32.60 20.53
N ASN O 122 22.78 -32.68 20.73
CA ASN O 122 22.11 -33.96 20.96
C ASN O 122 21.33 -34.44 19.74
N ALA O 123 21.60 -33.87 18.56
CA ALA O 123 20.94 -34.28 17.34
C ALA O 123 21.45 -35.65 16.89
N ARG O 124 20.71 -36.27 15.98
CA ARG O 124 21.08 -37.55 15.42
C ARG O 124 20.86 -37.55 13.91
N VAL O 125 21.65 -38.38 13.23
CA VAL O 125 21.60 -38.51 11.77
C VAL O 125 21.49 -39.99 11.44
N LEU O 126 20.48 -40.35 10.66
CA LEU O 126 20.23 -41.74 10.31
C LEU O 126 20.37 -41.92 8.80
N ILE O 127 21.16 -42.89 8.38
CA ILE O 127 21.38 -43.17 6.97
C ILE O 127 21.11 -44.65 6.71
N HIS O 128 20.38 -44.94 5.64
CA HIS O 128 20.12 -46.30 5.21
C HIS O 128 19.72 -46.29 3.75
N GLN O 129 19.77 -47.46 3.13
CA GLN O 129 19.50 -47.57 1.70
C GLN O 129 18.02 -47.35 1.42
N PRO O 130 17.67 -46.95 0.19
CA PRO O 130 16.26 -46.65 -0.11
C PRO O 130 15.36 -47.87 0.06
N TYR O 131 14.13 -47.59 0.50
CA TYR O 131 13.08 -48.58 0.62
C TYR O 131 12.07 -48.37 -0.50
N SER O 132 11.52 -49.47 -1.02
CA SER O 132 10.63 -49.39 -2.15
C SER O 132 9.54 -50.45 -2.04
N GLU O 133 8.44 -50.21 -2.75
CA GLU O 133 7.33 -51.15 -2.82
C GLU O 133 6.58 -50.89 -4.11
N THR O 134 6.28 -51.95 -4.85
CA THR O 134 5.58 -51.85 -6.13
C THR O 134 4.36 -52.74 -6.13
N GLY O 135 3.35 -52.34 -6.91
CA GLY O 135 2.16 -53.14 -7.08
C GLY O 135 2.42 -54.34 -7.97
N ARG O 136 1.40 -55.19 -8.08
CA ARG O 136 1.54 -56.39 -8.90
C ARG O 136 1.65 -56.02 -10.37
N GLY O 137 2.42 -56.83 -11.10
CA GLY O 137 2.61 -56.63 -12.53
C GLY O 137 3.37 -57.79 -13.10
N GLN O 138 3.51 -57.77 -14.43
CA GLN O 138 4.24 -58.81 -15.11
C GLN O 138 5.73 -58.72 -14.78
N VAL O 139 6.47 -59.77 -15.13
CA VAL O 139 7.86 -59.89 -14.71
C VAL O 139 8.71 -58.80 -15.34
N SER O 140 8.40 -58.42 -16.59
CA SER O 140 9.18 -57.38 -17.25
C SER O 140 9.09 -56.05 -16.52
N ASP O 141 7.87 -55.66 -16.10
CA ASP O 141 7.71 -54.43 -15.35
C ASP O 141 8.46 -54.49 -14.03
N LEU O 142 8.42 -55.64 -13.36
CA LEU O 142 9.14 -55.79 -12.10
C LEU O 142 10.65 -55.65 -12.31
N GLU O 143 11.17 -56.23 -13.40
CA GLU O 143 12.59 -56.11 -13.68
C GLU O 143 12.99 -54.67 -13.96
N ILE O 144 12.15 -53.96 -14.73
CA ILE O 144 12.43 -52.55 -14.99
C ILE O 144 12.43 -51.75 -13.69
N ALA O 145 11.45 -52.01 -12.82
CA ALA O 145 11.38 -51.30 -11.55
C ALA O 145 12.59 -51.61 -10.67
N ALA O 146 13.02 -52.87 -10.65
CA ALA O 146 14.19 -53.24 -9.85
C ALA O 146 15.45 -52.56 -10.36
N ASN O 147 15.62 -52.50 -11.68
CA ASN O 147 16.76 -51.77 -12.24
C ASN O 147 16.71 -50.31 -11.85
N GLU O 148 15.51 -49.71 -11.89
CA GLU O 148 15.37 -48.32 -11.47
C GLU O 148 15.77 -48.14 -10.01
N ILE O 149 15.34 -49.06 -9.14
CA ILE O 149 15.65 -48.94 -7.71
C ILE O 149 17.16 -49.06 -7.50
N LEU O 150 17.81 -49.98 -8.21
CA LEU O 150 19.26 -50.11 -8.06
C LEU O 150 19.97 -48.85 -8.54
N ARG O 151 19.50 -48.26 -9.64
CA ARG O 151 20.07 -46.99 -10.08
C ARG O 151 19.88 -45.90 -9.03
N MET O 152 18.71 -45.87 -8.39
CA MET O 152 18.44 -44.90 -7.34
C MET O 152 19.41 -45.08 -6.18
N ARG O 153 19.65 -46.32 -5.76
CA ARG O 153 20.59 -46.57 -4.68
C ARG O 153 22.01 -46.14 -5.07
N SER O 154 22.41 -46.42 -6.30
CA SER O 154 23.74 -46.01 -6.75
C SER O 154 23.87 -44.50 -6.75
N GLN O 155 22.83 -43.79 -7.19
CA GLN O 155 22.83 -42.33 -7.14
C GLN O 155 22.96 -41.83 -5.70
N LEU O 156 22.23 -42.46 -4.78
CA LEU O 156 22.34 -42.07 -3.37
C LEU O 156 23.76 -42.28 -2.85
N GLU O 157 24.37 -43.42 -3.20
CA GLU O 157 25.73 -43.69 -2.77
C GLU O 157 26.70 -42.64 -3.29
N ASP O 158 26.56 -42.28 -4.58
CA ASP O 158 27.44 -41.26 -5.15
C ASP O 158 27.23 -39.91 -4.47
N MET O 159 25.96 -39.55 -4.21
CA MET O 159 25.69 -38.27 -3.55
C MET O 159 26.31 -38.23 -2.15
N LEU O 160 26.23 -39.33 -1.41
CA LEU O 160 26.81 -39.35 -0.08
C LEU O 160 28.33 -39.36 -0.13
N ALA O 161 28.93 -40.04 -1.12
CA ALA O 161 30.38 -40.09 -1.22
C ALA O 161 30.95 -38.73 -1.62
N LYS O 162 30.25 -38.00 -2.49
CA LYS O 162 30.77 -36.71 -2.95
C LYS O 162 30.89 -35.70 -1.82
N HIS O 163 29.91 -35.66 -0.93
CA HIS O 163 29.81 -34.62 0.09
C HIS O 163 30.29 -35.11 1.46
N SER O 164 31.27 -36.01 1.49
CA SER O 164 31.81 -36.49 2.75
C SER O 164 33.24 -36.98 2.52
N THR O 165 33.92 -37.31 3.61
CA THR O 165 35.32 -37.72 3.58
C THR O 165 35.47 -39.21 3.87
N THR O 166 34.56 -40.02 3.34
CA THR O 166 34.59 -41.45 3.54
C THR O 166 34.63 -42.17 2.19
N PRO O 167 35.46 -43.20 2.04
CA PRO O 167 35.48 -43.95 0.77
C PRO O 167 34.13 -44.59 0.48
N VAL O 168 33.82 -44.69 -0.82
CA VAL O 168 32.50 -45.14 -1.23
C VAL O 168 32.26 -46.59 -0.84
N GLU O 169 33.31 -47.40 -0.73
CA GLU O 169 33.14 -48.78 -0.28
C GLU O 169 32.60 -48.84 1.13
N LYS O 170 33.12 -47.98 2.02
CA LYS O 170 32.61 -47.94 3.39
C LYS O 170 31.18 -47.41 3.41
N ILE O 171 30.85 -46.49 2.50
CA ILE O 171 29.46 -46.04 2.38
C ILE O 171 28.55 -47.21 2.03
N ARG O 172 28.98 -48.02 1.05
CA ARG O 172 28.18 -49.16 0.64
C ARG O 172 28.00 -50.16 1.78
N GLU O 173 29.08 -50.41 2.53
CA GLU O 173 28.97 -51.32 3.66
C GLU O 173 28.07 -50.75 4.75
N ASP O 174 28.13 -49.44 4.97
CA ASP O 174 27.41 -48.84 6.08
C ASP O 174 25.92 -48.74 5.82
N ILE O 175 25.52 -48.38 4.60
CA ILE O 175 24.11 -48.08 4.35
C ILE O 175 23.32 -49.36 4.09
N GLU O 176 23.95 -50.53 4.29
CA GLU O 176 23.23 -51.79 4.17
C GLU O 176 22.09 -51.86 5.17
N ARG O 177 22.35 -51.49 6.42
CA ARG O 177 21.34 -51.40 7.46
C ARG O 177 21.32 -50.00 8.04
N ASP O 178 20.42 -49.77 8.99
CA ASP O 178 20.25 -48.45 9.58
C ASP O 178 21.51 -48.05 10.35
N LYS O 179 22.20 -47.03 9.87
CA LYS O 179 23.38 -46.49 10.53
C LYS O 179 22.98 -45.19 11.22
N ILE O 180 23.08 -45.18 12.55
CA ILE O 180 22.68 -44.05 13.36
C ILE O 180 23.91 -43.40 13.94
N LEU O 181 24.05 -42.10 13.76
CA LEU O 181 25.21 -41.33 14.19
C LEU O 181 24.76 -40.19 15.08
N THR O 182 25.52 -39.95 16.15
CA THR O 182 25.28 -38.77 16.96
C THR O 182 25.97 -37.56 16.34
N ALA O 183 26.02 -36.46 17.07
CA ALA O 183 26.60 -35.23 16.53
C ALA O 183 28.08 -35.40 16.24
N GLU O 184 28.86 -35.85 17.24
CA GLU O 184 30.30 -35.96 17.04
C GLU O 184 30.66 -37.14 16.14
N ASP O 185 29.84 -38.19 16.16
CA ASP O 185 30.05 -39.29 15.22
C ASP O 185 29.87 -38.80 13.78
N ALA O 186 28.87 -37.96 13.54
CA ALA O 186 28.68 -37.38 12.22
C ALA O 186 29.82 -36.43 11.89
N LEU O 187 30.32 -35.67 12.87
CA LEU O 187 31.44 -34.76 12.62
C LEU O 187 32.68 -35.53 12.19
N SER O 188 33.01 -36.61 12.89
CA SER O 188 34.14 -37.44 12.48
C SER O 188 33.84 -38.17 11.18
N TYR O 189 32.56 -38.41 10.89
CA TYR O 189 32.20 -39.16 9.69
C TYR O 189 32.27 -38.29 8.44
N GLY O 190 32.24 -36.97 8.60
CA GLY O 190 32.37 -36.05 7.51
C GLY O 190 31.10 -35.38 7.03
N LEU O 191 29.96 -35.69 7.64
CA LEU O 191 28.70 -35.10 7.18
C LEU O 191 28.55 -33.65 7.62
N ILE O 192 29.04 -33.30 8.80
CA ILE O 192 28.94 -31.95 9.32
C ILE O 192 30.34 -31.44 9.62
N ASP O 193 30.43 -30.12 9.84
CA ASP O 193 31.71 -29.47 10.10
C ASP O 193 31.85 -28.92 11.51
N GLN O 194 30.75 -28.74 12.24
CA GLN O 194 30.81 -28.09 13.53
C GLN O 194 29.64 -28.54 14.40
N VAL O 195 29.88 -28.58 15.71
CA VAL O 195 28.86 -28.85 16.70
C VAL O 195 28.77 -27.64 17.61
N ILE O 196 27.60 -27.01 17.65
CA ILE O 196 27.40 -25.76 18.38
C ILE O 196 26.73 -26.06 19.71
N SER O 197 27.34 -25.59 20.80
CA SER O 197 26.83 -25.86 22.15
C SER O 197 25.93 -24.73 22.66
N THR O 198 26.50 -23.52 22.82
CA THR O 198 25.74 -22.39 23.34
C THR O 198 26.22 -21.12 22.65
N ARG O 199 25.34 -20.12 22.64
CA ARG O 199 25.71 -18.83 22.06
C ARG O 199 26.72 -18.10 22.93
N LYS O 200 26.54 -18.15 24.25
CA LYS O 200 27.40 -17.42 25.16
C LYS O 200 28.85 -17.91 25.12
N MET O 201 29.07 -19.17 24.79
CA MET O 201 30.41 -19.73 24.70
C MET O 201 31.02 -19.62 23.31
N ASP O 202 30.32 -18.96 22.38
CA ASP O 202 30.80 -18.78 21.00
C ASP O 202 31.15 -20.11 20.35
N ASP P 24 -6.96 -11.59 21.51
CA ASP P 24 -6.17 -12.81 21.52
C ASP P 24 -5.20 -12.82 22.69
N PRO P 25 -5.55 -13.52 23.77
CA PRO P 25 -4.68 -13.56 24.95
C PRO P 25 -3.29 -14.13 24.67
N TYR P 26 -3.20 -15.13 23.79
CA TYR P 26 -1.89 -15.71 23.48
C TYR P 26 -0.97 -14.68 22.84
N ALA P 27 -1.51 -13.81 21.99
CA ALA P 27 -0.71 -12.73 21.43
C ALA P 27 -0.10 -11.88 22.53
N LYS P 28 -0.94 -11.38 23.45
CA LYS P 28 -0.44 -10.52 24.52
C LYS P 28 0.61 -11.24 25.36
N LEU P 29 0.36 -12.51 25.67
CA LEU P 29 1.38 -13.32 26.34
C LEU P 29 2.68 -13.30 25.55
N PHE P 30 2.59 -13.29 24.22
CA PHE P 30 3.80 -13.29 23.41
C PHE P 30 4.53 -11.95 23.49
N GLU P 31 3.81 -10.82 23.36
CA GLU P 31 4.52 -9.54 23.52
C GLU P 31 5.09 -9.38 24.92
N GLU P 32 4.56 -10.09 25.91
CA GLU P 32 5.18 -10.06 27.23
C GLU P 32 6.18 -11.21 27.38
N ARG P 33 6.72 -11.70 26.27
CA ARG P 33 7.81 -12.69 26.27
C ARG P 33 7.42 -13.95 27.01
N VAL P 34 6.26 -14.50 26.69
CA VAL P 34 5.80 -15.78 27.21
C VAL P 34 5.53 -16.72 26.05
N ILE P 35 6.19 -17.87 26.05
CA ILE P 35 5.93 -18.95 25.10
C ILE P 35 5.13 -20.01 25.82
N PHE P 36 3.96 -20.34 25.29
CA PHE P 36 2.99 -21.17 25.99
C PHE P 36 2.91 -22.52 25.31
N LEU P 37 3.19 -23.58 26.08
CA LEU P 37 3.27 -24.95 25.57
C LEU P 37 2.15 -25.78 26.19
N GLY P 38 1.01 -25.86 25.50
CA GLY P 38 -0.14 -26.57 26.00
C GLY P 38 -0.56 -27.83 25.26
N VAL P 39 0.26 -28.33 24.34
CA VAL P 39 -0.08 -29.51 23.55
C VAL P 39 1.06 -30.50 23.64
N GLN P 40 0.79 -31.71 23.17
CA GLN P 40 1.79 -32.78 23.25
C GLN P 40 2.99 -32.47 22.36
N ILE P 41 4.14 -33.04 22.73
CA ILE P 41 5.42 -32.68 22.12
C ILE P 41 5.60 -33.50 20.85
N ASP P 42 5.34 -32.88 19.70
CA ASP P 42 5.65 -33.49 18.42
C ASP P 42 6.48 -32.54 17.56
N ASP P 43 6.69 -32.88 16.29
CA ASP P 43 7.58 -32.08 15.46
C ASP P 43 7.04 -30.67 15.25
N ALA P 44 5.74 -30.54 15.00
CA ALA P 44 5.16 -29.22 14.75
C ALA P 44 5.27 -28.33 15.98
N SER P 45 4.94 -28.87 17.15
CA SER P 45 5.05 -28.08 18.38
C SER P 45 6.49 -27.68 18.65
N ALA P 46 7.43 -28.60 18.43
CA ALA P 46 8.84 -28.27 18.62
C ALA P 46 9.28 -27.16 17.69
N ASN P 47 8.88 -27.24 16.41
CA ASN P 47 9.25 -26.20 15.47
C ASN P 47 8.68 -24.84 15.87
N ASP P 48 7.40 -24.82 16.27
CA ASP P 48 6.80 -23.56 16.69
C ASP P 48 7.50 -22.97 17.90
N VAL P 49 7.78 -23.81 18.90
CA VAL P 49 8.41 -23.30 20.13
C VAL P 49 9.82 -22.80 19.83
N MET P 50 10.57 -23.52 19.01
CA MET P 50 11.93 -23.11 18.70
C MET P 50 11.96 -21.83 17.87
N ALA P 51 11.04 -21.70 16.90
CA ALA P 51 10.95 -20.45 16.16
C ALA P 51 10.60 -19.28 17.07
N GLN P 52 9.67 -19.49 18.00
CA GLN P 52 9.31 -18.45 18.94
C GLN P 52 10.49 -18.07 19.83
N LEU P 53 11.26 -19.07 20.27
CA LEU P 53 12.43 -18.78 21.09
C LEU P 53 13.45 -17.95 20.33
N LEU P 54 13.69 -18.31 19.07
CA LEU P 54 14.65 -17.55 18.26
C LEU P 54 14.18 -16.12 18.04
N CYS P 55 12.88 -15.94 17.75
CA CYS P 55 12.35 -14.60 17.57
C CYS P 55 12.49 -13.78 18.86
N LEU P 56 12.16 -14.37 19.99
CA LEU P 56 12.23 -13.64 21.26
C LEU P 56 13.67 -13.28 21.60
N GLU P 57 14.62 -14.18 21.34
CA GLU P 57 16.01 -13.86 21.57
C GLU P 57 16.48 -12.73 20.66
N SER P 58 16.06 -12.75 19.39
CA SER P 58 16.44 -11.70 18.47
C SER P 58 15.87 -10.35 18.88
N MET P 59 14.63 -10.32 19.37
CA MET P 59 14.02 -9.06 19.76
C MET P 59 14.80 -8.38 20.89
N ASP P 60 15.18 -9.15 21.90
CA ASP P 60 15.85 -8.61 23.08
C ASP P 60 16.70 -9.71 23.70
N PRO P 61 18.02 -9.68 23.48
CA PRO P 61 18.89 -10.76 23.96
C PRO P 61 19.25 -10.68 25.43
N ASP P 62 18.54 -9.89 26.23
CA ASP P 62 18.83 -9.79 27.67
C ASP P 62 17.63 -10.05 28.57
N ARG P 63 16.41 -9.72 28.13
CA ARG P 63 15.24 -9.97 28.95
C ARG P 63 14.89 -11.46 28.95
N ASP P 64 14.34 -11.93 30.06
CA ASP P 64 14.05 -13.34 30.22
C ASP P 64 12.87 -13.76 29.35
N ILE P 65 12.76 -15.07 29.13
CA ILE P 65 11.68 -15.68 28.35
C ILE P 65 11.01 -16.71 29.24
N SER P 66 9.67 -16.68 29.28
CA SER P 66 8.90 -17.57 30.12
C SER P 66 8.25 -18.66 29.28
N VAL P 67 8.38 -19.90 29.74
CA VAL P 67 7.80 -21.07 29.08
C VAL P 67 6.84 -21.74 30.05
N TYR P 68 5.59 -21.90 29.63
CA TYR P 68 4.55 -22.52 30.46
C TYR P 68 4.29 -23.92 29.93
N ILE P 69 4.26 -24.89 30.83
CA ILE P 69 4.20 -26.31 30.45
C ILE P 69 2.90 -26.91 30.97
N ASN P 70 2.08 -27.42 30.05
CA ASN P 70 0.86 -28.15 30.39
C ASN P 70 0.70 -29.33 29.45
N SER P 71 1.78 -30.06 29.20
CA SER P 71 1.70 -31.07 28.15
C SER P 71 1.87 -32.48 28.71
N PRO P 72 1.19 -33.48 28.13
CA PRO P 72 1.33 -34.87 28.57
C PRO P 72 2.46 -35.63 27.87
N GLY P 73 3.65 -35.02 27.85
CA GLY P 73 4.78 -35.67 27.21
C GLY P 73 4.73 -35.59 25.69
N GLY P 74 5.54 -36.44 25.06
CA GLY P 74 5.59 -36.48 23.62
C GLY P 74 6.79 -37.26 23.13
N SER P 75 7.17 -37.01 21.88
CA SER P 75 8.27 -37.71 21.25
C SER P 75 9.60 -37.25 21.83
N PHE P 76 10.64 -38.06 21.60
CA PHE P 76 11.95 -37.79 22.16
C PHE P 76 12.74 -36.80 21.33
N THR P 77 12.70 -36.92 20.00
CA THR P 77 13.50 -36.03 19.17
C THR P 77 13.06 -34.58 19.30
N ALA P 78 11.75 -34.35 19.36
CA ALA P 78 11.25 -32.99 19.59
C ALA P 78 11.70 -32.46 20.94
N LEU P 79 11.68 -33.32 21.97
CA LEU P 79 12.19 -32.94 23.27
C LEU P 79 13.65 -32.52 23.18
N THR P 80 14.46 -33.30 22.48
CA THR P 80 15.88 -32.98 22.33
C THR P 80 16.07 -31.65 21.62
N ALA P 81 15.31 -31.41 20.55
CA ALA P 81 15.45 -30.16 19.81
C ALA P 81 15.08 -28.97 20.69
N ILE P 82 13.97 -29.07 21.43
CA ILE P 82 13.55 -27.97 22.29
C ILE P 82 14.57 -27.74 23.40
N TYR P 83 15.08 -28.83 23.98
CA TYR P 83 16.06 -28.71 25.06
C TYR P 83 17.32 -28.01 24.57
N ASP P 84 17.81 -28.39 23.39
CA ASP P 84 19.01 -27.77 22.86
C ASP P 84 18.77 -26.30 22.53
N THR P 85 17.60 -25.98 21.96
CA THR P 85 17.31 -24.57 21.68
C THR P 85 17.23 -23.75 22.95
N MET P 86 16.62 -24.30 24.00
CA MET P 86 16.55 -23.60 25.27
C MET P 86 17.95 -23.37 25.86
N GLN P 87 18.81 -24.38 25.77
CA GLN P 87 20.16 -24.21 26.31
C GLN P 87 21.00 -23.27 25.47
N TYR P 88 20.67 -23.12 24.18
CA TYR P 88 21.52 -22.34 23.28
C TYR P 88 21.26 -20.84 23.41
N VAL P 89 20.00 -20.44 23.53
CA VAL P 89 19.66 -19.03 23.46
C VAL P 89 20.30 -18.26 24.61
N LYS P 90 20.65 -17.00 24.33
CA LYS P 90 21.34 -16.17 25.32
C LYS P 90 20.49 -15.85 26.56
N PRO P 91 19.24 -15.40 26.45
CA PRO P 91 18.51 -15.01 27.66
C PRO P 91 18.20 -16.20 28.56
N ASP P 92 17.92 -15.89 29.82
CA ASP P 92 17.50 -16.91 30.76
C ASP P 92 16.08 -17.35 30.48
N VAL P 93 15.79 -18.61 30.78
CA VAL P 93 14.48 -19.20 30.53
C VAL P 93 13.85 -19.57 31.87
N GLN P 94 12.62 -19.11 32.08
CA GLN P 94 11.87 -19.37 33.30
C GLN P 94 10.73 -20.33 32.99
N THR P 95 10.78 -21.52 33.58
CA THR P 95 9.79 -22.56 33.31
C THR P 95 8.76 -22.61 34.43
N VAL P 96 7.49 -22.65 34.04
CA VAL P 96 6.38 -22.69 34.97
C VAL P 96 5.52 -23.90 34.64
N CYS P 97 5.30 -24.76 35.63
CA CYS P 97 4.50 -25.97 35.46
C CYS P 97 3.06 -25.70 35.86
N MET P 98 2.16 -25.77 34.90
CA MET P 98 0.73 -25.57 35.12
C MET P 98 0.01 -26.86 34.72
N GLY P 99 -0.69 -27.46 35.67
CA GLY P 99 -1.34 -28.72 35.40
C GLY P 99 -0.42 -29.90 35.60
N GLN P 100 0.17 -30.42 34.53
CA GLN P 100 1.04 -31.57 34.62
C GLN P 100 2.19 -31.42 33.62
N ALA P 101 3.26 -32.20 33.88
CA ALA P 101 4.39 -32.35 32.97
C ALA P 101 4.72 -33.84 32.97
N ALA P 102 4.19 -34.58 32.00
CA ALA P 102 4.04 -36.02 32.18
C ALA P 102 5.30 -36.82 31.89
N ALA P 103 5.76 -36.83 30.64
CA ALA P 103 6.84 -37.74 30.27
C ALA P 103 8.10 -37.00 29.82
N ALA P 104 8.00 -36.17 28.78
CA ALA P 104 9.13 -35.38 28.33
C ALA P 104 9.06 -33.94 28.80
N ALA P 105 7.87 -33.48 29.19
CA ALA P 105 7.72 -32.13 29.71
C ALA P 105 8.41 -31.95 31.06
N ALA P 106 8.63 -33.05 31.80
CA ALA P 106 9.38 -32.95 33.05
C ALA P 106 10.81 -32.50 32.80
N VAL P 107 11.43 -33.04 31.75
CA VAL P 107 12.79 -32.63 31.40
C VAL P 107 12.83 -31.16 31.04
N LEU P 108 11.85 -30.70 30.25
CA LEU P 108 11.78 -29.30 29.89
C LEU P 108 11.60 -28.42 31.12
N LEU P 109 10.75 -28.86 32.06
CA LEU P 109 10.56 -28.10 33.29
C LEU P 109 11.86 -28.03 34.09
N ALA P 110 12.60 -29.13 34.13
CA ALA P 110 13.87 -29.15 34.85
C ALA P 110 15.01 -28.52 34.07
N ALA P 111 14.80 -28.17 32.81
CA ALA P 111 15.85 -27.62 31.97
C ALA P 111 15.89 -26.10 31.99
N GLY P 112 15.07 -25.46 32.82
CA GLY P 112 15.07 -24.01 32.88
C GLY P 112 16.30 -23.47 33.59
N THR P 113 16.39 -22.15 33.64
CA THR P 113 17.50 -21.50 34.33
C THR P 113 17.43 -21.82 35.81
N PRO P 114 18.53 -22.24 36.44
CA PRO P 114 18.49 -22.58 37.86
C PRO P 114 17.99 -21.42 38.71
N GLY P 115 17.14 -21.74 39.67
CA GLY P 115 16.52 -20.72 40.50
C GLY P 115 15.31 -20.05 39.90
N LYS P 116 14.94 -20.39 38.67
CA LYS P 116 13.80 -19.77 38.01
C LYS P 116 12.83 -20.81 37.46
N ARG P 117 12.76 -21.99 38.10
CA ARG P 117 11.83 -23.04 37.73
C ARG P 117 10.81 -23.18 38.84
N MET P 118 9.52 -23.08 38.49
CA MET P 118 8.49 -23.05 39.52
C MET P 118 7.22 -23.71 39.02
N ALA P 119 6.37 -24.12 39.96
CA ALA P 119 5.17 -24.88 39.66
C ALA P 119 4.03 -24.42 40.54
N LEU P 120 2.81 -24.61 40.05
CA LEU P 120 1.62 -24.28 40.80
C LEU P 120 1.45 -25.25 41.97
N PRO P 121 0.66 -24.87 42.98
CA PRO P 121 0.52 -25.76 44.15
C PRO P 121 -0.06 -27.13 43.81
N ASN P 122 -1.20 -27.16 43.12
CA ASN P 122 -1.85 -28.42 42.78
C ASN P 122 -1.41 -28.93 41.42
N ALA P 123 -0.10 -29.02 41.22
CA ALA P 123 0.46 -29.56 39.98
C ALA P 123 1.24 -30.82 40.28
N ARG P 124 1.29 -31.72 39.30
CA ARG P 124 1.99 -32.98 39.44
C ARG P 124 3.00 -33.15 38.31
N VAL P 125 4.17 -33.67 38.65
CA VAL P 125 5.24 -33.93 37.70
C VAL P 125 5.49 -35.43 37.67
N LEU P 126 5.43 -36.01 36.48
CA LEU P 126 5.61 -37.44 36.31
C LEU P 126 6.93 -37.70 35.60
N ILE P 127 7.55 -38.84 35.90
CA ILE P 127 8.76 -39.28 35.22
C ILE P 127 8.71 -40.79 35.05
N HIS P 128 9.15 -41.26 33.88
CA HIS P 128 9.29 -42.68 33.62
C HIS P 128 10.18 -42.86 32.40
N GLN P 129 10.70 -44.08 32.23
CA GLN P 129 11.58 -44.38 31.12
C GLN P 129 10.80 -44.38 29.81
N PRO P 130 11.47 -44.13 28.69
CA PRO P 130 10.75 -44.01 27.41
C PRO P 130 10.10 -45.32 26.99
N TYR P 131 8.96 -45.20 26.34
CA TYR P 131 8.21 -46.32 25.79
C TYR P 131 8.26 -46.23 24.27
N SER P 132 8.61 -47.33 23.61
CA SER P 132 8.73 -47.37 22.17
C SER P 132 8.26 -48.71 21.63
N GLU P 133 7.86 -48.71 20.37
CA GLU P 133 7.46 -49.92 19.66
C GLU P 133 7.91 -49.81 18.22
N THR P 134 8.32 -50.93 17.64
CA THR P 134 8.84 -50.98 16.28
C THR P 134 8.05 -51.99 15.46
N GLY P 135 8.05 -51.77 14.14
CA GLY P 135 7.42 -52.69 13.22
C GLY P 135 8.24 -53.95 13.05
N ARG P 136 7.70 -54.87 12.25
CA ARG P 136 8.37 -56.14 12.03
C ARG P 136 9.64 -55.96 11.21
N GLY P 137 10.63 -56.79 11.50
CA GLY P 137 11.89 -56.75 10.76
C GLY P 137 12.75 -57.92 11.19
N GLN P 138 13.87 -58.07 10.50
CA GLN P 138 14.81 -59.13 10.84
C GLN P 138 15.50 -58.82 12.16
N VAL P 139 16.23 -59.81 12.68
CA VAL P 139 16.79 -59.70 14.02
C VAL P 139 17.83 -58.57 14.08
N SER P 140 18.59 -58.37 13.01
CA SER P 140 19.61 -57.33 13.00
C SER P 140 18.99 -55.95 13.17
N ASP P 141 17.90 -55.68 12.45
CA ASP P 141 17.22 -54.40 12.58
C ASP P 141 16.69 -54.20 13.99
N LEU P 142 16.12 -55.25 14.58
CA LEU P 142 15.60 -55.15 15.94
C LEU P 142 16.72 -54.89 16.94
N GLU P 143 17.87 -55.54 16.74
CA GLU P 143 19.02 -55.30 17.62
C GLU P 143 19.50 -53.86 17.52
N ILE P 144 19.56 -53.32 16.30
CA ILE P 144 19.96 -51.93 16.12
C ILE P 144 18.97 -51.00 16.81
N ALA P 145 17.67 -51.26 16.65
CA ALA P 145 16.67 -50.42 17.29
C ALA P 145 16.75 -50.50 18.80
N ALA P 146 17.00 -51.70 19.35
CA ALA P 146 17.13 -51.84 20.79
C ALA P 146 18.34 -51.07 21.31
N ASN P 147 19.45 -51.13 20.59
CA ASN P 147 20.62 -50.34 20.99
C ASN P 147 20.30 -48.85 20.97
N GLU P 148 19.59 -48.40 19.95
CA GLU P 148 19.19 -46.99 19.89
C GLU P 148 18.31 -46.62 21.08
N ILE P 149 17.35 -47.48 21.43
CA ILE P 149 16.45 -47.16 22.55
C ILE P 149 17.23 -47.11 23.86
N LEU P 150 18.19 -48.03 24.04
CA LEU P 150 19.02 -47.99 25.23
C LEU P 150 19.82 -46.70 25.31
N ARG P 151 20.40 -46.27 24.18
CA ARG P 151 21.13 -45.01 24.17
C ARG P 151 20.22 -43.84 24.51
N MET P 152 18.99 -43.87 23.99
CA MET P 152 18.03 -42.80 24.27
C MET P 152 17.70 -42.75 25.75
N ARG P 153 17.49 -43.90 26.39
CA ARG P 153 17.22 -43.93 27.81
C ARG P 153 18.40 -43.42 28.62
N SER P 154 19.62 -43.81 28.23
CA SER P 154 20.80 -43.32 28.92
C SER P 154 20.92 -41.81 28.81
N GLN P 155 20.63 -41.26 27.63
CA GLN P 155 20.66 -39.81 27.45
C GLN P 155 19.61 -39.13 28.33
N LEU P 156 18.41 -39.72 28.42
CA LEU P 156 17.40 -39.18 29.31
C LEU P 156 17.86 -39.18 30.77
N GLU P 157 18.50 -40.27 31.18
CA GLU P 157 19.03 -40.35 32.54
C GLU P 157 20.06 -39.26 32.79
N ASP P 158 20.96 -39.04 31.83
CA ASP P 158 21.96 -37.99 31.99
C ASP P 158 21.31 -36.61 32.08
N MET P 159 20.31 -36.35 31.24
CA MET P 159 19.62 -35.06 31.30
C MET P 159 18.97 -34.85 32.66
N LEU P 160 18.32 -35.89 33.19
CA LEU P 160 17.66 -35.73 34.48
C LEU P 160 18.66 -35.61 35.62
N ALA P 161 19.81 -36.28 35.51
CA ALA P 161 20.80 -36.21 36.57
C ALA P 161 21.49 -34.86 36.62
N LYS P 162 21.79 -34.29 35.44
CA LYS P 162 22.52 -33.02 35.42
C LYS P 162 21.69 -31.87 35.99
N HIS P 163 20.39 -31.85 35.69
CA HIS P 163 19.53 -30.73 36.04
C HIS P 163 18.73 -30.95 37.32
N SER P 164 19.27 -31.72 38.25
CA SER P 164 18.57 -32.00 39.50
C SER P 164 19.61 -32.19 40.61
N THR P 165 19.15 -32.70 41.75
CA THR P 165 20.00 -32.88 42.92
C THR P 165 20.33 -34.34 43.20
N THR P 166 19.36 -35.24 43.01
CA THR P 166 19.57 -36.64 43.35
C THR P 166 20.63 -37.26 42.44
N PRO P 167 21.40 -38.23 42.94
CA PRO P 167 22.42 -38.87 42.10
C PRO P 167 21.80 -39.70 40.99
N VAL P 168 22.66 -40.13 40.07
CA VAL P 168 22.19 -40.82 38.86
C VAL P 168 21.59 -42.19 39.20
N GLU P 169 22.14 -42.90 40.17
CA GLU P 169 21.61 -44.23 40.51
C GLU P 169 20.19 -44.13 41.05
N LYS P 170 19.90 -43.09 41.84
CA LYS P 170 18.54 -42.88 42.30
C LYS P 170 17.60 -42.66 41.12
N ILE P 171 18.05 -41.94 40.09
CA ILE P 171 17.25 -41.77 38.88
C ILE P 171 17.04 -43.12 38.19
N ARG P 172 18.09 -43.93 38.12
CA ARG P 172 17.99 -45.27 37.54
C ARG P 172 16.88 -46.06 38.20
N GLU P 173 16.88 -46.07 39.53
CA GLU P 173 15.89 -46.86 40.25
C GLU P 173 14.51 -46.22 40.18
N ASP P 174 14.44 -44.89 40.10
CA ASP P 174 13.16 -44.19 40.11
C ASP P 174 12.41 -44.33 38.80
N ILE P 175 13.10 -44.21 37.67
CA ILE P 175 12.42 -44.12 36.39
C ILE P 175 12.13 -45.52 35.83
N GLU P 176 12.35 -46.56 36.64
CA GLU P 176 12.01 -47.91 36.21
C GLU P 176 10.51 -48.03 35.96
N ARG P 177 9.69 -47.47 36.84
CA ARG P 177 8.24 -47.42 36.70
C ARG P 177 7.80 -45.96 36.79
N ASP P 178 6.48 -45.77 36.68
CA ASP P 178 5.93 -44.42 36.79
C ASP P 178 6.24 -43.84 38.16
N LYS P 179 6.72 -42.60 38.17
CA LYS P 179 7.01 -41.88 39.40
C LYS P 179 6.26 -40.55 39.37
N ILE P 180 5.33 -40.36 40.30
CA ILE P 180 4.51 -39.17 40.38
C ILE P 180 4.95 -38.36 41.57
N LEU P 181 5.19 -37.07 41.35
CA LEU P 181 5.66 -36.15 42.38
C LEU P 181 4.71 -34.96 42.46
N THR P 182 4.40 -34.54 43.68
CA THR P 182 3.63 -33.32 43.86
C THR P 182 4.56 -32.11 43.70
N ALA P 183 4.01 -30.93 43.93
CA ALA P 183 4.83 -29.72 43.81
C ALA P 183 5.95 -29.71 44.86
N GLU P 184 5.62 -29.94 46.13
CA GLU P 184 6.64 -29.94 47.16
C GLU P 184 7.55 -31.15 47.02
N ASP P 185 7.01 -32.28 46.59
CA ASP P 185 7.85 -33.45 46.35
C ASP P 185 8.84 -33.19 45.23
N ALA P 186 8.40 -32.52 44.16
CA ALA P 186 9.31 -32.15 43.09
C ALA P 186 10.37 -31.16 43.58
N LEU P 187 9.96 -30.21 44.42
CA LEU P 187 10.92 -29.24 44.95
C LEU P 187 11.98 -29.94 45.78
N SER P 188 11.58 -30.89 46.63
CA SER P 188 12.56 -31.68 47.38
C SER P 188 13.40 -32.54 46.45
N TYR P 189 12.83 -32.96 45.32
CA TYR P 189 13.58 -33.75 44.35
C TYR P 189 14.60 -32.90 43.60
N GLY P 190 14.36 -31.59 43.50
CA GLY P 190 15.27 -30.69 42.84
C GLY P 190 14.85 -30.25 41.45
N LEU P 191 13.76 -30.79 40.91
CA LEU P 191 13.33 -30.40 39.57
C LEU P 191 12.90 -28.95 39.51
N ILE P 192 12.18 -28.46 40.53
CA ILE P 192 11.75 -27.07 40.59
C ILE P 192 12.41 -26.41 41.78
N ASP P 193 12.35 -25.07 41.79
CA ASP P 193 13.00 -24.28 42.84
C ASP P 193 12.03 -23.61 43.78
N GLN P 194 10.83 -23.25 43.31
CA GLN P 194 9.86 -22.56 44.15
C GLN P 194 8.46 -23.04 43.80
N VAL P 195 7.55 -22.87 44.74
CA VAL P 195 6.15 -23.22 44.56
C VAL P 195 5.32 -21.94 44.66
N ILE P 196 4.60 -21.61 43.59
CA ILE P 196 3.76 -20.43 43.58
C ILE P 196 2.65 -20.57 44.62
N SER P 197 2.38 -19.51 45.35
CA SER P 197 1.28 -19.50 46.31
C SER P 197 0.18 -18.51 45.93
N THR P 198 0.52 -17.23 45.75
CA THR P 198 -0.46 -16.22 45.41
C THR P 198 0.28 -14.98 44.91
N ARG P 199 -0.49 -14.03 44.39
CA ARG P 199 0.09 -12.83 43.79
C ARG P 199 0.66 -11.92 44.87
N LYS P 200 1.87 -11.42 44.63
CA LYS P 200 2.53 -10.48 45.51
C LYS P 200 2.91 -9.23 44.72
N MET P 201 2.72 -8.07 45.34
CA MET P 201 3.03 -6.81 44.67
C MET P 201 4.54 -6.53 44.72
N ASP P 202 4.95 -5.52 43.97
CA ASP P 202 6.36 -5.16 43.87
C ASP P 202 6.79 -4.38 45.11
N ASN P 203 8.02 -3.86 45.09
CA ASN P 203 8.57 -3.20 46.27
C ASN P 203 7.77 -1.96 46.64
N SER P 204 7.37 -1.17 45.64
CA SER P 204 6.55 0.04 45.78
C SER P 204 7.25 1.15 46.53
N SER P 205 8.49 0.96 46.96
CA SER P 205 9.22 2.03 47.64
C SER P 205 9.81 2.99 46.62
N LEU P 206 9.57 4.28 46.81
CA LEU P 206 10.06 5.30 45.89
C LEU P 206 11.57 5.44 46.00
N ASP Q 24 -19.52 -10.16 17.62
CA ASP Q 24 -20.03 -11.30 18.38
C ASP Q 24 -20.18 -10.93 19.85
N PRO Q 25 -21.21 -11.47 20.50
CA PRO Q 25 -21.46 -11.13 21.91
C PRO Q 25 -20.31 -11.50 22.84
N TYR Q 26 -19.57 -12.55 22.53
CA TYR Q 26 -18.50 -12.99 23.43
C TYR Q 26 -17.42 -11.93 23.59
N ALA Q 27 -17.09 -11.21 22.51
CA ALA Q 27 -16.14 -10.11 22.62
C ALA Q 27 -16.68 -9.02 23.54
N LYS Q 28 -17.97 -8.70 23.43
CA LYS Q 28 -18.57 -7.70 24.30
C LYS Q 28 -18.51 -8.13 25.76
N LEU Q 29 -18.80 -9.40 26.04
CA LEU Q 29 -18.72 -9.90 27.41
C LEU Q 29 -17.28 -9.85 27.93
N PHE Q 30 -16.32 -10.22 27.09
CA PHE Q 30 -14.93 -10.19 27.52
C PHE Q 30 -14.45 -8.77 27.79
N GLU Q 31 -14.95 -7.79 27.03
CA GLU Q 31 -14.61 -6.40 27.30
C GLU Q 31 -15.13 -5.96 28.67
N GLU Q 32 -16.17 -6.61 29.17
CA GLU Q 32 -16.72 -6.32 30.48
C GLU Q 32 -16.16 -7.22 31.57
N ARG Q 33 -15.01 -7.84 31.33
CA ARG Q 33 -14.34 -8.70 32.30
C ARG Q 33 -15.21 -9.88 32.71
N VAL Q 34 -15.79 -10.55 31.71
CA VAL Q 34 -16.58 -11.76 31.92
C VAL Q 34 -15.97 -12.87 31.08
N ILE Q 35 -15.48 -13.90 31.75
CA ILE Q 35 -14.93 -15.08 31.11
C ILE Q 35 -16.02 -16.15 31.10
N PHE Q 36 -16.31 -16.68 29.92
CA PHE Q 36 -17.45 -17.56 29.74
C PHE Q 36 -16.96 -18.98 29.49
N LEU Q 37 -17.44 -19.92 30.30
CA LEU Q 37 -17.00 -21.32 30.26
C LEU Q 37 -18.22 -22.20 30.02
N GLY Q 38 -18.42 -22.62 28.78
CA GLY Q 38 -19.59 -23.40 28.44
C GLY Q 38 -19.31 -24.72 27.74
N VAL Q 39 -18.09 -25.23 27.88
CA VAL Q 39 -17.70 -26.50 27.28
C VAL Q 39 -16.99 -27.34 28.34
N GLN Q 40 -16.88 -28.64 28.07
CA GLN Q 40 -16.28 -29.55 29.03
C GLN Q 40 -14.82 -29.18 29.25
N ILE Q 41 -14.32 -29.47 30.45
CA ILE Q 41 -13.01 -29.02 30.87
C ILE Q 41 -11.95 -29.98 30.36
N ASP Q 42 -11.12 -29.52 29.42
CA ASP Q 42 -9.97 -30.28 28.95
C ASP Q 42 -8.78 -29.32 28.90
N ASP Q 43 -7.67 -29.79 28.33
CA ASP Q 43 -6.45 -29.00 28.35
C ASP Q 43 -6.60 -27.70 27.57
N ALA Q 44 -7.25 -27.75 26.40
CA ALA Q 44 -7.39 -26.56 25.58
C ALA Q 44 -8.23 -25.49 26.28
N SER Q 45 -9.38 -25.90 26.84
CA SER Q 45 -10.24 -24.95 27.53
C SER Q 45 -9.55 -24.38 28.76
N ALA Q 46 -8.83 -25.22 29.50
CA ALA Q 46 -8.10 -24.74 30.67
C ALA Q 46 -7.04 -23.73 30.28
N ASN Q 47 -6.31 -24.00 29.19
CA ASN Q 47 -5.30 -23.06 28.72
C ASN Q 47 -5.93 -21.73 28.33
N ASP Q 48 -7.05 -21.78 27.61
CA ASP Q 48 -7.73 -20.54 27.22
C ASP Q 48 -8.18 -19.76 28.44
N VAL Q 49 -8.75 -20.45 29.43
CA VAL Q 49 -9.23 -19.78 30.63
C VAL Q 49 -8.07 -19.14 31.40
N MET Q 50 -6.95 -19.87 31.53
CA MET Q 50 -5.82 -19.31 32.26
C MET Q 50 -5.23 -18.10 31.54
N ALA Q 51 -5.11 -18.17 30.22
CA ALA Q 51 -4.61 -17.01 29.48
C ALA Q 51 -5.55 -15.81 29.64
N GLN Q 52 -6.86 -16.06 29.55
CA GLN Q 52 -7.82 -14.97 29.71
C GLN Q 52 -7.74 -14.36 31.10
N LEU Q 53 -7.61 -15.20 32.13
CA LEU Q 53 -7.51 -14.70 33.49
C LEU Q 53 -6.26 -13.86 33.69
N LEU Q 54 -5.13 -14.32 33.17
CA LEU Q 54 -3.89 -13.55 33.30
C LEU Q 54 -4.01 -12.21 32.58
N CYS Q 55 -4.56 -12.22 31.37
CA CYS Q 55 -4.72 -10.96 30.64
C CYS Q 55 -5.65 -10.00 31.36
N LEU Q 56 -6.76 -10.52 31.91
CA LEU Q 56 -7.70 -9.66 32.61
C LEU Q 56 -7.08 -9.10 33.89
N GLU Q 57 -6.31 -9.91 34.62
CA GLU Q 57 -5.64 -9.39 35.81
C GLU Q 57 -4.64 -8.31 35.44
N SER Q 58 -3.87 -8.51 34.37
CA SER Q 58 -2.91 -7.50 33.97
C SER Q 58 -3.59 -6.21 33.51
N MET Q 59 -4.74 -6.32 32.85
CA MET Q 59 -5.42 -5.14 32.34
C MET Q 59 -5.86 -4.23 33.48
N ASP Q 60 -6.45 -4.79 34.53
CA ASP Q 60 -6.94 -4.00 35.65
C ASP Q 60 -6.97 -4.82 36.92
N PRO Q 61 -6.05 -4.59 37.85
CA PRO Q 61 -5.97 -5.41 39.07
C PRO Q 61 -6.96 -5.04 40.16
N ASP Q 62 -7.98 -4.24 39.87
CA ASP Q 62 -8.95 -3.81 40.87
C ASP Q 62 -10.35 -4.34 40.61
N ARG Q 63 -10.83 -4.23 39.38
CA ARG Q 63 -12.18 -4.69 39.05
C ARG Q 63 -12.26 -6.21 39.10
N ASP Q 64 -13.46 -6.70 39.41
CA ASP Q 64 -13.68 -8.14 39.55
C ASP Q 64 -13.75 -8.81 38.18
N ILE Q 65 -13.64 -10.14 38.19
CA ILE Q 65 -13.72 -10.96 37.00
C ILE Q 65 -14.84 -11.96 37.19
N SER Q 66 -15.71 -12.08 36.19
CA SER Q 66 -16.86 -12.95 36.26
C SER Q 66 -16.63 -14.21 35.42
N VAL Q 67 -16.93 -15.37 36.00
CA VAL Q 67 -16.83 -16.65 35.32
C VAL Q 67 -18.20 -17.31 35.33
N TYR Q 68 -18.71 -17.65 34.16
CA TYR Q 68 -20.02 -18.28 34.01
C TYR Q 68 -19.83 -19.75 33.72
N ILE Q 69 -20.45 -20.61 34.52
CA ILE Q 69 -20.22 -22.05 34.46
C ILE Q 69 -21.45 -22.72 33.86
N ASN Q 70 -21.27 -23.36 32.70
CA ASN Q 70 -22.31 -24.16 32.07
C ASN Q 70 -21.71 -25.44 31.49
N SER Q 71 -20.84 -26.10 32.25
CA SER Q 71 -20.11 -27.22 31.67
C SER Q 71 -20.40 -28.51 32.42
N PRO Q 72 -20.42 -29.65 31.72
CA PRO Q 72 -20.65 -30.95 32.35
C PRO Q 72 -19.38 -31.64 32.83
N GLY Q 73 -18.55 -30.92 33.58
CA GLY Q 73 -17.35 -31.50 34.14
C GLY Q 73 -16.24 -31.69 33.13
N GLY Q 74 -15.24 -32.46 33.52
CA GLY Q 74 -14.08 -32.68 32.67
C GLY Q 74 -12.96 -33.36 33.43
N SER Q 75 -11.75 -33.20 32.92
CA SER Q 75 -10.58 -33.84 33.50
C SER Q 75 -10.22 -33.21 34.84
N PHE Q 76 -9.15 -33.72 35.45
CA PHE Q 76 -8.77 -33.28 36.79
C PHE Q 76 -7.57 -32.34 36.79
N THR Q 77 -6.56 -32.62 35.98
CA THR Q 77 -5.40 -31.74 35.93
C THR Q 77 -5.79 -30.34 35.43
N ALA Q 78 -6.69 -30.28 34.45
CA ALA Q 78 -7.20 -29.00 34.00
C ALA Q 78 -7.97 -28.30 35.12
N LEU Q 79 -8.73 -29.06 35.90
CA LEU Q 79 -9.39 -28.50 37.08
C LEU Q 79 -8.38 -27.85 38.01
N THR Q 80 -7.29 -28.57 38.32
CA THR Q 80 -6.31 -28.04 39.26
C THR Q 80 -5.64 -26.78 38.69
N ALA Q 81 -5.33 -26.79 37.40
CA ALA Q 81 -4.72 -25.61 36.78
C ALA Q 81 -5.65 -24.41 36.86
N ILE Q 82 -6.92 -24.58 36.52
CA ILE Q 82 -7.87 -23.48 36.56
C ILE Q 82 -8.06 -22.99 37.98
N TYR Q 83 -8.15 -23.92 38.94
CA TYR Q 83 -8.34 -23.55 40.34
C TYR Q 83 -7.16 -22.75 40.85
N ASP Q 84 -5.94 -23.18 40.53
CA ASP Q 84 -4.76 -22.46 40.97
C ASP Q 84 -4.69 -21.07 40.35
N THR Q 85 -5.04 -20.97 39.06
CA THR Q 85 -5.04 -19.65 38.42
C THR Q 85 -6.09 -18.74 39.04
N MET Q 86 -7.28 -19.27 39.34
CA MET Q 86 -8.31 -18.45 39.99
C MET Q 86 -7.86 -17.96 41.36
N GLN Q 87 -7.23 -18.84 42.15
CA GLN Q 87 -6.75 -18.42 43.46
C GLN Q 87 -5.56 -17.46 43.37
N TYR Q 88 -4.77 -17.55 42.30
CA TYR Q 88 -3.56 -16.75 42.22
C TYR Q 88 -3.85 -15.28 41.92
N VAL Q 89 -4.77 -15.01 40.99
CA VAL Q 89 -4.95 -13.64 40.51
C VAL Q 89 -5.43 -12.74 41.63
N LYS Q 90 -5.00 -11.48 41.59
CA LYS Q 90 -5.36 -10.51 42.63
C LYS Q 90 -6.85 -10.19 42.66
N PRO Q 91 -7.53 -9.88 41.54
CA PRO Q 91 -8.93 -9.47 41.64
C PRO Q 91 -9.83 -10.58 42.17
N ASP Q 92 -10.93 -10.16 42.79
CA ASP Q 92 -11.94 -11.11 43.22
C ASP Q 92 -12.63 -11.74 42.00
N VAL Q 93 -13.01 -13.01 42.15
CA VAL Q 93 -13.62 -13.76 41.06
C VAL Q 93 -15.04 -14.13 41.48
N GLN Q 94 -16.00 -13.76 40.65
CA GLN Q 94 -17.41 -14.06 40.87
C GLN Q 94 -17.84 -15.18 39.94
N THR Q 95 -18.24 -16.32 40.51
CA THR Q 95 -18.63 -17.48 39.74
C THR Q 95 -20.15 -17.62 39.75
N VAL Q 96 -20.74 -17.71 38.56
CA VAL Q 96 -22.18 -17.81 38.39
C VAL Q 96 -22.51 -19.14 37.75
N CYS Q 97 -23.27 -19.97 38.48
CA CYS Q 97 -23.78 -21.23 37.96
C CYS Q 97 -25.02 -20.95 37.12
N MET Q 98 -25.02 -21.49 35.90
CA MET Q 98 -26.00 -21.13 34.89
C MET Q 98 -26.26 -22.35 34.01
N GLY Q 99 -27.47 -22.89 34.09
CA GLY Q 99 -27.81 -24.13 33.42
C GLY Q 99 -27.45 -25.34 34.25
N GLN Q 100 -26.17 -25.66 34.35
CA GLN Q 100 -25.72 -26.76 35.18
C GLN Q 100 -24.23 -26.59 35.46
N ALA Q 101 -23.78 -27.23 36.55
CA ALA Q 101 -22.37 -27.28 36.92
C ALA Q 101 -22.16 -28.62 37.60
N ALA Q 102 -21.74 -29.61 36.81
CA ALA Q 102 -21.69 -30.99 37.27
C ALA Q 102 -20.26 -31.46 37.45
N ALA Q 103 -20.03 -32.22 38.52
CA ALA Q 103 -18.75 -32.90 38.79
C ALA Q 103 -17.64 -31.86 38.86
N ALA Q 104 -16.66 -31.88 37.95
CA ALA Q 104 -15.48 -31.03 38.09
C ALA Q 104 -15.85 -29.56 38.18
N ALA Q 105 -16.71 -29.09 37.29
CA ALA Q 105 -17.07 -27.67 37.28
C ALA Q 105 -17.65 -27.23 38.61
N ALA Q 106 -18.29 -28.15 39.34
CA ALA Q 106 -18.85 -27.82 40.64
C ALA Q 106 -17.78 -27.22 41.55
N VAL Q 107 -16.59 -27.82 41.56
CA VAL Q 107 -15.51 -27.29 42.38
C VAL Q 107 -15.20 -25.85 41.99
N LEU Q 108 -15.14 -25.58 40.68
CA LEU Q 108 -14.91 -24.21 40.23
C LEU Q 108 -15.98 -23.28 40.75
N LEU Q 109 -17.24 -23.75 40.78
CA LEU Q 109 -18.31 -22.92 41.31
C LEU Q 109 -18.09 -22.59 42.77
N ALA Q 110 -17.49 -23.51 43.53
CA ALA Q 110 -17.19 -23.23 44.92
C ALA Q 110 -15.87 -22.50 45.10
N ALA Q 111 -15.11 -22.27 44.03
CA ALA Q 111 -13.79 -21.66 44.13
C ALA Q 111 -13.82 -20.15 43.98
N GLY Q 112 -15.00 -19.55 43.86
CA GLY Q 112 -15.08 -18.11 43.75
C GLY Q 112 -14.78 -17.42 45.06
N THR Q 113 -14.67 -16.10 45.00
CA THR Q 113 -14.45 -15.31 46.20
C THR Q 113 -15.64 -15.45 47.13
N PRO Q 114 -15.42 -15.71 48.42
CA PRO Q 114 -16.55 -15.89 49.33
C PRO Q 114 -17.46 -14.67 49.35
N GLY Q 115 -18.77 -14.93 49.34
CA GLY Q 115 -19.75 -13.87 49.25
C GLY Q 115 -20.11 -13.46 47.84
N LYS Q 116 -19.44 -14.03 46.82
CA LYS Q 116 -19.69 -13.65 45.44
C LYS Q 116 -19.93 -14.86 44.55
N ARG Q 117 -20.48 -15.95 45.10
CA ARG Q 117 -20.82 -17.13 44.34
C ARG Q 117 -22.32 -17.20 44.15
N MET Q 118 -22.76 -17.21 42.90
CA MET Q 118 -24.15 -17.00 42.54
C MET Q 118 -24.63 -18.15 41.68
N ALA Q 119 -25.95 -18.36 41.66
CA ALA Q 119 -26.53 -19.43 40.86
C ALA Q 119 -27.91 -19.02 40.39
N LEU Q 120 -28.27 -19.47 39.19
CA LEU Q 120 -29.60 -19.22 38.68
C LEU Q 120 -30.62 -20.09 39.40
N PRO Q 121 -31.91 -19.71 39.36
CA PRO Q 121 -32.92 -20.51 40.09
C PRO Q 121 -33.03 -21.94 39.60
N ASN Q 122 -33.23 -22.15 38.31
CA ASN Q 122 -33.39 -23.50 37.75
C ASN Q 122 -32.04 -24.00 37.25
N ALA Q 123 -31.14 -24.22 38.20
CA ALA Q 123 -29.82 -24.77 37.91
C ALA Q 123 -29.50 -25.85 38.93
N ARG Q 124 -28.66 -26.80 38.53
CA ARG Q 124 -28.28 -27.90 39.39
C ARG Q 124 -26.76 -27.98 39.52
N VAL Q 125 -26.32 -28.54 40.64
CA VAL Q 125 -24.91 -28.81 40.90
C VAL Q 125 -24.79 -30.29 41.23
N LEU Q 126 -23.98 -31.00 40.44
CA LEU Q 126 -23.81 -32.45 40.60
C LEU Q 126 -22.39 -32.72 41.08
N ILE Q 127 -22.25 -33.54 42.10
CA ILE Q 127 -20.95 -33.88 42.66
C ILE Q 127 -20.85 -35.40 42.82
N HIS Q 128 -19.69 -35.95 42.46
CA HIS Q 128 -19.41 -37.36 42.65
C HIS Q 128 -17.90 -37.58 42.58
N GLN Q 129 -17.47 -38.75 43.03
CA GLN Q 129 -16.06 -39.08 43.05
C GLN Q 129 -15.54 -39.33 41.64
N PRO Q 130 -14.24 -39.17 41.42
CA PRO Q 130 -13.69 -39.29 40.06
C PRO Q 130 -13.86 -40.69 39.48
N TYR Q 131 -14.02 -40.73 38.16
CA TYR Q 131 -14.08 -41.97 37.39
C TYR Q 131 -12.93 -41.95 36.40
N SER Q 132 -12.23 -43.09 36.28
CA SER Q 132 -11.06 -43.17 35.43
C SER Q 132 -11.10 -44.43 34.58
N GLU Q 133 -10.07 -44.59 33.76
CA GLU Q 133 -9.97 -45.71 32.83
C GLU Q 133 -8.51 -45.89 32.46
N THR Q 134 -7.92 -47.01 32.87
CA THR Q 134 -6.53 -47.32 32.55
C THR Q 134 -6.46 -48.56 31.67
N GLY Q 135 -5.43 -48.63 30.85
CA GLY Q 135 -5.24 -49.73 29.93
C GLY Q 135 -4.62 -50.94 30.61
N ARG Q 136 -4.34 -51.95 29.80
CA ARG Q 136 -3.70 -53.17 30.28
C ARG Q 136 -2.27 -52.87 30.74
N GLY Q 137 -1.84 -53.59 31.77
CA GLY Q 137 -0.50 -53.42 32.29
C GLY Q 137 -0.27 -54.39 33.42
N GLN Q 138 0.99 -54.44 33.86
CA GLN Q 138 1.36 -55.31 34.95
C GLN Q 138 0.77 -54.81 36.26
N VAL Q 139 0.80 -55.67 37.28
CA VAL Q 139 0.12 -55.38 38.53
C VAL Q 139 0.75 -54.18 39.22
N SER Q 140 2.07 -54.03 39.13
CA SER Q 140 2.74 -52.89 39.77
C SER Q 140 2.26 -51.56 39.20
N ASP Q 141 2.14 -51.48 37.88
CA ASP Q 141 1.66 -50.25 37.25
C ASP Q 141 0.24 -49.93 37.69
N LEU Q 142 -0.61 -50.95 37.78
CA LEU Q 142 -1.99 -50.71 38.19
C LEU Q 142 -2.06 -50.31 39.65
N GLU Q 143 -1.18 -50.85 40.48
CA GLU Q 143 -1.12 -50.41 41.88
C GLU Q 143 -0.71 -48.95 41.98
N ILE Q 144 0.26 -48.53 41.16
CA ILE Q 144 0.67 -47.13 41.15
C ILE Q 144 -0.49 -46.25 40.69
N ALA Q 145 -1.21 -46.69 39.66
CA ALA Q 145 -2.34 -45.92 39.16
C ALA Q 145 -3.45 -45.82 40.21
N ALA Q 146 -3.70 -46.91 40.94
CA ALA Q 146 -4.71 -46.87 42.00
C ALA Q 146 -4.30 -45.91 43.12
N ASN Q 147 -3.02 -45.93 43.50
CA ASN Q 147 -2.55 -44.96 44.49
C ASN Q 147 -2.76 -43.54 43.99
N GLU Q 148 -2.46 -43.30 42.71
CA GLU Q 148 -2.65 -41.96 42.15
C GLU Q 148 -4.11 -41.54 42.18
N ILE Q 149 -5.02 -42.42 41.79
CA ILE Q 149 -6.43 -42.02 41.74
C ILE Q 149 -6.98 -41.81 43.14
N LEU Q 150 -6.54 -42.61 44.11
CA LEU Q 150 -6.95 -42.36 45.49
C LEU Q 150 -6.42 -41.01 45.98
N ARG Q 151 -5.18 -40.67 45.59
CA ARG Q 151 -4.65 -39.36 45.95
C ARG Q 151 -5.48 -38.24 45.35
N MET Q 152 -5.88 -38.38 44.08
CA MET Q 152 -6.71 -37.34 43.47
C MET Q 152 -8.07 -37.24 44.14
N ARG Q 153 -8.66 -38.37 44.54
CA ARG Q 153 -9.95 -38.31 45.22
C ARG Q 153 -9.81 -37.62 46.57
N SER Q 154 -8.73 -37.91 47.31
CA SER Q 154 -8.51 -37.22 48.58
C SER Q 154 -8.31 -35.72 48.36
N GLN Q 155 -7.57 -35.36 47.32
CA GLN Q 155 -7.39 -33.95 47.01
C GLN Q 155 -8.72 -33.28 46.69
N LEU Q 156 -9.57 -33.96 45.92
CA LEU Q 156 -10.87 -33.41 45.57
C LEU Q 156 -11.74 -33.20 46.80
N GLU Q 157 -11.77 -34.19 47.70
CA GLU Q 157 -12.61 -34.07 48.88
C GLU Q 157 -12.09 -32.97 49.81
N ASP Q 158 -10.77 -32.82 49.90
CA ASP Q 158 -10.21 -31.70 50.67
C ASP Q 158 -10.57 -30.35 50.05
N MET Q 159 -10.49 -30.25 48.72
CA MET Q 159 -10.85 -29.01 48.06
C MET Q 159 -12.32 -28.65 48.29
N LEU Q 160 -13.19 -29.66 48.28
CA LEU Q 160 -14.60 -29.39 48.53
C LEU Q 160 -14.84 -29.04 49.99
N ALA Q 161 -14.08 -29.63 50.91
CA ALA Q 161 -14.24 -29.31 52.32
C ALA Q 161 -13.78 -27.89 52.63
N LYS Q 162 -12.73 -27.42 51.94
CA LYS Q 162 -12.20 -26.10 52.22
C LYS Q 162 -13.21 -25.00 51.89
N HIS Q 163 -13.90 -25.12 50.75
CA HIS Q 163 -14.77 -24.07 50.25
C HIS Q 163 -16.24 -24.32 50.56
N SER Q 164 -16.53 -25.03 51.65
CA SER Q 164 -17.91 -25.31 52.00
C SER Q 164 -18.04 -25.38 53.52
N THR Q 165 -19.27 -25.18 53.99
CA THR Q 165 -19.57 -25.24 55.41
C THR Q 165 -19.79 -26.67 55.91
N THR Q 166 -19.92 -27.62 55.01
CA THR Q 166 -20.14 -29.02 55.38
C THR Q 166 -18.83 -29.66 55.85
N PRO Q 167 -18.87 -30.43 56.92
CA PRO Q 167 -17.65 -31.13 57.37
C PRO Q 167 -17.19 -32.16 56.35
N VAL Q 168 -15.91 -32.52 56.46
CA VAL Q 168 -15.28 -33.37 55.45
C VAL Q 168 -15.87 -34.78 55.47
N GLU Q 169 -16.24 -35.30 56.64
CA GLU Q 169 -16.77 -36.65 56.71
C GLU Q 169 -18.10 -36.77 55.95
N LYS Q 170 -18.99 -35.79 56.11
CA LYS Q 170 -20.24 -35.84 55.39
C LYS Q 170 -20.02 -35.68 53.89
N ILE Q 171 -18.99 -34.92 53.50
CA ILE Q 171 -18.64 -34.83 52.09
C ILE Q 171 -18.18 -36.19 51.56
N ARG Q 172 -17.36 -36.89 52.34
CA ARG Q 172 -16.94 -38.24 51.94
C ARG Q 172 -18.16 -39.14 51.76
N GLU Q 173 -19.11 -39.06 52.69
CA GLU Q 173 -20.32 -39.88 52.59
C GLU Q 173 -21.13 -39.51 51.36
N ASP Q 174 -21.23 -38.20 51.07
CA ASP Q 174 -22.14 -37.74 50.03
C ASP Q 174 -21.60 -37.98 48.62
N ILE Q 175 -20.28 -37.83 48.42
CA ILE Q 175 -19.73 -37.95 47.08
C ILE Q 175 -19.46 -39.41 46.76
N GLU Q 176 -19.90 -40.32 47.63
CA GLU Q 176 -19.75 -41.75 47.35
C GLU Q 176 -20.53 -42.14 46.10
N ARG Q 177 -21.75 -41.63 45.96
CA ARG Q 177 -22.54 -41.76 44.75
C ARG Q 177 -22.83 -40.37 44.19
N ASP Q 178 -23.53 -40.35 43.05
CA ASP Q 178 -23.93 -39.07 42.46
C ASP Q 178 -24.83 -38.31 43.44
N LYS Q 179 -24.55 -37.03 43.61
CA LYS Q 179 -25.40 -36.16 44.41
C LYS Q 179 -25.78 -34.93 43.61
N ILE Q 180 -27.07 -34.72 43.43
CA ILE Q 180 -27.62 -33.61 42.65
C ILE Q 180 -28.28 -32.63 43.61
N LEU Q 181 -27.90 -31.37 43.52
CA LEU Q 181 -28.39 -30.32 44.41
C LEU Q 181 -29.01 -29.21 43.57
N THR Q 182 -30.21 -28.78 43.97
CA THR Q 182 -30.82 -27.64 43.30
C THR Q 182 -30.17 -26.35 43.81
N ALA Q 183 -30.70 -25.21 43.37
CA ALA Q 183 -30.13 -23.93 43.77
C ALA Q 183 -30.23 -23.72 45.28
N GLU Q 184 -31.41 -23.95 45.86
CA GLU Q 184 -31.58 -23.79 47.30
C GLU Q 184 -30.81 -24.86 48.07
N ASP Q 185 -30.77 -26.09 47.55
CA ASP Q 185 -30.00 -27.14 48.20
C ASP Q 185 -28.52 -26.81 48.19
N ALA Q 186 -28.02 -26.26 47.08
CA ALA Q 186 -26.61 -25.85 47.03
C ALA Q 186 -26.35 -24.68 47.97
N LEU Q 187 -27.30 -23.75 48.05
CA LEU Q 187 -27.15 -22.62 48.97
C LEU Q 187 -27.06 -23.10 50.41
N SER Q 188 -27.91 -24.06 50.80
CA SER Q 188 -27.84 -24.60 52.15
C SER Q 188 -26.60 -25.47 52.33
N TYR Q 189 -26.07 -26.05 51.25
CA TYR Q 189 -24.92 -26.92 51.37
C TYR Q 189 -23.64 -26.12 51.56
N GLY Q 190 -23.60 -24.90 51.04
CA GLY Q 190 -22.45 -24.02 51.19
C GLY Q 190 -21.80 -23.59 49.90
N LEU Q 191 -21.96 -24.33 48.80
CA LEU Q 191 -21.29 -23.99 47.56
C LEU Q 191 -21.83 -22.71 46.92
N ILE Q 192 -22.99 -22.23 47.37
CA ILE Q 192 -23.62 -21.04 46.80
C ILE Q 192 -23.84 -20.04 47.91
N ASP Q 193 -23.62 -18.76 47.60
CA ASP Q 193 -23.82 -17.69 48.58
C ASP Q 193 -25.21 -17.09 48.50
N GLN Q 194 -25.77 -16.97 47.30
CA GLN Q 194 -27.13 -16.46 47.14
C GLN Q 194 -27.66 -16.87 45.78
N VAL Q 195 -28.98 -16.81 45.65
CA VAL Q 195 -29.68 -17.17 44.42
C VAL Q 195 -30.37 -15.92 43.88
N ILE Q 196 -30.15 -15.63 42.61
CA ILE Q 196 -30.72 -14.45 41.96
C ILE Q 196 -31.96 -14.85 41.17
N SER Q 197 -32.98 -13.99 41.20
CA SER Q 197 -34.22 -14.26 40.50
C SER Q 197 -34.49 -13.23 39.41
N THR Q 198 -34.44 -11.93 39.71
CA THR Q 198 -34.78 -10.90 38.73
C THR Q 198 -34.06 -9.62 39.12
N ARG Q 199 -33.59 -8.89 38.11
CA ARG Q 199 -32.91 -7.62 38.33
C ARG Q 199 -33.85 -6.60 38.97
N ASP R 24 -24.50 -10.65 6.41
CA ASP R 24 -25.44 -11.73 6.69
C ASP R 24 -26.72 -11.19 7.31
N PRO R 25 -27.86 -11.79 6.94
CA PRO R 25 -29.14 -11.33 7.51
C PRO R 25 -29.22 -11.46 9.02
N TYR R 26 -28.57 -12.47 9.59
CA TYR R 26 -28.65 -12.66 11.04
C TYR R 26 -28.06 -11.48 11.80
N ALA R 27 -26.93 -10.95 11.32
CA ALA R 27 -26.31 -9.81 11.99
C ALA R 27 -27.22 -8.59 11.98
N LYS R 28 -27.85 -8.30 10.84
CA LYS R 28 -28.71 -7.14 10.77
C LYS R 28 -29.99 -7.34 11.57
N LEU R 29 -30.52 -8.56 11.59
CA LEU R 29 -31.67 -8.85 12.44
C LEU R 29 -31.32 -8.67 13.91
N PHE R 30 -30.11 -9.07 14.31
CA PHE R 30 -29.65 -8.81 15.67
C PHE R 30 -29.53 -7.31 15.92
N GLU R 31 -29.05 -6.55 14.94
CA GLU R 31 -28.96 -5.11 15.07
C GLU R 31 -30.34 -4.50 15.27
N GLU R 32 -31.36 -5.06 14.63
CA GLU R 32 -32.73 -4.61 14.85
C GLU R 32 -33.10 -4.77 16.32
N ARG R 33 -33.10 -6.03 16.78
CA ARG R 33 -33.23 -6.51 18.16
C ARG R 33 -33.99 -7.83 18.16
N VAL R 34 -33.63 -8.73 17.25
CA VAL R 34 -34.32 -10.00 17.07
C VAL R 34 -33.32 -11.14 17.24
N ILE R 35 -33.64 -12.06 18.15
CA ILE R 35 -32.86 -13.28 18.35
C ILE R 35 -33.60 -14.41 17.68
N PHE R 36 -32.86 -15.23 16.94
CA PHE R 36 -33.44 -16.30 16.15
C PHE R 36 -32.94 -17.64 16.69
N LEU R 37 -33.85 -18.59 16.85
CA LEU R 37 -33.59 -19.84 17.55
C LEU R 37 -34.09 -21.03 16.73
N GLY R 38 -33.71 -21.09 15.46
CA GLY R 38 -34.14 -22.14 14.57
C GLY R 38 -33.31 -23.41 14.60
N VAL R 39 -32.47 -23.60 15.61
CA VAL R 39 -31.60 -24.77 15.71
C VAL R 39 -31.94 -25.51 17.00
N GLN R 40 -31.53 -26.76 17.07
CA GLN R 40 -31.82 -27.59 18.23
C GLN R 40 -31.19 -27.01 19.49
N ILE R 41 -31.81 -27.30 20.62
CA ILE R 41 -31.40 -26.71 21.90
C ILE R 41 -30.33 -27.59 22.53
N ASP R 42 -29.08 -27.12 22.51
CA ASP R 42 -28.00 -27.77 23.23
C ASP R 42 -27.20 -26.74 24.00
N ASP R 43 -26.05 -27.13 24.55
CA ASP R 43 -25.26 -26.19 25.35
C ASP R 43 -24.79 -25.00 24.51
N ALA R 44 -24.31 -25.25 23.30
CA ALA R 44 -23.77 -24.17 22.47
C ALA R 44 -24.85 -23.16 22.10
N SER R 45 -26.01 -23.64 21.65
CA SER R 45 -27.09 -22.74 21.27
C SER R 45 -27.61 -21.96 22.46
N ALA R 46 -27.73 -22.62 23.61
CA ALA R 46 -28.16 -21.92 24.82
C ALA R 46 -27.17 -20.84 25.23
N ASN R 47 -25.87 -21.16 25.15
CA ASN R 47 -24.85 -20.17 25.46
C ASN R 47 -24.94 -18.96 24.53
N ASP R 48 -25.11 -19.22 23.23
CA ASP R 48 -25.23 -18.12 22.28
C ASP R 48 -26.45 -17.27 22.57
N VAL R 49 -27.58 -17.91 22.88
CA VAL R 49 -28.81 -17.18 23.16
C VAL R 49 -28.65 -16.33 24.41
N MET R 50 -28.06 -16.88 25.47
CA MET R 50 -27.88 -16.13 26.70
C MET R 50 -26.94 -14.94 26.49
N ALA R 51 -25.85 -15.15 25.75
CA ALA R 51 -24.95 -14.04 25.47
C ALA R 51 -25.65 -12.95 24.67
N GLN R 52 -26.44 -13.34 23.66
CA GLN R 52 -27.16 -12.36 22.87
C GLN R 52 -28.17 -11.60 23.71
N LEU R 53 -28.89 -12.30 24.60
CA LEU R 53 -29.85 -11.64 25.46
C LEU R 53 -29.17 -10.63 26.39
N LEU R 54 -28.03 -11.03 26.97
CA LEU R 54 -27.32 -10.12 27.86
C LEU R 54 -26.85 -8.88 27.11
N CYS R 55 -26.29 -9.06 25.90
CA CYS R 55 -25.85 -7.91 25.12
C CYS R 55 -27.02 -7.01 24.75
N LEU R 56 -28.14 -7.60 24.34
CA LEU R 56 -29.30 -6.80 23.97
C LEU R 56 -29.82 -5.99 25.15
N GLU R 57 -29.88 -6.60 26.32
CA GLU R 57 -30.29 -5.86 27.52
C GLU R 57 -29.31 -4.74 27.83
N SER R 58 -28.01 -5.03 27.69
CA SER R 58 -27.00 -4.02 28.01
C SER R 58 -27.11 -2.81 27.11
N MET R 59 -27.29 -3.03 25.80
CA MET R 59 -27.35 -1.89 24.88
C MET R 59 -28.57 -1.02 25.15
N ASP R 60 -29.72 -1.62 25.43
CA ASP R 60 -30.93 -0.83 25.66
C ASP R 60 -31.89 -1.58 26.57
N PRO R 61 -32.06 -1.14 27.82
CA PRO R 61 -32.91 -1.86 28.77
C PRO R 61 -34.40 -1.51 28.71
N ASP R 62 -34.87 -0.85 27.65
CA ASP R 62 -36.27 -0.44 27.58
C ASP R 62 -37.02 -1.06 26.40
N ARG R 63 -36.39 -1.19 25.24
CA ARG R 63 -37.05 -1.74 24.07
C ARG R 63 -37.14 -3.25 24.15
N ASP R 64 -38.19 -3.79 23.52
CA ASP R 64 -38.45 -5.22 23.61
C ASP R 64 -37.47 -6.02 22.75
N ILE R 65 -37.39 -7.32 23.06
CA ILE R 65 -36.55 -8.26 22.32
C ILE R 65 -37.45 -9.32 21.71
N SER R 66 -37.34 -9.52 20.40
CA SER R 66 -38.14 -10.50 19.68
C SER R 66 -37.35 -11.78 19.51
N VAL R 67 -37.98 -12.91 19.83
CA VAL R 67 -37.36 -14.23 19.71
C VAL R 67 -38.23 -15.09 18.80
N TYR R 68 -37.67 -15.52 17.68
CA TYR R 68 -38.39 -16.38 16.73
C TYR R 68 -37.99 -17.83 16.98
N ILE R 69 -38.99 -18.69 17.16
CA ILE R 69 -38.76 -20.07 17.57
C ILE R 69 -39.12 -20.99 16.41
N ASN R 70 -38.15 -21.77 15.95
CA ASN R 70 -38.36 -22.82 14.94
C ASN R 70 -37.54 -24.06 15.30
N SER R 71 -37.56 -24.43 16.58
CA SER R 71 -36.66 -25.51 16.99
C SER R 71 -37.45 -26.74 17.45
N PRO R 72 -36.94 -27.95 17.12
CA PRO R 72 -37.58 -29.19 17.57
C PRO R 72 -37.11 -29.69 18.93
N GLY R 73 -37.11 -28.80 19.92
CA GLY R 73 -36.74 -29.20 21.27
C GLY R 73 -35.26 -29.44 21.44
N GLY R 74 -34.93 -29.98 22.63
CA GLY R 74 -33.55 -30.26 22.97
C GLY R 74 -33.36 -30.68 24.41
N SER R 75 -32.18 -30.37 24.97
CA SER R 75 -31.83 -30.79 26.32
C SER R 75 -32.56 -29.93 27.36
N PHE R 76 -32.76 -30.51 28.54
CA PHE R 76 -33.54 -29.84 29.58
C PHE R 76 -32.72 -28.76 30.29
N THR R 77 -31.43 -29.02 30.54
CA THR R 77 -30.61 -28.04 31.24
C THR R 77 -30.48 -26.74 30.45
N ALA R 78 -30.27 -26.87 29.14
CA ALA R 78 -30.23 -25.68 28.28
C ALA R 78 -31.57 -24.96 28.30
N LEU R 79 -32.67 -25.71 28.31
CA LEU R 79 -33.99 -25.10 28.44
C LEU R 79 -34.10 -24.27 29.71
N THR R 80 -33.66 -24.84 30.83
CA THR R 80 -33.74 -24.11 32.10
C THR R 80 -32.87 -22.87 32.06
N ALA R 81 -31.68 -22.97 31.50
CA ALA R 81 -30.79 -21.81 31.42
C ALA R 81 -31.41 -20.69 30.60
N ILE R 82 -31.94 -21.02 29.42
CA ILE R 82 -32.54 -20.00 28.58
C ILE R 82 -33.78 -19.41 29.24
N TYR R 83 -34.58 -20.25 29.89
CA TYR R 83 -35.79 -19.75 30.55
C TYR R 83 -35.43 -18.78 31.67
N ASP R 84 -34.43 -19.13 32.49
CA ASP R 84 -34.01 -18.24 33.57
C ASP R 84 -33.46 -16.93 33.02
N THR R 85 -32.66 -17.00 31.95
CA THR R 85 -32.14 -15.77 31.36
C THR R 85 -33.26 -14.89 30.82
N MET R 86 -34.26 -15.50 30.18
CA MET R 86 -35.40 -14.74 29.68
C MET R 86 -36.16 -14.06 30.81
N GLN R 87 -36.39 -14.77 31.91
CA GLN R 87 -37.10 -14.18 33.03
C GLN R 87 -36.26 -13.14 33.77
N TYR R 88 -34.94 -13.19 33.64
CA TYR R 88 -34.08 -12.25 34.36
C TYR R 88 -34.05 -10.87 33.73
N VAL R 89 -34.11 -10.78 32.40
CA VAL R 89 -33.86 -9.51 31.73
C VAL R 89 -35.03 -8.56 31.94
N LYS R 90 -34.70 -7.27 32.08
CA LYS R 90 -35.73 -6.23 32.19
C LYS R 90 -36.59 -6.09 30.95
N PRO R 91 -36.05 -5.99 29.73
CA PRO R 91 -36.91 -5.78 28.56
C PRO R 91 -37.90 -6.91 28.38
N ASP R 92 -39.10 -6.55 27.95
CA ASP R 92 -40.12 -7.55 27.66
C ASP R 92 -39.72 -8.37 26.44
N VAL R 93 -39.88 -9.69 26.55
CA VAL R 93 -39.44 -10.62 25.51
C VAL R 93 -40.68 -11.12 24.78
N GLN R 94 -40.78 -10.81 23.50
CA GLN R 94 -41.89 -11.22 22.66
C GLN R 94 -41.47 -12.43 21.85
N THR R 95 -42.16 -13.56 22.05
CA THR R 95 -41.82 -14.82 21.41
C THR R 95 -42.81 -15.11 20.30
N VAL R 96 -42.28 -15.34 19.10
CA VAL R 96 -43.09 -15.63 17.92
C VAL R 96 -42.74 -17.02 17.42
N CYS R 97 -43.74 -17.87 17.29
CA CYS R 97 -43.57 -19.24 16.83
C CYS R 97 -43.87 -19.34 15.34
N MET R 98 -42.91 -19.84 14.58
CA MET R 98 -43.12 -20.09 13.16
C MET R 98 -42.44 -21.41 12.81
N GLY R 99 -43.12 -22.22 12.01
CA GLY R 99 -42.63 -23.56 11.71
C GLY R 99 -43.10 -24.60 12.71
N GLN R 100 -42.51 -24.59 13.91
CA GLN R 100 -42.90 -25.51 14.96
C GLN R 100 -42.22 -25.11 16.26
N ALA R 101 -42.71 -25.66 17.36
CA ALA R 101 -42.10 -25.47 18.67
C ALA R 101 -42.44 -26.72 19.50
N ALA R 102 -41.50 -27.65 19.56
CA ALA R 102 -41.72 -28.95 20.15
C ALA R 102 -40.98 -29.08 21.48
N ALA R 103 -41.58 -29.82 22.41
CA ALA R 103 -40.96 -30.12 23.70
C ALA R 103 -40.53 -28.87 24.45
N ALA R 104 -39.21 -28.67 24.56
CA ALA R 104 -38.70 -27.52 25.29
C ALA R 104 -39.03 -26.21 24.59
N ALA R 105 -39.05 -26.23 23.26
CA ALA R 105 -39.39 -25.02 22.51
C ALA R 105 -40.78 -24.52 22.86
N ALA R 106 -41.71 -25.43 23.19
CA ALA R 106 -43.03 -25.01 23.64
C ALA R 106 -42.93 -24.23 24.94
N VAL R 107 -42.09 -24.69 25.88
CA VAL R 107 -41.90 -23.98 27.13
C VAL R 107 -41.30 -22.61 26.88
N LEU R 108 -40.31 -22.53 25.98
CA LEU R 108 -39.72 -21.23 25.66
C LEU R 108 -40.74 -20.29 25.05
N LEU R 109 -41.59 -20.81 24.16
CA LEU R 109 -42.62 -19.97 23.54
C LEU R 109 -43.62 -19.47 24.58
N ALA R 110 -44.05 -20.35 25.49
CA ALA R 110 -44.99 -19.93 26.52
C ALA R 110 -44.33 -19.12 27.62
N ALA R 111 -43.00 -19.04 27.65
CA ALA R 111 -42.29 -18.34 28.70
C ALA R 111 -42.10 -16.85 28.42
N GLY R 112 -42.61 -16.34 27.30
CA GLY R 112 -42.52 -14.93 27.03
C GLY R 112 -43.42 -14.11 27.92
N THR R 113 -43.22 -12.80 27.89
CA THR R 113 -44.04 -11.91 28.70
C THR R 113 -45.49 -11.95 28.23
N PRO R 114 -46.45 -11.91 29.16
CA PRO R 114 -47.86 -12.03 28.79
C PRO R 114 -48.29 -10.92 27.84
N GLY R 115 -49.18 -11.28 26.92
CA GLY R 115 -49.67 -10.34 25.93
C GLY R 115 -48.84 -10.21 24.68
N LYS R 116 -47.68 -10.86 24.62
CA LYS R 116 -46.81 -10.76 23.46
C LYS R 116 -46.60 -12.09 22.73
N ARG R 117 -46.91 -13.22 23.37
CA ARG R 117 -46.72 -14.51 22.72
C ARG R 117 -47.70 -14.69 21.58
N MET R 118 -47.19 -15.06 20.41
CA MET R 118 -48.00 -15.16 19.20
C MET R 118 -47.39 -16.19 18.27
N ALA R 119 -48.20 -16.67 17.33
CA ALA R 119 -47.76 -17.71 16.41
C ALA R 119 -48.38 -17.49 15.04
N LEU R 120 -47.67 -17.94 14.01
CA LEU R 120 -48.14 -17.85 12.64
C LEU R 120 -49.26 -18.85 12.40
N PRO R 121 -50.09 -18.64 11.35
CA PRO R 121 -51.38 -19.35 11.27
C PRO R 121 -51.30 -20.88 11.30
N ASN R 122 -50.68 -21.50 10.32
CA ASN R 122 -50.62 -22.97 10.30
C ASN R 122 -49.29 -23.49 10.84
N ALA R 123 -49.00 -23.19 12.10
CA ALA R 123 -47.88 -23.78 12.83
C ALA R 123 -48.42 -24.71 13.90
N ARG R 124 -47.53 -25.52 14.46
CA ARG R 124 -47.93 -26.46 15.49
C ARG R 124 -47.04 -26.30 16.72
N VAL R 125 -47.60 -26.67 17.87
CA VAL R 125 -46.88 -26.75 19.13
C VAL R 125 -47.03 -28.16 19.66
N LEU R 126 -45.92 -28.85 19.88
CA LEU R 126 -45.94 -30.23 20.33
C LEU R 126 -45.37 -30.31 21.74
N ILE R 127 -46.11 -30.97 22.63
CA ILE R 127 -45.70 -31.10 24.03
C ILE R 127 -45.75 -32.58 24.41
N HIS R 128 -44.72 -33.03 25.15
CA HIS R 128 -44.67 -34.39 25.65
C HIS R 128 -43.68 -34.44 26.80
N GLN R 129 -43.78 -35.50 27.60
CA GLN R 129 -42.91 -35.65 28.75
C GLN R 129 -41.48 -35.96 28.31
N PRO R 130 -40.49 -35.64 29.14
CA PRO R 130 -39.10 -35.81 28.72
C PRO R 130 -38.75 -37.27 28.46
N TYR R 131 -37.84 -37.47 27.51
CA TYR R 131 -37.31 -38.79 27.16
C TYR R 131 -35.81 -38.78 27.39
N SER R 132 -35.30 -39.86 27.98
CA SER R 132 -33.86 -39.94 28.26
C SER R 132 -33.49 -41.40 28.45
N GLU R 133 -32.18 -41.65 28.44
CA GLU R 133 -31.62 -42.97 28.66
C GLU R 133 -30.32 -42.83 29.45
N THR R 134 -29.93 -43.90 30.13
CA THR R 134 -28.74 -43.92 30.96
C THR R 134 -27.91 -45.16 30.63
N GLY R 135 -26.62 -45.06 30.90
CA GLY R 135 -25.71 -46.17 30.66
C GLY R 135 -25.87 -47.25 31.71
N ARG R 136 -25.17 -48.37 31.46
CA ARG R 136 -25.22 -49.49 32.37
C ARG R 136 -24.60 -49.12 33.72
N GLY R 137 -25.27 -49.52 34.79
CA GLY R 137 -24.79 -49.24 36.12
C GLY R 137 -25.57 -50.04 37.15
N GLN R 138 -25.09 -49.98 38.38
CA GLN R 138 -25.74 -50.69 39.46
C GLN R 138 -27.12 -50.09 39.74
N VAL R 139 -27.88 -50.77 40.61
CA VAL R 139 -29.27 -50.37 40.84
C VAL R 139 -29.36 -49.02 41.54
N SER R 140 -28.42 -48.71 42.45
CA SER R 140 -28.48 -47.45 43.17
C SER R 140 -28.33 -46.26 42.23
N ASP R 141 -27.38 -46.34 41.30
CA ASP R 141 -27.20 -45.27 40.32
C ASP R 141 -28.45 -45.10 39.46
N LEU R 142 -29.06 -46.22 39.07
CA LEU R 142 -30.29 -46.15 38.27
C LEU R 142 -31.41 -45.50 39.07
N GLU R 143 -31.50 -45.80 40.36
CA GLU R 143 -32.50 -45.16 41.20
C GLU R 143 -32.28 -43.66 41.29
N ILE R 144 -31.03 -43.24 41.46
CA ILE R 144 -30.74 -41.81 41.51
C ILE R 144 -31.12 -41.14 40.20
N ALA R 145 -30.80 -41.79 39.08
CA ALA R 145 -31.16 -41.23 37.77
C ALA R 145 -32.67 -41.15 37.59
N ALA R 146 -33.39 -42.17 38.04
CA ALA R 146 -34.85 -42.15 37.92
C ALA R 146 -35.46 -41.05 38.78
N ASN R 147 -34.95 -40.87 39.99
CA ASN R 147 -35.43 -39.77 40.82
C ASN R 147 -35.16 -38.43 40.16
N GLU R 148 -33.98 -38.28 39.55
CA GLU R 148 -33.66 -37.03 38.86
C GLU R 148 -34.59 -36.79 37.68
N ILE R 149 -34.90 -37.82 36.91
CA ILE R 149 -35.76 -37.64 35.74
C ILE R 149 -37.19 -37.34 36.17
N LEU R 150 -37.65 -37.95 37.27
CA LEU R 150 -38.98 -37.60 37.79
C LEU R 150 -39.02 -36.15 38.27
N ARG R 151 -37.95 -35.70 38.93
CA ARG R 151 -37.88 -34.30 39.34
C ARG R 151 -37.89 -33.38 38.12
N MET R 152 -37.19 -33.75 37.06
CA MET R 152 -37.18 -32.95 35.85
C MET R 152 -38.58 -32.86 35.24
N ARG R 153 -39.30 -33.99 35.19
CA ARG R 153 -40.64 -33.96 34.63
C ARG R 153 -41.57 -33.10 35.47
N SER R 154 -41.45 -33.20 36.80
CA SER R 154 -42.28 -32.37 37.68
C SER R 154 -41.96 -30.88 37.51
N GLN R 155 -40.68 -30.53 37.37
CA GLN R 155 -40.31 -29.15 37.14
C GLN R 155 -40.87 -28.65 35.81
N LEU R 156 -40.78 -29.47 34.76
CA LEU R 156 -41.39 -29.11 33.48
C LEU R 156 -42.89 -28.91 33.63
N GLU R 157 -43.53 -29.76 34.42
CA GLU R 157 -44.97 -29.62 34.66
C GLU R 157 -45.29 -28.28 35.30
N ASP R 158 -44.55 -27.91 36.34
CA ASP R 158 -44.80 -26.63 37.00
C ASP R 158 -44.56 -25.46 36.06
N MET R 159 -43.48 -25.53 35.27
CA MET R 159 -43.17 -24.47 34.33
C MET R 159 -44.29 -24.30 33.30
N LEU R 160 -44.84 -25.41 32.80
CA LEU R 160 -45.95 -25.31 31.86
C LEU R 160 -47.22 -24.82 32.54
N ALA R 161 -47.41 -25.19 33.80
CA ALA R 161 -48.66 -24.86 34.49
C ALA R 161 -48.73 -23.37 34.81
N LYS R 162 -47.65 -22.79 35.34
CA LYS R 162 -47.74 -21.40 35.80
C LYS R 162 -47.81 -20.42 34.63
N HIS R 163 -47.30 -20.82 33.47
CA HIS R 163 -47.24 -19.95 32.30
C HIS R 163 -48.39 -20.20 31.32
N SER R 164 -49.46 -20.81 31.78
CA SER R 164 -50.59 -21.11 30.91
C SER R 164 -51.87 -20.99 31.73
N THR R 165 -52.98 -21.47 31.18
CA THR R 165 -54.30 -21.35 31.79
C THR R 165 -54.82 -22.65 32.37
N THR R 166 -54.59 -23.78 31.69
CA THR R 166 -55.16 -25.04 32.12
C THR R 166 -54.56 -25.46 33.47
N PRO R 167 -55.34 -26.15 34.30
CA PRO R 167 -54.82 -26.61 35.59
C PRO R 167 -53.75 -27.67 35.42
N VAL R 168 -52.95 -27.83 36.47
CA VAL R 168 -51.80 -28.73 36.41
C VAL R 168 -52.24 -30.18 36.21
N GLU R 169 -53.40 -30.57 36.75
CA GLU R 169 -53.85 -31.96 36.62
C GLU R 169 -54.14 -32.32 35.17
N LYS R 170 -54.78 -31.42 34.44
CA LYS R 170 -55.07 -31.69 33.03
C LYS R 170 -53.79 -31.81 32.21
N ILE R 171 -52.80 -30.96 32.51
CA ILE R 171 -51.51 -31.06 31.83
C ILE R 171 -50.83 -32.39 32.16
N ARG R 172 -50.91 -32.81 33.42
CA ARG R 172 -50.33 -34.09 33.81
C ARG R 172 -50.96 -35.24 33.04
N GLU R 173 -52.29 -35.22 32.93
CA GLU R 173 -52.98 -36.23 32.14
C GLU R 173 -52.72 -36.10 30.64
N ASP R 174 -52.31 -34.91 30.19
CA ASP R 174 -52.24 -34.61 28.76
C ASP R 174 -50.87 -34.90 28.14
N ILE R 175 -49.78 -34.64 28.85
CA ILE R 175 -48.45 -34.85 28.29
C ILE R 175 -48.01 -36.29 28.51
N GLU R 176 -48.94 -37.13 28.95
CA GLU R 176 -48.63 -38.56 29.09
C GLU R 176 -48.25 -39.16 27.75
N ARG R 177 -48.94 -38.77 26.69
CA ARG R 177 -48.58 -39.08 25.32
C ARG R 177 -48.20 -37.79 24.60
N ASP R 178 -47.77 -37.93 23.34
CA ASP R 178 -47.49 -36.76 22.52
C ASP R 178 -48.77 -35.99 22.28
N LYS R 179 -48.71 -34.67 22.45
CA LYS R 179 -49.86 -33.80 22.23
C LYS R 179 -49.50 -32.74 21.21
N ILE R 180 -50.22 -32.71 20.11
CA ILE R 180 -49.99 -31.76 19.02
C ILE R 180 -51.14 -30.76 19.02
N LEU R 181 -50.81 -29.48 19.10
CA LEU R 181 -51.79 -28.41 19.13
C LEU R 181 -51.57 -27.51 17.92
N THR R 182 -52.65 -27.16 17.22
CA THR R 182 -52.56 -26.15 16.19
C THR R 182 -52.51 -24.77 16.83
N ALA R 183 -52.50 -23.73 16.00
CA ALA R 183 -52.46 -22.37 16.53
C ALA R 183 -53.69 -22.06 17.36
N GLU R 184 -54.88 -22.40 16.83
CA GLU R 184 -56.10 -22.17 17.59
C GLU R 184 -56.17 -23.04 18.83
N ASP R 185 -55.72 -24.29 18.74
CA ASP R 185 -55.69 -25.16 19.91
C ASP R 185 -54.76 -24.60 20.98
N ALA R 186 -53.60 -24.09 20.57
CA ALA R 186 -52.68 -23.48 21.53
C ALA R 186 -53.29 -22.23 22.15
N LEU R 187 -53.99 -21.42 21.33
CA LEU R 187 -54.61 -20.20 21.85
C LEU R 187 -55.68 -20.53 22.88
N SER R 188 -56.51 -21.54 22.60
CA SER R 188 -57.49 -21.98 23.59
C SER R 188 -56.81 -22.61 24.80
N TYR R 189 -55.62 -23.19 24.61
CA TYR R 189 -54.89 -23.79 25.70
C TYR R 189 -54.27 -22.74 26.62
N GLY R 190 -53.91 -21.59 26.07
CA GLY R 190 -53.28 -20.53 26.83
C GLY R 190 -51.79 -20.40 26.63
N LEU R 191 -51.18 -21.24 25.79
CA LEU R 191 -49.76 -21.11 25.52
C LEU R 191 -49.42 -19.83 24.76
N ILE R 192 -50.29 -19.40 23.84
CA ILE R 192 -50.09 -18.17 23.10
C ILE R 192 -51.24 -17.22 23.43
N ASP R 193 -51.18 -16.03 22.85
CA ASP R 193 -52.13 -14.97 23.16
C ASP R 193 -52.98 -14.52 21.98
N GLN R 194 -52.44 -14.53 20.77
CA GLN R 194 -53.19 -14.15 19.58
C GLN R 194 -52.45 -14.61 18.34
N VAL R 195 -53.21 -15.04 17.34
CA VAL R 195 -52.67 -15.61 16.11
C VAL R 195 -52.66 -14.54 15.04
N ILE R 196 -51.49 -14.30 14.47
CA ILE R 196 -51.29 -13.28 13.44
C ILE R 196 -51.32 -13.92 12.07
N SER R 197 -52.07 -13.31 11.15
CA SER R 197 -52.07 -13.72 9.75
C SER R 197 -51.07 -12.89 8.96
N THR R 198 -51.13 -11.56 9.09
CA THR R 198 -50.17 -10.64 8.50
C THR R 198 -49.87 -9.60 9.59
N ARG R 199 -48.66 -9.05 9.55
CA ARG R 199 -48.26 -8.00 10.49
C ARG R 199 -49.07 -6.74 10.22
N ASP S 24 -18.70 -12.01 -5.83
CA ASP S 24 -19.74 -12.96 -5.43
C ASP S 24 -21.08 -12.59 -6.04
N PRO S 25 -21.49 -13.35 -7.06
CA PRO S 25 -22.78 -13.04 -7.71
C PRO S 25 -23.97 -13.11 -6.77
N TYR S 26 -23.98 -14.08 -5.85
CA TYR S 26 -25.09 -14.20 -4.91
C TYR S 26 -25.21 -12.95 -4.06
N ALA S 27 -24.08 -12.34 -3.71
CA ALA S 27 -24.10 -11.10 -2.94
C ALA S 27 -24.85 -10.01 -3.70
N LYS S 28 -24.57 -9.86 -4.99
CA LYS S 28 -25.25 -8.85 -5.80
C LYS S 28 -26.74 -9.17 -5.94
N LEU S 29 -27.07 -10.45 -6.18
CA LEU S 29 -28.47 -10.82 -6.33
C LEU S 29 -29.26 -10.51 -5.05
N PHE S 30 -28.71 -10.85 -3.89
CA PHE S 30 -29.39 -10.49 -2.65
C PHE S 30 -29.38 -8.98 -2.44
N GLU S 31 -28.34 -8.30 -2.96
CA GLU S 31 -28.25 -6.86 -2.80
C GLU S 31 -29.38 -6.16 -3.52
N GLU S 32 -29.81 -6.70 -4.67
CA GLU S 32 -30.88 -5.99 -5.36
C GLU S 32 -32.23 -6.29 -4.69
N ARG S 33 -32.82 -7.47 -4.95
CA ARG S 33 -33.95 -7.94 -4.16
C ARG S 33 -34.02 -9.46 -4.06
N VAL S 34 -33.08 -10.21 -4.61
CA VAL S 34 -33.33 -11.59 -4.99
C VAL S 34 -32.90 -12.56 -3.90
N ILE S 35 -33.83 -13.44 -3.52
CA ILE S 35 -33.54 -14.59 -2.67
C ILE S 35 -33.54 -15.83 -3.55
N PHE S 36 -32.46 -16.60 -3.50
CA PHE S 36 -32.27 -17.73 -4.38
C PHE S 36 -32.32 -19.02 -3.57
N LEU S 37 -33.19 -19.95 -3.98
CA LEU S 37 -33.47 -21.19 -3.24
C LEU S 37 -33.15 -22.37 -4.16
N GLY S 38 -31.92 -22.87 -4.09
CA GLY S 38 -31.50 -23.94 -4.97
C GLY S 38 -31.16 -25.25 -4.27
N VAL S 39 -31.36 -25.31 -2.96
CA VAL S 39 -31.03 -26.49 -2.18
C VAL S 39 -32.33 -27.10 -1.64
N GLN S 40 -32.26 -28.38 -1.30
CA GLN S 40 -33.44 -29.07 -0.78
C GLN S 40 -33.89 -28.43 0.53
N ILE S 41 -35.19 -28.47 0.77
CA ILE S 41 -35.79 -27.72 1.87
C ILE S 41 -35.67 -28.54 3.15
N ASP S 42 -34.87 -28.04 4.08
CA ASP S 42 -34.76 -28.62 5.41
C ASP S 42 -34.78 -27.46 6.42
N ASP S 43 -34.50 -27.77 7.69
CA ASP S 43 -34.62 -26.77 8.73
C ASP S 43 -33.62 -25.63 8.53
N ALA S 44 -32.37 -25.94 8.23
CA ALA S 44 -31.36 -24.90 8.09
C ALA S 44 -31.66 -23.98 6.91
N SER S 45 -32.01 -24.58 5.77
CA SER S 45 -32.33 -23.76 4.59
C SER S 45 -33.57 -22.93 4.83
N ALA S 46 -34.57 -23.48 5.51
CA ALA S 46 -35.77 -22.72 5.82
C ALA S 46 -35.45 -21.54 6.74
N ASN S 47 -34.60 -21.77 7.74
CA ASN S 47 -34.20 -20.68 8.64
C ASN S 47 -33.47 -19.59 7.87
N ASP S 48 -32.58 -19.99 6.95
CA ASP S 48 -31.87 -19.00 6.15
C ASP S 48 -32.83 -18.20 5.28
N VAL S 49 -33.78 -18.88 4.64
CA VAL S 49 -34.74 -18.18 3.78
C VAL S 49 -35.60 -17.22 4.60
N MET S 50 -36.04 -17.67 5.79
CA MET S 50 -36.83 -16.81 6.65
C MET S 50 -36.05 -15.58 7.08
N ALA S 51 -34.79 -15.75 7.46
CA ALA S 51 -33.96 -14.62 7.86
C ALA S 51 -33.77 -13.65 6.69
N GLN S 52 -33.52 -14.19 5.50
CA GLN S 52 -33.35 -13.33 4.33
C GLN S 52 -34.62 -12.55 4.02
N LEU S 53 -35.78 -13.21 4.09
CA LEU S 53 -37.04 -12.52 3.83
C LEU S 53 -37.28 -11.41 4.85
N LEU S 54 -37.04 -11.70 6.13
CA LEU S 54 -37.25 -10.69 7.15
C LEU S 54 -36.30 -9.52 6.99
N CYS S 55 -35.03 -9.80 6.65
CA CYS S 55 -34.08 -8.73 6.42
C CYS S 55 -34.49 -7.85 5.25
N LEU S 56 -34.88 -8.48 4.14
CA LEU S 56 -35.26 -7.70 2.96
C LEU S 56 -36.53 -6.89 3.23
N GLU S 57 -37.46 -7.44 4.00
CA GLU S 57 -38.62 -6.66 4.43
C GLU S 57 -38.19 -5.48 5.30
N SER S 58 -37.16 -5.68 6.13
CA SER S 58 -36.65 -4.59 6.95
C SER S 58 -36.04 -3.48 6.10
N MET S 59 -35.37 -3.84 5.00
CA MET S 59 -34.80 -2.81 4.13
C MET S 59 -35.89 -1.91 3.56
N ASP S 60 -36.92 -2.50 2.95
CA ASP S 60 -37.96 -1.72 2.30
C ASP S 60 -39.27 -2.50 2.31
N PRO S 61 -40.28 -2.03 3.03
CA PRO S 61 -41.52 -2.80 3.14
C PRO S 61 -42.49 -2.56 1.99
N ASP S 62 -42.01 -2.01 0.88
CA ASP S 62 -42.88 -1.69 -0.24
C ASP S 62 -42.39 -2.19 -1.59
N ARG S 63 -41.17 -2.72 -1.67
CA ARG S 63 -40.66 -3.24 -2.93
C ARG S 63 -41.10 -4.70 -3.12
N ASP S 64 -40.62 -5.32 -4.18
CA ASP S 64 -40.97 -6.70 -4.51
C ASP S 64 -39.76 -7.60 -4.34
N ILE S 65 -39.94 -8.67 -3.59
CA ILE S 65 -38.90 -9.67 -3.39
C ILE S 65 -39.10 -10.81 -4.39
N SER S 66 -38.00 -11.33 -4.91
CA SER S 66 -38.04 -12.41 -5.88
C SER S 66 -37.44 -13.67 -5.27
N VAL S 67 -38.12 -14.79 -5.47
CA VAL S 67 -37.67 -16.09 -4.98
C VAL S 67 -37.55 -17.03 -6.17
N TYR S 68 -36.37 -17.63 -6.32
CA TYR S 68 -36.06 -18.53 -7.42
C TYR S 68 -36.00 -19.96 -6.89
N ILE S 69 -36.78 -20.85 -7.49
CA ILE S 69 -36.94 -22.22 -6.99
C ILE S 69 -36.33 -23.17 -8.01
N ASN S 70 -35.29 -23.89 -7.59
CA ASN S 70 -34.66 -24.93 -8.39
C ASN S 70 -34.34 -26.13 -7.51
N SER S 71 -35.30 -26.53 -6.66
CA SER S 71 -35.01 -27.51 -5.64
C SER S 71 -36.02 -28.64 -5.65
N PRO S 72 -35.62 -29.83 -5.20
CA PRO S 72 -36.61 -30.89 -4.93
C PRO S 72 -37.38 -30.60 -3.65
N GLY S 73 -38.20 -31.55 -3.20
CA GLY S 73 -39.02 -31.32 -2.04
C GLY S 73 -38.26 -31.26 -0.73
N GLY S 74 -38.93 -31.52 0.37
CA GLY S 74 -38.29 -31.43 1.67
C GLY S 74 -39.28 -31.65 2.79
N SER S 75 -38.84 -31.31 4.00
CA SER S 75 -39.68 -31.48 5.18
C SER S 75 -40.90 -30.57 5.12
N PHE S 76 -42.02 -31.07 5.63
CA PHE S 76 -43.27 -30.33 5.54
C PHE S 76 -43.28 -29.13 6.49
N THR S 77 -42.66 -29.27 7.66
CA THR S 77 -42.64 -28.17 8.63
C THR S 77 -41.92 -26.95 8.06
N ALA S 78 -40.79 -27.17 7.39
CA ALA S 78 -40.09 -26.07 6.76
C ALA S 78 -40.92 -25.46 5.65
N LEU S 79 -41.65 -26.29 4.91
CA LEU S 79 -42.56 -25.78 3.89
C LEU S 79 -43.59 -24.84 4.50
N THR S 80 -44.22 -25.24 5.60
CA THR S 80 -45.21 -24.39 6.24
C THR S 80 -44.57 -23.11 6.78
N ALA S 81 -43.37 -23.22 7.33
CA ALA S 81 -42.68 -22.04 7.84
C ALA S 81 -42.44 -21.02 6.74
N ILE S 82 -41.92 -21.48 5.60
CA ILE S 82 -41.64 -20.57 4.49
C ILE S 82 -42.93 -20.00 3.92
N TYR S 83 -43.99 -20.83 3.85
CA TYR S 83 -45.27 -20.36 3.34
C TYR S 83 -45.83 -19.24 4.21
N ASP S 84 -45.83 -19.45 5.53
CA ASP S 84 -46.29 -18.41 6.44
C ASP S 84 -45.42 -17.17 6.35
N THR S 85 -44.11 -17.34 6.23
CA THR S 85 -43.21 -16.19 6.16
C THR S 85 -43.50 -15.35 4.92
N MET S 86 -43.73 -15.98 3.78
CA MET S 86 -44.08 -15.23 2.58
C MET S 86 -45.44 -14.56 2.72
N GLN S 87 -46.41 -15.25 3.33
CA GLN S 87 -47.73 -14.66 3.49
C GLN S 87 -47.79 -13.62 4.60
N TYR S 88 -46.71 -13.44 5.36
CA TYR S 88 -46.73 -12.61 6.56
C TYR S 88 -46.26 -11.18 6.31
N VAL S 89 -45.31 -10.99 5.39
CA VAL S 89 -44.78 -9.66 5.14
C VAL S 89 -45.64 -8.92 4.13
N LYS S 90 -45.60 -7.58 4.15
CA LYS S 90 -46.20 -6.74 3.11
C LYS S 90 -45.61 -6.94 1.72
N PRO S 91 -44.28 -6.94 1.55
CA PRO S 91 -43.73 -6.96 0.19
C PRO S 91 -44.21 -8.17 -0.59
N ASP S 92 -44.48 -7.94 -1.87
CA ASP S 92 -44.95 -9.00 -2.74
C ASP S 92 -43.82 -9.97 -3.07
N VAL S 93 -44.17 -11.24 -3.26
CA VAL S 93 -43.22 -12.29 -3.53
C VAL S 93 -43.45 -12.82 -4.94
N GLN S 94 -42.40 -12.77 -5.75
CA GLN S 94 -42.44 -13.21 -7.14
C GLN S 94 -41.70 -14.52 -7.25
N THR S 95 -42.44 -15.59 -7.58
CA THR S 95 -41.87 -16.94 -7.63
C THR S 95 -41.49 -17.26 -9.06
N VAL S 96 -40.24 -17.71 -9.26
CA VAL S 96 -39.75 -18.09 -10.57
C VAL S 96 -39.26 -19.53 -10.50
N CYS S 97 -39.87 -20.39 -11.32
CA CYS S 97 -39.51 -21.80 -11.39
C CYS S 97 -38.49 -22.00 -12.50
N MET S 98 -37.47 -22.81 -12.22
CA MET S 98 -36.34 -22.98 -13.11
C MET S 98 -35.67 -24.32 -12.80
N GLY S 99 -35.50 -25.14 -13.83
CA GLY S 99 -35.03 -26.49 -13.63
C GLY S 99 -36.14 -27.41 -13.21
N GLN S 100 -36.54 -27.33 -11.94
CA GLN S 100 -37.65 -28.11 -11.42
C GLN S 100 -38.11 -27.52 -10.10
N ALA S 101 -39.32 -27.89 -9.70
CA ALA S 101 -39.87 -27.51 -8.40
C ALA S 101 -40.81 -28.64 -7.98
N ALA S 102 -40.29 -29.56 -7.17
CA ALA S 102 -40.99 -30.79 -6.83
C ALA S 102 -41.50 -30.74 -5.39
N ALA S 103 -42.64 -31.39 -5.17
CA ALA S 103 -43.23 -31.55 -3.84
C ALA S 103 -43.46 -30.22 -3.15
N ALA S 104 -42.72 -29.96 -2.07
CA ALA S 104 -42.88 -28.71 -1.35
C ALA S 104 -42.48 -27.50 -2.19
N ALA S 105 -41.51 -27.68 -3.07
CA ALA S 105 -41.12 -26.58 -3.96
C ALA S 105 -42.26 -26.17 -4.87
N ALA S 106 -43.11 -27.12 -5.28
CA ALA S 106 -44.27 -26.77 -6.09
C ALA S 106 -45.24 -25.89 -5.31
N VAL S 107 -45.47 -26.21 -4.04
CA VAL S 107 -46.34 -25.39 -3.21
C VAL S 107 -45.73 -24.01 -3.01
N LEU S 108 -44.41 -23.95 -2.81
CA LEU S 108 -43.76 -22.66 -2.68
C LEU S 108 -43.91 -21.83 -3.95
N LEU S 109 -43.79 -22.48 -5.11
CA LEU S 109 -44.01 -21.78 -6.38
C LEU S 109 -45.43 -21.25 -6.49
N ALA S 110 -46.42 -22.08 -6.15
CA ALA S 110 -47.81 -21.66 -6.22
C ALA S 110 -48.19 -20.69 -5.13
N ALA S 111 -47.32 -20.48 -4.13
CA ALA S 111 -47.64 -19.58 -3.02
C ALA S 111 -47.30 -18.13 -3.29
N GLY S 112 -46.77 -17.81 -4.48
CA GLY S 112 -46.48 -16.43 -4.80
C GLY S 112 -47.74 -15.61 -5.00
N THR S 113 -47.56 -14.29 -4.98
CA THR S 113 -48.70 -13.40 -5.17
C THR S 113 -49.27 -13.59 -6.57
N PRO S 114 -50.58 -13.55 -6.74
CA PRO S 114 -51.18 -13.86 -8.04
C PRO S 114 -50.73 -12.88 -9.12
N GLY S 115 -50.57 -13.41 -10.33
CA GLY S 115 -50.22 -12.59 -11.48
C GLY S 115 -48.75 -12.52 -11.81
N LYS S 116 -47.87 -12.91 -10.88
CA LYS S 116 -46.43 -12.82 -11.09
C LYS S 116 -45.73 -14.09 -10.59
N ARG S 117 -46.35 -15.24 -10.87
CA ARG S 117 -45.73 -16.54 -10.65
C ARG S 117 -45.42 -17.15 -12.00
N MET S 118 -44.14 -17.34 -12.30
CA MET S 118 -43.73 -17.68 -13.65
C MET S 118 -42.69 -18.80 -13.62
N ALA S 119 -42.48 -19.42 -14.78
CA ALA S 119 -41.58 -20.55 -14.90
C ALA S 119 -40.85 -20.48 -16.23
N LEU S 120 -39.67 -21.09 -16.28
CA LEU S 120 -38.91 -21.16 -17.51
C LEU S 120 -39.54 -22.17 -18.46
N PRO S 121 -39.25 -22.07 -19.76
CA PRO S 121 -39.98 -22.90 -20.74
C PRO S 121 -39.80 -24.40 -20.53
N ASN S 122 -38.62 -24.87 -20.13
CA ASN S 122 -38.35 -26.30 -20.03
C ASN S 122 -38.45 -26.82 -18.60
N ALA S 123 -38.91 -25.99 -17.67
CA ALA S 123 -39.05 -26.41 -16.29
C ALA S 123 -40.20 -27.40 -16.15
N ARG S 124 -40.16 -28.19 -15.09
CA ARG S 124 -41.20 -29.15 -14.78
C ARG S 124 -41.56 -29.07 -13.31
N VAL S 125 -42.82 -29.38 -13.01
CA VAL S 125 -43.35 -29.30 -11.65
C VAL S 125 -43.89 -30.67 -11.26
N LEU S 126 -43.43 -31.20 -10.14
CA LEU S 126 -43.82 -32.52 -9.68
C LEU S 126 -44.56 -32.39 -8.36
N ILE S 127 -45.73 -33.03 -8.26
CA ILE S 127 -46.55 -32.97 -7.06
C ILE S 127 -46.97 -34.38 -6.66
N HIS S 128 -46.94 -34.65 -5.36
CA HIS S 128 -47.42 -35.92 -4.83
C HIS S 128 -47.66 -35.74 -3.32
N GLN S 129 -48.39 -36.69 -2.74
CA GLN S 129 -48.71 -36.63 -1.33
C GLN S 129 -47.46 -36.83 -0.48
N PRO S 130 -47.46 -36.31 0.76
CA PRO S 130 -46.26 -36.40 1.58
C PRO S 130 -45.87 -37.83 1.89
N TYR S 131 -44.56 -38.06 2.01
CA TYR S 131 -44.00 -39.34 2.37
C TYR S 131 -43.35 -39.21 3.75
N SER S 132 -43.69 -40.13 4.66
CA SER S 132 -43.23 -40.05 6.03
C SER S 132 -42.72 -41.40 6.50
N GLU S 133 -41.88 -41.37 7.53
CA GLU S 133 -41.29 -42.57 8.12
C GLU S 133 -41.13 -42.28 9.61
N THR S 134 -41.94 -42.94 10.43
CA THR S 134 -41.85 -42.79 11.87
C THR S 134 -41.00 -43.90 12.47
N GLY S 135 -40.46 -43.64 13.66
CA GLY S 135 -39.66 -44.64 14.34
C GLY S 135 -40.53 -45.68 15.02
N ARG S 136 -39.85 -46.67 15.60
CA ARG S 136 -40.56 -47.73 16.31
C ARG S 136 -41.23 -47.17 17.56
N GLY S 137 -42.42 -47.67 17.86
CA GLY S 137 -43.15 -47.21 19.01
C GLY S 137 -44.41 -48.02 19.21
N GLN S 138 -45.09 -47.74 20.32
CA GLN S 138 -46.31 -48.45 20.65
C GLN S 138 -47.43 -48.05 19.70
N VAL S 139 -48.54 -48.79 19.78
CA VAL S 139 -49.65 -48.59 18.84
C VAL S 139 -50.26 -47.21 18.98
N SER S 140 -50.43 -46.73 20.21
CA SER S 140 -51.04 -45.42 20.42
C SER S 140 -50.19 -44.30 19.80
N ASP S 141 -48.87 -44.39 19.96
CA ASP S 141 -48.00 -43.40 19.35
C ASP S 141 -48.13 -43.42 17.83
N LEU S 142 -48.19 -44.62 17.24
CA LEU S 142 -48.35 -44.73 15.80
C LEU S 142 -49.70 -44.17 15.35
N GLU S 143 -50.75 -44.36 16.15
CA GLU S 143 -52.06 -43.80 15.81
C GLU S 143 -52.02 -42.28 15.81
N ILE S 144 -51.37 -41.70 16.83
CA ILE S 144 -51.24 -40.25 16.88
C ILE S 144 -50.45 -39.74 15.69
N ALA S 145 -49.34 -40.41 15.35
CA ALA S 145 -48.53 -40.00 14.22
C ALA S 145 -49.31 -40.12 12.91
N ALA S 146 -50.12 -41.16 12.77
CA ALA S 146 -50.93 -41.32 11.57
C ALA S 146 -51.96 -40.20 11.46
N ASN S 147 -52.59 -39.84 12.57
CA ASN S 147 -53.52 -38.72 12.53
C ASN S 147 -52.81 -37.42 12.11
N GLU S 148 -51.61 -37.20 12.66
CA GLU S 148 -50.84 -36.02 12.28
C GLU S 148 -50.51 -36.03 10.79
N ILE S 149 -50.10 -37.18 10.26
CA ILE S 149 -49.75 -37.27 8.84
C ILE S 149 -50.97 -37.03 7.98
N LEU S 150 -52.13 -37.58 8.36
CA LEU S 150 -53.33 -37.36 7.58
C LEU S 150 -53.74 -35.89 7.58
N ARG S 151 -53.66 -35.22 8.72
CA ARG S 151 -54.02 -33.80 8.73
C ARG S 151 -53.01 -32.97 7.97
N MET S 152 -51.74 -33.39 7.96
CA MET S 152 -50.76 -32.73 7.09
C MET S 152 -51.14 -32.87 5.62
N ARG S 153 -51.56 -34.07 5.22
CA ARG S 153 -51.93 -34.27 3.82
C ARG S 153 -53.15 -33.43 3.47
N SER S 154 -54.13 -33.35 4.38
CA SER S 154 -55.30 -32.52 4.13
C SER S 154 -54.91 -31.04 4.03
N GLN S 155 -54.00 -30.60 4.90
CA GLN S 155 -53.54 -29.21 4.87
C GLN S 155 -52.81 -28.88 3.57
N LEU S 156 -51.97 -29.81 3.11
CA LEU S 156 -51.31 -29.64 1.82
C LEU S 156 -52.32 -29.56 0.69
N GLU S 157 -53.34 -30.43 0.74
CA GLU S 157 -54.43 -30.37 -0.22
C GLU S 157 -55.10 -29.00 -0.24
N ASP S 158 -55.39 -28.46 0.95
CA ASP S 158 -56.04 -27.16 1.03
C ASP S 158 -55.15 -26.05 0.48
N MET S 159 -53.85 -26.11 0.79
CA MET S 159 -52.93 -25.12 0.25
C MET S 159 -52.90 -25.17 -1.28
N LEU S 160 -52.85 -26.37 -1.84
CA LEU S 160 -52.82 -26.48 -3.30
C LEU S 160 -54.13 -26.00 -3.93
N ALA S 161 -55.25 -26.25 -3.25
CA ALA S 161 -56.54 -25.84 -3.81
C ALA S 161 -56.71 -24.33 -3.73
N LYS S 162 -56.23 -23.71 -2.66
CA LYS S 162 -56.44 -22.27 -2.47
C LYS S 162 -55.71 -21.45 -3.54
N HIS S 163 -54.51 -21.87 -3.93
CA HIS S 163 -53.67 -21.11 -4.83
C HIS S 163 -53.74 -21.59 -6.27
N SER S 164 -54.79 -22.32 -6.63
CA SER S 164 -54.94 -22.83 -7.98
C SER S 164 -56.40 -22.67 -8.42
N THR S 165 -56.62 -22.87 -9.73
CA THR S 165 -57.95 -22.82 -10.31
C THR S 165 -58.61 -24.18 -10.38
N THR S 166 -57.94 -25.23 -9.92
CA THR S 166 -58.42 -26.60 -9.98
C THR S 166 -59.22 -26.92 -8.72
N PRO S 167 -60.39 -27.55 -8.84
CA PRO S 167 -61.18 -27.90 -7.65
C PRO S 167 -60.44 -28.89 -6.77
N VAL S 168 -60.97 -29.04 -5.54
CA VAL S 168 -60.29 -29.83 -4.52
C VAL S 168 -60.28 -31.31 -4.87
N GLU S 169 -61.40 -31.82 -5.38
CA GLU S 169 -61.50 -33.25 -5.67
C GLU S 169 -60.53 -33.67 -6.77
N LYS S 170 -60.34 -32.82 -7.77
CA LYS S 170 -59.36 -33.13 -8.81
C LYS S 170 -57.96 -33.19 -8.23
N ILE S 171 -57.66 -32.36 -7.23
CA ILE S 171 -56.37 -32.44 -6.55
C ILE S 171 -56.26 -33.73 -5.75
N ARG S 172 -57.35 -34.15 -5.11
CA ARG S 172 -57.35 -35.46 -4.47
C ARG S 172 -56.97 -36.56 -5.45
N GLU S 173 -57.60 -36.54 -6.64
CA GLU S 173 -57.29 -37.56 -7.63
C GLU S 173 -55.85 -37.45 -8.12
N ASP S 174 -55.35 -36.22 -8.27
CA ASP S 174 -54.04 -36.02 -8.88
C ASP S 174 -52.89 -36.39 -7.94
N ILE S 175 -52.98 -36.03 -6.67
CA ILE S 175 -51.83 -36.17 -5.78
C ILE S 175 -51.75 -37.58 -5.19
N GLU S 176 -52.60 -38.48 -5.68
CA GLU S 176 -52.54 -39.86 -5.22
C GLU S 176 -51.20 -40.50 -5.57
N ARG S 177 -50.72 -40.27 -6.78
CA ARG S 177 -49.41 -40.72 -7.25
C ARG S 177 -48.62 -39.52 -7.75
N ASP S 178 -47.41 -39.79 -8.24
CA ASP S 178 -46.57 -38.74 -8.77
C ASP S 178 -47.24 -38.10 -9.98
N LYS S 179 -47.36 -36.78 -9.97
CA LYS S 179 -47.94 -36.03 -11.08
C LYS S 179 -46.90 -35.05 -11.59
N ILE S 180 -46.55 -35.17 -12.87
CA ILE S 180 -45.52 -34.35 -13.50
C ILE S 180 -46.19 -33.45 -14.52
N LEU S 181 -45.91 -32.16 -14.43
CA LEU S 181 -46.51 -31.15 -15.30
C LEU S 181 -45.41 -30.34 -15.97
N THR S 182 -45.60 -30.08 -17.26
CA THR S 182 -44.71 -29.19 -17.99
C THR S 182 -45.07 -27.74 -17.68
N ALA S 183 -44.35 -26.82 -18.33
CA ALA S 183 -44.65 -25.40 -18.12
C ALA S 183 -46.05 -25.05 -18.61
N GLU S 184 -46.39 -25.46 -19.83
CA GLU S 184 -47.73 -25.21 -20.35
C GLU S 184 -48.78 -25.97 -19.55
N ASP S 185 -48.48 -27.21 -19.16
CA ASP S 185 -49.41 -27.98 -18.34
C ASP S 185 -49.62 -27.32 -16.98
N ALA S 186 -48.55 -26.80 -16.38
CA ALA S 186 -48.69 -26.08 -15.12
C ALA S 186 -49.51 -24.82 -15.28
N LEU S 187 -49.30 -24.10 -16.39
CA LEU S 187 -50.08 -22.89 -16.64
C LEU S 187 -51.56 -23.21 -16.81
N SER S 188 -51.88 -24.28 -17.54
CA SER S 188 -53.26 -24.71 -17.64
C SER S 188 -53.81 -25.19 -16.31
N TYR S 189 -52.94 -25.71 -15.45
CA TYR S 189 -53.37 -26.18 -14.14
C TYR S 189 -53.69 -25.02 -13.21
N GLY S 190 -53.08 -23.86 -13.45
CA GLY S 190 -53.28 -22.69 -12.61
C GLY S 190 -52.20 -22.43 -11.59
N LEU S 191 -51.13 -23.24 -11.58
CA LEU S 191 -50.05 -23.03 -10.63
C LEU S 191 -49.22 -21.80 -10.97
N ILE S 192 -49.06 -21.50 -12.25
CA ILE S 192 -48.27 -20.36 -12.70
C ILE S 192 -49.12 -19.50 -13.62
N ASP S 193 -48.73 -18.23 -13.73
CA ASP S 193 -49.48 -17.26 -14.53
C ASP S 193 -48.84 -16.97 -15.88
N GLN S 194 -47.53 -17.13 -16.01
CA GLN S 194 -46.85 -16.78 -17.25
C GLN S 194 -45.68 -17.72 -17.47
N VAL S 195 -45.46 -18.07 -18.74
CA VAL S 195 -44.29 -18.82 -19.17
C VAL S 195 -43.43 -17.88 -20.00
N ILE S 196 -42.25 -17.54 -19.48
CA ILE S 196 -41.37 -16.55 -20.09
C ILE S 196 -40.40 -17.26 -21.02
N SER S 197 -40.28 -16.76 -22.25
CA SER S 197 -39.41 -17.38 -23.25
C SER S 197 -38.08 -16.66 -23.38
N THR S 198 -38.10 -15.36 -23.67
CA THR S 198 -36.87 -14.62 -23.87
C THR S 198 -37.12 -13.16 -23.59
N ARG S 199 -36.03 -12.41 -23.41
CA ARG S 199 -36.10 -10.99 -23.12
C ARG S 199 -36.28 -10.14 -24.37
N LYS S 200 -35.93 -10.68 -25.54
CA LYS S 200 -36.03 -9.94 -26.80
C LYS S 200 -37.42 -9.35 -27.01
N ASP T 24 -6.91 -13.58 -7.99
CA ASP T 24 -6.93 -14.92 -8.60
C ASP T 24 -7.36 -14.84 -10.06
N PRO T 25 -6.86 -15.78 -10.87
CA PRO T 25 -7.17 -15.74 -12.31
C PRO T 25 -8.65 -15.84 -12.62
N TYR T 26 -9.42 -16.57 -11.82
CA TYR T 26 -10.85 -16.71 -12.11
C TYR T 26 -11.59 -15.39 -11.98
N ALA T 27 -11.24 -14.58 -10.98
CA ALA T 27 -11.86 -13.27 -10.85
C ALA T 27 -11.51 -12.38 -12.04
N LYS T 28 -10.26 -12.43 -12.49
CA LYS T 28 -9.87 -11.65 -13.67
C LYS T 28 -10.63 -12.10 -14.91
N LEU T 29 -10.80 -13.41 -15.07
CA LEU T 29 -11.58 -13.92 -16.20
C LEU T 29 -13.03 -13.46 -16.12
N PHE T 30 -13.61 -13.49 -14.93
CA PHE T 30 -14.99 -13.04 -14.78
C PHE T 30 -15.12 -11.55 -15.08
N GLU T 31 -14.12 -10.75 -14.69
CA GLU T 31 -14.13 -9.34 -15.05
C GLU T 31 -14.12 -9.13 -16.55
N GLU T 32 -13.50 -10.04 -17.30
CA GLU T 32 -13.49 -9.98 -18.75
C GLU T 32 -14.65 -10.74 -19.38
N ARG T 33 -15.75 -10.89 -18.64
CA ARG T 33 -16.97 -11.54 -19.13
C ARG T 33 -16.70 -12.96 -19.64
N VAL T 34 -16.05 -13.75 -18.79
CA VAL T 34 -15.81 -15.15 -19.08
C VAL T 34 -16.34 -15.98 -17.92
N ILE T 35 -17.35 -16.81 -18.19
CA ILE T 35 -17.86 -17.79 -17.25
C ILE T 35 -17.20 -19.11 -17.56
N PHE T 36 -16.58 -19.73 -16.56
CA PHE T 36 -15.73 -20.88 -16.78
C PHE T 36 -16.35 -22.10 -16.12
N LEU T 37 -16.57 -23.16 -16.91
CA LEU T 37 -17.31 -24.35 -16.47
C LEU T 37 -16.43 -25.58 -16.68
N GLY T 38 -15.80 -26.04 -15.59
CA GLY T 38 -14.96 -27.22 -15.67
C GLY T 38 -15.26 -28.24 -14.59
N VAL T 39 -16.52 -28.28 -14.13
CA VAL T 39 -16.94 -29.15 -13.05
C VAL T 39 -18.20 -29.88 -13.49
N GLN T 40 -18.47 -31.01 -12.83
CA GLN T 40 -19.66 -31.80 -13.13
C GLN T 40 -20.92 -30.96 -12.99
N ILE T 41 -21.86 -31.16 -13.91
CA ILE T 41 -23.09 -30.39 -13.96
C ILE T 41 -24.05 -30.97 -12.92
N ASP T 42 -24.23 -30.25 -11.82
CA ASP T 42 -25.19 -30.62 -10.80
C ASP T 42 -25.97 -29.37 -10.42
N ASP T 43 -26.77 -29.46 -9.36
CA ASP T 43 -27.61 -28.33 -8.96
C ASP T 43 -26.77 -27.13 -8.55
N ALA T 44 -25.71 -27.35 -7.76
CA ALA T 44 -24.92 -26.24 -7.27
C ALA T 44 -24.16 -25.54 -8.40
N SER T 45 -23.53 -26.32 -9.28
CA SER T 45 -22.81 -25.73 -10.40
C SER T 45 -23.76 -24.98 -11.33
N ALA T 46 -24.93 -25.56 -11.58
CA ALA T 46 -25.93 -24.89 -12.41
C ALA T 46 -26.36 -23.57 -11.77
N ASN T 47 -26.59 -23.57 -10.46
CA ASN T 47 -26.98 -22.35 -9.78
C ASN T 47 -25.89 -21.29 -9.89
N ASP T 48 -24.62 -21.69 -9.71
CA ASP T 48 -23.53 -20.75 -9.83
C ASP T 48 -23.46 -20.16 -11.24
N VAL T 49 -23.58 -21.00 -12.25
CA VAL T 49 -23.53 -20.52 -13.63
C VAL T 49 -24.68 -19.57 -13.92
N MET T 50 -25.88 -19.91 -13.44
CA MET T 50 -27.04 -19.06 -13.66
C MET T 50 -26.87 -17.69 -12.99
N ALA T 51 -26.36 -17.69 -11.75
CA ALA T 51 -26.14 -16.43 -11.05
C ALA T 51 -25.10 -15.58 -11.77
N GLN T 52 -24.01 -16.21 -12.23
CA GLN T 52 -22.99 -15.48 -12.96
C GLN T 52 -23.54 -14.90 -14.26
N LEU T 53 -24.35 -15.68 -14.97
CA LEU T 53 -24.96 -15.19 -16.20
C LEU T 53 -25.86 -13.99 -15.93
N LEU T 54 -26.69 -14.07 -14.89
CA LEU T 54 -27.57 -12.96 -14.57
C LEU T 54 -26.77 -11.71 -14.20
N CYS T 55 -25.70 -11.88 -13.41
CA CYS T 55 -24.88 -10.73 -13.04
C CYS T 55 -24.22 -10.10 -14.26
N LEU T 56 -23.65 -10.92 -15.14
CA LEU T 56 -23.00 -10.38 -16.33
C LEU T 56 -24.00 -9.69 -17.24
N GLU T 57 -25.19 -10.26 -17.38
CA GLU T 57 -26.23 -9.62 -18.19
C GLU T 57 -26.64 -8.29 -17.60
N SER T 58 -26.74 -8.21 -16.27
CA SER T 58 -27.11 -6.96 -15.63
C SER T 58 -26.03 -5.89 -15.79
N MET T 59 -24.77 -6.28 -15.66
CA MET T 59 -23.68 -5.31 -15.75
C MET T 59 -23.61 -4.68 -17.13
N ASP T 60 -23.77 -5.47 -18.19
CA ASP T 60 -23.72 -4.96 -19.55
C ASP T 60 -24.59 -5.82 -20.46
N PRO T 61 -25.74 -5.31 -20.90
CA PRO T 61 -26.64 -6.10 -21.74
C PRO T 61 -26.28 -6.11 -23.22
N ASP T 62 -25.08 -5.70 -23.61
CA ASP T 62 -24.71 -5.65 -25.01
C ASP T 62 -23.48 -6.47 -25.35
N ARG T 63 -22.47 -6.48 -24.48
CA ARG T 63 -21.26 -7.26 -24.77
C ARG T 63 -21.53 -8.75 -24.69
N ASP T 64 -20.68 -9.52 -25.37
CA ASP T 64 -20.81 -10.96 -25.37
C ASP T 64 -20.34 -11.57 -24.06
N ILE T 65 -20.80 -12.79 -23.79
CA ILE T 65 -20.40 -13.56 -22.63
C ILE T 65 -19.82 -14.87 -23.12
N SER T 66 -18.66 -15.23 -22.58
CA SER T 66 -17.94 -16.44 -23.00
C SER T 66 -18.12 -17.53 -21.96
N VAL T 67 -18.45 -18.74 -22.41
CA VAL T 67 -18.61 -19.90 -21.54
C VAL T 67 -17.64 -20.97 -22.01
N TYR T 68 -16.78 -21.43 -21.11
CA TYR T 68 -15.75 -22.41 -21.41
C TYR T 68 -16.16 -23.74 -20.79
N ILE T 69 -16.16 -24.80 -21.60
CA ILE T 69 -16.71 -26.10 -21.19
C ILE T 69 -15.59 -27.11 -21.09
N ASN T 70 -15.42 -27.69 -19.90
CA ASN T 70 -14.51 -28.80 -19.67
C ASN T 70 -15.15 -29.81 -18.71
N SER T 71 -16.44 -30.08 -18.88
CA SER T 71 -17.14 -30.91 -17.93
C SER T 71 -17.52 -32.26 -18.53
N PRO T 72 -17.60 -33.31 -17.72
CA PRO T 72 -17.95 -34.65 -18.24
C PRO T 72 -19.44 -34.97 -18.23
N GLY T 73 -20.31 -33.99 -18.05
CA GLY T 73 -21.74 -34.24 -18.04
C GLY T 73 -22.32 -34.15 -16.64
N GLY T 74 -23.61 -34.47 -16.55
CA GLY T 74 -24.30 -34.41 -15.27
C GLY T 74 -25.78 -34.63 -15.44
N SER T 75 -26.54 -34.12 -14.47
CA SER T 75 -27.98 -34.34 -14.43
C SER T 75 -28.67 -33.58 -15.55
N PHE T 76 -29.93 -33.96 -15.81
CA PHE T 76 -30.68 -33.37 -16.92
C PHE T 76 -31.42 -32.11 -16.48
N THR T 77 -31.86 -32.05 -15.23
CA THR T 77 -32.56 -30.87 -14.74
C THR T 77 -31.65 -29.64 -14.77
N ALA T 78 -30.42 -29.79 -14.29
CA ALA T 78 -29.46 -28.69 -14.36
C ALA T 78 -29.15 -28.32 -15.80
N LEU T 79 -29.09 -29.32 -16.68
CA LEU T 79 -28.92 -29.06 -18.11
C LEU T 79 -30.03 -28.15 -18.62
N THR T 80 -31.29 -28.50 -18.34
CA THR T 80 -32.40 -27.69 -18.83
C THR T 80 -32.38 -26.29 -18.24
N ALA T 81 -32.06 -26.17 -16.94
CA ALA T 81 -32.03 -24.86 -16.32
C ALA T 81 -30.97 -23.97 -16.95
N ILE T 82 -29.75 -24.50 -17.11
CA ILE T 82 -28.66 -23.72 -17.70
C ILE T 82 -29.00 -23.35 -19.13
N TYR T 83 -29.55 -24.30 -19.90
CA TYR T 83 -29.87 -24.02 -21.29
C TYR T 83 -30.93 -22.93 -21.41
N ASP T 84 -31.97 -22.99 -20.57
CA ASP T 84 -33.01 -21.97 -20.60
C ASP T 84 -32.44 -20.60 -20.23
N THR T 85 -31.59 -20.54 -19.20
CA THR T 85 -31.02 -19.26 -18.80
C THR T 85 -30.12 -18.69 -19.89
N MET T 86 -29.30 -19.54 -20.51
CA MET T 86 -28.36 -19.06 -21.50
C MET T 86 -29.07 -18.68 -22.80
N GLN T 87 -30.24 -19.26 -23.04
CA GLN T 87 -31.06 -18.79 -24.16
C GLN T 87 -31.82 -17.52 -23.82
N TYR T 88 -32.14 -17.31 -22.53
CA TYR T 88 -33.00 -16.20 -22.15
C TYR T 88 -32.26 -14.87 -22.24
N VAL T 89 -30.99 -14.83 -21.83
CA VAL T 89 -30.27 -13.56 -21.75
C VAL T 89 -30.12 -12.94 -23.14
N LYS T 90 -30.17 -11.61 -23.17
CA LYS T 90 -30.08 -10.92 -24.46
C LYS T 90 -28.68 -10.91 -25.06
N PRO T 91 -27.58 -10.84 -24.29
CA PRO T 91 -26.27 -10.87 -24.94
C PRO T 91 -26.00 -12.21 -25.61
N ASP T 92 -25.17 -12.17 -26.64
CA ASP T 92 -24.75 -13.39 -27.30
C ASP T 92 -23.80 -14.17 -26.42
N VAL T 93 -23.88 -15.50 -26.49
CA VAL T 93 -23.07 -16.39 -25.68
C VAL T 93 -22.16 -17.20 -26.60
N GLN T 94 -20.86 -17.13 -26.35
CA GLN T 94 -19.86 -17.84 -27.13
C GLN T 94 -19.35 -19.04 -26.34
N THR T 95 -19.57 -20.24 -26.86
CA THR T 95 -19.16 -21.46 -26.19
C THR T 95 -17.84 -21.96 -26.75
N VAL T 96 -16.90 -22.27 -25.85
CA VAL T 96 -15.59 -22.78 -26.22
C VAL T 96 -15.39 -24.13 -25.54
N CYS T 97 -15.30 -25.18 -26.34
CA CYS T 97 -15.02 -26.50 -25.82
C CYS T 97 -13.52 -26.76 -25.79
N MET T 98 -13.08 -27.51 -24.78
CA MET T 98 -11.66 -27.81 -24.62
C MET T 98 -11.52 -29.00 -23.70
N GLY T 99 -10.64 -29.93 -24.04
CA GLY T 99 -10.48 -31.15 -23.28
C GLY T 99 -11.56 -32.15 -23.61
N GLN T 100 -12.78 -31.91 -23.13
CA GLN T 100 -13.91 -32.77 -23.48
C GLN T 100 -15.20 -32.03 -23.16
N ALA T 101 -16.28 -32.51 -23.75
CA ALA T 101 -17.63 -32.02 -23.48
C ALA T 101 -18.56 -33.20 -23.72
N ALA T 102 -18.99 -33.85 -22.64
CA ALA T 102 -19.69 -35.12 -22.71
C ALA T 102 -21.14 -34.97 -22.28
N ALA T 103 -22.04 -35.64 -22.98
CA ALA T 103 -23.45 -35.76 -22.61
C ALA T 103 -24.05 -34.36 -22.52
N ALA T 104 -24.56 -33.94 -21.36
CA ALA T 104 -25.26 -32.66 -21.26
C ALA T 104 -24.36 -31.50 -21.66
N ALA T 105 -23.08 -31.57 -21.30
CA ALA T 105 -22.14 -30.51 -21.68
C ALA T 105 -22.14 -30.30 -23.20
N ALA T 106 -22.21 -31.39 -23.96
CA ALA T 106 -22.26 -31.27 -25.41
C ALA T 106 -23.41 -30.38 -25.86
N VAL T 107 -24.57 -30.52 -25.22
CA VAL T 107 -25.71 -29.66 -25.56
C VAL T 107 -25.35 -28.21 -25.30
N LEU T 108 -24.71 -27.93 -24.16
CA LEU T 108 -24.28 -26.56 -23.90
C LEU T 108 -23.30 -26.07 -24.95
N LEU T 109 -22.50 -26.98 -25.52
CA LEU T 109 -21.61 -26.58 -26.60
C LEU T 109 -22.39 -26.23 -27.85
N ALA T 110 -23.49 -26.94 -28.11
CA ALA T 110 -24.31 -26.69 -29.28
C ALA T 110 -25.40 -25.65 -29.06
N ALA T 111 -25.57 -25.17 -27.83
CA ALA T 111 -26.61 -24.21 -27.52
C ALA T 111 -26.14 -22.77 -27.57
N GLY T 112 -24.89 -22.52 -27.93
CA GLY T 112 -24.42 -21.16 -28.09
C GLY T 112 -25.01 -20.50 -29.31
N THR T 113 -24.87 -19.17 -29.36
CA THR T 113 -25.39 -18.41 -30.49
C THR T 113 -24.68 -18.84 -31.77
N PRO T 114 -25.40 -18.99 -32.88
CA PRO T 114 -24.78 -19.53 -34.10
C PRO T 114 -23.61 -18.69 -34.57
N GLY T 115 -22.56 -19.37 -35.05
CA GLY T 115 -21.37 -18.70 -35.50
C GLY T 115 -20.39 -18.34 -34.39
N LYS T 116 -20.70 -18.65 -33.14
CA LYS T 116 -19.85 -18.33 -32.01
C LYS T 116 -19.64 -19.55 -31.12
N ARG T 117 -19.64 -20.73 -31.73
CA ARG T 117 -19.37 -21.98 -31.02
C ARG T 117 -18.12 -22.60 -31.60
N MET T 118 -17.11 -22.83 -30.76
CA MET T 118 -15.81 -23.26 -31.24
C MET T 118 -15.15 -24.19 -30.24
N ALA T 119 -14.14 -24.93 -30.70
CA ALA T 119 -13.47 -25.93 -29.89
C ALA T 119 -12.00 -25.99 -30.27
N LEU T 120 -11.18 -26.45 -29.32
CA LEU T 120 -9.75 -26.59 -29.55
C LEU T 120 -9.47 -27.75 -30.50
N PRO T 121 -8.29 -27.79 -31.11
CA PRO T 121 -8.03 -28.82 -32.14
C PRO T 121 -8.19 -30.26 -31.65
N ASN T 122 -7.75 -30.55 -30.43
CA ASN T 122 -7.72 -31.93 -29.95
C ASN T 122 -8.85 -32.25 -28.98
N ALA T 123 -9.83 -31.37 -28.84
CA ALA T 123 -10.95 -31.64 -27.95
C ALA T 123 -11.83 -32.75 -28.51
N ARG T 124 -12.68 -33.31 -27.65
CA ARG T 124 -13.57 -34.40 -28.02
C ARG T 124 -14.95 -34.15 -27.43
N VAL T 125 -15.96 -34.75 -28.06
CA VAL T 125 -17.35 -34.59 -27.67
C VAL T 125 -17.99 -35.96 -27.57
N LEU T 126 -18.79 -36.16 -26.51
CA LEU T 126 -19.55 -37.38 -26.31
C LEU T 126 -21.04 -37.08 -26.45
N ILE T 127 -21.76 -37.95 -27.15
CA ILE T 127 -23.21 -37.85 -27.22
C ILE T 127 -23.80 -39.24 -27.01
N HIS T 128 -24.77 -39.33 -26.10
CA HIS T 128 -25.46 -40.59 -25.83
C HIS T 128 -26.76 -40.30 -25.09
N GLN T 129 -27.65 -41.28 -25.09
CA GLN T 129 -28.95 -41.13 -24.46
C GLN T 129 -28.80 -41.09 -22.94
N PRO T 130 -29.77 -40.47 -22.25
CA PRO T 130 -29.65 -40.34 -20.79
C PRO T 130 -29.66 -41.69 -20.09
N TYR T 131 -28.92 -41.75 -18.98
CA TYR T 131 -28.87 -42.90 -18.09
C TYR T 131 -29.56 -42.54 -16.79
N SER T 132 -30.45 -43.41 -16.32
CA SER T 132 -31.25 -43.13 -15.14
C SER T 132 -31.33 -44.36 -14.27
N GLU T 133 -31.72 -44.14 -13.00
CA GLU T 133 -31.82 -45.22 -12.02
C GLU T 133 -32.95 -44.87 -11.06
N THR T 134 -33.88 -45.80 -10.86
CA THR T 134 -34.99 -45.64 -9.94
C THR T 134 -34.91 -46.69 -8.85
N GLY T 135 -35.19 -46.30 -7.62
CA GLY T 135 -35.14 -47.20 -6.48
C GLY T 135 -36.34 -48.13 -6.42
N ARG T 136 -36.59 -48.65 -5.23
CA ARG T 136 -37.75 -49.53 -5.02
C ARG T 136 -39.04 -48.77 -5.32
N GLY T 137 -40.05 -49.51 -5.76
CA GLY T 137 -41.33 -48.90 -6.04
C GLY T 137 -42.33 -49.87 -6.66
N GLN T 138 -43.61 -49.53 -6.57
CA GLN T 138 -44.65 -50.34 -7.18
C GLN T 138 -44.60 -50.21 -8.69
N VAL T 139 -45.34 -51.09 -9.37
CA VAL T 139 -45.31 -51.11 -10.84
C VAL T 139 -45.83 -49.80 -11.41
N SER T 140 -46.87 -49.23 -10.80
CA SER T 140 -47.44 -47.98 -11.32
C SER T 140 -46.41 -46.86 -11.26
N ASP T 141 -45.76 -46.69 -10.11
CA ASP T 141 -44.77 -45.62 -9.97
C ASP T 141 -43.65 -45.79 -10.98
N LEU T 142 -43.22 -47.03 -11.21
CA LEU T 142 -42.21 -47.28 -12.22
C LEU T 142 -42.73 -46.95 -13.61
N GLU T 143 -44.03 -47.13 -13.85
CA GLU T 143 -44.60 -46.77 -15.14
C GLU T 143 -44.51 -45.27 -15.39
N ILE T 144 -44.92 -44.48 -14.40
CA ILE T 144 -44.77 -43.01 -14.54
C ILE T 144 -43.31 -42.63 -14.68
N ALA T 145 -42.42 -43.29 -13.93
CA ALA T 145 -41.00 -42.96 -14.02
C ALA T 145 -40.46 -43.25 -15.42
N ALA T 146 -40.82 -44.40 -16.00
CA ALA T 146 -40.36 -44.73 -17.34
C ALA T 146 -40.92 -43.78 -18.37
N ASN T 147 -42.19 -43.39 -18.22
CA ASN T 147 -42.76 -42.40 -19.14
C ASN T 147 -42.00 -41.07 -19.06
N GLU T 148 -41.66 -40.64 -17.84
CA GLU T 148 -40.89 -39.41 -17.67
C GLU T 148 -39.52 -39.53 -18.30
N ILE T 149 -38.85 -40.68 -18.14
CA ILE T 149 -37.52 -40.86 -18.72
C ILE T 149 -37.60 -40.83 -20.24
N LEU T 150 -38.60 -41.48 -20.82
CA LEU T 150 -38.77 -41.44 -22.27
C LEU T 150 -39.03 -40.03 -22.76
N ARG T 151 -39.87 -39.28 -22.03
CA ARG T 151 -40.12 -37.88 -22.40
C ARG T 151 -38.84 -37.06 -22.35
N MET T 152 -38.02 -37.27 -21.32
CA MET T 152 -36.76 -36.55 -21.21
C MET T 152 -35.82 -36.89 -22.37
N ARG T 153 -35.77 -38.17 -22.75
CA ARG T 153 -34.89 -38.55 -23.87
C ARG T 153 -35.38 -37.93 -25.17
N SER T 154 -36.70 -37.90 -25.38
CA SER T 154 -37.25 -37.25 -26.57
C SER T 154 -36.94 -35.76 -26.57
N GLN T 155 -37.05 -35.11 -25.41
CA GLN T 155 -36.72 -33.70 -25.30
C GLN T 155 -35.25 -33.45 -25.64
N LEU T 156 -34.36 -34.32 -25.14
CA LEU T 156 -32.95 -34.19 -25.47
C LEU T 156 -32.71 -34.36 -26.97
N GLU T 157 -33.41 -35.32 -27.59
CA GLU T 157 -33.27 -35.51 -29.02
C GLU T 157 -33.71 -34.27 -29.78
N ASP T 158 -34.83 -33.66 -29.37
CA ASP T 158 -35.30 -32.45 -30.02
C ASP T 158 -34.31 -31.30 -29.83
N MET T 159 -33.75 -31.17 -28.63
CA MET T 159 -32.76 -30.12 -28.39
C MET T 159 -31.55 -30.29 -29.28
N LEU T 160 -31.07 -31.53 -29.45
CA LEU T 160 -29.95 -31.76 -30.36
C LEU T 160 -30.33 -31.46 -31.80
N ALA T 161 -31.55 -31.83 -32.20
CA ALA T 161 -31.97 -31.60 -33.58
C ALA T 161 -32.08 -30.11 -33.89
N LYS T 162 -32.59 -29.32 -32.95
CA LYS T 162 -32.81 -27.90 -33.20
C LYS T 162 -31.51 -27.15 -33.45
N HIS T 163 -30.46 -27.48 -32.69
CA HIS T 163 -29.24 -26.70 -32.70
C HIS T 163 -28.14 -27.29 -33.59
N SER T 164 -28.44 -28.32 -34.37
CA SER T 164 -27.46 -28.93 -35.26
C SER T 164 -27.96 -28.88 -36.69
N THR T 165 -27.15 -29.42 -37.60
CA THR T 165 -27.48 -29.50 -39.02
C THR T 165 -27.77 -30.93 -39.46
N THR T 166 -28.33 -31.75 -38.57
CA THR T 166 -28.58 -33.15 -38.82
C THR T 166 -30.05 -33.48 -38.59
N PRO T 167 -30.67 -34.27 -39.46
CA PRO T 167 -32.07 -34.66 -39.23
C PRO T 167 -32.22 -35.47 -37.96
N VAL T 168 -33.40 -35.34 -37.34
CA VAL T 168 -33.60 -35.91 -36.01
C VAL T 168 -33.53 -37.43 -36.03
N GLU T 169 -33.89 -38.07 -37.14
CA GLU T 169 -33.80 -39.52 -37.21
C GLU T 169 -32.35 -40.00 -37.11
N LYS T 170 -31.44 -39.29 -37.79
CA LYS T 170 -30.03 -39.65 -37.70
C LYS T 170 -29.51 -39.50 -36.28
N ILE T 171 -29.94 -38.44 -35.58
CA ILE T 171 -29.53 -38.26 -34.18
C ILE T 171 -30.09 -39.38 -33.31
N ARG T 172 -31.34 -39.76 -33.54
CA ARG T 172 -31.94 -40.86 -32.78
C ARG T 172 -31.15 -42.14 -32.97
N GLU T 173 -30.76 -42.43 -34.21
CA GLU T 173 -29.97 -43.63 -34.46
C GLU T 173 -28.57 -43.51 -33.88
N ASP T 174 -28.01 -42.29 -33.84
CA ASP T 174 -26.64 -42.12 -33.38
C ASP T 174 -26.52 -42.23 -31.87
N ILE T 175 -27.48 -41.69 -31.13
CA ILE T 175 -27.36 -41.58 -29.68
C ILE T 175 -27.83 -42.87 -29.01
N GLU T 176 -28.06 -43.92 -29.80
CA GLU T 176 -28.40 -45.21 -29.23
C GLU T 176 -27.29 -45.72 -28.32
N ARG T 177 -26.04 -45.59 -28.76
CA ARG T 177 -24.87 -45.88 -27.97
C ARG T 177 -24.01 -44.64 -27.85
N ASP T 178 -22.91 -44.75 -27.11
CA ASP T 178 -21.96 -43.66 -27.02
C ASP T 178 -21.40 -43.33 -28.40
N LYS T 179 -21.45 -42.06 -28.77
CA LYS T 179 -20.81 -41.59 -29.99
C LYS T 179 -19.76 -40.54 -29.64
N ILE T 180 -18.55 -40.73 -30.18
CA ILE T 180 -17.40 -39.89 -29.89
C ILE T 180 -17.04 -39.11 -31.14
N LEU T 181 -17.01 -37.79 -31.04
CA LEU T 181 -16.72 -36.91 -32.16
C LEU T 181 -15.49 -36.08 -31.86
N THR T 182 -14.54 -36.09 -32.79
CA THR T 182 -13.39 -35.20 -32.69
C THR T 182 -13.82 -33.78 -33.09
N ALA T 183 -12.86 -32.86 -33.08
CA ALA T 183 -13.17 -31.48 -33.42
C ALA T 183 -13.69 -31.36 -34.85
N GLU T 184 -13.01 -32.01 -35.80
CA GLU T 184 -13.47 -31.96 -37.18
C GLU T 184 -14.78 -32.73 -37.36
N ASP T 185 -14.94 -33.85 -36.66
CA ASP T 185 -16.19 -34.59 -36.72
C ASP T 185 -17.35 -33.76 -36.16
N ALA T 186 -17.09 -33.04 -35.07
CA ALA T 186 -18.10 -32.14 -34.53
C ALA T 186 -18.41 -31.01 -35.49
N LEU T 187 -17.40 -30.48 -36.16
CA LEU T 187 -17.62 -29.42 -37.14
C LEU T 187 -18.48 -29.90 -38.29
N SER T 188 -18.21 -31.11 -38.79
CA SER T 188 -19.04 -31.66 -39.86
C SER T 188 -20.44 -32.03 -39.35
N TYR T 189 -20.55 -32.37 -38.06
CA TYR T 189 -21.84 -32.73 -37.49
C TYR T 189 -22.74 -31.52 -37.27
N GLY T 190 -22.17 -30.34 -37.11
CA GLY T 190 -22.94 -29.13 -36.90
C GLY T 190 -23.01 -28.67 -35.47
N LEU T 191 -22.32 -29.33 -34.53
CA LEU T 191 -22.35 -28.91 -33.15
C LEU T 191 -21.53 -27.66 -32.91
N ILE T 192 -20.46 -27.46 -33.67
CA ILE T 192 -19.62 -26.29 -33.57
C ILE T 192 -19.53 -25.63 -34.94
N ASP T 193 -19.08 -24.37 -34.95
CA ASP T 193 -19.01 -23.60 -36.18
C ASP T 193 -17.59 -23.50 -36.74
N GLN T 194 -16.57 -23.56 -35.89
CA GLN T 194 -15.19 -23.48 -36.36
C GLN T 194 -14.27 -24.09 -35.32
N VAL T 195 -13.05 -24.40 -35.74
CA VAL T 195 -12.03 -25.01 -34.89
C VAL T 195 -10.88 -24.03 -34.73
N ILE T 196 -10.54 -23.72 -33.48
CA ILE T 196 -9.39 -22.88 -33.19
C ILE T 196 -8.12 -23.61 -33.58
N SER T 197 -7.18 -22.88 -34.16
CA SER T 197 -5.89 -23.46 -34.54
C SER T 197 -4.74 -22.89 -33.72
N THR T 198 -4.55 -21.57 -33.75
CA THR T 198 -3.50 -20.89 -33.00
C THR T 198 -3.72 -19.39 -33.15
N ARG T 199 -2.95 -18.62 -32.38
CA ARG T 199 -2.95 -17.17 -32.51
C ARG T 199 -1.65 -16.79 -33.21
N LYS T 200 -1.77 -16.39 -34.47
CA LYS T 200 -0.61 -16.08 -35.30
C LYS T 200 0.15 -14.88 -34.76
N ASP U 24 3.63 -14.75 -0.03
CA ASP U 24 3.97 -16.12 -0.41
C ASP U 24 4.81 -16.15 -1.69
N PRO U 25 5.74 -17.10 -1.75
CA PRO U 25 6.62 -17.19 -2.92
C PRO U 25 5.88 -17.41 -4.24
N TYR U 26 4.78 -18.16 -4.21
CA TYR U 26 4.11 -18.52 -5.44
C TYR U 26 3.57 -17.30 -6.18
N ALA U 27 3.01 -16.34 -5.45
CA ALA U 27 2.56 -15.11 -6.08
C ALA U 27 3.73 -14.34 -6.66
N LYS U 28 4.87 -14.34 -5.96
CA LYS U 28 6.04 -13.63 -6.45
C LYS U 28 6.55 -14.24 -7.75
N LEU U 29 6.55 -15.57 -7.84
CA LEU U 29 6.95 -16.20 -9.10
C LEU U 29 5.91 -15.97 -10.19
N PHE U 30 4.63 -15.91 -9.82
CA PHE U 30 3.60 -15.60 -10.81
C PHE U 30 3.79 -14.20 -11.38
N GLU U 31 4.21 -13.25 -10.54
CA GLU U 31 4.50 -11.90 -11.04
C GLU U 31 5.64 -11.92 -12.04
N GLU U 32 6.54 -12.90 -11.93
CA GLU U 32 7.64 -13.06 -12.86
C GLU U 32 7.33 -14.03 -13.98
N ARG U 33 6.05 -14.31 -14.23
CA ARG U 33 5.62 -15.18 -15.31
C ARG U 33 6.20 -16.59 -15.17
N VAL U 34 5.89 -17.22 -14.05
CA VAL U 34 6.31 -18.58 -13.74
C VAL U 34 5.12 -19.34 -13.22
N ILE U 35 4.92 -20.57 -13.70
CA ILE U 35 3.81 -21.41 -13.30
C ILE U 35 4.36 -22.76 -12.84
N PHE U 36 3.93 -23.19 -11.65
CA PHE U 36 4.23 -24.52 -11.16
C PHE U 36 3.16 -25.51 -11.58
N LEU U 37 3.57 -26.73 -11.86
CA LEU U 37 2.67 -27.86 -12.09
C LEU U 37 3.21 -28.99 -11.23
N GLY U 38 2.84 -29.00 -9.94
CA GLY U 38 3.43 -29.91 -9.00
C GLY U 38 2.51 -30.99 -8.46
N VAL U 39 1.31 -31.09 -9.04
CA VAL U 39 0.34 -32.11 -8.66
C VAL U 39 -0.09 -32.84 -9.92
N GLN U 40 -0.85 -33.92 -9.73
CA GLN U 40 -1.28 -34.73 -10.85
C GLN U 40 -2.20 -33.94 -11.77
N ILE U 41 -2.28 -34.38 -13.02
CA ILE U 41 -3.01 -33.66 -14.05
C ILE U 41 -4.48 -34.11 -14.01
N ASP U 42 -5.35 -33.25 -13.50
CA ASP U 42 -6.79 -33.53 -13.48
C ASP U 42 -7.51 -32.28 -13.98
N ASP U 43 -8.84 -32.29 -13.88
CA ASP U 43 -9.62 -31.19 -14.41
C ASP U 43 -9.30 -29.87 -13.72
N ALA U 44 -9.24 -29.88 -12.38
CA ALA U 44 -8.99 -28.66 -11.64
C ALA U 44 -7.59 -28.10 -11.93
N SER U 45 -6.58 -28.97 -11.95
CA SER U 45 -5.22 -28.52 -12.21
C SER U 45 -5.10 -27.94 -13.61
N ALA U 46 -5.68 -28.62 -14.60
CA ALA U 46 -5.64 -28.11 -15.97
C ALA U 46 -6.37 -26.78 -16.08
N ASN U 47 -7.51 -26.65 -15.41
CA ASN U 47 -8.27 -25.41 -15.44
C ASN U 47 -7.45 -24.26 -14.85
N ASP U 48 -6.82 -24.49 -13.71
CA ASP U 48 -6.00 -23.45 -13.10
C ASP U 48 -4.82 -23.09 -13.99
N VAL U 49 -4.17 -24.08 -14.58
CA VAL U 49 -3.00 -23.82 -15.42
C VAL U 49 -3.40 -23.00 -16.64
N MET U 50 -4.50 -23.37 -17.30
CA MET U 50 -4.90 -22.64 -18.49
C MET U 50 -5.41 -21.24 -18.16
N ALA U 51 -6.09 -21.08 -17.03
CA ALA U 51 -6.49 -19.74 -16.62
C ALA U 51 -5.28 -18.86 -16.36
N GLN U 52 -4.26 -19.41 -15.69
CA GLN U 52 -3.03 -18.67 -15.47
C GLN U 52 -2.36 -18.31 -16.79
N LEU U 53 -2.34 -19.25 -17.74
CA LEU U 53 -1.73 -18.99 -19.04
C LEU U 53 -2.45 -17.86 -19.76
N LEU U 54 -3.78 -17.89 -19.77
CA LEU U 54 -4.55 -16.85 -20.44
C LEU U 54 -4.33 -15.50 -19.79
N CYS U 55 -4.34 -15.45 -18.46
CA CYS U 55 -4.10 -14.18 -17.76
C CYS U 55 -2.71 -13.65 -18.06
N LEU U 56 -1.71 -14.53 -18.07
CA LEU U 56 -0.35 -14.09 -18.37
C LEU U 56 -0.23 -13.57 -19.80
N GLU U 57 -0.91 -14.23 -20.75
CA GLU U 57 -0.90 -13.72 -22.12
C GLU U 57 -1.56 -12.35 -22.21
N SER U 58 -2.69 -12.17 -21.53
CA SER U 58 -3.38 -10.89 -21.58
C SER U 58 -2.57 -9.78 -20.90
N MET U 59 -1.81 -10.12 -19.87
CA MET U 59 -0.98 -9.10 -19.21
C MET U 59 0.13 -8.62 -20.12
N ASP U 60 0.79 -9.54 -20.81
CA ASP U 60 1.88 -9.19 -21.72
C ASP U 60 2.01 -10.24 -22.82
N PRO U 61 1.81 -9.85 -24.08
CA PRO U 61 1.75 -10.83 -25.18
C PRO U 61 3.07 -11.12 -25.90
N ASP U 62 4.21 -10.63 -25.40
CA ASP U 62 5.49 -10.92 -26.03
C ASP U 62 6.60 -11.23 -25.04
N ARG U 63 6.28 -11.51 -23.78
CA ARG U 63 7.25 -11.97 -22.80
C ARG U 63 7.04 -13.46 -22.55
N ASP U 64 8.15 -14.18 -22.36
CA ASP U 64 8.10 -15.63 -22.22
C ASP U 64 7.38 -16.03 -20.93
N ILE U 65 6.76 -17.20 -20.96
CA ILE U 65 6.08 -17.78 -19.81
C ILE U 65 6.80 -19.08 -19.44
N SER U 66 7.14 -19.23 -18.17
CA SER U 66 7.87 -20.39 -17.68
C SER U 66 6.91 -21.35 -17.00
N VAL U 67 7.06 -22.64 -17.31
CA VAL U 67 6.26 -23.70 -16.69
C VAL U 67 7.21 -24.71 -16.07
N TYR U 68 7.05 -24.93 -14.76
CA TYR U 68 7.87 -25.87 -14.01
C TYR U 68 7.07 -27.13 -13.75
N ILE U 69 7.65 -28.30 -14.06
CA ILE U 69 6.92 -29.56 -14.03
C ILE U 69 7.53 -30.45 -12.95
N ASN U 70 6.71 -30.82 -11.97
CA ASN U 70 7.08 -31.80 -10.95
C ASN U 70 5.90 -32.73 -10.68
N SER U 71 5.24 -33.18 -11.75
CA SER U 71 4.03 -33.97 -11.62
C SER U 71 4.29 -35.42 -12.02
N PRO U 72 3.55 -36.37 -11.44
CA PRO U 72 3.74 -37.78 -11.79
C PRO U 72 2.82 -38.31 -12.88
N GLY U 73 2.00 -37.47 -13.49
CA GLY U 73 1.10 -37.91 -14.54
C GLY U 73 -0.28 -37.32 -14.34
N GLY U 74 -1.28 -37.95 -14.95
CA GLY U 74 -2.64 -37.50 -14.77
C GLY U 74 -3.54 -37.98 -15.90
N SER U 75 -4.71 -37.36 -15.99
CA SER U 75 -5.70 -37.73 -16.98
C SER U 75 -5.29 -37.25 -18.38
N PHE U 76 -5.79 -37.95 -19.40
CA PHE U 76 -5.42 -37.63 -20.77
C PHE U 76 -6.10 -36.36 -21.28
N THR U 77 -7.38 -36.18 -20.97
CA THR U 77 -8.10 -35.03 -21.48
C THR U 77 -7.54 -33.72 -20.93
N ALA U 78 -7.18 -33.71 -19.65
CA ALA U 78 -6.56 -32.52 -19.07
C ALA U 78 -5.20 -32.24 -19.72
N LEU U 79 -4.43 -33.29 -19.99
CA LEU U 79 -3.20 -33.13 -20.77
C LEU U 79 -3.48 -32.49 -22.12
N THR U 80 -4.51 -32.97 -22.81
CA THR U 80 -4.89 -32.40 -24.10
C THR U 80 -5.21 -30.92 -23.99
N ALA U 81 -6.03 -30.55 -23.00
CA ALA U 81 -6.41 -29.15 -22.84
C ALA U 81 -5.20 -28.27 -22.55
N ILE U 82 -4.32 -28.72 -21.66
CA ILE U 82 -3.14 -27.93 -21.32
C ILE U 82 -2.23 -27.78 -22.54
N TYR U 83 -2.03 -28.88 -23.28
CA TYR U 83 -1.16 -28.84 -24.45
C TYR U 83 -1.72 -27.89 -25.51
N ASP U 84 -3.03 -27.94 -25.74
CA ASP U 84 -3.64 -27.04 -26.73
C ASP U 84 -3.53 -25.59 -26.29
N THR U 85 -3.75 -25.31 -24.99
CA THR U 85 -3.62 -23.94 -24.52
C THR U 85 -2.19 -23.44 -24.64
N MET U 86 -1.22 -24.31 -24.36
CA MET U 86 0.19 -23.95 -24.55
C MET U 86 0.48 -23.62 -26.01
N GLN U 87 -0.04 -24.43 -26.94
CA GLN U 87 0.20 -24.19 -28.34
C GLN U 87 -0.56 -22.97 -28.87
N TYR U 88 -1.61 -22.54 -28.18
CA TYR U 88 -2.41 -21.43 -28.70
C TYR U 88 -1.84 -20.07 -28.32
N VAL U 89 -1.24 -19.95 -27.14
CA VAL U 89 -0.82 -18.64 -26.67
C VAL U 89 0.30 -18.10 -27.53
N LYS U 90 0.28 -16.78 -27.73
CA LYS U 90 1.31 -16.13 -28.55
C LYS U 90 2.72 -16.25 -27.97
N PRO U 91 2.97 -15.94 -26.69
CA PRO U 91 4.35 -15.92 -26.22
C PRO U 91 4.98 -17.31 -26.24
N ASP U 92 6.31 -17.33 -26.29
CA ASP U 92 7.04 -18.58 -26.15
C ASP U 92 6.90 -19.12 -24.72
N VAL U 93 6.88 -20.44 -24.61
CA VAL U 93 6.69 -21.11 -23.33
C VAL U 93 7.91 -21.98 -23.08
N GLN U 94 8.56 -21.77 -21.94
CA GLN U 94 9.78 -22.49 -21.58
C GLN U 94 9.46 -23.47 -20.46
N THR U 95 9.70 -24.76 -20.70
CA THR U 95 9.37 -25.81 -19.75
C THR U 95 10.62 -26.33 -19.06
N VAL U 96 10.52 -26.51 -17.74
CA VAL U 96 11.64 -26.98 -16.93
C VAL U 96 11.18 -28.17 -16.11
N CYS U 97 11.79 -29.33 -16.36
CA CYS U 97 11.52 -30.54 -15.59
C CYS U 97 12.50 -30.63 -14.42
N MET U 98 11.99 -30.59 -13.20
CA MET U 98 12.83 -30.47 -12.02
C MET U 98 13.05 -31.80 -11.30
N GLY U 99 11.98 -32.41 -10.80
CA GLY U 99 12.13 -33.65 -10.07
C GLY U 99 11.84 -34.87 -10.92
N GLN U 100 10.69 -34.85 -11.59
CA GLN U 100 10.30 -35.96 -12.45
C GLN U 100 9.20 -35.46 -13.37
N ALA U 101 8.99 -36.20 -14.47
CA ALA U 101 7.90 -35.90 -15.40
C ALA U 101 7.51 -37.22 -16.05
N ALA U 102 6.42 -37.80 -15.58
CA ALA U 102 6.01 -39.14 -15.98
C ALA U 102 4.74 -39.07 -16.82
N ALA U 103 4.67 -39.92 -17.84
CA ALA U 103 3.50 -40.04 -18.69
C ALA U 103 3.12 -38.71 -19.34
N ALA U 104 1.98 -38.15 -18.93
CA ALA U 104 1.49 -36.92 -19.54
C ALA U 104 2.46 -35.76 -19.29
N ALA U 105 3.11 -35.75 -18.13
CA ALA U 105 4.06 -34.70 -17.83
C ALA U 105 5.22 -34.70 -18.82
N ALA U 106 5.63 -35.87 -19.30
CA ALA U 106 6.68 -35.92 -20.31
C ALA U 106 6.23 -35.25 -21.60
N VAL U 107 4.99 -35.51 -22.02
CA VAL U 107 4.47 -34.86 -23.22
C VAL U 107 4.41 -33.35 -23.02
N LEU U 108 3.97 -32.90 -21.85
CA LEU U 108 3.95 -31.46 -21.57
C LEU U 108 5.35 -30.87 -21.63
N LEU U 109 6.33 -31.58 -21.07
CA LEU U 109 7.70 -31.08 -21.08
C LEU U 109 8.25 -30.98 -22.51
N ALA U 110 7.99 -32.00 -23.33
CA ALA U 110 8.45 -31.96 -24.71
C ALA U 110 7.70 -30.95 -25.56
N ALA U 111 6.57 -30.43 -25.08
CA ALA U 111 5.74 -29.52 -25.85
C ALA U 111 6.12 -28.06 -25.68
N GLY U 112 7.24 -27.77 -25.03
CA GLY U 112 7.69 -26.41 -24.87
C GLY U 112 8.19 -25.83 -26.17
N THR U 113 8.44 -24.53 -26.15
CA THR U 113 8.98 -23.85 -27.31
C THR U 113 10.34 -24.44 -27.66
N PRO U 114 10.59 -24.82 -28.92
CA PRO U 114 11.83 -25.50 -29.26
C PRO U 114 13.06 -24.68 -28.87
N GLY U 115 14.05 -25.37 -28.31
CA GLY U 115 15.23 -24.72 -27.81
C GLY U 115 15.12 -24.14 -26.42
N LYS U 116 13.93 -24.22 -25.79
CA LYS U 116 13.72 -23.66 -24.47
C LYS U 116 13.21 -24.70 -23.49
N ARG U 117 13.55 -25.97 -23.69
CA ARG U 117 13.14 -27.07 -22.84
C ARG U 117 14.36 -27.52 -22.03
N MET U 118 14.21 -27.56 -20.71
CA MET U 118 15.34 -27.80 -19.81
C MET U 118 14.98 -28.82 -18.75
N ALA U 119 16.01 -29.42 -18.17
CA ALA U 119 15.84 -30.35 -17.06
C ALA U 119 17.03 -30.23 -16.12
N LEU U 120 16.78 -30.48 -14.84
CA LEU U 120 17.84 -30.46 -13.85
C LEU U 120 18.72 -31.70 -14.01
N PRO U 121 19.95 -31.67 -13.49
CA PRO U 121 20.85 -32.82 -13.70
C PRO U 121 20.32 -34.12 -13.12
N ASN U 122 19.88 -34.11 -11.86
CA ASN U 122 19.33 -35.30 -11.23
C ASN U 122 17.82 -35.37 -11.41
N ALA U 123 17.37 -35.30 -12.66
CA ALA U 123 15.95 -35.41 -12.99
C ALA U 123 15.73 -36.64 -13.86
N ARG U 124 14.51 -37.15 -13.83
CA ARG U 124 14.13 -38.31 -14.61
C ARG U 124 12.84 -38.03 -15.36
N VAL U 125 12.73 -38.63 -16.55
CA VAL U 125 11.54 -38.51 -17.40
C VAL U 125 11.05 -39.91 -17.72
N LEU U 126 9.78 -40.17 -17.47
CA LEU U 126 9.20 -41.49 -17.63
C LEU U 126 8.13 -41.43 -18.71
N ILE U 127 8.19 -42.36 -19.66
CA ILE U 127 7.24 -42.43 -20.77
C ILE U 127 6.69 -43.85 -20.86
N HIS U 128 5.38 -43.96 -21.03
CA HIS U 128 4.73 -45.25 -21.22
C HIS U 128 3.36 -45.03 -21.87
N GLN U 129 2.81 -46.11 -22.40
CA GLN U 129 1.53 -46.04 -23.08
C GLN U 129 0.40 -45.85 -22.07
N PRO U 130 -0.73 -45.29 -22.50
CA PRO U 130 -1.80 -44.98 -21.55
C PRO U 130 -2.39 -46.23 -20.90
N TYR U 131 -2.86 -46.06 -19.67
CA TYR U 131 -3.52 -47.11 -18.90
C TYR U 131 -4.97 -46.69 -18.66
N SER U 132 -5.88 -47.67 -18.66
CA SER U 132 -7.28 -47.35 -18.49
C SER U 132 -8.02 -48.57 -17.94
N GLU U 133 -9.21 -48.30 -17.42
CA GLU U 133 -10.11 -49.33 -16.92
C GLU U 133 -11.55 -48.90 -17.16
N THR U 134 -12.42 -49.87 -17.43
CA THR U 134 -13.81 -49.61 -17.77
C THR U 134 -14.73 -50.45 -16.89
N GLY U 135 -15.89 -49.89 -16.54
CA GLY U 135 -16.87 -50.60 -15.79
C GLY U 135 -17.58 -51.66 -16.61
N ARG U 136 -18.40 -52.45 -15.93
CA ARG U 136 -19.13 -53.52 -16.59
C ARG U 136 -20.11 -52.97 -17.62
N GLY U 137 -20.18 -53.62 -18.77
CA GLY U 137 -21.08 -53.19 -19.82
C GLY U 137 -21.14 -54.24 -20.91
N GLN U 138 -22.04 -54.01 -21.86
CA GLN U 138 -22.21 -54.93 -22.97
C GLN U 138 -21.01 -54.85 -23.92
N VAL U 139 -20.94 -55.82 -24.83
CA VAL U 139 -19.75 -55.97 -25.67
C VAL U 139 -19.59 -54.78 -26.59
N SER U 140 -20.68 -54.22 -27.09
CA SER U 140 -20.58 -53.09 -28.01
C SER U 140 -19.95 -51.88 -27.34
N ASP U 141 -20.36 -51.59 -26.10
CA ASP U 141 -19.76 -50.47 -25.37
C ASP U 141 -18.27 -50.69 -25.16
N LEU U 142 -17.88 -51.93 -24.82
CA LEU U 142 -16.47 -52.22 -24.63
C LEU U 142 -15.68 -52.07 -25.92
N GLU U 143 -16.27 -52.48 -27.04
CA GLU U 143 -15.61 -52.31 -28.33
C GLU U 143 -15.40 -50.84 -28.65
N ILE U 144 -16.43 -50.01 -28.39
CA ILE U 144 -16.30 -48.58 -28.61
C ILE U 144 -15.20 -48.00 -27.73
N ALA U 145 -15.16 -48.41 -26.45
CA ALA U 145 -14.14 -47.91 -25.53
C ALA U 145 -12.75 -48.34 -25.96
N ALA U 146 -12.59 -49.56 -26.45
CA ALA U 146 -11.30 -50.02 -26.92
C ALA U 146 -10.84 -49.23 -28.14
N ASN U 147 -11.76 -48.95 -29.07
CA ASN U 147 -11.41 -48.11 -30.21
C ASN U 147 -10.96 -46.73 -29.76
N GLU U 148 -11.68 -46.14 -28.79
CA GLU U 148 -11.28 -44.84 -28.26
C GLU U 148 -9.91 -44.89 -27.61
N ILE U 149 -9.60 -45.96 -26.87
CA ILE U 149 -8.31 -46.06 -26.20
C ILE U 149 -7.19 -46.19 -27.23
N LEU U 150 -7.40 -46.98 -28.27
CA LEU U 150 -6.41 -47.09 -29.33
C LEU U 150 -6.19 -45.74 -30.02
N ARG U 151 -7.28 -45.01 -30.25
CA ARG U 151 -7.15 -43.66 -30.83
C ARG U 151 -6.35 -42.74 -29.92
N MET U 152 -6.60 -42.81 -28.61
CA MET U 152 -5.86 -41.99 -27.67
C MET U 152 -4.38 -42.32 -27.68
N ARG U 153 -4.03 -43.60 -27.72
CA ARG U 153 -2.63 -43.98 -27.79
C ARG U 153 -1.98 -43.48 -29.08
N SER U 154 -2.70 -43.59 -30.20
CA SER U 154 -2.16 -43.09 -31.46
C SER U 154 -1.92 -41.59 -31.40
N GLN U 155 -2.85 -40.85 -30.82
CA GLN U 155 -2.67 -39.41 -30.67
C GLN U 155 -1.47 -39.10 -29.78
N LEU U 156 -1.30 -39.84 -28.69
CA LEU U 156 -0.18 -39.59 -27.79
C LEU U 156 1.15 -39.84 -28.49
N GLU U 157 1.26 -40.94 -29.24
CA GLU U 157 2.52 -41.22 -29.91
C GLU U 157 2.78 -40.26 -31.05
N ASP U 158 1.72 -39.77 -31.70
CA ASP U 158 1.90 -38.70 -32.69
C ASP U 158 2.45 -37.44 -32.04
N MET U 159 1.92 -37.07 -30.88
CA MET U 159 2.42 -35.90 -30.16
C MET U 159 3.88 -36.09 -29.78
N LEU U 160 4.23 -37.28 -29.32
CA LEU U 160 5.63 -37.55 -28.95
C LEU U 160 6.55 -37.47 -30.17
N ALA U 161 6.10 -38.00 -31.31
CA ALA U 161 6.93 -37.97 -32.51
C ALA U 161 7.10 -36.57 -33.07
N LYS U 162 6.07 -35.73 -32.95
CA LYS U 162 6.13 -34.39 -33.52
C LYS U 162 7.18 -33.53 -32.83
N HIS U 163 7.30 -33.66 -31.51
CA HIS U 163 8.13 -32.76 -30.71
C HIS U 163 9.47 -33.36 -30.32
N SER U 164 9.92 -34.40 -31.03
CA SER U 164 11.17 -35.06 -30.71
C SER U 164 11.90 -35.44 -32.00
N THR U 165 13.17 -35.79 -31.87
CA THR U 165 14.02 -36.14 -33.00
C THR U 165 14.13 -37.65 -33.17
N THR U 166 13.03 -38.37 -32.90
CA THR U 166 13.00 -39.82 -32.96
C THR U 166 11.92 -40.30 -33.92
N PRO U 167 12.22 -41.27 -34.77
CA PRO U 167 11.19 -41.79 -35.68
C PRO U 167 10.02 -42.40 -34.90
N VAL U 168 8.83 -42.29 -35.49
CA VAL U 168 7.61 -42.64 -34.77
C VAL U 168 7.57 -44.13 -34.44
N GLU U 169 8.10 -44.99 -35.31
CA GLU U 169 8.09 -46.43 -35.02
C GLU U 169 8.98 -46.75 -33.84
N LYS U 170 10.08 -46.03 -33.67
CA LYS U 170 10.92 -46.23 -32.50
C LYS U 170 10.17 -45.88 -31.23
N ILE U 171 9.40 -44.78 -31.25
CA ILE U 171 8.59 -44.42 -30.10
C ILE U 171 7.53 -45.48 -29.83
N ARG U 172 6.90 -45.99 -30.90
CA ARG U 172 5.91 -47.05 -30.73
C ARG U 172 6.52 -48.27 -30.06
N GLU U 173 7.73 -48.65 -30.47
CA GLU U 173 8.40 -49.79 -29.84
C GLU U 173 8.80 -49.49 -28.41
N ASP U 174 9.22 -48.25 -28.13
CA ASP U 174 9.75 -47.92 -26.81
C ASP U 174 8.67 -47.79 -25.75
N ILE U 175 7.51 -47.23 -26.10
CA ILE U 175 6.51 -46.90 -25.09
C ILE U 175 5.63 -48.11 -24.78
N GLU U 176 6.02 -49.29 -25.29
CA GLU U 176 5.28 -50.51 -24.95
C GLU U 176 5.30 -50.76 -23.45
N ARG U 177 6.46 -50.62 -22.82
CA ARG U 177 6.61 -50.74 -21.38
C ARG U 177 7.12 -49.41 -20.83
N ASP U 178 7.25 -49.35 -19.51
CA ASP U 178 7.78 -48.15 -18.87
C ASP U 178 9.20 -47.90 -19.34
N LYS U 179 9.47 -46.67 -19.78
CA LYS U 179 10.82 -46.27 -20.17
C LYS U 179 11.24 -45.08 -19.33
N ILE U 180 12.39 -45.21 -18.68
CA ILE U 180 12.92 -44.20 -17.77
C ILE U 180 14.18 -43.61 -18.39
N LEU U 181 14.24 -42.28 -18.46
CA LEU U 181 15.34 -41.57 -19.08
C LEU U 181 15.93 -40.58 -18.10
N THR U 182 17.26 -40.56 -18.02
CA THR U 182 17.95 -39.54 -17.25
C THR U 182 17.91 -38.22 -18.00
N ALA U 183 18.57 -37.20 -17.44
CA ALA U 183 18.61 -35.90 -18.11
C ALA U 183 19.38 -35.99 -19.42
N GLU U 184 20.55 -36.62 -19.41
CA GLU U 184 21.33 -36.77 -20.63
C GLU U 184 20.63 -37.71 -21.61
N ASP U 185 19.98 -38.76 -21.11
CA ASP U 185 19.23 -39.64 -21.98
C ASP U 185 18.07 -38.90 -22.64
N ALA U 186 17.37 -38.06 -21.90
CA ALA U 186 16.29 -37.26 -22.48
C ALA U 186 16.84 -36.28 -23.50
N LEU U 187 18.02 -35.70 -23.24
CA LEU U 187 18.63 -34.80 -24.20
C LEU U 187 18.96 -35.53 -25.50
N SER U 188 19.53 -36.73 -25.39
CA SER U 188 19.85 -37.51 -26.58
C SER U 188 18.58 -38.02 -27.28
N TYR U 189 17.48 -38.16 -26.55
CA TYR U 189 16.22 -38.57 -27.13
C TYR U 189 15.51 -37.44 -27.86
N GLY U 190 15.88 -36.20 -27.59
CA GLY U 190 15.25 -35.05 -28.22
C GLY U 190 14.12 -34.42 -27.43
N LEU U 191 13.81 -34.95 -26.24
CA LEU U 191 12.73 -34.38 -25.44
C LEU U 191 13.10 -33.00 -24.90
N ILE U 192 14.35 -32.79 -24.51
CA ILE U 192 14.80 -31.53 -23.94
C ILE U 192 15.97 -31.02 -24.77
N ASP U 193 16.50 -29.87 -24.36
CA ASP U 193 17.56 -29.20 -25.10
C ASP U 193 18.82 -28.95 -24.29
N GLN U 194 18.70 -28.60 -23.01
CA GLN U 194 19.86 -28.32 -22.17
C GLN U 194 19.68 -28.94 -20.81
N VAL U 195 20.81 -29.21 -20.15
CA VAL U 195 20.85 -29.62 -18.76
C VAL U 195 21.64 -28.55 -18.00
N ILE U 196 21.02 -27.97 -16.98
CA ILE U 196 21.59 -26.83 -16.26
C ILE U 196 22.19 -27.34 -14.95
N SER U 197 23.47 -27.05 -14.74
CA SER U 197 24.17 -27.52 -13.55
C SER U 197 24.18 -26.49 -12.43
N THR U 198 24.79 -25.33 -12.67
CA THR U 198 24.90 -24.29 -11.65
C THR U 198 24.83 -22.94 -12.34
N ARG U 199 24.57 -21.91 -11.53
CA ARG U 199 24.66 -20.52 -11.98
C ARG U 199 26.05 -19.94 -11.78
N LYS U 200 26.97 -20.71 -11.21
CA LYS U 200 28.35 -20.27 -10.98
C LYS U 200 28.40 -19.03 -10.09
#